data_7W4P
#
_entry.id   7W4P
#
_cell.length_a   1.00
_cell.length_b   1.00
_cell.length_c   1.00
_cell.angle_alpha   90.00
_cell.angle_beta   90.00
_cell.angle_gamma   90.00
#
_symmetry.space_group_name_H-M   'P 1'
#
loop_
_entity.id
_entity.type
_entity.pdbx_description
1 polymer 'ATP-sensitive inward rectifier potassium channel 11'
2 polymer 'ATP-binding cassette sub-family C member 8 isoform X2'
3 non-polymer "ADENOSINE-5'-DIPHOSPHATE"
4 non-polymer 'MAGNESIUM ION'
5 non-polymer 6-chloranyl-~{N}-(1-methylcyclopropyl)-1,1-bis(oxidanylidene)-4~{H}-thieno[3,2-e][1,2,4]thiadiazin-3-amine
6 non-polymer "ADENOSINE-5'-TRIPHOSPHATE"
#
loop_
_entity_poly.entity_id
_entity_poly.type
_entity_poly.pdbx_seq_one_letter_code
_entity_poly.pdbx_strand_id
1 'polypeptide(L)'
;MLSRKGIIPEEYVLTRLAEDPAEPRYRTRERRARFVSKKGNCNVAHKNIREQGRFLQDVFTTLVDLKWPHTLLIFTMSFL
CSWLLFAMVWWLIAFAHGDLAPGEGTNVPCVTSIHSFSSAFLFSIEVQVTIGFGGRMVTEECPLAILILIVQNIVGLMIN
AIMLGCIFMKTAQAKRRAETLIFSKHAVITLRHGRLCFMLRVGDLRKSMIISATIHMQVVRKTTSPEGEVVPLHQVDIPM
ENGVGGNGIFLVAPLIIYHVIDSNSPLYDLAPSDLHHHQDLEIIVILEGVVETTGITTQARTSYLADEILWGQRFVPIVA
EEDGRYSVDYSKFGNTIKVPTPLCTARQLDEDRSLLDALTLASSRGPLRKRSVAVAKAKPKFSISPDSLS
;
A,C,E,G
2 'polypeptide(L)'
;MPLAFCGTENHSAAYRVDQGVLNNGCFVDALNVVPHVFLLFITFPILFIGWGSQSSKVHIHHSTWLHFPGHNLRWILTFI
LLFVLVCEIAEGILSDGVTESRHLHLYMPAGMAFMAAITSVVYYHNIETSNFPKLLIALLIYWTLAFITKTIKFVKFYDH
AIGFSQLRFCLTGLLVILYGMLLLVEVNVIRVRRYIFFKTPREVKPPEDLQDLGVRFLQPFVNLLSKGTYWWMNAFIKTA
HKKPIDLRAIGKLPIAMRALTNYQRLCVAFDAQARKDTQSPQGARAIWRALCHAFGRRLILSSTFRILADLLGFAGPLCI
FGIVDHLGKENHVFQPKTQFLGVYFVSSQEFLGNAYVLAVLLFLALLLQRTFLQASYYVAIETGINLRGAIQTKIYNKIM
HLSTSNLSMGEMTAGQICNLVAIDTNQLMWFFFLCPNLWAMPVQIIVGVILLYYILGVSALIGAAVIILLAPVQYFVATK
LSQAQRSTLEHSNERLKQTNEMLRGMKLLKLYAWESIFCSRVEVTRRKEMTSLRAFAVYTSISIFMNTAIPIAAVLITFV
GHVSFFKESDLSPSVAFASLSLFHILVTPLFLLSSVVRSTVKALVSVQKLSEFLSSAEIREEQCAPREPAPQGQAGKYQA
VPLKVVNRKRPAREEVRDLLGPLQRLAPSMDGDADNFCVQIIGGFFTWTPDGIPTLSNITIRIPRGQLTMIVGQVGCGKS
SLLLATLGEMQKVSGAVFWNSNLPDSEGEDPSSPERETAAGSDIRSRGPVAYASQKPWLLNATVEENITFESPFNKQRYK
MVIEACSLQPDIDILPHGDQTQIGERGINLSGGQRQRISVARALYQQTNVVFLDDPFSALDVHLSDHLMQAGILELLRDD
KRTVVLVTHKLQYLPHADWIIAMKDGTIQREGTLKDFQRSECQLFEHWKTLMNRQDQELEKETVMERKASEPSQGLPRAM
SSRDGLLLDEEEEEEEAAESEEDDNLSSVLHQRAKIPWRACTKYLSSAGILLLSLLVFSQLLKHMVLVAIDYWLAKWTDS
ALVLSPAARNCSLSQECDLDQSVYAMVFTLLCSLGIVLCLVTSVTVEWTGLKVAKRLHRSLLNRIILAPMRFFETTPLGS
ILNRFSSDCNTIDQHIPSTLECLSRSTLLCVSALTVISYVTPVFLVALLPLAVVCYFIQKYFRVASRDLQQLDDTTQLPL
LSHFAETVEGLTTIRAFRYEARFQQKLLEYTDSNNIASLFLTAANRWLEVRMEYIGACVVLIAAATSISNSLHRELSAGL
VGLGLTYALMVSNYLNWMVRNLADMEIQLGAVKRIHALLKTEAESYEGLLAPSLIPKNWPDQGKIQIQNLSVRYDSSLKP
VLKHVNALISPGQKIGICGRTGSGKSSFSLAFFRMVDMFEGRIIIDGIDIAKLPLHTLRSRLSIILQDPVLFSGTIRFNL
DPEKKCSDSTLWEALEIAQLKLVVKALPGGLDAIITEGGENFSQGQRQLFCLARAFVRKTSIFIMDEATASIDMATENIL
QKVVMTAFADRTVVTIAHRVHTILSADLVMVLKRGAILEFDKPETLLSQKDSVFASFVRADK
;
B,D,F,H
#
loop_
_chem_comp.id
_chem_comp.type
_chem_comp.name
_chem_comp.formula
ADP non-polymer ADENOSINE-5'-DIPHOSPHATE 'C10 H15 N5 O10 P2'
ATP non-polymer ADENOSINE-5'-TRIPHOSPHATE 'C10 H16 N5 O13 P3'
E2H non-polymer 6-chloranyl-~{N}-(1-methylcyclopropyl)-1,1-bis(oxidanylidene)-4~{H}-thieno[3,2-e][1,2,4]thiadiazin-3-amine 'C9 H10 Cl N3 O2 S2'
MG non-polymer 'MAGNESIUM ION' 'Mg 2'
#
# COMPACT_ATOMS: atom_id res chain seq x y z
N ARG A 32 23.21 -24.86 -17.87
CA ARG A 32 22.45 -23.61 -17.94
C ARG A 32 21.24 -23.63 -17.02
N ALA A 33 21.26 -22.77 -16.01
CA ALA A 33 20.14 -22.58 -15.10
C ALA A 33 19.57 -21.19 -15.27
N ARG A 34 18.27 -21.06 -15.05
CA ARG A 34 17.57 -19.79 -15.17
C ARG A 34 17.33 -19.22 -13.77
N PHE A 35 17.54 -17.90 -13.64
CA PHE A 35 17.23 -17.22 -12.38
C PHE A 35 15.74 -17.21 -12.12
N VAL A 36 14.94 -16.90 -13.14
CA VAL A 36 13.49 -16.92 -13.08
C VAL A 36 13.01 -17.86 -14.17
N SER A 37 11.95 -18.63 -13.89
CA SER A 37 11.33 -19.45 -14.91
C SER A 37 10.46 -18.61 -15.84
N LYS A 38 9.98 -19.24 -16.92
CA LYS A 38 9.05 -18.58 -17.83
C LYS A 38 7.72 -18.30 -17.16
N LYS A 39 7.27 -19.22 -16.30
CA LYS A 39 6.06 -18.98 -15.51
C LYS A 39 6.26 -17.88 -14.49
N GLY A 40 7.49 -17.69 -14.03
CA GLY A 40 7.79 -16.62 -13.10
C GLY A 40 8.00 -17.05 -11.67
N ASN A 41 8.72 -18.14 -11.46
CA ASN A 41 9.14 -18.57 -10.15
C ASN A 41 10.66 -18.65 -10.13
N CYS A 42 11.25 -18.16 -9.05
CA CYS A 42 12.71 -18.14 -8.94
C CYS A 42 13.25 -19.54 -8.69
N ASN A 43 14.36 -19.85 -9.33
CA ASN A 43 15.04 -21.14 -9.16
C ASN A 43 16.25 -21.03 -8.24
N VAL A 44 16.20 -20.13 -7.27
CA VAL A 44 17.31 -19.96 -6.32
C VAL A 44 17.11 -20.93 -5.17
N ALA A 45 18.11 -21.77 -4.92
CA ALA A 45 18.06 -22.77 -3.87
C ALA A 45 18.89 -22.28 -2.69
N HIS A 46 18.23 -21.96 -1.58
CA HIS A 46 18.91 -21.49 -0.39
C HIS A 46 19.43 -22.67 0.43
N LYS A 47 20.63 -22.51 0.98
CA LYS A 47 21.25 -23.55 1.79
C LYS A 47 22.15 -22.88 2.83
N ASN A 48 22.61 -23.69 3.79
CA ASN A 48 23.49 -23.28 4.89
C ASN A 48 22.90 -22.15 5.73
N ILE A 49 21.58 -22.14 5.88
CA ILE A 49 20.89 -21.15 6.70
C ILE A 49 20.93 -21.67 8.14
N ARG A 50 21.78 -21.09 8.97
CA ARG A 50 21.73 -21.39 10.40
C ARG A 50 20.46 -20.77 10.97
N GLU A 51 19.58 -21.61 11.52
CA GLU A 51 18.26 -21.18 11.94
C GLU A 51 18.26 -20.91 13.44
N GLN A 52 17.85 -19.70 13.82
CA GLN A 52 17.78 -19.28 15.22
C GLN A 52 16.34 -19.08 15.70
N GLY A 53 15.36 -19.51 14.91
CA GLY A 53 13.97 -19.33 15.27
C GLY A 53 13.28 -18.19 14.57
N ARG A 54 13.94 -17.54 13.62
CA ARG A 54 13.31 -16.48 12.84
C ARG A 54 12.39 -17.01 11.75
N PHE A 55 12.50 -18.31 11.42
CA PHE A 55 11.42 -18.97 10.69
C PHE A 55 10.32 -19.45 11.63
N LEU A 56 10.60 -19.51 12.93
CA LEU A 56 9.68 -20.04 13.92
C LEU A 56 8.79 -18.98 14.54
N GLN A 57 9.29 -17.74 14.66
CA GLN A 57 8.49 -16.67 15.25
C GLN A 57 7.31 -16.29 14.36
N ASP A 58 7.53 -16.24 13.04
CA ASP A 58 6.48 -15.89 12.10
C ASP A 58 5.68 -17.14 11.72
N VAL A 59 4.85 -17.56 12.68
CA VAL A 59 3.97 -18.71 12.47
C VAL A 59 2.90 -18.36 11.44
N PHE A 60 2.40 -17.13 11.47
CA PHE A 60 1.26 -16.77 10.63
C PHE A 60 1.63 -16.63 9.16
N THR A 61 2.82 -16.08 8.88
CA THR A 61 3.28 -15.97 7.49
C THR A 61 3.52 -17.34 6.88
N THR A 62 4.13 -18.26 7.63
CA THR A 62 4.29 -19.64 7.16
C THR A 62 2.94 -20.33 7.02
N LEU A 63 1.99 -20.01 7.91
CA LEU A 63 0.67 -20.61 7.89
C LEU A 63 -0.12 -20.19 6.65
N VAL A 64 0.09 -18.97 6.18
CA VAL A 64 -0.52 -18.57 4.90
C VAL A 64 0.32 -19.05 3.71
N ASP A 65 1.63 -19.28 3.90
CA ASP A 65 2.47 -19.78 2.80
C ASP A 65 2.17 -21.21 2.40
N LEU A 66 1.51 -21.99 3.26
CA LEU A 66 1.20 -23.37 2.95
C LEU A 66 0.13 -23.46 1.86
N LYS A 67 0.10 -24.60 1.19
CA LYS A 67 -0.91 -24.86 0.17
C LYS A 67 -2.28 -25.04 0.82
N TRP A 68 -3.32 -24.92 -0.02
CA TRP A 68 -4.69 -25.10 0.45
C TRP A 68 -4.99 -26.46 1.10
N PRO A 69 -4.48 -27.62 0.62
CA PRO A 69 -4.61 -28.84 1.45
C PRO A 69 -3.91 -28.76 2.79
N HIS A 70 -2.73 -28.11 2.87
CA HIS A 70 -2.02 -28.04 4.14
C HIS A 70 -2.70 -27.08 5.11
N THR A 71 -3.18 -25.92 4.61
CA THR A 71 -3.92 -24.99 5.45
C THR A 71 -5.24 -25.60 5.89
N LEU A 72 -5.90 -26.37 5.02
CA LEU A 72 -7.13 -27.05 5.41
C LEU A 72 -6.87 -28.14 6.45
N LEU A 73 -5.74 -28.85 6.33
CA LEU A 73 -5.38 -29.87 7.31
C LEU A 73 -5.10 -29.26 8.68
N ILE A 74 -4.35 -28.15 8.71
CA ILE A 74 -4.10 -27.46 9.98
C ILE A 74 -5.37 -26.86 10.54
N PHE A 75 -6.24 -26.35 9.67
CA PHE A 75 -7.51 -25.75 10.09
C PHE A 75 -8.44 -26.79 10.73
N THR A 76 -8.56 -27.97 10.14
CA THR A 76 -9.41 -28.98 10.75
C THR A 76 -8.72 -29.61 11.97
N MET A 77 -7.38 -29.70 11.97
CA MET A 77 -6.68 -30.39 13.04
C MET A 77 -6.64 -29.55 14.31
N SER A 78 -6.49 -28.22 14.19
CA SER A 78 -6.46 -27.36 15.38
C SER A 78 -7.80 -27.37 16.11
N PHE A 79 -8.90 -27.23 15.35
CA PHE A 79 -10.24 -27.27 15.96
C PHE A 79 -10.54 -28.65 16.54
N LEU A 80 -10.21 -29.73 15.81
CA LEU A 80 -10.48 -31.07 16.31
C LEU A 80 -9.64 -31.40 17.54
N CYS A 81 -8.38 -30.96 17.57
CA CYS A 81 -7.52 -31.22 18.73
C CYS A 81 -7.94 -30.40 19.93
N SER A 82 -8.42 -29.16 19.72
CA SER A 82 -8.93 -28.37 20.83
C SER A 82 -10.20 -28.98 21.42
N TRP A 83 -11.11 -29.46 20.55
CA TRP A 83 -12.30 -30.15 21.02
C TRP A 83 -11.96 -31.42 21.78
N LEU A 84 -10.97 -32.18 21.29
CA LEU A 84 -10.58 -33.42 21.94
C LEU A 84 -9.87 -33.17 23.28
N LEU A 85 -9.06 -32.11 23.35
CA LEU A 85 -8.36 -31.77 24.59
C LEU A 85 -9.34 -31.35 25.68
N PHE A 86 -10.24 -30.42 25.36
CA PHE A 86 -11.22 -30.04 26.36
C PHE A 86 -12.25 -31.14 26.61
N ALA A 87 -12.44 -32.05 25.66
CA ALA A 87 -13.24 -33.25 25.89
C ALA A 87 -12.63 -34.13 26.97
N MET A 88 -11.31 -34.34 26.91
CA MET A 88 -10.64 -35.10 27.96
C MET A 88 -10.68 -34.38 29.30
N VAL A 89 -10.64 -33.04 29.28
CA VAL A 89 -10.78 -32.27 30.52
C VAL A 89 -12.17 -32.45 31.14
N TRP A 90 -13.23 -32.34 30.32
CA TRP A 90 -14.60 -32.49 30.83
C TRP A 90 -14.86 -33.91 31.30
N TRP A 91 -14.33 -34.91 30.58
CA TRP A 91 -14.48 -36.31 30.99
C TRP A 91 -13.74 -36.60 32.29
N LEU A 92 -12.58 -35.97 32.48
CA LEU A 92 -11.86 -36.13 33.74
C LEU A 92 -12.59 -35.46 34.90
N ILE A 93 -13.25 -34.33 34.64
CA ILE A 93 -14.09 -33.70 35.67
C ILE A 93 -15.25 -34.61 36.06
N ALA A 94 -15.91 -35.20 35.05
CA ALA A 94 -17.03 -36.10 35.33
C ALA A 94 -16.60 -37.37 36.04
N PHE A 95 -15.38 -37.86 35.75
CA PHE A 95 -14.83 -38.98 36.51
C PHE A 95 -14.53 -38.57 37.96
N ALA A 96 -13.93 -37.40 38.15
CA ALA A 96 -13.49 -36.99 39.48
C ALA A 96 -14.67 -36.67 40.40
N HIS A 97 -15.75 -36.11 39.85
CA HIS A 97 -16.90 -35.77 40.67
C HIS A 97 -17.84 -36.96 40.91
N GLY A 98 -17.69 -38.05 40.17
CA GLY A 98 -18.58 -39.19 40.30
C GLY A 98 -19.77 -39.18 39.39
N ASP A 99 -19.77 -38.34 38.35
CA ASP A 99 -20.90 -38.26 37.44
C ASP A 99 -20.99 -39.45 36.49
N LEU A 100 -19.85 -40.07 36.17
CA LEU A 100 -19.88 -41.22 35.27
C LEU A 100 -20.42 -42.46 35.96
N ALA A 101 -20.27 -42.54 37.29
CA ALA A 101 -20.86 -43.65 38.03
C ALA A 101 -22.38 -43.52 38.05
N PRO A 102 -23.11 -44.65 38.10
CA PRO A 102 -24.57 -44.56 38.18
C PRO A 102 -25.05 -44.05 39.53
N GLY A 103 -25.51 -42.81 39.56
CA GLY A 103 -25.97 -42.20 40.80
C GLY A 103 -27.37 -42.65 41.16
N GLU A 104 -27.57 -42.90 42.46
CA GLU A 104 -28.90 -43.27 42.94
C GLU A 104 -29.86 -42.11 42.87
N GLY A 105 -29.40 -40.90 43.16
CA GLY A 105 -30.23 -39.72 43.10
C GLY A 105 -29.71 -38.64 44.01
N THR A 106 -30.31 -37.45 43.84
CA THR A 106 -30.01 -36.23 44.62
C THR A 106 -28.53 -35.85 44.53
N ASN A 107 -27.94 -36.04 43.35
CA ASN A 107 -26.54 -35.68 43.10
C ASN A 107 -26.49 -34.83 41.85
N VAL A 108 -26.13 -33.56 42.00
CA VAL A 108 -26.04 -32.64 40.88
C VAL A 108 -24.67 -32.80 40.24
N PRO A 109 -24.59 -33.19 38.96
CA PRO A 109 -23.28 -33.32 38.30
C PRO A 109 -22.70 -31.96 37.98
N CYS A 110 -21.39 -31.96 37.66
CA CYS A 110 -20.76 -30.74 37.16
C CYS A 110 -21.33 -30.34 35.81
N VAL A 111 -21.48 -31.31 34.90
CA VAL A 111 -22.17 -31.13 33.63
C VAL A 111 -23.24 -32.21 33.54
N THR A 112 -24.46 -31.82 33.19
CA THR A 112 -25.56 -32.77 33.05
C THR A 112 -25.32 -33.69 31.85
N SER A 113 -25.87 -34.92 31.97
CA SER A 113 -25.98 -35.90 30.89
C SER A 113 -24.63 -36.28 30.29
N ILE A 114 -23.57 -36.28 31.08
CA ILE A 114 -22.28 -36.82 30.65
C ILE A 114 -22.18 -38.24 31.21
N HIS A 115 -22.17 -39.22 30.30
CA HIS A 115 -22.14 -40.62 30.68
C HIS A 115 -20.91 -41.35 30.17
N SER A 116 -20.23 -40.84 29.15
CA SER A 116 -19.04 -41.48 28.59
C SER A 116 -18.13 -40.39 28.05
N PHE A 117 -17.06 -40.81 27.36
CA PHE A 117 -16.14 -39.85 26.74
C PHE A 117 -16.79 -39.15 25.55
N SER A 118 -17.67 -39.84 24.83
CA SER A 118 -18.34 -39.23 23.69
C SER A 118 -19.29 -38.12 24.12
N SER A 119 -19.88 -38.23 25.31
CA SER A 119 -20.69 -37.15 25.86
C SER A 119 -19.84 -35.91 26.12
N ALA A 120 -18.64 -36.09 26.67
CA ALA A 120 -17.73 -34.96 26.88
C ALA A 120 -17.23 -34.39 25.56
N PHE A 121 -17.08 -35.24 24.53
CA PHE A 121 -16.64 -34.74 23.23
C PHE A 121 -17.73 -33.92 22.54
N LEU A 122 -18.98 -34.41 22.57
CA LEU A 122 -20.10 -33.65 22.04
C LEU A 122 -20.32 -32.37 22.83
N PHE A 123 -20.08 -32.40 24.14
CA PHE A 123 -20.24 -31.20 24.95
C PHE A 123 -19.13 -30.18 24.67
N SER A 124 -17.91 -30.66 24.41
CA SER A 124 -16.82 -29.76 24.02
C SER A 124 -17.09 -29.11 22.67
N ILE A 125 -17.66 -29.88 21.74
CA ILE A 125 -18.08 -29.30 20.46
C ILE A 125 -19.20 -28.27 20.65
N GLU A 126 -20.16 -28.58 21.54
CA GLU A 126 -21.26 -27.65 21.80
C GLU A 126 -20.77 -26.36 22.47
N VAL A 127 -19.77 -26.45 23.33
CA VAL A 127 -19.25 -25.25 24.00
C VAL A 127 -18.41 -24.43 23.05
N GLN A 128 -17.45 -25.07 22.36
CA GLN A 128 -16.43 -24.31 21.62
C GLN A 128 -16.98 -23.70 20.33
N VAL A 129 -17.83 -24.42 19.60
CA VAL A 129 -18.50 -23.83 18.44
C VAL A 129 -19.76 -23.06 18.84
N THR A 130 -20.06 -22.99 20.15
CA THR A 130 -21.18 -22.24 20.73
C THR A 130 -22.52 -22.69 20.16
N ILE A 131 -22.68 -23.99 19.96
CA ILE A 131 -23.96 -24.53 19.53
C ILE A 131 -24.94 -24.57 20.69
N GLY A 132 -24.60 -25.32 21.74
CA GLY A 132 -25.40 -25.39 22.94
C GLY A 132 -26.72 -26.11 22.74
N PHE A 133 -26.65 -27.42 22.52
CA PHE A 133 -27.86 -28.22 22.38
C PHE A 133 -28.65 -28.25 23.69
N GLY A 134 -27.96 -28.38 24.81
CA GLY A 134 -28.59 -28.24 26.10
C GLY A 134 -29.03 -29.51 26.77
N GLY A 135 -28.88 -30.67 26.12
CA GLY A 135 -28.91 -31.91 26.85
C GLY A 135 -27.77 -31.99 27.85
N ARG A 136 -26.60 -31.53 27.44
CA ARG A 136 -25.43 -31.41 28.31
C ARG A 136 -25.14 -29.95 28.55
N MET A 137 -25.12 -29.54 29.82
CA MET A 137 -24.91 -28.14 30.17
C MET A 137 -24.19 -28.06 31.52
N VAL A 138 -23.49 -26.95 31.73
CA VAL A 138 -22.76 -26.74 32.98
C VAL A 138 -23.74 -26.40 34.08
N THR A 139 -23.75 -27.21 35.14
CA THR A 139 -24.41 -26.77 36.36
C THR A 139 -23.48 -25.87 37.15
N GLU A 140 -24.06 -25.11 38.08
CA GLU A 140 -23.30 -24.17 38.89
C GLU A 140 -22.77 -24.77 40.18
N GLU A 141 -22.71 -26.10 40.26
CA GLU A 141 -22.22 -26.75 41.47
C GLU A 141 -20.69 -26.71 41.55
N CYS A 142 -20.01 -27.16 40.50
CA CYS A 142 -18.55 -27.28 40.52
C CYS A 142 -17.93 -25.99 40.01
N PRO A 143 -17.09 -25.32 40.81
CA PRO A 143 -16.41 -24.11 40.29
C PRO A 143 -15.37 -24.41 39.24
N LEU A 144 -14.80 -25.62 39.24
CA LEU A 144 -13.80 -25.99 38.25
C LEU A 144 -14.43 -26.10 36.86
N ALA A 145 -15.68 -26.57 36.80
CA ALA A 145 -16.40 -26.60 35.53
C ALA A 145 -16.65 -25.20 34.98
N ILE A 146 -16.97 -24.25 35.86
CA ILE A 146 -17.14 -22.85 35.44
C ILE A 146 -15.82 -22.26 34.94
N LEU A 147 -14.72 -22.54 35.65
CA LEU A 147 -13.40 -22.05 35.25
C LEU A 147 -12.97 -22.63 33.91
N ILE A 148 -13.21 -23.92 33.70
CA ILE A 148 -12.80 -24.55 32.44
C ILE A 148 -13.74 -24.15 31.31
N LEU A 149 -14.99 -23.80 31.61
CA LEU A 149 -15.87 -23.17 30.62
C LEU A 149 -15.32 -21.81 30.17
N ILE A 150 -14.84 -21.01 31.13
CA ILE A 150 -14.21 -19.73 30.81
C ILE A 150 -12.97 -19.94 29.93
N VAL A 151 -12.12 -20.90 30.33
CA VAL A 151 -10.86 -21.16 29.63
C VAL A 151 -11.12 -21.65 28.21
N GLN A 152 -12.09 -22.57 28.05
CA GLN A 152 -12.42 -23.09 26.72
C GLN A 152 -13.03 -22.01 25.83
N ASN A 153 -13.84 -21.11 26.40
CA ASN A 153 -14.41 -20.02 25.60
C ASN A 153 -13.33 -19.04 25.15
N ILE A 154 -12.39 -18.70 26.03
CA ILE A 154 -11.30 -17.78 25.66
C ILE A 154 -10.38 -18.41 24.61
N VAL A 155 -10.04 -19.69 24.79
CA VAL A 155 -9.17 -20.40 23.86
C VAL A 155 -9.87 -20.57 22.50
N GLY A 156 -11.17 -20.88 22.51
CA GLY A 156 -11.91 -21.01 21.28
C GLY A 156 -12.05 -19.70 20.53
N LEU A 157 -12.23 -18.59 21.26
CA LEU A 157 -12.25 -17.27 20.62
C LEU A 157 -10.90 -16.94 20.00
N MET A 158 -9.79 -17.28 20.69
CA MET A 158 -8.45 -17.08 20.15
C MET A 158 -8.22 -17.88 18.88
N ILE A 159 -8.58 -19.16 18.91
CA ILE A 159 -8.37 -20.05 17.76
C ILE A 159 -9.24 -19.62 16.58
N ASN A 160 -10.51 -19.27 16.85
CA ASN A 160 -11.41 -18.84 15.78
C ASN A 160 -10.96 -17.52 15.16
N ALA A 161 -10.49 -16.57 15.97
CA ALA A 161 -10.02 -15.30 15.42
C ALA A 161 -8.74 -15.47 14.61
N ILE A 162 -7.80 -16.28 15.10
CA ILE A 162 -6.55 -16.52 14.36
C ILE A 162 -6.83 -17.25 13.05
N MET A 163 -7.70 -18.25 13.07
CA MET A 163 -8.00 -19.00 11.86
C MET A 163 -8.81 -18.18 10.86
N LEU A 164 -9.71 -17.31 11.34
CA LEU A 164 -10.45 -16.42 10.46
C LEU A 164 -9.52 -15.41 9.79
N GLY A 165 -8.57 -14.85 10.55
CA GLY A 165 -7.60 -13.93 9.95
C GLY A 165 -6.67 -14.61 8.95
N CYS A 166 -6.22 -15.82 9.28
CA CYS A 166 -5.34 -16.55 8.37
C CYS A 166 -6.06 -16.97 7.10
N ILE A 167 -7.33 -17.39 7.22
CA ILE A 167 -8.11 -17.76 6.04
C ILE A 167 -8.41 -16.53 5.18
N PHE A 168 -8.71 -15.38 5.81
CA PHE A 168 -8.93 -14.16 5.04
C PHE A 168 -7.67 -13.72 4.30
N MET A 169 -6.51 -13.82 4.95
CA MET A 169 -5.26 -13.50 4.26
C MET A 169 -4.95 -14.52 3.16
N LYS A 170 -5.36 -15.78 3.35
CA LYS A 170 -5.17 -16.81 2.34
C LYS A 170 -6.04 -16.56 1.11
N THR A 171 -7.28 -16.10 1.32
CA THR A 171 -8.18 -15.82 0.20
C THR A 171 -7.84 -14.53 -0.52
N ALA A 172 -7.33 -13.53 0.19
CA ALA A 172 -7.03 -12.23 -0.38
C ALA A 172 -5.64 -12.15 -1.01
N GLN A 173 -4.96 -13.27 -1.14
CA GLN A 173 -3.66 -13.30 -1.80
C GLN A 173 -3.79 -13.00 -3.28
N ALA A 174 -2.87 -12.18 -3.80
CA ALA A 174 -2.85 -11.80 -5.20
C ALA A 174 -1.77 -12.54 -5.98
N LYS A 175 -1.35 -13.71 -5.49
CA LYS A 175 -0.32 -14.49 -6.19
C LYS A 175 -0.83 -15.04 -7.51
N ARG A 176 -2.08 -15.48 -7.55
CA ARG A 176 -2.68 -16.03 -8.78
C ARG A 176 -3.44 -14.97 -9.58
N ARG A 177 -3.51 -13.73 -9.10
CA ARG A 177 -3.88 -12.64 -9.97
C ARG A 177 -2.73 -12.29 -10.90
N ALA A 178 -1.49 -12.48 -10.44
CA ALA A 178 -0.31 -12.26 -11.27
C ALA A 178 -0.16 -13.30 -12.37
N GLU A 179 -0.85 -14.44 -12.27
CA GLU A 179 -0.78 -15.44 -13.33
C GLU A 179 -1.59 -15.05 -14.56
N THR A 180 -2.47 -14.06 -14.44
CA THR A 180 -3.20 -13.52 -15.58
C THR A 180 -2.45 -12.39 -16.27
N LEU A 181 -1.29 -12.00 -15.75
CA LEU A 181 -0.42 -11.03 -16.41
C LEU A 181 0.54 -11.81 -17.30
N ILE A 182 0.28 -11.79 -18.60
CA ILE A 182 1.00 -12.62 -19.55
C ILE A 182 2.12 -11.82 -20.18
N PHE A 183 3.22 -12.51 -20.46
CA PHE A 183 4.38 -11.94 -21.12
C PHE A 183 4.65 -12.79 -22.35
N SER A 184 5.16 -12.16 -23.40
CA SER A 184 5.41 -12.87 -24.65
C SER A 184 6.55 -13.88 -24.48
N LYS A 185 6.50 -14.95 -25.28
CA LYS A 185 7.52 -15.99 -25.16
C LYS A 185 8.88 -15.49 -25.66
N HIS A 186 8.88 -14.75 -26.76
CA HIS A 186 10.10 -14.20 -27.33
C HIS A 186 10.14 -12.70 -27.10
N ALA A 187 11.36 -12.17 -27.04
CA ALA A 187 11.59 -10.74 -26.98
C ALA A 187 12.44 -10.33 -28.17
N VAL A 188 12.31 -9.07 -28.58
CA VAL A 188 12.71 -8.65 -29.92
C VAL A 188 13.68 -7.46 -29.83
N ILE A 189 14.83 -7.57 -30.48
CA ILE A 189 15.75 -6.45 -30.59
C ILE A 189 15.68 -5.92 -32.02
N THR A 190 15.21 -4.68 -32.17
CA THR A 190 15.04 -4.11 -33.51
C THR A 190 15.18 -2.60 -33.42
N LEU A 191 14.90 -1.91 -34.52
CA LEU A 191 15.09 -0.47 -34.63
C LEU A 191 13.77 0.27 -34.47
N ARG A 192 13.72 1.19 -33.51
CA ARG A 192 12.66 2.19 -33.42
C ARG A 192 13.32 3.56 -33.40
N HIS A 193 13.00 4.38 -34.42
CA HIS A 193 13.57 5.71 -34.63
C HIS A 193 15.09 5.67 -34.72
N GLY A 194 15.63 4.58 -35.28
CA GLY A 194 17.06 4.38 -35.39
C GLY A 194 17.78 4.28 -34.06
N ARG A 195 17.31 3.44 -33.15
CA ARG A 195 17.91 3.34 -31.83
C ARG A 195 18.35 1.93 -31.44
N LEU A 196 17.86 0.89 -32.12
CA LEU A 196 18.13 -0.53 -31.81
C LEU A 196 17.75 -0.86 -30.37
N CYS A 197 16.45 -0.72 -30.08
CA CYS A 197 15.92 -1.00 -28.75
C CYS A 197 15.50 -2.47 -28.62
N PHE A 198 15.52 -2.93 -27.37
CA PHE A 198 15.07 -4.26 -26.97
C PHE A 198 13.65 -4.14 -26.44
N MET A 199 12.70 -4.85 -27.06
CA MET A 199 11.29 -4.69 -26.75
C MET A 199 10.66 -6.02 -26.37
N LEU A 200 9.48 -5.90 -25.76
CA LEU A 200 8.80 -6.98 -25.08
C LEU A 200 7.31 -6.89 -25.41
N ARG A 201 6.49 -7.63 -24.65
CA ARG A 201 5.05 -7.53 -24.74
C ARG A 201 4.45 -7.99 -23.42
N VAL A 202 3.63 -7.13 -22.81
CA VAL A 202 2.97 -7.42 -21.53
C VAL A 202 1.47 -7.21 -21.72
N GLY A 203 0.68 -8.22 -21.35
CA GLY A 203 -0.76 -8.12 -21.48
C GLY A 203 -1.47 -8.51 -20.19
N ASP A 204 -2.66 -7.92 -20.02
CA ASP A 204 -3.51 -8.20 -18.87
C ASP A 204 -4.76 -8.91 -19.36
N LEU A 205 -4.97 -10.13 -18.88
CA LEU A 205 -6.11 -10.93 -19.34
C LEU A 205 -7.42 -10.46 -18.73
N ARG A 206 -7.42 -10.12 -17.45
CA ARG A 206 -8.65 -9.74 -16.78
C ARG A 206 -9.01 -8.28 -17.08
N LYS A 207 -10.30 -7.98 -16.98
CA LYS A 207 -10.79 -6.63 -17.17
C LYS A 207 -10.59 -5.74 -15.96
N SER A 208 -10.29 -6.32 -14.80
CA SER A 208 -10.00 -5.52 -13.61
C SER A 208 -8.65 -4.84 -13.74
N MET A 209 -8.60 -3.57 -13.39
CA MET A 209 -7.37 -2.80 -13.53
C MET A 209 -6.35 -3.22 -12.48
N ILE A 210 -5.07 -3.07 -12.83
CA ILE A 210 -3.97 -3.24 -11.90
C ILE A 210 -3.39 -1.85 -11.67
N ILE A 211 -3.66 -1.29 -10.49
CA ILE A 211 -3.35 0.10 -10.20
C ILE A 211 -1.87 0.24 -9.89
N SER A 212 -1.28 1.35 -10.37
CA SER A 212 0.13 1.71 -10.15
C SER A 212 1.07 0.63 -10.68
N ALA A 213 0.80 0.20 -11.91
CA ALA A 213 1.62 -0.84 -12.54
C ALA A 213 2.97 -0.26 -12.95
N THR A 214 4.04 -0.84 -12.40
CA THR A 214 5.40 -0.39 -12.65
C THR A 214 6.20 -1.55 -13.22
N ILE A 215 7.07 -1.23 -14.18
CA ILE A 215 7.87 -2.23 -14.87
C ILE A 215 9.33 -2.01 -14.49
N HIS A 216 9.97 -3.06 -13.98
CA HIS A 216 11.35 -3.05 -13.53
C HIS A 216 12.10 -4.12 -14.32
N MET A 217 12.92 -3.69 -15.26
CA MET A 217 13.67 -4.61 -16.11
C MET A 217 15.13 -4.64 -15.69
N GLN A 218 15.70 -5.85 -15.66
CA GLN A 218 17.08 -6.06 -15.22
C GLN A 218 17.80 -6.98 -16.20
N VAL A 219 19.12 -6.87 -16.19
CA VAL A 219 20.01 -7.74 -16.95
C VAL A 219 20.84 -8.52 -15.94
N VAL A 220 20.79 -9.84 -16.03
CA VAL A 220 21.48 -10.73 -15.11
C VAL A 220 22.53 -11.49 -15.89
N ARG A 221 23.79 -11.33 -15.48
CA ARG A 221 24.95 -11.98 -16.08
C ARG A 221 25.98 -12.23 -14.98
N LYS A 222 27.09 -12.86 -15.37
CA LYS A 222 28.25 -13.04 -14.49
C LYS A 222 29.27 -11.97 -14.86
N THR A 223 29.01 -10.75 -14.41
CA THR A 223 29.87 -9.62 -14.73
C THR A 223 31.13 -9.64 -13.87
N THR A 224 32.25 -9.24 -14.46
CA THR A 224 33.53 -9.17 -13.77
C THR A 224 34.04 -7.74 -13.80
N SER A 225 34.42 -7.23 -12.63
CA SER A 225 34.96 -5.89 -12.54
C SER A 225 36.39 -5.87 -13.08
N PRO A 226 36.88 -4.69 -13.52
CA PRO A 226 38.29 -4.59 -13.91
C PRO A 226 39.28 -4.85 -12.77
N GLU A 227 38.87 -4.61 -11.52
CA GLU A 227 39.75 -4.87 -10.39
C GLU A 227 39.93 -6.36 -10.14
N GLY A 228 38.91 -7.17 -10.46
CA GLY A 228 39.03 -8.60 -10.30
C GLY A 228 37.85 -9.24 -9.60
N GLU A 229 36.88 -8.43 -9.18
CA GLU A 229 35.70 -8.94 -8.50
C GLU A 229 34.79 -9.66 -9.50
N VAL A 230 34.36 -10.86 -9.14
CA VAL A 230 33.44 -11.65 -9.95
C VAL A 230 32.13 -11.78 -9.19
N VAL A 231 31.07 -11.18 -9.73
CA VAL A 231 29.72 -11.33 -9.19
C VAL A 231 28.98 -12.31 -10.09
N PRO A 232 28.56 -13.48 -9.56
CA PRO A 232 27.98 -14.51 -10.44
C PRO A 232 26.63 -14.16 -11.04
N LEU A 233 25.83 -13.35 -10.35
CA LEU A 233 24.48 -13.00 -10.79
C LEU A 233 24.23 -11.51 -10.64
N HIS A 234 25.16 -10.70 -11.18
CA HIS A 234 25.10 -9.25 -11.00
C HIS A 234 23.92 -8.67 -11.77
N GLN A 235 22.96 -8.14 -11.03
CA GLN A 235 21.73 -7.60 -11.62
C GLN A 235 21.92 -6.11 -11.90
N VAL A 236 21.89 -5.74 -13.16
CA VAL A 236 22.00 -4.33 -13.58
C VAL A 236 20.66 -3.93 -14.18
N ASP A 237 19.98 -2.98 -13.54
CA ASP A 237 18.69 -2.55 -14.05
C ASP A 237 18.84 -1.73 -15.32
N ILE A 238 17.89 -1.90 -16.24
CA ILE A 238 17.89 -1.16 -17.50
C ILE A 238 16.67 -0.25 -17.52
N PRO A 239 16.80 0.98 -18.00
CA PRO A 239 15.66 1.90 -18.01
C PRO A 239 14.65 1.52 -19.08
N MET A 240 13.38 1.58 -18.72
CA MET A 240 12.29 1.39 -19.68
C MET A 240 11.99 2.73 -20.34
N GLU A 241 12.10 2.79 -21.66
CA GLU A 241 11.88 4.03 -22.41
C GLU A 241 10.37 4.22 -22.59
N ASN A 242 9.72 4.67 -21.51
CA ASN A 242 8.29 4.92 -21.53
C ASN A 242 8.01 6.09 -20.59
N GLY A 243 7.70 7.24 -21.16
CA GLY A 243 7.36 8.41 -20.38
C GLY A 243 8.58 9.21 -19.97
N VAL A 244 8.34 10.13 -19.04
CA VAL A 244 9.38 11.05 -18.57
C VAL A 244 10.06 10.35 -17.38
N GLY A 245 10.98 9.45 -17.70
CA GLY A 245 11.85 8.83 -16.72
C GLY A 245 11.16 8.02 -15.64
N GLY A 246 10.07 7.34 -15.96
CA GLY A 246 9.27 6.66 -14.97
C GLY A 246 9.10 5.19 -15.28
N ASN A 247 8.95 4.39 -14.24
CA ASN A 247 8.69 2.97 -14.38
C ASN A 247 7.22 2.65 -14.56
N GLY A 248 6.33 3.62 -14.35
CA GLY A 248 4.90 3.35 -14.38
C GLY A 248 4.35 3.16 -15.77
N ILE A 249 3.40 2.23 -15.90
CA ILE A 249 2.68 1.97 -17.14
C ILE A 249 1.19 1.97 -16.85
N PHE A 250 0.40 2.09 -17.91
CA PHE A 250 -1.05 2.02 -17.84
C PHE A 250 -1.49 0.82 -18.69
N LEU A 251 -1.71 -0.31 -18.04
CA LEU A 251 -1.90 -1.58 -18.73
C LEU A 251 -3.39 -1.91 -18.82
N VAL A 252 -3.97 -1.68 -20.00
CA VAL A 252 -5.30 -2.20 -20.34
C VAL A 252 -5.15 -3.07 -21.57
N ALA A 253 -4.77 -2.44 -22.68
CA ALA A 253 -4.36 -3.15 -23.87
C ALA A 253 -2.93 -3.65 -23.71
N PRO A 254 -2.54 -4.71 -24.41
CA PRO A 254 -1.14 -5.14 -24.40
C PRO A 254 -0.21 -4.08 -24.98
N LEU A 255 0.94 -3.92 -24.33
CA LEU A 255 1.89 -2.86 -24.63
C LEU A 255 3.22 -3.47 -25.05
N ILE A 256 3.87 -2.83 -26.01
CA ILE A 256 5.22 -3.20 -26.42
C ILE A 256 6.18 -2.38 -25.58
N ILE A 257 6.81 -3.02 -24.60
CA ILE A 257 7.65 -2.34 -23.61
C ILE A 257 9.10 -2.47 -24.06
N TYR A 258 9.72 -1.33 -24.34
CA TYR A 258 11.04 -1.31 -24.97
C TYR A 258 12.02 -0.48 -24.14
N HIS A 259 13.28 -0.93 -24.17
CA HIS A 259 14.41 -0.27 -23.54
C HIS A 259 15.40 0.07 -24.64
N VAL A 260 15.75 1.34 -24.75
CA VAL A 260 16.65 1.80 -25.80
C VAL A 260 18.08 1.41 -25.44
N ILE A 261 18.74 0.70 -26.34
CA ILE A 261 20.13 0.31 -26.12
C ILE A 261 21.00 1.50 -26.52
N ASP A 262 21.21 2.40 -25.57
CA ASP A 262 22.09 3.54 -25.74
C ASP A 262 23.48 3.20 -25.22
N SER A 263 24.32 4.22 -25.02
CA SER A 263 25.69 3.99 -24.58
C SER A 263 25.77 3.47 -23.14
N ASN A 264 24.84 3.88 -22.27
CA ASN A 264 24.88 3.48 -20.87
C ASN A 264 24.27 2.11 -20.62
N SER A 265 23.61 1.52 -21.61
CA SER A 265 22.95 0.24 -21.41
C SER A 265 23.99 -0.90 -21.37
N PRO A 266 23.76 -1.92 -20.52
CA PRO A 266 24.65 -3.09 -20.54
C PRO A 266 24.60 -3.91 -21.82
N LEU A 267 23.56 -3.78 -22.64
CA LEU A 267 23.46 -4.50 -23.90
C LEU A 267 24.11 -3.76 -25.06
N TYR A 268 25.00 -2.80 -24.76
CA TYR A 268 25.61 -1.96 -25.79
C TYR A 268 26.52 -2.76 -26.73
N ASP A 269 27.21 -3.76 -26.19
CA ASP A 269 28.11 -4.60 -26.97
C ASP A 269 27.44 -5.89 -27.45
N LEU A 270 26.13 -6.02 -27.27
CA LEU A 270 25.43 -7.22 -27.71
C LEU A 270 25.30 -7.27 -29.23
N ALA A 271 25.56 -8.44 -29.79
CA ALA A 271 25.60 -8.66 -31.23
C ALA A 271 24.66 -9.81 -31.59
N PRO A 272 24.18 -9.88 -32.84
CA PRO A 272 23.41 -11.06 -33.25
C PRO A 272 24.23 -12.34 -33.34
N SER A 273 25.56 -12.26 -33.34
CA SER A 273 26.39 -13.46 -33.16
C SER A 273 26.24 -14.06 -31.77
N ASP A 274 25.85 -13.24 -30.79
CA ASP A 274 25.38 -13.70 -29.49
C ASP A 274 23.92 -14.13 -29.57
N LEU A 275 23.26 -14.21 -28.41
CA LEU A 275 21.84 -14.58 -28.28
C LEU A 275 21.58 -16.00 -28.76
N HIS A 276 22.38 -16.93 -28.23
CA HIS A 276 22.19 -18.36 -28.38
C HIS A 276 21.98 -18.98 -27.00
N HIS A 277 21.86 -20.32 -26.96
CA HIS A 277 21.54 -20.99 -25.71
C HIS A 277 22.74 -21.01 -24.76
N HIS A 278 23.97 -21.03 -25.29
CA HIS A 278 25.15 -21.09 -24.45
C HIS A 278 25.48 -19.74 -23.80
N GLN A 279 24.91 -18.65 -24.31
CA GLN A 279 25.21 -17.33 -23.77
C GLN A 279 24.59 -17.16 -22.39
N ASP A 280 25.32 -16.46 -21.51
CA ASP A 280 24.92 -16.29 -20.11
C ASP A 280 24.02 -15.08 -19.90
N LEU A 281 23.61 -14.39 -20.97
CA LEU A 281 22.76 -13.22 -20.84
C LEU A 281 21.35 -13.61 -20.43
N GLU A 282 20.81 -12.94 -19.41
CA GLU A 282 19.41 -13.10 -19.04
C GLU A 282 18.80 -11.73 -18.82
N ILE A 283 17.53 -11.56 -19.20
CA ILE A 283 16.82 -10.30 -19.00
C ILE A 283 15.51 -10.59 -18.27
N ILE A 284 15.31 -9.96 -17.12
CA ILE A 284 14.22 -10.27 -16.21
C ILE A 284 13.30 -9.05 -16.09
N VAL A 285 12.01 -9.28 -16.29
CA VAL A 285 11.00 -8.21 -16.27
C VAL A 285 10.08 -8.44 -15.09
N ILE A 286 9.88 -7.39 -14.28
CA ILE A 286 9.00 -7.42 -13.12
C ILE A 286 7.88 -6.43 -13.36
N LEU A 287 6.64 -6.88 -13.17
CA LEU A 287 5.48 -5.99 -13.22
C LEU A 287 4.87 -5.95 -11.82
N GLU A 288 5.12 -4.87 -11.10
CA GLU A 288 4.62 -4.68 -9.75
C GLU A 288 3.44 -3.72 -9.78
N GLY A 289 2.28 -4.17 -9.31
CA GLY A 289 1.11 -3.31 -9.29
C GLY A 289 0.27 -3.59 -8.08
N VAL A 290 -0.86 -2.90 -8.00
CA VAL A 290 -1.87 -3.13 -6.97
C VAL A 290 -3.15 -3.55 -7.66
N VAL A 291 -3.71 -4.69 -7.22
CA VAL A 291 -4.99 -5.14 -7.74
C VAL A 291 -6.09 -4.21 -7.24
N GLU A 292 -6.96 -3.79 -8.16
CA GLU A 292 -8.00 -2.81 -7.84
C GLU A 292 -9.04 -3.38 -6.88
N THR A 293 -9.36 -4.65 -7.01
CA THR A 293 -10.46 -5.28 -6.29
C THR A 293 -10.08 -5.71 -4.88
N THR A 294 -8.85 -6.21 -4.71
CA THR A 294 -8.38 -6.68 -3.41
C THR A 294 -7.52 -5.66 -2.67
N GLY A 295 -6.86 -4.76 -3.39
CA GLY A 295 -6.06 -3.72 -2.75
C GLY A 295 -4.75 -4.21 -2.17
N ILE A 296 -4.18 -5.26 -2.72
CA ILE A 296 -2.91 -5.81 -2.26
C ILE A 296 -1.94 -5.82 -3.44
N THR A 297 -0.71 -5.39 -3.20
CA THR A 297 0.29 -5.36 -4.26
C THR A 297 0.70 -6.77 -4.66
N THR A 298 0.99 -6.91 -5.96
CA THR A 298 1.42 -8.16 -6.55
C THR A 298 2.51 -7.86 -7.57
N GLN A 299 3.19 -8.92 -8.01
CA GLN A 299 4.17 -8.77 -9.08
C GLN A 299 4.16 -10.00 -9.96
N ALA A 300 4.33 -9.77 -11.26
CA ALA A 300 4.51 -10.82 -12.25
C ALA A 300 5.96 -10.77 -12.70
N ARG A 301 6.72 -11.80 -12.35
CA ARG A 301 8.11 -11.93 -12.78
C ARG A 301 8.17 -12.77 -14.04
N THR A 302 9.12 -12.44 -14.92
CA THR A 302 9.37 -13.23 -16.11
C THR A 302 10.84 -13.11 -16.48
N SER A 303 11.35 -14.13 -17.17
CA SER A 303 12.73 -14.13 -17.62
C SER A 303 12.80 -14.43 -19.11
N TYR A 304 13.85 -13.91 -19.73
CA TYR A 304 14.10 -14.06 -21.16
C TYR A 304 15.58 -14.44 -21.30
N LEU A 305 15.82 -15.68 -21.72
CA LEU A 305 17.18 -16.11 -21.99
C LEU A 305 17.66 -15.55 -23.33
N ALA A 306 18.95 -15.76 -23.60
CA ALA A 306 19.55 -15.21 -24.80
C ALA A 306 19.01 -15.87 -26.07
N ASP A 307 18.78 -17.19 -26.03
CA ASP A 307 18.21 -17.87 -27.18
C ASP A 307 16.74 -17.55 -27.40
N GLU A 308 16.05 -17.05 -26.38
CA GLU A 308 14.67 -16.64 -26.49
C GLU A 308 14.52 -15.17 -26.89
N ILE A 309 15.62 -14.45 -27.08
CA ILE A 309 15.60 -13.09 -27.59
C ILE A 309 15.94 -13.14 -29.08
N LEU A 310 15.04 -12.61 -29.90
CA LEU A 310 15.14 -12.73 -31.35
C LEU A 310 15.61 -11.40 -31.94
N TRP A 311 16.63 -11.47 -32.81
CA TRP A 311 17.19 -10.30 -33.45
C TRP A 311 16.59 -10.14 -34.84
N GLY A 312 16.20 -8.92 -35.19
CA GLY A 312 15.67 -8.66 -36.51
C GLY A 312 14.20 -9.00 -36.69
N GLN A 313 13.43 -9.07 -35.61
CA GLN A 313 12.00 -9.33 -35.67
C GLN A 313 11.24 -8.04 -35.35
N ARG A 314 9.92 -8.15 -35.23
CA ARG A 314 9.07 -7.05 -34.77
C ARG A 314 7.71 -7.61 -34.37
N PHE A 315 7.17 -7.12 -33.27
CA PHE A 315 5.87 -7.58 -32.79
C PHE A 315 4.75 -7.12 -33.72
N VAL A 316 3.87 -8.06 -34.08
CA VAL A 316 2.71 -7.76 -34.94
C VAL A 316 1.69 -7.00 -34.12
N PRO A 317 1.07 -5.94 -34.66
CA PRO A 317 -0.01 -5.27 -33.92
C PRO A 317 -1.24 -6.17 -33.77
N ILE A 318 -1.83 -6.13 -32.57
CA ILE A 318 -2.94 -7.01 -32.23
C ILE A 318 -4.22 -6.27 -31.91
N VAL A 319 -4.18 -4.94 -31.76
CA VAL A 319 -5.36 -4.15 -31.41
C VAL A 319 -5.92 -3.55 -32.69
N ALA A 320 -7.23 -3.70 -32.88
CA ALA A 320 -7.88 -3.15 -34.06
C ALA A 320 -9.22 -2.54 -33.66
N GLU A 321 -9.62 -1.50 -34.39
CA GLU A 321 -10.91 -0.86 -34.16
C GLU A 321 -12.00 -1.75 -34.73
N GLU A 322 -12.71 -2.46 -33.87
CA GLU A 322 -13.87 -3.23 -34.30
C GLU A 322 -15.07 -2.30 -34.45
N ASP A 323 -16.24 -2.89 -34.76
CA ASP A 323 -17.44 -2.11 -35.02
C ASP A 323 -17.94 -1.42 -33.75
N GLY A 324 -17.87 -2.09 -32.62
CA GLY A 324 -18.28 -1.47 -31.37
C GLY A 324 -17.20 -0.61 -30.75
N ARG A 325 -16.02 -1.20 -30.55
CA ARG A 325 -14.93 -0.55 -29.82
C ARG A 325 -13.62 -1.25 -30.18
N TYR A 326 -12.56 -0.95 -29.44
CA TYR A 326 -11.27 -1.58 -29.68
C TYR A 326 -11.29 -3.04 -29.27
N SER A 327 -10.64 -3.88 -30.08
CA SER A 327 -10.55 -5.32 -29.81
C SER A 327 -9.10 -5.75 -29.86
N VAL A 328 -8.71 -6.59 -28.90
CA VAL A 328 -7.35 -7.11 -28.79
C VAL A 328 -7.38 -8.58 -29.21
N ASP A 329 -6.65 -8.91 -30.27
CA ASP A 329 -6.54 -10.28 -30.76
C ASP A 329 -5.40 -10.96 -30.00
N TYR A 330 -5.74 -11.68 -28.92
CA TYR A 330 -4.74 -12.37 -28.12
C TYR A 330 -4.18 -13.61 -28.80
N SER A 331 -4.75 -14.05 -29.92
CA SER A 331 -4.16 -15.15 -30.67
C SER A 331 -2.88 -14.76 -31.38
N LYS A 332 -2.63 -13.46 -31.55
CA LYS A 332 -1.40 -12.96 -32.15
C LYS A 332 -0.50 -12.26 -31.14
N PHE A 333 -0.68 -12.56 -29.84
CA PHE A 333 -0.10 -11.78 -28.75
C PHE A 333 1.43 -11.82 -28.76
N GLY A 334 2.01 -12.99 -29.00
CA GLY A 334 3.45 -13.14 -29.07
C GLY A 334 4.02 -13.28 -30.46
N ASN A 335 3.22 -13.03 -31.50
CA ASN A 335 3.68 -13.23 -32.87
C ASN A 335 4.65 -12.15 -33.31
N THR A 336 5.68 -12.56 -34.05
CA THR A 336 6.71 -11.65 -34.55
C THR A 336 6.85 -11.82 -36.05
N ILE A 337 7.31 -10.75 -36.72
CA ILE A 337 7.59 -10.76 -38.15
C ILE A 337 9.01 -10.25 -38.38
N LYS A 338 9.72 -10.89 -39.31
CA LYS A 338 11.11 -10.53 -39.58
C LYS A 338 11.17 -9.19 -40.32
N VAL A 339 11.96 -8.27 -39.77
CA VAL A 339 12.07 -6.89 -40.28
C VAL A 339 13.55 -6.62 -40.50
N PRO A 340 13.94 -6.00 -41.65
CA PRO A 340 15.36 -5.75 -41.91
C PRO A 340 16.02 -4.77 -40.94
N THR A 341 16.92 -5.30 -40.12
CA THR A 341 17.73 -4.57 -39.14
C THR A 341 19.20 -4.82 -39.42
N PRO A 342 20.08 -3.89 -39.04
CA PRO A 342 21.53 -4.16 -39.12
C PRO A 342 21.95 -5.33 -38.24
N LEU A 343 22.87 -6.14 -38.76
CA LEU A 343 23.44 -7.27 -38.03
C LEU A 343 24.72 -6.91 -37.31
N CYS A 344 24.87 -5.66 -36.89
CA CYS A 344 25.99 -5.20 -36.08
C CYS A 344 25.53 -4.96 -34.66
N THR A 345 26.49 -4.67 -33.78
CA THR A 345 26.14 -4.27 -32.43
C THR A 345 25.73 -2.79 -32.42
N ALA A 346 25.24 -2.34 -31.25
CA ALA A 346 24.75 -0.97 -31.14
C ALA A 346 25.90 0.04 -31.22
N ARG A 347 27.07 -0.31 -30.67
CA ARG A 347 28.22 0.58 -30.73
C ARG A 347 28.74 0.73 -32.15
N GLN A 348 28.70 -0.35 -32.94
CA GLN A 348 29.11 -0.27 -34.34
C GLN A 348 28.15 0.59 -35.16
N LEU A 349 26.85 0.50 -34.87
CA LEU A 349 25.87 1.36 -35.53
C LEU A 349 26.08 2.83 -35.14
N ASP A 350 26.41 3.09 -33.87
CA ASP A 350 26.72 4.44 -33.43
C ASP A 350 27.98 4.98 -34.10
N GLU A 351 29.00 4.12 -34.27
CA GLU A 351 30.22 4.53 -34.96
C GLU A 351 29.96 4.79 -36.45
N ASP A 352 29.05 4.01 -37.05
CA ASP A 352 28.68 4.25 -38.45
C ASP A 352 27.94 5.57 -38.61
N ARG A 353 27.13 5.94 -37.62
CA ARG A 353 26.53 7.27 -37.61
C ARG A 353 27.57 8.37 -37.42
N SER A 354 28.58 8.09 -36.59
CA SER A 354 29.66 9.06 -36.38
C SER A 354 30.51 9.26 -37.64
N LEU A 355 30.67 8.21 -38.45
CA LEU A 355 31.42 8.35 -39.70
C LEU A 355 30.65 9.15 -40.74
N LEU A 356 29.33 9.00 -40.79
CA LEU A 356 28.51 9.71 -41.77
C LEU A 356 28.32 11.18 -41.39
N PRO B 2 -20.31 -50.95 26.43
CA PRO B 2 -19.45 -51.24 25.28
C PRO B 2 -18.33 -50.20 25.11
N LEU B 3 -17.09 -50.69 25.11
CA LEU B 3 -15.86 -49.89 24.97
C LEU B 3 -15.79 -48.80 26.04
N ALA B 4 -15.77 -49.24 27.30
CA ALA B 4 -15.66 -48.35 28.43
C ALA B 4 -14.21 -48.31 28.90
N PHE B 5 -13.80 -47.15 29.44
CA PHE B 5 -12.43 -46.96 29.89
C PHE B 5 -12.10 -47.86 31.08
N CYS B 6 -12.99 -47.90 32.06
CA CYS B 6 -12.96 -48.91 33.10
C CYS B 6 -14.10 -49.88 32.83
N GLY B 7 -13.82 -51.18 32.95
CA GLY B 7 -14.75 -52.20 32.49
C GLY B 7 -16.03 -52.24 33.32
N THR B 8 -17.16 -52.43 32.61
CA THR B 8 -18.48 -52.38 33.23
C THR B 8 -18.70 -53.67 34.01
N GLU B 9 -18.20 -53.67 35.25
CA GLU B 9 -18.36 -54.78 36.18
C GLU B 9 -19.02 -54.26 37.46
N ASN B 10 -19.92 -55.08 38.01
CA ASN B 10 -20.76 -54.73 39.17
C ASN B 10 -21.54 -53.44 38.95
N HIS B 11 -22.14 -53.33 37.75
CA HIS B 11 -22.93 -52.18 37.29
C HIS B 11 -22.11 -50.88 37.34
N SER B 12 -20.96 -50.92 36.66
CA SER B 12 -20.01 -49.79 36.55
C SER B 12 -19.56 -49.29 37.93
N ALA B 13 -19.17 -50.22 38.79
CA ALA B 13 -18.69 -49.89 40.13
C ALA B 13 -17.27 -49.32 40.13
N ALA B 14 -16.54 -49.45 39.02
CA ALA B 14 -15.18 -48.91 38.95
C ALA B 14 -15.18 -47.39 38.81
N TYR B 15 -16.29 -46.80 38.35
CA TYR B 15 -16.38 -45.34 38.23
C TYR B 15 -16.84 -44.67 39.51
N ARG B 16 -17.20 -45.44 40.53
CA ARG B 16 -17.58 -44.86 41.81
C ARG B 16 -16.34 -44.36 42.55
N VAL B 17 -16.29 -43.05 42.81
CA VAL B 17 -15.09 -42.43 43.37
C VAL B 17 -15.40 -41.82 44.73
N ASP B 18 -16.36 -42.43 45.45
CA ASP B 18 -16.74 -41.97 46.78
C ASP B 18 -15.64 -42.18 47.82
N GLN B 19 -14.64 -43.00 47.52
CA GLN B 19 -13.58 -43.38 48.45
C GLN B 19 -12.27 -42.67 48.15
N GLY B 20 -12.28 -41.38 47.85
CA GLY B 20 -11.02 -40.74 47.50
C GLY B 20 -10.53 -41.05 46.10
N VAL B 21 -11.10 -40.36 45.10
CA VAL B 21 -10.84 -40.48 43.66
C VAL B 21 -9.35 -40.62 43.29
N LEU B 22 -8.47 -40.00 44.06
CA LEU B 22 -7.03 -40.17 43.83
C LEU B 22 -6.58 -41.60 44.15
N ASN B 23 -7.10 -42.21 45.21
CA ASN B 23 -6.78 -43.60 45.50
C ASN B 23 -7.79 -44.58 44.90
N ASN B 24 -8.76 -44.08 44.12
CA ASN B 24 -9.60 -44.96 43.32
C ASN B 24 -8.84 -45.36 42.07
N GLY B 25 -8.65 -46.67 41.89
CA GLY B 25 -7.97 -47.15 40.71
C GLY B 25 -8.81 -46.98 39.45
N CYS B 26 -8.12 -47.06 38.31
CA CYS B 26 -8.55 -46.79 36.93
C CYS B 26 -8.88 -45.31 36.68
N PHE B 27 -8.78 -44.44 37.70
CA PHE B 27 -8.75 -43.00 37.52
C PHE B 27 -7.33 -42.48 37.42
N VAL B 28 -6.38 -43.11 38.12
CA VAL B 28 -4.98 -42.75 37.96
C VAL B 28 -4.50 -43.14 36.58
N ASP B 29 -5.01 -44.25 36.04
CA ASP B 29 -4.77 -44.57 34.63
C ASP B 29 -5.43 -43.56 33.70
N ALA B 30 -6.55 -42.97 34.12
CA ALA B 30 -7.11 -41.84 33.38
C ALA B 30 -6.28 -40.58 33.55
N LEU B 31 -5.63 -40.44 34.71
CA LEU B 31 -4.76 -39.28 34.95
C LEU B 31 -3.47 -39.38 34.16
N ASN B 32 -3.05 -40.61 33.81
CA ASN B 32 -1.82 -40.82 33.06
C ASN B 32 -1.94 -40.37 31.61
N VAL B 33 -3.14 -40.34 31.05
CA VAL B 33 -3.32 -39.95 29.65
C VAL B 33 -3.07 -38.46 29.45
N VAL B 34 -3.23 -37.66 30.52
CA VAL B 34 -3.16 -36.19 30.38
C VAL B 34 -1.80 -35.65 29.92
N PRO B 35 -0.64 -36.07 30.51
CA PRO B 35 0.63 -35.56 29.96
C PRO B 35 0.92 -35.98 28.52
N HIS B 36 0.49 -37.17 28.11
CA HIS B 36 0.78 -37.65 26.76
C HIS B 36 -0.01 -36.87 25.72
N VAL B 37 -1.31 -36.67 25.97
CA VAL B 37 -2.11 -35.90 25.02
C VAL B 37 -1.75 -34.41 25.07
N PHE B 38 -1.28 -33.92 26.23
CA PHE B 38 -0.76 -32.56 26.31
C PHE B 38 0.48 -32.39 25.45
N LEU B 39 1.40 -33.37 25.50
CA LEU B 39 2.60 -33.33 24.68
C LEU B 39 2.27 -33.43 23.20
N LEU B 40 1.31 -34.30 22.83
CA LEU B 40 0.92 -34.43 21.43
C LEU B 40 0.31 -33.13 20.91
N PHE B 41 -0.59 -32.52 21.68
CA PHE B 41 -1.24 -31.30 21.23
C PHE B 41 -0.35 -30.06 21.31
N ILE B 42 0.71 -30.10 22.10
CA ILE B 42 1.66 -28.97 22.14
C ILE B 42 2.85 -29.19 21.21
N THR B 43 3.05 -30.40 20.70
CA THR B 43 4.20 -30.74 19.87
C THR B 43 3.87 -30.88 18.39
N PHE B 44 2.71 -31.46 18.05
CA PHE B 44 2.31 -31.60 16.65
C PHE B 44 2.21 -30.28 15.86
N PRO B 45 1.68 -29.15 16.38
CA PRO B 45 1.78 -27.91 15.58
C PRO B 45 3.19 -27.39 15.43
N ILE B 46 4.05 -27.52 16.45
CA ILE B 46 5.41 -27.03 16.35
C ILE B 46 6.22 -27.83 15.33
N LEU B 47 6.05 -29.16 15.33
CA LEU B 47 6.75 -29.99 14.36
C LEU B 47 6.15 -29.86 12.96
N PHE B 48 4.83 -29.69 12.87
CA PHE B 48 4.19 -29.64 11.56
C PHE B 48 4.44 -28.31 10.85
N ILE B 49 4.35 -27.20 11.59
CA ILE B 49 4.60 -25.89 11.00
C ILE B 49 6.07 -25.74 10.62
N GLY B 50 6.97 -26.20 11.48
CA GLY B 50 8.38 -26.28 11.14
C GLY B 50 8.69 -27.52 10.31
N HIS B 61 18.34 -26.75 4.71
CA HIS B 61 19.07 -27.87 5.27
C HIS B 61 20.18 -27.39 6.20
N HIS B 62 20.38 -28.11 7.30
CA HIS B 62 21.42 -27.79 8.27
C HIS B 62 22.54 -28.81 8.12
N SER B 63 23.66 -28.37 7.54
CA SER B 63 24.85 -29.20 7.43
C SER B 63 25.81 -29.02 8.59
N THR B 64 25.47 -28.15 9.55
CA THR B 64 26.33 -27.79 10.67
C THR B 64 25.68 -28.13 12.01
N TRP B 65 25.07 -29.32 12.10
CA TRP B 65 24.33 -29.69 13.30
C TRP B 65 25.27 -30.13 14.41
N LEU B 66 24.92 -29.77 15.64
CA LEU B 66 25.64 -30.18 16.84
C LEU B 66 24.75 -31.10 17.68
N HIS B 67 25.24 -31.46 18.87
CA HIS B 67 24.52 -32.35 19.77
C HIS B 67 24.51 -31.78 21.18
N PHE B 68 23.35 -31.86 21.83
CA PHE B 68 23.18 -31.39 23.19
C PHE B 68 23.86 -32.36 24.17
N PRO B 69 24.17 -31.90 25.39
CA PRO B 69 24.72 -32.84 26.39
C PRO B 69 23.73 -33.92 26.78
N GLY B 70 24.26 -35.11 27.08
CA GLY B 70 23.44 -36.26 27.39
C GLY B 70 22.70 -36.84 26.20
N HIS B 71 23.22 -36.64 24.99
CA HIS B 71 22.53 -37.05 23.77
C HIS B 71 22.46 -38.57 23.65
N ASN B 72 23.62 -39.24 23.85
CA ASN B 72 23.68 -40.69 23.83
C ASN B 72 22.83 -41.30 24.94
N LEU B 73 22.90 -40.70 26.14
CA LEU B 73 22.12 -41.16 27.28
C LEU B 73 20.62 -40.97 27.04
N ARG B 74 20.23 -39.84 26.42
CA ARG B 74 18.82 -39.61 26.13
C ARG B 74 18.28 -40.61 25.11
N TRP B 75 19.06 -40.93 24.08
CA TRP B 75 18.61 -41.93 23.10
C TRP B 75 18.51 -43.33 23.72
N ILE B 76 19.47 -43.69 24.59
CA ILE B 76 19.41 -44.99 25.27
C ILE B 76 18.22 -45.07 26.21
N LEU B 77 17.96 -43.99 26.97
CA LEU B 77 16.82 -43.96 27.88
C LEU B 77 15.49 -43.99 27.13
N THR B 78 15.44 -43.36 25.96
CA THR B 78 14.23 -43.41 25.14
C THR B 78 13.98 -44.81 24.60
N PHE B 79 15.04 -45.51 24.17
CA PHE B 79 14.89 -46.89 23.70
C PHE B 79 14.42 -47.82 24.83
N ILE B 80 14.99 -47.66 26.04
CA ILE B 80 14.56 -48.46 27.18
C ILE B 80 13.13 -48.13 27.57
N LEU B 81 12.74 -46.84 27.46
CA LEU B 81 11.37 -46.44 27.74
C LEU B 81 10.38 -47.06 26.77
N LEU B 82 10.73 -47.10 25.48
CA LEU B 82 9.87 -47.74 24.48
C LEU B 82 9.73 -49.24 24.74
N PHE B 83 10.83 -49.90 25.13
CA PHE B 83 10.78 -51.32 25.45
C PHE B 83 9.88 -51.61 26.65
N VAL B 84 10.01 -50.82 27.71
CA VAL B 84 9.21 -51.03 28.92
C VAL B 84 7.74 -50.70 28.66
N LEU B 85 7.46 -49.70 27.80
CA LEU B 85 6.07 -49.41 27.45
C LEU B 85 5.46 -50.51 26.59
N VAL B 86 6.26 -51.14 25.71
CA VAL B 86 5.77 -52.30 24.95
C VAL B 86 5.44 -53.46 25.89
N CYS B 87 6.31 -53.68 26.89
CA CYS B 87 6.05 -54.71 27.90
C CYS B 87 4.79 -54.39 28.71
N GLU B 88 4.54 -53.10 28.99
CA GLU B 88 3.35 -52.71 29.73
C GLU B 88 2.08 -52.93 28.90
N ILE B 89 2.15 -52.64 27.59
CA ILE B 89 1.03 -52.94 26.68
C ILE B 89 0.74 -54.43 26.65
N ALA B 90 1.80 -55.24 26.58
CA ALA B 90 1.63 -56.70 26.54
C ALA B 90 1.03 -57.22 27.83
N GLU B 91 1.50 -56.74 28.98
CA GLU B 91 0.96 -57.23 30.25
C GLU B 91 -0.46 -56.72 30.50
N GLY B 92 -0.80 -55.53 29.98
CA GLY B 92 -2.18 -55.06 30.07
C GLY B 92 -3.14 -55.85 29.22
N ILE B 93 -2.70 -56.24 28.02
CA ILE B 93 -3.52 -57.08 27.14
C ILE B 93 -3.67 -58.48 27.75
N LEU B 94 -2.62 -58.98 28.39
CA LEU B 94 -2.68 -60.25 29.10
C LEU B 94 -3.63 -60.19 30.29
N SER B 95 -3.64 -59.06 31.00
CA SER B 95 -4.38 -58.96 32.24
C SER B 95 -5.89 -58.83 32.02
N ASP B 96 -6.30 -58.11 30.98
CA ASP B 96 -7.72 -57.84 30.77
C ASP B 96 -8.43 -58.93 29.97
N GLY B 97 -7.72 -59.98 29.56
CA GLY B 97 -8.30 -61.02 28.72
C GLY B 97 -9.21 -62.01 29.42
N VAL B 98 -9.35 -61.91 30.74
CA VAL B 98 -10.20 -62.81 31.51
C VAL B 98 -11.59 -62.24 31.71
N THR B 99 -11.70 -60.96 32.07
CA THR B 99 -12.99 -60.32 32.29
C THR B 99 -13.75 -60.15 30.96
N GLU B 100 -15.07 -60.15 31.06
CA GLU B 100 -15.92 -60.07 29.87
C GLU B 100 -15.87 -58.67 29.23
N SER B 101 -15.73 -57.63 30.04
CA SER B 101 -15.64 -56.26 29.54
C SER B 101 -14.17 -55.87 29.40
N ARG B 102 -13.83 -55.29 28.26
CA ARG B 102 -12.45 -54.88 27.99
C ARG B 102 -12.10 -53.64 28.81
N HIS B 103 -11.03 -53.73 29.60
CA HIS B 103 -10.55 -52.61 30.42
C HIS B 103 -9.60 -51.79 29.57
N LEU B 104 -10.06 -50.64 29.10
CA LEU B 104 -9.21 -49.76 28.30
C LEU B 104 -8.10 -49.11 29.13
N HIS B 105 -8.28 -49.01 30.45
CA HIS B 105 -7.29 -48.36 31.29
C HIS B 105 -6.01 -49.17 31.46
N LEU B 106 -5.99 -50.43 31.00
CA LEU B 106 -4.83 -51.29 31.16
C LEU B 106 -3.83 -51.18 30.02
N TYR B 107 -4.28 -50.86 28.80
CA TYR B 107 -3.34 -50.85 27.69
C TYR B 107 -3.35 -49.55 26.88
N MET B 108 -4.50 -48.86 26.84
CA MET B 108 -4.58 -47.60 26.10
C MET B 108 -3.71 -46.47 26.70
N PRO B 109 -3.62 -46.24 28.02
CA PRO B 109 -2.62 -45.26 28.49
C PRO B 109 -1.18 -45.63 28.17
N ALA B 110 -0.84 -46.93 28.15
CA ALA B 110 0.53 -47.33 27.80
C ALA B 110 0.80 -47.12 26.32
N GLY B 111 -0.20 -47.37 25.45
CA GLY B 111 -0.03 -47.05 24.04
C GLY B 111 0.06 -45.56 23.76
N MET B 112 -0.72 -44.77 24.51
CA MET B 112 -0.61 -43.32 24.42
C MET B 112 0.77 -42.84 24.88
N ALA B 113 1.31 -43.48 25.92
CA ALA B 113 2.67 -43.17 26.38
C ALA B 113 3.71 -43.55 25.33
N PHE B 114 3.50 -44.67 24.63
CA PHE B 114 4.42 -45.09 23.56
C PHE B 114 4.43 -44.08 22.41
N MET B 115 3.23 -43.64 22.00
CA MET B 115 3.14 -42.62 20.94
C MET B 115 3.73 -41.30 21.39
N ALA B 116 3.53 -40.94 22.67
CA ALA B 116 4.11 -39.71 23.20
C ALA B 116 5.63 -39.77 23.26
N ALA B 117 6.20 -40.93 23.61
CA ALA B 117 7.66 -41.06 23.65
C ALA B 117 8.27 -41.00 22.26
N ILE B 118 7.58 -41.59 21.27
CA ILE B 118 8.03 -41.47 19.87
C ILE B 118 7.99 -40.02 19.41
N THR B 119 6.89 -39.31 19.72
CA THR B 119 6.77 -37.90 19.35
C THR B 119 7.81 -37.04 20.07
N SER B 120 8.11 -37.37 21.33
CA SER B 120 9.11 -36.64 22.10
C SER B 120 10.51 -36.82 21.52
N VAL B 121 10.86 -38.04 21.10
CA VAL B 121 12.20 -38.22 20.54
C VAL B 121 12.30 -37.60 19.14
N VAL B 122 11.19 -37.55 18.38
CA VAL B 122 11.19 -36.86 17.10
C VAL B 122 11.35 -35.34 17.31
N TYR B 123 10.66 -34.80 18.31
CA TYR B 123 10.76 -33.38 18.65
C TYR B 123 12.16 -33.02 19.12
N TYR B 124 12.79 -33.88 19.94
CA TYR B 124 14.15 -33.65 20.39
C TYR B 124 15.15 -33.72 19.24
N HIS B 125 14.96 -34.66 18.31
CA HIS B 125 15.87 -34.75 17.16
C HIS B 125 15.73 -33.54 16.24
N ASN B 126 14.50 -33.07 15.99
CA ASN B 126 14.30 -31.89 15.16
C ASN B 126 14.87 -30.64 15.84
N ILE B 127 14.75 -30.55 17.16
CA ILE B 127 15.34 -29.44 17.90
C ILE B 127 16.86 -29.50 17.85
N GLU B 128 17.44 -30.71 18.00
CA GLU B 128 18.90 -30.86 18.01
C GLU B 128 19.50 -30.58 16.64
N THR B 129 18.81 -30.97 15.56
CA THR B 129 19.28 -30.63 14.22
C THR B 129 18.89 -29.21 13.82
N SER B 130 18.06 -28.53 14.61
CA SER B 130 17.70 -27.14 14.34
C SER B 130 18.25 -26.16 15.36
N ASN B 131 18.84 -26.64 16.47
CA ASN B 131 19.48 -25.84 17.53
C ASN B 131 18.50 -24.84 18.15
N PHE B 132 17.42 -25.38 18.74
CA PHE B 132 16.39 -24.59 19.41
C PHE B 132 16.25 -25.06 20.86
N PRO B 133 17.22 -24.74 21.72
CA PRO B 133 17.16 -25.29 23.09
C PRO B 133 16.04 -24.70 23.93
N LYS B 134 15.61 -23.47 23.64
CA LYS B 134 14.56 -22.80 24.41
C LYS B 134 13.20 -23.50 24.32
N LEU B 135 12.96 -24.26 23.25
CA LEU B 135 11.72 -25.02 23.14
C LEU B 135 11.72 -26.27 24.01
N LEU B 136 12.89 -26.71 24.50
CA LEU B 136 13.00 -27.93 25.29
C LEU B 136 12.24 -27.86 26.60
N ILE B 137 11.95 -26.63 27.07
CA ILE B 137 11.07 -26.37 28.21
C ILE B 137 9.76 -27.15 28.09
N ALA B 138 9.19 -27.19 26.88
CA ALA B 138 7.95 -27.93 26.63
C ALA B 138 8.12 -29.41 26.98
N LEU B 139 9.23 -30.02 26.51
CA LEU B 139 9.54 -31.40 26.85
C LEU B 139 9.69 -31.56 28.35
N LEU B 140 10.36 -30.57 28.98
CA LEU B 140 10.55 -30.55 30.43
C LEU B 140 9.22 -30.64 31.15
N ILE B 141 8.24 -29.84 30.70
CA ILE B 141 6.92 -29.80 31.33
C ILE B 141 6.26 -31.16 31.22
N TYR B 142 6.36 -31.77 30.03
CA TYR B 142 5.77 -33.08 29.79
C TYR B 142 6.39 -34.13 30.71
N TRP B 143 7.72 -34.11 30.83
CA TRP B 143 8.38 -35.11 31.66
C TRP B 143 7.99 -34.92 33.11
N THR B 144 7.89 -33.65 33.54
CA THR B 144 7.47 -33.34 34.90
C THR B 144 6.07 -33.87 35.16
N LEU B 145 5.16 -33.61 34.20
CA LEU B 145 3.79 -34.06 34.32
C LEU B 145 3.73 -35.57 34.35
N ALA B 146 4.53 -36.21 33.47
CA ALA B 146 4.56 -37.66 33.39
C ALA B 146 5.07 -38.24 34.69
N PHE B 147 6.11 -37.61 35.26
CA PHE B 147 6.69 -38.07 36.52
C PHE B 147 5.66 -38.01 37.62
N ILE B 148 4.91 -36.90 37.68
CA ILE B 148 3.89 -36.74 38.71
C ILE B 148 2.80 -37.79 38.53
N THR B 149 2.36 -37.96 37.28
CA THR B 149 1.27 -38.89 37.03
C THR B 149 1.73 -40.33 37.17
N LYS B 150 3.04 -40.58 37.10
CA LYS B 150 3.46 -41.93 37.39
C LYS B 150 3.57 -42.14 38.89
N THR B 151 4.12 -41.15 39.61
CA THR B 151 4.53 -41.43 40.99
C THR B 151 3.31 -41.56 41.90
N ILE B 152 2.25 -40.80 41.61
CA ILE B 152 0.95 -40.96 42.27
C ILE B 152 0.48 -42.40 42.15
N LYS B 153 0.53 -42.93 40.92
CA LYS B 153 0.16 -44.32 40.64
C LYS B 153 1.01 -45.27 41.47
N PHE B 154 2.32 -45.01 41.50
CA PHE B 154 3.24 -45.85 42.26
C PHE B 154 2.91 -45.79 43.75
N VAL B 155 2.60 -44.58 44.23
CA VAL B 155 2.25 -44.40 45.64
C VAL B 155 0.95 -45.13 45.95
N LYS B 156 -0.01 -45.07 45.03
CA LYS B 156 -1.26 -45.79 45.25
C LYS B 156 -1.04 -47.29 45.17
N PHE B 157 -0.12 -47.73 44.30
CA PHE B 157 0.21 -49.14 44.25
C PHE B 157 0.97 -49.57 45.50
N TYR B 158 1.66 -48.62 46.15
CA TYR B 158 2.26 -48.96 47.43
C TYR B 158 1.22 -48.94 48.55
N ASP B 159 0.16 -48.13 48.41
CA ASP B 159 -0.78 -48.00 49.52
C ASP B 159 -1.81 -49.12 49.55
N HIS B 160 -1.99 -49.84 48.45
CA HIS B 160 -2.87 -51.00 48.38
C HIS B 160 -2.11 -52.31 48.46
N ALA B 161 -0.80 -52.25 48.78
CA ALA B 161 0.07 -53.41 49.01
C ALA B 161 0.14 -54.34 47.79
N ILE B 162 0.48 -53.76 46.64
CA ILE B 162 0.66 -54.55 45.43
C ILE B 162 1.91 -55.43 45.56
N GLY B 163 3.07 -54.81 45.73
CA GLY B 163 4.30 -55.54 45.93
C GLY B 163 4.99 -55.92 44.63
N PHE B 164 6.20 -56.46 44.78
CA PHE B 164 7.06 -56.76 43.63
C PHE B 164 6.71 -58.07 42.94
N SER B 165 5.78 -58.87 43.49
CA SER B 165 5.35 -60.09 42.83
C SER B 165 4.49 -59.83 41.60
N GLN B 166 4.02 -58.61 41.42
CA GLN B 166 3.19 -58.21 40.29
C GLN B 166 4.05 -57.45 39.29
N LEU B 167 3.89 -57.78 38.01
CA LEU B 167 4.74 -57.17 36.98
C LEU B 167 4.42 -55.70 36.78
N ARG B 168 3.15 -55.30 36.94
CA ARG B 168 2.75 -53.91 36.73
C ARG B 168 3.40 -52.96 37.72
N PHE B 169 3.61 -53.42 38.96
CA PHE B 169 4.32 -52.62 39.96
C PHE B 169 5.77 -52.39 39.55
N CYS B 170 6.47 -53.43 39.09
CA CYS B 170 7.83 -53.27 38.61
C CYS B 170 7.90 -52.43 37.35
N LEU B 171 6.89 -52.54 36.48
CA LEU B 171 6.89 -51.77 35.25
C LEU B 171 6.61 -50.28 35.51
N THR B 172 5.72 -49.97 36.46
CA THR B 172 5.52 -48.56 36.78
C THR B 172 6.68 -48.00 37.61
N GLY B 173 7.38 -48.85 38.36
CA GLY B 173 8.63 -48.41 38.97
C GLY B 173 9.70 -48.10 37.95
N LEU B 174 9.83 -48.95 36.92
CA LEU B 174 10.74 -48.66 35.82
C LEU B 174 10.30 -47.42 35.05
N LEU B 175 8.99 -47.21 34.91
CA LEU B 175 8.46 -46.03 34.24
C LEU B 175 8.82 -44.74 34.97
N VAL B 176 8.62 -44.73 36.29
CA VAL B 176 8.93 -43.52 37.06
C VAL B 176 10.44 -43.32 37.18
N ILE B 177 11.23 -44.40 37.18
CA ILE B 177 12.69 -44.28 37.20
C ILE B 177 13.20 -43.68 35.88
N LEU B 178 12.68 -44.17 34.74
CA LEU B 178 13.10 -43.64 33.45
C LEU B 178 12.62 -42.21 33.23
N TYR B 179 11.42 -41.88 33.72
CA TYR B 179 10.95 -40.49 33.64
C TYR B 179 11.80 -39.57 34.50
N GLY B 180 12.21 -40.02 35.69
CA GLY B 180 13.12 -39.23 36.50
C GLY B 180 14.49 -39.08 35.88
N MET B 181 14.98 -40.13 35.21
CA MET B 181 16.27 -40.04 34.52
C MET B 181 16.21 -39.07 33.34
N LEU B 182 15.11 -39.09 32.59
CA LEU B 182 14.97 -38.12 31.50
C LEU B 182 14.79 -36.69 32.01
N LEU B 183 14.13 -36.53 33.17
CA LEU B 183 14.06 -35.21 33.80
C LEU B 183 15.43 -34.74 34.26
N LEU B 184 16.26 -35.67 34.76
CA LEU B 184 17.63 -35.31 35.15
C LEU B 184 18.48 -34.96 33.94
N VAL B 185 18.27 -35.64 32.81
CA VAL B 185 18.95 -35.28 31.57
C VAL B 185 18.53 -33.89 31.10
N GLU B 186 17.24 -33.57 31.22
CA GLU B 186 16.74 -32.24 30.85
C GLU B 186 17.30 -31.14 31.74
N VAL B 187 17.39 -31.39 33.06
CA VAL B 187 17.97 -30.35 33.92
C VAL B 187 19.49 -30.28 33.76
N ASN B 188 20.14 -31.37 33.33
CA ASN B 188 21.54 -31.29 32.94
C ASN B 188 21.71 -30.42 31.69
N VAL B 189 20.77 -30.52 30.75
CA VAL B 189 20.83 -29.71 29.53
C VAL B 189 20.63 -28.23 29.86
N ILE B 190 19.67 -27.90 30.72
CA ILE B 190 19.49 -26.49 31.11
C ILE B 190 20.63 -26.01 32.01
N ARG B 191 21.33 -26.92 32.71
CA ARG B 191 22.51 -26.51 33.47
C ARG B 191 23.68 -26.19 32.54
N VAL B 192 23.90 -27.01 31.52
CA VAL B 192 25.02 -26.77 30.61
C VAL B 192 24.72 -25.61 29.66
N ARG B 193 23.67 -25.75 28.86
CA ARG B 193 23.23 -24.68 27.96
C ARG B 193 22.04 -23.98 28.58
N ARG B 194 22.21 -22.70 28.91
CA ARG B 194 21.19 -21.93 29.63
C ARG B 194 20.27 -21.27 28.62
N TYR B 195 19.24 -22.00 28.20
CA TYR B 195 18.20 -21.49 27.32
C TYR B 195 17.03 -20.86 28.09
N ILE B 196 17.09 -20.85 29.41
CA ILE B 196 16.07 -20.24 30.26
C ILE B 196 16.64 -18.91 30.75
N PHE B 197 15.85 -18.15 31.51
CA PHE B 197 16.27 -16.81 31.94
C PHE B 197 17.48 -16.89 32.87
N PHE B 198 18.63 -16.59 32.30
CA PHE B 198 19.95 -16.74 32.92
C PHE B 198 20.87 -15.74 32.23
N LYS B 199 22.18 -15.91 32.41
CA LYS B 199 23.15 -15.12 31.66
C LYS B 199 23.26 -15.57 30.20
N THR B 200 22.81 -16.79 29.89
CA THR B 200 23.01 -17.45 28.61
C THR B 200 24.44 -17.38 28.06
N PRO B 201 25.44 -17.91 28.78
CA PRO B 201 26.83 -17.68 28.35
C PRO B 201 27.39 -18.70 27.36
N ARG B 202 26.86 -19.93 27.36
CA ARG B 202 27.51 -21.05 26.68
C ARG B 202 27.02 -21.18 25.24
N GLU B 203 27.96 -21.21 24.30
CA GLU B 203 27.69 -21.54 22.91
C GLU B 203 28.63 -22.66 22.50
N VAL B 204 28.07 -23.74 21.96
CA VAL B 204 28.88 -24.93 21.69
C VAL B 204 29.63 -24.79 20.38
N LYS B 205 28.97 -24.21 19.34
CA LYS B 205 29.37 -24.02 17.94
C LYS B 205 29.46 -25.36 17.20
N PRO B 206 29.21 -25.38 15.88
CA PRO B 206 29.31 -26.64 15.14
C PRO B 206 30.75 -27.14 15.08
N PRO B 207 30.96 -28.44 14.92
CA PRO B 207 32.33 -28.98 14.78
C PRO B 207 32.99 -28.48 13.50
N GLU B 208 34.32 -28.34 13.57
CA GLU B 208 35.07 -27.67 12.52
C GLU B 208 35.10 -28.48 11.22
N ASP B 209 34.97 -29.81 11.31
CA ASP B 209 34.94 -30.62 10.11
C ASP B 209 33.63 -30.45 9.36
N LEU B 210 32.51 -30.33 10.09
CA LEU B 210 31.20 -30.26 9.47
C LEU B 210 30.89 -28.89 8.86
N GLN B 211 31.37 -27.80 9.46
CA GLN B 211 30.87 -26.48 9.10
C GLN B 211 31.39 -25.98 7.75
N ASP B 212 32.68 -26.13 7.48
CA ASP B 212 33.24 -25.56 6.25
C ASP B 212 34.24 -26.46 5.52
N LEU B 213 34.68 -27.57 6.11
CA LEU B 213 35.71 -28.40 5.47
C LEU B 213 35.14 -29.14 4.26
N GLY B 214 33.88 -29.56 4.34
CA GLY B 214 33.26 -30.25 3.22
C GLY B 214 33.33 -31.75 3.34
N VAL B 215 33.18 -32.26 4.56
CA VAL B 215 33.13 -33.71 4.76
C VAL B 215 31.70 -34.20 4.49
N ARG B 216 31.60 -35.41 3.95
CA ARG B 216 30.30 -36.00 3.65
C ARG B 216 30.16 -37.39 4.26
N PHE B 217 31.06 -37.76 5.17
CA PHE B 217 31.00 -39.02 5.92
C PHE B 217 30.47 -38.66 7.31
N LEU B 218 29.15 -38.69 7.46
CA LEU B 218 28.47 -38.10 8.59
C LEU B 218 28.32 -39.05 9.78
N GLN B 219 28.95 -40.23 9.71
CA GLN B 219 28.81 -41.24 10.76
C GLN B 219 29.27 -40.79 12.17
N PRO B 220 30.37 -40.05 12.37
CA PRO B 220 30.62 -39.52 13.73
C PRO B 220 29.62 -38.46 14.20
N PHE B 221 28.81 -37.90 13.31
CA PHE B 221 28.02 -36.73 13.64
C PHE B 221 26.51 -36.99 13.66
N VAL B 222 26.07 -38.23 13.47
CA VAL B 222 24.65 -38.54 13.45
C VAL B 222 24.25 -39.12 14.80
N ASN B 223 22.94 -39.10 15.08
CA ASN B 223 22.42 -39.65 16.32
C ASN B 223 22.45 -41.18 16.28
N LEU B 224 22.18 -41.78 17.45
CA LEU B 224 22.40 -43.22 17.66
C LEU B 224 21.48 -44.07 16.79
N LEU B 225 20.27 -43.59 16.50
CA LEU B 225 19.39 -44.31 15.58
C LEU B 225 19.95 -44.33 14.17
N SER B 226 20.48 -43.19 13.70
CA SER B 226 21.13 -43.15 12.39
C SER B 226 22.58 -43.61 12.45
N LYS B 227 23.18 -43.69 13.63
CA LYS B 227 24.52 -44.28 13.76
C LYS B 227 24.46 -45.80 13.70
N GLY B 228 23.39 -46.39 14.24
CA GLY B 228 23.26 -47.83 14.27
C GLY B 228 22.59 -48.42 13.05
N THR B 229 21.61 -47.70 12.48
CA THR B 229 20.94 -48.17 11.27
C THR B 229 21.58 -47.65 9.99
N TYR B 230 22.58 -46.74 10.11
CA TYR B 230 23.30 -46.15 8.98
C TYR B 230 22.35 -45.46 8.01
N TRP B 231 21.45 -44.64 8.57
CA TRP B 231 20.39 -44.01 7.79
C TRP B 231 20.92 -42.93 6.86
N TRP B 232 21.98 -42.22 7.27
CA TRP B 232 22.55 -41.13 6.48
C TRP B 232 23.13 -41.62 5.15
N MET B 233 23.48 -42.91 5.06
CA MET B 233 23.93 -43.51 3.81
C MET B 233 22.84 -43.52 2.74
N ASN B 234 21.56 -43.46 3.15
CA ASN B 234 20.41 -43.67 2.27
C ASN B 234 20.43 -42.77 1.04
N ALA B 235 20.70 -41.48 1.24
CA ALA B 235 20.74 -40.52 0.15
C ALA B 235 21.82 -40.86 -0.86
N PHE B 236 23.00 -41.30 -0.38
CA PHE B 236 24.05 -41.79 -1.26
C PHE B 236 23.56 -42.99 -2.08
N ILE B 237 22.86 -43.92 -1.43
CA ILE B 237 22.31 -45.09 -2.10
C ILE B 237 21.24 -44.66 -3.10
N LYS B 238 20.58 -43.54 -2.84
CA LYS B 238 19.67 -42.99 -3.86
C LYS B 238 20.46 -42.38 -5.01
N THR B 239 21.48 -41.55 -4.70
CA THR B 239 22.08 -40.71 -5.73
C THR B 239 22.96 -41.52 -6.68
N ALA B 240 23.45 -42.68 -6.23
CA ALA B 240 24.18 -43.58 -7.10
C ALA B 240 23.34 -44.13 -8.24
N HIS B 241 22.01 -44.10 -8.10
CA HIS B 241 21.17 -44.43 -9.25
C HIS B 241 21.20 -43.31 -10.29
N LYS B 242 21.21 -42.05 -9.84
CA LYS B 242 21.08 -40.94 -10.77
C LYS B 242 22.42 -40.47 -11.33
N LYS B 243 23.49 -40.56 -10.53
CA LYS B 243 24.80 -40.08 -10.93
C LYS B 243 25.83 -41.05 -10.37
N PRO B 244 26.87 -41.39 -11.13
CA PRO B 244 27.93 -42.26 -10.60
C PRO B 244 28.69 -41.59 -9.46
N ILE B 245 29.08 -42.41 -8.48
CA ILE B 245 29.79 -41.92 -7.31
C ILE B 245 31.25 -41.71 -7.67
N ASP B 246 31.75 -40.51 -7.44
CA ASP B 246 33.12 -40.12 -7.74
C ASP B 246 33.78 -39.57 -6.48
N LEU B 247 34.98 -39.02 -6.65
CA LEU B 247 35.72 -38.43 -5.54
C LEU B 247 35.25 -37.04 -5.15
N ARG B 248 34.24 -36.51 -5.83
CA ARG B 248 33.55 -35.29 -5.42
C ARG B 248 32.30 -35.58 -4.60
N ALA B 249 31.57 -36.65 -4.94
CA ALA B 249 30.44 -37.07 -4.11
C ALA B 249 30.89 -37.60 -2.77
N ILE B 250 32.06 -38.23 -2.72
CA ILE B 250 32.72 -38.58 -1.48
C ILE B 250 33.53 -37.37 -1.02
N GLY B 251 33.31 -36.92 0.21
CA GLY B 251 33.95 -35.71 0.68
C GLY B 251 35.39 -35.87 1.14
N LYS B 252 35.75 -35.17 2.21
CA LYS B 252 37.09 -35.26 2.80
C LYS B 252 37.02 -36.02 4.12
N LEU B 253 38.17 -36.51 4.55
CA LEU B 253 38.22 -37.29 5.78
C LEU B 253 38.02 -36.38 6.99
N PRO B 254 37.33 -36.86 8.02
CA PRO B 254 37.29 -36.10 9.29
C PRO B 254 38.65 -36.08 9.96
N ILE B 255 38.80 -35.12 10.88
CA ILE B 255 40.08 -34.86 11.54
C ILE B 255 40.51 -36.05 12.39
N ALA B 256 39.54 -36.72 13.04
CA ALA B 256 39.87 -37.92 13.81
C ALA B 256 40.26 -39.09 12.91
N MET B 257 39.77 -39.10 11.67
CA MET B 257 40.05 -40.18 10.73
C MET B 257 41.18 -39.86 9.75
N ARG B 258 41.80 -38.68 9.86
CA ARG B 258 42.88 -38.31 8.95
C ARG B 258 44.13 -39.14 9.21
N ALA B 259 44.95 -39.28 8.17
CA ALA B 259 46.16 -40.09 8.27
C ALA B 259 47.19 -39.45 9.20
N LEU B 260 47.27 -38.12 9.19
CA LEU B 260 48.24 -37.42 10.02
C LEU B 260 47.92 -37.55 11.50
N THR B 261 46.62 -37.53 11.85
CA THR B 261 46.21 -37.66 13.25
C THR B 261 46.52 -39.04 13.81
N ASN B 262 46.19 -40.09 13.05
CA ASN B 262 46.51 -41.46 13.47
C ASN B 262 48.01 -41.70 13.48
N TYR B 263 48.74 -41.10 12.53
CA TYR B 263 50.20 -41.21 12.53
C TYR B 263 50.82 -40.54 13.75
N GLN B 264 50.32 -39.37 14.14
CA GLN B 264 50.82 -38.70 15.33
C GLN B 264 50.46 -39.45 16.60
N ARG B 265 49.27 -40.08 16.63
CA ARG B 265 48.89 -40.91 17.76
C ARG B 265 49.79 -42.14 17.88
N LEU B 266 50.12 -42.78 16.75
CA LEU B 266 51.04 -43.90 16.76
C LEU B 266 52.45 -43.48 17.16
N CYS B 267 52.88 -42.29 16.74
CA CYS B 267 54.19 -41.77 17.14
C CYS B 267 54.22 -41.47 18.64
N VAL B 268 53.11 -40.97 19.19
CA VAL B 268 53.00 -40.74 20.64
C VAL B 268 53.08 -42.07 21.38
N ALA B 269 52.44 -43.12 20.85
CA ALA B 269 52.53 -44.45 21.44
C ALA B 269 53.96 -45.00 21.43
N PHE B 270 54.66 -44.86 20.29
CA PHE B 270 56.04 -45.34 20.19
C PHE B 270 56.98 -44.55 21.09
N ASP B 271 56.75 -43.23 21.23
CA ASP B 271 57.55 -42.41 22.13
C ASP B 271 57.29 -42.77 23.58
N ALA B 272 56.04 -43.10 23.92
CA ALA B 272 55.73 -43.56 25.27
C ALA B 272 56.36 -44.91 25.57
N GLN B 273 56.53 -45.75 24.55
CA GLN B 273 57.28 -46.99 24.72
C GLN B 273 58.76 -46.71 24.96
N ALA B 274 59.36 -45.82 24.16
CA ALA B 274 60.78 -45.52 24.31
C ALA B 274 61.09 -44.76 25.59
N ARG B 275 60.10 -44.06 26.16
CA ARG B 275 60.29 -43.34 27.41
C ARG B 275 59.49 -44.01 28.54
N PRO B 281 64.14 -50.09 21.04
CA PRO B 281 63.16 -49.60 20.07
C PRO B 281 62.87 -50.62 18.97
N GLN B 282 61.73 -50.47 18.32
CA GLN B 282 61.18 -51.34 17.27
C GLN B 282 61.04 -52.77 17.82
N GLY B 283 61.06 -53.77 16.96
CA GLY B 283 60.71 -55.11 17.37
C GLY B 283 59.22 -55.35 17.29
N ALA B 284 58.85 -56.64 17.17
CA ALA B 284 57.44 -57.00 16.96
C ALA B 284 56.60 -56.72 18.20
N ARG B 285 57.13 -57.03 19.39
CA ARG B 285 56.38 -56.83 20.63
C ARG B 285 56.11 -55.36 20.91
N ALA B 286 57.09 -54.49 20.64
CA ALA B 286 56.89 -53.06 20.83
C ALA B 286 55.92 -52.49 19.80
N ILE B 287 55.92 -53.02 18.57
CA ILE B 287 54.93 -52.60 17.59
C ILE B 287 53.53 -53.00 18.03
N TRP B 288 53.39 -54.23 18.58
CA TRP B 288 52.09 -54.69 19.07
C TRP B 288 51.60 -53.85 20.24
N ARG B 289 52.48 -53.50 21.18
CA ARG B 289 52.08 -52.65 22.30
C ARG B 289 51.78 -51.23 21.86
N ALA B 290 52.47 -50.73 20.82
CA ALA B 290 52.16 -49.41 20.29
C ALA B 290 50.80 -49.37 19.60
N LEU B 291 50.47 -50.43 18.85
CA LEU B 291 49.13 -50.54 18.26
C LEU B 291 48.07 -50.66 19.33
N CYS B 292 48.38 -51.36 20.43
CA CYS B 292 47.48 -51.44 21.56
C CYS B 292 47.23 -50.06 22.17
N HIS B 293 48.30 -49.33 22.48
CA HIS B 293 48.16 -48.00 23.08
C HIS B 293 47.48 -47.00 22.15
N ALA B 294 47.63 -47.17 20.84
CA ALA B 294 47.02 -46.20 19.93
C ALA B 294 45.56 -46.53 19.61
N PHE B 295 45.18 -47.80 19.49
CA PHE B 295 43.86 -48.15 18.96
C PHE B 295 43.05 -49.12 19.82
N GLY B 296 43.54 -49.49 21.01
CA GLY B 296 42.86 -50.48 21.81
C GLY B 296 41.60 -49.98 22.48
N ARG B 297 41.45 -48.67 22.63
CA ARG B 297 40.21 -48.11 23.16
C ARG B 297 39.04 -48.34 22.20
N ARG B 298 39.27 -48.07 20.91
CA ARG B 298 38.27 -48.38 19.89
C ARG B 298 38.07 -49.89 19.76
N LEU B 299 39.14 -50.67 19.91
CA LEU B 299 39.01 -52.13 19.89
C LEU B 299 38.17 -52.63 21.07
N ILE B 300 38.31 -52.01 22.25
CA ILE B 300 37.52 -52.35 23.42
C ILE B 300 36.05 -51.96 23.21
N LEU B 301 35.81 -50.83 22.54
CA LEU B 301 34.43 -50.43 22.22
C LEU B 301 33.75 -51.44 21.28
N SER B 302 34.46 -51.87 20.22
CA SER B 302 33.91 -52.88 19.32
C SER B 302 33.73 -54.22 20.03
N SER B 303 34.65 -54.58 20.93
CA SER B 303 34.51 -55.80 21.71
C SER B 303 33.33 -55.73 22.68
N THR B 304 33.05 -54.55 23.22
CA THR B 304 31.89 -54.38 24.10
C THR B 304 30.58 -54.53 23.32
N PHE B 305 30.52 -53.96 22.10
CA PHE B 305 29.34 -54.15 21.26
C PHE B 305 29.16 -55.62 20.88
N ARG B 306 30.27 -56.31 20.57
CA ARG B 306 30.20 -57.74 20.25
C ARG B 306 29.81 -58.58 21.47
N ILE B 307 30.26 -58.18 22.67
CA ILE B 307 29.88 -58.87 23.91
C ILE B 307 28.37 -58.72 24.16
N LEU B 308 27.84 -57.51 23.97
CA LEU B 308 26.40 -57.30 24.14
C LEU B 308 25.59 -58.06 23.09
N ALA B 309 26.10 -58.13 21.85
CA ALA B 309 25.44 -58.92 20.82
C ALA B 309 25.45 -60.41 21.15
N ASP B 310 26.57 -60.90 21.72
CA ASP B 310 26.64 -62.30 22.12
C ASP B 310 25.70 -62.61 23.28
N LEU B 311 25.57 -61.67 24.23
CA LEU B 311 24.65 -61.86 25.34
C LEU B 311 23.19 -61.85 24.88
N LEU B 312 22.87 -60.98 23.92
CA LEU B 312 21.51 -60.95 23.38
C LEU B 312 21.24 -62.06 22.38
N GLY B 313 22.28 -62.73 21.87
CA GLY B 313 22.08 -63.89 21.03
C GLY B 313 21.56 -65.11 21.78
N PHE B 314 21.78 -65.15 23.10
CA PHE B 314 21.24 -66.22 23.93
C PHE B 314 19.77 -66.03 24.25
N ALA B 315 19.18 -64.86 23.93
CA ALA B 315 17.76 -64.66 24.10
C ALA B 315 16.94 -65.49 23.11
N GLY B 316 17.55 -65.95 22.02
CA GLY B 316 16.94 -66.88 21.10
C GLY B 316 16.59 -68.24 21.68
N PRO B 317 17.60 -69.02 22.11
CA PRO B 317 17.31 -70.34 22.70
C PRO B 317 16.45 -70.31 23.95
N LEU B 318 16.58 -69.29 24.79
CA LEU B 318 15.74 -69.17 25.98
C LEU B 318 14.28 -68.91 25.60
N CYS B 319 14.06 -68.09 24.57
CA CYS B 319 12.70 -67.86 24.09
C CYS B 319 12.12 -69.11 23.44
N ILE B 320 12.94 -69.89 22.74
CA ILE B 320 12.47 -71.16 22.17
C ILE B 320 12.07 -72.13 23.28
N PHE B 321 12.90 -72.19 24.34
CA PHE B 321 12.60 -72.99 25.54
C PHE B 321 11.25 -72.59 26.15
N GLY B 322 11.05 -71.29 26.36
CA GLY B 322 9.80 -70.83 26.95
C GLY B 322 8.58 -71.05 26.07
N ILE B 323 8.71 -70.77 24.76
CA ILE B 323 7.58 -70.90 23.84
C ILE B 323 7.15 -72.35 23.71
N VAL B 324 8.11 -73.25 23.48
CA VAL B 324 7.76 -74.66 23.29
C VAL B 324 7.31 -75.28 24.62
N ASP B 325 7.83 -74.80 25.76
CA ASP B 325 7.34 -75.28 27.05
C ASP B 325 5.90 -74.84 27.31
N HIS B 326 5.54 -73.61 26.90
CA HIS B 326 4.15 -73.18 27.06
C HIS B 326 3.22 -73.93 26.11
N LEU B 327 3.67 -74.21 24.89
CA LEU B 327 2.83 -74.94 23.95
C LEU B 327 2.71 -76.42 24.29
N GLY B 328 3.66 -76.97 25.06
CA GLY B 328 3.54 -78.36 25.49
C GLY B 328 2.49 -78.56 26.57
N LYS B 329 2.20 -77.52 27.35
CA LYS B 329 1.22 -77.62 28.43
C LYS B 329 -0.20 -77.66 27.88
N LYS B 337 -3.17 -63.47 38.81
CA LYS B 337 -4.08 -64.39 39.49
C LYS B 337 -4.76 -63.68 40.68
N THR B 338 -4.31 -62.47 40.98
CA THR B 338 -4.79 -61.72 42.12
C THR B 338 -5.67 -60.56 41.66
N GLN B 339 -6.81 -60.39 42.34
CA GLN B 339 -7.82 -59.42 41.90
C GLN B 339 -7.48 -58.00 42.31
N PHE B 340 -7.05 -57.80 43.56
CA PHE B 340 -6.58 -56.51 44.11
C PHE B 340 -7.66 -55.44 43.99
N LEU B 341 -7.42 -54.32 43.30
CA LEU B 341 -8.38 -53.21 43.26
C LEU B 341 -9.34 -53.34 42.07
N GLY B 342 -9.96 -54.51 41.93
CA GLY B 342 -10.92 -54.74 40.88
C GLY B 342 -10.34 -54.91 39.49
N VAL B 343 -9.05 -55.24 39.39
CA VAL B 343 -8.41 -55.45 38.10
C VAL B 343 -7.29 -56.48 38.26
N TYR B 344 -7.33 -57.54 37.44
CA TYR B 344 -6.40 -58.66 37.55
C TYR B 344 -4.96 -58.22 37.32
N PHE B 345 -4.05 -58.82 38.07
CA PHE B 345 -2.63 -58.54 37.98
C PHE B 345 -1.89 -59.78 37.53
N VAL B 346 -0.80 -59.58 36.80
CA VAL B 346 -0.03 -60.66 36.19
C VAL B 346 1.35 -60.70 36.84
N SER B 347 1.76 -61.87 37.31
CA SER B 347 3.10 -62.06 37.83
C SER B 347 4.10 -62.10 36.67
N SER B 348 5.39 -61.99 37.03
CA SER B 348 6.45 -62.05 36.02
C SER B 348 6.56 -63.42 35.38
N GLN B 349 6.28 -64.48 36.15
CA GLN B 349 6.35 -65.83 35.61
C GLN B 349 5.22 -66.09 34.61
N GLU B 350 4.04 -65.53 34.86
CA GLU B 350 2.94 -65.67 33.91
C GLU B 350 3.17 -64.84 32.66
N PHE B 351 3.79 -63.67 32.81
CA PHE B 351 4.11 -62.83 31.66
C PHE B 351 5.18 -63.49 30.79
N LEU B 352 6.19 -64.10 31.42
CA LEU B 352 7.24 -64.76 30.65
C LEU B 352 6.76 -66.07 30.02
N GLY B 353 5.83 -66.76 30.65
CA GLY B 353 5.36 -68.01 30.07
C GLY B 353 4.03 -68.01 29.35
N ASN B 354 3.85 -67.14 28.34
CA ASN B 354 2.58 -67.13 27.61
C ASN B 354 2.81 -66.96 26.09
N ALA B 355 3.83 -67.65 25.59
CA ALA B 355 4.20 -67.76 24.17
C ALA B 355 4.50 -66.46 23.43
N TYR B 356 3.44 -65.79 22.94
CA TYR B 356 3.54 -64.68 21.99
C TYR B 356 4.47 -63.57 22.47
N VAL B 357 4.40 -63.26 23.77
CA VAL B 357 5.21 -62.23 24.42
C VAL B 357 6.69 -62.50 24.20
N LEU B 358 7.10 -63.77 24.38
CA LEU B 358 8.49 -64.18 24.17
C LEU B 358 8.92 -63.90 22.74
N ALA B 359 8.01 -64.20 21.80
CA ALA B 359 8.26 -63.93 20.38
C ALA B 359 8.53 -62.47 20.16
N VAL B 360 7.69 -61.60 20.75
CA VAL B 360 7.89 -60.16 20.66
C VAL B 360 9.22 -59.77 21.28
N LEU B 361 9.51 -60.31 22.48
CA LEU B 361 10.78 -60.07 23.14
C LEU B 361 11.94 -60.55 22.29
N LEU B 362 11.79 -61.75 21.69
CA LEU B 362 12.81 -62.32 20.83
C LEU B 362 13.09 -61.40 19.65
N PHE B 363 12.01 -60.87 19.05
CA PHE B 363 12.14 -59.97 17.90
C PHE B 363 12.92 -58.73 18.30
N LEU B 364 12.55 -58.13 19.45
CA LEU B 364 13.23 -56.92 19.90
C LEU B 364 14.68 -57.23 20.23
N ALA B 365 14.92 -58.37 20.89
CA ALA B 365 16.27 -58.76 21.25
C ALA B 365 17.12 -58.95 20.01
N LEU B 366 16.52 -59.60 18.98
CA LEU B 366 17.23 -59.85 17.74
C LEU B 366 17.63 -58.56 17.07
N LEU B 367 16.70 -57.58 17.06
CA LEU B 367 16.96 -56.27 16.45
C LEU B 367 18.14 -55.60 17.13
N LEU B 368 18.10 -55.59 18.48
CA LEU B 368 19.15 -54.95 19.26
C LEU B 368 20.48 -55.64 19.03
N GLN B 369 20.45 -56.99 18.99
CA GLN B 369 21.65 -57.79 18.79
C GLN B 369 22.29 -57.46 17.46
N ARG B 370 21.46 -57.40 16.40
CA ARG B 370 21.99 -57.15 15.06
C ARG B 370 22.60 -55.77 14.98
N THR B 371 21.94 -54.79 15.61
CA THR B 371 22.44 -53.42 15.60
C THR B 371 23.79 -53.36 16.28
N PHE B 372 23.90 -54.00 17.45
CA PHE B 372 25.15 -54.01 18.20
C PHE B 372 26.24 -54.69 17.41
N LEU B 373 25.89 -55.81 16.75
CA LEU B 373 26.88 -56.56 15.99
C LEU B 373 27.40 -55.74 14.83
N GLN B 374 26.49 -55.04 14.13
CA GLN B 374 26.93 -54.22 13.01
C GLN B 374 27.79 -53.06 13.49
N ALA B 375 27.42 -52.49 14.65
CA ALA B 375 28.21 -51.41 15.24
C ALA B 375 29.61 -51.89 15.55
N SER B 376 29.70 -53.11 16.12
CA SER B 376 31.00 -53.70 16.46
C SER B 376 31.85 -53.84 15.21
N TYR B 377 31.25 -54.37 14.14
CA TYR B 377 31.96 -54.58 12.87
C TYR B 377 32.47 -53.28 12.33
N TYR B 378 31.59 -52.25 12.34
CA TYR B 378 31.96 -50.95 11.79
C TYR B 378 33.12 -50.35 12.55
N VAL B 379 33.05 -50.43 13.89
CA VAL B 379 34.08 -49.81 14.72
C VAL B 379 35.41 -50.48 14.46
N ALA B 380 35.39 -51.82 14.38
CA ALA B 380 36.61 -52.58 14.12
C ALA B 380 37.20 -52.21 12.76
N ILE B 381 36.33 -52.11 11.75
CA ILE B 381 36.84 -51.83 10.41
C ILE B 381 37.35 -50.40 10.34
N GLU B 382 36.66 -49.48 11.04
CA GLU B 382 37.11 -48.09 11.08
C GLU B 382 38.48 -48.00 11.73
N THR B 383 38.67 -48.76 12.82
CA THR B 383 39.94 -48.80 13.52
C THR B 383 41.03 -49.31 12.61
N GLY B 384 40.73 -50.38 11.86
CA GLY B 384 41.71 -50.95 10.96
C GLY B 384 42.11 -49.98 9.86
N ILE B 385 41.13 -49.23 9.34
CA ILE B 385 41.43 -48.27 8.28
C ILE B 385 42.33 -47.17 8.81
N ASN B 386 42.05 -46.71 10.04
CA ASN B 386 42.90 -45.70 10.68
C ASN B 386 44.30 -46.26 10.89
N LEU B 387 44.37 -47.54 11.32
CA LEU B 387 45.64 -48.21 11.53
C LEU B 387 46.43 -48.26 10.24
N ARG B 388 45.74 -48.58 9.13
CA ARG B 388 46.37 -48.68 7.82
C ARG B 388 47.01 -47.37 7.44
N GLY B 389 46.27 -46.27 7.65
CA GLY B 389 46.78 -44.95 7.31
C GLY B 389 48.03 -44.62 8.10
N ALA B 390 47.98 -44.89 9.42
CA ALA B 390 49.12 -44.62 10.30
C ALA B 390 50.33 -45.43 9.88
N ILE B 391 50.09 -46.72 9.59
CA ILE B 391 51.19 -47.61 9.24
C ILE B 391 51.81 -47.16 7.92
N GLN B 392 50.95 -46.77 6.95
CA GLN B 392 51.44 -46.34 5.65
C GLN B 392 52.29 -45.09 5.79
N THR B 393 51.83 -44.15 6.63
CA THR B 393 52.58 -42.91 6.85
C THR B 393 53.92 -43.21 7.48
N LYS B 394 53.93 -44.11 8.47
CA LYS B 394 55.17 -44.47 9.15
C LYS B 394 56.13 -45.15 8.19
N ILE B 395 55.59 -46.02 7.30
CA ILE B 395 56.42 -46.70 6.31
C ILE B 395 57.05 -45.68 5.39
N TYR B 396 56.27 -44.70 4.94
CA TYR B 396 56.81 -43.67 4.06
C TYR B 396 57.80 -42.79 4.80
N ASN B 397 57.57 -42.54 6.10
CA ASN B 397 58.53 -41.75 6.85
C ASN B 397 59.80 -42.54 7.11
N LYS B 398 59.72 -43.87 7.10
CA LYS B 398 60.95 -44.66 7.11
C LYS B 398 61.64 -44.63 5.76
N ILE B 399 60.86 -44.52 4.68
CA ILE B 399 61.45 -44.52 3.34
C ILE B 399 62.22 -43.23 3.10
N MET B 400 61.66 -42.08 3.52
CA MET B 400 62.36 -40.80 3.38
C MET B 400 63.60 -40.71 4.26
N HIS B 401 63.67 -41.50 5.33
CA HIS B 401 64.87 -41.57 6.16
C HIS B 401 65.67 -42.84 5.92
N LEU B 402 65.32 -43.64 4.91
CA LEU B 402 66.02 -44.88 4.64
C LEU B 402 67.39 -44.60 4.01
N SER B 403 68.22 -45.64 3.95
CA SER B 403 69.47 -45.60 3.23
C SER B 403 69.34 -46.48 1.99
N THR B 404 69.94 -46.03 0.89
CA THR B 404 69.94 -46.80 -0.34
C THR B 404 70.83 -48.03 -0.27
N SER B 405 71.72 -48.11 0.74
CA SER B 405 72.55 -49.28 0.95
C SER B 405 71.74 -50.50 1.39
N ASN B 406 70.54 -50.29 1.96
CA ASN B 406 69.66 -51.41 2.27
C ASN B 406 69.20 -52.13 1.00
N LEU B 407 68.84 -51.37 -0.02
CA LEU B 407 68.46 -51.97 -1.30
C LEU B 407 69.65 -52.33 -2.16
N SER B 408 70.80 -51.70 -1.95
CA SER B 408 71.97 -51.92 -2.79
C SER B 408 72.76 -53.17 -2.40
N MET B 409 72.53 -53.73 -1.22
CA MET B 409 73.26 -54.91 -0.77
C MET B 409 72.39 -56.13 -0.61
N GLY B 410 71.16 -56.10 -1.14
CA GLY B 410 70.28 -57.24 -1.08
C GLY B 410 69.61 -57.48 0.26
N GLU B 411 69.71 -56.53 1.20
CA GLU B 411 69.02 -56.65 2.47
C GLU B 411 67.51 -56.57 2.27
N MET B 412 67.05 -55.69 1.39
CA MET B 412 65.65 -55.59 1.03
C MET B 412 65.54 -55.16 -0.42
N THR B 413 64.41 -55.47 -1.04
CA THR B 413 64.14 -55.07 -2.41
C THR B 413 62.93 -54.15 -2.43
N ALA B 414 62.82 -53.37 -3.53
CA ALA B 414 61.73 -52.41 -3.66
C ALA B 414 60.36 -53.10 -3.78
N GLY B 415 60.34 -54.32 -4.32
CA GLY B 415 59.11 -55.09 -4.31
C GLY B 415 58.66 -55.46 -2.91
N GLN B 416 59.59 -55.80 -2.03
CA GLN B 416 59.25 -56.09 -0.64
C GLN B 416 58.79 -54.83 0.10
N ILE B 417 59.41 -53.68 -0.20
CA ILE B 417 59.03 -52.42 0.43
C ILE B 417 57.63 -52.00 -0.02
N CYS B 418 57.30 -52.23 -1.30
CA CYS B 418 55.95 -51.95 -1.76
C CYS B 418 54.94 -52.98 -1.27
N ASN B 419 55.37 -54.23 -1.06
CA ASN B 419 54.49 -55.25 -0.50
C ASN B 419 54.27 -55.07 0.99
N LEU B 420 55.12 -54.27 1.66
CA LEU B 420 54.84 -53.87 3.03
C LEU B 420 53.58 -53.01 3.14
N VAL B 421 53.21 -52.33 2.06
CA VAL B 421 51.99 -51.53 2.01
C VAL B 421 50.85 -52.29 1.34
N ALA B 422 51.13 -52.93 0.20
CA ALA B 422 50.09 -53.58 -0.58
C ALA B 422 49.61 -54.89 0.05
N ILE B 423 50.46 -55.57 0.82
CA ILE B 423 50.13 -56.91 1.31
C ILE B 423 50.11 -56.93 2.83
N ASP B 424 51.22 -56.53 3.46
CA ASP B 424 51.40 -56.74 4.90
C ASP B 424 50.49 -55.83 5.73
N THR B 425 50.33 -54.57 5.32
CA THR B 425 49.43 -53.65 5.99
C THR B 425 47.98 -54.13 5.89
N ASN B 426 47.63 -54.71 4.74
CA ASN B 426 46.30 -55.29 4.57
C ASN B 426 46.07 -56.49 5.50
N GLN B 427 47.10 -57.34 5.67
CA GLN B 427 46.98 -58.47 6.59
C GLN B 427 46.81 -58.02 8.04
N LEU B 428 47.59 -57.00 8.45
CA LEU B 428 47.44 -56.44 9.78
C LEU B 428 46.08 -55.77 9.95
N MET B 429 45.57 -55.13 8.89
CA MET B 429 44.26 -54.50 8.93
C MET B 429 43.14 -55.51 9.07
N TRP B 430 43.21 -56.63 8.34
CA TRP B 430 42.18 -57.66 8.45
C TRP B 430 42.25 -58.39 9.79
N PHE B 431 43.45 -58.50 10.38
CA PHE B 431 43.53 -59.03 11.73
C PHE B 431 42.93 -58.07 12.75
N PHE B 432 43.09 -56.75 12.53
CA PHE B 432 42.41 -55.79 13.38
C PHE B 432 40.90 -55.79 13.16
N PHE B 433 40.45 -56.20 11.97
CA PHE B 433 39.02 -56.47 11.78
C PHE B 433 38.58 -57.64 12.65
N LEU B 434 39.38 -58.71 12.68
CA LEU B 434 38.99 -59.95 13.35
C LEU B 434 39.27 -59.97 14.85
N CYS B 435 39.98 -58.97 15.38
CA CYS B 435 40.32 -58.94 16.81
C CYS B 435 39.14 -58.93 17.79
N PRO B 436 38.07 -58.12 17.64
CA PRO B 436 37.01 -58.13 18.68
C PRO B 436 36.25 -59.44 18.80
N ASN B 437 36.11 -60.20 17.71
CA ASN B 437 35.47 -61.51 17.78
C ASN B 437 36.30 -62.47 18.64
N LEU B 438 37.63 -62.46 18.46
CA LEU B 438 38.50 -63.27 19.29
C LEU B 438 38.51 -62.80 20.74
N TRP B 439 38.38 -61.50 20.97
CA TRP B 439 38.36 -60.99 22.34
C TRP B 439 37.06 -61.33 23.05
N ALA B 440 35.94 -61.37 22.33
CA ALA B 440 34.64 -61.60 22.94
C ALA B 440 34.17 -63.05 22.86
N MET B 441 34.91 -63.93 22.19
CA MET B 441 34.55 -65.35 22.15
C MET B 441 34.50 -66.08 23.50
N PRO B 442 35.49 -65.95 24.43
CA PRO B 442 35.41 -66.76 25.68
C PRO B 442 34.23 -66.43 26.58
N VAL B 443 33.77 -65.17 26.62
CA VAL B 443 32.59 -64.82 27.40
C VAL B 443 31.35 -65.53 26.85
N GLN B 444 31.21 -65.55 25.52
CA GLN B 444 30.11 -66.25 24.88
C GLN B 444 30.18 -67.75 25.14
N ILE B 445 31.39 -68.32 25.12
CA ILE B 445 31.56 -69.75 25.41
C ILE B 445 31.16 -70.08 26.84
N ILE B 446 31.57 -69.24 27.80
CA ILE B 446 31.27 -69.49 29.21
C ILE B 446 29.76 -69.39 29.47
N VAL B 447 29.13 -68.33 28.96
CA VAL B 447 27.69 -68.15 29.17
C VAL B 447 26.88 -69.24 28.44
N GLY B 448 27.35 -69.68 27.27
CA GLY B 448 26.67 -70.77 26.57
C GLY B 448 26.76 -72.10 27.29
N VAL B 449 27.92 -72.41 27.88
CA VAL B 449 28.06 -73.64 28.65
C VAL B 449 27.21 -73.58 29.92
N ILE B 450 27.15 -72.40 30.56
CA ILE B 450 26.32 -72.23 31.76
C ILE B 450 24.84 -72.40 31.43
N LEU B 451 24.38 -71.82 30.31
CA LEU B 451 22.99 -71.98 29.92
C LEU B 451 22.66 -73.40 29.44
N LEU B 452 23.64 -74.08 28.84
CA LEU B 452 23.46 -75.49 28.50
C LEU B 452 23.27 -76.34 29.75
N TYR B 453 24.07 -76.08 30.80
CA TYR B 453 23.87 -76.78 32.07
C TYR B 453 22.54 -76.42 32.70
N TYR B 454 22.11 -75.17 32.55
CA TYR B 454 20.82 -74.75 33.11
C TYR B 454 19.65 -75.43 32.41
N ILE B 455 19.75 -75.67 31.11
CA ILE B 455 18.65 -76.30 30.38
C ILE B 455 18.72 -77.82 30.52
N LEU B 456 19.89 -78.41 30.26
CA LEU B 456 20.01 -79.86 30.25
C LEU B 456 20.40 -80.43 31.60
N GLY B 457 21.57 -80.04 32.12
CA GLY B 457 22.07 -80.61 33.36
C GLY B 457 23.43 -81.28 33.22
N VAL B 458 23.57 -82.49 33.77
CA VAL B 458 24.83 -83.21 33.70
C VAL B 458 25.12 -83.74 32.30
N SER B 459 24.08 -83.94 31.49
CA SER B 459 24.27 -84.34 30.09
C SER B 459 24.99 -83.26 29.31
N ALA B 460 24.66 -81.99 29.58
CA ALA B 460 25.39 -80.88 28.97
C ALA B 460 26.84 -80.83 29.42
N LEU B 461 27.12 -81.24 30.67
CA LEU B 461 28.50 -81.35 31.13
C LEU B 461 29.24 -82.45 30.37
N ILE B 462 28.56 -83.56 30.07
CA ILE B 462 29.16 -84.63 29.27
C ILE B 462 29.43 -84.13 27.84
N GLY B 463 28.49 -83.41 27.25
CA GLY B 463 28.69 -82.88 25.90
C GLY B 463 29.80 -81.83 25.83
N ALA B 464 29.88 -80.96 26.85
CA ALA B 464 30.99 -80.01 26.95
C ALA B 464 32.31 -80.73 27.16
N ALA B 465 32.31 -81.86 27.89
CA ALA B 465 33.51 -82.67 28.02
C ALA B 465 33.93 -83.29 26.70
N VAL B 466 32.95 -83.70 25.88
CA VAL B 466 33.24 -84.22 24.55
C VAL B 466 33.86 -83.13 23.67
N ILE B 467 33.36 -81.89 23.79
CA ILE B 467 33.95 -80.76 23.07
C ILE B 467 35.37 -80.48 23.56
N ILE B 468 35.57 -80.51 24.89
CA ILE B 468 36.86 -80.18 25.50
C ILE B 468 37.92 -81.26 25.18
N LEU B 469 37.50 -82.52 25.07
CA LEU B 469 38.45 -83.63 24.87
C LEU B 469 39.15 -83.59 23.52
N LEU B 470 38.67 -82.81 22.56
CA LEU B 470 39.33 -82.66 21.27
C LEU B 470 40.06 -81.32 21.14
N ALA B 471 40.13 -80.54 22.22
CA ALA B 471 40.91 -79.30 22.19
C ALA B 471 42.42 -79.48 21.99
N PRO B 472 43.12 -80.48 22.57
CA PRO B 472 44.53 -80.70 22.15
C PRO B 472 44.69 -81.03 20.68
N VAL B 473 43.74 -81.77 20.09
CA VAL B 473 43.80 -82.04 18.65
C VAL B 473 43.58 -80.76 17.86
N GLN B 474 42.69 -79.88 18.35
CA GLN B 474 42.46 -78.59 17.72
C GLN B 474 43.70 -77.71 17.79
N TYR B 475 44.39 -77.72 18.93
CA TYR B 475 45.61 -76.94 19.08
C TYR B 475 46.74 -77.48 18.21
N PHE B 476 46.83 -78.81 18.07
CA PHE B 476 47.82 -79.43 17.19
C PHE B 476 47.57 -79.05 15.73
N VAL B 477 46.30 -79.09 15.32
CA VAL B 477 45.94 -78.70 13.95
C VAL B 477 46.21 -77.22 13.72
N ALA B 478 45.94 -76.37 14.72
CA ALA B 478 46.20 -74.94 14.60
C ALA B 478 47.69 -74.62 14.49
N THR B 479 48.53 -75.32 15.26
CA THR B 479 49.97 -75.13 15.16
C THR B 479 50.51 -75.59 13.80
N LYS B 480 49.98 -76.71 13.28
CA LYS B 480 50.40 -77.18 11.96
C LYS B 480 49.95 -76.21 10.87
N LEU B 481 48.75 -75.63 11.02
CA LEU B 481 48.27 -74.61 10.07
C LEU B 481 49.14 -73.37 10.12
N SER B 482 49.56 -72.95 11.31
CA SER B 482 50.44 -71.78 11.44
C SER B 482 51.79 -72.02 10.78
N GLN B 483 52.37 -73.21 10.96
CA GLN B 483 53.63 -73.55 10.31
C GLN B 483 53.48 -73.61 8.79
N ALA B 484 52.38 -74.19 8.31
CA ALA B 484 52.14 -74.29 6.87
C ALA B 484 51.94 -72.91 6.24
N GLN B 485 51.24 -72.00 6.93
CA GLN B 485 51.05 -70.66 6.38
C GLN B 485 52.32 -69.83 6.44
N ARG B 486 53.18 -70.05 7.45
CA ARG B 486 54.49 -69.41 7.47
C ARG B 486 55.34 -69.86 6.28
N SER B 487 55.33 -71.17 5.98
CA SER B 487 56.06 -71.67 4.81
C SER B 487 55.46 -71.13 3.52
N THR B 488 54.12 -70.99 3.47
CA THR B 488 53.44 -70.47 2.28
C THR B 488 53.81 -69.01 2.02
N LEU B 489 53.83 -68.18 3.07
CA LEU B 489 54.24 -66.78 2.93
C LEU B 489 55.70 -66.66 2.53
N GLU B 490 56.56 -67.48 3.14
CA GLU B 490 57.99 -67.46 2.82
C GLU B 490 58.26 -67.83 1.37
N HIS B 491 57.56 -68.84 0.85
CA HIS B 491 57.74 -69.21 -0.55
C HIS B 491 57.06 -68.24 -1.50
N SER B 492 55.93 -67.64 -1.09
CA SER B 492 55.22 -66.72 -1.97
C SER B 492 55.98 -65.42 -2.17
N ASN B 493 56.69 -64.93 -1.14
CA ASN B 493 57.51 -63.73 -1.30
C ASN B 493 58.64 -63.96 -2.30
N GLU B 494 59.30 -65.12 -2.23
CA GLU B 494 60.36 -65.46 -3.18
C GLU B 494 59.81 -65.64 -4.59
N ARG B 495 58.61 -66.25 -4.71
CA ARG B 495 57.98 -66.42 -6.01
C ARG B 495 57.63 -65.07 -6.64
N LEU B 496 57.10 -64.14 -5.85
CA LEU B 496 56.77 -62.82 -6.37
C LEU B 496 58.02 -62.02 -6.75
N LYS B 497 59.11 -62.18 -5.98
CA LYS B 497 60.37 -61.53 -6.31
C LYS B 497 60.94 -62.07 -7.64
N GLN B 498 60.91 -63.38 -7.82
CA GLN B 498 61.41 -63.98 -9.06
C GLN B 498 60.51 -63.64 -10.26
N THR B 499 59.19 -63.58 -10.04
CA THR B 499 58.28 -63.20 -11.12
C THR B 499 58.46 -61.74 -11.51
N ASN B 500 58.70 -60.86 -10.53
CA ASN B 500 58.95 -59.45 -10.84
C ASN B 500 60.26 -59.28 -11.62
N GLU B 501 61.33 -59.96 -11.19
CA GLU B 501 62.59 -59.84 -11.92
C GLU B 501 62.55 -60.53 -13.28
N MET B 502 61.65 -61.51 -13.48
CA MET B 502 61.45 -62.07 -14.81
C MET B 502 60.66 -61.13 -15.71
N LEU B 503 59.64 -60.47 -15.17
CA LEU B 503 58.79 -59.61 -15.99
C LEU B 503 59.51 -58.31 -16.36
N ARG B 504 60.31 -57.76 -15.46
CA ARG B 504 61.01 -56.52 -15.78
C ARG B 504 62.14 -56.74 -16.79
N GLY B 505 62.76 -57.91 -16.78
CA GLY B 505 63.81 -58.22 -17.74
C GLY B 505 63.38 -59.24 -18.78
N MET B 506 62.14 -59.10 -19.28
CA MET B 506 61.60 -60.09 -20.20
C MET B 506 62.27 -60.03 -21.57
N LYS B 507 62.68 -58.84 -22.02
CA LYS B 507 63.29 -58.68 -23.34
C LYS B 507 64.63 -59.41 -23.42
N LEU B 508 65.45 -59.33 -22.36
CA LEU B 508 66.72 -60.03 -22.34
C LEU B 508 66.52 -61.54 -22.29
N LEU B 509 65.48 -62.00 -21.59
CA LEU B 509 65.19 -63.43 -21.52
C LEU B 509 64.67 -63.96 -22.85
N LYS B 510 63.91 -63.15 -23.60
CA LYS B 510 63.48 -63.57 -24.92
C LYS B 510 64.64 -63.56 -25.91
N LEU B 511 65.51 -62.55 -25.84
CA LEU B 511 66.63 -62.46 -26.76
C LEU B 511 67.67 -63.55 -26.52
N TYR B 512 67.85 -63.97 -25.27
CA TYR B 512 68.79 -65.03 -24.93
C TYR B 512 68.13 -66.41 -24.87
N ALA B 513 66.82 -66.48 -25.13
CA ALA B 513 66.00 -67.71 -25.04
C ALA B 513 66.11 -68.36 -23.65
N TRP B 514 66.11 -67.54 -22.61
CA TRP B 514 66.17 -68.00 -21.23
C TRP B 514 64.83 -67.87 -20.51
N GLU B 515 63.75 -67.72 -21.27
CA GLU B 515 62.41 -67.57 -20.67
C GLU B 515 61.96 -68.84 -19.96
N SER B 516 62.26 -70.01 -20.55
CA SER B 516 61.84 -71.27 -19.97
C SER B 516 62.62 -71.61 -18.70
N ILE B 517 63.89 -71.19 -18.62
CA ILE B 517 64.71 -71.48 -17.44
C ILE B 517 64.21 -70.69 -16.23
N PHE B 518 63.96 -69.40 -16.41
CA PHE B 518 63.45 -68.58 -15.31
C PHE B 518 62.01 -68.94 -14.98
N CYS B 519 61.22 -69.34 -15.99
CA CYS B 519 59.89 -69.89 -15.74
C CYS B 519 59.95 -71.16 -14.91
N SER B 520 60.97 -72.00 -15.16
CA SER B 520 61.15 -73.22 -14.36
C SER B 520 61.57 -72.91 -12.94
N ARG B 521 62.38 -71.86 -12.74
CA ARG B 521 62.74 -71.45 -11.38
C ARG B 521 61.54 -70.94 -10.60
N VAL B 522 60.69 -70.13 -11.25
CA VAL B 522 59.44 -69.69 -10.65
C VAL B 522 58.51 -70.87 -10.38
N GLU B 523 58.53 -71.88 -11.27
CA GLU B 523 57.77 -73.10 -11.06
C GLU B 523 58.27 -73.90 -9.86
N VAL B 524 59.59 -73.91 -9.63
CA VAL B 524 60.15 -74.61 -8.47
C VAL B 524 59.72 -73.93 -7.16
N THR B 525 59.81 -72.59 -7.13
CA THR B 525 59.36 -71.84 -5.95
C THR B 525 57.86 -72.01 -5.73
N ARG B 526 57.08 -71.99 -6.82
CA ARG B 526 55.64 -72.25 -6.74
C ARG B 526 55.34 -73.67 -6.30
N ARG B 527 56.20 -74.64 -6.65
CA ARG B 527 56.00 -76.02 -6.22
C ARG B 527 56.23 -76.16 -4.72
N LYS B 528 57.22 -75.47 -4.18
CA LYS B 528 57.41 -75.43 -2.72
C LYS B 528 56.22 -74.77 -2.03
N GLU B 529 55.73 -73.67 -2.62
CA GLU B 529 54.54 -72.99 -2.09
C GLU B 529 53.31 -73.89 -2.14
N MET B 530 53.18 -74.69 -3.21
CA MET B 530 52.05 -75.60 -3.35
C MET B 530 52.15 -76.77 -2.40
N THR B 531 53.38 -77.20 -2.05
CA THR B 531 53.55 -78.21 -1.01
C THR B 531 53.08 -77.68 0.35
N SER B 532 53.46 -76.44 0.68
CA SER B 532 53.00 -75.82 1.91
C SER B 532 51.48 -75.60 1.91
N LEU B 533 50.93 -75.20 0.75
CA LEU B 533 49.49 -75.03 0.61
C LEU B 533 48.74 -76.35 0.70
N ARG B 534 49.34 -77.45 0.21
CA ARG B 534 48.71 -78.76 0.33
C ARG B 534 48.67 -79.22 1.78
N ALA B 535 49.76 -78.96 2.54
CA ALA B 535 49.76 -79.25 3.96
C ALA B 535 48.70 -78.42 4.70
N PHE B 536 48.59 -77.13 4.35
CA PHE B 536 47.59 -76.26 4.94
C PHE B 536 46.17 -76.73 4.61
N ALA B 537 45.94 -77.16 3.37
CA ALA B 537 44.61 -77.60 2.98
C ALA B 537 44.23 -78.93 3.61
N VAL B 538 45.20 -79.83 3.79
CA VAL B 538 44.93 -81.10 4.47
C VAL B 538 44.55 -80.86 5.93
N TYR B 539 45.33 -80.02 6.62
CA TYR B 539 44.98 -79.72 8.01
C TYR B 539 43.73 -78.83 8.13
N THR B 540 43.42 -78.04 7.10
CA THR B 540 42.18 -77.29 7.06
C THR B 540 40.97 -78.21 6.93
N SER B 541 41.08 -79.23 6.06
CA SER B 541 40.00 -80.21 5.94
C SER B 541 39.83 -81.02 7.21
N ILE B 542 40.93 -81.34 7.89
CA ILE B 542 40.88 -82.01 9.19
C ILE B 542 40.18 -81.12 10.22
N SER B 543 40.51 -79.82 10.22
CA SER B 543 39.88 -78.88 11.15
C SER B 543 38.38 -78.71 10.89
N ILE B 544 37.99 -78.64 9.62
CA ILE B 544 36.58 -78.48 9.27
C ILE B 544 35.79 -79.74 9.63
N PHE B 545 36.36 -80.92 9.36
CA PHE B 545 35.70 -82.17 9.74
C PHE B 545 35.58 -82.31 11.26
N MET B 546 36.63 -81.90 11.99
CA MET B 546 36.59 -81.97 13.46
C MET B 546 35.57 -80.99 14.03
N ASN B 547 35.52 -79.76 13.50
CA ASN B 547 34.59 -78.76 14.00
C ASN B 547 33.17 -78.92 13.47
N THR B 548 32.95 -79.84 12.52
CA THR B 548 31.59 -80.20 12.13
C THR B 548 31.13 -81.54 12.68
N ALA B 549 32.06 -82.39 13.15
CA ALA B 549 31.69 -83.63 13.82
C ALA B 549 31.65 -83.52 15.33
N ILE B 550 32.35 -82.55 15.91
CA ILE B 550 32.16 -82.23 17.33
C ILE B 550 30.72 -81.84 17.68
N PRO B 551 30.00 -80.98 16.91
CA PRO B 551 28.58 -80.73 17.27
C PRO B 551 27.69 -81.95 17.13
N ILE B 552 27.90 -82.76 16.10
CA ILE B 552 27.06 -83.94 15.87
C ILE B 552 27.28 -84.98 16.97
N ALA B 553 28.55 -85.26 17.30
CA ALA B 553 28.86 -86.20 18.36
C ALA B 553 28.42 -85.68 19.72
N ALA B 554 28.58 -84.37 19.96
CA ALA B 554 28.16 -83.79 21.24
C ALA B 554 26.64 -83.86 21.41
N VAL B 555 25.89 -83.51 20.35
CA VAL B 555 24.43 -83.56 20.41
C VAL B 555 23.94 -85.00 20.57
N LEU B 556 24.58 -85.93 19.86
CA LEU B 556 24.22 -87.35 19.97
C LEU B 556 24.48 -87.90 21.38
N ILE B 557 25.65 -87.58 21.95
CA ILE B 557 26.00 -88.10 23.26
C ILE B 557 25.14 -87.48 24.36
N THR B 558 24.82 -86.18 24.23
CA THR B 558 23.89 -85.55 25.17
C THR B 558 22.50 -86.16 25.10
N PHE B 559 21.94 -86.27 23.89
CA PHE B 559 20.56 -86.73 23.77
C PHE B 559 20.40 -88.23 23.93
N VAL B 560 21.49 -89.00 23.90
CA VAL B 560 21.43 -90.39 24.31
C VAL B 560 21.61 -90.52 25.82
N GLY B 561 22.56 -89.79 26.40
CA GLY B 561 22.78 -89.84 27.84
C GLY B 561 21.69 -89.17 28.66
N HIS B 562 20.89 -88.31 28.04
CA HIS B 562 19.79 -87.65 28.77
C HIS B 562 18.64 -88.59 29.04
N VAL B 563 18.52 -89.70 28.31
CA VAL B 563 17.43 -90.64 28.47
C VAL B 563 17.92 -92.03 28.86
N SER B 564 19.00 -92.51 28.23
CA SER B 564 19.47 -93.87 28.51
C SER B 564 20.31 -93.92 29.79
N PHE B 565 21.10 -92.89 30.05
CA PHE B 565 21.98 -92.90 31.22
C PHE B 565 21.34 -92.20 32.42
N PHE B 566 20.86 -90.96 32.22
CA PHE B 566 20.25 -90.20 33.29
C PHE B 566 18.73 -90.19 33.14
N LYS B 567 18.04 -90.11 34.28
CA LYS B 567 16.59 -90.04 34.33
C LYS B 567 16.12 -88.83 35.14
N GLU B 568 16.87 -87.73 35.06
CA GLU B 568 16.57 -86.55 35.87
C GLU B 568 15.29 -85.86 35.40
N SER B 569 15.10 -85.74 34.09
CA SER B 569 13.92 -85.12 33.53
C SER B 569 13.58 -85.79 32.21
N ASP B 570 12.39 -85.49 31.71
CA ASP B 570 12.01 -85.92 30.37
C ASP B 570 12.82 -85.14 29.33
N LEU B 571 12.85 -85.67 28.11
CA LEU B 571 13.62 -85.03 27.04
C LEU B 571 12.99 -83.70 26.64
N SER B 572 11.73 -83.73 26.16
CA SER B 572 10.84 -82.63 25.79
C SER B 572 11.34 -81.86 24.57
N PRO B 573 10.44 -81.31 23.74
CA PRO B 573 10.91 -80.53 22.58
C PRO B 573 11.55 -79.21 22.96
N SER B 574 11.12 -78.59 24.08
CA SER B 574 11.66 -77.30 24.48
C SER B 574 13.13 -77.39 24.88
N VAL B 575 13.45 -78.35 25.76
CA VAL B 575 14.82 -78.56 26.23
C VAL B 575 15.72 -78.97 25.06
N ALA B 576 15.24 -79.90 24.23
CA ALA B 576 16.05 -80.43 23.14
C ALA B 576 16.34 -79.37 22.08
N PHE B 577 15.33 -78.61 21.66
CA PHE B 577 15.57 -77.61 20.63
C PHE B 577 16.28 -76.37 21.15
N ALA B 578 16.06 -75.99 22.41
CA ALA B 578 16.84 -74.91 23.00
C ALA B 578 18.31 -75.29 23.14
N SER B 579 18.59 -76.54 23.54
CA SER B 579 19.97 -77.01 23.59
C SER B 579 20.58 -77.16 22.21
N LEU B 580 19.77 -77.49 21.20
CA LEU B 580 20.25 -77.54 19.82
C LEU B 580 20.67 -76.16 19.34
N SER B 581 19.85 -75.14 19.63
CA SER B 581 20.19 -73.76 19.29
C SER B 581 21.45 -73.30 20.03
N LEU B 582 21.56 -73.64 21.31
CA LEU B 582 22.74 -73.27 22.10
C LEU B 582 24.00 -73.94 21.58
N PHE B 583 23.91 -75.23 21.21
CA PHE B 583 25.04 -75.95 20.65
C PHE B 583 25.49 -75.34 19.33
N HIS B 584 24.53 -75.00 18.45
CA HIS B 584 24.87 -74.39 17.16
C HIS B 584 25.52 -73.01 17.35
N ILE B 585 24.99 -72.21 18.29
CA ILE B 585 25.55 -70.89 18.55
C ILE B 585 26.96 -71.00 19.12
N LEU B 586 27.20 -71.99 19.99
CA LEU B 586 28.52 -72.16 20.56
C LEU B 586 29.54 -72.71 19.55
N VAL B 587 29.10 -73.54 18.59
CA VAL B 587 30.06 -74.11 17.63
C VAL B 587 30.20 -73.29 16.35
N THR B 588 29.37 -72.27 16.14
CA THR B 588 29.58 -71.39 14.98
C THR B 588 30.92 -70.64 14.96
N PRO B 589 31.47 -70.08 16.05
CA PRO B 589 32.83 -69.51 15.94
C PRO B 589 33.93 -70.52 15.69
N LEU B 590 33.74 -71.80 16.03
CA LEU B 590 34.75 -72.82 15.80
C LEU B 590 34.85 -73.24 14.33
N PHE B 591 33.90 -72.83 13.50
CA PHE B 591 33.91 -73.19 12.08
C PHE B 591 35.04 -72.50 11.32
N LEU B 592 35.41 -71.28 11.73
CA LEU B 592 36.39 -70.46 11.01
C LEU B 592 37.77 -70.47 11.67
N LEU B 593 38.15 -71.61 12.27
CA LEU B 593 39.44 -71.69 12.97
C LEU B 593 40.62 -71.56 12.02
N SER B 594 40.50 -72.17 10.82
CA SER B 594 41.57 -72.10 9.83
C SER B 594 41.79 -70.67 9.33
N SER B 595 40.69 -69.96 9.05
CA SER B 595 40.80 -68.57 8.60
C SER B 595 41.33 -67.68 9.73
N VAL B 596 40.91 -67.94 10.97
CA VAL B 596 41.38 -67.16 12.11
C VAL B 596 42.88 -67.35 12.33
N VAL B 597 43.36 -68.60 12.29
CA VAL B 597 44.78 -68.85 12.51
C VAL B 597 45.61 -68.36 11.32
N ARG B 598 45.06 -68.40 10.10
CA ARG B 598 45.76 -67.87 8.94
C ARG B 598 45.92 -66.36 9.03
N SER B 599 44.84 -65.66 9.41
CA SER B 599 44.90 -64.20 9.57
C SER B 599 45.83 -63.80 10.70
N THR B 600 45.80 -64.55 11.81
CA THR B 600 46.66 -64.25 12.95
C THR B 600 48.14 -64.44 12.62
N VAL B 601 48.48 -65.53 11.93
CA VAL B 601 49.89 -65.75 11.63
C VAL B 601 50.37 -64.83 10.49
N LYS B 602 49.47 -64.43 9.58
CA LYS B 602 49.83 -63.43 8.57
C LYS B 602 50.07 -62.07 9.22
N ALA B 603 49.29 -61.74 10.25
CA ALA B 603 49.53 -60.51 11.01
C ALA B 603 50.85 -60.56 11.75
N LEU B 604 51.18 -61.71 12.34
CA LEU B 604 52.44 -61.83 13.08
C LEU B 604 53.64 -61.70 12.15
N VAL B 605 53.57 -62.33 10.97
CA VAL B 605 54.63 -62.21 9.97
C VAL B 605 54.74 -60.77 9.46
N SER B 606 53.59 -60.12 9.22
CA SER B 606 53.57 -58.74 8.74
C SER B 606 54.16 -57.77 9.76
N VAL B 607 53.81 -57.94 11.03
CA VAL B 607 54.34 -57.07 12.09
C VAL B 607 55.83 -57.32 12.29
N GLN B 608 56.27 -58.58 12.15
CA GLN B 608 57.69 -58.89 12.28
C GLN B 608 58.53 -58.26 11.18
N LYS B 609 58.07 -58.36 9.92
CA LYS B 609 58.84 -57.74 8.85
C LYS B 609 58.68 -56.22 8.81
N LEU B 610 57.57 -55.68 9.32
CA LEU B 610 57.46 -54.24 9.51
C LEU B 610 58.47 -53.75 10.53
N SER B 611 58.66 -54.51 11.61
CA SER B 611 59.67 -54.17 12.61
C SER B 611 61.08 -54.31 12.05
N GLU B 612 61.30 -55.29 11.18
CA GLU B 612 62.60 -55.41 10.51
C GLU B 612 62.87 -54.22 9.59
N PHE B 613 61.84 -53.74 8.90
CA PHE B 613 62.03 -52.60 8.00
C PHE B 613 62.21 -51.29 8.77
N LEU B 614 61.45 -51.09 9.86
CA LEU B 614 61.56 -49.85 10.62
C LEU B 614 62.83 -49.77 11.44
N SER B 615 63.49 -50.90 11.70
CA SER B 615 64.75 -50.94 12.43
C SER B 615 65.95 -51.15 11.52
N SER B 616 65.86 -50.68 10.27
CA SER B 616 66.95 -50.81 9.32
C SER B 616 67.84 -49.57 9.35
N ALA B 617 68.83 -49.54 8.47
CA ALA B 617 69.80 -48.45 8.45
C ALA B 617 69.19 -47.17 7.89
N GLU B 618 69.75 -46.03 8.31
CA GLU B 618 69.26 -44.71 7.93
C GLU B 618 70.41 -43.87 7.38
N ILE B 619 70.09 -42.65 6.98
CA ILE B 619 71.09 -41.68 6.54
C ILE B 619 71.43 -40.77 7.72
N ARG B 620 72.72 -40.68 8.04
CA ARG B 620 73.15 -39.87 9.17
C ARG B 620 73.11 -38.39 8.81
N GLU B 621 72.78 -37.56 9.79
CA GLU B 621 72.63 -36.13 9.58
C GLU B 621 73.98 -35.44 9.37
N ASP B 675 82.53 -19.46 0.70
CA ASP B 675 83.21 -18.38 0.01
C ASP B 675 82.98 -18.45 -1.50
N ASN B 676 84.04 -18.73 -2.25
CA ASN B 676 83.96 -18.86 -3.71
C ASN B 676 83.68 -20.28 -4.16
N PHE B 677 83.51 -21.22 -3.24
CA PHE B 677 83.24 -22.61 -3.56
C PHE B 677 81.81 -22.99 -3.19
N CYS B 678 81.28 -23.99 -3.88
CA CYS B 678 79.96 -24.54 -3.60
C CYS B 678 80.04 -25.73 -2.64
N VAL B 679 80.78 -26.78 -3.03
CA VAL B 679 80.99 -27.95 -2.22
C VAL B 679 82.48 -28.09 -1.92
N GLN B 680 82.80 -28.65 -0.76
CA GLN B 680 84.18 -28.95 -0.41
C GLN B 680 84.21 -30.18 0.47
N ILE B 681 85.17 -31.07 0.21
CA ILE B 681 85.38 -32.25 1.05
C ILE B 681 86.85 -32.26 1.47
N ILE B 682 87.08 -32.49 2.76
CA ILE B 682 88.44 -32.59 3.31
C ILE B 682 88.58 -33.97 3.93
N GLY B 683 89.41 -34.81 3.30
CA GLY B 683 89.76 -36.13 3.84
C GLY B 683 88.61 -37.10 3.93
N GLY B 684 87.66 -37.04 3.00
CA GLY B 684 86.44 -37.81 3.12
C GLY B 684 86.57 -39.29 2.81
N PHE B 685 86.35 -40.13 3.83
CA PHE B 685 86.24 -41.57 3.67
C PHE B 685 84.77 -41.95 3.80
N PHE B 686 84.22 -42.53 2.72
CA PHE B 686 82.81 -42.89 2.63
C PHE B 686 82.67 -44.34 2.20
N THR B 687 81.70 -45.04 2.79
CA THR B 687 81.43 -46.45 2.50
C THR B 687 79.98 -46.65 2.12
N TRP B 688 79.74 -47.43 1.05
CA TRP B 688 78.39 -47.92 0.78
C TRP B 688 77.93 -48.89 1.86
N THR B 689 78.75 -49.89 2.16
CA THR B 689 78.44 -50.85 3.20
C THR B 689 78.52 -50.19 4.58
N PRO B 690 77.82 -50.71 5.58
CA PRO B 690 77.92 -50.10 6.93
C PRO B 690 79.29 -50.23 7.57
N ASP B 691 79.94 -51.39 7.45
CA ASP B 691 81.23 -51.63 8.11
C ASP B 691 82.19 -52.34 7.17
N GLY B 692 82.30 -51.85 5.93
CA GLY B 692 83.14 -52.45 4.93
C GLY B 692 84.31 -51.57 4.52
N ILE B 693 84.94 -51.97 3.41
CA ILE B 693 86.05 -51.22 2.82
C ILE B 693 85.54 -49.89 2.28
N PRO B 694 86.24 -48.77 2.52
CA PRO B 694 85.80 -47.48 1.98
C PRO B 694 85.89 -47.43 0.46
N THR B 695 84.72 -47.22 -0.18
CA THR B 695 84.67 -47.06 -1.63
C THR B 695 85.28 -45.74 -2.07
N LEU B 696 85.33 -44.75 -1.19
CA LEU B 696 86.01 -43.49 -1.43
C LEU B 696 87.04 -43.25 -0.34
N SER B 697 88.23 -42.80 -0.73
CA SER B 697 89.33 -42.59 0.22
C SER B 697 90.07 -41.32 -0.15
N ASN B 698 90.35 -40.49 0.87
CA ASN B 698 91.10 -39.23 0.76
C ASN B 698 90.47 -38.29 -0.28
N ILE B 699 89.15 -38.15 -0.21
CA ILE B 699 88.43 -37.30 -1.15
C ILE B 699 88.68 -35.84 -0.80
N THR B 700 89.25 -35.09 -1.74
CA THR B 700 89.52 -33.67 -1.55
C THR B 700 89.09 -32.95 -2.83
N ILE B 701 87.91 -32.33 -2.79
CA ILE B 701 87.37 -31.61 -3.93
C ILE B 701 87.08 -30.17 -3.52
N ARG B 702 87.23 -29.26 -4.48
CA ARG B 702 86.85 -27.84 -4.31
C ARG B 702 86.07 -27.45 -5.56
N ILE B 703 84.77 -27.68 -5.53
CA ILE B 703 83.90 -27.33 -6.64
C ILE B 703 83.63 -25.83 -6.62
N PRO B 704 83.93 -25.08 -7.66
CA PRO B 704 83.57 -23.65 -7.70
C PRO B 704 82.09 -23.47 -7.96
N ARG B 705 81.58 -22.31 -7.54
CA ARG B 705 80.19 -21.96 -7.73
C ARG B 705 80.01 -21.10 -8.97
N GLY B 706 78.93 -21.35 -9.71
CA GLY B 706 78.71 -20.65 -10.96
C GLY B 706 79.56 -21.14 -12.12
N GLN B 707 80.24 -22.26 -11.97
CA GLN B 707 81.14 -22.79 -12.99
C GLN B 707 80.80 -24.24 -13.29
N LEU B 708 81.41 -24.76 -14.35
CA LEU B 708 81.19 -26.14 -14.79
C LEU B 708 82.35 -27.00 -14.30
N THR B 709 82.03 -28.00 -13.47
CA THR B 709 82.99 -28.95 -12.95
C THR B 709 82.69 -30.31 -13.56
N MET B 710 83.70 -30.93 -14.16
CA MET B 710 83.54 -32.20 -14.85
C MET B 710 84.30 -33.29 -14.11
N ILE B 711 83.61 -34.36 -13.74
CA ILE B 711 84.22 -35.51 -13.09
C ILE B 711 84.45 -36.57 -14.15
N VAL B 712 85.69 -36.98 -14.33
CA VAL B 712 86.08 -37.91 -15.38
C VAL B 712 86.87 -39.06 -14.79
N GLY B 713 86.69 -40.24 -15.34
CA GLY B 713 87.41 -41.41 -14.88
C GLY B 713 86.92 -42.65 -15.60
N GLN B 714 87.43 -43.81 -15.15
CA GLN B 714 87.11 -45.08 -15.77
C GLN B 714 85.85 -45.67 -15.15
N VAL B 715 85.57 -46.93 -15.46
CA VAL B 715 84.35 -47.59 -15.00
C VAL B 715 84.52 -48.02 -13.55
N GLY B 716 83.60 -47.59 -12.70
CA GLY B 716 83.64 -47.93 -11.27
C GLY B 716 84.78 -47.30 -10.51
N CYS B 717 85.07 -46.02 -10.77
CA CYS B 717 86.17 -45.32 -10.13
C CYS B 717 85.71 -44.29 -9.10
N GLY B 718 84.42 -44.22 -8.80
CA GLY B 718 83.93 -43.39 -7.74
C GLY B 718 83.18 -42.11 -8.12
N LYS B 719 82.76 -41.96 -9.38
CA LYS B 719 82.18 -40.71 -9.84
C LYS B 719 80.77 -40.49 -9.27
N SER B 720 79.87 -41.46 -9.49
CA SER B 720 78.55 -41.41 -8.86
C SER B 720 78.63 -41.50 -7.34
N SER B 721 79.64 -42.23 -6.84
CA SER B 721 79.86 -42.30 -5.40
C SER B 721 80.26 -40.95 -4.82
N LEU B 722 81.10 -40.19 -5.53
CA LEU B 722 81.43 -38.84 -5.10
C LEU B 722 80.21 -37.92 -5.17
N LEU B 723 79.41 -38.06 -6.23
CA LEU B 723 78.21 -37.25 -6.40
C LEU B 723 77.19 -37.50 -5.29
N LEU B 724 77.08 -38.75 -4.83
CA LEU B 724 76.15 -39.06 -3.75
C LEU B 724 76.79 -38.91 -2.37
N ALA B 725 78.11 -38.84 -2.28
CA ALA B 725 78.77 -38.55 -1.02
C ALA B 725 78.67 -37.07 -0.66
N THR B 726 78.63 -36.20 -1.67
CA THR B 726 78.33 -34.80 -1.38
C THR B 726 76.89 -34.61 -0.92
N LEU B 727 75.96 -35.41 -1.45
CA LEU B 727 74.55 -35.29 -1.10
C LEU B 727 74.18 -35.95 0.21
N GLY B 728 75.09 -36.70 0.83
CA GLY B 728 74.78 -37.40 2.07
C GLY B 728 74.08 -38.72 1.90
N GLU B 729 73.96 -39.23 0.67
CA GLU B 729 73.31 -40.52 0.42
C GLU B 729 74.19 -41.70 0.77
N MET B 730 75.49 -41.49 1.01
CA MET B 730 76.41 -42.55 1.36
C MET B 730 76.99 -42.28 2.75
N GLN B 731 77.12 -43.35 3.54
CA GLN B 731 77.62 -43.24 4.91
C GLN B 731 79.08 -42.81 4.93
N LYS B 732 79.38 -41.82 5.78
CA LYS B 732 80.71 -41.26 5.89
C LYS B 732 81.45 -41.90 7.06
N VAL B 733 82.67 -42.38 6.81
CA VAL B 733 83.53 -42.85 7.89
C VAL B 733 84.39 -41.72 8.44
N SER B 734 84.97 -40.89 7.58
CA SER B 734 85.88 -39.86 8.06
C SER B 734 85.84 -38.65 7.14
N GLY B 735 86.49 -37.57 7.58
CA GLY B 735 86.55 -36.35 6.81
C GLY B 735 85.41 -35.40 7.11
N ALA B 736 85.41 -34.28 6.39
CA ALA B 736 84.41 -33.25 6.58
C ALA B 736 83.86 -32.81 5.22
N VAL B 737 82.56 -32.51 5.18
CA VAL B 737 81.88 -32.00 3.99
C VAL B 737 81.33 -30.62 4.33
N PHE B 738 81.67 -29.63 3.52
CA PHE B 738 81.25 -28.25 3.70
C PHE B 738 80.43 -27.80 2.49
N TRP B 739 79.28 -27.20 2.77
CA TRP B 739 78.45 -26.58 1.75
C TRP B 739 78.34 -25.08 2.04
N ASN B 740 78.68 -24.26 1.05
CA ASN B 740 78.58 -22.81 1.17
C ASN B 740 77.40 -22.26 0.39
N SER B 741 76.40 -23.10 0.08
CA SER B 741 75.23 -22.68 -0.67
C SER B 741 74.32 -21.78 0.16
N SER B 766 72.88 -28.24 5.96
CA SER B 766 72.60 -26.99 5.27
C SER B 766 73.01 -27.08 3.80
N ARG B 767 72.75 -28.24 3.19
CA ARG B 767 73.05 -28.42 1.78
C ARG B 767 72.10 -27.64 0.90
N GLY B 768 70.80 -27.69 1.19
CA GLY B 768 69.80 -27.11 0.34
C GLY B 768 69.45 -28.03 -0.81
N PRO B 769 68.58 -27.58 -1.71
CA PRO B 769 68.24 -28.40 -2.88
C PRO B 769 69.41 -28.49 -3.85
N VAL B 770 69.50 -29.63 -4.53
CA VAL B 770 70.45 -29.86 -5.61
C VAL B 770 69.70 -30.51 -6.77
N ALA B 771 69.77 -29.90 -7.95
CA ALA B 771 69.13 -30.48 -9.13
C ALA B 771 69.91 -31.71 -9.57
N TYR B 772 69.28 -32.87 -9.50
CA TYR B 772 69.97 -34.14 -9.71
C TYR B 772 69.33 -34.92 -10.85
N ALA B 773 70.17 -35.36 -11.79
CA ALA B 773 69.79 -36.29 -12.84
C ALA B 773 70.62 -37.55 -12.66
N SER B 774 69.98 -38.62 -12.21
CA SER B 774 70.68 -39.87 -11.93
C SER B 774 71.12 -40.55 -13.23
N GLN B 775 72.08 -41.46 -13.10
CA GLN B 775 72.59 -42.19 -14.26
C GLN B 775 71.54 -43.13 -14.82
N LYS B 776 70.79 -43.80 -13.96
CA LYS B 776 69.56 -44.45 -14.37
C LYS B 776 68.43 -43.43 -14.27
N PRO B 777 67.77 -43.07 -15.37
CA PRO B 777 66.77 -41.99 -15.32
C PRO B 777 65.52 -42.42 -14.58
N TRP B 778 65.07 -41.55 -13.66
CA TRP B 778 63.90 -41.81 -12.84
C TRP B 778 62.74 -40.98 -13.35
N LEU B 779 61.62 -41.63 -13.62
CA LEU B 779 60.44 -40.96 -14.16
C LEU B 779 59.23 -41.27 -13.28
N LEU B 780 58.53 -40.23 -12.88
CA LEU B 780 57.29 -40.39 -12.13
C LEU B 780 56.18 -40.90 -13.05
N ASN B 781 55.08 -41.34 -12.43
CA ASN B 781 53.94 -41.88 -13.17
C ASN B 781 53.06 -40.79 -13.80
N ALA B 782 53.44 -39.52 -13.68
CA ALA B 782 52.69 -38.42 -14.23
C ALA B 782 53.09 -38.17 -15.68
N THR B 783 52.69 -37.02 -16.22
CA THR B 783 52.85 -36.72 -17.64
C THR B 783 54.28 -36.25 -17.94
N VAL B 784 54.50 -35.87 -19.21
CA VAL B 784 55.77 -35.30 -19.63
C VAL B 784 55.99 -33.95 -18.96
N GLU B 785 54.94 -33.11 -18.96
CA GLU B 785 55.03 -31.77 -18.40
C GLU B 785 55.22 -31.81 -16.89
N GLU B 786 54.56 -32.74 -16.20
CA GLU B 786 54.72 -32.85 -14.75
C GLU B 786 56.07 -33.46 -14.39
N ASN B 787 56.63 -34.31 -15.26
CA ASN B 787 57.98 -34.82 -15.01
C ASN B 787 59.04 -33.74 -15.20
N ILE B 788 58.88 -32.91 -16.23
CA ILE B 788 59.85 -31.84 -16.47
C ILE B 788 59.73 -30.74 -15.42
N THR B 789 58.50 -30.35 -15.07
CA THR B 789 58.31 -29.29 -14.08
C THR B 789 58.71 -29.76 -12.68
N PHE B 790 58.18 -30.91 -12.25
CA PHE B 790 58.57 -31.62 -11.02
C PHE B 790 58.37 -30.74 -9.79
N GLU B 791 57.09 -30.44 -9.52
CA GLU B 791 56.61 -29.62 -8.40
C GLU B 791 57.23 -28.22 -8.43
N SER B 792 56.91 -27.49 -9.50
CA SER B 792 57.43 -26.16 -9.73
C SER B 792 56.38 -25.35 -10.47
N PRO B 793 56.40 -24.02 -10.36
CA PRO B 793 55.53 -23.18 -11.21
C PRO B 793 55.88 -23.34 -12.68
N PHE B 794 54.89 -23.11 -13.55
CA PHE B 794 54.96 -23.59 -14.93
C PHE B 794 55.97 -22.80 -15.75
N ASN B 795 55.75 -21.50 -15.94
CA ASN B 795 56.70 -20.57 -16.60
C ASN B 795 57.05 -21.03 -18.02
N LYS B 796 56.04 -20.93 -18.90
CA LYS B 796 56.06 -21.50 -20.24
C LYS B 796 57.24 -21.01 -21.09
N GLN B 797 57.70 -19.77 -20.85
CA GLN B 797 58.86 -19.24 -21.55
C GLN B 797 60.13 -20.03 -21.22
N ARG B 798 60.29 -20.42 -19.96
CA ARG B 798 61.41 -21.28 -19.59
C ARG B 798 61.19 -22.72 -20.07
N TYR B 799 59.93 -23.17 -20.09
CA TYR B 799 59.62 -24.54 -20.50
C TYR B 799 59.96 -24.77 -21.97
N LYS B 800 59.67 -23.79 -22.83
CA LYS B 800 60.04 -23.88 -24.24
C LYS B 800 61.56 -23.94 -24.42
N MET B 801 62.29 -23.15 -23.63
CA MET B 801 63.76 -23.16 -23.71
C MET B 801 64.34 -24.49 -23.25
N VAL B 802 63.78 -25.09 -22.21
CA VAL B 802 64.26 -26.39 -21.73
C VAL B 802 63.94 -27.49 -22.76
N ILE B 803 62.75 -27.42 -23.37
CA ILE B 803 62.35 -28.37 -24.40
C ILE B 803 63.27 -28.28 -25.62
N GLU B 804 63.59 -27.05 -26.04
CA GLU B 804 64.48 -26.87 -27.20
C GLU B 804 65.93 -27.22 -26.87
N ALA B 805 66.36 -26.99 -25.63
CA ALA B 805 67.71 -27.36 -25.22
C ALA B 805 67.87 -28.88 -25.17
N CYS B 806 66.86 -29.60 -24.71
CA CYS B 806 66.92 -31.05 -24.74
C CYS B 806 66.47 -31.64 -26.07
N SER B 807 65.98 -30.81 -27.00
CA SER B 807 65.45 -31.22 -28.31
C SER B 807 64.34 -32.26 -28.16
N LEU B 808 63.49 -32.07 -27.16
CA LEU B 808 62.33 -32.91 -26.92
C LEU B 808 61.10 -32.45 -27.69
N GLN B 809 61.21 -31.37 -28.46
CA GLN B 809 60.10 -30.88 -29.27
C GLN B 809 59.62 -31.85 -30.36
N PRO B 810 60.49 -32.55 -31.14
CA PRO B 810 59.94 -33.58 -32.03
C PRO B 810 59.28 -34.75 -31.31
N ASP B 811 59.69 -35.05 -30.07
CA ASP B 811 59.08 -36.17 -29.35
C ASP B 811 57.67 -35.84 -28.88
N ILE B 812 57.42 -34.58 -28.50
CA ILE B 812 56.07 -34.18 -28.11
C ILE B 812 55.20 -33.84 -29.30
N ASP B 813 55.76 -33.82 -30.51
CA ASP B 813 54.96 -33.78 -31.74
C ASP B 813 54.51 -35.16 -32.17
N ILE B 814 54.98 -36.21 -31.49
CA ILE B 814 54.46 -37.57 -31.59
C ILE B 814 53.92 -37.83 -30.19
N LEU B 815 53.44 -39.09 -29.94
CA LEU B 815 52.74 -39.65 -28.77
C LEU B 815 51.28 -39.21 -28.83
N PRO B 816 50.32 -39.99 -28.30
CA PRO B 816 48.89 -39.67 -28.49
C PRO B 816 48.43 -38.33 -27.94
N HIS B 817 49.01 -37.87 -26.82
CA HIS B 817 48.71 -36.55 -26.26
C HIS B 817 50.06 -35.91 -25.93
N GLY B 818 50.61 -35.17 -26.90
CA GLY B 818 51.89 -34.50 -26.74
C GLY B 818 51.91 -33.50 -25.60
N ASP B 819 52.96 -33.60 -24.76
CA ASP B 819 53.21 -32.90 -23.49
C ASP B 819 52.24 -33.32 -22.38
N GLN B 820 51.29 -34.22 -22.66
CA GLN B 820 50.32 -34.66 -21.68
C GLN B 820 50.25 -36.18 -21.54
N THR B 821 51.04 -36.93 -22.29
CA THR B 821 51.02 -38.38 -22.22
C THR B 821 51.61 -38.88 -20.91
N GLN B 822 50.96 -39.89 -20.32
CA GLN B 822 51.45 -40.48 -19.08
C GLN B 822 52.74 -41.24 -19.34
N ILE B 823 53.68 -41.11 -18.42
CA ILE B 823 55.07 -41.53 -18.60
C ILE B 823 55.43 -42.52 -17.50
N GLY B 824 56.16 -43.57 -17.87
CA GLY B 824 56.66 -44.53 -16.89
C GLY B 824 55.73 -45.72 -16.74
N GLU B 825 55.58 -46.22 -15.51
CA GLU B 825 54.58 -47.23 -15.25
C GLU B 825 53.18 -46.64 -15.37
N ARG B 826 52.24 -47.46 -15.84
CA ARG B 826 50.86 -47.15 -16.19
C ARG B 826 50.74 -46.11 -17.31
N GLY B 827 51.83 -45.83 -18.03
CA GLY B 827 51.80 -44.92 -19.15
C GLY B 827 52.47 -45.55 -20.36
N ILE B 828 52.71 -44.76 -21.40
CA ILE B 828 53.37 -45.30 -22.59
C ILE B 828 54.85 -45.46 -22.32
N ASN B 829 55.44 -46.51 -22.90
CA ASN B 829 56.87 -46.76 -22.76
C ASN B 829 57.65 -45.84 -23.69
N LEU B 830 58.76 -45.32 -23.19
CA LEU B 830 59.62 -44.44 -23.96
C LEU B 830 60.91 -45.16 -24.36
N SER B 831 61.60 -44.57 -25.32
CA SER B 831 62.98 -44.97 -25.58
C SER B 831 63.86 -44.51 -24.43
N GLY B 832 65.01 -45.18 -24.27
CA GLY B 832 65.94 -44.85 -23.19
C GLY B 832 66.53 -43.46 -23.33
N GLY B 833 66.77 -43.02 -24.57
CA GLY B 833 67.19 -41.65 -24.79
C GLY B 833 66.13 -40.64 -24.39
N GLN B 834 64.85 -40.97 -24.64
CA GLN B 834 63.77 -40.07 -24.24
C GLN B 834 63.65 -39.98 -22.73
N ARG B 835 63.82 -41.10 -22.02
CA ARG B 835 63.83 -41.10 -20.56
C ARG B 835 64.98 -40.26 -20.02
N GLN B 836 66.17 -40.41 -20.63
CA GLN B 836 67.33 -39.63 -20.24
C GLN B 836 67.11 -38.13 -20.45
N ARG B 837 66.53 -37.76 -21.60
CA ARG B 837 66.35 -36.34 -21.89
C ARG B 837 65.22 -35.72 -21.06
N ILE B 838 64.21 -36.50 -20.68
CA ILE B 838 63.17 -35.96 -19.80
C ILE B 838 63.73 -35.76 -18.38
N SER B 839 64.60 -36.69 -17.92
CA SER B 839 65.25 -36.50 -16.63
C SER B 839 66.18 -35.29 -16.62
N VAL B 840 66.94 -35.11 -17.71
CA VAL B 840 67.83 -33.95 -17.83
C VAL B 840 67.01 -32.66 -17.95
N ALA B 841 65.86 -32.71 -18.62
CA ALA B 841 64.98 -31.55 -18.72
C ALA B 841 64.42 -31.16 -17.35
N ARG B 842 64.09 -32.16 -16.53
CA ARG B 842 63.69 -31.91 -15.15
C ARG B 842 64.82 -31.24 -14.37
N ALA B 843 66.05 -31.72 -14.54
CA ALA B 843 67.19 -31.12 -13.84
C ALA B 843 67.47 -29.69 -14.30
N LEU B 844 67.38 -29.43 -15.61
CA LEU B 844 67.67 -28.11 -16.16
C LEU B 844 66.55 -27.11 -15.88
N TYR B 845 65.33 -27.59 -15.69
CA TYR B 845 64.18 -26.70 -15.61
C TYR B 845 64.15 -25.92 -14.30
N GLN B 846 64.54 -26.55 -13.20
CA GLN B 846 64.36 -26.00 -11.86
C GLN B 846 65.26 -24.78 -11.64
N GLN B 847 64.85 -23.94 -10.68
CA GLN B 847 65.67 -22.79 -10.27
C GLN B 847 66.48 -23.12 -9.03
N THR B 848 67.36 -24.11 -9.20
CA THR B 848 68.25 -24.58 -8.15
C THR B 848 69.67 -24.15 -8.49
N ASN B 849 70.40 -23.66 -7.47
CA ASN B 849 71.75 -23.15 -7.70
C ASN B 849 72.74 -24.24 -8.11
N VAL B 850 72.50 -25.48 -7.69
CA VAL B 850 73.41 -26.59 -7.95
C VAL B 850 72.71 -27.60 -8.87
N VAL B 851 73.38 -27.97 -9.95
CA VAL B 851 72.92 -29.02 -10.86
C VAL B 851 73.93 -30.16 -10.80
N PHE B 852 73.42 -31.36 -10.56
CA PHE B 852 74.22 -32.59 -10.60
C PHE B 852 73.74 -33.43 -11.78
N LEU B 853 74.63 -33.68 -12.74
CA LEU B 853 74.33 -34.52 -13.88
C LEU B 853 75.28 -35.71 -13.86
N ASP B 854 74.73 -36.91 -13.94
CA ASP B 854 75.49 -38.15 -13.87
C ASP B 854 75.28 -38.90 -15.18
N ASP B 855 76.22 -38.73 -16.11
CA ASP B 855 76.24 -39.30 -17.46
C ASP B 855 74.95 -39.01 -18.23
N PRO B 856 74.72 -37.76 -18.66
CA PRO B 856 73.49 -37.46 -19.40
C PRO B 856 73.57 -37.80 -20.89
N PHE B 857 74.73 -38.21 -21.37
CA PHE B 857 74.94 -38.47 -22.79
C PHE B 857 75.16 -39.94 -23.09
N SER B 858 74.78 -40.82 -22.16
CA SER B 858 75.00 -42.26 -22.35
C SER B 858 74.03 -42.83 -23.38
N ALA B 859 72.78 -42.38 -23.37
CA ALA B 859 71.74 -42.91 -24.25
C ALA B 859 71.53 -42.06 -25.49
N LEU B 860 72.35 -41.04 -25.71
CA LEU B 860 72.15 -40.09 -26.80
C LEU B 860 73.27 -40.21 -27.83
N ASP B 861 72.97 -39.76 -29.04
CA ASP B 861 73.94 -39.74 -30.13
C ASP B 861 74.76 -38.45 -30.08
N VAL B 862 75.49 -38.18 -31.15
CA VAL B 862 76.41 -37.04 -31.18
C VAL B 862 75.65 -35.72 -31.22
N HIS B 863 74.60 -35.63 -32.05
CA HIS B 863 73.91 -34.36 -32.27
C HIS B 863 73.10 -33.94 -31.04
N LEU B 864 72.38 -34.90 -30.42
CA LEU B 864 71.60 -34.59 -29.23
C LEU B 864 72.49 -34.20 -28.06
N SER B 865 73.62 -34.90 -27.88
CA SER B 865 74.55 -34.56 -26.81
C SER B 865 75.22 -33.22 -27.05
N ASP B 866 75.56 -32.91 -28.31
CA ASP B 866 76.17 -31.62 -28.63
C ASP B 866 75.19 -30.47 -28.41
N HIS B 867 73.93 -30.64 -28.82
CA HIS B 867 72.94 -29.58 -28.63
C HIS B 867 72.57 -29.42 -27.17
N LEU B 868 72.51 -30.52 -26.41
CA LEU B 868 72.26 -30.43 -24.98
C LEU B 868 73.45 -29.81 -24.25
N MET B 869 74.67 -30.05 -24.73
CA MET B 869 75.84 -29.44 -24.14
C MET B 869 75.90 -27.95 -24.41
N GLN B 870 75.60 -27.54 -25.65
CA GLN B 870 75.70 -26.12 -26.00
C GLN B 870 74.52 -25.31 -25.49
N ALA B 871 73.30 -25.67 -25.93
CA ALA B 871 72.12 -24.88 -25.58
C ALA B 871 71.70 -25.09 -24.14
N GLY B 872 71.94 -26.27 -23.58
CA GLY B 872 71.51 -26.57 -22.23
C GLY B 872 72.52 -26.26 -21.16
N ILE B 873 73.76 -26.72 -21.32
CA ILE B 873 74.76 -26.57 -20.26
C ILE B 873 75.52 -25.25 -20.42
N LEU B 874 76.01 -24.96 -21.63
CA LEU B 874 76.82 -23.77 -21.85
C LEU B 874 76.00 -22.50 -22.03
N GLU B 875 74.70 -22.60 -22.27
CA GLU B 875 73.86 -21.43 -22.48
C GLU B 875 72.79 -21.26 -21.42
N LEU B 876 71.97 -22.28 -21.17
CA LEU B 876 70.88 -22.15 -20.21
C LEU B 876 71.38 -22.12 -18.78
N LEU B 877 72.40 -22.92 -18.47
CA LEU B 877 72.93 -22.97 -17.11
C LEU B 877 73.92 -21.86 -16.82
N ARG B 878 74.70 -21.43 -17.82
CA ARG B 878 75.72 -20.41 -17.59
C ARG B 878 75.08 -19.03 -17.35
N ASP B 879 73.98 -18.73 -18.05
CA ASP B 879 73.31 -17.43 -17.91
C ASP B 879 72.68 -17.24 -16.54
N ASP B 880 72.37 -18.33 -15.83
CA ASP B 880 71.85 -18.25 -14.47
C ASP B 880 72.94 -18.18 -13.42
N LYS B 881 74.22 -18.25 -13.83
CA LYS B 881 75.39 -18.38 -12.96
C LYS B 881 75.23 -19.56 -12.01
N ARG B 882 75.02 -20.73 -12.61
CA ARG B 882 74.63 -21.94 -11.91
C ARG B 882 75.82 -22.87 -11.75
N THR B 883 75.97 -23.44 -10.55
CA THR B 883 76.96 -24.49 -10.33
C THR B 883 76.52 -25.74 -11.08
N VAL B 884 77.37 -26.24 -11.96
CA VAL B 884 77.09 -27.44 -12.75
C VAL B 884 78.20 -28.44 -12.47
N VAL B 885 77.82 -29.63 -11.99
CA VAL B 885 78.77 -30.72 -11.81
C VAL B 885 78.34 -31.85 -12.73
N LEU B 886 79.18 -32.14 -13.73
CA LEU B 886 78.82 -32.95 -14.89
C LEU B 886 79.74 -34.16 -14.99
N VAL B 887 79.27 -35.33 -14.58
CA VAL B 887 79.99 -36.57 -14.78
C VAL B 887 79.78 -37.01 -16.22
N THR B 888 80.87 -37.16 -16.97
CA THR B 888 80.78 -37.54 -18.38
C THR B 888 81.94 -38.42 -18.77
N HIS B 889 81.71 -39.27 -19.77
CA HIS B 889 82.75 -40.04 -20.43
C HIS B 889 83.15 -39.42 -21.77
N LYS B 890 82.47 -38.36 -22.19
CA LYS B 890 82.80 -37.67 -23.44
C LYS B 890 83.87 -36.62 -23.14
N LEU B 891 85.10 -36.90 -23.59
CA LEU B 891 86.22 -36.01 -23.30
C LEU B 891 86.28 -34.81 -24.25
N GLN B 892 85.50 -34.82 -25.34
CA GLN B 892 85.49 -33.68 -26.27
C GLN B 892 84.93 -32.42 -25.65
N TYR B 893 84.19 -32.54 -24.55
CA TYR B 893 83.66 -31.39 -23.82
C TYR B 893 84.60 -30.88 -22.75
N LEU B 894 85.77 -31.51 -22.57
CA LEU B 894 86.76 -30.99 -21.62
C LEU B 894 87.21 -29.54 -21.88
N PRO B 895 87.36 -29.05 -23.13
CA PRO B 895 87.57 -27.59 -23.31
C PRO B 895 86.46 -26.70 -22.76
N HIS B 896 85.23 -27.19 -22.64
CA HIS B 896 84.14 -26.37 -22.12
C HIS B 896 84.05 -26.41 -20.59
N ALA B 897 84.98 -27.07 -19.92
CA ALA B 897 84.94 -27.25 -18.47
C ALA B 897 85.79 -26.20 -17.78
N ASP B 898 85.22 -25.55 -16.76
CA ASP B 898 86.00 -24.65 -15.91
C ASP B 898 86.90 -25.42 -14.95
N TRP B 899 86.40 -26.54 -14.43
CA TRP B 899 87.08 -27.31 -13.40
C TRP B 899 86.99 -28.79 -13.75
N ILE B 900 88.06 -29.54 -13.49
CA ILE B 900 88.10 -30.97 -13.81
C ILE B 900 88.54 -31.74 -12.56
N ILE B 901 87.75 -32.75 -12.19
CA ILE B 901 88.08 -33.69 -11.13
C ILE B 901 88.29 -35.05 -11.77
N ALA B 902 89.51 -35.56 -11.70
CA ALA B 902 89.85 -36.87 -12.23
C ALA B 902 89.83 -37.90 -11.11
N MET B 903 89.15 -39.02 -11.34
CA MET B 903 89.02 -40.06 -10.34
C MET B 903 89.65 -41.36 -10.82
N LYS B 904 90.17 -42.14 -9.86
CA LYS B 904 90.88 -43.37 -10.19
C LYS B 904 90.81 -44.28 -8.97
N ASP B 905 90.03 -45.37 -9.08
CA ASP B 905 89.87 -46.39 -8.04
C ASP B 905 89.38 -45.81 -6.71
N GLY B 906 88.35 -44.98 -6.79
CA GLY B 906 87.75 -44.39 -5.60
C GLY B 906 88.60 -43.39 -4.85
N THR B 907 89.37 -42.57 -5.56
CA THR B 907 90.11 -41.47 -4.95
C THR B 907 90.31 -40.38 -5.98
N ILE B 908 90.66 -39.19 -5.50
CA ILE B 908 90.88 -38.04 -6.37
C ILE B 908 92.32 -38.11 -6.88
N GLN B 909 92.49 -38.44 -8.16
CA GLN B 909 93.82 -38.50 -8.75
C GLN B 909 94.41 -37.11 -8.95
N ARG B 910 93.67 -36.23 -9.61
CA ARG B 910 94.10 -34.87 -9.84
C ARG B 910 92.86 -33.99 -9.98
N GLU B 911 92.93 -32.78 -9.40
CA GLU B 911 91.80 -31.84 -9.39
C GLU B 911 92.32 -30.47 -9.80
N GLY B 912 91.90 -29.99 -10.97
CA GLY B 912 92.35 -28.70 -11.43
C GLY B 912 91.80 -28.40 -12.82
N THR B 913 92.28 -27.30 -13.40
CA THR B 913 91.89 -26.91 -14.74
C THR B 913 92.70 -27.67 -15.78
N LEU B 914 92.40 -27.42 -17.06
CA LEU B 914 93.13 -28.09 -18.15
C LEU B 914 94.57 -27.62 -18.23
N LYS B 915 94.84 -26.37 -17.85
CA LYS B 915 96.22 -25.89 -17.79
C LYS B 915 96.97 -26.54 -16.64
N ASP B 916 96.26 -26.91 -15.57
CA ASP B 916 96.89 -27.66 -14.48
C ASP B 916 97.24 -29.08 -14.91
N PHE B 917 96.33 -29.74 -15.65
CA PHE B 917 96.59 -31.09 -16.13
C PHE B 917 97.67 -31.13 -17.21
N GLN B 918 97.97 -30.00 -17.85
CA GLN B 918 99.03 -29.95 -18.85
C GLN B 918 100.42 -30.09 -18.23
N ARG B 919 100.56 -29.79 -16.94
CA ARG B 919 101.85 -29.87 -16.25
C ARG B 919 101.86 -30.83 -15.08
N SER B 920 100.76 -30.92 -14.31
CA SER B 920 100.76 -31.79 -13.13
C SER B 920 100.65 -33.25 -13.50
N GLU B 921 99.77 -33.58 -14.46
CA GLU B 921 99.55 -34.97 -14.88
C GLU B 921 99.76 -35.05 -16.39
N CYS B 922 101.01 -35.21 -16.80
CA CYS B 922 101.32 -35.29 -18.23
C CYS B 922 100.81 -36.58 -18.84
N GLN B 923 100.87 -37.67 -18.09
CA GLN B 923 100.44 -38.98 -18.60
C GLN B 923 98.94 -39.02 -18.85
N LEU B 924 98.14 -38.51 -17.91
CA LEU B 924 96.70 -38.50 -18.08
C LEU B 924 96.26 -37.51 -19.16
N PHE B 925 96.98 -36.39 -19.29
CA PHE B 925 96.70 -35.41 -20.34
C PHE B 925 96.95 -36.00 -21.73
N GLU B 926 98.09 -36.66 -21.90
CA GLU B 926 98.40 -37.31 -23.18
C GLU B 926 97.50 -38.51 -23.43
N HIS B 927 97.07 -39.20 -22.37
CA HIS B 927 96.11 -40.30 -22.51
C HIS B 927 94.76 -39.80 -23.00
N TRP B 928 94.29 -38.68 -22.45
CA TRP B 928 93.08 -38.03 -22.94
C TRP B 928 93.22 -37.61 -24.38
N LYS B 929 94.39 -37.07 -24.76
CA LYS B 929 94.63 -36.69 -26.14
C LYS B 929 94.65 -37.88 -27.09
N THR B 930 95.13 -39.04 -26.62
CA THR B 930 95.07 -40.24 -27.46
C THR B 930 93.65 -40.76 -27.59
N LEU B 931 92.81 -40.57 -26.56
CA LEU B 931 91.44 -41.08 -26.63
C LEU B 931 90.58 -40.30 -27.62
N MET B 932 90.77 -38.97 -27.71
CA MET B 932 89.92 -38.13 -28.55
C MET B 932 90.66 -37.54 -29.75
N ASN B 933 91.82 -38.11 -30.10
CA ASN B 933 92.67 -37.71 -31.22
C ASN B 933 93.09 -36.23 -31.18
N GLU B 938 95.50 -28.29 -28.33
CA GLU B 938 96.23 -28.98 -27.26
C GLU B 938 95.41 -29.06 -25.99
N LEU B 939 94.12 -29.37 -26.14
CA LEU B 939 93.11 -29.36 -25.08
C LEU B 939 93.10 -28.01 -24.35
N GLU B 940 92.98 -26.95 -25.13
CA GLU B 940 92.84 -25.61 -24.57
C GLU B 940 91.38 -25.33 -24.24
N LYS B 941 91.17 -24.53 -23.20
CA LYS B 941 89.82 -24.23 -22.73
C LYS B 941 89.08 -23.36 -23.74
N GLU B 942 87.82 -23.73 -24.02
CA GLU B 942 86.90 -23.07 -24.94
C GLU B 942 87.48 -22.90 -26.35
N ARG B 999 33.27 -68.67 -20.11
CA ARG B 999 34.10 -67.50 -20.40
C ARG B 999 35.10 -67.24 -19.28
N ALA B 1000 35.36 -65.95 -19.01
CA ALA B 1000 36.32 -65.58 -17.98
C ALA B 1000 35.79 -65.82 -16.58
N CYS B 1001 34.48 -65.63 -16.37
CA CYS B 1001 33.89 -65.91 -15.07
C CYS B 1001 33.76 -67.40 -14.79
N THR B 1002 33.72 -68.23 -15.83
CA THR B 1002 33.53 -69.67 -15.69
C THR B 1002 34.86 -70.43 -15.74
N LYS B 1003 35.98 -69.75 -15.55
CA LYS B 1003 37.28 -70.42 -15.58
C LYS B 1003 37.48 -71.30 -14.35
N TYR B 1004 36.92 -70.91 -13.21
CA TYR B 1004 37.06 -71.71 -12.00
C TYR B 1004 36.33 -73.04 -12.13
N LEU B 1005 35.15 -73.03 -12.74
CA LEU B 1005 34.37 -74.26 -12.92
C LEU B 1005 35.04 -75.20 -13.92
N SER B 1006 35.63 -74.64 -14.99
CA SER B 1006 36.32 -75.47 -15.97
C SER B 1006 37.64 -76.01 -15.42
N SER B 1007 38.34 -75.21 -14.60
CA SER B 1007 39.58 -75.69 -13.99
C SER B 1007 39.30 -76.73 -12.90
N ALA B 1008 38.15 -76.64 -12.23
CA ALA B 1008 37.80 -77.62 -11.21
C ALA B 1008 37.43 -78.96 -11.84
N GLY B 1009 36.77 -78.94 -12.99
CA GLY B 1009 36.27 -80.14 -13.61
C GLY B 1009 34.84 -80.44 -13.19
N ILE B 1010 34.18 -81.25 -14.02
CA ILE B 1010 32.77 -81.59 -13.78
C ILE B 1010 32.64 -82.51 -12.57
N LEU B 1011 33.55 -83.49 -12.44
CA LEU B 1011 33.47 -84.51 -11.39
C LEU B 1011 33.64 -83.89 -9.99
N LEU B 1012 34.67 -83.06 -9.82
CA LEU B 1012 34.96 -82.47 -8.52
C LEU B 1012 33.90 -81.47 -8.09
N LEU B 1013 33.44 -80.62 -9.03
CA LEU B 1013 32.42 -79.63 -8.75
C LEU B 1013 31.08 -80.29 -8.43
N SER B 1014 30.70 -81.31 -9.22
CA SER B 1014 29.45 -82.02 -8.97
C SER B 1014 29.50 -82.80 -7.66
N LEU B 1015 30.66 -83.37 -7.32
CA LEU B 1015 30.82 -84.06 -6.05
C LEU B 1015 30.70 -83.09 -4.88
N LEU B 1016 31.26 -81.88 -5.01
CA LEU B 1016 31.13 -80.84 -3.99
C LEU B 1016 29.67 -80.45 -3.77
N VAL B 1017 28.95 -80.17 -4.87
CA VAL B 1017 27.56 -79.73 -4.76
C VAL B 1017 26.67 -80.83 -4.19
N PHE B 1018 26.84 -82.06 -4.71
CA PHE B 1018 26.04 -83.21 -4.25
C PHE B 1018 26.32 -83.55 -2.79
N SER B 1019 27.59 -83.51 -2.37
CA SER B 1019 27.93 -83.85 -1.00
C SER B 1019 27.42 -82.81 -0.01
N GLN B 1020 27.51 -81.52 -0.38
CA GLN B 1020 26.97 -80.47 0.48
C GLN B 1020 25.45 -80.57 0.61
N LEU B 1021 24.76 -80.81 -0.52
CA LEU B 1021 23.31 -80.96 -0.50
C LEU B 1021 22.86 -82.17 0.33
N LEU B 1022 23.58 -83.29 0.18
CA LEU B 1022 23.25 -84.50 0.93
C LEU B 1022 23.51 -84.33 2.42
N LYS B 1023 24.61 -83.65 2.78
CA LYS B 1023 24.91 -83.39 4.19
C LYS B 1023 23.85 -82.50 4.84
N HIS B 1024 23.41 -81.46 4.14
CA HIS B 1024 22.39 -80.57 4.73
C HIS B 1024 21.02 -81.24 4.80
N MET B 1025 20.67 -82.08 3.81
CA MET B 1025 19.40 -82.80 3.92
C MET B 1025 19.46 -83.90 5.00
N VAL B 1026 20.65 -84.44 5.27
CA VAL B 1026 20.81 -85.37 6.38
C VAL B 1026 20.61 -84.64 7.71
N LEU B 1027 21.15 -83.42 7.83
CA LEU B 1027 20.95 -82.63 9.05
C LEU B 1027 19.48 -82.26 9.25
N VAL B 1028 18.77 -81.95 8.16
CA VAL B 1028 17.33 -81.69 8.23
C VAL B 1028 16.59 -82.94 8.69
N ALA B 1029 16.99 -84.12 8.19
CA ALA B 1029 16.38 -85.38 8.61
C ALA B 1029 16.63 -85.67 10.09
N ILE B 1030 17.83 -85.35 10.58
CA ILE B 1030 18.16 -85.53 12.00
C ILE B 1030 17.28 -84.65 12.87
N ASP B 1031 17.10 -83.38 12.47
CA ASP B 1031 16.29 -82.46 13.26
C ASP B 1031 14.81 -82.85 13.22
N TYR B 1032 14.33 -83.34 12.06
CA TYR B 1032 12.94 -83.81 11.96
C TYR B 1032 12.71 -85.06 12.81
N TRP B 1033 13.68 -85.98 12.82
CA TRP B 1033 13.55 -87.17 13.65
C TRP B 1033 13.64 -86.83 15.15
N LEU B 1034 14.42 -85.81 15.50
CA LEU B 1034 14.45 -85.33 16.88
C LEU B 1034 13.11 -84.72 17.27
N ALA B 1035 12.49 -83.98 16.36
CA ALA B 1035 11.15 -83.42 16.61
C ALA B 1035 10.11 -84.51 16.77
N LYS B 1036 10.20 -85.58 15.98
CA LYS B 1036 9.30 -86.71 16.14
C LYS B 1036 9.56 -87.47 17.43
N TRP B 1037 10.84 -87.59 17.83
CA TRP B 1037 11.22 -88.31 19.03
C TRP B 1037 10.75 -87.59 20.29
N THR B 1038 10.87 -86.26 20.32
CA THR B 1038 10.52 -85.50 21.52
C THR B 1038 9.01 -85.47 21.78
N ASP B 1039 8.18 -85.75 20.77
CA ASP B 1039 6.74 -85.82 20.97
C ASP B 1039 6.30 -87.15 21.56
N SER B 1040 7.16 -88.15 21.61
CA SER B 1040 6.83 -89.44 22.18
C SER B 1040 6.89 -89.39 23.71
N ASP B 1060 8.68 -97.54 20.39
CA ASP B 1060 9.68 -97.78 21.43
C ASP B 1060 10.86 -96.82 21.28
N GLN B 1061 11.39 -96.35 22.41
CA GLN B 1061 12.46 -95.35 22.41
C GLN B 1061 13.79 -95.91 21.89
N SER B 1062 13.97 -97.23 21.96
CA SER B 1062 15.20 -97.84 21.44
C SER B 1062 15.29 -97.70 19.92
N VAL B 1063 14.16 -97.78 19.23
CA VAL B 1063 14.13 -97.58 17.78
C VAL B 1063 14.49 -96.13 17.43
N TYR B 1064 13.98 -95.18 18.22
CA TYR B 1064 14.33 -93.77 18.03
C TYR B 1064 15.82 -93.53 18.23
N ALA B 1065 16.41 -94.14 19.28
CA ALA B 1065 17.83 -94.01 19.53
C ALA B 1065 18.66 -94.64 18.42
N MET B 1066 18.22 -95.79 17.89
CA MET B 1066 18.92 -96.47 16.81
C MET B 1066 18.93 -95.64 15.53
N VAL B 1067 17.77 -95.10 15.14
CA VAL B 1067 17.68 -94.28 13.93
C VAL B 1067 18.46 -92.98 14.10
N PHE B 1068 18.45 -92.41 15.32
CA PHE B 1068 19.21 -91.21 15.61
C PHE B 1068 20.71 -91.46 15.48
N THR B 1069 21.21 -92.59 16.00
CA THR B 1069 22.63 -92.92 15.88
C THR B 1069 23.05 -93.14 14.43
N LEU B 1070 22.21 -93.83 13.65
CA LEU B 1070 22.52 -94.06 12.24
C LEU B 1070 22.59 -92.76 11.45
N LEU B 1071 21.62 -91.86 11.69
CA LEU B 1071 21.61 -90.58 10.99
C LEU B 1071 22.79 -89.69 11.40
N CYS B 1072 23.18 -89.74 12.68
CA CYS B 1072 24.36 -89.00 13.16
C CYS B 1072 25.64 -89.49 12.51
N SER B 1073 25.80 -90.82 12.40
CA SER B 1073 27.00 -91.39 11.77
C SER B 1073 27.08 -91.02 10.29
N LEU B 1074 25.93 -91.07 9.60
CA LEU B 1074 25.90 -90.67 8.19
C LEU B 1074 26.24 -89.18 8.03
N GLY B 1075 25.78 -88.35 8.97
CA GLY B 1075 26.13 -86.94 8.95
C GLY B 1075 27.61 -86.68 9.15
N ILE B 1076 28.25 -87.46 10.04
CA ILE B 1076 29.69 -87.34 10.28
C ILE B 1076 30.47 -87.70 9.01
N VAL B 1077 30.07 -88.79 8.33
CA VAL B 1077 30.73 -89.20 7.10
C VAL B 1077 30.56 -88.13 6.01
N LEU B 1078 29.37 -87.56 5.89
CA LEU B 1078 29.14 -86.51 4.88
C LEU B 1078 29.91 -85.24 5.19
N CYS B 1079 30.09 -84.91 6.48
CA CYS B 1079 30.95 -83.79 6.87
C CYS B 1079 32.38 -84.01 6.42
N LEU B 1080 32.88 -85.24 6.59
CA LEU B 1080 34.23 -85.58 6.13
C LEU B 1080 34.37 -85.41 4.61
N VAL B 1081 33.37 -85.87 3.85
CA VAL B 1081 33.44 -85.79 2.39
C VAL B 1081 33.42 -84.34 1.91
N THR B 1082 32.54 -83.50 2.50
CA THR B 1082 32.48 -82.09 2.12
C THR B 1082 33.78 -81.35 2.44
N SER B 1083 34.33 -81.59 3.63
CA SER B 1083 35.54 -80.91 4.05
C SER B 1083 36.75 -81.30 3.19
N VAL B 1084 36.81 -82.57 2.77
CA VAL B 1084 37.91 -82.98 1.89
C VAL B 1084 37.73 -82.38 0.49
N THR B 1085 36.49 -82.41 -0.05
CA THR B 1085 36.28 -82.03 -1.44
C THR B 1085 36.52 -80.54 -1.70
N VAL B 1086 36.14 -79.67 -0.75
CA VAL B 1086 36.33 -78.24 -0.96
C VAL B 1086 37.81 -77.88 -1.03
N GLU B 1087 38.62 -78.42 -0.11
CA GLU B 1087 40.06 -78.16 -0.14
C GLU B 1087 40.75 -78.79 -1.34
N TRP B 1088 40.28 -79.97 -1.77
CA TRP B 1088 40.81 -80.58 -2.98
C TRP B 1088 40.57 -79.72 -4.21
N THR B 1089 39.35 -79.16 -4.32
CA THR B 1089 39.03 -78.27 -5.43
C THR B 1089 39.89 -77.00 -5.40
N GLY B 1090 40.07 -76.43 -4.21
CA GLY B 1090 40.90 -75.24 -4.08
C GLY B 1090 42.35 -75.48 -4.49
N LEU B 1091 42.92 -76.61 -4.05
CA LEU B 1091 44.29 -76.96 -4.42
C LEU B 1091 44.44 -77.18 -5.91
N LYS B 1092 43.48 -77.88 -6.53
CA LYS B 1092 43.58 -78.19 -7.96
C LYS B 1092 43.51 -76.93 -8.81
N VAL B 1093 42.54 -76.04 -8.52
CA VAL B 1093 42.41 -74.81 -9.31
C VAL B 1093 43.60 -73.88 -9.05
N ALA B 1094 44.08 -73.83 -7.79
CA ALA B 1094 45.21 -72.98 -7.44
C ALA B 1094 46.49 -73.40 -8.14
N LYS B 1095 46.70 -74.71 -8.32
CA LYS B 1095 47.85 -75.17 -9.09
C LYS B 1095 47.69 -74.88 -10.58
N ARG B 1096 46.51 -75.22 -11.14
CA ARG B 1096 46.35 -75.20 -12.59
C ARG B 1096 46.33 -73.77 -13.15
N LEU B 1097 45.69 -72.83 -12.43
CA LEU B 1097 45.60 -71.46 -12.95
C LEU B 1097 46.96 -70.76 -12.95
N HIS B 1098 47.77 -70.99 -11.91
CA HIS B 1098 49.11 -70.40 -11.90
C HIS B 1098 50.01 -71.02 -12.95
N ARG B 1099 49.90 -72.34 -13.16
CA ARG B 1099 50.70 -72.98 -14.21
C ARG B 1099 50.33 -72.46 -15.60
N SER B 1100 49.02 -72.33 -15.87
CA SER B 1100 48.58 -71.83 -17.17
C SER B 1100 48.98 -70.36 -17.37
N LEU B 1101 48.85 -69.53 -16.31
CA LEU B 1101 49.21 -68.13 -16.42
C LEU B 1101 50.71 -67.94 -16.64
N LEU B 1102 51.54 -68.69 -15.90
CA LEU B 1102 52.99 -68.57 -16.05
C LEU B 1102 53.46 -69.09 -17.40
N ASN B 1103 52.81 -70.13 -17.93
CA ASN B 1103 53.22 -70.60 -19.25
C ASN B 1103 52.72 -69.70 -20.37
N ARG B 1104 51.55 -69.08 -20.22
CA ARG B 1104 51.04 -68.21 -21.28
C ARG B 1104 51.71 -66.83 -21.29
N ILE B 1105 52.22 -66.37 -20.15
CA ILE B 1105 52.87 -65.05 -20.12
C ILE B 1105 54.20 -65.09 -20.87
N ILE B 1106 55.01 -66.13 -20.66
CA ILE B 1106 56.35 -66.17 -21.22
C ILE B 1106 56.37 -66.37 -22.73
N LEU B 1107 55.25 -66.78 -23.33
CA LEU B 1107 55.14 -66.91 -24.78
C LEU B 1107 54.54 -65.68 -25.45
N ALA B 1108 54.03 -64.73 -24.67
CA ALA B 1108 53.43 -63.53 -25.25
C ALA B 1108 54.52 -62.62 -25.82
N PRO B 1109 54.25 -61.92 -26.92
CA PRO B 1109 55.30 -61.10 -27.57
C PRO B 1109 55.70 -59.89 -26.73
N MET B 1110 56.85 -59.32 -27.09
CA MET B 1110 57.38 -58.15 -26.38
C MET B 1110 56.56 -56.89 -26.64
N ARG B 1111 55.76 -56.87 -27.72
CA ARG B 1111 54.80 -55.80 -27.92
C ARG B 1111 53.76 -55.77 -26.81
N PHE B 1112 53.32 -56.95 -26.36
CA PHE B 1112 52.40 -57.05 -25.23
C PHE B 1112 53.05 -56.57 -23.94
N PHE B 1113 54.33 -56.89 -23.73
CA PHE B 1113 55.01 -56.46 -22.51
C PHE B 1113 55.30 -54.96 -22.50
N GLU B 1114 55.56 -54.37 -23.67
CA GLU B 1114 55.78 -52.93 -23.72
C GLU B 1114 54.46 -52.17 -23.59
N THR B 1115 53.39 -52.68 -24.22
CA THR B 1115 52.10 -51.99 -24.18
C THR B 1115 51.47 -52.08 -22.80
N THR B 1116 51.40 -53.29 -22.24
CA THR B 1116 50.77 -53.43 -20.93
C THR B 1116 51.75 -53.07 -19.83
N PRO B 1117 51.31 -52.34 -18.80
CA PRO B 1117 52.17 -52.07 -17.65
C PRO B 1117 52.48 -53.34 -16.86
N LEU B 1118 53.67 -53.36 -16.26
CA LEU B 1118 54.12 -54.54 -15.53
C LEU B 1118 53.34 -54.74 -14.23
N GLY B 1119 52.76 -53.67 -13.67
CA GLY B 1119 51.92 -53.84 -12.49
C GLY B 1119 50.66 -54.62 -12.76
N SER B 1120 50.04 -54.42 -13.93
CA SER B 1120 48.83 -55.15 -14.30
C SER B 1120 49.10 -56.64 -14.48
N ILE B 1121 50.25 -56.99 -15.06
CA ILE B 1121 50.62 -58.39 -15.19
C ILE B 1121 50.99 -58.98 -13.82
N LEU B 1122 51.74 -58.22 -13.02
CA LEU B 1122 52.30 -58.76 -11.78
C LEU B 1122 51.23 -58.90 -10.70
N ASN B 1123 50.19 -58.07 -10.71
CA ASN B 1123 49.15 -58.15 -9.69
C ASN B 1123 48.28 -59.40 -9.84
N ARG B 1124 48.27 -60.02 -11.01
CA ARG B 1124 47.60 -61.32 -11.14
C ARG B 1124 48.35 -62.40 -10.39
N PHE B 1125 49.69 -62.36 -10.42
CA PHE B 1125 50.48 -63.29 -9.63
C PHE B 1125 50.48 -62.93 -8.14
N SER B 1126 50.36 -61.64 -7.83
CA SER B 1126 50.49 -61.16 -6.46
C SER B 1126 49.16 -61.24 -5.69
N SER B 1127 48.15 -60.56 -6.18
CA SER B 1127 46.89 -60.42 -5.45
C SER B 1127 45.83 -61.43 -5.87
N ASP B 1128 45.62 -61.58 -7.19
CA ASP B 1128 44.58 -62.49 -7.68
C ASP B 1128 44.93 -63.95 -7.39
N CYS B 1129 46.20 -64.33 -7.58
CA CYS B 1129 46.63 -65.67 -7.22
C CYS B 1129 46.55 -65.92 -5.72
N ASN B 1130 46.79 -64.89 -4.90
CA ASN B 1130 46.64 -65.03 -3.45
C ASN B 1130 45.18 -65.25 -3.06
N THR B 1131 44.25 -64.60 -3.77
CA THR B 1131 42.84 -64.86 -3.53
C THR B 1131 42.45 -66.27 -3.93
N ILE B 1132 42.92 -66.73 -5.10
CA ILE B 1132 42.55 -68.06 -5.61
C ILE B 1132 43.14 -69.16 -4.73
N ASP B 1133 44.38 -68.98 -4.26
CA ASP B 1133 45.00 -69.98 -3.39
C ASP B 1133 44.32 -70.05 -2.02
N GLN B 1134 43.98 -68.89 -1.45
CA GLN B 1134 43.62 -68.82 -0.04
C GLN B 1134 42.19 -68.39 0.20
N HIS B 1135 41.75 -67.27 -0.38
CA HIS B 1135 40.46 -66.70 -0.04
C HIS B 1135 39.29 -67.45 -0.67
N ILE B 1136 39.43 -67.88 -1.95
CA ILE B 1136 38.33 -68.59 -2.62
C ILE B 1136 37.96 -69.94 -1.99
N PRO B 1137 38.90 -70.85 -1.64
CA PRO B 1137 38.44 -72.10 -1.00
C PRO B 1137 37.79 -71.92 0.36
N SER B 1138 38.11 -70.85 1.10
CA SER B 1138 37.36 -70.55 2.32
C SER B 1138 35.98 -69.99 2.00
N THR B 1139 35.92 -69.09 1.01
CA THR B 1139 34.66 -68.44 0.63
C THR B 1139 33.66 -69.44 0.05
N LEU B 1140 34.16 -70.45 -0.68
CA LEU B 1140 33.28 -71.44 -1.27
C LEU B 1140 32.63 -72.32 -0.21
N GLU B 1141 33.40 -72.75 0.80
CA GLU B 1141 32.85 -73.53 1.90
C GLU B 1141 31.85 -72.72 2.73
N CYS B 1142 32.19 -71.45 3.01
CA CYS B 1142 31.27 -70.58 3.76
C CYS B 1142 29.98 -70.32 2.97
N LEU B 1143 30.12 -70.09 1.66
CA LEU B 1143 28.97 -69.83 0.80
C LEU B 1143 28.08 -71.05 0.68
N SER B 1144 28.67 -72.24 0.56
CA SER B 1144 27.88 -73.47 0.49
C SER B 1144 27.11 -73.71 1.77
N ARG B 1145 27.77 -73.52 2.93
CA ARG B 1145 27.09 -73.70 4.21
C ARG B 1145 25.96 -72.70 4.41
N SER B 1146 26.19 -71.43 4.08
CA SER B 1146 25.17 -70.40 4.27
C SER B 1146 24.00 -70.58 3.31
N THR B 1147 24.28 -70.76 2.01
CA THR B 1147 23.22 -70.87 1.01
C THR B 1147 22.49 -72.20 1.07
N LEU B 1148 23.03 -73.21 1.76
CA LEU B 1148 22.25 -74.42 1.95
C LEU B 1148 21.49 -74.44 3.27
N LEU B 1149 22.04 -73.84 4.33
CA LEU B 1149 21.27 -73.70 5.56
C LEU B 1149 20.08 -72.77 5.38
N CYS B 1150 20.20 -71.75 4.52
CA CYS B 1150 19.08 -70.86 4.24
C CYS B 1150 17.93 -71.58 3.55
N VAL B 1151 18.23 -72.35 2.50
CA VAL B 1151 17.17 -73.05 1.77
C VAL B 1151 16.61 -74.19 2.60
N SER B 1152 17.45 -74.85 3.42
CA SER B 1152 16.97 -75.89 4.32
C SER B 1152 16.02 -75.32 5.37
N ALA B 1153 16.37 -74.17 5.93
CA ALA B 1153 15.53 -73.54 6.94
C ALA B 1153 14.21 -73.04 6.36
N LEU B 1154 14.26 -72.46 5.16
CA LEU B 1154 13.02 -72.01 4.50
C LEU B 1154 12.12 -73.20 4.15
N THR B 1155 12.70 -74.31 3.71
CA THR B 1155 11.93 -75.52 3.45
C THR B 1155 11.31 -76.09 4.73
N VAL B 1156 12.05 -76.04 5.84
CA VAL B 1156 11.55 -76.56 7.12
C VAL B 1156 10.38 -75.72 7.62
N ILE B 1157 10.52 -74.38 7.58
CA ILE B 1157 9.45 -73.50 8.03
C ILE B 1157 8.24 -73.61 7.11
N SER B 1158 8.47 -73.79 5.80
CA SER B 1158 7.37 -74.02 4.86
C SER B 1158 6.66 -75.34 5.11
N TYR B 1159 7.39 -76.36 5.56
CA TYR B 1159 6.76 -77.64 5.91
C TYR B 1159 5.91 -77.50 7.16
N VAL B 1160 6.46 -76.90 8.22
CA VAL B 1160 5.70 -76.85 9.47
C VAL B 1160 4.63 -75.76 9.43
N THR B 1161 4.83 -74.69 8.66
CA THR B 1161 3.87 -73.61 8.53
C THR B 1161 3.80 -73.20 7.06
N PRO B 1162 2.84 -73.74 6.29
CA PRO B 1162 2.72 -73.34 4.88
C PRO B 1162 2.34 -71.88 4.68
N VAL B 1163 1.63 -71.27 5.65
CA VAL B 1163 1.21 -69.88 5.57
C VAL B 1163 2.39 -68.91 5.54
N PHE B 1164 3.54 -69.34 6.07
CA PHE B 1164 4.78 -68.57 5.98
C PHE B 1164 5.19 -68.30 4.53
N LEU B 1165 4.84 -69.23 3.61
CA LEU B 1165 5.08 -69.02 2.18
C LEU B 1165 4.38 -67.77 1.68
N VAL B 1166 3.17 -67.49 2.19
CA VAL B 1166 2.44 -66.27 1.88
C VAL B 1166 3.24 -65.05 2.32
N ALA B 1167 3.89 -65.13 3.47
CA ALA B 1167 4.76 -64.05 3.92
C ALA B 1167 6.19 -64.21 3.42
N LEU B 1168 6.50 -65.30 2.71
CA LEU B 1168 7.83 -65.41 2.13
C LEU B 1168 7.97 -64.55 0.89
N LEU B 1169 6.86 -64.33 0.17
CA LEU B 1169 6.88 -63.53 -1.04
C LEU B 1169 7.22 -62.04 -0.83
N PRO B 1170 6.62 -61.30 0.13
CA PRO B 1170 6.98 -59.86 0.20
C PRO B 1170 8.40 -59.58 0.65
N LEU B 1171 8.93 -60.39 1.58
CA LEU B 1171 10.31 -60.22 2.02
C LEU B 1171 11.29 -60.45 0.88
N ALA B 1172 11.05 -61.48 0.06
CA ALA B 1172 11.82 -61.70 -1.15
C ALA B 1172 11.63 -60.57 -2.16
N VAL B 1173 10.49 -59.86 -2.10
CA VAL B 1173 10.38 -58.61 -2.85
C VAL B 1173 11.29 -57.56 -2.26
N VAL B 1174 11.24 -57.39 -0.93
CA VAL B 1174 11.94 -56.29 -0.25
C VAL B 1174 13.44 -56.45 -0.40
N CYS B 1175 13.93 -57.68 -0.18
CA CYS B 1175 15.33 -58.05 -0.41
C CYS B 1175 15.77 -57.66 -1.82
N TYR B 1176 14.93 -57.95 -2.82
CA TYR B 1176 15.24 -57.64 -4.21
C TYR B 1176 15.45 -56.14 -4.39
N PHE B 1177 14.57 -55.33 -3.79
CA PHE B 1177 14.68 -53.88 -3.90
C PHE B 1177 15.95 -53.39 -3.23
N ILE B 1178 16.32 -54.01 -2.10
CA ILE B 1178 17.57 -53.67 -1.44
C ILE B 1178 18.75 -54.06 -2.33
N GLN B 1179 18.67 -55.25 -2.95
CA GLN B 1179 19.73 -55.63 -3.88
C GLN B 1179 19.66 -54.82 -5.17
N LYS B 1180 18.53 -54.15 -5.43
CA LYS B 1180 18.49 -53.19 -6.52
C LYS B 1180 19.28 -51.94 -6.17
N TYR B 1181 19.15 -51.46 -4.92
CA TYR B 1181 19.70 -50.16 -4.59
C TYR B 1181 21.15 -50.22 -4.12
N PHE B 1182 21.54 -51.30 -3.45
CA PHE B 1182 22.91 -51.41 -2.94
C PHE B 1182 23.90 -51.70 -4.05
N ARG B 1183 23.53 -52.60 -4.99
CA ARG B 1183 24.49 -53.14 -5.95
C ARG B 1183 24.96 -52.09 -6.96
N VAL B 1184 24.14 -51.09 -7.24
CA VAL B 1184 24.59 -49.97 -8.07
C VAL B 1184 25.59 -49.12 -7.31
N ALA B 1185 25.34 -48.87 -6.02
CA ALA B 1185 26.21 -48.02 -5.23
C ALA B 1185 27.55 -48.69 -4.94
N SER B 1186 27.50 -49.96 -4.49
CA SER B 1186 28.69 -50.69 -4.08
C SER B 1186 29.65 -50.89 -5.25
N ARG B 1187 29.10 -51.18 -6.44
CA ARG B 1187 29.91 -51.31 -7.65
C ARG B 1187 30.63 -50.02 -8.00
N ASP B 1188 30.05 -48.87 -7.66
CA ASP B 1188 30.81 -47.63 -7.74
C ASP B 1188 31.86 -47.58 -6.64
N LEU B 1189 31.44 -47.88 -5.39
CA LEU B 1189 32.31 -47.67 -4.23
C LEU B 1189 33.45 -48.66 -4.19
N GLN B 1190 33.27 -49.84 -4.79
CA GLN B 1190 34.41 -50.74 -4.97
C GLN B 1190 35.38 -50.19 -6.01
N GLN B 1191 34.86 -49.73 -7.16
CA GLN B 1191 35.71 -49.24 -8.24
C GLN B 1191 36.48 -47.99 -7.82
N LEU B 1192 35.80 -47.07 -7.15
CA LEU B 1192 36.45 -45.89 -6.58
C LEU B 1192 37.43 -46.27 -5.48
N ASP B 1193 37.23 -47.42 -4.81
CA ASP B 1193 38.23 -47.87 -3.88
C ASP B 1193 39.45 -48.43 -4.60
N ASP B 1194 39.25 -49.04 -5.78
CA ASP B 1194 40.38 -49.59 -6.51
C ASP B 1194 41.17 -48.50 -7.23
N THR B 1195 40.47 -47.56 -7.86
CA THR B 1195 41.12 -46.47 -8.60
C THR B 1195 41.79 -45.46 -7.68
N THR B 1196 41.50 -45.47 -6.38
CA THR B 1196 42.27 -44.69 -5.42
C THR B 1196 43.44 -45.47 -4.82
N GLN B 1197 43.47 -46.80 -5.01
CA GLN B 1197 44.59 -47.57 -4.48
C GLN B 1197 45.78 -47.56 -5.43
N LEU B 1198 45.53 -47.41 -6.73
CA LEU B 1198 46.62 -47.34 -7.72
C LEU B 1198 47.54 -46.13 -7.57
N PRO B 1199 47.07 -44.87 -7.39
CA PRO B 1199 48.05 -43.79 -7.20
C PRO B 1199 48.71 -43.80 -5.82
N LEU B 1200 48.18 -44.54 -4.86
CA LEU B 1200 48.86 -44.69 -3.58
C LEU B 1200 50.07 -45.61 -3.70
N LEU B 1201 49.83 -46.85 -4.16
CA LEU B 1201 50.87 -47.87 -4.24
C LEU B 1201 51.98 -47.46 -5.21
N SER B 1202 51.60 -46.90 -6.37
CA SER B 1202 52.58 -46.38 -7.32
C SER B 1202 53.39 -45.23 -6.73
N HIS B 1203 52.78 -44.46 -5.82
CA HIS B 1203 53.53 -43.40 -5.14
C HIS B 1203 54.62 -43.96 -4.26
N PHE B 1204 54.44 -45.18 -3.75
CA PHE B 1204 55.56 -45.85 -3.09
C PHE B 1204 56.61 -46.28 -4.11
N ALA B 1205 56.17 -46.79 -5.26
CA ALA B 1205 57.08 -47.40 -6.23
C ALA B 1205 58.02 -46.38 -6.84
N GLU B 1206 57.53 -45.17 -7.12
CA GLU B 1206 58.39 -44.10 -7.58
C GLU B 1206 59.18 -43.45 -6.46
N THR B 1207 58.76 -43.62 -5.19
CA THR B 1207 59.52 -43.01 -4.10
C THR B 1207 60.78 -43.82 -3.80
N VAL B 1208 60.68 -45.15 -3.81
CA VAL B 1208 61.82 -45.99 -3.46
C VAL B 1208 62.90 -45.92 -4.55
N GLU B 1209 62.50 -46.00 -5.82
CA GLU B 1209 63.47 -45.95 -6.90
C GLU B 1209 64.01 -44.55 -7.16
N GLY B 1210 63.28 -43.51 -6.76
CA GLY B 1210 63.73 -42.15 -6.96
C GLY B 1210 64.07 -41.44 -5.67
N LEU B 1211 64.46 -42.22 -4.66
CA LEU B 1211 64.70 -41.71 -3.31
C LEU B 1211 65.88 -40.75 -3.29
N THR B 1212 66.94 -41.08 -4.02
CA THR B 1212 68.10 -40.20 -4.13
C THR B 1212 67.72 -38.89 -4.82
N THR B 1213 66.89 -38.96 -5.86
CA THR B 1213 66.47 -37.75 -6.56
C THR B 1213 65.56 -36.88 -5.70
N ILE B 1214 64.62 -37.49 -4.98
CA ILE B 1214 63.70 -36.71 -4.13
C ILE B 1214 64.45 -36.07 -2.97
N ARG B 1215 65.38 -36.81 -2.35
CA ARG B 1215 66.16 -36.23 -1.26
C ARG B 1215 67.24 -35.28 -1.73
N ALA B 1216 67.62 -35.33 -3.01
CA ALA B 1216 68.57 -34.37 -3.55
C ALA B 1216 67.92 -33.01 -3.82
N PHE B 1217 66.65 -32.99 -4.22
CA PHE B 1217 65.91 -31.76 -4.43
C PHE B 1217 65.36 -31.18 -3.14
N ARG B 1218 65.58 -31.86 -1.99
CA ARG B 1218 64.96 -31.55 -0.69
C ARG B 1218 63.44 -31.51 -0.80
N TYR B 1219 62.88 -32.49 -1.53
CA TYR B 1219 61.44 -32.60 -1.74
C TYR B 1219 60.81 -33.68 -0.87
N GLU B 1220 61.34 -33.89 0.34
CA GLU B 1220 60.80 -34.92 1.22
C GLU B 1220 59.43 -34.52 1.75
N ALA B 1221 59.27 -33.26 2.17
CA ALA B 1221 58.02 -32.80 2.76
C ALA B 1221 56.89 -32.76 1.73
N ARG B 1222 57.20 -32.35 0.49
CA ARG B 1222 56.19 -32.30 -0.56
C ARG B 1222 55.68 -33.69 -0.92
N PHE B 1223 56.58 -34.67 -1.00
CA PHE B 1223 56.17 -36.03 -1.31
C PHE B 1223 55.45 -36.69 -0.14
N GLN B 1224 55.82 -36.34 1.10
CA GLN B 1224 55.04 -36.82 2.25
C GLN B 1224 53.64 -36.23 2.26
N GLN B 1225 53.50 -34.96 1.85
CA GLN B 1225 52.18 -34.36 1.71
C GLN B 1225 51.35 -35.04 0.61
N LYS B 1226 52.02 -35.40 -0.49
CA LYS B 1226 51.35 -36.17 -1.55
C LYS B 1226 50.88 -37.53 -1.05
N LEU B 1227 51.69 -38.18 -0.21
CA LEU B 1227 51.27 -39.43 0.42
C LEU B 1227 50.05 -39.22 1.33
N LEU B 1228 50.04 -38.12 2.09
CA LEU B 1228 48.90 -37.81 2.95
C LEU B 1228 47.61 -37.64 2.14
N GLU B 1229 47.71 -36.96 0.98
CA GLU B 1229 46.56 -36.80 0.09
C GLU B 1229 46.07 -38.15 -0.46
N TYR B 1230 47.00 -38.98 -0.94
CA TYR B 1230 46.64 -40.28 -1.51
C TYR B 1230 46.04 -41.22 -0.46
N THR B 1231 46.63 -41.24 0.74
CA THR B 1231 46.15 -42.07 1.84
C THR B 1231 44.77 -41.63 2.29
N ASP B 1232 44.53 -40.31 2.36
CA ASP B 1232 43.21 -39.82 2.74
C ASP B 1232 42.15 -40.19 1.72
N SER B 1233 42.49 -40.10 0.42
CA SER B 1233 41.54 -40.49 -0.63
C SER B 1233 41.18 -41.97 -0.56
N ASN B 1234 42.20 -42.83 -0.43
CA ASN B 1234 41.97 -44.27 -0.34
C ASN B 1234 41.19 -44.65 0.92
N ASN B 1235 41.51 -43.99 2.05
CA ASN B 1235 40.85 -44.30 3.31
C ASN B 1235 39.39 -43.89 3.30
N ILE B 1236 39.06 -42.75 2.70
CA ILE B 1236 37.64 -42.38 2.70
C ILE B 1236 36.84 -43.18 1.66
N ALA B 1237 37.48 -43.62 0.57
CA ALA B 1237 36.81 -44.55 -0.34
C ALA B 1237 36.51 -45.89 0.34
N SER B 1238 37.47 -46.40 1.10
CA SER B 1238 37.25 -47.63 1.86
C SER B 1238 36.21 -47.45 2.96
N LEU B 1239 36.16 -46.27 3.59
CA LEU B 1239 35.17 -46.00 4.62
C LEU B 1239 33.75 -45.95 4.06
N PHE B 1240 33.57 -45.34 2.88
CA PHE B 1240 32.25 -45.32 2.28
C PHE B 1240 31.82 -46.71 1.80
N LEU B 1241 32.77 -47.51 1.32
CA LEU B 1241 32.48 -48.91 0.99
C LEU B 1241 32.06 -49.70 2.22
N THR B 1242 32.75 -49.48 3.35
CA THR B 1242 32.43 -50.13 4.61
C THR B 1242 31.03 -49.75 5.10
N ALA B 1243 30.71 -48.46 5.06
CA ALA B 1243 29.42 -47.99 5.55
C ALA B 1243 28.27 -48.43 4.66
N ALA B 1244 28.51 -48.53 3.34
CA ALA B 1244 27.50 -49.11 2.45
C ALA B 1244 27.26 -50.58 2.76
N ASN B 1245 28.34 -51.33 3.05
CA ASN B 1245 28.20 -52.72 3.46
C ASN B 1245 27.41 -52.84 4.76
N ARG B 1246 27.66 -51.95 5.72
CA ARG B 1246 26.93 -51.97 6.99
C ARG B 1246 25.46 -51.61 6.80
N TRP B 1247 25.17 -50.68 5.88
CA TRP B 1247 23.80 -50.36 5.49
C TRP B 1247 23.05 -51.59 4.98
N LEU B 1248 23.67 -52.30 4.03
CA LEU B 1248 23.07 -53.51 3.48
C LEU B 1248 22.87 -54.59 4.53
N GLU B 1249 23.88 -54.79 5.41
CA GLU B 1249 23.79 -55.84 6.42
C GLU B 1249 22.75 -55.52 7.49
N VAL B 1250 22.58 -54.24 7.84
CA VAL B 1250 21.52 -53.84 8.76
C VAL B 1250 20.15 -54.15 8.17
N ARG B 1251 19.95 -53.83 6.87
CA ARG B 1251 18.68 -54.12 6.22
C ARG B 1251 18.39 -55.63 6.16
N MET B 1252 19.41 -56.43 5.80
CA MET B 1252 19.20 -57.87 5.67
C MET B 1252 18.99 -58.54 7.03
N GLU B 1253 19.69 -58.09 8.07
CA GLU B 1253 19.50 -58.66 9.39
C GLU B 1253 18.16 -58.28 9.99
N TYR B 1254 17.65 -57.08 9.68
CA TYR B 1254 16.30 -56.74 10.13
C TYR B 1254 15.25 -57.57 9.40
N ILE B 1255 15.50 -57.90 8.12
CA ILE B 1255 14.62 -58.82 7.40
C ILE B 1255 14.64 -60.20 8.04
N GLY B 1256 15.82 -60.66 8.48
CA GLY B 1256 15.90 -61.94 9.17
C GLY B 1256 15.17 -61.97 10.51
N ALA B 1257 15.24 -60.86 11.25
CA ALA B 1257 14.45 -60.74 12.48
C ALA B 1257 12.95 -60.75 12.19
N CYS B 1258 12.54 -60.13 11.07
CA CYS B 1258 11.15 -60.21 10.63
C CYS B 1258 10.74 -61.63 10.27
N VAL B 1259 11.66 -62.41 9.67
CA VAL B 1259 11.40 -63.81 9.37
C VAL B 1259 11.14 -64.60 10.65
N VAL B 1260 11.95 -64.36 11.68
CA VAL B 1260 11.77 -65.02 12.98
C VAL B 1260 10.42 -64.65 13.59
N LEU B 1261 10.06 -63.36 13.54
CA LEU B 1261 8.79 -62.91 14.13
C LEU B 1261 7.58 -63.50 13.40
N ILE B 1262 7.63 -63.53 12.07
CA ILE B 1262 6.51 -64.06 11.28
C ILE B 1262 6.35 -65.57 11.49
N ALA B 1263 7.48 -66.31 11.45
CA ALA B 1263 7.42 -67.75 11.66
C ALA B 1263 6.96 -68.11 13.07
N ALA B 1264 7.41 -67.33 14.07
CA ALA B 1264 6.97 -67.54 15.45
C ALA B 1264 5.48 -67.28 15.60
N ALA B 1265 4.97 -66.21 14.99
CA ALA B 1265 3.55 -65.89 15.06
C ALA B 1265 2.70 -66.98 14.43
N THR B 1266 3.11 -67.45 13.24
CA THR B 1266 2.35 -68.49 12.54
C THR B 1266 2.38 -69.81 13.31
N SER B 1267 3.54 -70.21 13.83
CA SER B 1267 3.66 -71.49 14.52
C SER B 1267 2.92 -71.47 15.86
N ILE B 1268 3.01 -70.36 16.60
CA ILE B 1268 2.32 -70.25 17.88
C ILE B 1268 0.81 -70.21 17.68
N SER B 1269 0.33 -69.47 16.66
CA SER B 1269 -1.10 -69.44 16.36
C SER B 1269 -1.61 -70.80 15.92
N ASN B 1270 -0.80 -71.55 15.17
CA ASN B 1270 -1.16 -72.91 14.80
C ASN B 1270 -1.27 -73.79 16.04
N SER B 1271 -0.23 -73.82 16.89
CA SER B 1271 -0.21 -74.71 18.05
C SER B 1271 -1.29 -74.35 19.09
N LEU B 1272 -1.76 -73.10 19.09
CA LEU B 1272 -2.96 -72.79 19.87
C LEU B 1272 -4.26 -73.07 19.13
N HIS B 1273 -4.23 -73.26 17.81
CA HIS B 1273 -5.46 -73.53 17.06
C HIS B 1273 -5.48 -74.90 16.40
N ARG B 1274 -4.45 -75.24 15.62
CA ARG B 1274 -4.39 -76.52 14.89
C ARG B 1274 -3.11 -77.26 15.29
N GLU B 1275 -3.27 -78.41 15.94
CA GLU B 1275 -2.20 -79.02 16.74
C GLU B 1275 -1.00 -79.43 15.89
N LEU B 1276 0.19 -79.00 16.34
CA LEU B 1276 1.46 -79.29 15.67
C LEU B 1276 2.34 -80.20 16.52
N SER B 1277 1.75 -80.87 17.52
CA SER B 1277 2.37 -81.80 18.47
C SER B 1277 3.43 -81.15 19.36
N ALA B 1278 3.55 -79.82 19.34
CA ALA B 1278 4.49 -79.00 20.12
C ALA B 1278 5.95 -79.38 19.91
N GLY B 1279 6.28 -80.09 18.82
CA GLY B 1279 7.66 -80.44 18.54
C GLY B 1279 8.13 -79.88 17.22
N LEU B 1280 7.21 -79.75 16.26
CA LEU B 1280 7.51 -79.09 14.99
C LEU B 1280 7.67 -77.59 15.17
N VAL B 1281 7.08 -77.03 16.23
CA VAL B 1281 7.25 -75.61 16.54
C VAL B 1281 8.70 -75.31 16.90
N GLY B 1282 9.31 -76.17 17.72
CA GLY B 1282 10.71 -76.01 18.04
C GLY B 1282 11.61 -76.15 16.84
N LEU B 1283 11.25 -77.06 15.92
CA LEU B 1283 11.96 -77.23 14.66
C LEU B 1283 11.91 -75.96 13.82
N GLY B 1284 10.71 -75.39 13.68
CA GLY B 1284 10.55 -74.17 12.90
C GLY B 1284 11.25 -72.96 13.50
N LEU B 1285 11.18 -72.82 14.82
CA LEU B 1285 11.86 -71.71 15.50
C LEU B 1285 13.38 -71.84 15.44
N THR B 1286 13.88 -73.07 15.61
CA THR B 1286 15.32 -73.32 15.57
C THR B 1286 15.89 -73.08 14.18
N TYR B 1287 15.10 -73.33 13.12
CA TYR B 1287 15.58 -72.96 11.79
C TYR B 1287 15.30 -71.50 11.44
N ALA B 1288 14.30 -70.86 12.06
CA ALA B 1288 14.06 -69.44 11.82
C ALA B 1288 15.19 -68.59 12.37
N LEU B 1289 15.73 -68.97 13.54
CA LEU B 1289 16.92 -68.30 14.06
C LEU B 1289 18.11 -68.46 13.11
N MET B 1290 18.18 -69.59 12.40
CA MET B 1290 19.23 -69.75 11.39
C MET B 1290 18.99 -68.87 10.17
N VAL B 1291 17.72 -68.59 9.82
CA VAL B 1291 17.47 -67.59 8.78
C VAL B 1291 17.99 -66.23 9.21
N SER B 1292 17.72 -65.87 10.47
CA SER B 1292 18.17 -64.58 11.00
C SER B 1292 19.69 -64.49 11.09
N ASN B 1293 20.37 -65.60 11.32
CA ASN B 1293 21.83 -65.59 11.38
C ASN B 1293 22.49 -65.73 10.01
N TYR B 1294 21.85 -66.40 9.06
CA TYR B 1294 22.52 -66.84 7.85
C TYR B 1294 22.06 -66.16 6.57
N LEU B 1295 20.95 -65.40 6.58
CA LEU B 1295 20.59 -64.62 5.40
C LEU B 1295 21.64 -63.56 5.10
N ASN B 1296 22.10 -62.87 6.15
CA ASN B 1296 23.15 -61.87 6.00
C ASN B 1296 24.47 -62.52 5.57
N TRP B 1297 24.78 -63.69 6.13
CA TRP B 1297 26.03 -64.37 5.78
C TRP B 1297 25.99 -64.89 4.34
N MET B 1298 24.81 -65.32 3.86
CA MET B 1298 24.67 -65.75 2.48
C MET B 1298 24.84 -64.59 1.52
N VAL B 1299 24.24 -63.43 1.82
CA VAL B 1299 24.38 -62.26 0.95
C VAL B 1299 25.83 -61.75 0.95
N ARG B 1300 26.46 -61.75 2.13
CA ARG B 1300 27.86 -61.34 2.25
C ARG B 1300 28.79 -62.27 1.47
N ASN B 1301 28.56 -63.58 1.56
CA ASN B 1301 29.37 -64.54 0.83
C ASN B 1301 29.12 -64.47 -0.68
N LEU B 1302 27.90 -64.12 -1.09
CA LEU B 1302 27.63 -63.93 -2.52
C LEU B 1302 28.39 -62.72 -3.07
N ALA B 1303 28.41 -61.61 -2.34
CA ALA B 1303 29.18 -60.44 -2.77
C ALA B 1303 30.68 -60.73 -2.78
N ASP B 1304 31.16 -61.46 -1.75
CA ASP B 1304 32.56 -61.86 -1.70
C ASP B 1304 32.92 -62.77 -2.87
N MET B 1305 32.04 -63.73 -3.20
CA MET B 1305 32.26 -64.65 -4.32
C MET B 1305 32.27 -63.91 -5.65
N GLU B 1306 31.46 -62.85 -5.79
CA GLU B 1306 31.53 -62.01 -6.97
C GLU B 1306 32.88 -61.32 -7.11
N ILE B 1307 33.44 -60.83 -5.99
CA ILE B 1307 34.77 -60.20 -6.04
C ILE B 1307 35.87 -61.23 -6.37
N GLN B 1308 35.76 -62.43 -5.79
CA GLN B 1308 36.72 -63.50 -6.07
C GLN B 1308 36.64 -63.93 -7.54
N LEU B 1309 35.44 -64.01 -8.09
CA LEU B 1309 35.27 -64.31 -9.51
C LEU B 1309 35.78 -63.18 -10.39
N GLY B 1310 35.77 -61.94 -9.89
CA GLY B 1310 36.44 -60.86 -10.59
C GLY B 1310 37.94 -61.08 -10.68
N ALA B 1311 38.55 -61.59 -9.60
CA ALA B 1311 39.98 -61.94 -9.65
C ALA B 1311 40.25 -63.06 -10.65
N VAL B 1312 39.39 -64.09 -10.67
CA VAL B 1312 39.53 -65.19 -11.63
C VAL B 1312 39.32 -64.68 -13.06
N LYS B 1313 38.41 -63.71 -13.22
CA LYS B 1313 38.14 -63.09 -14.52
C LYS B 1313 39.35 -62.32 -15.04
N ARG B 1314 40.04 -61.61 -14.15
CA ARG B 1314 41.27 -60.91 -14.55
C ARG B 1314 42.37 -61.89 -14.96
N ILE B 1315 42.49 -63.00 -14.23
CA ILE B 1315 43.50 -64.01 -14.59
C ILE B 1315 43.16 -64.67 -15.93
N HIS B 1316 41.87 -64.93 -16.19
CA HIS B 1316 41.49 -65.50 -17.47
C HIS B 1316 41.63 -64.50 -18.62
N ALA B 1317 41.42 -63.21 -18.35
CA ALA B 1317 41.63 -62.19 -19.37
C ALA B 1317 43.11 -62.08 -19.74
N LEU B 1318 44.00 -62.21 -18.75
CA LEU B 1318 45.42 -62.31 -19.08
C LEU B 1318 45.78 -63.66 -19.69
N LEU B 1319 44.95 -64.68 -19.50
CA LEU B 1319 45.24 -66.02 -20.02
C LEU B 1319 44.96 -66.16 -21.51
N LYS B 1320 44.15 -65.27 -22.09
CA LYS B 1320 43.78 -65.34 -23.49
C LYS B 1320 44.67 -64.49 -24.39
N THR B 1321 45.79 -63.97 -23.86
CA THR B 1321 46.70 -63.18 -24.67
C THR B 1321 47.41 -64.06 -25.69
N GLU B 1322 47.66 -63.49 -26.87
CA GLU B 1322 48.26 -64.24 -27.97
C GLU B 1322 49.71 -64.58 -27.67
N ALA B 1323 50.17 -65.68 -28.26
CA ALA B 1323 51.52 -66.18 -28.09
C ALA B 1323 52.27 -66.13 -29.41
N GLU B 1324 53.60 -66.02 -29.32
CA GLU B 1324 54.44 -66.08 -30.51
C GLU B 1324 54.44 -67.50 -31.08
N SER B 1325 54.70 -67.60 -32.38
CA SER B 1325 54.70 -68.89 -33.07
C SER B 1325 56.08 -69.50 -32.93
N TYR B 1326 56.23 -70.36 -31.92
CA TYR B 1326 57.50 -71.04 -31.64
C TYR B 1326 57.68 -72.31 -32.45
N GLU B 1327 56.69 -72.70 -33.27
CA GLU B 1327 56.76 -73.98 -33.96
C GLU B 1327 57.78 -73.97 -35.10
N GLY B 1328 57.68 -73.00 -36.00
CA GLY B 1328 58.58 -72.93 -37.12
C GLY B 1328 58.19 -73.87 -38.26
N LEU B 1329 58.23 -73.36 -39.49
CA LEU B 1329 57.80 -74.16 -40.64
C LEU B 1329 58.84 -75.19 -41.06
N LEU B 1330 60.13 -74.88 -40.89
CA LEU B 1330 61.18 -75.80 -41.30
C LEU B 1330 61.26 -76.98 -40.33
N ALA B 1331 61.59 -78.14 -40.89
CA ALA B 1331 61.73 -79.35 -40.09
C ALA B 1331 62.98 -79.26 -39.20
N PRO B 1332 62.93 -79.83 -37.98
CA PRO B 1332 64.12 -79.82 -37.13
C PRO B 1332 65.27 -80.65 -37.67
N SER B 1333 64.99 -81.66 -38.49
CA SER B 1333 66.07 -82.43 -39.12
C SER B 1333 66.77 -81.63 -40.22
N LEU B 1334 66.05 -80.71 -40.86
CA LEU B 1334 66.67 -79.86 -41.88
C LEU B 1334 67.62 -78.85 -41.27
N ILE B 1335 67.40 -78.47 -40.02
CA ILE B 1335 68.34 -77.59 -39.32
C ILE B 1335 69.58 -78.40 -38.93
N PRO B 1336 70.80 -77.97 -39.30
CA PRO B 1336 71.99 -78.67 -38.85
C PRO B 1336 72.26 -78.44 -37.37
N LYS B 1337 73.27 -79.16 -36.85
CA LYS B 1337 73.64 -79.04 -35.45
C LYS B 1337 74.22 -77.67 -35.14
N ASN B 1338 74.98 -77.11 -36.08
CA ASN B 1338 75.42 -75.72 -36.02
C ASN B 1338 74.97 -75.05 -37.31
N TRP B 1339 73.70 -74.60 -37.32
CA TRP B 1339 73.15 -73.91 -38.48
C TRP B 1339 73.76 -72.53 -38.73
N PRO B 1340 74.32 -71.80 -37.71
CA PRO B 1340 75.32 -70.78 -38.15
C PRO B 1340 76.71 -71.40 -38.26
N ASP B 1341 76.92 -72.09 -39.39
CA ASP B 1341 78.17 -72.82 -39.60
C ASP B 1341 79.36 -71.88 -39.79
N GLN B 1342 79.17 -70.76 -40.48
CA GLN B 1342 80.21 -69.76 -40.69
C GLN B 1342 79.77 -68.34 -40.37
N GLY B 1343 78.47 -68.01 -40.41
CA GLY B 1343 78.01 -66.67 -40.07
C GLY B 1343 77.64 -65.76 -41.23
N LYS B 1344 77.34 -66.32 -42.40
CA LYS B 1344 76.90 -65.52 -43.54
C LYS B 1344 75.49 -64.99 -43.30
N ILE B 1345 75.29 -63.71 -43.59
CA ILE B 1345 74.00 -63.07 -43.42
C ILE B 1345 73.61 -62.41 -44.74
N GLN B 1346 72.46 -62.81 -45.30
CA GLN B 1346 71.88 -62.13 -46.44
C GLN B 1346 70.59 -61.47 -45.98
N ILE B 1347 70.39 -60.22 -46.39
CA ILE B 1347 69.18 -59.48 -46.09
C ILE B 1347 68.61 -59.01 -47.40
N GLN B 1348 67.41 -59.50 -47.74
CA GLN B 1348 66.82 -59.31 -49.06
C GLN B 1348 65.49 -58.57 -48.89
N ASN B 1349 65.49 -57.28 -49.25
CA ASN B 1349 64.30 -56.41 -49.31
C ASN B 1349 63.58 -56.34 -47.96
N LEU B 1350 64.35 -56.34 -46.88
CA LEU B 1350 63.76 -56.40 -45.54
C LEU B 1350 63.12 -55.07 -45.18
N SER B 1351 61.86 -55.13 -44.75
CA SER B 1351 61.18 -53.98 -44.18
C SER B 1351 60.44 -54.45 -42.95
N VAL B 1352 60.77 -53.87 -41.79
CA VAL B 1352 60.23 -54.33 -40.53
C VAL B 1352 59.39 -53.23 -39.91
N ARG B 1353 58.42 -53.65 -39.09
CA ARG B 1353 57.62 -52.75 -38.27
C ARG B 1353 57.41 -53.44 -36.93
N TYR B 1354 56.73 -52.75 -36.01
CA TYR B 1354 56.50 -53.31 -34.69
C TYR B 1354 55.08 -53.84 -34.51
N ASP B 1355 54.13 -53.38 -35.31
CA ASP B 1355 52.74 -53.83 -35.22
C ASP B 1355 52.07 -53.57 -36.55
N SER B 1356 50.93 -54.22 -36.77
CA SER B 1356 50.10 -53.92 -37.92
C SER B 1356 49.53 -52.50 -37.81
N SER B 1357 49.32 -51.87 -38.97
CA SER B 1357 48.90 -50.47 -39.11
C SER B 1357 49.84 -49.52 -38.38
N LEU B 1358 51.14 -49.79 -38.50
CA LEU B 1358 52.19 -48.94 -37.94
C LEU B 1358 53.22 -48.66 -39.00
N LYS B 1359 53.93 -47.54 -38.85
CA LYS B 1359 54.92 -47.13 -39.84
C LYS B 1359 56.11 -48.08 -39.83
N PRO B 1360 56.59 -48.53 -41.00
CA PRO B 1360 57.76 -49.41 -41.04
C PRO B 1360 59.02 -48.67 -40.64
N VAL B 1361 59.67 -49.14 -39.57
CA VAL B 1361 60.87 -48.48 -39.06
C VAL B 1361 62.09 -48.75 -39.92
N LEU B 1362 62.06 -49.81 -40.73
CA LEU B 1362 63.06 -50.05 -41.77
C LEU B 1362 62.34 -50.18 -43.10
N LYS B 1363 62.91 -49.55 -44.14
CA LYS B 1363 62.28 -49.50 -45.46
C LYS B 1363 63.26 -50.04 -46.49
N HIS B 1364 62.96 -51.22 -47.03
CA HIS B 1364 63.66 -51.86 -48.15
C HIS B 1364 65.15 -52.06 -47.86
N VAL B 1365 65.44 -52.62 -46.70
CA VAL B 1365 66.82 -52.89 -46.30
C VAL B 1365 67.33 -54.10 -47.07
N ASN B 1366 68.47 -53.93 -47.73
CA ASN B 1366 69.06 -54.99 -48.56
C ASN B 1366 70.57 -54.93 -48.40
N ALA B 1367 71.15 -56.01 -47.88
CA ALA B 1367 72.59 -56.03 -47.62
C ALA B 1367 73.10 -57.47 -47.64
N LEU B 1368 74.42 -57.59 -47.76
CA LEU B 1368 75.09 -58.88 -47.66
C LEU B 1368 76.26 -58.76 -46.70
N ILE B 1369 76.41 -59.76 -45.83
CA ILE B 1369 77.47 -59.85 -44.85
C ILE B 1369 78.16 -61.19 -45.06
N SER B 1370 79.38 -61.15 -45.58
CA SER B 1370 80.20 -62.34 -45.70
C SER B 1370 80.58 -62.84 -44.31
N PRO B 1371 80.76 -64.16 -44.13
CA PRO B 1371 81.17 -64.67 -42.82
C PRO B 1371 82.55 -64.20 -42.41
N GLY B 1372 82.67 -63.87 -41.12
CA GLY B 1372 83.90 -63.32 -40.58
C GLY B 1372 84.06 -61.82 -40.75
N GLN B 1373 83.11 -61.15 -41.40
CA GLN B 1373 83.19 -59.71 -41.61
C GLN B 1373 82.65 -58.95 -40.41
N LYS B 1374 83.21 -57.77 -40.19
CA LYS B 1374 82.77 -56.88 -39.12
C LYS B 1374 82.00 -55.71 -39.74
N ILE B 1375 80.77 -55.54 -39.28
CA ILE B 1375 79.83 -54.56 -39.84
C ILE B 1375 79.55 -53.53 -38.75
N GLY B 1376 79.95 -52.28 -39.00
CA GLY B 1376 79.68 -51.20 -38.09
C GLY B 1376 78.49 -50.38 -38.58
N ILE B 1377 77.50 -50.21 -37.71
CA ILE B 1377 76.24 -49.56 -38.06
C ILE B 1377 76.18 -48.22 -37.36
N CYS B 1378 75.97 -47.15 -38.13
CA CYS B 1378 75.92 -45.81 -37.58
C CYS B 1378 74.74 -45.02 -38.15
N GLY B 1379 74.27 -44.08 -37.35
CA GLY B 1379 73.16 -43.22 -37.73
C GLY B 1379 72.69 -42.44 -36.51
N ARG B 1380 71.78 -41.51 -36.78
CA ARG B 1380 71.20 -40.72 -35.70
C ARG B 1380 70.18 -41.55 -34.92
N THR B 1381 69.82 -41.04 -33.74
CA THR B 1381 68.86 -41.74 -32.89
C THR B 1381 67.47 -41.67 -33.51
N GLY B 1382 66.82 -42.82 -33.64
CA GLY B 1382 65.55 -42.93 -34.32
C GLY B 1382 65.62 -43.38 -35.76
N SER B 1383 66.77 -43.87 -36.21
CA SER B 1383 66.96 -44.28 -37.59
C SER B 1383 66.74 -45.78 -37.80
N GLY B 1384 66.21 -46.48 -36.80
CA GLY B 1384 65.87 -47.88 -36.97
C GLY B 1384 67.04 -48.85 -36.92
N LYS B 1385 68.12 -48.50 -36.23
CA LYS B 1385 69.29 -49.36 -36.20
C LYS B 1385 69.29 -50.33 -35.02
N SER B 1386 68.43 -50.13 -34.02
CA SER B 1386 68.18 -51.15 -33.01
C SER B 1386 67.12 -52.15 -33.44
N SER B 1387 66.14 -51.69 -34.23
CA SER B 1387 65.19 -52.61 -34.85
C SER B 1387 65.87 -53.51 -35.87
N PHE B 1388 66.95 -53.01 -36.49
CA PHE B 1388 67.80 -53.84 -37.33
C PHE B 1388 68.40 -55.00 -36.55
N SER B 1389 68.89 -54.73 -35.34
CA SER B 1389 69.44 -55.77 -34.48
C SER B 1389 68.34 -56.73 -34.02
N LEU B 1390 67.15 -56.21 -33.72
CA LEU B 1390 66.04 -57.06 -33.30
C LEU B 1390 65.45 -57.87 -34.44
N ALA B 1391 65.72 -57.48 -35.70
CA ALA B 1391 65.20 -58.23 -36.85
C ALA B 1391 65.80 -59.62 -36.97
N PHE B 1392 67.05 -59.81 -36.51
CA PHE B 1392 67.67 -61.13 -36.59
C PHE B 1392 67.09 -62.11 -35.59
N PHE B 1393 66.45 -61.62 -34.53
CA PHE B 1393 65.86 -62.48 -33.52
C PHE B 1393 64.34 -62.60 -33.65
N ARG B 1394 63.78 -62.04 -34.73
CA ARG B 1394 62.34 -61.99 -35.01
C ARG B 1394 61.55 -61.36 -33.86
N MET B 1395 62.10 -60.29 -33.30
CA MET B 1395 61.43 -59.49 -32.28
C MET B 1395 60.61 -58.36 -32.88
N VAL B 1396 60.65 -58.20 -34.20
CA VAL B 1396 59.89 -57.19 -34.92
C VAL B 1396 59.08 -57.89 -36.01
N ASP B 1397 58.05 -57.20 -36.50
CA ASP B 1397 57.17 -57.76 -37.52
C ASP B 1397 57.83 -57.56 -38.87
N MET B 1398 58.44 -58.62 -39.40
CA MET B 1398 59.01 -58.61 -40.75
C MET B 1398 57.88 -58.88 -41.74
N PHE B 1399 57.14 -57.82 -42.07
CA PHE B 1399 55.99 -57.97 -42.95
C PHE B 1399 56.39 -58.22 -44.41
N GLU B 1400 57.60 -57.82 -44.80
CA GLU B 1400 58.15 -58.20 -46.10
C GLU B 1400 59.67 -58.25 -46.00
N GLY B 1401 60.27 -59.08 -46.84
CA GLY B 1401 61.70 -59.27 -46.87
C GLY B 1401 62.13 -60.50 -46.10
N ARG B 1402 63.36 -60.93 -46.37
CA ARG B 1402 63.89 -62.15 -45.78
C ARG B 1402 65.28 -61.89 -45.20
N ILE B 1403 65.59 -62.62 -44.13
CA ILE B 1403 66.92 -62.65 -43.53
C ILE B 1403 67.39 -64.10 -43.61
N ILE B 1404 68.22 -64.39 -44.61
CA ILE B 1404 68.72 -65.74 -44.85
C ILE B 1404 70.10 -65.85 -44.20
N ILE B 1405 70.24 -66.72 -43.22
CA ILE B 1405 71.51 -66.94 -42.55
C ILE B 1405 71.98 -68.34 -42.87
N ASP B 1406 73.13 -68.43 -43.58
CA ASP B 1406 73.76 -69.68 -44.01
C ASP B 1406 72.80 -70.56 -44.83
N GLY B 1407 72.08 -69.93 -45.75
CA GLY B 1407 71.18 -70.66 -46.64
C GLY B 1407 69.82 -70.96 -46.05
N ILE B 1408 69.53 -70.55 -44.82
CA ILE B 1408 68.28 -70.86 -44.15
C ILE B 1408 67.57 -69.55 -43.80
N ASP B 1409 66.33 -69.41 -44.25
CA ASP B 1409 65.50 -68.30 -43.84
C ASP B 1409 65.11 -68.44 -42.37
N ILE B 1410 65.30 -67.38 -41.60
CA ILE B 1410 65.06 -67.46 -40.16
C ILE B 1410 63.58 -67.43 -39.81
N ALA B 1411 62.70 -67.03 -40.74
CA ALA B 1411 61.27 -67.10 -40.50
C ALA B 1411 60.76 -68.53 -40.49
N LYS B 1412 61.47 -69.46 -41.13
CA LYS B 1412 61.10 -70.87 -41.12
C LYS B 1412 61.50 -71.59 -39.84
N LEU B 1413 62.34 -70.98 -39.00
CA LEU B 1413 62.93 -71.64 -37.86
C LEU B 1413 62.11 -71.39 -36.58
N PRO B 1414 62.20 -72.30 -35.62
CA PRO B 1414 61.65 -72.01 -34.29
C PRO B 1414 62.38 -70.87 -33.61
N LEU B 1415 61.65 -70.18 -32.72
CA LEU B 1415 62.21 -68.99 -32.08
C LEU B 1415 63.30 -69.34 -31.08
N HIS B 1416 63.17 -70.46 -30.36
CA HIS B 1416 64.24 -70.88 -29.46
C HIS B 1416 65.46 -71.34 -30.25
N THR B 1417 65.23 -72.01 -31.39
CA THR B 1417 66.32 -72.41 -32.27
C THR B 1417 67.05 -71.19 -32.85
N LEU B 1418 66.30 -70.15 -33.22
CA LEU B 1418 66.91 -68.95 -33.78
C LEU B 1418 67.64 -68.15 -32.72
N ARG B 1419 67.01 -67.95 -31.55
CA ARG B 1419 67.55 -67.07 -30.52
C ARG B 1419 68.57 -67.77 -29.62
N SER B 1420 68.76 -69.08 -29.75
CA SER B 1420 69.78 -69.75 -28.96
C SER B 1420 71.15 -69.79 -29.61
N ARG B 1421 71.23 -69.65 -30.95
CA ARG B 1421 72.50 -69.72 -31.65
C ARG B 1421 73.06 -68.36 -32.04
N LEU B 1422 72.43 -67.26 -31.60
CA LEU B 1422 72.90 -65.92 -31.88
C LEU B 1422 73.04 -65.16 -30.58
N SER B 1423 74.04 -64.29 -30.46
CA SER B 1423 74.19 -63.50 -29.24
C SER B 1423 73.96 -62.02 -29.54
N ILE B 1424 73.32 -61.34 -28.59
CA ILE B 1424 73.05 -59.91 -28.70
C ILE B 1424 73.42 -59.25 -27.37
N ILE B 1425 73.97 -58.04 -27.45
CA ILE B 1425 74.25 -57.23 -26.27
C ILE B 1425 73.44 -55.94 -26.40
N LEU B 1426 72.42 -55.80 -25.57
CA LEU B 1426 71.60 -54.60 -25.57
C LEU B 1426 72.36 -53.42 -24.96
N GLN B 1427 71.90 -52.22 -25.29
CA GLN B 1427 72.50 -51.00 -24.73
C GLN B 1427 72.22 -50.88 -23.24
N ASP B 1428 71.00 -51.20 -22.82
CA ASP B 1428 70.63 -51.10 -21.41
C ASP B 1428 70.88 -52.44 -20.72
N PRO B 1429 71.67 -52.48 -19.65
CA PRO B 1429 71.96 -53.76 -19.00
C PRO B 1429 70.77 -54.28 -18.20
N VAL B 1430 70.60 -55.60 -18.21
CA VAL B 1430 69.57 -56.28 -17.44
C VAL B 1430 70.24 -57.37 -16.62
N LEU B 1431 70.29 -57.19 -15.31
CA LEU B 1431 70.88 -58.15 -14.40
C LEU B 1431 69.80 -58.73 -13.48
N PHE B 1432 70.06 -59.95 -13.00
CA PHE B 1432 69.13 -60.66 -12.13
C PHE B 1432 69.80 -60.95 -10.79
N SER B 1433 68.96 -61.16 -9.77
CA SER B 1433 69.45 -61.48 -8.44
C SER B 1433 70.03 -62.89 -8.42
N GLY B 1434 71.21 -63.03 -7.84
CA GLY B 1434 71.91 -64.29 -7.78
C GLY B 1434 73.40 -64.05 -7.90
N THR B 1435 74.13 -65.14 -8.12
CA THR B 1435 75.58 -65.06 -8.23
C THR B 1435 75.99 -64.53 -9.60
N ILE B 1436 77.28 -64.23 -9.73
CA ILE B 1436 77.87 -63.87 -11.02
C ILE B 1436 77.81 -65.06 -11.97
N ARG B 1437 78.04 -66.27 -11.45
CA ARG B 1437 77.95 -67.49 -12.23
C ARG B 1437 76.54 -67.72 -12.76
N PHE B 1438 75.52 -67.40 -11.95
CA PHE B 1438 74.14 -67.54 -12.40
C PHE B 1438 73.79 -66.52 -13.47
N ASN B 1439 74.35 -65.30 -13.38
CA ASN B 1439 74.05 -64.29 -14.38
C ASN B 1439 74.75 -64.59 -15.71
N LEU B 1440 76.01 -65.05 -15.66
CA LEU B 1440 76.69 -65.42 -16.90
C LEU B 1440 76.16 -66.74 -17.45
N ASP B 1441 75.97 -67.74 -16.59
CA ASP B 1441 75.57 -69.08 -17.02
C ASP B 1441 74.41 -69.56 -16.14
N PRO B 1442 73.17 -69.23 -16.49
CA PRO B 1442 72.04 -69.68 -15.67
C PRO B 1442 71.73 -71.16 -15.83
N GLU B 1443 72.00 -71.74 -16.98
CA GLU B 1443 71.73 -73.16 -17.23
C GLU B 1443 72.90 -74.06 -16.83
N LYS B 1444 74.00 -73.47 -16.32
CA LYS B 1444 75.19 -74.16 -15.83
C LYS B 1444 75.80 -75.08 -16.90
N LYS B 1445 75.85 -74.59 -18.14
CA LYS B 1445 76.35 -75.36 -19.27
C LYS B 1445 77.82 -75.10 -19.59
N CYS B 1446 78.48 -74.22 -18.84
CA CYS B 1446 79.86 -73.87 -19.11
C CYS B 1446 80.68 -73.91 -17.81
N SER B 1447 81.96 -74.24 -17.96
CA SER B 1447 82.86 -74.39 -16.83
C SER B 1447 83.35 -73.03 -16.34
N ASP B 1448 84.14 -73.06 -15.26
CA ASP B 1448 84.63 -71.82 -14.65
C ASP B 1448 85.66 -71.12 -15.53
N SER B 1449 86.43 -71.87 -16.32
CA SER B 1449 87.43 -71.26 -17.20
C SER B 1449 86.77 -70.44 -18.30
N THR B 1450 85.64 -70.92 -18.82
CA THR B 1450 84.89 -70.15 -19.82
C THR B 1450 84.32 -68.87 -19.22
N LEU B 1451 83.82 -68.94 -17.98
CA LEU B 1451 83.32 -67.75 -17.29
C LEU B 1451 84.43 -66.76 -17.02
N TRP B 1452 85.62 -67.24 -16.64
CA TRP B 1452 86.74 -66.34 -16.40
C TRP B 1452 87.28 -65.72 -17.69
N GLU B 1453 87.24 -66.47 -18.81
CA GLU B 1453 87.60 -65.88 -20.09
C GLU B 1453 86.60 -64.81 -20.51
N ALA B 1454 85.31 -65.05 -20.27
CA ALA B 1454 84.28 -64.06 -20.58
C ALA B 1454 84.43 -62.81 -19.73
N LEU B 1455 84.78 -62.98 -18.45
CA LEU B 1455 85.01 -61.83 -17.58
C LEU B 1455 86.30 -61.09 -17.93
N GLU B 1456 87.33 -61.82 -18.37
CA GLU B 1456 88.60 -61.19 -18.72
C GLU B 1456 88.50 -60.38 -20.01
N ILE B 1457 87.71 -60.88 -20.97
CA ILE B 1457 87.46 -60.11 -22.20
C ILE B 1457 86.66 -58.85 -21.87
N ALA B 1458 85.67 -58.97 -21.00
CA ALA B 1458 84.82 -57.84 -20.60
C ALA B 1458 85.43 -56.98 -19.48
N GLN B 1459 86.76 -57.09 -19.26
CA GLN B 1459 87.51 -56.26 -18.32
C GLN B 1459 86.99 -56.36 -16.89
N LEU B 1460 86.58 -57.57 -16.50
CA LEU B 1460 86.03 -57.81 -15.17
C LEU B 1460 86.78 -58.90 -14.42
N LYS B 1461 87.99 -59.25 -14.87
CA LYS B 1461 88.77 -60.26 -14.16
C LYS B 1461 89.21 -59.75 -12.79
N LEU B 1462 89.77 -58.54 -12.74
CA LEU B 1462 90.28 -57.97 -11.50
C LEU B 1462 89.13 -57.59 -10.57
N VAL B 1463 88.01 -57.12 -11.13
CA VAL B 1463 86.88 -56.68 -10.31
C VAL B 1463 86.22 -57.88 -9.62
N VAL B 1464 85.94 -58.94 -10.37
CA VAL B 1464 85.32 -60.13 -9.81
C VAL B 1464 86.28 -60.87 -8.89
N LYS B 1465 87.57 -60.90 -9.26
CA LYS B 1465 88.57 -61.52 -8.38
C LYS B 1465 88.77 -60.74 -7.08
N ALA B 1466 88.51 -59.42 -7.10
CA ALA B 1466 88.61 -58.64 -5.87
C ALA B 1466 87.46 -58.91 -4.92
N LEU B 1467 86.31 -59.33 -5.45
CA LEU B 1467 85.18 -59.69 -4.61
C LEU B 1467 85.48 -60.99 -3.84
N PRO B 1468 85.04 -61.09 -2.57
CA PRO B 1468 85.46 -62.24 -1.76
C PRO B 1468 84.82 -63.56 -2.18
N GLY B 1469 83.63 -63.53 -2.76
CA GLY B 1469 83.02 -64.77 -3.23
C GLY B 1469 83.60 -65.28 -4.53
N GLY B 1470 84.17 -64.40 -5.34
CA GLY B 1470 84.66 -64.79 -6.66
C GLY B 1470 83.53 -64.85 -7.67
N LEU B 1471 83.37 -66.01 -8.31
CA LEU B 1471 82.22 -66.23 -9.18
C LEU B 1471 80.92 -66.41 -8.41
N ASP B 1472 81.00 -66.65 -7.10
CA ASP B 1472 79.83 -66.78 -6.23
C ASP B 1472 79.43 -65.46 -5.58
N ALA B 1473 80.04 -64.35 -6.01
CA ALA B 1473 79.68 -63.04 -5.47
C ALA B 1473 78.27 -62.66 -5.90
N ILE B 1474 77.49 -62.16 -4.95
CA ILE B 1474 76.05 -61.97 -5.17
C ILE B 1474 75.81 -60.67 -5.93
N ILE B 1475 75.12 -60.77 -7.05
CA ILE B 1475 74.59 -59.61 -7.75
C ILE B 1475 73.17 -59.35 -7.23
N THR B 1476 72.91 -58.13 -6.80
CA THR B 1476 71.61 -57.78 -6.24
C THR B 1476 70.56 -57.61 -7.35
N GLU B 1477 69.35 -57.25 -6.95
CA GLU B 1477 68.25 -57.08 -7.90
C GLU B 1477 68.50 -55.85 -8.76
N GLY B 1478 68.71 -56.06 -10.06
CA GLY B 1478 69.07 -54.99 -10.94
C GLY B 1478 70.53 -54.61 -10.93
N GLY B 1479 71.37 -55.37 -10.23
CA GLY B 1479 72.80 -55.10 -10.14
C GLY B 1479 73.17 -53.82 -9.41
N GLU B 1480 72.44 -53.50 -8.34
CA GLU B 1480 72.63 -52.23 -7.64
C GLU B 1480 73.93 -52.15 -6.85
N ASN B 1481 74.59 -53.28 -6.61
CA ASN B 1481 75.89 -53.29 -5.94
C ASN B 1481 77.05 -53.04 -6.91
N PHE B 1482 76.77 -52.86 -8.20
CA PHE B 1482 77.78 -52.55 -9.19
C PHE B 1482 77.40 -51.26 -9.91
N SER B 1483 78.38 -50.67 -10.59
CA SER B 1483 78.16 -49.46 -11.36
C SER B 1483 77.45 -49.78 -12.67
N GLN B 1484 77.00 -48.73 -13.36
CA GLN B 1484 76.33 -48.87 -14.66
C GLN B 1484 77.27 -49.49 -15.69
N GLY B 1485 78.52 -49.03 -15.72
CA GLY B 1485 79.50 -49.62 -16.60
C GLY B 1485 79.84 -51.05 -16.23
N GLN B 1486 79.90 -51.36 -14.93
CA GLN B 1486 80.19 -52.73 -14.50
C GLN B 1486 79.01 -53.66 -14.77
N ARG B 1487 77.77 -53.15 -14.63
CA ARG B 1487 76.59 -53.92 -15.02
C ARG B 1487 76.59 -54.22 -16.51
N GLN B 1488 76.95 -53.23 -17.32
CA GLN B 1488 77.00 -53.43 -18.77
C GLN B 1488 78.13 -54.39 -19.17
N LEU B 1489 79.26 -54.32 -18.48
CA LEU B 1489 80.34 -55.28 -18.71
C LEU B 1489 79.95 -56.68 -18.27
N PHE B 1490 79.12 -56.80 -17.22
CA PHE B 1490 78.58 -58.10 -16.83
C PHE B 1490 77.67 -58.66 -17.91
N CYS B 1491 76.87 -57.79 -18.56
CA CYS B 1491 76.03 -58.26 -19.67
C CYS B 1491 76.86 -58.64 -20.89
N LEU B 1492 77.95 -57.91 -21.14
CA LEU B 1492 78.88 -58.25 -22.21
C LEU B 1492 79.53 -59.62 -21.96
N ALA B 1493 79.99 -59.85 -20.72
CA ALA B 1493 80.53 -61.15 -20.34
C ALA B 1493 79.47 -62.25 -20.36
N ARG B 1494 78.21 -61.89 -20.11
CA ARG B 1494 77.10 -62.83 -20.24
C ARG B 1494 76.94 -63.30 -21.68
N ALA B 1495 77.12 -62.37 -22.63
CA ALA B 1495 77.08 -62.78 -24.03
C ALA B 1495 78.34 -63.53 -24.45
N PHE B 1496 79.48 -63.25 -23.81
CA PHE B 1496 80.72 -63.92 -24.22
C PHE B 1496 80.78 -65.38 -23.78
N VAL B 1497 79.91 -65.81 -22.87
CA VAL B 1497 79.86 -67.20 -22.44
C VAL B 1497 79.32 -68.09 -23.56
N ARG B 1498 78.35 -67.59 -24.33
CA ARG B 1498 77.58 -68.41 -25.26
C ARG B 1498 78.43 -68.94 -26.41
N LYS B 1499 79.37 -68.13 -26.90
CA LYS B 1499 80.37 -68.50 -27.91
C LYS B 1499 79.71 -68.97 -29.22
N THR B 1500 78.91 -68.08 -29.79
CA THR B 1500 78.15 -68.37 -31.00
C THR B 1500 78.99 -68.05 -32.25
N SER B 1501 78.33 -68.02 -33.40
CA SER B 1501 78.96 -67.59 -34.64
C SER B 1501 78.60 -66.17 -35.04
N ILE B 1502 77.49 -65.63 -34.55
CA ILE B 1502 77.05 -64.28 -34.89
C ILE B 1502 76.79 -63.50 -33.61
N PHE B 1503 77.58 -62.45 -33.40
CA PHE B 1503 77.41 -61.51 -32.30
C PHE B 1503 76.83 -60.21 -32.84
N ILE B 1504 75.87 -59.65 -32.11
CA ILE B 1504 75.23 -58.39 -32.47
C ILE B 1504 75.34 -57.49 -31.24
N MET B 1505 76.25 -56.53 -31.28
CA MET B 1505 76.51 -55.64 -30.15
C MET B 1505 75.78 -54.33 -30.40
N ASP B 1506 74.57 -54.20 -29.87
CA ASP B 1506 73.70 -53.05 -30.14
C ASP B 1506 74.00 -51.96 -29.12
N GLU B 1507 74.97 -51.10 -29.46
CA GLU B 1507 75.43 -49.97 -28.63
C GLU B 1507 75.84 -50.42 -27.24
N ALA B 1508 76.71 -51.44 -27.19
CA ALA B 1508 77.11 -52.06 -25.93
C ALA B 1508 77.93 -51.12 -25.08
N THR B 1509 78.87 -50.38 -25.68
CA THR B 1509 79.84 -49.60 -24.93
C THR B 1509 79.39 -48.16 -24.71
N ALA B 1510 78.08 -47.92 -24.59
CA ALA B 1510 77.58 -46.57 -24.37
C ALA B 1510 77.85 -46.09 -22.95
N SER B 1511 77.77 -46.97 -21.97
CA SER B 1511 77.97 -46.63 -20.57
C SER B 1511 79.42 -46.79 -20.13
N ILE B 1512 80.32 -47.09 -21.06
CA ILE B 1512 81.72 -47.40 -20.75
C ILE B 1512 82.58 -46.22 -21.14
N ASP B 1513 83.59 -45.91 -20.32
CA ASP B 1513 84.56 -44.87 -20.65
C ASP B 1513 85.40 -45.30 -21.85
N MET B 1514 85.94 -44.30 -22.56
CA MET B 1514 86.64 -44.53 -23.83
C MET B 1514 87.92 -45.35 -23.67
N ALA B 1515 88.63 -45.18 -22.55
CA ALA B 1515 89.90 -45.86 -22.34
C ALA B 1515 89.71 -47.37 -22.24
N THR B 1516 88.75 -47.82 -21.45
CA THR B 1516 88.47 -49.25 -21.38
C THR B 1516 87.64 -49.74 -22.55
N GLU B 1517 86.89 -48.85 -23.22
CA GLU B 1517 86.14 -49.22 -24.42
C GLU B 1517 87.09 -49.61 -25.55
N ASN B 1518 88.21 -48.89 -25.70
CA ASN B 1518 89.16 -49.21 -26.76
C ASN B 1518 89.83 -50.56 -26.56
N ILE B 1519 90.25 -50.87 -25.33
CA ILE B 1519 90.88 -52.16 -25.08
C ILE B 1519 89.85 -53.29 -25.11
N LEU B 1520 88.59 -53.01 -24.70
CA LEU B 1520 87.53 -54.00 -24.82
C LEU B 1520 87.20 -54.29 -26.28
N GLN B 1521 87.16 -53.25 -27.11
CA GLN B 1521 86.93 -53.43 -28.55
C GLN B 1521 88.07 -54.22 -29.19
N LYS B 1522 89.32 -53.92 -28.81
CA LYS B 1522 90.46 -54.65 -29.34
C LYS B 1522 90.45 -56.13 -28.93
N VAL B 1523 90.12 -56.43 -27.67
CA VAL B 1523 90.13 -57.82 -27.24
C VAL B 1523 88.91 -58.57 -27.78
N VAL B 1524 87.80 -57.87 -28.06
CA VAL B 1524 86.66 -58.50 -28.71
C VAL B 1524 86.99 -58.82 -30.17
N MET B 1525 87.69 -57.89 -30.86
CA MET B 1525 88.11 -58.13 -32.24
C MET B 1525 89.10 -59.29 -32.33
N THR B 1526 90.04 -59.39 -31.38
CA THR B 1526 91.01 -60.48 -31.44
C THR B 1526 90.38 -61.81 -31.04
N ALA B 1527 89.50 -61.80 -30.02
CA ALA B 1527 88.90 -63.04 -29.55
C ALA B 1527 87.82 -63.57 -30.49
N PHE B 1528 87.16 -62.69 -31.24
CA PHE B 1528 86.10 -63.11 -32.15
C PHE B 1528 86.50 -62.82 -33.59
N ALA B 1529 87.73 -63.17 -33.95
CA ALA B 1529 88.26 -62.85 -35.28
C ALA B 1529 87.57 -63.66 -36.37
N ASP B 1530 87.18 -64.90 -36.08
CA ASP B 1530 86.51 -65.75 -37.05
C ASP B 1530 85.00 -65.62 -37.02
N ARG B 1531 84.45 -64.76 -36.17
CA ARG B 1531 83.01 -64.66 -35.96
C ARG B 1531 82.47 -63.38 -36.54
N THR B 1532 81.29 -63.47 -37.15
CA THR B 1532 80.63 -62.30 -37.71
C THR B 1532 80.06 -61.43 -36.60
N VAL B 1533 80.54 -60.20 -36.51
CA VAL B 1533 80.12 -59.26 -35.48
C VAL B 1533 79.45 -58.07 -36.16
N VAL B 1534 78.21 -57.80 -35.78
CA VAL B 1534 77.46 -56.63 -36.23
C VAL B 1534 77.48 -55.65 -35.05
N THR B 1535 78.32 -54.63 -35.15
CA THR B 1535 78.53 -53.68 -34.06
C THR B 1535 77.78 -52.38 -34.36
N ILE B 1536 76.78 -52.07 -33.55
CA ILE B 1536 76.09 -50.80 -33.63
C ILE B 1536 76.86 -49.81 -32.78
N ALA B 1537 77.32 -48.72 -33.39
CA ALA B 1537 78.29 -47.83 -32.77
C ALA B 1537 77.59 -46.69 -32.05
N HIS B 1538 77.75 -46.62 -30.73
CA HIS B 1538 77.41 -45.41 -30.01
C HIS B 1538 78.40 -44.29 -30.33
N ARG B 1539 79.67 -44.65 -30.49
CA ARG B 1539 80.72 -43.74 -30.94
C ARG B 1539 81.23 -44.21 -32.30
N VAL B 1540 81.23 -43.30 -33.28
CA VAL B 1540 81.51 -43.65 -34.67
C VAL B 1540 82.97 -44.05 -34.85
N HIS B 1541 83.88 -43.45 -34.07
CA HIS B 1541 85.31 -43.75 -34.19
C HIS B 1541 85.66 -45.18 -33.80
N THR B 1542 84.76 -45.88 -33.12
CA THR B 1542 84.98 -47.29 -32.80
C THR B 1542 84.86 -48.18 -34.04
N ILE B 1543 84.06 -47.78 -35.03
CA ILE B 1543 83.88 -48.62 -36.21
C ILE B 1543 84.68 -48.12 -37.41
N LEU B 1544 85.75 -47.36 -37.16
CA LEU B 1544 86.67 -46.99 -38.23
C LEU B 1544 87.52 -48.16 -38.70
N SER B 1545 87.67 -49.19 -37.88
CA SER B 1545 88.44 -50.39 -38.24
C SER B 1545 87.54 -51.53 -38.71
N ALA B 1546 86.25 -51.28 -38.89
CA ALA B 1546 85.32 -52.31 -39.33
C ALA B 1546 85.53 -52.63 -40.81
N ASP B 1547 85.10 -53.83 -41.21
CA ASP B 1547 85.22 -54.23 -42.61
C ASP B 1547 84.23 -53.46 -43.48
N LEU B 1548 82.97 -53.36 -43.05
CA LEU B 1548 81.97 -52.60 -43.78
C LEU B 1548 81.20 -51.73 -42.81
N VAL B 1549 80.72 -50.58 -43.29
CA VAL B 1549 79.95 -49.65 -42.47
C VAL B 1549 78.60 -49.42 -43.13
N MET B 1550 77.54 -49.68 -42.37
CA MET B 1550 76.16 -49.46 -42.79
C MET B 1550 75.69 -48.15 -42.15
N VAL B 1551 75.47 -47.14 -42.99
CA VAL B 1551 74.93 -45.86 -42.54
C VAL B 1551 73.43 -45.88 -42.76
N LEU B 1552 72.68 -45.71 -41.68
CA LEU B 1552 71.22 -45.71 -41.73
C LEU B 1552 70.71 -44.28 -41.63
N LYS B 1553 69.88 -43.88 -42.59
CA LYS B 1553 69.17 -42.61 -42.56
C LYS B 1553 67.67 -42.90 -42.62
N ARG B 1554 66.99 -42.65 -41.50
CA ARG B 1554 65.53 -42.75 -41.36
C ARG B 1554 64.99 -44.13 -41.76
N GLY B 1555 65.73 -45.17 -41.42
CA GLY B 1555 65.34 -46.52 -41.74
C GLY B 1555 65.75 -47.02 -43.11
N ALA B 1556 66.57 -46.27 -43.85
CA ALA B 1556 67.06 -46.71 -45.14
C ALA B 1556 68.58 -46.74 -45.13
N ILE B 1557 69.17 -47.77 -45.74
CA ILE B 1557 70.62 -47.84 -45.85
C ILE B 1557 71.09 -46.84 -46.91
N LEU B 1558 71.59 -45.69 -46.46
CA LEU B 1558 72.10 -44.72 -47.42
C LEU B 1558 73.46 -45.15 -47.96
N GLU B 1559 74.35 -45.64 -47.09
CA GLU B 1559 75.70 -46.03 -47.48
C GLU B 1559 76.04 -47.37 -46.85
N PHE B 1560 76.56 -48.29 -47.66
CA PHE B 1560 77.02 -49.60 -47.18
C PHE B 1560 78.29 -49.96 -47.97
N ASP B 1561 79.45 -49.61 -47.41
CA ASP B 1561 80.72 -49.82 -48.10
C ASP B 1561 81.83 -49.87 -47.05
N LYS B 1562 83.05 -50.09 -47.51
CA LYS B 1562 84.22 -50.06 -46.64
C LYS B 1562 84.47 -48.65 -46.12
N PRO B 1563 84.95 -48.49 -44.89
CA PRO B 1563 85.18 -47.15 -44.36
C PRO B 1563 86.31 -46.39 -45.06
N GLU B 1564 87.26 -47.10 -45.65
CA GLU B 1564 88.36 -46.45 -46.36
C GLU B 1564 87.86 -45.75 -47.62
N THR B 1565 86.96 -46.39 -48.36
CA THR B 1565 86.33 -45.73 -49.51
C THR B 1565 85.26 -44.74 -49.08
N LEU B 1566 84.57 -45.00 -47.97
CA LEU B 1566 83.50 -44.12 -47.52
C LEU B 1566 84.04 -42.79 -47.01
N LEU B 1567 85.18 -42.83 -46.31
CA LEU B 1567 85.81 -41.59 -45.85
C LEU B 1567 86.52 -40.83 -46.97
N SER B 1568 86.78 -41.49 -48.10
CA SER B 1568 87.38 -40.80 -49.24
C SER B 1568 86.41 -39.81 -49.88
N GLN B 1569 85.12 -40.14 -49.87
CA GLN B 1569 84.11 -39.23 -50.38
C GLN B 1569 83.90 -38.07 -49.40
N LYS B 1570 83.97 -36.84 -49.91
CA LYS B 1570 83.81 -35.68 -49.04
C LYS B 1570 82.36 -35.47 -48.64
N ASP B 1571 81.41 -35.80 -49.51
CA ASP B 1571 80.00 -35.55 -49.28
C ASP B 1571 79.30 -36.71 -48.57
N SER B 1572 80.03 -37.74 -48.18
CA SER B 1572 79.42 -38.88 -47.50
C SER B 1572 79.04 -38.53 -46.07
N VAL B 1573 77.91 -39.08 -45.62
CA VAL B 1573 77.39 -38.79 -44.28
C VAL B 1573 78.26 -39.43 -43.20
N PHE B 1574 78.89 -40.57 -43.50
CA PHE B 1574 79.80 -41.22 -42.56
C PHE B 1574 81.03 -40.35 -42.29
N ALA B 1575 81.51 -39.63 -43.31
CA ALA B 1575 82.58 -38.66 -43.10
C ALA B 1575 82.12 -37.52 -42.20
N SER B 1576 80.85 -37.12 -42.30
CA SER B 1576 80.33 -36.10 -41.40
C SER B 1576 80.20 -36.63 -39.97
N PHE B 1577 79.92 -37.93 -39.81
CA PHE B 1577 79.92 -38.54 -38.49
C PHE B 1577 81.32 -38.56 -37.88
N VAL B 1578 82.33 -38.89 -38.69
CA VAL B 1578 83.70 -38.97 -38.17
C VAL B 1578 84.26 -37.58 -37.87
N ARG B 1579 84.03 -36.62 -38.78
CA ARG B 1579 84.59 -35.27 -38.63
C ARG B 1579 83.94 -34.53 -37.46
N ALA B 1580 82.63 -34.66 -37.30
CA ALA B 1580 81.92 -33.98 -36.22
C ALA B 1580 81.69 -34.92 -35.05
N ARG C 32 29.87 6.12 23.37
CA ARG C 32 29.41 5.79 22.03
C ARG C 32 28.06 5.08 22.04
N ALA C 33 27.04 5.74 21.51
CA ALA C 33 25.71 5.17 21.35
C ALA C 33 25.40 5.01 19.87
N ARG C 34 24.61 4.00 19.55
CA ARG C 34 24.21 3.72 18.18
C ARG C 34 22.78 4.21 17.96
N PHE C 35 22.56 4.84 16.79
CA PHE C 35 21.20 5.25 16.43
C PHE C 35 20.31 4.04 16.18
N VAL C 36 20.81 3.05 15.46
CA VAL C 36 20.12 1.79 15.21
C VAL C 36 21.02 0.67 15.71
N SER C 37 20.43 -0.37 16.29
CA SER C 37 21.19 -1.55 16.67
C SER C 37 21.49 -2.41 15.45
N LYS C 38 22.34 -3.44 15.67
CA LYS C 38 22.63 -4.40 14.62
C LYS C 38 21.40 -5.24 14.26
N LYS C 39 20.59 -5.57 15.27
CA LYS C 39 19.32 -6.25 15.01
C LYS C 39 18.33 -5.35 14.28
N GLY C 40 18.44 -4.04 14.48
CA GLY C 40 17.58 -3.12 13.77
C GLY C 40 16.48 -2.51 14.59
N ASN C 41 16.78 -2.12 15.82
CA ASN C 41 15.87 -1.37 16.67
C ASN C 41 16.53 -0.06 17.05
N CYS C 42 15.76 1.02 16.99
CA CYS C 42 16.31 2.34 17.29
C CYS C 42 16.54 2.50 18.79
N ASN C 43 17.64 3.14 19.14
CA ASN C 43 17.99 3.41 20.53
C ASN C 43 17.69 4.86 20.92
N VAL C 44 16.68 5.46 20.31
CA VAL C 44 16.30 6.84 20.62
C VAL C 44 15.35 6.82 21.81
N ALA C 45 15.69 7.55 22.86
CA ALA C 45 14.89 7.61 24.08
C ALA C 45 14.14 8.94 24.10
N HIS C 46 12.82 8.87 23.96
CA HIS C 46 12.00 10.07 23.96
C HIS C 46 11.68 10.48 25.40
N LYS C 47 11.70 11.80 25.63
CA LYS C 47 11.41 12.35 26.96
C LYS C 47 10.80 13.73 26.78
N ASN C 48 10.27 14.26 27.89
CA ASN C 48 9.62 15.58 27.97
C ASN C 48 8.45 15.72 27.01
N ILE C 49 7.73 14.62 26.77
CA ILE C 49 6.55 14.63 25.92
C ILE C 49 5.37 15.06 26.80
N ARG C 50 4.92 16.30 26.65
CA ARG C 50 3.68 16.71 27.29
C ARG C 50 2.52 16.00 26.61
N GLU C 51 1.78 15.20 27.37
CA GLU C 51 0.76 14.33 26.81
C GLU C 51 -0.61 14.98 26.95
N GLN C 52 -1.31 15.12 25.83
CA GLN C 52 -2.65 15.73 25.79
C GLN C 52 -3.73 14.71 25.44
N GLY C 53 -3.41 13.43 25.44
CA GLY C 53 -4.36 12.40 25.08
C GLY C 53 -4.23 11.86 23.68
N ARG C 54 -3.19 12.26 22.95
CA ARG C 54 -2.95 11.73 21.62
C ARG C 54 -2.30 10.35 21.65
N PHE C 55 -1.76 9.93 22.80
CA PHE C 55 -1.49 8.51 23.02
C PHE C 55 -2.73 7.77 23.50
N LEU C 56 -3.75 8.50 23.96
CA LEU C 56 -4.95 7.91 24.53
C LEU C 56 -6.05 7.70 23.52
N GLN C 57 -6.13 8.54 22.48
CA GLN C 57 -7.17 8.38 21.47
C GLN C 57 -6.96 7.12 20.64
N ASP C 58 -5.71 6.82 20.29
CA ASP C 58 -5.39 5.64 19.49
C ASP C 58 -5.22 4.43 20.41
N VAL C 59 -6.36 3.94 20.89
CA VAL C 59 -6.39 2.75 21.74
C VAL C 59 -6.00 1.52 20.93
N PHE C 60 -6.44 1.45 19.67
CA PHE C 60 -6.26 0.25 18.88
C PHE C 60 -4.81 0.05 18.44
N THR C 61 -4.13 1.14 18.09
CA THR C 61 -2.71 1.04 17.70
C THR C 61 -1.85 0.61 18.89
N THR C 62 -2.11 1.17 20.08
CA THR C 62 -1.41 0.72 21.28
C THR C 62 -1.77 -0.71 21.63
N LEU C 63 -3.03 -1.11 21.37
CA LEU C 63 -3.49 -2.45 21.66
C LEU C 63 -2.81 -3.49 20.78
N VAL C 64 -2.49 -3.14 19.55
CA VAL C 64 -1.69 -4.04 18.71
C VAL C 64 -0.20 -3.91 19.01
N ASP C 65 0.25 -2.76 19.54
CA ASP C 65 1.67 -2.59 19.89
C ASP C 65 2.11 -3.43 21.07
N LEU C 66 1.18 -3.91 21.90
CA LEU C 66 1.53 -4.70 23.07
C LEU C 66 2.04 -6.08 22.65
N LYS C 67 2.80 -6.70 23.54
CA LYS C 67 3.29 -8.05 23.31
C LYS C 67 2.14 -9.05 23.38
N TRP C 68 2.41 -10.25 22.84
CA TRP C 68 1.42 -11.33 22.85
C TRP C 68 0.91 -11.73 24.24
N PRO C 69 1.74 -11.82 25.32
CA PRO C 69 1.14 -11.97 26.65
C PRO C 69 0.25 -10.81 27.08
N HIS C 70 0.60 -9.57 26.72
CA HIS C 70 -0.22 -8.43 27.13
C HIS C 70 -1.53 -8.37 26.34
N THR C 71 -1.47 -8.64 25.03
CA THR C 71 -2.68 -8.69 24.22
C THR C 71 -3.56 -9.86 24.65
N LEU C 72 -2.96 -11.00 25.01
CA LEU C 72 -3.74 -12.13 25.51
C LEU C 72 -4.38 -11.82 26.86
N LEU C 73 -3.67 -11.10 27.73
CA LEU C 73 -4.22 -10.70 29.02
C LEU C 73 -5.40 -9.74 28.86
N ILE C 74 -5.27 -8.75 27.98
CA ILE C 74 -6.38 -7.84 27.72
C ILE C 74 -7.54 -8.56 27.04
N PHE C 75 -7.23 -9.51 26.15
CA PHE C 75 -8.26 -10.28 25.45
C PHE C 75 -9.06 -11.15 26.41
N THR C 76 -8.41 -11.83 27.34
CA THR C 76 -9.17 -12.63 28.29
C THR C 76 -9.85 -11.75 29.34
N MET C 77 -9.24 -10.61 29.70
CA MET C 77 -9.78 -9.78 30.77
C MET C 77 -11.01 -9.01 30.32
N SER C 78 -11.05 -8.54 29.07
CA SER C 78 -12.21 -7.80 28.58
C SER C 78 -13.45 -8.69 28.51
N PHE C 79 -13.29 -9.91 27.96
CA PHE C 79 -14.40 -10.86 27.89
C PHE C 79 -14.84 -11.31 29.28
N LEU C 80 -13.88 -11.62 30.17
CA LEU C 80 -14.23 -12.05 31.52
C LEU C 80 -14.90 -10.94 32.32
N CYS C 81 -14.45 -9.70 32.17
CA CYS C 81 -15.05 -8.58 32.90
C CYS C 81 -16.43 -8.24 32.36
N SER C 82 -16.64 -8.38 31.04
CA SER C 82 -17.97 -8.16 30.48
C SER C 82 -18.96 -9.23 30.96
N TRP C 83 -18.51 -10.50 30.99
CA TRP C 83 -19.35 -11.57 31.53
C TRP C 83 -19.67 -11.34 32.99
N LEU C 84 -18.69 -10.90 33.79
CA LEU C 84 -18.90 -10.66 35.21
C LEU C 84 -19.81 -9.46 35.46
N LEU C 85 -19.68 -8.41 34.65
CA LEU C 85 -20.52 -7.22 34.80
C LEU C 85 -21.97 -7.53 34.49
N PHE C 86 -22.24 -8.17 33.35
CA PHE C 86 -23.61 -8.53 33.05
C PHE C 86 -24.12 -9.66 33.95
N ALA C 87 -23.22 -10.46 34.52
CA ALA C 87 -23.59 -11.42 35.56
C ALA C 87 -24.14 -10.73 36.79
N MET C 88 -23.47 -9.67 37.25
CA MET C 88 -23.99 -8.90 38.37
C MET C 88 -25.30 -8.21 38.04
N VAL C 89 -25.47 -7.79 36.78
CA VAL C 89 -26.75 -7.20 36.35
C VAL C 89 -27.88 -8.24 36.40
N TRP C 90 -27.65 -9.44 35.87
CA TRP C 90 -28.67 -10.49 35.87
C TRP C 90 -28.99 -10.96 37.29
N TRP C 91 -27.96 -11.07 38.14
CA TRP C 91 -28.17 -11.46 39.54
C TRP C 91 -28.95 -10.39 40.31
N LEU C 92 -28.70 -9.12 40.00
CA LEU C 92 -29.48 -8.05 40.63
C LEU C 92 -30.93 -8.05 40.16
N ILE C 93 -31.17 -8.39 38.89
CA ILE C 93 -32.54 -8.54 38.40
C ILE C 93 -33.26 -9.68 39.13
N ALA C 94 -32.57 -10.82 39.28
CA ALA C 94 -33.16 -11.96 39.98
C ALA C 94 -33.40 -11.68 41.46
N PHE C 95 -32.54 -10.87 42.08
CA PHE C 95 -32.79 -10.42 43.45
C PHE C 95 -34.01 -9.49 43.51
N ALA C 96 -34.09 -8.54 42.57
CA ALA C 96 -35.13 -7.53 42.63
C ALA C 96 -36.52 -8.11 42.33
N HIS C 97 -36.60 -9.10 41.45
CA HIS C 97 -37.88 -9.69 41.12
C HIS C 97 -38.32 -10.77 42.11
N GLY C 98 -37.44 -11.24 42.97
CA GLY C 98 -37.76 -12.31 43.90
C GLY C 98 -37.48 -13.70 43.41
N ASP C 99 -36.69 -13.85 42.35
CA ASP C 99 -36.41 -15.17 41.80
C ASP C 99 -35.42 -15.96 42.65
N LEU C 100 -34.54 -15.27 43.38
CA LEU C 100 -33.57 -15.98 44.22
C LEU C 100 -34.24 -16.55 45.47
N ALA C 101 -35.33 -15.94 45.93
CA ALA C 101 -36.07 -16.49 47.04
C ALA C 101 -36.78 -17.78 46.62
N PRO C 102 -36.97 -18.73 47.55
CA PRO C 102 -37.70 -19.95 47.20
C PRO C 102 -39.18 -19.70 46.98
N GLY C 103 -39.61 -19.73 45.72
CA GLY C 103 -41.00 -19.46 45.39
C GLY C 103 -41.86 -20.69 45.62
N GLU C 104 -43.06 -20.44 46.17
CA GLU C 104 -44.02 -21.52 46.38
C GLU C 104 -44.56 -22.06 45.06
N GLY C 105 -44.80 -21.18 44.10
CA GLY C 105 -45.29 -21.59 42.80
C GLY C 105 -46.04 -20.47 42.13
N THR C 106 -46.34 -20.70 40.84
CA THR C 106 -47.08 -19.78 39.96
C THR C 106 -46.41 -18.41 39.87
N ASN C 107 -45.07 -18.40 39.86
CA ASN C 107 -44.30 -17.17 39.74
C ASN C 107 -43.29 -17.35 38.61
N VAL C 108 -43.47 -16.61 37.52
CA VAL C 108 -42.58 -16.69 36.37
C VAL C 108 -41.38 -15.78 36.64
N PRO C 109 -40.16 -16.31 36.68
CA PRO C 109 -38.97 -15.46 36.89
C PRO C 109 -38.65 -14.67 35.64
N CYS C 110 -37.79 -13.67 35.81
CA CYS C 110 -37.25 -12.94 34.66
C CYS C 110 -36.37 -13.84 33.82
N VAL C 111 -35.49 -14.60 34.46
CA VAL C 111 -34.70 -15.64 33.81
C VAL C 111 -34.91 -16.93 34.59
N THR C 112 -35.21 -18.02 33.88
CA THR C 112 -35.42 -19.31 34.52
C THR C 112 -34.12 -19.84 35.12
N SER C 113 -34.27 -20.63 36.20
CA SER C 113 -33.22 -21.43 36.82
C SER C 113 -32.03 -20.60 37.29
N ILE C 114 -32.26 -19.36 37.71
CA ILE C 114 -31.23 -18.56 38.36
C ILE C 114 -31.46 -18.68 39.87
N HIS C 115 -30.51 -19.30 40.55
CA HIS C 115 -30.60 -19.55 41.98
C HIS C 115 -29.50 -18.88 42.78
N SER C 116 -28.38 -18.53 42.17
CA SER C 116 -27.27 -17.89 42.86
C SER C 116 -26.55 -16.98 41.88
N PHE C 117 -25.40 -16.44 42.31
CA PHE C 117 -24.60 -15.58 41.43
C PHE C 117 -23.94 -16.39 40.32
N SER C 118 -23.58 -17.65 40.60
CA SER C 118 -22.96 -18.50 39.58
C SER C 118 -23.94 -18.84 38.46
N SER C 119 -25.23 -18.92 38.76
CA SER C 119 -26.24 -19.10 37.72
C SER C 119 -26.28 -17.90 36.79
N ALA C 120 -26.22 -16.69 37.35
CA ALA C 120 -26.18 -15.48 36.53
C ALA C 120 -24.88 -15.38 35.74
N PHE C 121 -23.77 -15.90 36.30
CA PHE C 121 -22.50 -15.87 35.58
C PHE C 121 -22.50 -16.84 34.40
N LEU C 122 -23.00 -18.06 34.62
CA LEU C 122 -23.14 -19.03 33.53
C LEU C 122 -24.13 -18.54 32.49
N PHE C 123 -25.19 -17.84 32.91
CA PHE C 123 -26.16 -17.31 31.96
C PHE C 123 -25.58 -16.14 31.16
N SER C 124 -24.73 -15.32 31.78
CA SER C 124 -24.05 -14.25 31.05
C SER C 124 -23.08 -14.81 30.03
N ILE C 125 -22.39 -15.90 30.38
CA ILE C 125 -21.52 -16.58 29.42
C ILE C 125 -22.35 -17.18 28.28
N GLU C 126 -23.51 -17.78 28.61
CA GLU C 126 -24.37 -18.36 27.58
C GLU C 126 -24.95 -17.31 26.63
N VAL C 127 -25.25 -16.12 27.15
CA VAL C 127 -25.80 -15.06 26.30
C VAL C 127 -24.72 -14.44 25.44
N GLN C 128 -23.59 -14.06 26.06
CA GLN C 128 -22.60 -13.23 25.35
C GLN C 128 -21.80 -14.02 24.32
N VAL C 129 -21.41 -15.27 24.64
CA VAL C 129 -20.78 -16.12 23.64
C VAL C 129 -21.80 -16.84 22.77
N THR C 130 -23.10 -16.58 22.99
CA THR C 130 -24.23 -17.11 22.21
C THR C 130 -24.25 -18.64 22.21
N ILE C 131 -23.94 -19.24 23.35
CA ILE C 131 -24.03 -20.69 23.48
C ILE C 131 -25.49 -21.11 23.64
N GLY C 132 -26.15 -20.62 24.70
CA GLY C 132 -27.55 -20.89 24.92
C GLY C 132 -27.85 -22.33 25.28
N PHE C 133 -27.41 -22.74 26.47
CA PHE C 133 -27.70 -24.09 26.94
C PHE C 133 -29.20 -24.28 27.16
N GLY C 134 -29.87 -23.28 27.71
CA GLY C 134 -31.31 -23.30 27.80
C GLY C 134 -31.90 -23.81 29.09
N GLY C 135 -31.08 -24.26 30.04
CA GLY C 135 -31.54 -24.38 31.40
C GLY C 135 -31.91 -23.02 31.97
N ARG C 136 -31.11 -22.01 31.66
CA ARG C 136 -31.38 -20.62 32.01
C ARG C 136 -31.70 -19.85 30.75
N MET C 137 -32.87 -19.22 30.71
CA MET C 137 -33.31 -18.49 29.53
C MET C 137 -34.20 -17.32 29.95
N VAL C 138 -34.24 -16.30 29.10
CA VAL C 138 -35.06 -15.12 29.38
C VAL C 138 -36.52 -15.45 29.15
N THR C 139 -37.33 -15.29 30.19
CA THR C 139 -38.77 -15.27 29.97
C THR C 139 -39.20 -13.89 29.52
N GLU C 140 -40.39 -13.81 28.94
CA GLU C 140 -40.92 -12.56 28.41
C GLU C 140 -41.73 -11.78 29.43
N GLU C 141 -41.57 -12.08 30.72
CA GLU C 141 -42.33 -11.38 31.75
C GLU C 141 -41.73 -10.00 32.04
N CYS C 142 -40.44 -9.94 32.32
CA CYS C 142 -39.79 -8.70 32.73
C CYS C 142 -39.26 -7.96 31.51
N PRO C 143 -39.70 -6.73 31.26
CA PRO C 143 -39.14 -5.97 30.12
C PRO C 143 -37.70 -5.56 30.33
N LEU C 144 -37.26 -5.41 31.58
CA LEU C 144 -35.89 -5.03 31.87
C LEU C 144 -34.92 -6.14 31.49
N ALA C 145 -35.34 -7.40 31.65
CA ALA C 145 -34.53 -8.53 31.20
C ALA C 145 -34.37 -8.54 29.68
N ILE C 146 -35.43 -8.21 28.96
CA ILE C 146 -35.36 -8.10 27.50
C ILE C 146 -34.42 -6.98 27.07
N LEU C 147 -34.53 -5.82 27.74
CA LEU C 147 -33.66 -4.68 27.44
C LEU C 147 -32.20 -4.99 27.72
N ILE C 148 -31.92 -5.65 28.83
CA ILE C 148 -30.53 -5.96 29.17
C ILE C 148 -30.00 -7.11 28.30
N LEU C 149 -30.88 -7.98 27.81
CA LEU C 149 -30.48 -8.94 26.78
C LEU C 149 -30.06 -8.24 25.48
N ILE C 150 -30.82 -7.21 25.08
CA ILE C 150 -30.46 -6.41 23.91
C ILE C 150 -29.10 -5.72 24.13
N VAL C 151 -28.93 -5.11 25.30
CA VAL C 151 -27.72 -4.35 25.62
C VAL C 151 -26.50 -5.27 25.66
N GLN C 152 -26.64 -6.44 26.29
CA GLN C 152 -25.53 -7.40 26.35
C GLN C 152 -25.18 -7.95 24.98
N ASN C 153 -26.18 -8.18 24.13
CA ASN C 153 -25.89 -8.66 22.77
C ASN C 153 -25.17 -7.60 21.94
N ILE C 154 -25.59 -6.34 22.04
CA ILE C 154 -24.92 -5.27 21.29
C ILE C 154 -23.49 -5.05 21.79
N VAL C 155 -23.30 -5.05 23.12
CA VAL C 155 -21.98 -4.86 23.72
C VAL C 155 -21.07 -6.04 23.38
N GLY C 156 -21.60 -7.27 23.41
CA GLY C 156 -20.82 -8.43 23.06
C GLY C 156 -20.42 -8.46 21.59
N LEU C 157 -21.31 -8.01 20.71
CA LEU C 157 -20.96 -7.88 19.29
C LEU C 157 -19.86 -6.84 19.08
N MET C 158 -19.94 -5.71 19.81
CA MET C 158 -18.90 -4.68 19.74
C MET C 158 -17.55 -5.20 20.21
N ILE C 159 -17.54 -5.88 21.36
CA ILE C 159 -16.30 -6.40 21.93
C ILE C 159 -15.70 -7.49 21.04
N ASN C 160 -16.55 -8.40 20.53
CA ASN C 160 -16.07 -9.47 19.65
C ASN C 160 -15.53 -8.92 18.34
N ALA C 161 -16.18 -7.92 17.75
CA ALA C 161 -15.69 -7.34 16.50
C ALA C 161 -14.37 -6.60 16.70
N ILE C 162 -14.27 -5.81 17.78
CA ILE C 162 -13.03 -5.08 18.07
C ILE C 162 -11.88 -6.04 18.35
N MET C 163 -12.13 -7.09 19.13
CA MET C 163 -11.07 -8.04 19.45
C MET C 163 -10.67 -8.89 18.25
N LEU C 164 -11.63 -9.23 17.38
CA LEU C 164 -11.32 -9.95 16.15
C LEU C 164 -10.47 -9.11 15.21
N GLY C 165 -10.81 -7.82 15.07
CA GLY C 165 -9.99 -6.93 14.25
C GLY C 165 -8.60 -6.70 14.81
N CYS C 166 -8.50 -6.53 16.13
CA CYS C 166 -7.20 -6.33 16.75
C CYS C 166 -6.33 -7.58 16.66
N ILE C 167 -6.93 -8.77 16.83
CA ILE C 167 -6.17 -10.01 16.72
C ILE C 167 -5.73 -10.24 15.27
N PHE C 168 -6.59 -9.92 14.29
CA PHE C 168 -6.21 -10.05 12.89
C PHE C 168 -5.06 -9.09 12.53
N MET C 169 -5.11 -7.86 13.04
CA MET C 169 -3.99 -6.94 12.80
C MET C 169 -2.73 -7.40 13.54
N LYS C 170 -2.89 -8.06 14.68
CA LYS C 170 -1.75 -8.57 15.43
C LYS C 170 -1.08 -9.74 14.70
N THR C 171 -1.89 -10.60 14.07
CA THR C 171 -1.33 -11.74 13.33
C THR C 171 -0.75 -11.33 11.99
N ALA C 172 -1.31 -10.32 11.34
CA ALA C 172 -0.87 -9.90 10.02
C ALA C 172 0.29 -8.91 10.06
N GLN C 173 0.88 -8.68 11.23
CA GLN C 173 2.03 -7.81 11.33
C GLN C 173 3.24 -8.41 10.62
N ALA C 174 3.98 -7.55 9.91
CA ALA C 174 5.17 -7.96 9.18
C ALA C 174 6.45 -7.54 9.88
N LYS C 175 6.38 -7.33 11.20
CA LYS C 175 7.57 -6.92 11.96
C LYS C 175 8.60 -8.04 12.03
N ARG C 176 8.15 -9.29 12.18
CA ARG C 176 9.06 -10.44 12.25
C ARG C 176 9.27 -11.10 10.89
N ARG C 177 8.62 -10.61 9.84
CA ARG C 177 9.06 -10.95 8.49
C ARG C 177 10.34 -10.20 8.15
N ALA C 178 10.50 -9.00 8.70
CA ALA C 178 11.72 -8.21 8.51
C ALA C 178 12.92 -8.81 9.24
N GLU C 179 12.70 -9.71 10.19
CA GLU C 179 13.83 -10.36 10.87
C GLU C 179 14.50 -11.42 10.01
N THR C 180 13.86 -11.86 8.94
CA THR C 180 14.46 -12.77 7.98
C THR C 180 15.23 -12.04 6.88
N LEU C 181 15.21 -10.71 6.88
CA LEU C 181 16.03 -9.92 5.97
C LEU C 181 17.36 -9.67 6.65
N ILE C 182 18.39 -10.38 6.24
CA ILE C 182 19.68 -10.35 6.92
C ILE C 182 20.61 -9.38 6.22
N PHE C 183 21.45 -8.73 7.02
CA PHE C 183 22.45 -7.80 6.54
C PHE C 183 23.79 -8.28 7.08
N SER C 184 24.85 -8.07 6.30
CA SER C 184 26.18 -8.53 6.69
C SER C 184 26.68 -7.78 7.91
N LYS C 185 27.53 -8.43 8.70
CA LYS C 185 28.03 -7.80 9.92
C LYS C 185 29.00 -6.66 9.60
N HIS C 186 29.86 -6.86 8.61
CA HIS C 186 30.81 -5.85 8.18
C HIS C 186 30.40 -5.28 6.83
N ALA C 187 30.79 -4.04 6.60
CA ALA C 187 30.62 -3.39 5.31
C ALA C 187 31.99 -2.99 4.78
N VAL C 188 32.10 -2.88 3.46
CA VAL C 188 33.39 -2.92 2.79
C VAL C 188 33.56 -1.69 1.89
N ILE C 189 34.66 -0.97 2.04
CA ILE C 189 34.99 0.12 1.14
C ILE C 189 36.13 -0.33 0.25
N THR C 190 35.87 -0.44 -1.05
CA THR C 190 36.89 -0.93 -1.98
C THR C 190 36.64 -0.32 -3.35
N LEU C 191 37.39 -0.80 -4.35
CA LEU C 191 37.35 -0.24 -5.70
C LEU C 191 36.50 -1.12 -6.62
N ARG C 192 35.49 -0.52 -7.25
CA ARG C 192 34.79 -1.13 -8.38
C ARG C 192 34.85 -0.14 -9.53
N HIS C 193 35.48 -0.56 -10.64
CA HIS C 193 35.72 0.25 -11.83
C HIS C 193 36.48 1.53 -11.52
N GLY C 194 37.38 1.46 -10.53
CA GLY C 194 38.14 2.62 -10.08
C GLY C 194 37.30 3.73 -9.49
N ARG C 195 36.41 3.42 -8.55
CA ARG C 195 35.52 4.43 -7.97
C ARG C 195 35.59 4.54 -6.46
N LEU C 196 36.14 3.54 -5.76
CA LEU C 196 36.20 3.48 -4.29
C LEU C 196 34.80 3.60 -3.66
N CYS C 197 33.96 2.63 -3.98
CA CYS C 197 32.59 2.59 -3.47
C CYS C 197 32.52 1.84 -2.14
N PHE C 198 31.49 2.20 -1.37
CA PHE C 198 31.15 1.56 -0.10
C PHE C 198 30.03 0.56 -0.36
N MET C 199 30.28 -0.71 -0.05
CA MET C 199 29.36 -1.78 -0.39
C MET C 199 28.95 -2.58 0.84
N LEU C 200 27.87 -3.34 0.64
CA LEU C 200 27.14 -4.00 1.70
C LEU C 200 26.75 -5.40 1.23
N ARG C 201 25.84 -6.03 1.97
CA ARG C 201 25.27 -7.31 1.56
C ARG C 201 23.91 -7.46 2.23
N VAL C 202 22.87 -7.69 1.41
CA VAL C 202 21.50 -7.87 1.88
C VAL C 202 20.97 -9.18 1.34
N GLY C 203 20.45 -10.03 2.23
CA GLY C 203 19.91 -11.31 1.82
C GLY C 203 18.53 -11.55 2.38
N ASP C 204 17.76 -12.35 1.63
CA ASP C 204 16.40 -12.74 2.02
C ASP C 204 16.40 -14.23 2.31
N LEU C 205 16.08 -14.59 3.55
CA LEU C 205 16.10 -16.00 3.96
C LEU C 205 14.91 -16.77 3.41
N ARG C 206 13.73 -16.18 3.43
CA ARG C 206 12.53 -16.89 3.00
C ARG C 206 12.42 -16.88 1.47
N LYS C 207 11.71 -17.89 0.96
CA LYS C 207 11.46 -17.99 -0.47
C LYS C 207 10.34 -17.09 -0.94
N SER C 208 9.53 -16.55 -0.03
CA SER C 208 8.48 -15.61 -0.42
C SER C 208 9.09 -14.28 -0.81
N MET C 209 8.61 -13.72 -1.92
CA MET C 209 9.15 -12.47 -2.43
C MET C 209 8.74 -11.30 -1.54
N ILE C 210 9.59 -10.27 -1.52
CA ILE C 210 9.28 -9.00 -0.89
C ILE C 210 9.11 -8.00 -2.03
N ILE C 211 7.87 -7.61 -2.29
CA ILE C 211 7.53 -6.82 -3.47
C ILE C 211 7.88 -5.36 -3.22
N SER C 212 8.40 -4.70 -4.27
CA SER C 212 8.77 -3.29 -4.28
C SER C 212 9.82 -2.98 -3.21
N ALA C 213 10.86 -3.82 -3.18
CA ALA C 213 11.93 -3.65 -2.20
C ALA C 213 12.79 -2.46 -2.59
N THR C 214 12.88 -1.48 -1.69
CA THR C 214 13.62 -0.25 -1.90
C THR C 214 14.67 -0.11 -0.79
N ILE C 215 15.85 0.37 -1.17
CA ILE C 215 16.97 0.52 -0.25
C ILE C 215 17.24 2.01 -0.07
N HIS C 216 17.23 2.44 1.19
CA HIS C 216 17.44 3.84 1.58
C HIS C 216 18.63 3.87 2.52
N MET C 217 19.76 4.36 2.03
CA MET C 217 20.98 4.41 2.83
C MET C 217 21.26 5.85 3.26
N GLN C 218 21.67 6.00 4.52
CA GLN C 218 21.92 7.31 5.11
C GLN C 218 23.24 7.29 5.87
N VAL C 219 23.80 8.48 6.04
CA VAL C 219 25.00 8.71 6.83
C VAL C 219 24.59 9.60 8.00
N VAL C 220 24.86 9.13 9.21
CA VAL C 220 24.48 9.83 10.43
C VAL C 220 25.76 10.22 11.15
N ARG C 221 25.92 11.53 11.37
CA ARG C 221 27.06 12.12 12.05
C ARG C 221 26.59 13.37 12.79
N LYS C 222 27.51 14.01 13.50
CA LYS C 222 27.28 15.31 14.14
C LYS C 222 27.89 16.38 13.24
N THR C 223 27.19 16.67 12.14
CA THR C 223 27.67 17.64 11.17
C THR C 223 27.46 19.06 11.68
N THR C 224 28.42 19.94 11.37
CA THR C 224 28.36 21.35 11.75
C THR C 224 28.39 22.20 10.49
N SER C 225 27.45 23.13 10.39
CA SER C 225 27.40 24.04 9.26
C SER C 225 28.51 25.09 9.39
N PRO C 226 28.93 25.69 8.25
CA PRO C 226 29.88 26.80 8.34
C PRO C 226 29.35 28.02 9.08
N GLU C 227 28.03 28.23 9.11
CA GLU C 227 27.45 29.36 9.83
C GLU C 227 27.54 29.17 11.33
N GLY C 228 27.50 27.92 11.81
CA GLY C 228 27.63 27.66 13.23
C GLY C 228 26.59 26.70 13.78
N GLU C 229 25.67 26.26 12.93
CA GLU C 229 24.63 25.34 13.36
C GLU C 229 25.22 23.95 13.59
N VAL C 230 24.89 23.35 14.73
CA VAL C 230 25.33 22.00 15.07
C VAL C 230 24.10 21.11 15.13
N VAL C 231 24.02 20.15 14.21
CA VAL C 231 22.97 19.14 14.22
C VAL C 231 23.59 17.85 14.77
N PRO C 232 23.12 17.34 15.92
CA PRO C 232 23.81 16.20 16.54
C PRO C 232 23.68 14.89 15.79
N LEU C 233 22.59 14.69 15.04
CA LEU C 233 22.33 13.44 14.32
C LEU C 233 21.86 13.72 12.91
N HIS C 234 22.62 14.56 12.19
CA HIS C 234 22.22 15.01 10.86
C HIS C 234 22.28 13.86 9.87
N GLN C 235 21.13 13.45 9.36
CA GLN C 235 21.02 12.31 8.46
C GLN C 235 21.12 12.80 7.02
N VAL C 236 22.17 12.41 6.32
CA VAL C 236 22.37 12.76 4.91
C VAL C 236 22.25 11.47 4.10
N ASP C 237 21.24 11.40 3.24
CA ASP C 237 21.05 10.20 2.44
C ASP C 237 22.12 10.09 1.36
N ILE C 238 22.54 8.85 1.09
CA ILE C 238 23.54 8.59 0.06
C ILE C 238 22.88 7.78 -1.06
N PRO C 239 23.17 8.08 -2.32
CA PRO C 239 22.53 7.34 -3.41
C PRO C 239 23.09 5.94 -3.55
N MET C 240 22.20 4.98 -3.76
CA MET C 240 22.61 3.60 -4.05
C MET C 240 22.84 3.48 -5.56
N GLU C 241 24.05 3.09 -5.94
CA GLU C 241 24.42 2.97 -7.35
C GLU C 241 23.89 1.64 -7.88
N ASN C 242 22.58 1.62 -8.15
CA ASN C 242 21.93 0.43 -8.68
C ASN C 242 20.80 0.89 -9.59
N GLY C 243 20.99 0.73 -10.89
CA GLY C 243 19.97 1.09 -11.85
C GLY C 243 20.01 2.54 -12.26
N VAL C 244 18.94 2.96 -12.92
CA VAL C 244 18.85 4.33 -13.45
C VAL C 244 18.20 5.17 -12.35
N GLY C 245 19.03 5.58 -11.39
CA GLY C 245 18.64 6.54 -10.37
C GLY C 245 17.51 6.12 -9.46
N GLY C 246 17.41 4.84 -9.13
CA GLY C 246 16.29 4.32 -8.38
C GLY C 246 16.72 3.62 -7.11
N ASN C 247 15.86 3.65 -6.11
CA ASN C 247 16.09 2.96 -4.85
C ASN C 247 15.65 1.50 -4.90
N GLY C 248 14.92 1.09 -5.94
CA GLY C 248 14.36 -0.25 -5.98
C GLY C 248 15.38 -1.32 -6.28
N ILE C 249 15.21 -2.48 -5.64
CA ILE C 249 16.04 -3.66 -5.86
C ILE C 249 15.12 -4.85 -6.08
N PHE C 250 15.69 -5.91 -6.64
CA PHE C 250 15.00 -7.18 -6.85
C PHE C 250 15.75 -8.24 -6.03
N LEU C 251 15.25 -8.52 -4.83
CA LEU C 251 15.97 -9.32 -3.85
C LEU C 251 15.45 -10.77 -3.87
N VAL C 252 16.20 -11.66 -4.52
CA VAL C 252 15.99 -13.09 -4.38
C VAL C 252 17.28 -13.70 -3.86
N ALA C 253 18.33 -13.61 -4.66
CA ALA C 253 19.68 -13.92 -4.23
C ALA C 253 20.24 -12.75 -3.43
N PRO C 254 21.19 -12.99 -2.54
CA PRO C 254 21.87 -11.90 -1.85
C PRO C 254 22.63 -10.98 -2.81
N LEU C 255 22.54 -9.68 -2.56
CA LEU C 255 23.06 -8.66 -3.45
C LEU C 255 24.11 -7.83 -2.72
N ILE C 256 25.14 -7.44 -3.44
CA ILE C 256 26.15 -6.53 -2.93
C ILE C 256 25.71 -5.12 -3.29
N ILE C 257 25.22 -4.38 -2.30
CA ILE C 257 24.61 -3.07 -2.51
C ILE C 257 25.66 -2.01 -2.22
N TYR C 258 26.02 -1.24 -3.24
CA TYR C 258 27.14 -0.32 -3.17
C TYR C 258 26.72 1.10 -3.52
N HIS C 259 27.37 2.05 -2.86
CA HIS C 259 27.20 3.48 -3.08
C HIS C 259 28.56 4.03 -3.49
N VAL C 260 28.62 4.66 -4.66
CA VAL C 260 29.87 5.18 -5.19
C VAL C 260 30.24 6.45 -4.44
N ILE C 261 31.44 6.48 -3.88
CA ILE C 261 31.91 7.66 -3.17
C ILE C 261 32.47 8.62 -4.22
N ASP C 262 31.58 9.44 -4.78
CA ASP C 262 31.94 10.48 -5.72
C ASP C 262 32.15 11.79 -4.98
N SER C 263 32.19 12.91 -5.71
CA SER C 263 32.43 14.21 -5.11
C SER C 263 31.27 14.67 -4.22
N ASN C 264 30.04 14.32 -4.57
CA ASN C 264 28.87 14.77 -3.81
C ASN C 264 28.60 13.93 -2.58
N SER C 265 29.28 12.80 -2.42
CA SER C 265 29.01 11.92 -1.28
C SER C 265 29.60 12.51 0.00
N PRO C 266 28.91 12.34 1.15
CA PRO C 266 29.50 12.76 2.43
C PRO C 266 30.74 11.99 2.85
N LEU C 267 30.98 10.80 2.30
CA LEU C 267 32.16 10.02 2.62
C LEU C 267 33.36 10.36 1.75
N TYR C 268 33.35 11.53 1.11
CA TYR C 268 34.39 11.92 0.16
C TYR C 268 35.75 12.12 0.85
N ASP C 269 35.73 12.64 2.07
CA ASP C 269 36.94 12.87 2.84
C ASP C 269 37.27 11.72 3.80
N LEU C 270 36.56 10.61 3.70
CA LEU C 270 36.82 9.48 4.59
C LEU C 270 38.11 8.76 4.19
N ALA C 271 38.91 8.43 5.20
CA ALA C 271 40.23 7.84 5.04
C ALA C 271 40.31 6.54 5.83
N PRO C 272 41.22 5.63 5.47
CA PRO C 272 41.43 4.44 6.32
C PRO C 272 42.06 4.75 7.68
N SER C 273 42.64 5.94 7.87
CA SER C 273 43.03 6.38 9.21
C SER C 273 41.83 6.61 10.11
N ASP C 274 40.66 6.88 9.52
CA ASP C 274 39.38 6.84 10.21
C ASP C 274 38.87 5.40 10.29
N LEU C 275 37.57 5.25 10.55
CA LEU C 275 36.88 3.95 10.64
C LEU C 275 37.41 3.12 11.81
N HIS C 276 37.43 3.74 12.99
CA HIS C 276 37.71 3.10 14.26
C HIS C 276 36.49 3.26 15.17
N HIS C 277 36.61 2.77 16.40
CA HIS C 277 35.47 2.78 17.32
C HIS C 277 35.16 4.19 17.83
N HIS C 278 36.18 5.05 17.95
CA HIS C 278 35.96 6.40 18.47
C HIS C 278 35.33 7.34 17.44
N GLN C 279 35.35 6.96 16.16
CA GLN C 279 34.81 7.81 15.11
C GLN C 279 33.28 7.86 15.19
N ASP C 280 32.72 9.04 14.91
CA ASP C 280 31.28 9.27 15.04
C ASP C 280 30.51 8.93 13.77
N LEU C 281 31.17 8.36 12.76
CA LEU C 281 30.50 8.01 11.52
C LEU C 281 29.58 6.82 11.71
N GLU C 282 28.33 6.93 11.24
CA GLU C 282 27.41 5.81 11.22
C GLU C 282 26.74 5.76 9.85
N ILE C 283 26.49 4.55 9.34
CA ILE C 283 25.81 4.38 8.06
C ILE C 283 24.63 3.43 8.27
N ILE C 284 23.43 3.88 7.93
CA ILE C 284 22.19 3.19 8.25
C ILE C 284 21.49 2.79 6.95
N VAL C 285 21.13 1.51 6.84
CA VAL C 285 20.51 0.95 5.65
C VAL C 285 19.09 0.54 5.99
N ILE C 286 18.13 0.98 5.17
CA ILE C 286 16.72 0.65 5.33
C ILE C 286 16.28 -0.13 4.10
N LEU C 287 15.64 -1.28 4.33
CA LEU C 287 15.03 -2.05 3.25
C LEU C 287 13.52 -2.03 3.46
N GLU C 288 12.83 -1.22 2.68
CA GLU C 288 11.38 -1.09 2.76
C GLU C 288 10.74 -1.84 1.61
N GLY C 289 9.88 -2.81 1.93
CA GLY C 289 9.22 -3.57 0.89
C GLY C 289 7.82 -3.93 1.29
N VAL C 290 7.14 -4.68 0.44
CA VAL C 290 5.82 -5.23 0.73
C VAL C 290 5.93 -6.74 0.69
N VAL C 291 5.47 -7.40 1.76
CA VAL C 291 5.44 -8.86 1.79
C VAL C 291 4.37 -9.35 0.83
N GLU C 292 4.74 -10.35 0.01
CA GLU C 292 3.84 -10.84 -1.04
C GLU C 292 2.63 -11.55 -0.46
N THR C 293 2.80 -12.25 0.65
CA THR C 293 1.77 -13.12 1.21
C THR C 293 0.76 -12.38 2.07
N THR C 294 1.22 -11.38 2.83
CA THR C 294 0.36 -10.61 3.71
C THR C 294 -0.07 -9.28 3.12
N GLY C 295 0.71 -8.71 2.21
CA GLY C 295 0.34 -7.46 1.56
C GLY C 295 0.48 -6.23 2.44
N ILE C 296 1.38 -6.25 3.40
CA ILE C 296 1.62 -5.12 4.30
C ILE C 296 3.09 -4.74 4.19
N THR C 297 3.35 -3.44 4.09
CA THR C 297 4.73 -2.96 3.98
C THR C 297 5.48 -3.18 5.28
N THR C 298 6.77 -3.46 5.14
CA THR C 298 7.68 -3.68 6.25
C THR C 298 9.01 -3.03 5.92
N GLN C 299 9.87 -2.91 6.93
CA GLN C 299 11.22 -2.42 6.70
C GLN C 299 12.19 -3.13 7.63
N ALA C 300 13.37 -3.42 7.11
CA ALA C 300 14.49 -3.94 7.86
C ALA C 300 15.52 -2.84 7.99
N ARG C 301 15.71 -2.35 9.21
CA ARG C 301 16.72 -1.33 9.50
C ARG C 301 17.99 -2.00 9.97
N THR C 302 19.13 -1.42 9.61
CA THR C 302 20.42 -1.89 10.10
C THR C 302 21.38 -0.71 10.17
N SER C 303 22.37 -0.83 11.06
CA SER C 303 23.37 0.21 11.22
C SER C 303 24.77 -0.40 11.11
N TYR C 304 25.70 0.44 10.67
CA TYR C 304 27.09 0.08 10.49
C TYR C 304 27.93 1.19 11.11
N LEU C 305 28.60 0.87 12.21
CA LEU C 305 29.50 1.84 12.82
C LEU C 305 30.81 1.91 12.03
N ALA C 306 31.66 2.86 12.42
CA ALA C 306 32.90 3.10 11.70
C ALA C 306 33.88 1.94 11.88
N ASP C 307 33.94 1.37 13.09
CA ASP C 307 34.82 0.23 13.31
C ASP C 307 34.32 -1.05 12.66
N GLU C 308 33.03 -1.11 12.32
CA GLU C 308 32.46 -2.25 11.62
C GLU C 308 32.52 -2.11 10.10
N ILE C 309 33.06 -1.00 9.59
CA ILE C 309 33.29 -0.81 8.17
C ILE C 309 34.77 -1.10 7.90
N LEU C 310 35.02 -2.05 6.99
CA LEU C 310 36.36 -2.55 6.74
C LEU C 310 36.89 -1.97 5.42
N TRP C 311 38.11 -1.43 5.46
CA TRP C 311 38.75 -0.84 4.30
C TRP C 311 39.69 -1.86 3.67
N GLY C 312 39.63 -1.98 2.35
CA GLY C 312 40.53 -2.87 1.64
C GLY C 312 40.09 -4.32 1.62
N GLN C 313 38.81 -4.61 1.82
CA GLN C 313 38.27 -5.96 1.76
C GLN C 313 37.46 -6.12 0.48
N ARG C 314 36.79 -7.26 0.34
CA ARG C 314 35.84 -7.51 -0.74
C ARG C 314 34.97 -8.70 -0.38
N PHE C 315 33.68 -8.61 -0.66
CA PHE C 315 32.76 -9.70 -0.36
C PHE C 315 33.01 -10.90 -1.26
N VAL C 316 33.09 -12.08 -0.65
CA VAL C 316 33.29 -13.33 -1.39
C VAL C 316 32.00 -13.70 -2.10
N PRO C 317 32.04 -14.14 -3.36
CA PRO C 317 30.81 -14.60 -4.02
C PRO C 317 30.27 -15.88 -3.38
N ILE C 318 28.94 -15.93 -3.22
CA ILE C 318 28.29 -17.02 -2.52
C ILE C 318 27.33 -17.80 -3.39
N VAL C 319 27.01 -17.32 -4.59
CA VAL C 319 26.06 -17.98 -5.48
C VAL C 319 26.85 -18.79 -6.50
N ALA C 320 26.47 -20.05 -6.67
CA ALA C 320 27.14 -20.92 -7.64
C ALA C 320 26.10 -21.75 -8.38
N GLU C 321 26.40 -22.08 -9.63
CA GLU C 321 25.53 -22.93 -10.43
C GLU C 321 25.70 -24.37 -9.96
N GLU C 322 24.73 -24.86 -9.21
CA GLU C 322 24.73 -26.27 -8.83
C GLU C 322 24.19 -27.11 -9.99
N ASP C 323 24.03 -28.41 -9.74
CA ASP C 323 23.62 -29.33 -10.80
C ASP C 323 22.17 -29.09 -11.22
N GLY C 324 21.30 -28.78 -10.27
CA GLY C 324 19.92 -28.48 -10.60
C GLY C 324 19.71 -27.05 -11.03
N ARG C 325 20.14 -26.11 -10.19
CA ARG C 325 19.88 -24.69 -10.39
C ARG C 325 20.89 -23.88 -9.56
N TYR C 326 20.65 -22.58 -9.43
CA TYR C 326 21.53 -21.73 -8.64
C TYR C 326 21.38 -22.03 -7.16
N SER C 327 22.51 -22.02 -6.45
CA SER C 327 22.54 -22.25 -5.01
C SER C 327 23.29 -21.13 -4.32
N VAL C 328 22.74 -20.66 -3.20
CA VAL C 328 23.32 -19.59 -2.40
C VAL C 328 23.90 -20.21 -1.14
N ASP C 329 25.22 -20.08 -0.95
CA ASP C 329 25.91 -20.57 0.23
C ASP C 329 25.84 -19.48 1.30
N TYR C 330 24.86 -19.58 2.20
CA TYR C 330 24.70 -18.60 3.26
C TYR C 330 25.73 -18.73 4.37
N SER C 331 26.53 -19.79 4.36
CA SER C 331 27.63 -19.90 5.33
C SER C 331 28.76 -18.93 5.02
N LYS C 332 28.82 -18.39 3.80
CA LYS C 332 29.82 -17.40 3.42
C LYS C 332 29.21 -16.02 3.21
N PHE C 333 28.03 -15.77 3.80
CA PHE C 333 27.20 -14.60 3.47
C PHE C 333 27.90 -13.28 3.81
N GLY C 334 28.54 -13.21 4.97
CA GLY C 334 29.26 -12.03 5.39
C GLY C 334 30.76 -12.10 5.25
N ASN C 335 31.29 -13.13 4.59
CA ASN C 335 32.74 -13.31 4.51
C ASN C 335 33.38 -12.31 3.56
N THR C 336 34.55 -11.82 3.96
CA THR C 336 35.31 -10.84 3.18
C THR C 336 36.73 -11.34 2.97
N ILE C 337 37.35 -10.88 1.88
CA ILE C 337 38.74 -11.20 1.57
C ILE C 337 39.50 -9.89 1.31
N LYS C 338 40.73 -9.81 1.81
CA LYS C 338 41.52 -8.59 1.67
C LYS C 338 42.00 -8.43 0.23
N VAL C 339 41.72 -7.26 -0.33
CA VAL C 339 42.00 -6.95 -1.74
C VAL C 339 42.81 -5.66 -1.77
N PRO C 340 43.90 -5.58 -2.58
CA PRO C 340 44.72 -4.36 -2.60
C PRO C 340 44.00 -3.12 -3.13
N THR C 341 43.76 -2.17 -2.24
CA THR C 341 43.13 -0.88 -2.49
C THR C 341 44.07 0.23 -2.04
N PRO C 342 43.97 1.42 -2.63
CA PRO C 342 44.72 2.58 -2.12
C PRO C 342 44.31 2.94 -0.69
N LEU C 343 45.30 3.31 0.12
CA LEU C 343 45.08 3.75 1.49
C LEU C 343 44.95 5.25 1.60
N CYS C 344 44.45 5.91 0.57
CA CYS C 344 44.16 7.34 0.57
C CYS C 344 42.66 7.56 0.62
N THR C 345 42.26 8.82 0.78
CA THR C 345 40.86 9.15 0.69
C THR C 345 40.44 9.23 -0.79
N ALA C 346 39.12 9.38 -1.00
CA ALA C 346 38.59 9.41 -2.36
C ALA C 346 39.01 10.68 -3.10
N ARG C 347 39.09 11.81 -2.38
CA ARG C 347 39.51 13.05 -3.02
C ARG C 347 40.98 13.01 -3.43
N GLN C 348 41.82 12.35 -2.63
CA GLN C 348 43.23 12.20 -2.99
C GLN C 348 43.40 11.30 -4.21
N LEU C 349 42.58 10.24 -4.31
CA LEU C 349 42.61 9.39 -5.50
C LEU C 349 42.13 10.15 -6.73
N ASP C 350 41.11 11.00 -6.58
CA ASP C 350 40.65 11.84 -7.67
C ASP C 350 41.71 12.84 -8.11
N GLU C 351 42.44 13.42 -7.14
CA GLU C 351 43.53 14.33 -7.46
C GLU C 351 44.69 13.61 -8.15
N ASP C 352 44.94 12.36 -7.76
CA ASP C 352 45.98 11.57 -8.43
C ASP C 352 45.59 11.25 -9.87
N ARG C 353 44.30 11.03 -10.11
CA ARG C 353 43.82 10.90 -11.49
C ARG C 353 43.94 12.21 -12.26
N SER C 354 43.70 13.33 -11.58
CA SER C 354 43.84 14.64 -12.22
C SER C 354 45.30 14.95 -12.58
N LEU C 355 46.25 14.47 -11.76
CA LEU C 355 47.66 14.69 -12.07
C LEU C 355 48.11 13.86 -13.26
N LEU C 356 47.61 12.64 -13.40
CA LEU C 356 48.00 11.76 -14.48
C LEU C 356 47.35 12.17 -15.82
N PRO D 2 -24.44 -22.63 50.97
CA PRO D 2 -23.00 -22.40 51.11
C PRO D 2 -22.52 -21.18 50.31
N LEU D 3 -21.90 -20.23 51.02
CA LEU D 3 -21.36 -18.98 50.48
C LEU D 3 -22.44 -18.18 49.74
N ALA D 4 -23.47 -17.81 50.50
CA ALA D 4 -24.57 -17.01 49.99
C ALA D 4 -24.35 -15.55 50.36
N PHE D 5 -24.83 -14.65 49.49
CA PHE D 5 -24.65 -13.22 49.71
C PHE D 5 -25.41 -12.74 50.93
N CYS D 6 -26.67 -13.15 51.05
CA CYS D 6 -27.42 -13.03 52.29
C CYS D 6 -27.53 -14.42 52.90
N GLY D 7 -27.32 -14.50 54.22
CA GLY D 7 -27.16 -15.80 54.87
C GLY D 7 -28.45 -16.61 54.87
N THR D 8 -28.30 -17.92 54.64
CA THR D 8 -29.43 -18.83 54.49
C THR D 8 -30.02 -19.10 55.87
N GLU D 9 -30.89 -18.18 56.29
CA GLU D 9 -31.62 -18.29 57.55
C GLU D 9 -33.11 -18.22 57.27
N ASN D 10 -33.87 -19.05 58.00
CA ASN D 10 -35.33 -19.23 57.82
C ASN D 10 -35.67 -19.62 56.38
N HIS D 11 -34.89 -20.57 55.85
CA HIS D 11 -35.01 -21.10 54.48
C HIS D 11 -34.89 -19.99 53.43
N SER D 12 -33.79 -19.25 53.52
CA SER D 12 -33.44 -18.12 52.62
C SER D 12 -34.55 -17.06 52.60
N ALA D 13 -34.98 -16.66 53.79
CA ALA D 13 -36.01 -15.62 53.93
C ALA D 13 -35.47 -14.22 53.68
N ALA D 14 -34.14 -14.04 53.65
CA ALA D 14 -33.57 -12.72 53.39
C ALA D 14 -33.68 -12.32 51.92
N TYR D 15 -33.86 -13.29 51.02
CA TYR D 15 -34.01 -13.00 49.60
C TYR D 15 -35.45 -12.71 49.21
N ARG D 16 -36.40 -12.85 50.13
CA ARG D 16 -37.79 -12.53 49.85
C ARG D 16 -37.97 -11.01 49.82
N VAL D 17 -38.38 -10.48 48.67
CA VAL D 17 -38.44 -9.04 48.47
C VAL D 17 -39.88 -8.61 48.20
N ASP D 18 -40.84 -9.34 48.77
CA ASP D 18 -42.26 -9.03 48.61
C ASP D 18 -42.66 -7.73 49.31
N GLN D 19 -41.83 -7.22 50.20
CA GLN D 19 -42.12 -6.04 51.02
C GLN D 19 -41.39 -4.79 50.54
N GLY D 20 -41.33 -4.54 49.23
CA GLY D 20 -40.56 -3.39 48.79
C GLY D 20 -39.06 -3.59 48.81
N VAL D 21 -38.54 -4.26 47.78
CA VAL D 21 -37.13 -4.63 47.56
C VAL D 21 -36.13 -3.51 47.90
N LEU D 22 -36.51 -2.25 47.70
CA LEU D 22 -35.65 -1.14 48.08
C LEU D 22 -35.51 -1.04 49.61
N ASN D 23 -36.58 -1.27 50.36
CA ASN D 23 -36.48 -1.29 51.81
C ASN D 23 -36.25 -2.69 52.37
N ASN D 24 -36.06 -3.69 51.50
CA ASN D 24 -35.59 -4.99 51.95
C ASN D 24 -34.09 -4.92 52.15
N GLY D 25 -33.64 -5.21 53.37
CA GLY D 25 -32.22 -5.21 53.65
C GLY D 25 -31.51 -6.39 52.99
N CYS D 26 -30.18 -6.24 52.90
CA CYS D 26 -29.19 -7.07 52.19
C CYS D 26 -29.35 -7.02 50.66
N PHE D 27 -30.34 -6.28 50.14
CA PHE D 27 -30.39 -5.91 48.73
C PHE D 27 -29.75 -4.54 48.50
N VAL D 28 -29.86 -3.63 49.47
CA VAL D 28 -29.16 -2.36 49.37
C VAL D 28 -27.66 -2.59 49.47
N ASP D 29 -27.24 -3.56 50.27
CA ASP D 29 -25.84 -3.99 50.25
C ASP D 29 -25.46 -4.63 48.92
N ALA D 30 -26.42 -5.28 48.24
CA ALA D 30 -26.18 -5.72 46.87
C ALA D 30 -26.16 -4.55 45.89
N LEU D 31 -26.93 -3.50 46.19
CA LEU D 31 -26.93 -2.31 45.34
C LEU D 31 -25.65 -1.51 45.49
N ASN D 32 -24.97 -1.64 46.64
CA ASN D 32 -23.73 -0.91 46.89
C ASN D 32 -22.57 -1.43 46.07
N VAL D 33 -22.60 -2.70 45.64
CA VAL D 33 -21.51 -3.28 44.86
C VAL D 33 -21.45 -2.70 43.45
N VAL D 34 -22.59 -2.19 42.95
CA VAL D 34 -22.67 -1.75 41.54
C VAL D 34 -21.74 -0.58 41.19
N PRO D 35 -21.69 0.54 41.97
CA PRO D 35 -20.72 1.59 41.60
C PRO D 35 -19.26 1.17 41.67
N HIS D 36 -18.90 0.28 42.60
CA HIS D 36 -17.51 -0.12 42.75
C HIS D 36 -17.05 -0.99 41.59
N VAL D 37 -17.88 -1.97 41.20
CA VAL D 37 -17.50 -2.80 40.06
C VAL D 37 -17.62 -2.03 38.74
N PHE D 38 -18.52 -1.03 38.68
CA PHE D 38 -18.57 -0.14 37.52
C PHE D 38 -17.29 0.66 37.38
N LEU D 39 -16.78 1.20 38.50
CA LEU D 39 -15.53 1.95 38.50
C LEU D 39 -14.35 1.06 38.13
N LEU D 40 -14.31 -0.18 38.66
CA LEU D 40 -13.23 -1.10 38.33
C LEU D 40 -13.23 -1.45 36.85
N PHE D 41 -14.40 -1.77 36.29
CA PHE D 41 -14.48 -2.15 34.89
C PHE D 41 -14.35 -0.98 33.93
N ILE D 42 -14.58 0.26 34.39
CA ILE D 42 -14.37 1.43 33.52
C ILE D 42 -12.99 2.04 33.72
N THR D 43 -12.26 1.67 34.77
CA THR D 43 -10.97 2.26 35.10
C THR D 43 -9.79 1.36 34.78
N PHE D 44 -9.91 0.04 34.99
CA PHE D 44 -8.83 -0.89 34.67
C PHE D 44 -8.37 -0.89 33.20
N PRO D 45 -9.24 -0.82 32.17
CA PRO D 45 -8.68 -0.68 30.81
C PRO D 45 -8.00 0.65 30.56
N ILE D 46 -8.51 1.76 31.13
CA ILE D 46 -7.89 3.06 30.91
C ILE D 46 -6.51 3.13 31.56
N LEU D 47 -6.38 2.60 32.78
CA LEU D 47 -5.09 2.59 33.45
C LEU D 47 -4.14 1.57 32.84
N PHE D 48 -4.67 0.42 32.38
CA PHE D 48 -3.80 -0.63 31.86
C PHE D 48 -3.27 -0.29 30.47
N ILE D 49 -4.13 0.25 29.60
CA ILE D 49 -3.70 0.63 28.26
C ILE D 49 -2.74 1.81 28.31
N GLY D 50 -3.04 2.79 29.15
CA GLY D 50 -2.10 3.87 29.42
C GLY D 50 -1.04 3.45 30.43
N HIS D 61 8.05 9.98 30.16
CA HIS D 61 8.05 10.50 31.51
C HIS D 61 7.64 11.97 31.53
N HIS D 62 6.87 12.35 32.54
CA HIS D 62 6.41 13.73 32.71
C HIS D 62 7.20 14.36 33.85
N SER D 63 8.14 15.24 33.51
CA SER D 63 8.89 15.99 34.50
C SER D 63 8.26 17.34 34.83
N THR D 64 7.13 17.66 34.20
CA THR D 64 6.46 18.95 34.33
C THR D 64 5.04 18.79 34.88
N TRP D 65 4.88 17.95 35.89
CA TRP D 65 3.55 17.66 36.42
C TRP D 65 3.04 18.78 37.32
N LEU D 66 1.75 19.05 37.23
CA LEU D 66 1.07 20.02 38.07
C LEU D 66 0.08 19.29 38.99
N HIS D 67 -0.70 20.07 39.74
CA HIS D 67 -1.68 19.52 40.67
C HIS D 67 -3.02 20.23 40.51
N PHE D 68 -4.09 19.44 40.52
CA PHE D 68 -5.45 19.95 40.41
C PHE D 68 -5.86 20.63 41.72
N PRO D 69 -6.87 21.51 41.67
CA PRO D 69 -7.37 22.10 42.93
C PRO D 69 -7.99 21.06 43.86
N GLY D 70 -7.83 21.29 45.16
CA GLY D 70 -8.29 20.35 46.16
C GLY D 70 -7.48 19.08 46.25
N HIS D 71 -6.21 19.13 45.84
CA HIS D 71 -5.36 17.93 45.77
C HIS D 71 -5.06 17.39 47.17
N ASN D 72 -4.62 18.27 48.08
CA ASN D 72 -4.36 17.90 49.46
C ASN D 72 -5.62 17.40 50.14
N LEU D 73 -6.74 18.09 49.92
CA LEU D 73 -8.02 17.72 50.49
C LEU D 73 -8.49 16.37 49.95
N ARG D 74 -8.29 16.12 48.64
CA ARG D 74 -8.69 14.84 48.06
C ARG D 74 -7.88 13.68 48.63
N TRP D 75 -6.57 13.88 48.81
CA TRP D 75 -5.75 12.81 49.41
C TRP D 75 -6.12 12.55 50.87
N ILE D 76 -6.42 13.61 51.63
CA ILE D 76 -6.84 13.45 53.03
C ILE D 76 -8.19 12.74 53.11
N LEU D 77 -9.14 13.12 52.25
CA LEU D 77 -10.46 12.49 52.23
C LEU D 77 -10.37 11.03 51.79
N THR D 78 -9.46 10.72 50.87
CA THR D 78 -9.26 9.33 50.46
C THR D 78 -8.67 8.48 51.59
N PHE D 79 -7.72 9.05 52.35
CA PHE D 79 -7.15 8.33 53.50
C PHE D 79 -8.22 8.07 54.58
N ILE D 80 -9.06 9.08 54.85
CA ILE D 80 -10.14 8.92 55.84
C ILE D 80 -11.16 7.90 55.33
N LEU D 81 -11.44 7.90 54.02
CA LEU D 81 -12.35 6.93 53.43
C LEU D 81 -11.82 5.51 53.56
N LEU D 82 -10.52 5.30 53.33
CA LEU D 82 -9.93 3.99 53.49
C LEU D 82 -9.98 3.52 54.94
N PHE D 83 -9.74 4.44 55.89
CA PHE D 83 -9.82 4.09 57.31
C PHE D 83 -11.24 3.68 57.72
N VAL D 84 -12.24 4.44 57.28
CA VAL D 84 -13.63 4.14 57.64
C VAL D 84 -14.10 2.85 56.96
N LEU D 85 -13.62 2.57 55.74
CA LEU D 85 -13.96 1.30 55.09
C LEU D 85 -13.30 0.11 55.78
N VAL D 86 -12.07 0.28 56.30
CA VAL D 86 -11.44 -0.77 57.09
C VAL D 86 -12.24 -1.03 58.37
N CYS D 87 -12.70 0.05 59.03
CA CYS D 87 -13.55 -0.10 60.20
C CYS D 87 -14.87 -0.79 59.87
N GLU D 88 -15.43 -0.53 58.68
CA GLU D 88 -16.67 -1.17 58.26
C GLU D 88 -16.45 -2.66 57.99
N ILE D 89 -15.32 -3.02 57.39
CA ILE D 89 -14.96 -4.43 57.20
C ILE D 89 -14.83 -5.14 58.54
N ALA D 90 -14.17 -4.48 59.50
CA ALA D 90 -13.99 -5.07 60.83
C ALA D 90 -15.31 -5.26 61.55
N GLU D 91 -16.20 -4.26 61.49
CA GLU D 91 -17.49 -4.39 62.18
C GLU D 91 -18.41 -5.39 61.48
N GLY D 92 -18.28 -5.54 60.15
CA GLY D 92 -19.05 -6.57 59.45
C GLY D 92 -18.59 -7.97 59.79
N ILE D 93 -17.27 -8.16 59.92
CA ILE D 93 -16.73 -9.46 60.31
C ILE D 93 -17.12 -9.78 61.76
N LEU D 94 -17.14 -8.75 62.62
CA LEU D 94 -17.60 -8.91 63.99
C LEU D 94 -19.08 -9.27 64.06
N SER D 95 -19.88 -8.66 63.18
CA SER D 95 -21.33 -8.81 63.26
C SER D 95 -21.82 -10.17 62.78
N ASP D 96 -21.20 -10.72 61.74
CA ASP D 96 -21.67 -11.96 61.14
C ASP D 96 -21.10 -13.21 61.82
N GLY D 97 -20.27 -13.07 62.85
CA GLY D 97 -19.63 -14.20 63.48
C GLY D 97 -20.49 -15.01 64.42
N VAL D 98 -21.74 -14.60 64.65
CA VAL D 98 -22.65 -15.31 65.54
C VAL D 98 -23.53 -16.29 64.77
N THR D 99 -24.09 -15.86 63.64
CA THR D 99 -24.95 -16.72 62.83
C THR D 99 -24.14 -17.84 62.17
N GLU D 100 -24.81 -18.97 61.92
CA GLU D 100 -24.14 -20.14 61.36
C GLU D 100 -23.77 -19.93 59.88
N SER D 101 -24.59 -19.19 59.14
CA SER D 101 -24.32 -18.90 57.74
C SER D 101 -23.61 -17.56 57.62
N ARG D 102 -22.54 -17.52 56.85
CA ARG D 102 -21.76 -16.30 56.67
C ARG D 102 -22.52 -15.32 55.79
N HIS D 103 -22.73 -14.10 56.30
CA HIS D 103 -23.42 -13.04 55.56
C HIS D 103 -22.37 -12.28 54.75
N LEU D 104 -22.34 -12.54 53.43
CA LEU D 104 -21.39 -11.83 52.58
C LEU D 104 -21.74 -10.36 52.41
N HIS D 105 -23.00 -9.98 52.62
CA HIS D 105 -23.41 -8.59 52.43
C HIS D 105 -22.87 -7.65 53.50
N LEU D 106 -22.26 -8.18 54.57
CA LEU D 106 -21.76 -7.35 55.65
C LEU D 106 -20.32 -6.88 55.45
N TYR D 107 -19.50 -7.65 54.74
CA TYR D 107 -18.10 -7.26 54.62
C TYR D 107 -17.59 -7.20 53.18
N MET D 108 -18.16 -8.01 52.29
CA MET D 108 -17.74 -8.00 50.88
C MET D 108 -18.06 -6.68 50.15
N PRO D 109 -19.23 -6.02 50.30
CA PRO D 109 -19.35 -4.67 49.71
C PRO D 109 -18.38 -3.65 50.26
N ALA D 110 -18.01 -3.74 51.55
CA ALA D 110 -17.04 -2.79 52.11
C ALA D 110 -15.64 -3.07 51.57
N GLY D 111 -15.28 -4.34 51.37
CA GLY D 111 -14.00 -4.64 50.74
C GLY D 111 -13.94 -4.23 49.28
N MET D 112 -15.07 -4.40 48.57
CA MET D 112 -15.17 -3.91 47.20
C MET D 112 -15.04 -2.38 47.15
N ALA D 113 -15.62 -1.69 48.14
CA ALA D 113 -15.48 -0.25 48.24
C ALA D 113 -14.03 0.16 48.53
N PHE D 114 -13.33 -0.63 49.36
CA PHE D 114 -11.92 -0.36 49.65
C PHE D 114 -11.05 -0.50 48.40
N MET D 115 -11.28 -1.57 47.63
CA MET D 115 -10.55 -1.76 46.38
C MET D 115 -10.89 -0.68 45.36
N ALA D 116 -12.16 -0.25 45.32
CA ALA D 116 -12.57 0.82 44.42
C ALA D 116 -11.94 2.16 44.80
N ALA D 117 -11.82 2.44 46.10
CA ALA D 117 -11.20 3.69 46.53
C ALA D 117 -9.70 3.71 46.22
N ILE D 118 -9.04 2.56 46.38
CA ILE D 118 -7.63 2.45 45.99
C ILE D 118 -7.46 2.66 44.49
N THR D 119 -8.33 2.03 43.68
CA THR D 119 -8.27 2.20 42.23
C THR D 119 -8.58 3.63 41.81
N SER D 120 -9.51 4.28 42.53
CA SER D 120 -9.87 5.67 42.24
C SER D 120 -8.72 6.62 42.54
N VAL D 121 -8.00 6.41 43.65
CA VAL D 121 -6.88 7.31 43.94
C VAL D 121 -5.70 7.04 43.01
N VAL D 122 -5.53 5.79 42.53
CA VAL D 122 -4.50 5.51 41.54
C VAL D 122 -4.84 6.17 40.20
N TYR D 123 -6.12 6.11 39.81
CA TYR D 123 -6.60 6.75 38.59
C TYR D 123 -6.45 8.27 38.65
N TYR D 124 -6.76 8.86 39.80
CA TYR D 124 -6.60 10.31 39.98
C TYR D 124 -5.13 10.72 39.94
N HIS D 125 -4.24 9.91 40.55
CA HIS D 125 -2.81 10.24 40.51
C HIS D 125 -2.25 10.13 39.10
N ASN D 126 -2.65 9.09 38.34
CA ASN D 126 -2.18 8.95 36.97
C ASN D 126 -2.72 10.08 36.08
N ILE D 127 -3.95 10.51 36.32
CA ILE D 127 -4.52 11.64 35.59
C ILE D 127 -3.80 12.93 35.95
N GLU D 128 -3.50 13.14 37.24
CA GLU D 128 -2.83 14.36 37.67
C GLU D 128 -1.40 14.45 37.17
N THR D 129 -0.69 13.31 37.12
CA THR D 129 0.65 13.31 36.53
C THR D 129 0.61 13.24 35.01
N SER D 130 -0.56 13.02 34.41
CA SER D 130 -0.69 13.01 32.95
C SER D 130 -1.50 14.17 32.41
N ASN D 131 -2.15 14.97 33.28
CA ASN D 131 -2.93 16.17 32.93
C ASN D 131 -4.06 15.85 31.96
N PHE D 132 -4.97 14.97 32.41
CA PHE D 132 -6.14 14.56 31.63
C PHE D 132 -7.41 14.86 32.42
N PRO D 133 -7.80 16.13 32.55
CA PRO D 133 -8.95 16.44 33.42
C PRO D 133 -10.28 15.95 32.86
N LYS D 134 -10.40 15.83 31.54
CA LYS D 134 -11.65 15.40 30.90
C LYS D 134 -12.06 13.98 31.26
N LEU D 135 -11.10 13.13 31.64
CA LEU D 135 -11.43 11.78 32.08
C LEU D 135 -12.01 11.74 33.50
N LEU D 136 -11.86 12.83 34.27
CA LEU D 136 -12.32 12.87 35.66
C LEU D 136 -13.83 12.73 35.79
N ILE D 137 -14.56 13.01 34.69
CA ILE D 137 -16.00 12.76 34.57
C ILE D 137 -16.35 11.34 35.02
N ALA D 138 -15.52 10.37 34.61
CA ALA D 138 -15.73 8.97 35.00
C ALA D 138 -15.74 8.81 36.51
N LEU D 139 -14.73 9.42 37.19
CA LEU D 139 -14.69 9.42 38.64
C LEU D 139 -15.92 10.08 39.23
N LEU D 140 -16.34 11.20 38.60
CA LEU D 140 -17.55 11.92 39.00
C LEU D 140 -18.75 11.01 39.00
N ILE D 141 -18.91 10.22 37.93
CA ILE D 141 -20.05 9.32 37.80
C ILE D 141 -20.04 8.29 38.92
N TYR D 142 -18.84 7.75 39.20
CA TYR D 142 -18.69 6.75 40.25
C TYR D 142 -19.07 7.34 41.60
N TRP D 143 -18.59 8.55 41.89
CA TRP D 143 -18.88 9.16 43.18
C TRP D 143 -20.36 9.43 43.31
N THR D 144 -20.98 9.88 42.21
CA THR D 144 -22.42 10.13 42.19
C THR D 144 -23.18 8.85 42.48
N LEU D 145 -22.77 7.76 41.79
CA LEU D 145 -23.42 6.47 41.98
C LEU D 145 -23.23 5.99 43.40
N ALA D 146 -22.00 6.17 43.93
CA ALA D 146 -21.70 5.74 45.28
C ALA D 146 -22.53 6.50 46.28
N PHE D 147 -22.68 7.82 46.04
CA PHE D 147 -23.46 8.68 46.92
C PHE D 147 -24.90 8.22 46.95
N ILE D 148 -25.46 7.91 45.77
CA ILE D 148 -26.85 7.46 45.69
C ILE D 148 -27.00 6.13 46.41
N THR D 149 -26.06 5.21 46.15
CA THR D 149 -26.18 3.88 46.75
C THR D 149 -25.87 3.93 48.23
N LYS D 150 -25.20 4.97 48.71
CA LYS D 150 -25.06 5.05 50.15
C LYS D 150 -26.30 5.66 50.77
N THR D 151 -26.86 6.71 50.13
CA THR D 151 -27.85 7.52 50.84
C THR D 151 -29.17 6.76 50.97
N ILE D 152 -29.50 5.94 49.96
CA ILE D 152 -30.63 5.01 50.02
C ILE D 152 -30.51 4.13 51.25
N LYS D 153 -29.31 3.55 51.44
CA LYS D 153 -29.02 2.70 52.59
C LYS D 153 -29.23 3.48 53.89
N PHE D 154 -28.72 4.72 53.91
CA PHE D 154 -28.86 5.57 55.09
C PHE D 154 -30.33 5.87 55.36
N VAL D 155 -31.08 6.14 54.28
CA VAL D 155 -32.51 6.43 54.42
C VAL D 155 -33.25 5.20 54.93
N LYS D 156 -32.86 4.02 54.44
CA LYS D 156 -33.49 2.80 54.92
C LYS D 156 -33.10 2.52 56.36
N PHE D 157 -31.85 2.86 56.72
CA PHE D 157 -31.44 2.71 58.11
C PHE D 157 -32.15 3.74 59.00
N TYR D 158 -32.57 4.87 58.42
CA TYR D 158 -33.38 5.78 59.19
C TYR D 158 -34.83 5.31 59.26
N ASP D 159 -35.30 4.57 58.25
CA ASP D 159 -36.71 4.21 58.24
C ASP D 159 -37.02 2.99 59.09
N HIS D 160 -36.01 2.20 59.44
CA HIS D 160 -36.17 1.06 60.34
C HIS D 160 -35.70 1.37 61.75
N ALA D 161 -35.41 2.65 62.03
CA ALA D 161 -35.06 3.16 63.36
C ALA D 161 -33.80 2.48 63.93
N ILE D 162 -32.73 2.51 63.15
CA ILE D 162 -31.45 1.97 63.61
C ILE D 162 -30.88 2.85 64.72
N GLY D 163 -30.62 4.12 64.42
CA GLY D 163 -30.14 5.06 65.41
C GLY D 163 -28.63 5.05 65.56
N PHE D 164 -28.14 6.00 66.36
CA PHE D 164 -26.70 6.23 66.51
C PHE D 164 -26.05 5.27 67.49
N SER D 165 -26.81 4.43 68.21
CA SER D 165 -26.23 3.44 69.10
C SER D 165 -25.57 2.29 68.35
N GLN D 166 -25.80 2.17 67.05
CA GLN D 166 -25.23 1.13 66.22
C GLN D 166 -24.08 1.72 65.40
N LEU D 167 -22.96 0.99 65.34
CA LEU D 167 -21.78 1.52 64.67
C LEU D 167 -21.97 1.59 63.16
N ARG D 168 -22.74 0.67 62.57
CA ARG D 168 -22.93 0.64 61.13
C ARG D 168 -23.68 1.87 60.63
N PHE D 169 -24.60 2.40 61.43
CA PHE D 169 -25.30 3.64 61.08
C PHE D 169 -24.34 4.82 61.04
N CYS D 170 -23.46 4.95 62.05
CA CYS D 170 -22.46 6.01 62.05
C CYS D 170 -21.45 5.83 60.93
N LEU D 171 -21.11 4.58 60.60
CA LEU D 171 -20.14 4.32 59.54
C LEU D 171 -20.72 4.63 58.16
N THR D 172 -22.00 4.30 57.93
CA THR D 172 -22.58 4.66 56.65
C THR D 172 -22.90 6.16 56.57
N GLY D 173 -23.12 6.81 57.72
CA GLY D 173 -23.18 8.27 57.71
C GLY D 173 -21.85 8.91 57.37
N LEU D 174 -20.76 8.37 57.92
CA LEU D 174 -19.42 8.82 57.54
C LEU D 174 -19.13 8.52 56.08
N LEU D 175 -19.62 7.38 55.58
CA LEU D 175 -19.44 7.00 54.18
C LEU D 175 -20.12 7.98 53.23
N VAL D 176 -21.39 8.31 53.53
CA VAL D 176 -22.11 9.24 52.65
C VAL D 176 -21.58 10.67 52.81
N ILE D 177 -21.07 11.04 53.99
CA ILE D 177 -20.46 12.35 54.16
C ILE D 177 -19.17 12.48 53.36
N LEU D 178 -18.31 11.44 53.41
CA LEU D 178 -17.06 11.46 52.66
C LEU D 178 -17.30 11.38 51.15
N TYR D 179 -18.32 10.62 50.72
CA TYR D 179 -18.67 10.58 49.30
C TYR D 179 -19.19 11.93 48.83
N GLY D 180 -20.00 12.61 49.66
CA GLY D 180 -20.44 13.95 49.31
C GLY D 180 -19.31 14.96 49.27
N MET D 181 -18.34 14.82 50.18
CA MET D 181 -17.18 15.71 50.18
C MET D 181 -16.31 15.49 48.94
N LEU D 182 -16.12 14.24 48.54
CA LEU D 182 -15.37 13.97 47.31
C LEU D 182 -16.12 14.43 46.06
N LEU D 183 -17.46 14.35 46.08
CA LEU D 183 -18.25 14.92 44.99
C LEU D 183 -18.13 16.44 44.95
N LEU D 184 -18.07 17.08 46.12
CA LEU D 184 -17.86 18.53 46.16
C LEU D 184 -16.47 18.92 45.68
N VAL D 185 -15.46 18.09 45.98
CA VAL D 185 -14.11 18.32 45.45
C VAL D 185 -14.11 18.18 43.93
N GLU D 186 -14.83 17.19 43.40
CA GLU D 186 -14.92 17.01 41.95
C GLU D 186 -15.64 18.17 41.26
N VAL D 187 -16.72 18.68 41.86
CA VAL D 187 -17.39 19.82 41.22
C VAL D 187 -16.59 21.11 41.42
N ASN D 188 -15.76 21.19 42.47
CA ASN D 188 -14.80 22.29 42.56
C ASN D 188 -13.76 22.21 41.46
N VAL D 189 -13.33 21.00 41.11
CA VAL D 189 -12.35 20.82 40.03
C VAL D 189 -12.95 21.21 38.68
N ILE D 190 -14.19 20.80 38.40
CA ILE D 190 -14.83 21.21 37.15
C ILE D 190 -15.20 22.69 37.16
N ARG D 191 -15.37 23.31 38.34
CA ARG D 191 -15.59 24.75 38.40
C ARG D 191 -14.30 25.51 38.08
N VAL D 192 -13.17 25.07 38.63
CA VAL D 192 -11.91 25.78 38.39
C VAL D 192 -11.38 25.49 36.98
N ARG D 193 -11.12 24.22 36.69
CA ARG D 193 -10.67 23.80 35.36
C ARG D 193 -11.86 23.20 34.62
N ARG D 194 -12.28 23.87 33.54
CA ARG D 194 -13.47 23.47 32.80
C ARG D 194 -13.09 22.47 31.71
N TYR D 195 -13.07 21.19 32.09
CA TYR D 195 -12.83 20.09 31.16
C TYR D 195 -14.11 19.55 30.54
N ILE D 196 -15.26 20.12 30.89
CA ILE D 196 -16.56 19.73 30.34
C ILE D 196 -16.94 20.81 29.33
N PHE D 197 -18.08 20.64 28.66
CA PHE D 197 -18.48 21.56 27.59
C PHE D 197 -18.76 22.95 28.15
N PHE D 198 -17.80 23.83 27.95
CA PHE D 198 -17.74 25.18 28.52
C PHE D 198 -16.88 26.02 27.58
N LYS D 199 -16.43 27.18 28.06
CA LYS D 199 -15.46 27.97 27.30
C LYS D 199 -14.06 27.37 27.36
N THR D 200 -13.79 26.50 28.34
CA THR D 200 -12.47 25.99 28.67
C THR D 200 -11.36 27.04 28.74
N PRO D 201 -11.48 28.05 29.63
CA PRO D 201 -10.52 29.17 29.58
C PRO D 201 -9.24 28.97 30.39
N ARG D 202 -9.28 28.15 31.44
CA ARG D 202 -8.22 28.12 32.45
C ARG D 202 -7.15 27.10 32.10
N GLU D 203 -5.90 27.56 32.07
CA GLU D 203 -4.74 26.69 31.95
C GLU D 203 -3.78 27.02 33.09
N VAL D 204 -3.39 26.01 33.85
CA VAL D 204 -2.61 26.26 35.06
C VAL D 204 -1.14 26.45 34.73
N LYS D 205 -0.60 25.65 33.78
CA LYS D 205 0.79 25.52 33.32
C LYS D 205 1.68 24.91 34.39
N PRO D 206 2.75 24.19 34.01
CA PRO D 206 3.64 23.62 35.03
C PRO D 206 4.41 24.71 35.77
N PRO D 207 4.84 24.45 37.00
CA PRO D 207 5.65 25.43 37.74
C PRO D 207 7.00 25.66 37.07
N GLU D 208 7.50 26.89 37.22
CA GLU D 208 8.66 27.34 36.47
C GLU D 208 9.94 26.63 36.89
N ASP D 209 10.01 26.17 38.14
CA ASP D 209 11.18 25.43 38.58
C ASP D 209 11.24 24.05 37.96
N LEU D 210 10.08 23.39 37.81
CA LEU D 210 10.05 22.03 37.32
C LEU D 210 10.24 21.92 35.81
N GLN D 211 9.75 22.90 35.04
CA GLN D 211 9.64 22.71 33.59
C GLN D 211 10.99 22.79 32.86
N ASP D 212 11.82 23.77 33.19
CA ASP D 212 13.06 23.96 32.44
C ASP D 212 14.29 24.28 33.30
N LEU D 213 14.13 24.58 34.59
CA LEU D 213 15.28 24.98 35.41
C LEU D 213 16.21 23.80 35.68
N GLY D 214 15.66 22.60 35.84
CA GLY D 214 16.48 21.43 36.06
C GLY D 214 16.64 21.09 37.53
N VAL D 215 15.57 21.28 38.31
CA VAL D 215 15.59 20.88 39.71
C VAL D 215 15.28 19.39 39.81
N ARG D 216 15.90 18.73 40.79
CA ARG D 216 15.68 17.31 41.01
C ARG D 216 15.30 17.02 42.46
N PHE D 217 14.95 18.04 43.23
CA PHE D 217 14.45 17.90 44.60
C PHE D 217 12.94 18.08 44.52
N LEU D 218 12.23 16.98 44.33
CA LEU D 218 10.83 16.98 43.93
C LEU D 218 9.86 17.04 45.11
N GLN D 219 10.38 17.21 46.33
CA GLN D 219 9.55 17.20 47.53
C GLN D 219 8.44 18.27 47.58
N PRO D 220 8.63 19.53 47.16
CA PRO D 220 7.45 20.43 47.07
C PRO D 220 6.44 20.05 45.98
N PHE D 221 6.78 19.16 45.06
CA PHE D 221 5.96 18.94 43.88
C PHE D 221 5.31 17.55 43.84
N VAL D 222 5.48 16.73 44.86
CA VAL D 222 4.92 15.39 44.87
C VAL D 222 3.64 15.38 45.69
N ASN D 223 2.81 14.35 45.49
CA ASN D 223 1.58 14.21 46.23
C ASN D 223 1.86 13.77 47.67
N LEU D 224 0.80 13.81 48.49
CA LEU D 224 0.93 13.65 49.94
C LEU D 224 1.42 12.27 50.33
N LEU D 225 1.07 11.24 49.56
CA LEU D 225 1.61 9.90 49.81
C LEU D 225 3.11 9.85 49.57
N SER D 226 3.58 10.47 48.47
CA SER D 226 5.02 10.54 48.23
C SER D 226 5.68 11.70 48.97
N LYS D 227 4.91 12.66 49.47
CA LYS D 227 5.48 13.70 50.33
C LYS D 227 5.74 13.17 51.74
N GLY D 228 4.89 12.27 52.22
CA GLY D 228 5.02 11.75 53.56
C GLY D 228 5.90 10.52 53.66
N THR D 229 5.85 9.66 52.64
CA THR D 229 6.70 8.47 52.62
C THR D 229 8.03 8.69 51.92
N TYR D 230 8.23 9.87 51.30
CA TYR D 230 9.46 10.25 50.58
C TYR D 230 9.79 9.24 49.48
N TRP D 231 8.77 8.92 48.68
CA TRP D 231 8.89 7.87 47.67
C TRP D 231 9.78 8.29 46.51
N TRP D 232 9.78 9.59 46.16
CA TRP D 232 10.56 10.11 45.04
C TRP D 232 12.07 9.96 45.27
N MET D 233 12.50 9.85 46.53
CA MET D 233 13.90 9.59 46.85
C MET D 233 14.37 8.22 46.36
N ASN D 234 13.43 7.28 46.16
CA ASN D 234 13.73 5.87 45.89
C ASN D 234 14.69 5.68 44.72
N ALA D 235 14.43 6.38 43.61
CA ALA D 235 15.27 6.27 42.42
C ALA D 235 16.69 6.73 42.70
N PHE D 236 16.85 7.82 43.47
CA PHE D 236 18.17 8.25 43.92
C PHE D 236 18.87 7.16 44.72
N ILE D 237 18.12 6.52 45.64
CA ILE D 237 18.65 5.43 46.45
C ILE D 237 19.00 4.24 45.57
N LYS D 238 18.31 4.08 44.43
CA LYS D 238 18.72 3.07 43.48
C LYS D 238 20.00 3.50 42.75
N THR D 239 20.04 4.75 42.26
CA THR D 239 21.09 5.13 41.31
C THR D 239 22.43 5.29 42.00
N ALA D 240 22.44 5.55 43.31
CA ALA D 240 23.66 5.60 44.08
C ALA D 240 24.39 4.26 44.12
N HIS D 241 23.68 3.15 43.87
CA HIS D 241 24.38 1.88 43.70
C HIS D 241 25.13 1.83 42.37
N LYS D 242 24.55 2.39 41.31
CA LYS D 242 25.14 2.25 39.99
C LYS D 242 26.16 3.34 39.67
N LYS D 243 25.93 4.56 40.18
CA LYS D 243 26.78 5.69 39.89
C LYS D 243 26.89 6.52 41.16
N PRO D 244 28.08 7.04 41.48
CA PRO D 244 28.21 7.92 42.66
C PRO D 244 27.43 9.22 42.48
N ILE D 245 26.87 9.69 43.59
CA ILE D 245 26.06 10.91 43.59
C ILE D 245 26.99 12.11 43.59
N ASP D 246 26.82 12.99 42.62
CA ASP D 246 27.64 14.18 42.45
C ASP D 246 26.73 15.41 42.39
N LEU D 247 27.32 16.56 42.07
CA LEU D 247 26.58 17.81 41.97
C LEU D 247 25.81 17.95 40.65
N ARG D 248 25.88 16.96 39.77
CA ARG D 248 25.03 16.88 38.59
C ARG D 248 23.79 16.01 38.83
N ALA D 249 23.94 14.93 39.61
CA ALA D 249 22.77 14.13 39.98
C ALA D 249 21.87 14.89 40.94
N ILE D 250 22.44 15.75 41.78
CA ILE D 250 21.68 16.70 42.57
C ILE D 250 21.45 17.94 41.71
N GLY D 251 20.19 18.35 41.57
CA GLY D 251 19.87 19.45 40.68
C GLY D 251 20.12 20.84 41.25
N LYS D 252 19.23 21.77 40.94
CA LYS D 252 19.31 23.14 41.45
C LYS D 252 18.23 23.36 42.50
N LEU D 253 18.43 24.39 43.31
CA LEU D 253 17.48 24.68 44.38
C LEU D 253 16.19 25.24 43.81
N PRO D 254 15.04 24.89 44.39
CA PRO D 254 13.79 25.56 44.01
C PRO D 254 13.79 27.02 44.44
N ILE D 255 12.90 27.79 43.81
CA ILE D 255 12.84 29.24 43.99
C ILE D 255 12.46 29.59 45.42
N ALA D 256 11.56 28.79 46.04
CA ALA D 256 11.21 29.02 47.44
C ALA D 256 12.36 28.67 48.38
N MET D 257 13.25 27.77 47.96
CA MET D 257 14.37 27.33 48.79
C MET D 257 15.68 28.03 48.45
N ARG D 258 15.67 28.96 47.50
CA ARG D 258 16.89 29.67 47.12
C ARG D 258 17.34 30.62 48.23
N ALA D 259 18.65 30.90 48.25
CA ALA D 259 19.22 31.75 49.28
C ALA D 259 18.75 33.20 49.13
N LEU D 260 18.58 33.66 47.88
CA LEU D 260 18.17 35.04 47.64
C LEU D 260 16.74 35.29 48.09
N THR D 261 15.85 34.29 47.90
CA THR D 261 14.46 34.44 48.32
C THR D 261 14.31 34.52 49.83
N ASN D 262 15.00 33.62 50.55
CA ASN D 262 14.98 33.66 52.02
C ASN D 262 15.67 34.90 52.55
N TYR D 263 16.74 35.36 51.88
CA TYR D 263 17.40 36.60 52.28
C TYR D 263 16.50 37.81 52.09
N GLN D 264 15.75 37.86 50.99
CA GLN D 264 14.81 38.96 50.77
C GLN D 264 13.65 38.91 51.75
N ARG D 265 13.20 37.70 52.11
CA ARG D 265 12.16 37.55 53.12
C ARG D 265 12.63 38.03 54.49
N LEU D 266 13.88 37.69 54.86
CA LEU D 266 14.45 38.17 56.11
C LEU D 266 14.65 39.68 56.10
N CYS D 267 15.03 40.25 54.95
CA CYS D 267 15.16 41.70 54.83
C CYS D 267 13.81 42.38 54.95
N VAL D 268 12.75 41.77 54.40
CA VAL D 268 11.39 42.31 54.55
C VAL D 268 10.98 42.27 56.02
N ALA D 269 11.33 41.19 56.73
CA ALA D 269 11.05 41.11 58.17
C ALA D 269 11.78 42.19 58.96
N PHE D 270 13.06 42.41 58.68
CA PHE D 270 13.84 43.43 59.37
C PHE D 270 13.33 44.84 59.05
N ASP D 271 12.91 45.07 57.81
CA ASP D 271 12.34 46.37 57.43
C ASP D 271 10.99 46.59 58.10
N ALA D 272 10.19 45.53 58.25
CA ALA D 272 8.93 45.64 58.98
C ALA D 272 9.16 45.91 60.46
N GLN D 273 10.26 45.42 61.02
CA GLN D 273 10.64 45.78 62.38
C GLN D 273 11.03 47.25 62.48
N ALA D 274 11.86 47.73 61.54
CA ALA D 274 12.31 49.11 61.59
C ALA D 274 11.20 50.10 61.27
N ARG D 275 10.15 49.66 60.57
CA ARG D 275 9.01 50.52 60.25
C ARG D 275 7.77 50.06 61.03
N PRO D 281 17.39 49.45 65.71
CA PRO D 281 17.74 48.37 64.79
C PRO D 281 18.75 47.39 65.41
N GLN D 282 18.79 46.18 64.86
CA GLN D 282 19.61 45.04 65.30
C GLN D 282 19.28 44.72 66.76
N GLY D 283 20.21 44.10 67.48
CA GLY D 283 19.90 43.56 68.79
C GLY D 283 19.35 42.15 68.69
N ALA D 284 19.49 41.41 69.79
CA ALA D 284 19.11 39.99 69.79
C ALA D 284 17.61 39.81 69.69
N ARG D 285 16.83 40.64 70.41
CA ARG D 285 15.37 40.52 70.40
C ARG D 285 14.78 40.82 69.03
N ALA D 286 15.32 41.84 68.34
CA ALA D 286 14.84 42.15 67.00
C ALA D 286 15.23 41.08 65.99
N ILE D 287 16.41 40.45 66.16
CA ILE D 287 16.78 39.33 65.31
C ILE D 287 15.83 38.16 65.53
N TRP D 288 15.47 37.88 66.79
CA TRP D 288 14.53 36.80 67.11
C TRP D 288 13.15 37.06 66.52
N ARG D 289 12.65 38.30 66.62
CA ARG D 289 11.36 38.63 66.03
C ARG D 289 11.39 38.62 64.51
N ALA D 290 12.54 38.97 63.91
CA ALA D 290 12.67 38.88 62.46
C ALA D 290 12.67 37.44 61.97
N LEU D 291 13.36 36.55 62.70
CA LEU D 291 13.31 35.12 62.38
C LEU D 291 11.91 34.57 62.56
N CYS D 292 11.19 35.05 63.58
CA CYS D 292 9.79 34.68 63.77
C CYS D 292 8.93 35.10 62.58
N HIS D 293 9.02 36.37 62.19
CA HIS D 293 8.22 36.87 61.06
C HIS D 293 8.59 36.22 59.75
N ALA D 294 9.84 35.79 59.58
CA ALA D 294 10.23 35.19 58.31
C ALA D 294 9.92 33.70 58.23
N PHE D 295 10.06 32.94 59.33
CA PHE D 295 10.00 31.49 59.25
C PHE D 295 9.03 30.82 60.23
N GLY D 296 8.24 31.60 60.99
CA GLY D 296 7.39 31.01 62.00
C GLY D 296 6.17 30.31 61.46
N ARG D 297 5.77 30.63 60.22
CA ARG D 297 4.67 29.91 59.59
C ARG D 297 5.04 28.45 59.32
N ARG D 298 6.24 28.24 58.77
CA ARG D 298 6.75 26.88 58.59
C ARG D 298 7.01 26.21 59.94
N LEU D 299 7.47 26.98 60.93
CA LEU D 299 7.65 26.43 62.27
C LEU D 299 6.31 25.99 62.89
N ILE D 300 5.24 26.75 62.64
CA ILE D 300 3.91 26.41 63.12
C ILE D 300 3.39 25.16 62.40
N LEU D 301 3.70 25.02 61.11
CA LEU D 301 3.31 23.81 60.37
C LEU D 301 4.00 22.56 60.93
N SER D 302 5.31 22.65 61.20
CA SER D 302 6.02 21.52 61.81
C SER D 302 5.52 21.24 63.22
N SER D 303 5.19 22.29 63.99
CA SER D 303 4.63 22.10 65.32
C SER D 303 3.24 21.47 65.27
N THR D 304 2.45 21.77 64.25
CA THR D 304 1.14 21.15 64.08
C THR D 304 1.27 19.66 63.76
N PHE D 305 2.24 19.31 62.88
CA PHE D 305 2.49 17.89 62.60
C PHE D 305 2.98 17.16 63.85
N ARG D 306 3.85 17.80 64.64
CA ARG D 306 4.32 17.20 65.89
C ARG D 306 3.20 17.08 66.93
N ILE D 307 2.27 18.05 66.96
CA ILE D 307 1.12 17.99 67.86
C ILE D 307 0.21 16.81 67.48
N LEU D 308 -0.05 16.63 66.19
CA LEU D 308 -0.86 15.50 65.74
C LEU D 308 -0.17 14.17 66.01
N ALA D 309 1.15 14.11 65.86
CA ALA D 309 1.90 12.91 66.20
C ALA D 309 1.85 12.61 67.70
N ASP D 310 1.91 13.65 68.53
CA ASP D 310 1.80 13.47 69.98
C ASP D 310 0.41 12.99 70.38
N LEU D 311 -0.63 13.52 69.72
CA LEU D 311 -1.99 13.09 70.01
C LEU D 311 -2.23 11.64 69.58
N LEU D 312 -1.65 11.24 68.44
CA LEU D 312 -1.78 9.86 68.00
C LEU D 312 -0.84 8.90 68.73
N GLY D 313 0.16 9.42 69.43
CA GLY D 313 1.00 8.58 70.26
C GLY D 313 0.30 8.06 71.50
N PHE D 314 -0.77 8.74 71.94
CA PHE D 314 -1.57 8.28 73.06
C PHE D 314 -2.53 7.16 72.67
N ALA D 315 -2.69 6.88 71.37
CA ALA D 315 -3.49 5.75 70.93
C ALA D 315 -2.86 4.41 71.29
N GLY D 316 -1.55 4.40 71.56
CA GLY D 316 -0.86 3.23 72.07
C GLY D 316 -1.32 2.75 73.43
N PRO D 317 -1.13 3.57 74.49
CA PRO D 317 -1.57 3.16 75.83
C PRO D 317 -3.06 2.88 75.96
N LEU D 318 -3.91 3.63 75.25
CA LEU D 318 -5.35 3.38 75.28
C LEU D 318 -5.70 2.04 74.64
N CYS D 319 -5.01 1.69 73.55
CA CYS D 319 -5.22 0.38 72.93
C CYS D 319 -4.71 -0.74 73.82
N ILE D 320 -3.61 -0.53 74.54
CA ILE D 320 -3.12 -1.53 75.49
C ILE D 320 -4.12 -1.73 76.62
N PHE D 321 -4.69 -0.62 77.12
CA PHE D 321 -5.75 -0.66 78.13
C PHE D 321 -6.95 -1.49 77.65
N GLY D 322 -7.42 -1.20 76.44
CA GLY D 322 -8.57 -1.93 75.91
C GLY D 322 -8.30 -3.40 75.64
N ILE D 323 -7.12 -3.71 75.06
CA ILE D 323 -6.78 -5.08 74.71
C ILE D 323 -6.64 -5.94 75.95
N VAL D 324 -5.87 -5.46 76.93
CA VAL D 324 -5.64 -6.25 78.14
C VAL D 324 -6.91 -6.32 78.99
N ASP D 325 -7.77 -5.28 78.94
CA ASP D 325 -9.05 -5.36 79.64
C ASP D 325 -9.98 -6.39 79.00
N HIS D 326 -9.97 -6.50 77.66
CA HIS D 326 -10.79 -7.52 77.02
C HIS D 326 -10.25 -8.92 77.29
N LEU D 327 -8.92 -9.07 77.32
CA LEU D 327 -8.35 -10.39 77.58
C LEU D 327 -8.48 -10.80 79.05
N GLY D 328 -8.65 -9.83 79.96
CA GLY D 328 -8.87 -10.19 81.36
C GLY D 328 -10.26 -10.74 81.63
N LYS D 329 -11.23 -10.39 80.80
CA LYS D 329 -12.60 -10.87 80.98
C LYS D 329 -12.74 -12.33 80.59
N LYS D 337 -25.91 -6.55 69.50
CA LYS D 337 -26.77 -7.35 70.37
C LYS D 337 -28.22 -7.29 69.88
N THR D 338 -28.48 -6.43 68.90
CA THR D 338 -29.82 -6.19 68.40
C THR D 338 -29.98 -6.79 67.01
N GLN D 339 -31.11 -7.47 66.80
CA GLN D 339 -31.31 -8.25 65.57
C GLN D 339 -31.75 -7.36 64.40
N PHE D 340 -32.69 -6.45 64.63
CA PHE D 340 -33.17 -5.45 63.66
C PHE D 340 -33.70 -6.13 62.40
N LEU D 341 -33.17 -5.85 61.21
CA LEU D 341 -33.72 -6.38 59.96
C LEU D 341 -33.08 -7.72 59.57
N GLY D 342 -33.04 -8.65 60.52
CA GLY D 342 -32.50 -9.97 60.26
C GLY D 342 -30.99 -10.04 60.17
N VAL D 343 -30.28 -9.05 60.71
CA VAL D 343 -28.82 -9.05 60.70
C VAL D 343 -28.32 -8.31 61.94
N TYR D 344 -27.44 -8.98 62.71
CA TYR D 344 -26.96 -8.45 63.98
C TYR D 344 -26.19 -7.14 63.79
N PHE D 345 -26.36 -6.24 64.75
CA PHE D 345 -25.70 -4.95 64.74
C PHE D 345 -24.78 -4.83 65.95
N VAL D 346 -23.69 -4.10 65.78
CA VAL D 346 -22.64 -3.98 66.79
C VAL D 346 -22.60 -2.54 67.28
N SER D 347 -22.66 -2.35 68.59
CA SER D 347 -22.50 -1.03 69.18
C SER D 347 -21.02 -0.61 69.11
N SER D 348 -20.79 0.69 69.35
CA SER D 348 -19.43 1.21 69.35
C SER D 348 -18.60 0.66 70.50
N GLN D 349 -19.23 0.40 71.65
CA GLN D 349 -18.52 -0.15 72.80
C GLN D 349 -18.09 -1.60 72.55
N GLU D 350 -18.92 -2.37 71.85
CA GLU D 350 -18.55 -3.74 71.51
C GLU D 350 -17.47 -3.77 70.44
N PHE D 351 -17.51 -2.83 69.50
CA PHE D 351 -16.47 -2.74 68.47
C PHE D 351 -15.13 -2.33 69.08
N LEU D 352 -15.15 -1.39 70.02
CA LEU D 352 -13.91 -0.96 70.65
C LEU D 352 -13.36 -2.01 71.62
N GLY D 353 -14.22 -2.78 72.25
CA GLY D 353 -13.72 -3.78 73.18
C GLY D 353 -13.66 -5.22 72.72
N ASN D 354 -12.99 -5.51 71.60
CA ASN D 354 -12.90 -6.90 71.14
C ASN D 354 -11.49 -7.24 70.63
N ALA D 355 -10.48 -6.74 71.35
CA ALA D 355 -9.05 -6.99 71.15
C ALA D 355 -8.47 -6.64 69.79
N TYR D 356 -8.60 -7.55 68.82
CA TYR D 356 -7.89 -7.50 67.53
C TYR D 356 -8.08 -6.17 66.80
N VAL D 357 -9.31 -5.64 66.84
CA VAL D 357 -9.68 -4.38 66.20
C VAL D 357 -8.79 -3.25 66.70
N LEU D 358 -8.58 -3.20 68.03
CA LEU D 358 -7.71 -2.18 68.64
C LEU D 358 -6.31 -2.28 68.08
N ALA D 359 -5.83 -3.52 67.94
CA ALA D 359 -4.50 -3.78 67.35
C ALA D 359 -4.42 -3.19 65.97
N VAL D 360 -5.45 -3.44 65.13
CA VAL D 360 -5.50 -2.88 63.79
C VAL D 360 -5.52 -1.36 63.86
N LEU D 361 -6.37 -0.81 64.75
CA LEU D 361 -6.43 0.64 64.95
C LEU D 361 -5.09 1.18 65.41
N LEU D 362 -4.45 0.46 66.35
CA LEU D 362 -3.14 0.86 66.87
C LEU D 362 -2.12 0.92 65.74
N PHE D 363 -2.14 -0.10 64.87
CA PHE D 363 -1.22 -0.16 63.74
C PHE D 363 -1.42 1.04 62.83
N LEU D 364 -2.68 1.33 62.50
CA LEU D 364 -2.97 2.46 61.62
C LEU D 364 -2.58 3.77 62.28
N ALA D 365 -2.88 3.90 63.59
CA ALA D 365 -2.55 5.10 64.31
C ALA D 365 -1.04 5.30 64.34
N LEU D 366 -0.30 4.20 64.55
CA LEU D 366 1.15 4.26 64.61
C LEU D 366 1.72 4.74 63.29
N LEU D 367 1.17 4.21 62.18
CA LEU D 367 1.62 4.59 60.83
C LEU D 367 1.43 6.08 60.62
N LEU D 368 0.22 6.57 60.96
CA LEU D 368 -0.11 7.97 60.77
C LEU D 368 0.80 8.84 61.63
N GLN D 369 1.02 8.40 62.89
CA GLN D 369 1.85 9.14 63.83
C GLN D 369 3.26 9.29 63.29
N ARG D 370 3.83 8.17 62.79
CA ARG D 370 5.20 8.20 62.31
C ARG D 370 5.33 9.11 61.11
N THR D 371 4.33 9.06 60.21
CA THR D 371 4.34 9.90 59.02
C THR D 371 4.33 11.36 59.42
N PHE D 372 3.44 11.71 60.36
CA PHE D 372 3.33 13.09 60.81
C PHE D 372 4.62 13.54 61.46
N LEU D 373 5.22 12.65 62.27
CA LEU D 373 6.44 13.00 62.98
C LEU D 373 7.57 13.25 62.00
N GLN D 374 7.68 12.40 60.97
CA GLN D 374 8.74 12.59 59.99
C GLN D 374 8.51 13.87 59.20
N ALA D 375 7.24 14.16 58.89
CA ALA D 375 6.89 15.39 58.20
C ALA D 375 7.31 16.60 59.01
N SER D 376 7.04 16.54 60.33
CA SER D 376 7.40 17.63 61.24
C SER D 376 8.90 17.86 61.21
N TYR D 377 9.67 16.76 61.31
CA TYR D 377 11.13 16.83 61.31
C TYR D 377 11.64 17.46 60.04
N TYR D 378 11.08 17.00 58.89
CA TYR D 378 11.53 17.49 57.60
C TYR D 378 11.28 18.97 57.46
N VAL D 379 10.07 19.41 57.88
CA VAL D 379 9.69 20.81 57.72
C VAL D 379 10.61 21.67 58.56
N ALA D 380 10.88 21.23 59.80
CA ALA D 380 11.76 21.97 60.69
C ALA D 380 13.17 22.07 60.10
N ILE D 381 13.67 20.95 59.57
CA ILE D 381 15.03 20.97 59.04
C ILE D 381 15.10 21.81 57.78
N GLU D 382 14.03 21.74 56.96
CA GLU D 382 13.98 22.57 55.75
C GLU D 382 14.00 24.04 56.11
N THR D 383 13.23 24.40 57.15
CA THR D 383 13.17 25.77 57.63
C THR D 383 14.55 26.22 58.09
N GLY D 384 15.24 25.35 58.85
CA GLY D 384 16.56 25.70 59.34
C GLY D 384 17.55 25.91 58.22
N ILE D 385 17.46 25.08 57.17
CA ILE D 385 18.38 25.21 56.05
C ILE D 385 18.14 26.53 55.33
N ASN D 386 16.86 26.89 55.16
CA ASN D 386 16.52 28.18 54.56
C ASN D 386 17.03 29.32 55.42
N LEU D 387 16.88 29.17 56.75
CA LEU D 387 17.36 30.16 57.69
C LEU D 387 18.86 30.34 57.56
N ARG D 388 19.58 29.22 57.43
CA ARG D 388 21.04 29.24 57.30
C ARG D 388 21.45 30.04 56.10
N GLY D 389 20.77 29.80 54.97
CA GLY D 389 21.09 30.50 53.73
C GLY D 389 20.89 32.00 53.88
N ALA D 390 19.74 32.38 54.48
CA ALA D 390 19.42 33.79 54.68
C ALA D 390 20.45 34.45 55.58
N ILE D 391 20.80 33.75 56.67
CA ILE D 391 21.74 34.32 57.64
C ILE D 391 23.11 34.48 56.99
N GLN D 392 23.52 33.47 56.20
CA GLN D 392 24.82 33.53 55.54
C GLN D 392 24.88 34.69 54.57
N THR D 393 23.79 34.89 53.81
CA THR D 393 23.73 36.00 52.86
C THR D 393 23.82 37.32 53.58
N LYS D 394 23.08 37.45 54.69
CA LYS D 394 23.09 38.69 55.46
C LYS D 394 24.46 38.96 56.04
N ILE D 395 25.14 37.89 56.51
CA ILE D 395 26.49 38.04 57.05
C ILE D 395 27.43 38.54 55.98
N TYR D 396 27.32 37.97 54.78
CA TYR D 396 28.18 38.40 53.68
C TYR D 396 27.83 39.82 53.24
N ASN D 397 26.54 40.18 53.30
CA ASN D 397 26.18 41.55 52.96
C ASN D 397 26.63 42.53 54.03
N LYS D 398 26.81 42.06 55.27
CA LYS D 398 27.46 42.91 56.26
C LYS D 398 28.95 43.00 56.01
N ILE D 399 29.55 41.94 55.46
CA ILE D 399 30.99 41.93 55.22
C ILE D 399 31.35 42.90 54.10
N MET D 400 30.55 42.91 53.02
CA MET D 400 30.79 43.84 51.91
C MET D 400 30.54 45.29 52.31
N HIS D 401 29.74 45.53 53.35
CA HIS D 401 29.55 46.88 53.88
C HIS D 401 30.31 47.11 55.18
N LEU D 402 31.18 46.18 55.59
CA LEU D 402 31.92 46.33 56.83
C LEU D 402 33.03 47.36 56.67
N SER D 403 33.60 47.76 57.80
CA SER D 403 34.79 48.59 57.83
C SER D 403 35.97 47.75 58.30
N THR D 404 37.14 47.98 57.70
CA THR D 404 38.34 47.27 58.11
C THR D 404 38.86 47.73 59.47
N SER D 405 38.37 48.87 59.98
CA SER D 405 38.73 49.33 61.31
C SER D 405 38.18 48.43 62.42
N ASN D 406 37.11 47.66 62.13
CA ASN D 406 36.62 46.68 63.09
C ASN D 406 37.65 45.58 63.34
N LEU D 407 38.28 45.09 62.28
CA LEU D 407 39.34 44.09 62.43
C LEU D 407 40.68 44.70 62.78
N SER D 408 40.90 45.97 62.48
CA SER D 408 42.19 46.61 62.70
C SER D 408 42.39 47.08 64.13
N MET D 409 41.33 47.16 64.93
CA MET D 409 41.44 47.64 66.31
C MET D 409 41.10 46.57 67.33
N GLY D 410 41.03 45.30 66.91
CA GLY D 410 40.76 44.22 67.83
C GLY D 410 39.32 44.07 68.27
N GLU D 411 38.39 44.81 67.65
CA GLU D 411 36.97 44.65 67.95
C GLU D 411 36.47 43.28 67.52
N MET D 412 36.92 42.79 66.37
CA MET D 412 36.60 41.46 65.90
C MET D 412 37.77 40.94 65.09
N THR D 413 37.87 39.62 64.99
CA THR D 413 38.90 38.97 64.19
C THR D 413 38.24 38.18 63.07
N ALA D 414 39.04 37.89 62.03
CA ALA D 414 38.53 37.16 60.86
C ALA D 414 38.14 35.73 61.21
N GLY D 415 38.79 35.14 62.22
CA GLY D 415 38.37 33.83 62.70
C GLY D 415 36.99 33.87 63.32
N GLN D 416 36.67 34.93 64.07
CA GLN D 416 35.33 35.07 64.64
C GLN D 416 34.28 35.33 63.56
N ILE D 417 34.64 36.10 62.52
CA ILE D 417 33.72 36.37 61.42
C ILE D 417 33.44 35.10 60.62
N CYS D 418 34.46 34.26 60.44
CA CYS D 418 34.23 32.97 59.78
C CYS D 418 33.51 31.98 60.68
N ASN D 419 33.71 32.06 62.00
CA ASN D 419 32.98 31.21 62.93
C ASN D 419 31.54 31.65 63.11
N LEU D 420 31.20 32.88 62.71
CA LEU D 420 29.80 33.28 62.63
C LEU D 420 29.02 32.47 61.60
N VAL D 421 29.70 31.93 60.59
CA VAL D 421 29.09 31.08 59.58
C VAL D 421 29.30 29.61 59.89
N ALA D 422 30.53 29.23 60.25
CA ALA D 422 30.86 27.82 60.45
C ALA D 422 30.30 27.26 61.75
N ILE D 423 30.09 28.10 62.77
CA ILE D 423 29.72 27.61 64.09
C ILE D 423 28.37 28.17 64.52
N ASP D 424 28.23 29.50 64.52
CA ASP D 424 27.08 30.15 65.14
C ASP D 424 25.81 29.93 64.32
N THR D 425 25.91 30.01 62.99
CA THR D 425 24.77 29.75 62.13
C THR D 425 24.30 28.30 62.25
N ASN D 426 25.25 27.38 62.43
CA ASN D 426 24.90 25.98 62.67
C ASN D 426 24.16 25.79 63.99
N GLN D 427 24.59 26.51 65.05
CA GLN D 427 23.90 26.41 66.33
C GLN D 427 22.48 26.95 66.25
N LEU D 428 22.30 28.10 65.57
CA LEU D 428 20.97 28.65 65.35
C LEU D 428 20.11 27.72 64.49
N MET D 429 20.73 27.05 63.51
CA MET D 429 20.02 26.11 62.66
C MET D 429 19.56 24.88 63.43
N TRP D 430 20.41 24.33 64.31
CA TRP D 430 20.02 23.17 65.10
C TRP D 430 18.97 23.53 66.15
N PHE D 431 19.00 24.77 66.66
CA PHE D 431 17.92 25.21 67.53
C PHE D 431 16.61 25.36 66.78
N PHE D 432 16.68 25.80 65.51
CA PHE D 432 15.47 25.82 64.68
C PHE D 432 15.00 24.41 64.33
N PHE D 433 15.92 23.44 64.31
CA PHE D 433 15.50 22.04 64.22
C PHE D 433 14.72 21.64 65.47
N LEU D 434 15.20 22.03 66.65
CA LEU D 434 14.64 21.59 67.91
C LEU D 434 13.43 22.40 68.39
N CYS D 435 13.12 23.52 67.73
CA CYS D 435 12.01 24.38 68.14
C CYS D 435 10.62 23.73 68.16
N PRO D 436 10.15 22.97 67.14
CA PRO D 436 8.77 22.44 67.21
C PRO D 436 8.53 21.44 68.32
N ASN D 437 9.55 20.67 68.72
CA ASN D 437 9.41 19.76 69.85
C ASN D 437 9.16 20.52 71.15
N LEU D 438 9.90 21.62 71.36
CA LEU D 438 9.68 22.46 72.52
C LEU D 438 8.33 23.17 72.46
N TRP D 439 7.87 23.52 71.27
CA TRP D 439 6.57 24.18 71.15
C TRP D 439 5.42 23.22 71.40
N ALA D 440 5.57 21.95 71.02
CA ALA D 440 4.50 20.97 71.13
C ALA D 440 4.58 20.11 72.39
N MET D 441 5.63 20.25 73.19
CA MET D 441 5.73 19.49 74.45
C MET D 441 4.63 19.76 75.48
N PRO D 442 4.22 21.01 75.81
CA PRO D 442 3.21 21.19 76.88
C PRO D 442 1.84 20.60 76.58
N VAL D 443 1.41 20.58 75.31
CA VAL D 443 0.14 19.95 74.94
C VAL D 443 0.19 18.45 75.22
N GLN D 444 1.31 17.81 74.85
CA GLN D 444 1.50 16.39 75.13
C GLN D 444 1.54 16.11 76.62
N ILE D 445 2.17 17.00 77.40
CA ILE D 445 2.22 16.83 78.86
C ILE D 445 0.82 16.94 79.47
N ILE D 446 0.02 17.92 79.02
CA ILE D 446 -1.32 18.12 79.56
C ILE D 446 -2.23 16.93 79.23
N VAL D 447 -2.22 16.49 77.97
CA VAL D 447 -3.07 15.36 77.57
C VAL D 447 -2.61 14.06 78.24
N GLY D 448 -1.29 13.89 78.44
CA GLY D 448 -0.81 12.70 79.14
C GLY D 448 -1.21 12.67 80.60
N VAL D 449 -1.16 13.81 81.28
CA VAL D 449 -1.60 13.88 82.68
C VAL D 449 -3.10 13.63 82.79
N ILE D 450 -3.88 14.17 81.83
CA ILE D 450 -5.32 13.96 81.83
C ILE D 450 -5.67 12.49 81.60
N LEU D 451 -4.96 11.83 80.67
CA LEU D 451 -5.21 10.41 80.43
C LEU D 451 -4.71 9.53 81.58
N LEU D 452 -3.64 9.95 82.26
CA LEU D 452 -3.20 9.25 83.46
C LEU D 452 -4.26 9.31 84.56
N TYR D 453 -4.87 10.49 84.75
CA TYR D 453 -5.97 10.60 85.70
C TYR D 453 -7.18 9.78 85.27
N TYR D 454 -7.43 9.71 83.96
CA TYR D 454 -8.55 8.93 83.45
C TYR D 454 -8.35 7.43 83.68
N ILE D 455 -7.11 6.95 83.57
CA ILE D 455 -6.86 5.52 83.76
C ILE D 455 -6.71 5.18 85.24
N LEU D 456 -5.87 5.94 85.96
CA LEU D 456 -5.59 5.61 87.35
C LEU D 456 -6.53 6.31 88.33
N GLY D 457 -6.53 7.64 88.33
CA GLY D 457 -7.32 8.39 89.30
C GLY D 457 -6.49 9.33 90.16
N VAL D 458 -6.74 9.31 91.48
CA VAL D 458 -6.00 10.17 92.40
C VAL D 458 -4.56 9.73 92.58
N SER D 459 -4.27 8.44 92.35
CA SER D 459 -2.89 7.96 92.39
C SER D 459 -2.04 8.61 91.31
N ALA D 460 -2.63 8.80 90.12
CA ALA D 460 -1.93 9.52 89.06
C ALA D 460 -1.70 10.99 89.42
N LEU D 461 -2.62 11.58 90.19
CA LEU D 461 -2.40 12.94 90.70
C LEU D 461 -1.24 12.96 91.68
N ILE D 462 -1.10 11.93 92.52
CA ILE D 462 0.05 11.84 93.43
C ILE D 462 1.35 11.67 92.64
N GLY D 463 1.34 10.83 91.61
CA GLY D 463 2.54 10.65 90.79
C GLY D 463 2.93 11.90 90.01
N ALA D 464 1.93 12.62 89.48
CA ALA D 464 2.19 13.91 88.83
C ALA D 464 2.69 14.94 89.83
N ALA D 465 2.22 14.87 91.08
CA ALA D 465 2.76 15.75 92.13
C ALA D 465 4.20 15.42 92.45
N VAL D 466 4.56 14.12 92.41
CA VAL D 466 5.96 13.72 92.61
C VAL D 466 6.83 14.24 91.48
N ILE D 467 6.31 14.21 90.24
CA ILE D 467 7.04 14.79 89.10
C ILE D 467 7.18 16.30 89.25
N ILE D 468 6.10 16.97 89.67
CA ILE D 468 6.08 18.43 89.79
C ILE D 468 6.99 18.92 90.93
N LEU D 469 7.10 18.14 92.00
CA LEU D 469 7.87 18.57 93.19
C LEU D 469 9.37 18.68 92.94
N LEU D 470 9.89 18.11 91.85
CA LEU D 470 11.29 18.24 91.50
C LEU D 470 11.52 19.22 90.34
N ALA D 471 10.48 19.93 89.91
CA ALA D 471 10.65 20.97 88.89
C ALA D 471 11.52 22.16 89.31
N PRO D 472 11.47 22.70 90.55
CA PRO D 472 12.50 23.70 90.93
C PRO D 472 13.93 23.18 90.88
N VAL D 473 14.14 21.91 91.24
CA VAL D 473 15.48 21.33 91.12
C VAL D 473 15.88 21.21 89.66
N GLN D 474 14.92 20.87 88.78
CA GLN D 474 15.18 20.81 87.35
C GLN D 474 15.53 22.19 86.79
N TYR D 475 14.83 23.23 87.23
CA TYR D 475 15.11 24.58 86.79
C TYR D 475 16.46 25.08 87.29
N PHE D 476 16.83 24.71 88.52
CA PHE D 476 18.14 25.05 89.08
C PHE D 476 19.26 24.38 88.28
N VAL D 477 19.07 23.10 87.95
CA VAL D 477 20.07 22.38 87.15
C VAL D 477 20.16 22.96 85.75
N ALA D 478 19.02 23.36 85.16
CA ALA D 478 19.02 23.96 83.83
C ALA D 478 19.73 25.31 83.80
N THR D 479 19.52 26.14 84.83
CA THR D 479 20.22 27.42 84.91
C THR D 479 21.73 27.23 85.10
N LYS D 480 22.13 26.24 85.92
CA LYS D 480 23.55 25.96 86.09
C LYS D 480 24.17 25.43 84.79
N LEU D 481 23.42 24.62 84.04
CA LEU D 481 23.89 24.13 82.74
C LEU D 481 24.04 25.28 81.75
N SER D 482 23.11 26.22 81.76
CA SER D 482 23.20 27.38 80.86
C SER D 482 24.42 28.25 81.19
N GLN D 483 24.69 28.47 82.47
CA GLN D 483 25.88 29.22 82.88
C GLN D 483 27.16 28.49 82.50
N ALA D 484 27.19 27.17 82.70
CA ALA D 484 28.38 26.38 82.36
C ALA D 484 28.63 26.37 80.86
N GLN D 485 27.58 26.29 80.04
CA GLN D 485 27.77 26.31 78.59
C GLN D 485 28.14 27.69 78.08
N ARG D 486 27.67 28.76 78.73
CA ARG D 486 28.12 30.10 78.39
C ARG D 486 29.62 30.26 78.67
N SER D 487 30.08 29.75 79.82
CA SER D 487 31.51 29.79 80.13
C SER D 487 32.31 28.92 79.16
N THR D 488 31.74 27.77 78.75
CA THR D 488 32.41 26.88 77.80
C THR D 488 32.58 27.54 76.44
N LEU D 489 31.53 28.20 75.94
CA LEU D 489 31.63 28.91 74.65
C LEU D 489 32.60 30.08 74.73
N GLU D 490 32.57 30.82 75.84
CA GLU D 490 33.48 31.95 76.03
C GLU D 490 34.94 31.52 76.04
N HIS D 491 35.24 30.41 76.72
CA HIS D 491 36.62 29.93 76.74
C HIS D 491 37.01 29.25 75.43
N SER D 492 36.06 28.59 74.75
CA SER D 492 36.38 27.90 73.50
C SER D 492 36.69 28.88 72.37
N ASN D 493 36.02 30.04 72.33
CA ASN D 493 36.33 31.04 71.32
C ASN D 493 37.75 31.58 71.49
N GLU D 494 38.16 31.85 72.75
CA GLU D 494 39.52 32.31 73.02
C GLU D 494 40.55 31.23 72.71
N ARG D 495 40.22 29.96 73.01
CA ARG D 495 41.12 28.86 72.70
C ARG D 495 41.32 28.70 71.19
N LEU D 496 40.24 28.83 70.42
CA LEU D 496 40.35 28.72 68.97
C LEU D 496 41.12 29.90 68.37
N LYS D 497 40.93 31.11 68.94
CA LYS D 497 41.69 32.27 68.50
C LYS D 497 43.19 32.10 68.76
N GLN D 498 43.54 31.62 69.95
CA GLN D 498 44.95 31.40 70.27
C GLN D 498 45.56 30.26 69.46
N THR D 499 44.78 29.21 69.20
CA THR D 499 45.27 28.11 68.37
C THR D 499 45.48 28.55 66.93
N ASN D 500 44.58 29.39 66.40
CA ASN D 500 44.74 29.91 65.04
C ASN D 500 45.98 30.80 64.94
N GLU D 501 46.18 31.69 65.91
CA GLU D 501 47.36 32.56 65.86
C GLU D 501 48.66 31.79 66.14
N MET D 502 48.58 30.65 66.83
CA MET D 502 49.76 29.79 66.97
C MET D 502 50.07 29.03 65.69
N LEU D 503 49.03 28.54 65.00
CA LEU D 503 49.25 27.74 63.80
C LEU D 503 49.70 28.60 62.62
N ARG D 504 49.17 29.82 62.51
CA ARG D 504 49.57 30.67 61.39
C ARG D 504 50.99 31.19 61.55
N GLY D 505 51.44 31.41 62.79
CA GLY D 505 52.79 31.86 63.04
C GLY D 505 53.68 30.79 63.64
N MET D 506 53.56 29.56 63.12
CA MET D 506 54.29 28.43 63.70
C MET D 506 55.78 28.51 63.42
N LYS D 507 56.18 29.05 62.26
CA LYS D 507 57.59 29.13 61.88
C LYS D 507 58.36 30.05 62.81
N LEU D 508 57.78 31.19 63.18
CA LEU D 508 58.43 32.11 64.11
C LEU D 508 58.53 31.50 65.51
N LEU D 509 57.52 30.73 65.92
CA LEU D 509 57.55 30.08 67.22
C LEU D 509 58.58 28.96 67.27
N LYS D 510 58.78 28.25 66.15
CA LYS D 510 59.83 27.24 66.11
C LYS D 510 61.21 27.88 66.07
N LEU D 511 61.38 28.96 65.31
CA LEU D 511 62.67 29.62 65.21
C LEU D 511 63.08 30.30 66.51
N TYR D 512 62.12 30.82 67.28
CA TYR D 512 62.40 31.45 68.56
C TYR D 512 62.27 30.49 69.73
N ALA D 513 61.93 29.22 69.47
CA ALA D 513 61.69 28.18 70.49
C ALA D 513 60.61 28.62 71.49
N TRP D 514 59.56 29.26 70.99
CA TRP D 514 58.43 29.71 71.81
C TRP D 514 57.19 28.85 71.61
N GLU D 515 57.36 27.65 71.05
CA GLU D 515 56.21 26.76 70.79
C GLU D 515 55.59 26.27 72.09
N SER D 516 56.42 25.95 73.09
CA SER D 516 55.92 25.44 74.36
C SER D 516 55.19 26.51 75.17
N ILE D 517 55.61 27.78 75.04
CA ILE D 517 54.97 28.86 75.79
C ILE D 517 53.56 29.12 75.28
N PHE D 518 53.41 29.22 73.96
CA PHE D 518 52.09 29.43 73.37
C PHE D 518 51.22 28.19 73.51
N CYS D 519 51.83 27.00 73.47
CA CYS D 519 51.10 25.76 73.78
C CYS D 519 50.59 25.76 75.21
N SER D 520 51.39 26.31 76.14
CA SER D 520 50.96 26.42 77.54
C SER D 520 49.83 27.42 77.71
N ARG D 521 49.85 28.52 76.94
CA ARG D 521 48.75 29.48 76.98
C ARG D 521 47.45 28.88 76.47
N VAL D 522 47.53 28.12 75.36
CA VAL D 522 46.37 27.39 74.85
C VAL D 522 45.91 26.33 75.85
N GLU D 523 46.86 25.71 76.57
CA GLU D 523 46.53 24.76 77.62
C GLU D 523 45.81 25.43 78.80
N VAL D 524 46.19 26.66 79.13
CA VAL D 524 45.52 27.40 80.21
C VAL D 524 44.07 27.72 79.83
N THR D 525 43.87 28.21 78.59
CA THR D 525 42.51 28.49 78.11
C THR D 525 41.69 27.21 78.02
N ARG D 526 42.30 26.12 77.56
CA ARG D 526 41.64 24.82 77.53
C ARG D 526 41.33 24.30 78.93
N ARG D 527 42.17 24.63 79.92
CA ARG D 527 41.92 24.22 81.30
C ARG D 527 40.71 24.95 81.88
N LYS D 528 40.57 26.24 81.57
CA LYS D 528 39.35 26.97 81.96
C LYS D 528 38.12 26.39 81.28
N GLU D 529 38.25 26.05 79.98
CA GLU D 529 37.16 25.42 79.25
C GLU D 529 36.80 24.05 79.83
N MET D 530 37.81 23.30 80.28
CA MET D 530 37.57 21.99 80.87
C MET D 530 36.96 22.10 82.25
N THR D 531 37.25 23.18 82.99
CA THR D 531 36.57 23.43 84.26
C THR D 531 35.08 23.70 84.02
N SER D 532 34.77 24.52 83.02
CA SER D 532 33.37 24.77 82.66
C SER D 532 32.68 23.51 82.15
N LEU D 533 33.39 22.70 81.36
CA LEU D 533 32.86 21.44 80.87
C LEU D 533 32.65 20.43 81.99
N ARG D 534 33.51 20.44 83.02
CA ARG D 534 33.33 19.55 84.16
C ARG D 534 32.11 19.94 84.97
N ALA D 535 31.88 21.26 85.14
CA ALA D 535 30.66 21.72 85.79
C ALA D 535 29.41 21.32 84.99
N PHE D 536 29.48 21.47 83.66
CA PHE D 536 28.38 21.08 82.80
C PHE D 536 28.12 19.57 82.86
N ALA D 537 29.19 18.77 82.90
CA ALA D 537 29.01 17.32 82.94
C ALA D 537 28.50 16.83 84.28
N VAL D 538 28.90 17.49 85.38
CA VAL D 538 28.37 17.14 86.70
C VAL D 538 26.88 17.44 86.79
N TYR D 539 26.48 18.64 86.33
CA TYR D 539 25.05 18.95 86.35
C TYR D 539 24.26 18.17 85.29
N THR D 540 24.91 17.73 84.20
CA THR D 540 24.28 16.85 83.24
C THR D 540 24.01 15.48 83.83
N SER D 541 24.98 14.93 84.59
CA SER D 541 24.77 13.65 85.26
C SER D 541 23.69 13.76 86.33
N ILE D 542 23.63 14.89 87.03
CA ILE D 542 22.56 15.14 88.00
C ILE D 542 21.20 15.19 87.29
N SER D 543 21.14 15.86 86.13
CA SER D 543 19.90 15.95 85.36
C SER D 543 19.44 14.59 84.83
N ILE D 544 20.38 13.78 84.35
CA ILE D 544 20.04 12.45 83.82
C ILE D 544 19.57 11.53 84.94
N PHE D 545 20.24 11.57 86.10
CA PHE D 545 19.81 10.78 87.25
C PHE D 545 18.44 11.22 87.76
N MET D 546 18.19 12.54 87.77
CA MET D 546 16.89 13.04 88.22
C MET D 546 15.78 12.66 87.24
N ASN D 547 16.04 12.78 85.94
CA ASN D 547 15.03 12.45 84.94
C ASN D 547 14.90 10.96 84.67
N THR D 548 15.78 10.12 85.24
CA THR D 548 15.59 8.68 85.20
C THR D 548 15.10 8.10 86.52
N ALA D 549 15.22 8.84 87.63
CA ALA D 549 14.67 8.40 88.91
C ALA D 549 13.29 8.98 89.19
N ILE D 550 12.94 10.11 88.57
CA ILE D 550 11.55 10.58 88.60
C ILE D 550 10.55 9.57 88.04
N PRO D 551 10.78 8.90 86.88
CA PRO D 551 9.80 7.87 86.45
C PRO D 551 9.71 6.67 87.39
N ILE D 552 10.84 6.22 87.92
CA ILE D 552 10.85 5.05 88.80
C ILE D 552 10.14 5.36 90.12
N ALA D 553 10.46 6.51 90.72
CA ALA D 553 9.80 6.92 91.96
C ALA D 553 8.32 7.21 91.74
N ALA D 554 7.97 7.83 90.60
CA ALA D 554 6.57 8.12 90.31
C ALA D 554 5.76 6.84 90.11
N VAL D 555 6.31 5.88 89.35
CA VAL D 555 5.63 4.60 89.12
C VAL D 555 5.49 3.81 90.42
N LEU D 556 6.54 3.83 91.24
CA LEU D 556 6.50 3.14 92.54
C LEU D 556 5.46 3.75 93.48
N ILE D 557 5.42 5.08 93.57
CA ILE D 557 4.51 5.74 94.48
C ILE D 557 3.05 5.59 94.00
N THR D 558 2.83 5.64 92.68
CA THR D 558 1.49 5.38 92.15
C THR D 558 1.03 3.96 92.43
N PHE D 559 1.87 2.97 92.10
CA PHE D 559 1.44 1.58 92.22
C PHE D 559 1.46 1.06 93.65
N VAL D 560 2.09 1.78 94.59
CA VAL D 560 1.91 1.47 96.00
C VAL D 560 0.68 2.16 96.55
N GLY D 561 0.47 3.44 96.21
CA GLY D 561 -0.70 4.17 96.68
C GLY D 561 -2.01 3.73 96.04
N HIS D 562 -1.95 3.04 94.91
CA HIS D 562 -3.17 2.56 94.26
C HIS D 562 -3.78 1.37 94.99
N VAL D 563 -3.01 0.66 95.81
CA VAL D 563 -3.49 -0.51 96.53
C VAL D 563 -3.40 -0.33 98.04
N SER D 564 -2.30 0.23 98.54
CA SER D 564 -2.13 0.34 99.99
C SER D 564 -2.88 1.55 100.55
N PHE D 565 -2.92 2.65 99.81
CA PHE D 565 -3.57 3.87 100.30
C PHE D 565 -5.02 3.97 99.83
N PHE D 566 -5.25 3.85 98.52
CA PHE D 566 -6.58 3.94 97.95
C PHE D 566 -7.12 2.56 97.60
N LYS D 567 -8.44 2.42 97.69
CA LYS D 567 -9.13 1.18 97.35
C LYS D 567 -10.24 1.45 96.33
N GLU D 568 -10.01 2.40 95.41
CA GLU D 568 -11.05 2.79 94.45
C GLU D 568 -11.30 1.70 93.42
N SER D 569 -10.24 1.06 92.93
CA SER D 569 -10.37 0.00 91.95
C SER D 569 -9.24 -1.01 92.17
N ASP D 570 -9.37 -2.16 91.52
CA ASP D 570 -8.29 -3.12 91.49
C ASP D 570 -7.13 -2.59 90.64
N LEU D 571 -5.96 -3.19 90.83
CA LEU D 571 -4.77 -2.74 90.09
C LEU D 571 -4.90 -3.05 88.61
N SER D 572 -5.03 -4.35 88.26
CA SER D 572 -5.26 -4.95 86.94
C SER D 572 -4.08 -4.75 85.98
N PRO D 573 -3.83 -5.69 85.07
CA PRO D 573 -2.71 -5.50 84.12
C PRO D 573 -2.97 -4.40 83.11
N SER D 574 -4.25 -4.16 82.74
CA SER D 574 -4.57 -3.16 81.73
C SER D 574 -4.26 -1.75 82.22
N VAL D 575 -4.75 -1.41 83.42
CA VAL D 575 -4.53 -0.09 84.01
C VAL D 575 -3.03 0.12 84.27
N ALA D 576 -2.36 -0.88 84.84
CA ALA D 576 -0.96 -0.75 85.21
C ALA D 576 -0.06 -0.60 83.99
N PHE D 577 -0.26 -1.41 82.95
CA PHE D 577 0.61 -1.31 81.79
C PHE D 577 0.27 -0.12 80.90
N ALA D 578 -1.00 0.29 80.83
CA ALA D 578 -1.34 1.51 80.13
C ALA D 578 -0.76 2.74 80.82
N SER D 579 -0.79 2.77 82.16
CA SER D 579 -0.17 3.86 82.90
C SER D 579 1.35 3.81 82.79
N LEU D 580 1.94 2.62 82.67
CA LEU D 580 3.38 2.49 82.45
C LEU D 580 3.77 3.08 81.10
N SER D 581 3.00 2.78 80.05
CA SER D 581 3.24 3.35 78.73
C SER D 581 3.07 4.87 78.75
N LEU D 582 2.03 5.37 79.43
CA LEU D 582 1.80 6.81 79.52
C LEU D 582 2.91 7.52 80.27
N PHE D 583 3.40 6.91 81.37
CA PHE D 583 4.51 7.48 82.13
C PHE D 583 5.78 7.54 81.29
N HIS D 584 6.08 6.46 80.55
CA HIS D 584 7.28 6.45 79.70
C HIS D 584 7.18 7.49 78.58
N ILE D 585 5.99 7.63 77.97
CA ILE D 585 5.81 8.61 76.90
C ILE D 585 5.94 10.03 77.44
N LEU D 586 5.43 10.28 78.66
CA LEU D 586 5.53 11.61 79.24
C LEU D 586 6.96 11.94 79.69
N VAL D 587 7.74 10.95 80.13
CA VAL D 587 9.10 11.25 80.60
C VAL D 587 10.17 11.12 79.53
N THR D 588 9.83 10.62 78.34
CA THR D 588 10.81 10.61 77.24
C THR D 588 11.31 11.99 76.80
N PRO D 589 10.50 13.07 76.68
CA PRO D 589 11.11 14.38 76.38
C PRO D 589 11.98 14.95 77.49
N LEU D 590 11.78 14.53 78.75
CA LEU D 590 12.59 15.03 79.85
C LEU D 590 14.00 14.43 79.88
N PHE D 591 14.25 13.39 79.08
CA PHE D 591 15.57 12.76 79.04
C PHE D 591 16.63 13.66 78.42
N LEU D 592 16.24 14.50 77.45
CA LEU D 592 17.18 15.31 76.68
C LEU D 592 17.21 16.76 77.14
N LEU D 593 17.02 17.01 78.45
CA LEU D 593 16.98 18.38 78.98
C LEU D 593 18.33 19.07 78.83
N SER D 594 19.42 18.34 79.07
CA SER D 594 20.76 18.92 78.96
C SER D 594 21.08 19.34 77.52
N SER D 595 20.73 18.47 76.55
CA SER D 595 20.96 18.81 75.14
C SER D 595 20.06 19.96 74.71
N VAL D 596 18.82 20.00 75.21
CA VAL D 596 17.90 21.08 74.87
C VAL D 596 18.40 22.42 75.41
N VAL D 597 18.84 22.45 76.67
CA VAL D 597 19.30 23.71 77.25
C VAL D 597 20.65 24.12 76.64
N ARG D 598 21.49 23.16 76.24
CA ARG D 598 22.74 23.48 75.58
C ARG D 598 22.50 24.10 74.21
N SER D 599 21.58 23.51 73.43
CA SER D 599 21.24 24.05 72.11
C SER D 599 20.59 25.42 72.22
N THR D 600 19.71 25.60 73.22
CA THR D 600 19.03 26.88 73.41
C THR D 600 20.01 27.99 73.79
N VAL D 601 20.94 27.70 74.71
CA VAL D 601 21.85 28.76 75.12
C VAL D 601 22.93 29.01 74.05
N LYS D 602 23.27 27.99 73.24
CA LYS D 602 24.17 28.21 72.11
C LYS D 602 23.50 29.07 71.04
N ALA D 603 22.19 28.88 70.85
CA ALA D 603 21.43 29.74 69.95
C ALA D 603 21.36 31.18 70.45
N LEU D 604 21.16 31.35 71.76
CA LEU D 604 21.09 32.70 72.32
C LEU D 604 22.42 33.43 72.19
N VAL D 605 23.53 32.73 72.45
CA VAL D 605 24.86 33.31 72.29
C VAL D 605 25.14 33.63 70.82
N SER D 606 24.75 32.72 69.91
CA SER D 606 24.95 32.93 68.48
C SER D 606 24.15 34.12 67.95
N VAL D 607 22.90 34.26 68.38
CA VAL D 607 22.06 35.38 67.95
C VAL D 607 22.59 36.69 68.53
N GLN D 608 23.10 36.65 69.78
CA GLN D 608 23.65 37.85 70.39
C GLN D 608 24.90 38.35 69.67
N LYS D 609 25.82 37.44 69.34
CA LYS D 609 27.02 37.88 68.63
C LYS D 609 26.75 38.17 67.15
N LEU D 610 25.73 37.55 66.56
CA LEU D 610 25.28 37.95 65.22
C LEU D 610 24.75 39.37 65.24
N SER D 611 23.99 39.73 66.27
CA SER D 611 23.51 41.09 66.43
C SER D 611 24.64 42.08 66.69
N GLU D 612 25.66 41.64 67.43
CA GLU D 612 26.85 42.49 67.63
C GLU D 612 27.60 42.72 66.32
N PHE D 613 27.68 41.70 65.47
CA PHE D 613 28.37 41.85 64.19
C PHE D 613 27.57 42.69 63.21
N LEU D 614 26.25 42.50 63.15
CA LEU D 614 25.42 43.26 62.20
C LEU D 614 25.25 44.71 62.60
N SER D 615 25.49 45.06 63.87
CA SER D 615 25.40 46.43 64.35
C SER D 615 26.77 47.06 64.54
N SER D 616 27.76 46.65 63.76
CA SER D 616 29.11 47.19 63.85
C SER D 616 29.28 48.35 62.86
N ALA D 617 30.49 48.89 62.80
CA ALA D 617 30.76 50.05 61.96
C ALA D 617 30.79 49.68 60.48
N GLU D 618 30.49 50.66 59.64
CA GLU D 618 30.41 50.48 58.20
C GLU D 618 31.27 51.52 57.49
N ILE D 619 31.30 51.45 56.16
CA ILE D 619 31.97 52.43 55.33
C ILE D 619 30.93 53.46 54.86
N ARG D 620 31.21 54.73 55.12
CA ARG D 620 30.27 55.79 54.74
C ARG D 620 30.35 56.05 53.24
N GLU D 621 29.21 56.38 52.65
CA GLU D 621 29.10 56.59 51.21
C GLU D 621 29.78 57.89 50.78
N ASP D 675 38.74 66.75 35.13
CA ASP D 675 39.49 67.40 34.06
C ASP D 675 40.73 66.59 33.69
N ASN D 676 41.91 67.15 33.97
CA ASN D 676 43.17 66.48 33.69
C ASN D 676 43.68 65.64 34.85
N PHE D 677 42.93 65.57 35.95
CA PHE D 677 43.31 64.81 37.12
C PHE D 677 42.41 63.58 37.28
N CYS D 678 42.94 62.57 37.95
CA CYS D 678 42.20 61.35 38.27
C CYS D 678 41.57 61.44 39.65
N VAL D 679 42.40 61.63 40.69
CA VAL D 679 41.96 61.78 42.06
C VAL D 679 42.37 63.15 42.56
N GLN D 680 41.57 63.71 43.46
CA GLN D 680 41.92 64.97 44.11
C GLN D 680 41.34 64.98 45.52
N ILE D 681 42.13 65.45 46.48
CA ILE D 681 41.67 65.61 47.86
C ILE D 681 41.94 67.05 48.28
N ILE D 682 40.93 67.69 48.88
CA ILE D 682 41.06 69.05 49.40
C ILE D 682 40.80 69.01 50.89
N GLY D 683 41.85 69.25 51.68
CA GLY D 683 41.73 69.37 53.14
C GLY D 683 41.29 68.11 53.84
N GLY D 684 41.68 66.95 53.35
CA GLY D 684 41.16 65.69 53.87
C GLY D 684 41.72 65.25 55.21
N PHE D 685 40.85 65.21 56.22
CA PHE D 685 41.17 64.63 57.52
C PHE D 685 40.47 63.28 57.61
N PHE D 686 41.26 62.21 57.77
CA PHE D 686 40.78 60.83 57.79
C PHE D 686 41.32 60.12 59.02
N THR D 687 40.48 59.29 59.64
CA THR D 687 40.84 58.53 60.84
C THR D 687 40.57 57.05 60.64
N TRP D 688 41.53 56.21 61.04
CA TRP D 688 41.25 54.78 61.16
C TRP D 688 40.24 54.50 62.26
N THR D 689 40.49 55.04 63.45
CA THR D 689 39.58 54.88 64.57
C THR D 689 38.30 55.68 64.33
N PRO D 690 37.18 55.30 64.95
CA PRO D 690 35.94 56.09 64.75
C PRO D 690 35.99 57.49 65.32
N ASP D 691 36.57 57.67 66.51
CA ASP D 691 36.59 58.98 67.17
C ASP D 691 37.96 59.25 67.79
N GLY D 692 39.02 59.02 67.02
CA GLY D 692 40.37 59.19 67.48
C GLY D 692 41.11 60.31 66.78
N ILE D 693 42.43 60.32 66.99
CA ILE D 693 43.33 61.29 66.36
C ILE D 693 43.38 61.02 64.86
N PRO D 694 43.30 62.06 64.00
CA PRO D 694 43.38 61.85 62.55
C PRO D 694 44.76 61.35 62.12
N THR D 695 44.78 60.15 61.52
CA THR D 695 46.01 59.60 60.97
C THR D 695 46.47 60.35 59.73
N LEU D 696 45.56 61.03 59.04
CA LEU D 696 45.87 61.90 57.92
C LEU D 696 45.33 63.29 58.20
N SER D 697 46.12 64.32 57.92
CA SER D 697 45.74 65.70 58.18
C SER D 697 46.19 66.58 57.03
N ASN D 698 45.29 67.46 56.58
CA ASN D 698 45.52 68.44 55.52
C ASN D 698 46.02 67.78 54.22
N ILE D 699 45.35 66.69 53.85
CA ILE D 699 45.74 65.95 52.65
C ILE D 699 45.31 66.72 51.42
N THR D 700 46.28 67.08 50.58
CA THR D 700 46.01 67.81 49.34
C THR D 700 46.84 67.16 48.24
N ILE D 701 46.18 66.32 47.43
CA ILE D 701 46.84 65.62 46.34
C ILE D 701 46.14 65.95 45.03
N ARG D 702 46.91 65.98 43.94
CA ARG D 702 46.38 66.13 42.58
C ARG D 702 47.07 65.09 41.72
N ILE D 703 46.50 63.89 41.68
CA ILE D 703 47.06 62.80 40.87
C ILE D 703 46.68 63.02 39.42
N PRO D 704 47.62 63.11 38.49
CA PRO D 704 47.27 63.20 37.07
C PRO D 704 46.82 61.85 36.53
N ARG D 705 46.05 61.91 35.44
CA ARG D 705 45.56 60.72 34.79
C ARG D 705 46.44 60.34 33.61
N GLY D 706 46.66 59.04 33.43
CA GLY D 706 47.56 58.57 32.40
C GLY D 706 49.03 58.73 32.72
N GLN D 707 49.37 59.04 33.96
CA GLN D 707 50.75 59.29 34.36
C GLN D 707 51.09 58.45 35.58
N LEU D 708 52.38 58.42 35.92
CA LEU D 708 52.88 57.65 37.06
C LEU D 708 53.10 58.60 38.23
N THR D 709 52.37 58.35 39.33
CA THR D 709 52.48 59.11 40.56
C THR D 709 53.10 58.21 41.62
N MET D 710 54.17 58.68 42.25
CA MET D 710 54.91 57.90 43.23
C MET D 710 54.76 58.53 44.60
N ILE D 711 54.29 57.76 45.57
CA ILE D 711 54.16 58.20 46.95
C ILE D 711 55.36 57.68 47.72
N VAL D 712 56.14 58.58 48.31
CA VAL D 712 57.38 58.23 48.98
C VAL D 712 57.38 58.83 50.38
N GLY D 713 57.97 58.10 51.31
CA GLY D 713 58.07 58.56 52.68
C GLY D 713 58.68 57.50 53.57
N GLN D 714 58.68 57.78 54.88
CA GLN D 714 59.29 56.88 55.85
C GLN D 714 58.28 55.84 56.32
N VAL D 715 58.62 55.10 57.36
CA VAL D 715 57.77 54.02 57.87
C VAL D 715 56.64 54.60 58.69
N GLY D 716 55.41 54.25 58.33
CA GLY D 716 54.22 54.73 59.03
C GLY D 716 53.95 56.21 58.87
N CYS D 717 54.11 56.74 57.65
CA CYS D 717 53.93 58.16 57.38
C CYS D 717 52.65 58.46 56.60
N GLY D 718 51.81 57.46 56.35
CA GLY D 718 50.52 57.68 55.74
C GLY D 718 50.33 57.25 54.29
N LYS D 719 51.24 56.45 53.73
CA LYS D 719 51.19 56.13 52.30
C LYS D 719 50.03 55.18 51.97
N SER D 720 49.98 54.03 52.65
CA SER D 720 48.84 53.12 52.49
C SER D 720 47.54 53.76 53.01
N SER D 721 47.65 54.61 54.03
CA SER D 721 46.49 55.33 54.52
C SER D 721 45.95 56.30 53.48
N LEU D 722 46.83 57.00 52.74
CA LEU D 722 46.38 57.85 51.65
C LEU D 722 45.76 57.02 50.52
N LEU D 723 46.37 55.87 50.21
CA LEU D 723 45.86 54.99 49.15
C LEU D 723 44.48 54.46 49.49
N LEU D 724 44.21 54.17 50.76
CA LEU D 724 42.89 53.69 51.15
C LEU D 724 41.93 54.81 51.51
N ALA D 725 42.43 56.03 51.73
CA ALA D 725 41.55 57.18 51.92
C ALA D 725 40.97 57.66 50.61
N THR D 726 41.71 57.50 49.51
CA THR D 726 41.10 57.76 48.20
C THR D 726 40.03 56.73 47.85
N LEU D 727 40.21 55.48 48.29
CA LEU D 727 39.27 54.41 47.98
C LEU D 727 38.05 54.40 48.88
N GLY D 728 38.02 55.21 49.93
CA GLY D 728 36.89 55.21 50.85
C GLY D 728 36.93 54.14 51.92
N GLU D 729 38.05 53.42 52.04
CA GLU D 729 38.18 52.37 53.06
C GLU D 729 38.45 52.93 54.45
N MET D 730 38.77 54.22 54.57
CA MET D 730 39.03 54.85 55.85
C MET D 730 38.01 55.96 56.08
N GLN D 731 37.54 56.07 57.33
CA GLN D 731 36.53 57.06 57.68
C GLN D 731 37.09 58.47 57.58
N LYS D 732 36.32 59.36 56.93
CA LYS D 732 36.72 60.73 56.70
C LYS D 732 36.11 61.64 57.77
N VAL D 733 36.94 62.47 58.39
CA VAL D 733 36.44 63.49 59.29
C VAL D 733 36.15 64.79 58.55
N SER D 734 37.05 65.22 57.65
CA SER D 734 36.87 66.50 56.99
C SER D 734 37.47 66.46 55.59
N GLY D 735 37.20 67.52 54.83
CA GLY D 735 37.72 67.64 53.48
C GLY D 735 36.80 67.04 52.44
N ALA D 736 37.27 67.09 51.19
CA ALA D 736 36.50 66.58 50.06
C ALA D 736 37.39 65.72 49.18
N VAL D 737 36.81 64.65 48.63
CA VAL D 737 37.48 63.75 47.70
C VAL D 737 36.73 63.80 46.38
N PHE D 738 37.45 64.08 45.30
CA PHE D 738 36.89 64.19 43.96
C PHE D 738 37.52 63.15 43.05
N TRP D 739 36.68 62.42 42.32
CA TRP D 739 37.12 61.48 41.30
C TRP D 739 36.58 61.94 39.95
N ASN D 740 37.48 62.10 38.98
CA ASN D 740 37.11 62.48 37.62
C ASN D 740 37.19 61.31 36.65
N SER D 741 37.16 60.07 37.16
CA SER D 741 37.24 58.89 36.33
C SER D 741 35.96 58.67 35.52
N SER D 766 31.19 57.74 42.87
CA SER D 766 31.49 57.60 41.45
C SER D 766 32.99 57.36 41.22
N ARG D 767 33.59 56.56 42.11
CA ARG D 767 35.00 56.23 41.97
C ARG D 767 35.24 55.29 40.80
N GLY D 768 34.41 54.25 40.66
CA GLY D 768 34.63 53.22 39.69
C GLY D 768 35.64 52.20 40.19
N PRO D 769 35.98 51.22 39.35
CA PRO D 769 37.00 50.25 39.75
C PRO D 769 38.39 50.86 39.80
N VAL D 770 39.20 50.34 40.71
CA VAL D 770 40.61 50.69 40.84
C VAL D 770 41.40 49.39 40.99
N ALA D 771 42.39 49.18 40.12
CA ALA D 771 43.24 48.00 40.22
C ALA D 771 44.16 48.15 41.42
N TYR D 772 44.00 47.28 42.41
CA TYR D 772 44.68 47.44 43.69
C TYR D 772 45.54 46.21 44.00
N ALA D 773 46.80 46.45 44.33
CA ALA D 773 47.70 45.44 44.85
C ALA D 773 48.11 45.87 46.26
N SER D 774 47.59 45.16 47.26
CA SER D 774 47.85 45.51 48.65
C SER D 774 49.29 45.20 49.04
N GLN D 775 49.74 45.83 50.12
CA GLN D 775 51.11 45.61 50.60
C GLN D 775 51.29 44.19 51.13
N LYS D 776 50.30 43.68 51.84
CA LYS D 776 50.22 42.25 52.09
C LYS D 776 49.47 41.60 50.94
N PRO D 777 50.10 40.70 50.18
CA PRO D 777 49.45 40.17 48.97
C PRO D 777 48.32 39.23 49.31
N TRP D 778 47.17 39.45 48.65
CA TRP D 778 45.96 38.67 48.87
C TRP D 778 45.78 37.69 47.72
N LEU D 779 45.62 36.41 48.04
CA LEU D 779 45.48 35.38 47.03
C LEU D 779 44.22 34.57 47.31
N LEU D 780 43.39 34.41 46.29
CA LEU D 780 42.20 33.56 46.40
C LEU D 780 42.60 32.09 46.41
N ASN D 781 41.65 31.24 46.76
CA ASN D 781 41.88 29.80 46.85
C ASN D 781 41.88 29.11 45.48
N ALA D 782 41.75 29.86 44.39
CA ALA D 782 41.73 29.31 43.05
C ALA D 782 43.15 29.18 42.51
N THR D 783 43.28 28.97 41.20
CA THR D 783 44.55 28.65 40.58
C THR D 783 45.38 29.92 40.34
N VAL D 784 46.54 29.74 39.70
CA VAL D 784 47.38 30.86 39.30
C VAL D 784 46.67 31.71 38.26
N GLU D 785 46.09 31.03 37.25
CA GLU D 785 45.42 31.73 36.16
C GLU D 785 44.17 32.46 36.62
N GLU D 786 43.42 31.87 37.55
CA GLU D 786 42.23 32.53 38.08
C GLU D 786 42.59 33.68 39.02
N ASN D 787 43.74 33.58 39.70
CA ASN D 787 44.19 34.70 40.51
C ASN D 787 44.66 35.87 39.66
N ILE D 788 45.37 35.59 38.57
CA ILE D 788 45.85 36.66 37.70
C ILE D 788 44.69 37.28 36.92
N THR D 789 43.78 36.46 36.39
CA THR D 789 42.66 36.98 35.61
C THR D 789 41.67 37.73 36.51
N PHE D 790 41.24 37.09 37.61
CA PHE D 790 40.43 37.69 38.68
C PHE D 790 39.11 38.25 38.13
N GLU D 791 38.28 37.33 37.67
CA GLU D 791 36.94 37.58 37.09
C GLU D 791 37.03 38.53 35.88
N SER D 792 37.72 38.05 34.85
CA SER D 792 37.95 38.81 33.64
C SER D 792 38.01 37.84 32.47
N PRO D 793 37.72 38.29 31.24
CA PRO D 793 37.95 37.46 30.06
C PRO D 793 39.44 37.14 29.88
N PHE D 794 39.73 36.01 29.24
CA PHE D 794 41.06 35.40 29.34
C PHE D 794 42.11 36.20 28.59
N ASN D 795 41.98 36.32 27.26
CA ASN D 795 42.84 37.17 26.40
C ASN D 795 44.31 36.80 26.53
N LYS D 796 44.63 35.60 25.99
CA LYS D 796 45.92 34.95 26.19
C LYS D 796 47.11 35.79 25.73
N GLN D 797 46.91 36.66 24.72
CA GLN D 797 47.96 37.55 24.27
C GLN D 797 48.35 38.56 25.35
N ARG D 798 47.36 39.07 26.10
CA ARG D 798 47.67 39.93 27.23
C ARG D 798 48.21 39.13 28.41
N TYR D 799 47.75 37.89 28.58
CA TYR D 799 48.19 37.06 29.70
C TYR D 799 49.67 36.72 29.60
N LYS D 800 50.15 36.43 28.38
CA LYS D 800 51.57 36.18 28.17
C LYS D 800 52.41 37.43 28.49
N MET D 801 51.91 38.61 28.10
CA MET D 801 52.63 39.86 28.38
C MET D 801 52.69 40.15 29.87
N VAL D 802 51.61 39.88 30.60
CA VAL D 802 51.60 40.10 32.05
C VAL D 802 52.54 39.10 32.75
N ILE D 803 52.54 37.84 32.28
CA ILE D 803 53.43 36.82 32.83
C ILE D 803 54.89 37.18 32.60
N GLU D 804 55.22 37.66 31.39
CA GLU D 804 56.61 38.05 31.10
C GLU D 804 57.01 39.34 31.81
N ALA D 805 56.06 40.26 32.01
CA ALA D 805 56.36 41.49 32.73
C ALA D 805 56.62 41.21 34.21
N CYS D 806 55.88 40.28 34.81
CA CYS D 806 56.16 39.90 36.18
C CYS D 806 57.23 38.82 36.30
N SER D 807 57.71 38.28 35.17
CA SER D 807 58.69 37.19 35.10
C SER D 807 58.23 35.97 35.89
N LEU D 808 56.94 35.67 35.82
CA LEU D 808 56.35 34.49 36.44
C LEU D 808 56.42 33.26 35.55
N GLN D 809 56.98 33.38 34.35
CA GLN D 809 57.13 32.24 33.45
C GLN D 809 58.03 31.12 33.98
N PRO D 810 59.21 31.37 34.61
CA PRO D 810 59.92 30.24 35.23
C PRO D 810 59.17 29.60 36.39
N ASP D 811 58.31 30.34 37.09
CA ASP D 811 57.57 29.77 38.21
C ASP D 811 56.49 28.80 37.74
N ILE D 812 55.84 29.10 36.61
CA ILE D 812 54.84 28.19 36.06
C ILE D 812 55.46 27.07 35.25
N ASP D 813 56.77 27.10 35.02
CA ASP D 813 57.50 25.94 34.50
C ASP D 813 57.89 24.97 35.59
N ILE D 814 57.67 25.34 36.86
CA ILE D 814 57.73 24.45 38.01
C ILE D 814 56.30 24.43 38.52
N LEU D 815 56.05 23.74 39.67
CA LEU D 815 54.80 23.41 40.37
C LEU D 815 54.14 22.24 39.65
N PRO D 816 53.37 21.38 40.33
CA PRO D 816 52.86 20.14 39.70
C PRO D 816 51.97 20.35 38.48
N HIS D 817 51.16 21.42 38.46
CA HIS D 817 50.33 21.77 37.31
C HIS D 817 50.53 23.25 37.06
N GLY D 818 51.52 23.60 36.22
CA GLY D 818 51.84 24.96 35.88
C GLY D 818 50.69 25.72 35.25
N ASP D 819 50.42 26.93 35.77
CA ASP D 819 49.30 27.83 35.49
C ASP D 819 47.96 27.29 36.00
N GLN D 820 47.92 26.09 36.58
CA GLN D 820 46.69 25.49 37.06
C GLN D 820 46.77 25.03 38.51
N THR D 821 47.90 25.22 39.18
CA THR D 821 48.06 24.80 40.57
C THR D 821 47.23 25.67 41.50
N GLN D 822 46.58 25.03 42.48
CA GLN D 822 45.80 25.76 43.46
C GLN D 822 46.71 26.56 44.38
N ILE D 823 46.29 27.78 44.68
CA ILE D 823 47.13 28.79 45.30
C ILE D 823 46.47 29.25 46.60
N GLY D 824 47.27 29.43 47.64
CA GLY D 824 46.77 29.97 48.91
C GLY D 824 46.42 28.86 49.88
N GLU D 825 45.35 29.06 50.65
CA GLU D 825 44.83 27.98 51.48
C GLU D 825 44.22 26.89 50.61
N ARG D 826 44.36 25.64 51.06
CA ARG D 826 44.01 24.39 50.40
C ARG D 826 44.79 24.16 49.10
N GLY D 827 45.85 24.92 48.87
CA GLY D 827 46.70 24.73 47.70
C GLY D 827 48.16 24.66 48.10
N ILE D 828 49.06 24.71 47.14
CA ILE D 828 50.49 24.67 47.46
C ILE D 828 50.93 26.03 47.99
N ASN D 829 51.86 26.01 48.94
CA ASN D 829 52.40 27.24 49.50
C ASN D 829 53.44 27.83 48.54
N LEU D 830 53.40 29.15 48.41
CA LEU D 830 54.32 29.87 47.55
C LEU D 830 55.35 30.63 48.38
N SER D 831 56.41 31.04 47.71
CA SER D 831 57.31 32.03 48.29
C SER D 831 56.61 33.38 48.35
N GLY D 832 57.08 34.25 49.25
CA GLY D 832 56.49 35.57 49.41
C GLY D 832 56.66 36.44 48.18
N GLY D 833 57.79 36.31 47.49
CA GLY D 833 57.96 36.99 46.22
C GLY D 833 56.99 36.52 45.16
N GLN D 834 56.69 35.20 45.15
CA GLN D 834 55.72 34.68 44.19
C GLN D 834 54.31 35.18 44.48
N ARG D 835 53.94 35.27 45.76
CA ARG D 835 52.65 35.84 46.15
C ARG D 835 52.55 37.30 45.73
N GLN D 836 53.64 38.06 45.95
CA GLN D 836 53.68 39.47 45.55
C GLN D 836 53.54 39.62 44.03
N ARG D 837 54.25 38.79 43.26
CA ARG D 837 54.20 38.93 41.81
C ARG D 837 52.88 38.45 41.22
N ILE D 838 52.22 37.48 41.85
CA ILE D 838 50.90 37.07 41.37
C ILE D 838 49.86 38.17 41.68
N SER D 839 49.97 38.82 42.84
CA SER D 839 49.09 39.95 43.14
C SER D 839 49.31 41.13 42.18
N VAL D 840 50.58 41.43 41.88
CA VAL D 840 50.90 42.50 40.93
C VAL D 840 50.44 42.12 39.52
N ALA D 841 50.53 40.83 39.16
CA ALA D 841 50.05 40.37 37.86
C ALA D 841 48.54 40.51 37.74
N ARG D 842 47.82 40.25 38.83
CA ARG D 842 46.38 40.51 38.88
C ARG D 842 46.09 41.99 38.69
N ALA D 843 46.86 42.86 39.34
CA ALA D 843 46.65 44.30 39.19
C ALA D 843 46.96 44.79 37.77
N LEU D 844 48.03 44.29 37.17
CA LEU D 844 48.44 44.72 35.83
C LEU D 844 47.55 44.14 34.74
N TYR D 845 46.92 43.01 35.00
CA TYR D 845 46.20 42.29 33.95
C TYR D 845 44.91 43.00 33.55
N GLN D 846 44.21 43.58 34.52
CA GLN D 846 42.86 44.09 34.31
C GLN D 846 42.86 45.33 33.40
N GLN D 847 41.71 45.58 32.79
CA GLN D 847 41.53 46.79 31.97
C GLN D 847 40.84 47.89 32.78
N THR D 848 41.53 48.31 33.84
CA THR D 848 41.07 49.34 34.75
C THR D 848 41.93 50.58 34.54
N ASN D 849 41.28 51.76 34.49
CA ASN D 849 41.99 53.00 34.21
C ASN D 849 42.96 53.39 35.34
N VAL D 850 42.68 52.97 36.57
CA VAL D 850 43.48 53.34 37.73
C VAL D 850 44.13 52.08 38.29
N VAL D 851 45.45 52.14 38.50
CA VAL D 851 46.21 51.08 39.15
C VAL D 851 46.77 51.65 40.45
N PHE D 852 46.52 50.94 41.54
CA PHE D 852 47.11 51.26 42.84
C PHE D 852 48.06 50.15 43.23
N LEU D 853 49.34 50.49 43.39
CA LEU D 853 50.35 49.54 43.83
C LEU D 853 50.94 50.02 45.14
N ASP D 854 50.95 49.16 46.14
CA ASP D 854 51.42 49.49 47.48
C ASP D 854 52.59 48.57 47.80
N ASP D 855 53.81 49.09 47.58
CA ASP D 855 55.10 48.42 47.76
C ASP D 855 55.17 47.09 47.03
N PRO D 856 55.25 47.09 45.69
CA PRO D 856 55.32 45.81 44.96
C PRO D 856 56.72 45.21 44.90
N PHE D 857 57.73 45.92 45.40
CA PHE D 857 59.11 45.48 45.31
C PHE D 857 59.70 45.12 46.66
N SER D 858 58.85 44.89 47.66
CA SER D 858 59.34 44.59 49.01
C SER D 858 59.91 43.17 49.08
N ALA D 859 59.28 42.21 48.41
CA ALA D 859 59.68 40.81 48.46
C ALA D 859 60.55 40.40 47.29
N LEU D 860 60.95 41.33 46.43
CA LEU D 860 61.68 41.02 45.21
C LEU D 860 63.10 41.57 45.28
N ASP D 861 63.97 40.97 44.47
CA ASP D 861 65.36 41.40 44.36
C ASP D 861 65.48 42.52 43.32
N VAL D 862 66.71 42.84 42.93
CA VAL D 862 66.96 43.96 42.03
C VAL D 862 66.45 43.67 40.62
N HIS D 863 66.71 42.46 40.11
CA HIS D 863 66.40 42.14 38.72
C HIS D 863 64.89 42.03 38.48
N LEU D 864 64.18 41.36 39.40
CA LEU D 864 62.73 41.23 39.27
C LEU D 864 62.03 42.57 39.39
N SER D 865 62.48 43.42 40.33
CA SER D 865 61.89 44.74 40.48
C SER D 865 62.19 45.63 39.28
N ASP D 866 63.41 45.54 38.72
CA ASP D 866 63.76 46.33 37.54
C ASP D 866 62.96 45.89 36.32
N HIS D 867 62.79 44.58 36.13
CA HIS D 867 62.02 44.10 34.98
C HIS D 867 60.54 44.39 35.13
N LEU D 868 60.02 44.31 36.36
CA LEU D 868 58.62 44.66 36.61
C LEU D 868 58.40 46.17 36.46
N MET D 869 59.41 46.98 36.80
CA MET D 869 59.31 48.41 36.62
C MET D 869 59.34 48.79 35.15
N GLN D 870 60.24 48.18 34.37
CA GLN D 870 60.38 48.55 32.96
C GLN D 870 59.28 47.95 32.10
N ALA D 871 59.18 46.61 32.08
CA ALA D 871 58.23 45.95 31.18
C ALA D 871 56.80 46.06 31.68
N GLY D 872 56.61 46.15 32.99
CA GLY D 872 55.27 46.19 33.55
C GLY D 872 54.71 47.59 33.74
N ILE D 873 55.47 48.47 34.38
CA ILE D 873 54.96 49.80 34.72
C ILE D 873 55.23 50.79 33.58
N LEU D 874 56.47 50.84 33.09
CA LEU D 874 56.84 51.81 32.07
C LEU D 874 56.44 51.41 30.67
N GLU D 875 56.09 50.14 30.43
CA GLU D 875 55.73 49.68 29.10
C GLU D 875 54.29 49.19 29.01
N LEU D 876 53.87 48.27 29.87
CA LEU D 876 52.52 47.72 29.78
C LEU D 876 51.47 48.73 30.23
N LEU D 877 51.77 49.50 31.28
CA LEU D 877 50.80 50.47 31.79
C LEU D 877 50.81 51.77 31.03
N ARG D 878 51.98 52.20 30.51
CA ARG D 878 52.06 53.48 29.81
C ARG D 878 51.36 53.42 28.45
N ASP D 879 51.45 52.28 27.75
CA ASP D 879 50.82 52.13 26.44
C ASP D 879 49.31 52.15 26.49
N ASP D 880 48.71 51.84 27.64
CA ASP D 880 47.26 51.93 27.82
C ASP D 880 46.81 53.31 28.26
N LYS D 881 47.74 54.25 28.47
CA LYS D 881 47.51 55.57 29.06
C LYS D 881 46.78 55.45 30.39
N ARG D 882 47.40 54.68 31.29
CA ARG D 882 46.79 54.26 32.54
C ARG D 882 47.33 55.09 33.70
N THR D 883 46.42 55.51 34.59
CA THR D 883 46.82 56.15 35.83
C THR D 883 47.48 55.11 36.72
N VAL D 884 48.72 55.37 37.13
CA VAL D 884 49.47 54.47 38.00
C VAL D 884 49.87 55.25 39.24
N VAL D 885 49.46 54.76 40.41
CA VAL D 885 49.89 55.33 41.68
C VAL D 885 50.69 54.27 42.41
N LEU D 886 51.99 54.53 42.59
CA LEU D 886 52.98 53.53 42.98
C LEU D 886 53.66 53.95 44.27
N VAL D 887 53.27 53.35 45.39
CA VAL D 887 53.96 53.54 46.65
C VAL D 887 55.21 52.66 46.64
N THR D 888 56.38 53.29 46.81
CA THR D 888 57.64 52.56 46.77
C THR D 888 58.63 53.17 47.74
N HIS D 889 59.54 52.33 48.22
CA HIS D 889 60.71 52.76 48.98
C HIS D 889 61.97 52.78 48.12
N LYS D 890 61.88 52.33 46.88
CA LYS D 890 63.02 52.34 45.96
C LYS D 890 63.07 53.71 45.27
N LEU D 891 64.05 54.52 45.66
CA LEU D 891 64.15 55.87 45.12
C LEU D 891 64.83 55.92 43.75
N GLN D 892 65.45 54.82 43.31
CA GLN D 892 66.09 54.79 41.99
C GLN D 892 65.10 54.90 40.85
N TYR D 893 63.82 54.64 41.11
CA TYR D 893 62.77 54.80 40.11
C TYR D 893 62.16 56.19 40.11
N LEU D 894 62.61 57.09 40.98
CA LEU D 894 62.13 58.47 40.94
C LEU D 894 62.33 59.20 39.60
N PRO D 895 63.42 58.99 38.83
CA PRO D 895 63.45 59.53 37.45
C PRO D 895 62.34 59.04 36.53
N HIS D 896 61.76 57.86 36.78
CA HIS D 896 60.70 57.35 35.93
C HIS D 896 59.32 57.84 36.34
N ALA D 897 59.23 58.72 37.33
CA ALA D 897 57.96 59.19 37.88
C ALA D 897 57.56 60.51 37.25
N ASP D 898 56.31 60.60 36.79
CA ASP D 898 55.77 61.87 36.32
C ASP D 898 55.43 62.80 37.49
N TRP D 899 54.92 62.23 38.58
CA TRP D 899 54.43 63.00 39.71
C TRP D 899 54.93 62.35 41.00
N ILE D 900 55.28 63.16 41.99
CA ILE D 900 55.80 62.66 43.26
C ILE D 900 55.02 63.29 44.41
N ILE D 901 54.50 62.45 45.30
CA ILE D 901 53.84 62.87 46.53
C ILE D 901 54.72 62.40 47.69
N ALA D 902 55.27 63.35 48.43
CA ALA D 902 56.10 63.06 49.60
C ALA D 902 55.25 63.17 50.86
N MET D 903 55.33 62.15 51.72
CA MET D 903 54.54 62.11 52.93
C MET D 903 55.45 62.10 54.16
N LYS D 904 54.95 62.69 55.25
CA LYS D 904 55.74 62.82 56.47
C LYS D 904 54.77 62.97 57.65
N ASP D 905 54.70 61.92 58.48
CA ASP D 905 53.86 61.87 59.69
C ASP D 905 52.39 62.13 59.40
N GLY D 906 51.87 61.44 58.38
CA GLY D 906 50.47 61.55 58.02
C GLY D 906 50.03 62.87 57.45
N THR D 907 50.86 63.52 56.64
CA THR D 907 50.48 64.72 55.92
C THR D 907 51.31 64.82 54.65
N ILE D 908 50.85 65.66 53.73
CA ILE D 908 51.54 65.87 52.46
C ILE D 908 52.64 66.91 52.68
N GLN D 909 53.90 66.46 52.69
CA GLN D 909 55.01 67.39 52.86
C GLN D 909 55.23 68.23 51.61
N ARG D 910 55.36 67.59 50.46
CA ARG D 910 55.54 68.28 49.19
C ARG D 910 54.98 67.40 48.08
N GLU D 911 54.32 68.03 47.11
CA GLU D 911 53.67 67.33 46.00
C GLU D 911 54.05 68.04 44.70
N GLY D 912 54.81 67.36 43.85
CA GLY D 912 55.22 67.95 42.60
C GLY D 912 56.16 67.03 41.84
N THR D 913 56.71 67.55 40.75
CA THR D 913 57.67 66.81 39.94
C THR D 913 59.07 66.90 40.55
N LEU D 914 60.02 66.21 39.92
CA LEU D 914 61.41 66.23 40.41
C LEU D 914 62.05 67.60 40.23
N LYS D 915 61.64 68.35 39.20
CA LYS D 915 62.11 69.72 39.05
C LYS D 915 61.54 70.63 40.12
N ASP D 916 60.33 70.32 40.61
CA ASP D 916 59.76 71.07 41.73
C ASP D 916 60.51 70.78 43.02
N PHE D 917 60.87 69.52 43.27
CA PHE D 917 61.62 69.16 44.46
C PHE D 917 63.06 69.68 44.43
N GLN D 918 63.58 70.02 43.26
CA GLN D 918 64.92 70.58 43.16
C GLN D 918 65.00 72.00 43.73
N ARG D 919 63.88 72.70 43.82
CA ARG D 919 63.86 74.07 44.34
C ARG D 919 62.97 74.25 45.56
N SER D 920 61.82 73.55 45.62
CA SER D 920 60.91 73.75 46.76
C SER D 920 61.41 73.08 48.02
N GLU D 921 61.92 71.85 47.90
CA GLU D 921 62.42 71.08 49.05
C GLU D 921 63.85 70.66 48.77
N CYS D 922 64.80 71.55 49.06
CA CYS D 922 66.21 71.25 48.82
C CYS D 922 66.72 70.18 49.77
N GLN D 923 66.25 70.20 51.02
CA GLN D 923 66.72 69.25 52.03
C GLN D 923 66.28 67.83 51.70
N LEU D 924 65.02 67.64 51.30
CA LEU D 924 64.54 66.31 50.95
C LEU D 924 65.14 65.81 49.65
N PHE D 925 65.40 66.71 48.70
CA PHE D 925 66.06 66.36 47.44
C PHE D 925 67.48 65.87 47.69
N GLU D 926 68.25 66.61 48.49
CA GLU D 926 69.61 66.20 48.83
C GLU D 926 69.62 64.96 49.71
N HIS D 927 68.60 64.79 50.56
CA HIS D 927 68.47 63.57 51.37
C HIS D 927 68.23 62.35 50.49
N TRP D 928 67.36 62.48 49.49
CA TRP D 928 67.16 61.42 48.50
C TRP D 928 68.44 61.12 47.75
N LYS D 929 69.20 62.16 47.38
CA LYS D 929 70.47 61.95 46.70
C LYS D 929 71.50 61.24 47.58
N THR D 930 71.48 61.50 48.89
CA THR D 930 72.38 60.77 49.79
C THR D 930 71.95 59.33 49.96
N LEU D 931 70.64 59.05 49.88
CA LEU D 931 70.18 57.67 50.07
C LEU D 931 70.55 56.77 48.90
N MET D 932 70.51 57.29 47.66
CA MET D 932 70.75 56.47 46.47
C MET D 932 72.05 56.84 45.75
N ASN D 933 72.95 57.55 46.43
CA ASN D 933 74.26 57.98 45.92
C ASN D 933 74.18 58.79 44.62
N GLU D 938 71.49 64.34 38.37
CA GLU D 938 70.98 65.18 39.46
C GLU D 938 69.50 64.93 39.70
N LEU D 939 69.12 63.65 39.70
CA LEU D 939 67.73 63.18 39.76
C LEU D 939 66.87 63.85 38.68
N GLU D 940 67.35 63.75 37.45
CA GLU D 940 66.58 64.24 36.31
C GLU D 940 65.61 63.18 35.84
N LYS D 941 64.47 63.63 35.31
CA LYS D 941 63.41 62.72 34.89
C LYS D 941 63.84 61.94 33.65
N GLU D 942 63.60 60.62 33.68
CA GLU D 942 63.90 59.65 32.62
C GLU D 942 65.38 59.66 32.21
N ARG D 999 43.06 1.16 66.12
CA ARG D 999 43.49 2.12 65.11
C ARG D 999 42.91 3.50 65.35
N ALA D 1000 42.58 4.21 64.26
CA ALA D 1000 42.04 5.55 64.39
C ALA D 1000 40.60 5.55 64.88
N CYS D 1001 39.81 4.55 64.49
CA CYS D 1001 38.44 4.45 64.98
C CYS D 1001 38.37 4.00 66.43
N THR D 1002 39.40 3.32 66.93
CA THR D 1002 39.42 2.79 68.29
C THR D 1002 40.16 3.71 69.26
N LYS D 1003 40.38 4.96 68.89
CA LYS D 1003 41.09 5.89 69.77
C LYS D 1003 40.23 6.28 70.97
N TYR D 1004 38.91 6.35 70.80
CA TYR D 1004 38.02 6.69 71.90
C TYR D 1004 38.02 5.61 72.98
N LEU D 1005 38.04 4.35 72.56
CA LEU D 1005 38.05 3.23 73.52
C LEU D 1005 39.37 3.16 74.27
N SER D 1006 40.49 3.43 73.58
CA SER D 1006 41.79 3.42 74.24
C SER D 1006 41.97 4.62 75.16
N SER D 1007 41.42 5.78 74.77
CA SER D 1007 41.50 6.96 75.63
C SER D 1007 40.58 6.83 76.84
N ALA D 1008 39.46 6.11 76.70
CA ALA D 1008 38.56 5.90 77.83
C ALA D 1008 39.16 4.94 78.85
N GLY D 1009 39.89 3.93 78.40
CA GLY D 1009 40.40 2.90 79.27
C GLY D 1009 39.44 1.72 79.37
N ILE D 1010 40.01 0.58 79.78
CA ILE D 1010 39.23 -0.65 79.88
C ILE D 1010 38.24 -0.57 81.05
N LEU D 1011 38.69 -0.02 82.18
CA LEU D 1011 37.88 0.01 83.40
C LEU D 1011 36.62 0.88 83.23
N LEU D 1012 36.80 2.10 82.69
CA LEU D 1012 35.68 3.03 82.55
C LEU D 1012 34.68 2.55 81.50
N LEU D 1013 35.18 2.04 80.36
CA LEU D 1013 34.32 1.55 79.30
C LEU D 1013 33.56 0.30 79.73
N SER D 1014 34.24 -0.63 80.41
CA SER D 1014 33.59 -1.84 80.89
C SER D 1014 32.57 -1.52 81.99
N LEU D 1015 32.87 -0.54 82.85
CA LEU D 1015 31.92 -0.11 83.86
C LEU D 1015 30.68 0.51 83.24
N LEU D 1016 30.86 1.30 82.17
CA LEU D 1016 29.74 1.89 81.44
C LEU D 1016 28.84 0.82 80.84
N VAL D 1017 29.45 -0.15 80.14
CA VAL D 1017 28.67 -1.20 79.47
C VAL D 1017 27.95 -2.08 80.48
N PHE D 1018 28.67 -2.49 81.54
CA PHE D 1018 28.09 -3.36 82.58
C PHE D 1018 26.98 -2.65 83.34
N SER D 1019 27.16 -1.37 83.67
CA SER D 1019 26.14 -0.64 84.43
C SER D 1019 24.89 -0.41 83.60
N GLN D 1020 25.05 -0.08 82.31
CA GLN D 1020 23.89 0.08 81.44
C GLN D 1020 23.13 -1.23 81.26
N LEU D 1021 23.86 -2.34 81.05
CA LEU D 1021 23.22 -3.64 80.90
C LEU D 1021 22.48 -4.07 82.18
N LEU D 1022 23.10 -3.84 83.34
CA LEU D 1022 22.48 -4.20 84.60
C LEU D 1022 21.25 -3.34 84.90
N LYS D 1023 21.31 -2.04 84.57
CA LYS D 1023 20.16 -1.16 84.76
C LYS D 1023 18.98 -1.58 83.88
N HIS D 1024 19.24 -1.91 82.62
CA HIS D 1024 18.14 -2.32 81.74
C HIS D 1024 17.58 -3.69 82.11
N MET D 1025 18.43 -4.63 82.58
CA MET D 1025 17.88 -5.90 83.03
C MET D 1025 17.12 -5.76 84.36
N VAL D 1026 17.49 -4.78 85.18
CA VAL D 1026 16.72 -4.48 86.39
C VAL D 1026 15.34 -3.94 86.01
N LEU D 1027 15.29 -3.06 85.00
CA LEU D 1027 14.00 -2.53 84.54
C LEU D 1027 13.11 -3.63 83.94
N VAL D 1028 13.71 -4.58 83.22
CA VAL D 1028 12.98 -5.73 82.71
C VAL D 1028 12.44 -6.58 83.86
N ALA D 1029 13.25 -6.76 84.91
CA ALA D 1029 12.79 -7.51 86.09
C ALA D 1029 11.65 -6.80 86.81
N ILE D 1030 11.69 -5.47 86.88
CA ILE D 1030 10.60 -4.69 87.49
C ILE D 1030 9.31 -4.87 86.71
N ASP D 1031 9.39 -4.80 85.37
CA ASP D 1031 8.20 -4.94 84.55
C ASP D 1031 7.64 -6.37 84.61
N TYR D 1032 8.53 -7.37 84.67
CA TYR D 1032 8.08 -8.76 84.81
C TYR D 1032 7.42 -9.01 86.17
N TRP D 1033 7.98 -8.42 87.24
CA TRP D 1033 7.37 -8.58 88.55
C TRP D 1033 6.04 -7.83 88.64
N LEU D 1034 5.91 -6.70 87.93
CA LEU D 1034 4.63 -6.00 87.85
C LEU D 1034 3.59 -6.84 87.11
N ALA D 1035 4.02 -7.52 86.04
CA ALA D 1035 3.12 -8.43 85.31
C ALA D 1035 2.68 -9.60 86.18
N LYS D 1036 3.59 -10.13 86.99
CA LYS D 1036 3.23 -11.20 87.92
C LYS D 1036 2.31 -10.70 89.03
N TRP D 1037 2.55 -9.46 89.51
CA TRP D 1037 1.76 -8.88 90.58
C TRP D 1037 0.33 -8.60 90.14
N THR D 1038 0.15 -8.09 88.91
CA THR D 1038 -1.18 -7.71 88.45
C THR D 1038 -2.08 -8.92 88.19
N ASP D 1039 -1.51 -10.12 88.01
CA ASP D 1039 -2.31 -11.32 87.85
C ASP D 1039 -2.82 -11.87 89.17
N SER D 1040 -2.33 -11.39 90.30
CA SER D 1040 -2.79 -11.84 91.60
C SER D 1040 -4.12 -11.19 91.97
N ASP D 1060 0.88 -13.30 99.14
CA ASP D 1060 0.43 -12.09 99.83
C ASP D 1060 0.93 -10.84 99.12
N GLN D 1061 0.09 -9.80 99.09
CA GLN D 1061 0.41 -8.57 98.37
C GLN D 1061 1.54 -7.77 99.02
N SER D 1062 1.77 -7.97 100.32
CA SER D 1062 2.86 -7.28 101.01
C SER D 1062 4.22 -7.74 100.49
N VAL D 1063 4.35 -9.02 100.15
CA VAL D 1063 5.59 -9.54 99.57
C VAL D 1063 5.83 -8.93 98.20
N TYR D 1064 4.76 -8.80 97.39
CA TYR D 1064 4.86 -8.15 96.09
C TYR D 1064 5.30 -6.70 96.22
N ALA D 1065 4.73 -5.97 97.18
CA ALA D 1065 5.12 -4.58 97.42
C ALA D 1065 6.56 -4.47 97.89
N MET D 1066 7.01 -5.40 98.74
CA MET D 1066 8.38 -5.40 99.23
C MET D 1066 9.39 -5.64 98.11
N VAL D 1067 9.14 -6.64 97.27
CA VAL D 1067 10.05 -6.94 96.16
C VAL D 1067 10.03 -5.81 95.13
N PHE D 1068 8.86 -5.19 94.92
CA PHE D 1068 8.76 -4.06 94.02
C PHE D 1068 9.57 -2.87 94.52
N THR D 1069 9.51 -2.56 95.82
CA THR D 1069 10.29 -1.47 96.39
C THR D 1069 11.79 -1.71 96.30
N LEU D 1070 12.21 -2.96 96.57
CA LEU D 1070 13.64 -3.30 96.48
C LEU D 1070 14.17 -3.15 95.05
N LEU D 1071 13.39 -3.65 94.07
CA LEU D 1071 13.81 -3.54 92.68
C LEU D 1071 13.82 -2.10 92.19
N CYS D 1072 12.87 -1.27 92.66
CA CYS D 1072 12.85 0.16 92.31
C CYS D 1072 14.07 0.88 92.86
N SER D 1073 14.44 0.59 94.12
CA SER D 1073 15.61 1.23 94.73
C SER D 1073 16.89 0.84 94.01
N LEU D 1074 17.01 -0.45 93.65
CA LEU D 1074 18.18 -0.89 92.88
C LEU D 1074 18.24 -0.22 91.51
N GLY D 1075 17.08 -0.02 90.88
CA GLY D 1075 17.03 0.69 89.61
C GLY D 1075 17.47 2.14 89.73
N ILE D 1076 17.08 2.82 90.82
CA ILE D 1076 17.49 4.20 91.06
C ILE D 1076 19.01 4.30 91.22
N VAL D 1077 19.60 3.36 91.99
CA VAL D 1077 21.05 3.34 92.18
C VAL D 1077 21.77 3.09 90.85
N LEU D 1078 21.27 2.17 90.04
CA LEU D 1078 21.89 1.89 88.74
C LEU D 1078 21.76 3.06 87.78
N CYS D 1079 20.65 3.80 87.84
CA CYS D 1079 20.51 5.04 87.06
C CYS D 1079 21.57 6.05 87.44
N LEU D 1080 21.83 6.20 88.74
CA LEU D 1080 22.89 7.10 89.21
C LEU D 1080 24.26 6.69 88.68
N VAL D 1081 24.57 5.39 88.72
CA VAL D 1081 25.87 4.91 88.26
C VAL D 1081 26.07 5.13 86.76
N THR D 1082 25.03 4.84 85.96
CA THR D 1082 25.12 5.05 84.51
C THR D 1082 25.30 6.53 84.16
N SER D 1083 24.52 7.40 84.81
CA SER D 1083 24.58 8.83 84.53
C SER D 1083 25.93 9.43 84.91
N VAL D 1084 26.53 8.95 86.00
CA VAL D 1084 27.85 9.45 86.38
C VAL D 1084 28.92 8.94 85.41
N THR D 1085 28.86 7.64 85.04
CA THR D 1085 29.94 7.03 84.27
C THR D 1085 30.04 7.57 82.84
N VAL D 1086 28.90 7.87 82.20
CA VAL D 1086 28.94 8.37 80.83
C VAL D 1086 29.60 9.75 80.77
N GLU D 1087 29.23 10.65 81.69
CA GLU D 1087 29.85 11.98 81.72
C GLU D 1087 31.31 11.93 82.14
N TRP D 1088 31.67 11.01 83.04
CA TRP D 1088 33.07 10.83 83.41
C TRP D 1088 33.92 10.39 82.22
N THR D 1089 33.39 9.45 81.42
CA THR D 1089 34.09 9.01 80.22
C THR D 1089 34.25 10.14 79.21
N GLY D 1090 33.19 10.93 79.02
CA GLY D 1090 33.25 12.06 78.10
C GLY D 1090 34.29 13.10 78.51
N LEU D 1091 34.33 13.43 79.81
CA LEU D 1091 35.31 14.39 80.32
C LEU D 1091 36.73 13.89 80.16
N LYS D 1092 36.97 12.60 80.46
CA LYS D 1092 38.32 12.04 80.39
C LYS D 1092 38.85 12.02 78.96
N VAL D 1093 38.03 11.55 78.00
CA VAL D 1093 38.48 11.50 76.61
C VAL D 1093 38.63 12.91 76.04
N ALA D 1094 37.72 13.83 76.42
CA ALA D 1094 37.78 15.21 75.94
C ALA D 1094 39.03 15.93 76.41
N LYS D 1095 39.48 15.66 77.64
CA LYS D 1095 40.74 16.24 78.10
C LYS D 1095 41.94 15.61 77.40
N ARG D 1096 41.97 14.26 77.34
CA ARG D 1096 43.17 13.56 76.90
C ARG D 1096 43.44 13.76 75.40
N LEU D 1097 42.38 13.75 74.58
CA LEU D 1097 42.59 13.88 73.13
C LEU D 1097 43.08 15.27 72.74
N HIS D 1098 42.55 16.31 73.39
CA HIS D 1098 43.03 17.66 73.11
C HIS D 1098 44.46 17.86 73.60
N ARG D 1099 44.80 17.30 74.77
CA ARG D 1099 46.18 17.40 75.26
C ARG D 1099 47.17 16.70 74.32
N SER D 1100 46.81 15.49 73.87
CA SER D 1100 47.69 14.76 72.96
C SER D 1100 47.81 15.46 71.60
N LEU D 1101 46.69 15.99 71.07
CA LEU D 1101 46.73 16.68 69.79
C LEU D 1101 47.55 17.97 69.85
N LEU D 1102 47.38 18.75 70.93
CA LEU D 1102 48.13 20.00 71.07
C LEU D 1102 49.62 19.74 71.30
N ASN D 1103 49.96 18.66 72.00
CA ASN D 1103 51.38 18.37 72.18
C ASN D 1103 52.01 17.77 70.94
N ARG D 1104 51.27 16.99 70.15
CA ARG D 1104 51.84 16.39 68.95
C ARG D 1104 51.94 17.38 67.78
N ILE D 1105 51.08 18.40 67.75
CA ILE D 1105 51.14 19.37 66.65
C ILE D 1105 52.39 20.24 66.75
N ILE D 1106 52.72 20.71 67.95
CA ILE D 1106 53.82 21.66 68.11
C ILE D 1106 55.19 21.03 67.90
N LEU D 1107 55.29 19.70 67.91
CA LEU D 1107 56.54 19.02 67.62
C LEU D 1107 56.68 18.60 66.17
N ALA D 1108 55.63 18.73 65.37
CA ALA D 1108 55.68 18.34 63.97
C ALA D 1108 56.53 19.34 63.17
N PRO D 1109 57.28 18.88 62.16
CA PRO D 1109 58.18 19.79 61.44
C PRO D 1109 57.43 20.82 60.60
N MET D 1110 58.17 21.86 60.20
CA MET D 1110 57.59 22.93 59.38
C MET D 1110 57.26 22.49 57.97
N ARG D 1111 57.86 21.39 57.50
CA ARG D 1111 57.46 20.78 56.24
C ARG D 1111 56.01 20.31 56.30
N PHE D 1112 55.60 19.75 57.44
CA PHE D 1112 54.21 19.35 57.66
C PHE D 1112 53.28 20.55 57.67
N PHE D 1113 53.71 21.66 58.28
CA PHE D 1113 52.87 22.84 58.34
C PHE D 1113 52.75 23.55 56.99
N GLU D 1114 53.81 23.51 56.18
CA GLU D 1114 53.72 24.10 54.85
C GLU D 1114 52.91 23.22 53.90
N THR D 1115 53.08 21.89 54.00
CA THR D 1115 52.37 20.98 53.10
C THR D 1115 50.88 20.93 53.42
N THR D 1116 50.54 20.73 54.69
CA THR D 1116 49.14 20.64 55.05
C THR D 1116 48.53 22.03 55.20
N PRO D 1117 47.32 22.25 54.70
CA PRO D 1117 46.64 23.53 54.92
C PRO D 1117 46.27 23.72 56.38
N LEU D 1118 46.27 24.99 56.80
CA LEU D 1118 46.00 25.32 58.20
C LEU D 1118 44.54 25.08 58.58
N GLY D 1119 43.62 25.10 57.60
CA GLY D 1119 42.24 24.77 57.90
C GLY D 1119 42.04 23.33 58.32
N SER D 1120 42.78 22.40 57.69
CA SER D 1120 42.68 20.99 58.04
C SER D 1120 43.18 20.72 59.45
N ILE D 1121 44.26 21.39 59.86
CA ILE D 1121 44.75 21.25 61.22
C ILE D 1121 43.80 21.93 62.21
N LEU D 1122 43.31 23.12 61.86
CA LEU D 1122 42.54 23.92 62.81
C LEU D 1122 41.13 23.37 63.02
N ASN D 1123 40.56 22.69 62.01
CA ASN D 1123 39.21 22.15 62.15
C ASN D 1123 39.15 20.98 63.12
N ARG D 1124 40.28 20.33 63.39
CA ARG D 1124 40.30 19.31 64.45
C ARG D 1124 40.13 19.94 65.82
N PHE D 1125 40.74 21.11 66.04
CA PHE D 1125 40.53 21.84 67.29
C PHE D 1125 39.16 22.50 67.33
N SER D 1126 38.64 22.90 66.18
CA SER D 1126 37.41 23.68 66.12
C SER D 1126 36.16 22.79 66.13
N SER D 1127 36.04 21.91 65.15
CA SER D 1127 34.81 21.14 64.97
C SER D 1127 34.88 19.75 65.59
N ASP D 1128 35.97 19.01 65.35
CA ASP D 1128 36.09 17.65 65.86
C ASP D 1128 36.21 17.64 67.38
N CYS D 1129 36.99 18.56 67.95
CA CYS D 1129 37.08 18.68 69.40
C CYS D 1129 35.75 19.11 70.01
N ASN D 1130 34.98 19.94 69.30
CA ASN D 1130 33.65 20.33 69.79
C ASN D 1130 32.70 19.13 69.80
N THR D 1131 32.81 18.24 68.82
CA THR D 1131 32.02 17.02 68.84
C THR D 1131 32.42 16.11 69.99
N ILE D 1132 33.73 15.94 70.20
CA ILE D 1132 34.22 15.03 71.25
C ILE D 1132 33.88 15.55 72.64
N ASP D 1133 33.98 16.88 72.84
CA ASP D 1133 33.64 17.46 74.15
C ASP D 1133 32.14 17.37 74.44
N GLN D 1134 31.30 17.63 73.43
CA GLN D 1134 29.89 17.89 73.67
C GLN D 1134 28.98 16.85 73.03
N HIS D 1135 29.13 16.57 71.73
CA HIS D 1135 28.16 15.74 71.03
C HIS D 1135 28.32 14.25 71.33
N ILE D 1136 29.58 13.76 71.43
CA ILE D 1136 29.80 12.33 71.70
C ILE D 1136 29.29 11.84 73.06
N PRO D 1137 29.54 12.54 74.20
CA PRO D 1137 28.96 12.02 75.46
C PRO D 1137 27.44 12.02 75.52
N SER D 1138 26.76 12.90 74.77
CA SER D 1138 25.31 12.80 74.66
C SER D 1138 24.90 11.63 73.77
N THR D 1139 25.60 11.47 72.64
CA THR D 1139 25.29 10.41 71.68
C THR D 1139 25.52 9.02 72.27
N LEU D 1140 26.54 8.88 73.13
CA LEU D 1140 26.83 7.59 73.73
C LEU D 1140 25.74 7.17 74.72
N GLU D 1141 25.25 8.11 75.54
CA GLU D 1141 24.15 7.82 76.45
C GLU D 1141 22.86 7.50 75.71
N CYS D 1142 22.56 8.27 74.65
CA CYS D 1142 21.36 8.01 73.84
C CYS D 1142 21.45 6.66 73.13
N LEU D 1143 22.64 6.35 72.59
CA LEU D 1143 22.85 5.09 71.89
C LEU D 1143 22.75 3.90 72.84
N SER D 1144 23.30 4.02 74.04
CA SER D 1144 23.21 2.94 75.02
C SER D 1144 21.76 2.69 75.44
N ARG D 1145 21.01 3.77 75.70
CA ARG D 1145 19.60 3.62 76.07
C ARG D 1145 18.77 2.99 74.95
N SER D 1146 18.97 3.45 73.71
CA SER D 1146 18.20 2.93 72.58
C SER D 1146 18.56 1.48 72.26
N THR D 1147 19.86 1.18 72.14
CA THR D 1147 20.29 -0.17 71.77
C THR D 1147 20.12 -1.18 72.89
N LEU D 1148 19.91 -0.74 74.13
CA LEU D 1148 19.58 -1.70 75.17
C LEU D 1148 18.08 -1.86 75.39
N LEU D 1149 17.29 -0.80 75.21
CA LEU D 1149 15.84 -0.96 75.26
C LEU D 1149 15.33 -1.80 74.09
N CYS D 1150 15.99 -1.72 72.92
CA CYS D 1150 15.60 -2.55 71.78
C CYS D 1150 15.82 -4.03 72.05
N VAL D 1151 17.01 -4.40 72.56
CA VAL D 1151 17.29 -5.81 72.81
C VAL D 1151 16.49 -6.32 74.00
N SER D 1152 16.23 -5.46 75.00
CA SER D 1152 15.39 -5.85 76.13
C SER D 1152 13.95 -6.10 75.68
N ALA D 1153 13.43 -5.24 74.81
CA ALA D 1153 12.07 -5.40 74.31
C ALA D 1153 11.93 -6.63 73.42
N LEU D 1154 12.92 -6.89 72.57
CA LEU D 1154 12.88 -8.09 71.72
C LEU D 1154 12.98 -9.36 72.57
N THR D 1155 13.80 -9.35 73.62
CA THR D 1155 13.87 -10.48 74.53
C THR D 1155 12.56 -10.69 75.28
N VAL D 1156 11.90 -9.61 75.69
CA VAL D 1156 10.63 -9.71 76.41
C VAL D 1156 9.53 -10.29 75.51
N ILE D 1157 9.43 -9.79 74.27
CA ILE D 1157 8.43 -10.30 73.34
C ILE D 1157 8.72 -11.74 72.96
N SER D 1158 10.01 -12.09 72.83
CA SER D 1158 10.39 -13.48 72.57
C SER D 1158 10.06 -14.39 73.75
N TYR D 1159 10.14 -13.89 74.97
CA TYR D 1159 9.75 -14.68 76.14
C TYR D 1159 8.25 -14.91 76.17
N VAL D 1160 7.46 -13.84 76.00
CA VAL D 1160 6.02 -14.01 76.13
C VAL D 1160 5.41 -14.64 74.88
N THR D 1161 6.02 -14.44 73.71
CA THR D 1161 5.54 -15.02 72.45
C THR D 1161 6.75 -15.52 71.67
N PRO D 1162 7.08 -16.82 71.78
CA PRO D 1162 8.22 -17.34 71.00
C PRO D 1162 8.01 -17.33 69.50
N VAL D 1163 6.74 -17.39 69.04
CA VAL D 1163 6.41 -17.38 67.62
C VAL D 1163 6.80 -16.08 66.94
N PHE D 1164 6.91 -14.99 67.71
CA PHE D 1164 7.42 -13.72 67.21
C PHE D 1164 8.84 -13.84 66.66
N LEU D 1165 9.64 -14.77 67.21
CA LEU D 1165 10.98 -15.05 66.69
C LEU D 1165 10.92 -15.49 65.23
N VAL D 1166 9.89 -16.27 64.87
CA VAL D 1166 9.66 -16.66 63.48
C VAL D 1166 9.43 -15.44 62.61
N ALA D 1167 8.71 -14.45 63.12
CA ALA D 1167 8.53 -13.19 62.40
C ALA D 1167 9.63 -12.18 62.70
N LEU D 1168 10.56 -12.50 63.61
CA LEU D 1168 11.68 -11.59 63.83
C LEU D 1168 12.71 -11.70 62.71
N LEU D 1169 12.82 -12.88 62.10
CA LEU D 1169 13.77 -13.10 61.02
C LEU D 1169 13.50 -12.28 59.74
N PRO D 1170 12.28 -12.21 59.17
CA PRO D 1170 12.15 -11.45 57.91
C PRO D 1170 12.34 -9.95 58.05
N LEU D 1171 11.87 -9.36 59.16
CA LEU D 1171 12.06 -7.94 59.40
C LEU D 1171 13.54 -7.59 59.51
N ALA D 1172 14.31 -8.42 60.22
CA ALA D 1172 15.76 -8.28 60.26
C ALA D 1172 16.39 -8.49 58.89
N VAL D 1173 15.74 -9.26 58.00
CA VAL D 1173 16.15 -9.28 56.61
C VAL D 1173 15.87 -7.94 55.95
N VAL D 1174 14.64 -7.43 56.13
CA VAL D 1174 14.18 -6.23 55.42
C VAL D 1174 15.00 -5.02 55.83
N CYS D 1175 15.21 -4.87 57.15
CA CYS D 1175 16.09 -3.85 57.72
C CYS D 1175 17.47 -3.88 57.07
N TYR D 1176 18.03 -5.09 56.90
CA TYR D 1176 19.34 -5.26 56.30
C TYR D 1176 19.37 -4.70 54.88
N PHE D 1177 18.32 -5.00 54.10
CA PHE D 1177 18.25 -4.52 52.73
C PHE D 1177 18.13 -3.01 52.70
N ILE D 1178 17.40 -2.44 53.66
CA ILE D 1178 17.31 -0.99 53.77
C ILE D 1178 18.67 -0.41 54.13
N GLN D 1179 19.38 -1.07 55.07
CA GLN D 1179 20.72 -0.62 55.40
C GLN D 1179 21.71 -0.93 54.28
N LYS D 1180 21.33 -1.82 53.36
CA LYS D 1180 22.13 -1.99 52.15
C LYS D 1180 21.97 -0.81 51.22
N TYR D 1181 20.74 -0.29 51.08
CA TYR D 1181 20.49 0.70 50.05
C TYR D 1181 20.72 2.13 50.52
N PHE D 1182 20.47 2.41 51.80
CA PHE D 1182 20.64 3.76 52.31
C PHE D 1182 22.11 4.13 52.49
N ARG D 1183 22.91 3.18 53.01
CA ARG D 1183 24.27 3.49 53.46
C ARG D 1183 25.20 3.82 52.30
N VAL D 1184 24.93 3.29 51.11
CA VAL D 1184 25.69 3.69 49.93
C VAL D 1184 25.33 5.12 49.53
N ALA D 1185 24.04 5.46 49.59
CA ALA D 1185 23.60 6.78 49.17
C ALA D 1185 24.03 7.86 50.15
N SER D 1186 23.81 7.61 51.44
CA SER D 1186 24.08 8.60 52.49
C SER D 1186 25.57 8.93 52.56
N ARG D 1187 26.42 7.91 52.41
CA ARG D 1187 27.87 8.12 52.38
C ARG D 1187 28.30 9.01 51.22
N ASP D 1188 27.57 8.95 50.10
CA ASP D 1188 27.78 9.95 49.07
C ASP D 1188 27.26 11.31 49.52
N LEU D 1189 26.02 11.34 50.04
CA LEU D 1189 25.34 12.59 50.32
C LEU D 1189 25.97 13.33 51.51
N GLN D 1190 26.60 12.59 52.42
CA GLN D 1190 27.40 13.25 53.45
C GLN D 1190 28.66 13.87 52.85
N GLN D 1191 29.37 13.10 52.01
CA GLN D 1191 30.63 13.58 51.43
C GLN D 1191 30.41 14.77 50.52
N LEU D 1192 29.37 14.71 49.70
CA LEU D 1192 28.97 15.84 48.86
C LEU D 1192 28.49 17.01 49.71
N ASP D 1193 27.98 16.75 50.92
CA ASP D 1193 27.67 17.86 51.81
C ASP D 1193 28.94 18.49 52.38
N ASP D 1194 29.98 17.68 52.61
CA ASP D 1194 31.21 18.22 53.16
C ASP D 1194 32.02 18.96 52.10
N THR D 1195 32.13 18.38 50.91
CA THR D 1195 32.90 18.98 49.82
C THR D 1195 32.23 20.22 49.24
N THR D 1196 30.95 20.47 49.53
CA THR D 1196 30.32 21.74 49.21
C THR D 1196 30.43 22.76 50.34
N GLN D 1197 30.81 22.33 51.55
CA GLN D 1197 30.96 23.28 52.64
C GLN D 1197 32.32 23.96 52.62
N LEU D 1198 33.34 23.28 52.08
CA LEU D 1198 34.68 23.88 51.97
C LEU D 1198 34.76 25.10 51.05
N PRO D 1199 34.20 25.13 49.82
CA PRO D 1199 34.30 26.38 49.05
C PRO D 1199 33.37 27.48 49.56
N LEU D 1200 32.40 27.17 50.41
CA LEU D 1200 31.59 28.21 51.02
C LEU D 1200 32.38 28.95 52.10
N LEU D 1201 32.87 28.20 53.10
CA LEU D 1201 33.56 28.78 54.24
C LEU D 1201 34.84 29.49 53.83
N SER D 1202 35.61 28.88 52.91
CA SER D 1202 36.80 29.53 52.38
C SER D 1202 36.46 30.80 51.61
N HIS D 1203 35.27 30.85 50.99
CA HIS D 1203 34.83 32.08 50.32
C HIS D 1203 34.62 33.21 51.32
N PHE D 1204 34.28 32.89 52.56
CA PHE D 1204 34.30 33.92 53.59
C PHE D 1204 35.72 34.32 53.94
N ALA D 1205 36.63 33.34 54.02
CA ALA D 1205 37.98 33.59 54.53
C ALA D 1205 38.78 34.48 53.59
N GLU D 1206 38.62 34.29 52.28
CA GLU D 1206 39.24 35.19 51.32
C GLU D 1206 38.50 36.50 51.17
N THR D 1207 37.22 36.57 51.57
CA THR D 1207 36.49 37.83 51.44
C THR D 1207 36.90 38.81 52.54
N VAL D 1208 37.08 38.33 53.77
CA VAL D 1208 37.40 39.22 54.88
C VAL D 1208 38.82 39.76 54.75
N GLU D 1209 39.79 38.90 54.41
CA GLU D 1209 41.17 39.35 54.27
C GLU D 1209 41.41 40.14 52.98
N GLY D 1210 40.57 39.95 51.96
CA GLY D 1210 40.74 40.67 50.72
C GLY D 1210 39.64 41.68 50.46
N LEU D 1211 39.04 42.17 51.54
CA LEU D 1211 37.87 43.05 51.46
C LEU D 1211 38.22 44.38 50.80
N THR D 1212 39.39 44.93 51.14
CA THR D 1212 39.86 46.15 50.51
C THR D 1212 40.10 45.95 49.01
N THR D 1213 40.66 44.80 48.64
CA THR D 1213 40.92 44.51 47.23
C THR D 1213 39.62 44.31 46.45
N ILE D 1214 38.66 43.58 47.03
CA ILE D 1214 37.39 43.33 46.34
C ILE D 1214 36.60 44.63 46.19
N ARG D 1215 36.56 45.46 47.24
CA ARG D 1215 35.85 46.73 47.14
C ARG D 1215 36.60 47.77 46.33
N ALA D 1216 37.91 47.60 46.12
CA ALA D 1216 38.65 48.51 45.26
C ALA D 1216 38.40 48.25 43.78
N PHE D 1217 38.19 46.98 43.40
CA PHE D 1217 37.86 46.62 42.03
C PHE D 1217 36.38 46.80 41.71
N ARG D 1218 35.57 47.23 42.70
CA ARG D 1218 34.10 47.28 42.63
C ARG D 1218 33.52 45.92 42.27
N TYR D 1219 34.08 44.86 42.87
CA TYR D 1219 33.64 43.49 42.64
C TYR D 1219 32.76 42.95 43.76
N GLU D 1220 31.96 43.82 44.39
CA GLU D 1220 31.10 43.38 45.48
C GLU D 1220 29.96 42.50 44.97
N ALA D 1221 29.33 42.90 43.86
CA ALA D 1221 28.18 42.16 43.33
C ALA D 1221 28.59 40.80 42.79
N ARG D 1222 29.76 40.71 42.14
CA ARG D 1222 30.24 39.43 41.61
C ARG D 1222 30.54 38.44 42.72
N PHE D 1223 31.16 38.91 43.81
CA PHE D 1223 31.47 38.03 44.92
C PHE D 1223 30.22 37.66 45.72
N GLN D 1224 29.23 38.56 45.78
CA GLN D 1224 27.95 38.18 46.39
C GLN D 1224 27.23 37.13 45.55
N GLN D 1225 27.34 37.22 44.22
CA GLN D 1225 26.78 36.19 43.35
C GLN D 1225 27.50 34.85 43.53
N LYS D 1226 28.82 34.90 43.72
CA LYS D 1226 29.58 33.68 44.02
C LYS D 1226 29.14 33.06 45.34
N LEU D 1227 28.85 33.90 46.34
CA LEU D 1227 28.30 33.41 47.61
C LEU D 1227 26.93 32.75 47.40
N LEU D 1228 26.09 33.36 46.56
CA LEU D 1228 24.78 32.78 46.27
C LEU D 1228 24.90 31.39 45.63
N GLU D 1229 25.86 31.24 44.71
CA GLU D 1229 26.12 29.93 44.09
C GLU D 1229 26.60 28.90 45.12
N TYR D 1230 27.56 29.28 45.97
CA TYR D 1230 28.11 28.36 46.97
C TYR D 1230 27.06 27.97 48.01
N THR D 1231 26.26 28.94 48.46
CA THR D 1231 25.20 28.69 49.44
C THR D 1231 24.13 27.79 48.87
N ASP D 1232 23.76 27.99 47.59
CA ASP D 1232 22.76 27.13 46.97
C ASP D 1232 23.26 25.70 46.83
N SER D 1233 24.55 25.52 46.47
CA SER D 1233 25.11 24.18 46.37
C SER D 1233 25.12 23.46 47.71
N ASN D 1234 25.59 24.14 48.76
CA ASN D 1234 25.63 23.55 50.10
C ASN D 1234 24.23 23.25 50.64
N ASN D 1235 23.28 24.15 50.38
CA ASN D 1235 21.91 23.97 50.87
C ASN D 1235 21.22 22.80 50.19
N ILE D 1236 21.42 22.62 48.88
CA ILE D 1236 20.74 21.49 48.25
C ILE D 1236 21.43 20.16 48.57
N ALA D 1237 22.75 20.17 48.82
CA ALA D 1237 23.41 18.96 49.33
C ALA D 1237 22.87 18.55 50.70
N SER D 1238 22.71 19.54 51.59
CA SER D 1238 22.12 19.28 52.90
C SER D 1238 20.67 18.84 52.82
N LEU D 1239 19.91 19.39 51.85
CA LEU D 1239 18.52 19.00 51.67
C LEU D 1239 18.38 17.56 51.20
N PHE D 1240 19.25 17.13 50.27
CA PHE D 1240 19.19 15.74 49.83
C PHE D 1240 19.64 14.78 50.92
N LEU D 1241 20.62 15.19 51.74
CA LEU D 1241 20.99 14.39 52.92
C LEU D 1241 19.84 14.26 53.90
N THR D 1242 19.11 15.37 54.13
CA THR D 1242 17.95 15.38 55.02
C THR D 1242 16.85 14.46 54.51
N ALA D 1243 16.54 14.54 53.21
CA ALA D 1243 15.47 13.74 52.65
C ALA D 1243 15.82 12.26 52.59
N ALA D 1244 17.11 11.93 52.38
CA ALA D 1244 17.53 10.53 52.50
C ALA D 1244 17.39 10.02 53.92
N ASN D 1245 17.72 10.85 54.91
CA ASN D 1245 17.51 10.47 56.31
C ASN D 1245 16.03 10.25 56.61
N ARG D 1246 15.15 11.10 56.07
CA ARG D 1246 13.72 10.94 56.28
C ARG D 1246 13.18 9.69 55.59
N TRP D 1247 13.72 9.35 54.42
CA TRP D 1247 13.41 8.10 53.73
C TRP D 1247 13.73 6.89 54.60
N LEU D 1248 14.95 6.86 55.15
CA LEU D 1248 15.36 5.76 56.03
C LEU D 1248 14.51 5.68 57.28
N GLU D 1249 14.21 6.84 57.90
CA GLU D 1249 13.43 6.84 59.14
C GLU D 1249 11.98 6.43 58.92
N VAL D 1250 11.40 6.79 57.77
CA VAL D 1250 10.05 6.34 57.42
C VAL D 1250 10.02 4.82 57.28
N ARG D 1251 11.03 4.25 56.60
CA ARG D 1251 11.09 2.79 56.45
C ARG D 1251 11.25 2.08 57.79
N MET D 1252 12.14 2.59 58.65
CA MET D 1252 12.39 1.94 59.94
C MET D 1252 11.20 2.07 60.89
N GLU D 1253 10.52 3.22 60.88
CA GLU D 1253 9.35 3.39 61.73
C GLU D 1253 8.17 2.56 61.26
N TYR D 1254 8.03 2.35 59.94
CA TYR D 1254 6.99 1.44 59.47
C TYR D 1254 7.31 0.00 59.84
N ILE D 1255 8.59 -0.37 59.87
CA ILE D 1255 8.99 -1.69 60.37
C ILE D 1255 8.64 -1.83 61.85
N GLY D 1256 8.84 -0.76 62.64
CA GLY D 1256 8.47 -0.81 64.05
C GLY D 1256 6.96 -0.94 64.28
N ALA D 1257 6.17 -0.27 63.44
CA ALA D 1257 4.71 -0.45 63.49
C ALA D 1257 4.32 -1.89 63.12
N CYS D 1258 5.03 -2.48 62.17
CA CYS D 1258 4.81 -3.89 61.84
C CYS D 1258 5.17 -4.81 63.00
N VAL D 1259 6.23 -4.46 63.76
CA VAL D 1259 6.60 -5.22 64.96
C VAL D 1259 5.47 -5.19 65.98
N VAL D 1260 4.88 -4.01 66.19
CA VAL D 1260 3.75 -3.87 67.12
C VAL D 1260 2.57 -4.70 66.67
N LEU D 1261 2.25 -4.65 65.36
CA LEU D 1261 1.10 -5.41 64.84
C LEU D 1261 1.31 -6.92 64.96
N ILE D 1262 2.51 -7.40 64.64
CA ILE D 1262 2.80 -8.84 64.71
C ILE D 1262 2.78 -9.34 66.15
N ALA D 1263 3.41 -8.59 67.07
CA ALA D 1263 3.43 -8.98 68.48
C ALA D 1263 2.04 -8.94 69.09
N ALA D 1264 1.23 -7.94 68.72
CA ALA D 1264 -0.15 -7.85 69.19
C ALA D 1264 -0.99 -9.03 68.68
N ALA D 1265 -0.83 -9.39 67.41
CA ALA D 1265 -1.57 -10.52 66.84
C ALA D 1265 -1.22 -11.82 67.53
N THR D 1266 0.09 -12.07 67.73
CA THR D 1266 0.53 -13.30 68.38
C THR D 1266 0.07 -13.36 69.84
N SER D 1267 0.18 -12.27 70.58
CA SER D 1267 -0.18 -12.28 72.00
C SER D 1267 -1.69 -12.40 72.19
N ILE D 1268 -2.47 -11.71 71.35
CA ILE D 1268 -3.93 -11.79 71.45
C ILE D 1268 -4.43 -13.18 71.06
N SER D 1269 -3.85 -13.77 70.00
CA SER D 1269 -4.22 -15.13 69.60
C SER D 1269 -3.85 -16.14 70.67
N ASN D 1270 -2.71 -15.94 71.33
CA ASN D 1270 -2.33 -16.80 72.45
C ASN D 1270 -3.34 -16.68 73.59
N SER D 1271 -3.62 -15.45 74.05
CA SER D 1271 -4.51 -15.25 75.19
C SER D 1271 -5.95 -15.69 74.91
N LEU D 1272 -6.35 -15.74 73.64
CA LEU D 1272 -7.62 -16.39 73.31
C LEU D 1272 -7.50 -17.90 73.12
N HIS D 1273 -6.29 -18.43 72.95
CA HIS D 1273 -6.13 -19.88 72.76
C HIS D 1273 -5.34 -20.55 73.88
N ARG D 1274 -4.14 -20.05 74.20
CA ARG D 1274 -3.28 -20.66 75.22
C ARG D 1274 -2.94 -19.60 76.28
N GLU D 1275 -3.42 -19.82 77.51
CA GLU D 1275 -3.56 -18.77 78.51
C GLU D 1275 -2.21 -18.16 78.92
N LEU D 1276 -2.15 -16.82 78.87
CA LEU D 1276 -0.96 -16.06 79.22
C LEU D 1276 -1.18 -15.23 80.48
N SER D 1277 -2.22 -15.56 81.26
CA SER D 1277 -2.64 -14.93 82.51
C SER D 1277 -3.07 -13.46 82.35
N ALA D 1278 -3.20 -12.97 81.11
CA ALA D 1278 -3.61 -11.61 80.74
C ALA D 1278 -2.72 -10.52 81.33
N GLY D 1279 -1.50 -10.86 81.78
CA GLY D 1279 -0.59 -9.87 82.32
C GLY D 1279 0.70 -9.79 81.53
N LEU D 1280 1.12 -10.93 80.96
CA LEU D 1280 2.27 -10.96 80.07
C LEU D 1280 1.96 -10.32 78.73
N VAL D 1281 0.67 -10.26 78.36
CA VAL D 1281 0.25 -9.57 77.14
C VAL D 1281 0.53 -8.08 77.25
N GLY D 1282 0.20 -7.48 78.40
CA GLY D 1282 0.51 -6.08 78.62
C GLY D 1282 2.00 -5.80 78.61
N LEU D 1283 2.79 -6.73 79.15
CA LEU D 1283 4.25 -6.65 79.12
C LEU D 1283 4.77 -6.64 77.69
N GLY D 1284 4.27 -7.57 76.87
CA GLY D 1284 4.70 -7.65 75.48
C GLY D 1284 4.29 -6.46 74.64
N LEU D 1285 3.07 -5.97 74.85
CA LEU D 1285 2.60 -4.79 74.12
C LEU D 1285 3.35 -3.52 74.53
N THR D 1286 3.60 -3.38 75.84
CA THR D 1286 4.31 -2.21 76.35
C THR D 1286 5.76 -2.18 75.87
N TYR D 1287 6.39 -3.34 75.67
CA TYR D 1287 7.71 -3.33 75.06
C TYR D 1287 7.67 -3.28 73.53
N ALA D 1288 6.59 -3.72 72.89
CA ALA D 1288 6.47 -3.61 71.44
C ALA D 1288 6.35 -2.15 71.01
N LEU D 1289 5.62 -1.35 71.79
CA LEU D 1289 5.58 0.09 71.54
C LEU D 1289 6.97 0.72 71.68
N MET D 1290 7.80 0.18 72.57
CA MET D 1290 9.18 0.66 72.66
C MET D 1290 10.02 0.24 71.46
N VAL D 1291 9.73 -0.92 70.85
CA VAL D 1291 10.38 -1.25 69.58
C VAL D 1291 10.02 -0.23 68.52
N SER D 1292 8.73 0.12 68.45
CA SER D 1292 8.26 1.11 67.47
C SER D 1292 8.84 2.49 67.71
N ASN D 1293 9.10 2.86 68.96
CA ASN D 1293 9.69 4.15 69.25
C ASN D 1293 11.21 4.17 69.16
N TYR D 1294 11.88 3.04 69.41
CA TYR D 1294 13.31 3.03 69.64
C TYR D 1294 14.13 2.33 68.57
N LEU D 1295 13.52 1.60 67.64
CA LEU D 1295 14.28 1.05 66.51
C LEU D 1295 14.84 2.17 65.64
N ASN D 1296 14.01 3.18 65.36
CA ASN D 1296 14.45 4.34 64.60
C ASN D 1296 15.51 5.14 65.35
N TRP D 1297 15.34 5.28 66.68
CA TRP D 1297 16.30 6.04 67.47
C TRP D 1297 17.64 5.29 67.56
N MET D 1298 17.61 3.96 67.62
CA MET D 1298 18.84 3.17 67.63
C MET D 1298 19.58 3.29 66.31
N VAL D 1299 18.87 3.22 65.18
CA VAL D 1299 19.52 3.36 63.87
C VAL D 1299 20.09 4.78 63.68
N ARG D 1300 19.31 5.78 64.12
CA ARG D 1300 19.76 7.18 64.05
C ARG D 1300 21.00 7.41 64.91
N ASN D 1301 21.02 6.86 66.12
CA ASN D 1301 22.18 7.01 66.99
C ASN D 1301 23.39 6.23 66.48
N LEU D 1302 23.17 5.11 65.79
CA LEU D 1302 24.28 4.38 65.17
C LEU D 1302 24.92 5.19 64.05
N ALA D 1303 24.11 5.81 63.19
CA ALA D 1303 24.64 6.67 62.13
C ALA D 1303 25.36 7.88 62.71
N ASP D 1304 24.78 8.49 63.76
CA ASP D 1304 25.41 9.61 64.43
C ASP D 1304 26.74 9.21 65.05
N MET D 1305 26.79 8.03 65.70
CA MET D 1305 28.03 7.53 66.31
C MET D 1305 29.09 7.24 65.26
N GLU D 1306 28.69 6.80 64.07
CA GLU D 1306 29.64 6.64 62.97
C GLU D 1306 30.25 7.98 62.56
N ILE D 1307 29.43 9.04 62.51
CA ILE D 1307 29.96 10.37 62.17
C ILE D 1307 30.90 10.90 63.27
N GLN D 1308 30.52 10.68 64.54
CA GLN D 1308 31.36 11.09 65.66
C GLN D 1308 32.69 10.33 65.66
N LEU D 1309 32.66 9.04 65.35
CA LEU D 1309 33.88 8.27 65.22
C LEU D 1309 34.71 8.70 64.03
N GLY D 1310 34.07 9.25 62.99
CA GLY D 1310 34.82 9.89 61.91
C GLY D 1310 35.60 11.10 62.40
N ALA D 1311 34.99 11.90 63.29
CA ALA D 1311 35.72 13.03 63.90
C ALA D 1311 36.90 12.55 64.74
N VAL D 1312 36.69 11.49 65.54
CA VAL D 1312 37.78 10.91 66.35
C VAL D 1312 38.86 10.33 65.44
N LYS D 1313 38.46 9.76 64.30
CA LYS D 1313 39.39 9.21 63.32
C LYS D 1313 40.26 10.29 62.70
N ARG D 1314 39.67 11.45 62.41
CA ARG D 1314 40.46 12.58 61.88
C ARG D 1314 41.46 13.09 62.92
N ILE D 1315 41.04 13.16 64.19
CA ILE D 1315 41.96 13.60 65.25
C ILE D 1315 43.09 12.60 65.44
N HIS D 1316 42.79 11.29 65.36
CA HIS D 1316 43.85 10.29 65.48
C HIS D 1316 44.78 10.27 64.26
N ALA D 1317 44.24 10.57 63.07
CA ALA D 1317 45.08 10.67 61.88
C ALA D 1317 46.04 11.85 61.98
N LEU D 1318 45.58 12.97 62.55
CA LEU D 1318 46.51 14.06 62.84
C LEU D 1318 47.42 13.74 64.02
N LEU D 1319 47.05 12.79 64.87
CA LEU D 1319 47.83 12.45 66.05
C LEU D 1319 49.05 11.58 65.73
N LYS D 1320 49.07 10.92 64.58
CA LYS D 1320 50.16 10.03 64.19
C LYS D 1320 51.21 10.71 63.33
N THR D 1321 51.16 12.05 63.21
CA THR D 1321 52.15 12.77 62.44
C THR D 1321 53.50 12.74 63.14
N GLU D 1322 54.57 12.68 62.35
CA GLU D 1322 55.92 12.55 62.87
C GLU D 1322 56.36 13.84 63.57
N ALA D 1323 57.25 13.69 64.54
CA ALA D 1323 57.77 14.79 65.33
C ALA D 1323 59.25 14.96 65.08
N GLU D 1324 59.74 16.18 65.27
CA GLU D 1324 61.17 16.44 65.18
C GLU D 1324 61.90 15.81 66.36
N SER D 1325 63.18 15.50 66.17
CA SER D 1325 63.99 14.86 67.20
C SER D 1325 64.57 15.94 68.10
N TYR D 1326 63.88 16.21 69.20
CA TYR D 1326 64.29 17.21 70.17
C TYR D 1326 65.28 16.70 71.19
N GLU D 1327 65.63 15.41 71.14
CA GLU D 1327 66.47 14.82 72.18
C GLU D 1327 67.92 15.28 72.08
N GLY D 1328 68.52 15.13 70.90
CA GLY D 1328 69.91 15.51 70.72
C GLY D 1328 70.88 14.45 71.22
N LEU D 1329 71.91 14.17 70.42
CA LEU D 1329 72.86 13.11 70.79
C LEU D 1329 73.85 13.56 71.86
N LEU D 1330 74.22 14.84 71.87
CA LEU D 1330 75.19 15.33 72.84
C LEU D 1330 74.55 15.43 74.23
N ALA D 1331 75.36 15.16 75.24
CA ALA D 1331 74.91 15.23 76.62
C ALA D 1331 74.66 16.69 77.02
N PRO D 1332 73.65 16.95 77.87
CA PRO D 1332 73.41 18.33 78.33
C PRO D 1332 74.53 18.88 79.20
N SER D 1333 75.29 18.02 79.88
CA SER D 1333 76.44 18.50 80.66
C SER D 1333 77.59 18.92 79.75
N LEU D 1334 77.70 18.32 78.57
CA LEU D 1334 78.75 18.71 77.62
C LEU D 1334 78.47 20.08 77.02
N ILE D 1335 77.22 20.48 76.95
CA ILE D 1335 76.87 21.84 76.50
C ILE D 1335 77.19 22.83 77.61
N PRO D 1336 77.99 23.87 77.35
CA PRO D 1336 78.23 24.89 78.38
C PRO D 1336 77.00 25.76 78.60
N LYS D 1337 77.10 26.62 79.62
CA LYS D 1337 76.00 27.53 79.96
C LYS D 1337 75.77 28.55 78.86
N ASN D 1338 76.86 29.03 78.23
CA ASN D 1338 76.78 29.84 77.02
C ASN D 1338 77.62 29.15 75.96
N TRP D 1339 77.00 28.17 75.28
CA TRP D 1339 77.68 27.44 74.21
C TRP D 1339 77.95 28.29 72.97
N PRO D 1340 77.19 29.39 72.66
CA PRO D 1340 77.85 30.39 71.78
C PRO D 1340 78.66 31.38 72.62
N ASP D 1341 79.86 30.93 73.01
CA ASP D 1341 80.70 31.73 73.90
C ASP D 1341 81.25 32.97 73.20
N GLN D 1342 81.61 32.87 71.93
CA GLN D 1342 82.10 34.00 71.13
C GLN D 1342 81.41 34.15 69.78
N GLY D 1343 80.82 33.10 69.21
CA GLY D 1343 80.11 33.22 67.94
C GLY D 1343 80.83 32.72 66.71
N LYS D 1344 81.82 31.83 66.86
CA LYS D 1344 82.50 31.26 65.71
C LYS D 1344 81.59 30.27 64.99
N ILE D 1345 81.56 30.36 63.67
CA ILE D 1345 80.74 29.48 62.85
C ILE D 1345 81.64 28.82 61.80
N GLN D 1346 81.69 27.49 61.80
CA GLN D 1346 82.34 26.74 60.74
C GLN D 1346 81.26 25.99 59.98
N ILE D 1347 81.34 26.02 58.65
CA ILE D 1347 80.43 25.30 57.79
C ILE D 1347 81.26 24.43 56.88
N GLN D 1348 81.11 23.11 57.02
CA GLN D 1348 81.98 22.14 56.36
C GLN D 1348 81.14 21.26 55.45
N ASN D 1349 81.25 21.50 54.13
CA ASN D 1349 80.65 20.69 53.06
C ASN D 1349 79.13 20.60 53.20
N LEU D 1350 78.51 21.69 53.65
CA LEU D 1350 77.08 21.67 53.94
C LEU D 1350 76.27 21.64 52.65
N SER D 1351 75.34 20.69 52.57
CA SER D 1351 74.36 20.65 51.50
C SER D 1351 73.02 20.34 52.12
N VAL D 1352 72.06 21.24 51.95
CA VAL D 1352 70.77 21.12 52.60
C VAL D 1352 69.68 20.94 51.56
N ARG D 1353 68.59 20.30 51.98
CA ARG D 1353 67.38 20.17 51.19
C ARG D 1353 66.21 20.30 52.15
N TYR D 1354 64.99 20.26 51.61
CA TYR D 1354 63.80 20.40 52.44
C TYR D 1354 63.10 19.08 52.70
N ASP D 1355 63.32 18.07 51.87
CA ASP D 1355 62.70 16.76 52.04
C ASP D 1355 63.54 15.73 51.30
N SER D 1356 63.33 14.46 51.63
CA SER D 1356 63.94 13.38 50.87
C SER D 1356 63.37 13.34 49.45
N SER D 1357 64.21 12.90 48.51
CA SER D 1357 63.92 12.89 47.07
C SER D 1357 63.56 14.27 46.56
N LEU D 1358 64.27 15.29 47.03
CA LEU D 1358 64.10 16.66 46.60
C LEU D 1358 65.46 17.24 46.25
N LYS D 1359 65.46 18.25 45.38
CA LYS D 1359 66.71 18.86 44.93
C LYS D 1359 67.37 19.63 46.07
N PRO D 1360 68.68 19.46 46.28
CA PRO D 1360 69.37 20.21 47.34
C PRO D 1360 69.46 21.69 46.99
N VAL D 1361 68.87 22.53 47.85
CA VAL D 1361 68.85 23.96 47.61
C VAL D 1361 70.19 24.63 47.88
N LEU D 1362 71.05 23.98 48.66
CA LEU D 1362 72.45 24.38 48.81
C LEU D 1362 73.33 23.21 48.43
N LYS D 1363 74.41 23.49 47.69
CA LYS D 1363 75.28 22.44 47.16
C LYS D 1363 76.71 22.74 47.59
N HIS D 1364 77.24 21.92 48.50
CA HIS D 1364 78.64 21.92 48.95
C HIS D 1364 79.07 23.27 49.51
N VAL D 1365 78.26 23.81 50.41
CA VAL D 1365 78.55 25.09 51.05
C VAL D 1365 79.64 24.88 52.09
N ASN D 1366 80.71 25.69 51.99
CA ASN D 1366 81.87 25.56 52.87
C ASN D 1366 82.38 26.97 53.17
N ALA D 1367 82.34 27.36 54.44
CA ALA D 1367 82.75 28.70 54.82
C ALA D 1367 83.21 28.72 56.27
N LEU D 1368 83.92 29.80 56.62
CA LEU D 1368 84.32 30.04 58.00
C LEU D 1368 83.97 31.47 58.37
N ILE D 1369 83.42 31.64 59.58
CA ILE D 1369 83.03 32.92 60.13
C ILE D 1369 83.73 33.05 61.48
N SER D 1370 84.73 33.93 61.55
CA SER D 1370 85.38 34.25 62.80
C SER D 1370 84.39 34.97 63.73
N PRO D 1371 84.52 34.80 65.05
CA PRO D 1371 83.61 35.51 65.97
C PRO D 1371 83.79 37.02 65.91
N GLY D 1372 82.65 37.72 65.96
CA GLY D 1372 82.63 39.17 65.83
C GLY D 1372 82.62 39.67 64.40
N GLN D 1373 82.67 38.79 63.41
CA GLN D 1373 82.68 39.21 62.01
C GLN D 1373 81.26 39.42 61.50
N LYS D 1374 81.13 40.34 60.56
CA LYS D 1374 79.85 40.63 59.92
C LYS D 1374 79.87 40.07 58.50
N ILE D 1375 78.90 39.21 58.21
CA ILE D 1375 78.83 38.48 56.96
C ILE D 1375 77.59 38.94 56.21
N GLY D 1376 77.79 39.57 55.05
CA GLY D 1376 76.69 40.00 54.21
C GLY D 1376 76.48 39.01 53.07
N ILE D 1377 75.25 38.53 52.94
CA ILE D 1377 74.90 37.48 51.99
C ILE D 1377 74.05 38.09 50.89
N CYS D 1378 74.48 37.93 49.63
CA CYS D 1378 73.76 38.49 48.51
C CYS D 1378 73.62 37.47 47.38
N GLY D 1379 72.56 37.65 46.60
CA GLY D 1379 72.27 36.79 45.47
C GLY D 1379 70.87 37.07 44.96
N ARG D 1380 70.56 36.44 43.83
CA ARG D 1380 69.23 36.58 43.26
C ARG D 1380 68.21 35.75 44.04
N THR D 1381 66.93 36.03 43.80
CA THR D 1381 65.87 35.31 44.49
C THR D 1381 65.79 33.88 43.98
N GLY D 1382 65.80 32.93 44.91
CA GLY D 1382 65.86 31.52 44.57
C GLY D 1382 67.23 30.89 44.63
N SER D 1383 68.21 31.58 45.21
CA SER D 1383 69.59 31.10 45.26
C SER D 1383 69.91 30.39 46.57
N GLY D 1384 68.90 30.10 47.40
CA GLY D 1384 69.11 29.32 48.60
C GLY D 1384 69.73 30.08 49.76
N LYS D 1385 69.54 31.40 49.84
CA LYS D 1385 70.16 32.18 50.89
C LYS D 1385 69.27 32.35 52.12
N SER D 1386 67.98 32.03 52.02
CA SER D 1386 67.13 31.91 53.20
C SER D 1386 67.20 30.52 53.82
N SER D 1387 67.39 29.49 52.98
CA SER D 1387 67.67 28.15 53.49
C SER D 1387 69.01 28.08 54.20
N PHE D 1388 69.95 28.95 53.78
CA PHE D 1388 71.20 29.11 54.52
C PHE D 1388 70.95 29.60 55.94
N SER D 1389 70.05 30.58 56.10
CA SER D 1389 69.70 31.08 57.42
C SER D 1389 68.96 30.01 58.23
N LEU D 1390 68.09 29.24 57.57
CA LEU D 1390 67.36 28.18 58.26
C LEU D 1390 68.23 26.99 58.61
N ALA D 1391 69.41 26.85 57.96
CA ALA D 1391 70.31 25.74 58.26
C ALA D 1391 70.89 25.80 59.66
N PHE D 1392 71.06 27.01 60.20
CA PHE D 1392 71.61 27.14 61.56
C PHE D 1392 70.63 26.73 62.63
N PHE D 1393 69.33 26.72 62.32
CA PHE D 1393 68.31 26.34 63.29
C PHE D 1393 67.78 24.93 63.05
N ARG D 1394 68.40 24.18 62.13
CA ARG D 1394 68.00 22.83 61.72
C ARG D 1394 66.54 22.77 61.26
N MET D 1395 66.12 23.78 60.52
CA MET D 1395 64.80 23.82 59.90
C MET D 1395 64.80 23.20 58.51
N VAL D 1396 65.96 22.78 58.02
CA VAL D 1396 66.10 22.13 56.72
C VAL D 1396 66.82 20.80 56.93
N ASP D 1397 66.69 19.92 55.95
CA ASP D 1397 67.29 18.59 56.02
C ASP D 1397 68.75 18.69 55.60
N MET D 1398 69.65 18.72 56.59
CA MET D 1398 71.09 18.71 56.34
C MET D 1398 71.51 17.26 56.11
N PHE D 1399 71.31 16.80 54.87
CA PHE D 1399 71.61 15.41 54.55
C PHE D 1399 73.11 15.13 54.47
N GLU D 1400 73.93 16.15 54.24
CA GLU D 1400 75.38 16.02 54.36
C GLU D 1400 75.97 17.37 54.74
N GLY D 1401 77.10 17.33 55.42
CA GLY D 1401 77.79 18.51 55.88
C GLY D 1401 77.49 18.82 57.33
N ARG D 1402 78.34 19.67 57.92
CA ARG D 1402 78.24 20.01 59.33
C ARG D 1402 78.29 21.52 59.52
N ILE D 1403 77.60 21.99 60.55
CA ILE D 1403 77.66 23.37 61.00
C ILE D 1403 78.16 23.32 62.44
N ILE D 1404 79.45 23.58 62.62
CA ILE D 1404 80.10 23.53 63.93
C ILE D 1404 80.15 24.95 64.48
N ILE D 1405 79.48 25.19 65.59
CA ILE D 1405 79.48 26.50 66.23
C ILE D 1405 80.18 26.38 67.57
N ASP D 1406 81.33 27.08 67.69
CA ASP D 1406 82.18 27.10 68.89
C ASP D 1406 82.62 25.70 69.30
N GLY D 1407 83.02 24.88 68.32
CA GLY D 1407 83.52 23.55 68.59
C GLY D 1407 82.45 22.49 68.76
N ILE D 1408 81.17 22.83 68.63
CA ILE D 1408 80.07 21.90 68.86
C ILE D 1408 79.25 21.81 67.57
N ASP D 1409 79.08 20.58 67.07
CA ASP D 1409 78.18 20.34 65.96
C ASP D 1409 76.73 20.53 66.41
N ILE D 1410 75.97 21.30 65.64
CA ILE D 1410 74.60 21.62 66.06
C ILE D 1410 73.63 20.47 65.83
N ALA D 1411 74.01 19.46 65.03
CA ALA D 1411 73.18 18.28 64.87
C ALA D 1411 73.16 17.41 66.12
N LYS D 1412 74.19 17.52 66.97
CA LYS D 1412 74.24 16.79 68.22
C LYS D 1412 73.39 17.42 69.32
N LEU D 1413 72.92 18.65 69.13
CA LEU D 1413 72.27 19.41 70.19
C LEU D 1413 70.75 19.26 70.12
N PRO D 1414 70.07 19.44 71.25
CA PRO D 1414 68.61 19.55 71.22
C PRO D 1414 68.16 20.79 70.47
N LEU D 1415 66.94 20.70 69.92
CA LEU D 1415 66.44 21.78 69.07
C LEU D 1415 66.09 23.02 69.88
N HIS D 1416 65.56 22.84 71.10
CA HIS D 1416 65.31 24.00 71.95
C HIS D 1416 66.61 24.63 72.42
N THR D 1417 67.62 23.81 72.71
CA THR D 1417 68.94 24.30 73.07
C THR D 1417 69.58 25.07 71.91
N LEU D 1418 69.43 24.58 70.68
CA LEU D 1418 70.01 25.26 69.52
C LEU D 1418 69.26 26.54 69.20
N ARG D 1419 67.93 26.49 69.19
CA ARG D 1419 67.11 27.62 68.75
C ARG D 1419 66.88 28.66 69.85
N SER D 1420 67.28 28.38 71.09
CA SER D 1420 67.13 29.38 72.14
C SER D 1420 68.32 30.32 72.27
N ARG D 1421 69.51 29.91 71.81
CA ARG D 1421 70.70 30.74 71.94
C ARG D 1421 71.08 31.47 70.66
N LEU D 1422 70.25 31.42 69.62
CA LEU D 1422 70.50 32.12 68.37
C LEU D 1422 69.28 32.96 68.03
N SER D 1423 69.49 34.14 67.44
CA SER D 1423 68.36 34.97 67.05
C SER D 1423 68.29 35.09 65.53
N ILE D 1424 67.06 35.10 65.01
CA ILE D 1424 66.81 35.24 63.58
C ILE D 1424 65.70 36.27 63.39
N ILE D 1425 65.83 37.07 62.34
CA ILE D 1425 64.78 38.01 61.94
C ILE D 1425 64.34 37.64 60.53
N LEU D 1426 63.14 37.10 60.41
CA LEU D 1426 62.60 36.74 59.11
C LEU D 1426 62.21 37.99 58.32
N GLN D 1427 62.11 37.81 57.00
CA GLN D 1427 61.69 38.91 56.12
C GLN D 1427 60.23 39.27 56.34
N ASP D 1428 59.37 38.27 56.52
CA ASP D 1428 57.95 38.51 56.72
C ASP D 1428 57.65 38.61 58.21
N PRO D 1429 57.06 39.70 58.69
CA PRO D 1429 56.81 39.83 60.14
C PRO D 1429 55.66 38.94 60.59
N VAL D 1430 55.79 38.39 61.80
CA VAL D 1430 54.76 37.58 62.44
C VAL D 1430 54.51 38.18 63.82
N LEU D 1431 53.34 38.77 64.01
CA LEU D 1431 52.94 39.36 65.28
C LEU D 1431 51.74 38.60 65.85
N PHE D 1432 51.62 38.64 67.18
CA PHE D 1432 50.55 37.96 67.89
C PHE D 1432 49.71 38.97 68.65
N SER D 1433 48.47 38.56 68.96
CA SER D 1433 47.56 39.41 69.71
C SER D 1433 48.01 39.51 71.16
N GLY D 1434 48.04 40.73 71.68
CA GLY D 1434 48.49 40.99 73.03
C GLY D 1434 49.22 42.32 73.07
N THR D 1435 49.91 42.56 74.18
CA THR D 1435 50.63 43.80 74.37
C THR D 1435 51.94 43.79 73.59
N ILE D 1436 52.58 44.96 73.53
CA ILE D 1436 53.92 45.08 72.97
C ILE D 1436 54.91 44.31 73.83
N ARG D 1437 54.74 44.36 75.15
CA ARG D 1437 55.58 43.63 76.08
C ARG D 1437 55.46 42.12 75.87
N PHE D 1438 54.25 41.63 75.58
CA PHE D 1438 54.06 40.21 75.31
C PHE D 1438 54.70 39.80 74.00
N ASN D 1439 54.68 40.67 72.99
CA ASN D 1439 55.28 40.33 71.71
C ASN D 1439 56.80 40.34 71.78
N LEU D 1440 57.38 41.32 72.48
CA LEU D 1440 58.84 41.34 72.64
C LEU D 1440 59.30 40.27 73.63
N ASP D 1441 58.61 40.14 74.76
CA ASP D 1441 59.01 39.23 75.83
C ASP D 1441 57.80 38.42 76.29
N PRO D 1442 57.52 37.29 75.63
CA PRO D 1442 56.36 36.49 76.05
C PRO D 1442 56.59 35.72 77.34
N GLU D 1443 57.82 35.34 77.64
CA GLU D 1443 58.14 34.59 78.85
C GLU D 1443 58.44 35.50 80.04
N LYS D 1444 58.39 36.83 79.84
CA LYS D 1444 58.59 37.86 80.86
C LYS D 1444 59.94 37.72 81.57
N LYS D 1445 60.98 37.42 80.79
CA LYS D 1445 62.32 37.20 81.32
C LYS D 1445 63.21 38.44 81.28
N CYS D 1446 62.70 39.57 80.79
CA CYS D 1446 63.49 40.78 80.66
C CYS D 1446 62.72 41.98 81.21
N SER D 1447 63.46 42.94 81.74
CA SER D 1447 62.88 44.12 82.36
C SER D 1447 62.45 45.13 81.30
N ASP D 1448 61.85 46.24 81.77
CA ASP D 1448 61.34 47.26 80.87
C ASP D 1448 62.46 48.04 80.18
N SER D 1449 63.62 48.18 80.83
CA SER D 1449 64.73 48.90 80.23
C SER D 1449 65.29 48.14 79.02
N THR D 1450 65.33 46.81 79.11
CA THR D 1450 65.77 45.99 77.97
C THR D 1450 64.79 46.10 76.81
N LEU D 1451 63.48 46.12 77.10
CA LEU D 1451 62.47 46.30 76.07
C LEU D 1451 62.56 47.67 75.42
N TRP D 1452 62.83 48.71 76.22
CA TRP D 1452 62.97 50.06 75.66
C TRP D 1452 64.25 50.21 74.84
N GLU D 1453 65.34 49.53 75.24
CA GLU D 1453 66.54 49.53 74.42
C GLU D 1453 66.30 48.80 73.09
N ALA D 1454 65.56 47.69 73.13
CA ALA D 1454 65.23 46.96 71.91
C ALA D 1454 64.34 47.79 70.98
N LEU D 1455 63.39 48.54 71.55
CA LEU D 1455 62.55 49.41 70.75
C LEU D 1455 63.31 50.62 70.21
N GLU D 1456 64.27 51.14 70.99
CA GLU D 1456 65.04 52.31 70.56
C GLU D 1456 66.01 51.96 69.44
N ILE D 1457 66.60 50.75 69.49
CA ILE D 1457 67.45 50.29 68.39
C ILE D 1457 66.61 50.08 67.13
N ALA D 1458 65.42 49.51 67.27
CA ALA D 1458 64.52 49.26 66.14
C ALA D 1458 63.67 50.47 65.75
N GLN D 1459 64.07 51.69 66.18
CA GLN D 1459 63.45 52.96 65.80
C GLN D 1459 61.97 53.02 66.16
N LEU D 1460 61.63 52.45 67.32
CA LEU D 1460 60.25 52.41 67.79
C LEU D 1460 60.08 53.03 69.17
N LYS D 1461 61.06 53.82 69.63
CA LYS D 1461 60.94 54.48 70.92
C LYS D 1461 59.84 55.54 70.89
N LEU D 1462 59.86 56.40 69.87
CA LEU D 1462 58.89 57.49 69.78
C LEU D 1462 57.51 56.97 69.44
N VAL D 1463 57.44 55.91 68.61
CA VAL D 1463 56.14 55.36 68.19
C VAL D 1463 55.43 54.69 69.37
N VAL D 1464 56.14 53.85 70.11
CA VAL D 1464 55.56 53.16 71.26
C VAL D 1464 55.27 54.15 72.40
N LYS D 1465 56.17 55.13 72.59
CA LYS D 1465 55.93 56.16 73.60
C LYS D 1465 54.76 57.06 73.25
N ALA D 1466 54.45 57.21 71.95
CA ALA D 1466 53.29 58.00 71.56
C ALA D 1466 51.98 57.28 71.84
N LEU D 1467 52.01 55.95 71.86
CA LEU D 1467 50.82 55.18 72.20
C LEU D 1467 50.47 55.36 73.68
N PRO D 1468 49.18 55.42 74.03
CA PRO D 1468 48.82 55.76 75.42
C PRO D 1468 49.11 54.66 76.42
N GLY D 1469 49.10 53.40 76.00
CA GLY D 1469 49.44 52.32 76.91
C GLY D 1469 50.93 52.19 77.18
N GLY D 1470 51.75 52.62 76.24
CA GLY D 1470 53.19 52.43 76.35
C GLY D 1470 53.60 51.04 75.93
N LEU D 1471 54.28 50.30 76.81
CA LEU D 1471 54.57 48.91 76.56
C LEU D 1471 53.34 48.01 76.67
N ASP D 1472 52.26 48.51 77.26
CA ASP D 1472 51.00 47.79 77.38
C ASP D 1472 50.04 48.08 76.23
N ALA D 1473 50.52 48.77 75.19
CA ALA D 1473 49.68 49.05 74.03
C ALA D 1473 49.39 47.76 73.27
N ILE D 1474 48.12 47.59 72.89
CA ILE D 1474 47.65 46.30 72.36
C ILE D 1474 48.02 46.18 70.89
N ILE D 1475 48.72 45.11 70.55
CA ILE D 1475 48.92 44.72 69.16
C ILE D 1475 47.80 43.76 68.77
N THR D 1476 47.11 44.06 67.68
CA THR D 1476 45.99 43.24 67.23
C THR D 1476 46.49 41.95 66.58
N GLU D 1477 45.54 41.14 66.09
CA GLU D 1477 45.87 39.87 65.46
C GLU D 1477 46.55 40.12 64.12
N GLY D 1478 47.82 39.74 64.02
CA GLY D 1478 48.60 40.03 62.85
C GLY D 1478 49.17 41.43 62.78
N GLY D 1479 49.04 42.21 63.86
CA GLY D 1479 49.55 43.57 63.91
C GLY D 1479 48.87 44.55 62.98
N GLU D 1480 47.55 44.42 62.81
CA GLU D 1480 46.82 45.23 61.83
C GLU D 1480 46.68 46.70 62.23
N ASN D 1481 46.94 47.03 63.50
CA ASN D 1481 46.92 48.43 63.94
C ASN D 1481 48.25 49.14 63.68
N PHE D 1482 49.24 48.45 63.12
CA PHE D 1482 50.51 49.04 62.76
C PHE D 1482 50.78 48.82 61.28
N SER D 1483 51.72 49.59 60.74
CA SER D 1483 52.12 49.46 59.34
C SER D 1483 53.02 48.23 59.16
N GLN D 1484 53.26 47.88 57.90
CA GLN D 1484 54.14 46.77 57.56
C GLN D 1484 55.56 47.01 58.05
N GLY D 1485 56.07 48.22 57.86
CA GLY D 1485 57.37 48.57 58.39
C GLY D 1485 57.41 48.58 59.90
N GLN D 1486 56.34 49.05 60.54
CA GLN D 1486 56.30 49.06 62.01
C GLN D 1486 56.16 47.65 62.57
N ARG D 1487 55.41 46.77 61.89
CA ARG D 1487 55.36 45.36 62.27
C ARG D 1487 56.72 44.69 62.16
N GLN D 1488 57.45 44.99 61.08
CA GLN D 1488 58.77 44.42 60.89
C GLN D 1488 59.77 44.97 61.92
N LEU D 1489 59.65 46.25 62.26
CA LEU D 1489 60.48 46.82 63.32
C LEU D 1489 60.13 46.24 64.69
N PHE D 1490 58.86 45.88 64.91
CA PHE D 1490 58.48 45.17 66.13
C PHE D 1490 59.12 43.79 66.18
N CYS D 1491 59.20 43.10 65.04
CA CYS D 1491 59.89 41.80 65.02
C CYS D 1491 61.40 41.95 65.22
N LEU D 1492 61.98 43.02 64.68
CA LEU D 1492 63.39 43.32 64.91
C LEU D 1492 63.67 43.58 66.39
N ALA D 1493 62.81 44.39 67.03
CA ALA D 1493 62.92 44.63 68.47
C ALA D 1493 62.64 43.37 69.29
N ARG D 1494 61.81 42.47 68.76
CA ARG D 1494 61.57 41.18 69.39
C ARG D 1494 62.85 40.35 69.42
N ALA D 1495 63.62 40.41 68.33
CA ALA D 1495 64.91 39.72 68.33
C ALA D 1495 65.95 40.43 69.18
N PHE D 1496 65.84 41.77 69.32
CA PHE D 1496 66.85 42.50 70.09
C PHE D 1496 66.72 42.28 71.60
N VAL D 1497 65.59 41.75 72.07
CA VAL D 1497 65.41 41.46 73.49
C VAL D 1497 66.30 40.29 73.92
N ARG D 1498 66.48 39.29 73.05
CA ARG D 1498 67.08 38.02 73.42
C ARG D 1498 68.56 38.17 73.79
N LYS D 1499 69.29 39.04 73.08
CA LYS D 1499 70.67 39.41 73.36
C LYS D 1499 71.61 38.19 73.33
N THR D 1500 71.63 37.54 72.17
CA THR D 1500 72.41 36.33 71.98
C THR D 1500 73.83 36.68 71.51
N SER D 1501 74.55 35.66 71.05
CA SER D 1501 75.86 35.87 70.45
C SER D 1501 75.84 35.82 68.92
N ILE D 1502 74.83 35.19 68.32
CA ILE D 1502 74.73 35.07 66.87
C ILE D 1502 73.36 35.56 66.42
N PHE D 1503 73.37 36.65 65.64
CA PHE D 1503 72.17 37.20 65.01
C PHE D 1503 72.19 36.87 63.53
N ILE D 1504 71.04 36.47 63.00
CA ILE D 1504 70.87 36.14 61.59
C ILE D 1504 69.70 36.98 61.08
N MET D 1505 69.99 38.05 60.35
CA MET D 1505 68.97 38.97 59.87
C MET D 1505 68.67 38.62 58.42
N ASP D 1506 67.64 37.80 58.19
CA ASP D 1506 67.32 37.28 56.86
C ASP D 1506 66.38 38.25 56.16
N GLU D 1507 66.98 39.22 55.45
CA GLU D 1507 66.27 40.28 54.70
C GLU D 1507 65.29 41.04 55.58
N ALA D 1508 65.79 41.51 56.73
CA ALA D 1508 64.94 42.17 57.73
C ALA D 1508 64.41 43.50 57.23
N THR D 1509 65.24 44.30 56.57
CA THR D 1509 64.88 45.67 56.23
C THR D 1509 64.26 45.78 54.83
N ALA D 1510 63.55 44.75 54.38
CA ALA D 1510 62.92 44.80 53.06
C ALA D 1510 61.72 45.72 53.03
N SER D 1511 60.95 45.76 54.11
CA SER D 1511 59.74 46.58 54.20
C SER D 1511 60.01 47.98 54.76
N ILE D 1512 61.28 48.32 54.98
CA ILE D 1512 61.67 49.56 55.64
C ILE D 1512 62.22 50.52 54.59
N ASP D 1513 61.89 51.80 54.72
CA ASP D 1513 62.45 52.83 53.84
C ASP D 1513 63.94 52.98 54.10
N MET D 1514 64.65 53.48 53.08
CA MET D 1514 66.12 53.53 53.10
C MET D 1514 66.67 54.47 54.17
N ALA D 1515 65.97 55.57 54.45
CA ALA D 1515 66.44 56.56 55.41
C ALA D 1515 66.51 55.99 56.82
N THR D 1516 65.45 55.32 57.26
CA THR D 1516 65.49 54.69 58.57
C THR D 1516 66.24 53.36 58.55
N GLU D 1517 66.36 52.71 57.38
CA GLU D 1517 67.15 51.49 57.27
C GLU D 1517 68.63 51.77 57.53
N ASN D 1518 69.14 52.90 57.04
CA ASN D 1518 70.55 53.23 57.24
C ASN D 1518 70.88 53.49 58.71
N ILE D 1519 70.02 54.25 59.41
CA ILE D 1519 70.28 54.52 60.82
C ILE D 1519 70.02 53.27 61.67
N LEU D 1520 69.06 52.41 61.26
CA LEU D 1520 68.85 51.13 61.95
C LEU D 1520 70.04 50.20 61.77
N GLN D 1521 70.60 50.15 60.56
CA GLN D 1521 71.79 49.35 60.30
C GLN D 1521 72.99 49.87 61.10
N LYS D 1522 73.15 51.19 61.18
CA LYS D 1522 74.24 51.78 61.95
C LYS D 1522 74.11 51.49 63.45
N VAL D 1523 72.89 51.59 64.00
CA VAL D 1523 72.73 51.36 65.43
C VAL D 1523 72.78 49.86 65.75
N VAL D 1524 72.43 49.00 64.80
CA VAL D 1524 72.60 47.56 64.99
C VAL D 1524 74.09 47.19 64.96
N MET D 1525 74.86 47.81 64.05
CA MET D 1525 76.30 47.58 63.99
C MET D 1525 77.01 48.07 65.26
N THR D 1526 76.59 49.22 65.79
CA THR D 1526 77.24 49.72 67.00
C THR D 1526 76.81 48.94 68.24
N ALA D 1527 75.52 48.57 68.32
CA ALA D 1527 75.04 47.86 69.50
C ALA D 1527 75.48 46.40 69.53
N PHE D 1528 75.71 45.79 68.37
CA PHE D 1528 76.11 44.39 68.31
C PHE D 1528 77.52 44.27 67.73
N ALA D 1529 78.43 45.11 68.21
CA ALA D 1529 79.79 45.15 67.67
C ALA D 1529 80.58 43.89 68.00
N ASP D 1530 80.34 43.29 69.16
CA ASP D 1530 81.04 42.09 69.58
C ASP D 1530 80.32 40.81 69.16
N ARG D 1531 79.19 40.92 68.47
CA ARG D 1531 78.36 39.77 68.14
C ARG D 1531 78.44 39.45 66.67
N THR D 1532 78.48 38.15 66.35
CA THR D 1532 78.49 37.70 64.97
C THR D 1532 77.13 37.89 64.33
N VAL D 1533 77.07 38.70 63.29
CA VAL D 1533 75.83 39.02 62.59
C VAL D 1533 75.95 38.51 61.15
N VAL D 1534 75.02 37.65 60.75
CA VAL D 1534 74.91 37.17 59.38
C VAL D 1534 73.73 37.93 58.77
N THR D 1535 74.03 38.93 57.96
CA THR D 1535 73.01 39.81 57.39
C THR D 1535 72.75 39.42 55.93
N ILE D 1536 71.55 38.95 55.66
CA ILE D 1536 71.11 38.69 54.29
C ILE D 1536 70.54 39.98 53.74
N ALA D 1537 71.12 40.47 52.65
CA ALA D 1537 70.86 41.82 52.16
C ALA D 1537 69.74 41.81 51.14
N HIS D 1538 68.64 42.49 51.46
CA HIS D 1538 67.65 42.83 50.43
C HIS D 1538 68.21 43.90 49.50
N ARG D 1539 68.96 44.84 50.05
CA ARG D 1539 69.68 45.85 49.28
C ARG D 1539 71.18 45.63 49.47
N VAL D 1540 71.90 45.53 48.34
CA VAL D 1540 73.31 45.14 48.37
C VAL D 1540 74.18 46.23 48.99
N HIS D 1541 73.80 47.50 48.81
CA HIS D 1541 74.58 48.62 49.35
C HIS D 1541 74.60 48.66 50.88
N THR D 1542 73.72 47.92 51.54
CA THR D 1542 73.75 47.82 52.99
C THR D 1542 74.92 46.98 53.48
N ILE D 1543 75.39 46.01 52.68
CA ILE D 1543 76.49 45.15 53.12
C ILE D 1543 77.82 45.54 52.49
N LEU D 1544 77.96 46.80 52.06
CA LEU D 1544 79.25 47.30 51.61
C LEU D 1544 80.22 47.52 52.76
N SER D 1545 79.72 47.67 53.98
CA SER D 1545 80.56 47.84 55.17
C SER D 1545 80.76 46.54 55.94
N ALA D 1546 80.31 45.41 55.40
CA ALA D 1546 80.45 44.13 56.06
C ALA D 1546 81.90 43.65 56.02
N ASP D 1547 82.25 42.77 56.96
CA ASP D 1547 83.60 42.21 56.99
C ASP D 1547 83.82 41.24 55.83
N LEU D 1548 82.87 40.34 55.60
CA LEU D 1548 82.96 39.40 54.49
C LEU D 1548 81.62 39.36 53.77
N VAL D 1549 81.65 39.09 52.46
CA VAL D 1549 80.45 39.01 51.64
C VAL D 1549 80.41 37.64 50.98
N MET D 1550 79.31 36.93 51.22
CA MET D 1550 79.03 35.63 50.62
C MET D 1550 78.06 35.84 49.46
N VAL D 1551 78.54 35.63 48.24
CA VAL D 1551 77.71 35.70 47.04
C VAL D 1551 77.25 34.30 46.70
N LEU D 1552 75.94 34.11 46.68
CA LEU D 1552 75.34 32.82 46.37
C LEU D 1552 74.81 32.83 44.95
N LYS D 1553 75.22 31.85 44.15
CA LYS D 1553 74.69 31.62 42.81
C LYS D 1553 74.14 30.19 42.77
N ARG D 1554 72.80 30.10 42.69
CA ARG D 1554 72.05 28.85 42.53
C ARG D 1554 72.38 27.82 43.62
N GLY D 1555 72.56 28.29 44.84
CA GLY D 1555 72.88 27.42 45.95
C GLY D 1555 74.35 27.12 46.14
N ALA D 1556 75.25 27.77 45.40
CA ALA D 1556 76.68 27.56 45.57
C ALA D 1556 77.34 28.90 45.90
N ILE D 1557 78.31 28.87 46.84
CA ILE D 1557 79.05 30.08 47.16
C ILE D 1557 80.03 30.37 46.04
N LEU D 1558 79.68 31.33 45.17
CA LEU D 1558 80.61 31.69 44.11
C LEU D 1558 81.75 32.55 44.64
N GLU D 1559 81.45 33.52 45.51
CA GLU D 1559 82.45 34.43 46.05
C GLU D 1559 82.24 34.57 47.54
N PHE D 1560 83.34 34.46 48.31
CA PHE D 1560 83.32 34.65 49.76
C PHE D 1560 84.63 35.35 50.14
N ASP D 1561 84.60 36.68 50.20
CA ASP D 1561 85.79 37.47 50.47
C ASP D 1561 85.36 38.83 51.02
N LYS D 1562 86.34 39.65 51.35
CA LYS D 1562 86.08 41.02 51.79
C LYS D 1562 85.52 41.85 50.64
N PRO D 1563 84.61 42.80 50.92
CA PRO D 1563 84.04 43.60 49.83
C PRO D 1563 85.04 44.54 49.17
N GLU D 1564 86.09 44.93 49.87
CA GLU D 1564 87.10 45.81 49.28
C GLU D 1564 87.89 45.10 48.19
N THR D 1565 88.24 43.84 48.42
CA THR D 1565 88.88 43.04 47.37
C THR D 1565 87.88 42.56 46.33
N LEU D 1566 86.62 42.30 46.74
CA LEU D 1566 85.62 41.80 45.81
C LEU D 1566 85.20 42.86 44.80
N LEU D 1567 85.10 44.12 45.24
CA LEU D 1567 84.77 45.21 44.33
C LEU D 1567 85.96 45.62 43.45
N SER D 1568 87.18 45.23 43.83
CA SER D 1568 88.34 45.51 43.00
C SER D 1568 88.33 44.71 41.70
N GLN D 1569 87.80 43.48 41.75
CA GLN D 1569 87.67 42.68 40.55
C GLN D 1569 86.53 43.21 39.68
N LYS D 1570 86.82 43.44 38.40
CA LYS D 1570 85.80 43.97 37.50
C LYS D 1570 84.77 42.92 37.12
N ASP D 1571 85.18 41.66 37.01
CA ASP D 1571 84.32 40.59 36.55
C ASP D 1571 83.55 39.91 37.69
N SER D 1572 83.69 40.39 38.92
CA SER D 1572 83.00 39.78 40.04
C SER D 1572 81.51 40.10 40.02
N VAL D 1573 80.70 39.13 40.43
CA VAL D 1573 79.24 39.27 40.41
C VAL D 1573 78.77 40.26 41.47
N PHE D 1574 79.49 40.35 42.59
CA PHE D 1574 79.16 41.33 43.64
C PHE D 1574 79.33 42.76 43.14
N ALA D 1575 80.33 43.00 42.28
CA ALA D 1575 80.47 44.30 41.64
C ALA D 1575 79.29 44.58 40.71
N SER D 1576 78.76 43.55 40.05
CA SER D 1576 77.57 43.74 39.23
C SER D 1576 76.33 44.02 40.07
N PHE D 1577 76.27 43.45 41.29
CA PHE D 1577 75.20 43.78 42.22
C PHE D 1577 75.28 45.24 42.68
N VAL D 1578 76.49 45.71 42.98
CA VAL D 1578 76.65 47.09 43.47
C VAL D 1578 76.41 48.10 42.34
N ARG D 1579 76.97 47.84 41.15
CA ARG D 1579 76.87 48.78 40.03
C ARG D 1579 75.44 48.87 39.51
N ALA D 1580 74.74 47.75 39.41
CA ALA D 1580 73.37 47.75 38.92
C ALA D 1580 72.37 47.72 40.07
N ARG E 32 -8.46 36.92 6.43
CA ARG E 32 -7.42 35.90 6.29
C ARG E 32 -7.92 34.52 6.69
N ALA E 33 -8.00 33.62 5.72
CA ALA E 33 -8.35 32.22 5.95
C ALA E 33 -7.15 31.34 5.65
N ARG E 34 -7.06 30.23 6.36
CA ARG E 34 -5.98 29.26 6.18
C ARG E 34 -6.49 28.07 5.37
N PHE E 35 -5.66 27.61 4.42
CA PHE E 35 -6.00 26.41 3.67
C PHE E 35 -5.99 25.18 4.56
N VAL E 36 -4.97 25.05 5.41
CA VAL E 36 -4.86 23.98 6.39
C VAL E 36 -4.73 24.63 7.75
N SER E 37 -5.35 24.02 8.77
CA SER E 37 -5.17 24.49 10.14
C SER E 37 -3.82 24.03 10.69
N LYS E 38 -3.49 24.55 11.89
CA LYS E 38 -2.28 24.12 12.58
C LYS E 38 -2.37 22.67 13.02
N LYS E 39 -3.57 22.24 13.44
CA LYS E 39 -3.80 20.83 13.76
C LYS E 39 -3.72 19.95 12.52
N GLY E 40 -4.06 20.51 11.36
CA GLY E 40 -3.95 19.76 10.12
C GLY E 40 -5.25 19.28 9.55
N ASN E 41 -6.27 20.14 9.57
CA ASN E 41 -7.54 19.89 8.90
C ASN E 41 -7.79 21.00 7.90
N CYS E 42 -8.24 20.62 6.71
CA CYS E 42 -8.47 21.61 5.66
C CYS E 42 -9.72 22.42 5.95
N ASN E 43 -9.64 23.72 5.66
CA ASN E 43 -10.76 24.64 5.84
C ASN E 43 -11.45 24.95 4.52
N VAL E 44 -11.46 24.00 3.59
CA VAL E 44 -12.12 24.20 2.30
C VAL E 44 -13.58 23.82 2.43
N ALA E 45 -14.47 24.74 2.10
CA ALA E 45 -15.91 24.53 2.20
C ALA E 45 -16.46 24.27 0.80
N HIS E 46 -16.91 23.04 0.56
CA HIS E 46 -17.46 22.67 -0.73
C HIS E 46 -18.93 23.07 -0.81
N LYS E 47 -19.34 23.56 -1.98
CA LYS E 47 -20.72 23.98 -2.21
C LYS E 47 -21.05 23.78 -3.68
N ASN E 48 -22.34 23.91 -3.99
CA ASN E 48 -22.91 23.76 -5.34
C ASN E 48 -22.59 22.40 -5.97
N ILE E 49 -22.53 21.36 -5.14
CA ILE E 49 -22.30 19.99 -5.61
C ILE E 49 -23.66 19.43 -6.02
N ARG E 50 -23.92 19.35 -7.32
CA ARG E 50 -25.10 18.63 -7.78
C ARG E 50 -24.89 17.14 -7.54
N GLU E 51 -25.77 16.55 -6.72
CA GLU E 51 -25.59 15.19 -6.26
C GLU E 51 -26.42 14.24 -7.11
N GLN E 52 -25.76 13.23 -7.69
CA GLN E 52 -26.41 12.23 -8.53
C GLN E 52 -26.42 10.84 -7.88
N GLY E 53 -26.07 10.75 -6.61
CA GLY E 53 -26.02 9.48 -5.92
C GLY E 53 -24.64 8.90 -5.76
N ARG E 54 -23.60 9.64 -6.13
CA ARG E 54 -22.23 9.19 -5.92
C ARG E 54 -21.76 9.35 -4.48
N PHE E 55 -22.48 10.14 -3.68
CA PHE E 55 -22.33 10.05 -2.23
C PHE E 55 -23.18 8.93 -1.65
N LEU E 56 -24.15 8.43 -2.42
CA LEU E 56 -25.10 7.43 -1.96
C LEU E 56 -24.65 6.01 -2.24
N GLN E 57 -23.90 5.79 -3.33
CA GLN E 57 -23.44 4.45 -3.65
C GLN E 57 -22.42 3.94 -2.65
N ASP E 58 -21.51 4.81 -2.21
CA ASP E 58 -20.48 4.44 -1.24
C ASP E 58 -21.03 4.58 0.19
N VAL E 59 -21.89 3.62 0.54
CA VAL E 59 -22.47 3.57 1.88
C VAL E 59 -21.39 3.24 2.90
N PHE E 60 -20.45 2.36 2.55
CA PHE E 60 -19.49 1.85 3.51
C PHE E 60 -18.44 2.89 3.87
N THR E 61 -17.99 3.68 2.88
CA THR E 61 -17.01 4.74 3.16
C THR E 61 -17.61 5.82 4.05
N THR E 62 -18.86 6.22 3.79
CA THR E 62 -19.55 7.16 4.68
C THR E 62 -19.80 6.55 6.05
N LEU E 63 -20.06 5.24 6.10
CA LEU E 63 -20.32 4.55 7.35
C LEU E 63 -19.08 4.50 8.24
N VAL E 64 -17.90 4.41 7.64
CA VAL E 64 -16.66 4.52 8.43
C VAL E 64 -16.29 5.98 8.68
N ASP E 65 -16.74 6.92 7.83
CA ASP E 65 -16.46 8.34 8.05
C ASP E 65 -17.18 8.94 9.24
N LEU E 66 -18.24 8.30 9.72
CA LEU E 66 -19.00 8.82 10.85
C LEU E 66 -18.19 8.69 12.15
N LYS E 67 -18.55 9.52 13.12
CA LYS E 67 -17.92 9.46 14.43
C LYS E 67 -18.33 8.20 15.17
N TRP E 68 -17.55 7.86 16.20
CA TRP E 68 -17.83 6.68 17.02
C TRP E 68 -19.22 6.66 17.67
N PRO E 69 -19.79 7.77 18.21
CA PRO E 69 -21.22 7.72 18.58
C PRO E 69 -22.16 7.44 17.42
N HIS E 70 -21.89 7.98 16.22
CA HIS E 70 -22.79 7.75 15.10
C HIS E 70 -22.68 6.32 14.57
N THR E 71 -21.44 5.79 14.49
CA THR E 71 -21.26 4.40 14.08
C THR E 71 -21.85 3.45 15.12
N LEU E 72 -21.72 3.78 16.40
CA LEU E 72 -22.33 2.96 17.45
C LEU E 72 -23.86 3.01 17.38
N LEU E 73 -24.42 4.18 17.07
CA LEU E 73 -25.87 4.31 16.93
C LEU E 73 -26.40 3.50 15.75
N ILE E 74 -25.71 3.56 14.61
CA ILE E 74 -26.11 2.76 13.45
C ILE E 74 -25.91 1.28 13.72
N PHE E 75 -24.84 0.93 14.44
CA PHE E 75 -24.56 -0.47 14.78
C PHE E 75 -25.62 -1.06 15.69
N THR E 76 -26.06 -0.33 16.72
CA THR E 76 -27.11 -0.87 17.57
C THR E 76 -28.47 -0.80 16.88
N MET E 77 -28.69 0.20 16.01
CA MET E 77 -30.01 0.39 15.41
C MET E 77 -30.27 -0.64 14.32
N SER E 78 -29.25 -1.01 13.53
CA SER E 78 -29.45 -2.00 12.47
C SER E 78 -29.79 -3.37 13.05
N PHE E 79 -29.05 -3.80 14.08
CA PHE E 79 -29.33 -5.08 14.73
C PHE E 79 -30.68 -5.06 15.44
N LEU E 80 -31.00 -3.97 16.16
CA LEU E 80 -32.28 -3.89 16.85
C LEU E 80 -33.46 -3.84 15.89
N CYS E 81 -33.31 -3.13 14.76
CA CYS E 81 -34.39 -3.05 13.78
C CYS E 81 -34.58 -4.36 13.04
N SER E 82 -33.48 -5.10 12.78
CA SER E 82 -33.61 -6.41 12.16
C SER E 82 -34.30 -7.41 13.09
N TRP E 83 -33.94 -7.38 14.39
CA TRP E 83 -34.62 -8.22 15.37
C TRP E 83 -36.09 -7.88 15.48
N LEU E 84 -36.43 -6.57 15.47
CA LEU E 84 -37.82 -6.14 15.59
C LEU E 84 -38.63 -6.48 14.34
N LEU E 85 -38.01 -6.38 13.15
CA LEU E 85 -38.70 -6.70 11.90
C LEU E 85 -39.02 -8.19 11.83
N PHE E 86 -38.02 -9.05 12.07
CA PHE E 86 -38.31 -10.47 12.06
C PHE E 86 -39.16 -10.90 13.26
N ALA E 87 -39.14 -10.13 14.34
CA ALA E 87 -40.07 -10.34 15.45
C ALA E 87 -41.51 -10.15 15.02
N MET E 88 -41.78 -9.07 14.27
CA MET E 88 -43.13 -8.86 13.75
C MET E 88 -43.51 -9.93 12.74
N VAL E 89 -42.54 -10.45 11.97
CA VAL E 89 -42.82 -11.56 11.05
C VAL E 89 -43.20 -12.84 11.81
N TRP E 90 -42.44 -13.18 12.85
CA TRP E 90 -42.73 -14.39 13.64
C TRP E 90 -44.05 -14.26 14.39
N TRP E 91 -44.34 -13.06 14.92
CA TRP E 91 -45.60 -12.83 15.62
C TRP E 91 -46.79 -12.90 14.66
N LEU E 92 -46.61 -12.43 13.43
CA LEU E 92 -47.67 -12.55 12.43
C LEU E 92 -47.90 -14.00 12.01
N ILE E 93 -46.82 -14.80 11.95
CA ILE E 93 -46.97 -16.23 11.69
C ILE E 93 -47.75 -16.91 12.81
N ALA E 94 -47.41 -16.59 14.06
CA ALA E 94 -48.11 -17.17 15.20
C ALA E 94 -49.57 -16.73 15.28
N PHE E 95 -49.87 -15.50 14.86
CA PHE E 95 -51.26 -15.07 14.75
C PHE E 95 -51.99 -15.83 13.64
N ALA E 96 -51.35 -15.98 12.48
CA ALA E 96 -52.01 -16.58 11.32
C ALA E 96 -52.27 -18.07 11.52
N HIS E 97 -51.37 -18.77 12.21
CA HIS E 97 -51.55 -20.20 12.42
C HIS E 97 -52.46 -20.52 13.61
N GLY E 98 -52.75 -19.55 14.46
CA GLY E 98 -53.55 -19.79 15.65
C GLY E 98 -52.78 -20.15 16.88
N ASP E 99 -51.47 -19.91 16.91
CA ASP E 99 -50.65 -20.26 18.06
C ASP E 99 -50.86 -19.30 19.23
N LEU E 100 -51.21 -18.04 18.95
CA LEU E 100 -51.43 -17.09 20.03
C LEU E 100 -52.73 -17.35 20.78
N ALA E 101 -53.71 -17.95 20.10
CA ALA E 101 -54.95 -18.34 20.76
C ALA E 101 -54.68 -19.50 21.73
N PRO E 102 -55.44 -19.59 22.83
CA PRO E 102 -55.27 -20.72 23.74
C PRO E 102 -55.76 -22.03 23.14
N GLY E 103 -54.83 -22.89 22.76
CA GLY E 103 -55.20 -24.16 22.14
C GLY E 103 -55.59 -25.19 23.18
N GLU E 104 -56.64 -25.96 22.85
CA GLU E 104 -57.08 -27.03 23.74
C GLU E 104 -56.07 -28.16 23.78
N GLY E 105 -55.46 -28.49 22.65
CA GLY E 105 -54.46 -29.54 22.60
C GLY E 105 -54.37 -30.12 21.21
N THR E 106 -53.33 -30.94 21.02
CA THR E 106 -53.02 -31.66 19.77
C THR E 106 -52.86 -30.70 18.60
N ASN E 107 -52.26 -29.54 18.85
CA ASN E 107 -52.00 -28.54 17.81
C ASN E 107 -50.54 -28.15 17.89
N VAL E 108 -49.76 -28.50 16.87
CA VAL E 108 -48.34 -28.19 16.82
C VAL E 108 -48.19 -26.77 16.27
N PRO E 109 -47.61 -25.84 17.03
CA PRO E 109 -47.40 -24.48 16.52
C PRO E 109 -46.27 -24.44 15.51
N CYS E 110 -46.20 -23.33 14.77
CA CYS E 110 -45.06 -23.09 13.89
C CYS E 110 -43.79 -22.90 14.70
N VAL E 111 -43.85 -22.11 15.77
CA VAL E 111 -42.77 -21.97 16.73
C VAL E 111 -43.36 -22.24 18.11
N THR E 112 -42.69 -23.09 18.89
CA THR E 112 -43.14 -23.41 20.24
C THR E 112 -43.02 -22.20 21.15
N SER E 113 -43.92 -22.16 22.15
CA SER E 113 -43.88 -21.23 23.29
C SER E 113 -43.90 -19.76 22.86
N ILE E 114 -44.57 -19.43 21.77
CA ILE E 114 -44.81 -18.05 21.39
C ILE E 114 -46.23 -17.70 21.85
N HIS E 115 -46.32 -16.79 22.82
CA HIS E 115 -47.58 -16.40 23.41
C HIS E 115 -47.91 -14.93 23.21
N SER E 116 -46.93 -14.08 22.94
CA SER E 116 -47.15 -12.65 22.75
C SER E 116 -46.10 -12.13 21.77
N PHE E 117 -46.06 -10.81 21.60
CA PHE E 117 -45.06 -10.19 20.73
C PHE E 117 -43.67 -10.28 21.33
N SER E 118 -43.56 -10.23 22.66
CA SER E 118 -42.26 -10.33 23.32
C SER E 118 -41.65 -11.71 23.14
N SER E 119 -42.47 -12.75 23.04
CA SER E 119 -41.96 -14.08 22.74
C SER E 119 -41.35 -14.13 21.34
N ALA E 120 -42.00 -13.50 20.37
CA ALA E 120 -41.45 -13.42 19.02
C ALA E 120 -40.19 -12.56 18.97
N PHE E 121 -40.11 -11.53 19.83
CA PHE E 121 -38.92 -10.69 19.87
C PHE E 121 -37.73 -11.43 20.47
N LEU E 122 -37.95 -12.14 21.58
CA LEU E 122 -36.91 -12.97 22.18
C LEU E 122 -36.49 -14.09 21.24
N PHE E 123 -37.44 -14.64 20.48
CA PHE E 123 -37.11 -15.70 19.53
C PHE E 123 -36.33 -15.16 18.34
N SER E 124 -36.63 -13.94 17.89
CA SER E 124 -35.85 -13.31 16.82
C SER E 124 -34.43 -13.01 17.28
N ILE E 125 -34.27 -12.59 18.55
CA ILE E 125 -32.93 -12.41 19.11
C ILE E 125 -32.20 -13.75 19.20
N GLU E 126 -32.91 -14.81 19.62
CA GLU E 126 -32.29 -16.13 19.73
C GLU E 126 -31.87 -16.68 18.37
N VAL E 127 -32.64 -16.41 17.32
CA VAL E 127 -32.30 -16.90 15.98
C VAL E 127 -31.16 -16.10 15.39
N GLN E 128 -31.26 -14.76 15.42
CA GLN E 128 -30.33 -13.93 14.65
C GLN E 128 -28.95 -13.85 15.29
N VAL E 129 -28.86 -13.77 16.61
CA VAL E 129 -27.57 -13.84 17.29
C VAL E 129 -27.13 -15.28 17.53
N THR E 130 -27.94 -16.26 17.08
CA THR E 130 -27.67 -17.70 17.15
C THR E 130 -27.44 -18.17 18.59
N ILE E 131 -28.22 -17.63 19.52
CA ILE E 131 -28.16 -18.10 20.90
C ILE E 131 -28.87 -19.43 21.04
N GLY E 132 -30.17 -19.46 20.73
CA GLY E 132 -30.94 -20.68 20.76
C GLY E 132 -31.17 -21.23 22.15
N PHE E 133 -31.97 -20.51 22.95
CA PHE E 133 -32.30 -20.98 24.29
C PHE E 133 -33.13 -22.26 24.23
N GLY E 134 -34.07 -22.34 23.29
CA GLY E 134 -34.77 -23.58 23.05
C GLY E 134 -36.10 -23.74 23.75
N GLY E 135 -36.50 -22.80 24.59
CA GLY E 135 -37.89 -22.71 24.97
C GLY E 135 -38.77 -22.42 23.76
N ARG E 136 -38.30 -21.54 22.89
CA ARG E 136 -38.95 -21.22 21.63
C ARG E 136 -38.09 -21.76 20.49
N MET E 137 -38.67 -22.62 19.66
CA MET E 137 -37.92 -23.24 18.56
C MET E 137 -38.87 -23.51 17.39
N VAL E 138 -38.30 -23.58 16.19
CA VAL E 138 -39.09 -23.83 14.99
C VAL E 138 -39.48 -25.30 14.95
N THR E 139 -40.78 -25.56 14.92
CA THR E 139 -41.23 -26.90 14.54
C THR E 139 -41.23 -27.05 13.03
N GLU E 140 -41.25 -28.29 12.57
CA GLU E 140 -41.21 -28.58 11.15
C GLU E 140 -42.58 -28.68 10.52
N GLU E 141 -43.61 -28.12 11.18
CA GLU E 141 -44.96 -28.18 10.63
C GLU E 141 -45.17 -27.15 9.53
N CYS E 142 -44.86 -25.88 9.81
CA CYS E 142 -45.13 -24.80 8.87
C CYS E 142 -43.93 -24.59 7.97
N PRO E 143 -44.09 -24.70 6.64
CA PRO E 143 -42.95 -24.43 5.74
C PRO E 143 -42.57 -22.97 5.70
N LEU E 144 -43.51 -22.06 5.98
CA LEU E 144 -43.22 -20.63 5.98
C LEU E 144 -42.28 -20.26 7.12
N ALA E 145 -42.41 -20.94 8.26
CA ALA E 145 -41.49 -20.73 9.37
C ALA E 145 -40.07 -21.18 9.01
N ILE E 146 -39.95 -22.29 8.29
CA ILE E 146 -38.64 -22.76 7.82
C ILE E 146 -38.03 -21.77 6.83
N LEU E 147 -38.85 -21.27 5.90
CA LEU E 147 -38.37 -20.29 4.91
C LEU E 147 -37.93 -18.99 5.57
N ILE E 148 -38.69 -18.52 6.55
CA ILE E 148 -38.33 -17.26 7.21
C ILE E 148 -37.15 -17.47 8.17
N LEU E 149 -36.96 -18.68 8.69
CA LEU E 149 -35.73 -19.01 9.41
C LEU E 149 -34.50 -18.93 8.48
N ILE E 150 -34.64 -19.45 7.25
CA ILE E 150 -33.57 -19.35 6.25
C ILE E 150 -33.27 -17.88 5.93
N VAL E 151 -34.33 -17.09 5.71
CA VAL E 151 -34.20 -15.69 5.31
C VAL E 151 -33.55 -14.88 6.44
N GLN E 152 -33.98 -15.10 7.69
CA GLN E 152 -33.41 -14.39 8.83
C GLN E 152 -31.95 -14.78 9.05
N ASN E 153 -31.60 -16.06 8.84
CA ASN E 153 -30.20 -16.45 9.00
C ASN E 153 -29.31 -15.84 7.92
N ILE E 154 -29.78 -15.78 6.67
CA ILE E 154 -28.99 -15.17 5.60
C ILE E 154 -28.84 -13.66 5.81
N VAL E 155 -29.93 -12.99 6.20
CA VAL E 155 -29.91 -11.55 6.45
C VAL E 155 -29.02 -11.23 7.66
N GLY E 156 -29.09 -12.04 8.71
CA GLY E 156 -28.26 -11.83 9.88
C GLY E 156 -26.78 -12.06 9.60
N LEU E 157 -26.46 -13.05 8.75
CA LEU E 157 -25.07 -13.25 8.33
C LEU E 157 -24.57 -12.06 7.51
N MET E 158 -25.42 -11.52 6.62
CA MET E 158 -25.06 -10.33 5.84
C MET E 158 -24.80 -9.12 6.73
N ILE E 159 -25.70 -8.87 7.69
CA ILE E 159 -25.58 -7.72 8.57
C ILE E 159 -24.37 -7.86 9.48
N ASN E 160 -24.14 -9.06 10.03
CA ASN E 160 -22.99 -9.30 10.90
C ASN E 160 -21.68 -9.17 10.15
N ALA E 161 -21.60 -9.67 8.92
CA ALA E 161 -20.37 -9.55 8.14
C ALA E 161 -20.08 -8.10 7.76
N ILE E 162 -21.11 -7.36 7.33
CA ILE E 162 -20.94 -5.95 6.96
C ILE E 162 -20.53 -5.12 8.17
N MET E 163 -21.17 -5.35 9.32
CA MET E 163 -20.84 -4.58 10.51
C MET E 163 -19.47 -4.94 11.07
N LEU E 164 -19.07 -6.22 10.98
CA LEU E 164 -17.73 -6.63 11.39
C LEU E 164 -16.65 -5.99 10.51
N GLY E 165 -16.89 -5.96 9.20
CA GLY E 165 -15.93 -5.31 8.30
C GLY E 165 -15.85 -3.81 8.51
N CYS E 166 -17.00 -3.16 8.72
CA CYS E 166 -17.01 -1.72 8.96
C CYS E 166 -16.35 -1.36 10.29
N ILE E 167 -16.58 -2.18 11.34
CA ILE E 167 -15.95 -1.92 12.63
C ILE E 167 -14.44 -2.16 12.55
N PHE E 168 -14.01 -3.20 11.82
CA PHE E 168 -12.58 -3.44 11.64
C PHE E 168 -11.91 -2.29 10.88
N MET E 169 -12.57 -1.78 9.83
CA MET E 169 -12.01 -0.62 9.14
C MET E 169 -12.04 0.63 10.01
N LYS E 170 -13.01 0.74 10.91
CA LYS E 170 -13.09 1.87 11.82
C LYS E 170 -11.97 1.83 12.85
N THR E 171 -11.63 0.63 13.35
CA THR E 171 -10.56 0.50 14.33
C THR E 171 -9.18 0.61 13.72
N ALA E 172 -9.01 0.17 12.48
CA ALA E 172 -7.71 0.17 11.82
C ALA E 172 -7.39 1.50 11.12
N GLN E 173 -8.20 2.52 11.34
CA GLN E 173 -7.91 3.83 10.77
C GLN E 173 -6.66 4.44 11.40
N ALA E 174 -5.84 5.06 10.55
CA ALA E 174 -4.61 5.70 10.98
C ALA E 174 -4.74 7.22 11.02
N LYS E 175 -5.96 7.73 11.16
CA LYS E 175 -6.17 9.18 11.22
C LYS E 175 -5.61 9.78 12.50
N ARG E 176 -5.75 9.08 13.62
CA ARG E 176 -5.23 9.56 14.91
C ARG E 176 -3.83 9.02 15.22
N ARG E 177 -3.26 8.20 14.34
CA ARG E 177 -1.83 7.97 14.40
C ARG E 177 -1.08 9.17 13.86
N ALA E 178 -1.67 9.88 12.90
CA ALA E 178 -1.10 11.11 12.36
C ALA E 178 -1.12 12.26 13.35
N GLU E 179 -1.92 12.17 14.42
CA GLU E 179 -1.92 13.23 15.43
C GLU E 179 -0.70 13.17 16.34
N THR E 180 0.03 12.06 16.33
CA THR E 180 1.29 11.96 17.06
C THR E 180 2.49 12.42 16.24
N LEU E 181 2.27 12.80 14.98
CA LEU E 181 3.32 13.40 14.16
C LEU E 181 3.26 14.90 14.37
N ILE E 182 4.19 15.43 15.14
CA ILE E 182 4.15 16.83 15.56
C ILE E 182 5.02 17.66 14.64
N PHE E 183 4.59 18.89 14.41
CA PHE E 183 5.31 19.86 13.60
C PHE E 183 5.50 21.09 14.47
N SER E 184 6.63 21.79 14.28
CA SER E 184 6.93 22.96 15.08
C SER E 184 5.95 24.09 14.79
N LYS E 185 5.73 24.95 15.79
CA LYS E 185 4.77 26.04 15.62
C LYS E 185 5.32 27.10 14.65
N HIS E 186 6.60 27.41 14.75
CA HIS E 186 7.24 28.38 13.88
C HIS E 186 8.16 27.67 12.90
N ALA E 187 8.36 28.29 11.75
CA ALA E 187 9.32 27.84 10.76
C ALA E 187 10.33 28.95 10.52
N VAL E 188 11.53 28.57 10.09
CA VAL E 188 12.69 29.43 10.21
C VAL E 188 13.37 29.59 8.84
N ILE E 189 13.61 30.82 8.43
CA ILE E 189 14.38 31.09 7.22
C ILE E 189 15.74 31.62 7.65
N THR E 190 16.80 30.85 7.35
CA THR E 190 18.15 31.24 7.77
C THR E 190 19.16 30.68 6.78
N LEU E 191 20.44 30.80 7.12
CA LEU E 191 21.53 30.41 6.23
C LEU E 191 22.10 29.06 6.65
N ARG E 192 22.12 28.11 5.71
CA ARG E 192 22.91 26.89 5.84
C ARG E 192 23.80 26.79 4.61
N HIS E 193 25.13 26.79 4.85
CA HIS E 193 26.16 26.78 3.81
C HIS E 193 26.02 27.94 2.84
N GLY E 194 25.55 29.09 3.35
CA GLY E 194 25.31 30.27 2.53
C GLY E 194 24.24 30.09 1.47
N ARG E 195 23.07 29.58 1.83
CA ARG E 195 22.01 29.32 0.85
C ARG E 195 20.69 29.99 1.16
N LEU E 196 20.46 30.45 2.40
CA LEU E 196 19.20 31.05 2.86
C LEU E 196 18.01 30.11 2.63
N CYS E 197 18.07 28.95 3.30
CA CYS E 197 17.03 27.95 3.20
C CYS E 197 15.93 28.17 4.23
N PHE E 198 14.75 27.68 3.89
CA PHE E 198 13.56 27.68 4.76
C PHE E 198 13.46 26.30 5.42
N MET E 199 13.49 26.26 6.75
CA MET E 199 13.56 25.01 7.48
C MET E 199 12.41 24.89 8.47
N LEU E 200 12.22 23.65 8.93
CA LEU E 200 11.06 23.22 9.68
C LEU E 200 11.53 22.29 10.80
N ARG E 201 10.57 21.59 11.41
CA ARG E 201 10.88 20.56 12.39
C ARG E 201 9.71 19.58 12.43
N VAL E 202 10.02 18.29 12.22
CA VAL E 202 9.02 17.22 12.24
C VAL E 202 9.47 16.16 13.23
N GLY E 203 8.59 15.80 14.16
CA GLY E 203 8.91 14.79 15.16
C GLY E 203 7.84 13.72 15.25
N ASP E 204 8.29 12.53 15.65
CA ASP E 204 7.41 11.38 15.85
C ASP E 204 7.38 11.05 17.33
N LEU E 205 6.19 11.13 17.93
CA LEU E 205 6.07 10.90 19.37
C LEU E 205 6.15 9.42 19.72
N ARG E 206 5.51 8.56 18.93
CA ARG E 206 5.48 7.14 19.24
C ARG E 206 6.78 6.46 18.81
N LYS E 207 7.08 5.34 19.48
CA LYS E 207 8.24 4.55 19.15
C LYS E 207 8.03 3.64 17.94
N SER E 208 6.78 3.45 17.51
CA SER E 208 6.52 2.66 16.32
C SER E 208 6.93 3.44 15.08
N MET E 209 7.61 2.75 14.16
CA MET E 209 8.10 3.40 12.96
C MET E 209 6.96 3.72 12.00
N ILE E 210 7.16 4.78 11.22
CA ILE E 210 6.27 5.12 10.12
C ILE E 210 7.05 4.83 8.84
N ILE E 211 6.67 3.76 8.15
CA ILE E 211 7.44 3.24 7.03
C ILE E 211 7.15 4.08 5.79
N SER E 212 8.20 4.32 4.99
CA SER E 212 8.16 5.06 3.73
C SER E 212 7.63 6.48 3.93
N ALA E 213 8.18 7.15 4.94
CA ALA E 213 7.77 8.52 5.26
C ALA E 213 8.31 9.48 4.20
N THR E 214 7.39 10.18 3.54
CA THR E 214 7.72 11.12 2.47
C THR E 214 7.18 12.49 2.84
N ILE E 215 7.96 13.52 2.52
CA ILE E 215 7.62 14.90 2.86
C ILE E 215 7.34 15.65 1.56
N HIS E 216 6.16 16.25 1.47
CA HIS E 216 5.69 16.99 0.31
C HIS E 216 5.37 18.41 0.77
N MET E 217 6.23 19.35 0.40
CA MET E 217 6.05 20.74 0.81
C MET E 217 5.57 21.58 -0.37
N GLN E 218 4.62 22.47 -0.10
CA GLN E 218 4.01 23.30 -1.13
C GLN E 218 3.92 24.74 -0.65
N VAL E 219 3.84 25.64 -1.61
CA VAL E 219 3.62 27.07 -1.37
C VAL E 219 2.27 27.41 -1.99
N VAL E 220 1.40 27.97 -1.17
CA VAL E 220 0.04 28.32 -1.58
C VAL E 220 -0.10 29.83 -1.51
N ARG E 221 -0.42 30.44 -2.65
CA ARG E 221 -0.61 31.87 -2.80
C ARG E 221 -1.66 32.11 -3.88
N LYS E 222 -1.99 33.39 -4.10
CA LYS E 222 -2.86 33.81 -5.20
C LYS E 222 -1.95 34.31 -6.33
N THR E 223 -1.34 33.36 -7.04
CA THR E 223 -0.42 33.70 -8.11
C THR E 223 -1.18 34.13 -9.36
N THR E 224 -0.62 35.12 -10.07
CA THR E 224 -1.19 35.62 -11.31
C THR E 224 -0.21 35.41 -12.45
N SER E 225 -0.67 34.82 -13.54
CA SER E 225 0.16 34.61 -14.71
C SER E 225 0.38 35.94 -15.44
N PRO E 226 1.47 36.05 -16.22
CA PRO E 226 1.64 37.25 -17.06
C PRO E 226 0.57 37.42 -18.12
N GLU E 227 -0.07 36.34 -18.57
CA GLU E 227 -1.14 36.44 -19.56
C GLU E 227 -2.40 37.04 -18.96
N GLY E 228 -2.65 36.82 -17.67
CA GLY E 228 -3.80 37.41 -17.03
C GLY E 228 -4.61 36.42 -16.19
N GLU E 229 -4.19 35.16 -16.18
CA GLU E 229 -4.88 34.15 -15.40
C GLU E 229 -4.61 34.34 -13.91
N VAL E 230 -5.67 34.32 -13.11
CA VAL E 230 -5.57 34.43 -11.66
C VAL E 230 -6.03 33.12 -11.05
N VAL E 231 -5.10 32.41 -10.41
CA VAL E 231 -5.42 31.20 -9.66
C VAL E 231 -5.43 31.57 -8.18
N PRO E 232 -6.57 31.45 -7.49
CA PRO E 232 -6.65 31.96 -6.10
C PRO E 232 -5.83 31.17 -5.10
N LEU E 233 -5.62 29.88 -5.32
CA LEU E 233 -4.91 29.00 -4.39
C LEU E 233 -3.91 28.13 -5.12
N HIS E 234 -3.07 28.77 -5.95
CA HIS E 234 -2.14 28.03 -6.81
C HIS E 234 -1.05 27.37 -5.97
N GLN E 235 -1.05 26.05 -5.96
CA GLN E 235 -0.12 25.27 -5.14
C GLN E 235 1.12 24.95 -5.97
N VAL E 236 2.26 25.48 -5.57
CA VAL E 236 3.54 25.22 -6.23
C VAL E 236 4.40 24.43 -5.26
N ASP E 237 4.73 23.18 -5.62
CA ASP E 237 5.54 22.36 -4.74
C ASP E 237 6.98 22.85 -4.70
N ILE E 238 7.60 22.74 -3.53
CA ILE E 238 8.99 23.14 -3.35
C ILE E 238 9.81 21.90 -3.02
N PRO E 239 11.01 21.76 -3.57
CA PRO E 239 11.81 20.56 -3.30
C PRO E 239 12.39 20.59 -1.90
N MET E 240 12.33 19.45 -1.23
CA MET E 240 12.98 19.28 0.08
C MET E 240 14.44 18.88 -0.16
N GLU E 241 15.37 19.67 0.35
CA GLU E 241 16.80 19.42 0.17
C GLU E 241 17.24 18.36 1.17
N ASN E 242 16.90 17.10 0.85
CA ASN E 242 17.27 15.98 1.71
C ASN E 242 17.50 14.77 0.80
N GLY E 243 18.76 14.39 0.64
CA GLY E 243 19.11 13.24 -0.15
C GLY E 243 19.26 13.55 -1.62
N VAL E 244 19.31 12.48 -2.41
CA VAL E 244 19.53 12.59 -3.86
C VAL E 244 18.14 12.69 -4.49
N GLY E 245 17.59 13.91 -4.46
CA GLY E 245 16.37 14.25 -5.17
C GLY E 245 15.13 13.49 -4.76
N GLY E 246 15.00 13.15 -3.48
CA GLY E 246 13.92 12.30 -3.02
C GLY E 246 13.10 12.96 -1.93
N ASN E 247 11.82 12.60 -1.88
CA ASN E 247 10.92 13.08 -0.84
C ASN E 247 11.00 12.25 0.43
N GLY E 248 11.66 11.09 0.40
CA GLY E 248 11.65 10.19 1.54
C GLY E 248 12.53 10.65 2.68
N ILE E 249 12.07 10.41 3.90
CA ILE E 249 12.81 10.70 5.13
C ILE E 249 12.79 9.47 6.01
N PHE E 250 13.70 9.43 6.97
CA PHE E 250 13.77 8.38 7.98
C PHE E 250 13.54 9.03 9.34
N LEU E 251 12.31 8.98 9.83
CA LEU E 251 11.88 9.75 10.98
C LEU E 251 11.89 8.86 12.23
N VAL E 252 12.93 9.00 13.05
CA VAL E 252 12.94 8.46 14.40
C VAL E 252 13.14 9.60 15.37
N ALA E 253 14.30 10.24 15.28
CA ALA E 253 14.56 11.49 15.97
C ALA E 253 13.92 12.64 15.18
N PRO E 254 13.59 13.74 15.84
CA PRO E 254 13.11 14.92 15.13
C PRO E 254 14.15 15.48 14.16
N LEU E 255 13.69 15.88 12.98
CA LEU E 255 14.55 16.30 11.89
C LEU E 255 14.24 17.74 11.51
N ILE E 256 15.27 18.49 11.16
CA ILE E 256 15.12 19.84 10.64
C ILE E 256 15.03 19.72 9.13
N ILE E 257 13.82 19.89 8.59
CA ILE E 257 13.53 19.67 7.18
C ILE E 257 13.58 21.01 6.47
N TYR E 258 14.52 21.15 5.54
CA TYR E 258 14.81 22.44 4.92
C TYR E 258 14.71 22.34 3.40
N HIS E 259 14.27 23.46 2.81
CA HIS E 259 14.17 23.64 1.37
C HIS E 259 15.05 24.83 1.02
N VAL E 260 16.01 24.62 0.13
CA VAL E 260 16.95 25.67 -0.26
C VAL E 260 16.25 26.66 -1.18
N ILE E 261 16.28 27.93 -0.82
CA ILE E 261 15.68 28.96 -1.65
C ILE E 261 16.70 29.33 -2.72
N ASP E 262 16.68 28.58 -3.81
CA ASP E 262 17.51 28.84 -4.98
C ASP E 262 16.74 29.69 -5.98
N SER E 263 17.24 29.77 -7.22
CA SER E 263 16.61 30.60 -8.24
C SER E 263 15.24 30.06 -8.67
N ASN E 264 15.06 28.75 -8.68
CA ASN E 264 13.81 28.15 -9.13
C ASN E 264 12.72 28.14 -8.07
N SER E 265 13.05 28.46 -6.83
CA SER E 265 12.07 28.40 -5.75
C SER E 265 11.10 29.58 -5.85
N PRO E 266 9.81 29.37 -5.52
CA PRO E 266 8.87 30.50 -5.46
C PRO E 266 9.17 31.52 -4.37
N LEU E 267 9.94 31.17 -3.36
CA LEU E 267 10.30 32.10 -2.28
C LEU E 267 11.55 32.91 -2.60
N TYR E 268 11.93 33.00 -3.88
CA TYR E 268 13.17 33.66 -4.28
C TYR E 268 13.12 35.17 -4.01
N ASP E 269 11.95 35.78 -4.18
CA ASP E 269 11.77 37.20 -3.96
C ASP E 269 11.24 37.52 -2.56
N LEU E 270 11.19 36.53 -1.67
CA LEU E 270 10.70 36.77 -0.32
C LEU E 270 11.73 37.54 0.51
N ALA E 271 11.23 38.53 1.25
CA ALA E 271 12.05 39.45 2.03
C ALA E 271 11.59 39.44 3.48
N PRO E 272 12.45 39.83 4.43
CA PRO E 272 11.97 39.99 5.82
C PRO E 272 11.00 41.15 6.01
N SER E 273 10.90 42.08 5.05
CA SER E 273 9.82 43.07 5.07
C SER E 273 8.46 42.43 4.86
N ASP E 274 8.43 41.27 4.21
CA ASP E 274 7.26 40.39 4.17
C ASP E 274 7.18 39.56 5.45
N LEU E 275 6.41 38.47 5.40
CA LEU E 275 6.22 37.52 6.51
C LEU E 275 5.55 38.19 7.71
N HIS E 276 4.43 38.85 7.44
CA HIS E 276 3.52 39.39 8.43
C HIS E 276 2.16 38.72 8.28
N HIS E 277 1.19 39.16 9.09
CA HIS E 277 -0.12 38.51 9.10
C HIS E 277 -0.93 38.85 7.84
N HIS E 278 -0.72 40.04 7.27
CA HIS E 278 -1.48 40.44 6.09
C HIS E 278 -0.99 39.78 4.81
N GLN E 279 0.21 39.19 4.83
CA GLN E 279 0.76 38.56 3.63
C GLN E 279 0.01 37.27 3.31
N ASP E 280 -0.17 37.02 2.01
CA ASP E 280 -0.96 35.88 1.53
C ASP E 280 -0.12 34.62 1.37
N LEU E 281 1.15 34.64 1.77
CA LEU E 281 2.01 33.47 1.63
C LEU E 281 1.62 32.39 2.62
N GLU E 282 1.47 31.15 2.14
CA GLU E 282 1.26 30.00 3.00
C GLU E 282 2.18 28.88 2.56
N ILE E 283 2.70 28.11 3.51
CA ILE E 283 3.56 26.97 3.20
C ILE E 283 3.01 25.74 3.91
N ILE E 284 2.70 24.69 3.15
CA ILE E 284 1.99 23.52 3.64
C ILE E 284 2.89 22.30 3.53
N VAL E 285 3.02 21.56 4.64
CA VAL E 285 3.89 20.39 4.72
C VAL E 285 3.03 19.17 4.92
N ILE E 286 3.26 18.14 4.09
CA ILE E 286 2.55 16.87 4.16
C ILE E 286 3.56 15.79 4.49
N LEU E 287 3.25 14.97 5.50
CA LEU E 287 4.07 13.80 5.82
C LEU E 287 3.21 12.56 5.55
N GLU E 288 3.47 11.89 4.44
CA GLU E 288 2.74 10.70 4.05
C GLU E 288 3.60 9.47 4.32
N GLY E 289 3.08 8.56 5.15
CA GLY E 289 3.83 7.35 5.46
C GLY E 289 2.91 6.18 5.62
N VAL E 290 3.48 5.04 5.97
CA VAL E 290 2.73 3.83 6.30
C VAL E 290 3.05 3.47 7.74
N VAL E 291 2.00 3.29 8.54
CA VAL E 291 2.18 2.84 9.92
C VAL E 291 2.64 1.39 9.92
N GLU E 292 3.67 1.10 10.72
CA GLU E 292 4.28 -0.23 10.72
C GLU E 292 3.35 -1.28 11.30
N THR E 293 2.55 -0.91 12.29
CA THR E 293 1.74 -1.85 13.05
C THR E 293 0.42 -2.19 12.37
N THR E 294 -0.20 -1.20 11.73
CA THR E 294 -1.48 -1.38 11.06
C THR E 294 -1.36 -1.60 9.56
N GLY E 295 -0.29 -1.09 8.94
CA GLY E 295 -0.08 -1.30 7.52
C GLY E 295 -0.98 -0.48 6.62
N ILE E 296 -1.44 0.67 7.07
CA ILE E 296 -2.30 1.56 6.29
C ILE E 296 -1.61 2.92 6.20
N THR E 297 -1.60 3.49 5.00
CA THR E 297 -0.98 4.79 4.80
C THR E 297 -1.77 5.89 5.50
N THR E 298 -1.03 6.88 5.99
CA THR E 298 -1.58 8.04 6.67
C THR E 298 -0.79 9.27 6.24
N GLN E 299 -1.33 10.44 6.56
CA GLN E 299 -0.61 11.68 6.32
C GLN E 299 -0.89 12.67 7.43
N ALA E 300 0.13 13.42 7.79
CA ALA E 300 0.04 14.54 8.72
C ALA E 300 0.21 15.82 7.91
N ARG E 301 -0.86 16.59 7.81
CA ARG E 301 -0.83 17.88 7.14
C ARG E 301 -0.58 18.98 8.15
N THR E 302 0.15 20.01 7.73
CA THR E 302 0.36 21.19 8.56
C THR E 302 0.53 22.40 7.67
N SER E 303 0.20 23.58 8.21
CA SER E 303 0.34 24.82 7.47
C SER E 303 1.14 25.82 8.30
N TYR E 304 1.82 26.72 7.58
CA TYR E 304 2.64 27.76 8.16
C TYR E 304 2.29 29.05 7.44
N LEU E 305 1.67 29.97 8.16
CA LEU E 305 1.38 31.28 7.60
C LEU E 305 2.64 32.14 7.58
N ALA E 306 2.52 33.31 6.95
CA ALA E 306 3.67 34.19 6.80
C ALA E 306 4.12 34.78 8.13
N ASP E 307 3.17 35.13 9.01
CA ASP E 307 3.53 35.65 10.32
C ASP E 307 4.08 34.58 11.24
N GLU E 308 3.83 33.31 10.95
CA GLU E 308 4.37 32.20 11.73
C GLU E 308 5.72 31.72 11.21
N ILE E 309 6.23 32.32 10.14
CA ILE E 309 7.57 32.03 9.62
C ILE E 309 8.50 33.13 10.12
N LEU E 310 9.56 32.73 10.82
CA LEU E 310 10.45 33.66 11.50
C LEU E 310 11.76 33.78 10.71
N TRP E 311 12.18 35.02 10.46
CA TRP E 311 13.39 35.31 9.73
C TRP E 311 14.52 35.59 10.70
N GLY E 312 15.69 34.99 10.46
CA GLY E 312 16.84 35.24 11.29
C GLY E 312 16.90 34.43 12.57
N GLN E 313 16.20 33.30 12.63
CA GLN E 313 16.22 32.41 13.78
C GLN E 313 17.02 31.16 13.43
N ARG E 314 17.02 30.18 14.33
CA ARG E 314 17.60 28.86 14.09
C ARG E 314 17.08 27.89 15.14
N PHE E 315 16.76 26.68 14.72
CA PHE E 315 16.25 25.67 15.64
C PHE E 315 17.34 25.19 16.58
N VAL E 316 17.02 25.15 17.88
CA VAL E 316 17.95 24.67 18.90
C VAL E 316 18.07 23.15 18.80
N PRO E 317 19.27 22.57 18.88
CA PRO E 317 19.38 21.11 18.90
C PRO E 317 18.78 20.51 20.17
N ILE E 318 18.06 19.40 19.99
CA ILE E 318 17.32 18.77 21.07
C ILE E 318 17.79 17.36 21.38
N VAL E 319 18.64 16.76 20.54
CA VAL E 319 19.11 15.40 20.75
C VAL E 319 20.48 15.46 21.40
N ALA E 320 20.66 14.69 22.46
CA ALA E 320 21.94 14.64 23.16
C ALA E 320 22.27 13.21 23.54
N GLU E 321 23.56 12.90 23.58
CA GLU E 321 24.02 11.58 23.99
C GLU E 321 23.90 11.48 25.51
N GLU E 322 22.88 10.78 25.98
CA GLU E 322 22.77 10.50 27.41
C GLU E 322 23.68 9.33 27.78
N ASP E 323 23.59 8.91 29.05
CA ASP E 323 24.49 7.87 29.55
C ASP E 323 24.19 6.51 28.92
N GLY E 324 22.91 6.21 28.70
CA GLY E 324 22.55 4.96 28.05
C GLY E 324 22.62 5.05 26.55
N ARG E 325 21.92 6.02 25.98
CA ARG E 325 21.76 6.13 24.52
C ARG E 325 21.35 7.56 24.19
N TYR E 326 20.93 7.79 22.95
CA TYR E 326 20.49 9.11 22.53
C TYR E 326 19.15 9.47 23.18
N SER E 327 19.02 10.73 23.58
CA SER E 327 17.80 11.25 24.19
C SER E 327 17.34 12.49 23.47
N VAL E 328 16.04 12.58 23.21
CA VAL E 328 15.43 13.71 22.53
C VAL E 328 14.66 14.53 23.56
N ASP E 329 15.05 15.78 23.75
CA ASP E 329 14.38 16.70 24.67
C ASP E 329 13.25 17.38 23.92
N TYR E 330 12.03 16.83 24.04
CA TYR E 330 10.87 17.38 23.37
C TYR E 330 10.37 18.67 24.00
N SER E 331 10.89 19.06 25.16
CA SER E 331 10.54 20.37 25.73
C SER E 331 11.15 21.52 24.96
N LYS E 332 12.17 21.26 24.14
CA LYS E 332 12.80 22.28 23.31
C LYS E 332 12.50 22.08 21.83
N PHE E 333 11.42 21.34 21.51
CA PHE E 333 11.17 20.84 20.17
C PHE E 333 10.97 21.96 19.15
N GLY E 334 10.21 22.99 19.51
CA GLY E 334 9.99 24.13 18.65
C GLY E 334 10.77 25.37 18.99
N ASN E 335 11.75 25.27 19.89
CA ASN E 335 12.49 26.45 20.33
C ASN E 335 13.46 26.95 19.26
N THR E 336 13.54 28.27 19.14
CA THR E 336 14.42 28.92 18.17
C THR E 336 15.31 29.93 18.87
N ILE E 337 16.47 30.21 18.27
CA ILE E 337 17.41 31.20 18.76
C ILE E 337 17.77 32.15 17.61
N LYS E 338 17.85 33.44 17.92
CA LYS E 338 18.14 34.44 16.90
C LYS E 338 19.60 34.35 16.45
N VAL E 339 19.79 34.24 15.14
CA VAL E 339 21.12 34.03 14.54
C VAL E 339 21.30 35.11 13.48
N PRO E 340 22.48 35.77 13.41
CA PRO E 340 22.67 36.85 12.41
C PRO E 340 22.63 36.38 10.96
N THR E 341 21.59 36.79 10.25
CA THR E 341 21.34 36.52 8.84
C THR E 341 21.18 37.84 8.10
N PRO E 342 21.48 37.88 6.80
CA PRO E 342 21.17 39.08 6.00
C PRO E 342 19.68 39.37 5.96
N LEU E 343 19.34 40.66 6.02
CA LEU E 343 17.96 41.12 5.92
C LEU E 343 17.57 41.50 4.51
N CYS E 344 18.17 40.86 3.51
CA CYS E 344 17.82 41.02 2.11
C CYS E 344 17.07 39.79 1.62
N THR E 345 16.56 39.87 0.39
CA THR E 345 15.98 38.71 -0.24
C THR E 345 17.08 37.80 -0.78
N ALA E 346 16.67 36.61 -1.25
CA ALA E 346 17.63 35.63 -1.74
C ALA E 346 18.27 36.08 -3.05
N ARG E 347 17.50 36.77 -3.91
CA ARG E 347 18.06 37.26 -5.16
C ARG E 347 19.07 38.37 -4.94
N GLN E 348 18.84 39.22 -3.93
CA GLN E 348 19.80 40.27 -3.60
C GLN E 348 21.09 39.68 -3.04
N LEU E 349 20.99 38.62 -2.24
CA LEU E 349 22.18 37.93 -1.74
C LEU E 349 22.94 37.26 -2.88
N ASP E 350 22.22 36.68 -3.85
CA ASP E 350 22.86 36.10 -5.03
C ASP E 350 23.56 37.16 -5.87
N GLU E 351 22.93 38.34 -6.01
CA GLU E 351 23.56 39.44 -6.74
C GLU E 351 24.79 39.98 -6.01
N ASP E 352 24.75 39.98 -4.68
CA ASP E 352 25.91 40.40 -3.90
C ASP E 352 27.07 39.41 -4.06
N ARG E 353 26.75 38.12 -4.18
CA ARG E 353 27.78 37.13 -4.51
C ARG E 353 28.31 37.33 -5.93
N SER E 354 27.43 37.71 -6.85
CA SER E 354 27.85 37.97 -8.23
C SER E 354 28.77 39.20 -8.32
N LEU E 355 28.54 40.20 -7.47
CA LEU E 355 29.40 41.39 -7.47
C LEU E 355 30.78 41.08 -6.91
N LEU E 356 30.87 40.23 -5.90
CA LEU E 356 32.13 39.89 -5.27
C LEU E 356 32.96 38.94 -6.14
N PRO F 2 -52.34 -8.46 29.93
CA PRO F 2 -51.87 -7.08 30.04
C PRO F 2 -51.14 -6.61 28.78
N LEU F 3 -51.64 -5.51 28.20
CA LEU F 3 -51.12 -4.88 26.98
C LEU F 3 -51.07 -5.87 25.81
N ALA F 4 -52.24 -6.38 25.46
CA ALA F 4 -52.40 -7.30 24.34
C ALA F 4 -52.86 -6.53 23.12
N PHE F 5 -52.44 -7.02 21.94
CA PHE F 5 -52.77 -6.36 20.68
C PHE F 5 -54.27 -6.41 20.40
N CYS F 6 -54.86 -7.59 20.57
CA CYS F 6 -56.31 -7.73 20.63
C CYS F 6 -56.68 -8.00 22.08
N GLY F 7 -57.74 -7.33 22.55
CA GLY F 7 -58.05 -7.33 23.98
C GLY F 7 -58.49 -8.70 24.48
N THR F 8 -58.01 -9.04 25.69
CA THR F 8 -58.24 -10.35 26.28
C THR F 8 -59.68 -10.43 26.77
N GLU F 9 -60.58 -10.75 25.85
CA GLU F 9 -62.00 -10.93 26.14
C GLU F 9 -62.42 -12.33 25.70
N ASN F 10 -63.27 -12.96 26.52
CA ASN F 10 -63.72 -14.35 26.36
C ASN F 10 -62.54 -15.32 26.27
N HIS F 11 -61.58 -15.12 27.19
CA HIS F 11 -60.34 -15.91 27.29
C HIS F 11 -59.53 -15.88 25.99
N SER F 12 -59.24 -14.66 25.54
CA SER F 12 -58.47 -14.38 24.31
C SER F 12 -59.09 -15.04 23.08
N ALA F 13 -60.40 -14.84 22.93
CA ALA F 13 -61.14 -15.38 21.79
C ALA F 13 -60.90 -14.59 20.50
N ALA F 14 -60.31 -13.39 20.59
CA ALA F 14 -60.04 -12.60 19.39
C ALA F 14 -58.85 -13.14 18.61
N TYR F 15 -57.98 -13.93 19.25
CA TYR F 15 -56.84 -14.52 18.57
C TYR F 15 -57.17 -15.85 17.90
N ARG F 16 -58.38 -16.36 18.09
CA ARG F 16 -58.79 -17.60 17.42
C ARG F 16 -59.08 -17.32 15.95
N VAL F 17 -58.33 -17.97 15.06
CA VAL F 17 -58.40 -17.67 13.64
C VAL F 17 -58.86 -18.90 12.87
N ASP F 18 -59.67 -19.74 13.52
CA ASP F 18 -60.21 -20.95 12.90
C ASP F 18 -61.20 -20.65 11.78
N GLN F 19 -61.70 -19.43 11.70
CA GLN F 19 -62.74 -19.03 10.75
C GLN F 19 -62.18 -18.21 9.59
N GLY F 20 -61.04 -18.58 9.02
CA GLY F 20 -60.49 -17.74 7.97
C GLY F 20 -59.82 -16.47 8.47
N VAL F 21 -58.57 -16.61 8.93
CA VAL F 21 -57.70 -15.57 9.50
C VAL F 21 -57.73 -14.23 8.74
N LEU F 22 -57.92 -14.28 7.42
CA LEU F 22 -58.05 -13.05 6.64
C LEU F 22 -59.35 -12.31 6.99
N ASN F 23 -60.45 -13.03 7.18
CA ASN F 23 -61.69 -12.39 7.61
C ASN F 23 -61.86 -12.39 9.12
N ASN F 24 -60.86 -12.85 9.87
CA ASN F 24 -60.84 -12.65 11.31
C ASN F 24 -60.37 -11.23 11.61
N GLY F 25 -61.21 -10.45 12.30
CA GLY F 25 -60.83 -9.11 12.65
C GLY F 25 -59.76 -9.09 13.73
N CYS F 26 -59.11 -7.92 13.84
CA CYS F 26 -57.92 -7.57 14.63
C CYS F 26 -56.65 -8.28 14.15
N PHE F 27 -56.73 -9.13 13.11
CA PHE F 27 -55.57 -9.60 12.37
C PHE F 27 -55.30 -8.73 11.15
N VAL F 28 -56.34 -8.19 10.53
CA VAL F 28 -56.14 -7.23 9.45
C VAL F 28 -55.54 -5.95 9.99
N ASP F 29 -55.90 -5.56 11.21
CA ASP F 29 -55.20 -4.47 11.88
C ASP F 29 -53.76 -4.84 12.21
N ALA F 30 -53.48 -6.13 12.45
CA ALA F 30 -52.10 -6.57 12.56
C ALA F 30 -51.41 -6.59 11.19
N LEU F 31 -52.17 -6.84 10.13
CA LEU F 31 -51.61 -6.82 8.78
C LEU F 31 -51.30 -5.39 8.33
N ASN F 32 -51.99 -4.40 8.88
CA ASN F 32 -51.78 -3.01 8.51
C ASN F 32 -50.46 -2.46 9.02
N VAL F 33 -49.90 -3.03 10.10
CA VAL F 33 -48.64 -2.54 10.66
C VAL F 33 -47.46 -2.86 9.75
N VAL F 34 -47.59 -3.90 8.90
CA VAL F 34 -46.45 -4.38 8.10
C VAL F 34 -45.92 -3.37 7.09
N PRO F 35 -46.75 -2.69 6.26
CA PRO F 35 -46.16 -1.66 5.36
C PRO F 35 -45.52 -0.49 6.07
N HIS F 36 -46.04 -0.08 7.22
CA HIS F 36 -45.50 1.08 7.92
C HIS F 36 -44.13 0.77 8.52
N VAL F 37 -44.00 -0.39 9.18
CA VAL F 37 -42.70 -0.74 9.74
C VAL F 37 -41.71 -1.12 8.64
N PHE F 38 -42.21 -1.64 7.49
CA PHE F 38 -41.34 -1.87 6.35
C PHE F 38 -40.78 -0.56 5.81
N LEU F 39 -41.63 0.47 5.70
CA LEU F 39 -41.19 1.78 5.24
C LEU F 39 -40.20 2.41 6.22
N LEU F 40 -40.47 2.28 7.53
CA LEU F 40 -39.56 2.83 8.53
C LEU F 40 -38.19 2.16 8.47
N PHE F 41 -38.16 0.82 8.38
CA PHE F 41 -36.90 0.11 8.37
C PHE F 41 -36.17 0.19 7.02
N ILE F 42 -36.88 0.54 5.94
CA ILE F 42 -36.19 0.73 4.65
C ILE F 42 -35.86 2.20 4.40
N THR F 43 -36.41 3.13 5.18
CA THR F 43 -36.23 4.55 4.97
C THR F 43 -35.27 5.20 5.97
N PHE F 44 -35.32 4.79 7.24
CA PHE F 44 -34.41 5.33 8.24
C PHE F 44 -32.91 5.17 7.95
N PRO F 45 -32.39 4.03 7.44
CA PRO F 45 -30.96 4.04 7.06
C PRO F 45 -30.65 4.93 5.87
N ILE F 46 -31.55 5.03 4.88
CA ILE F 46 -31.28 5.87 3.72
C ILE F 46 -31.26 7.35 4.10
N LEU F 47 -32.20 7.78 4.95
CA LEU F 47 -32.22 9.17 5.40
C LEU F 47 -31.11 9.46 6.39
N PHE F 48 -30.76 8.49 7.24
CA PHE F 48 -29.75 8.74 8.27
C PHE F 48 -28.34 8.77 7.69
N ILE F 49 -28.03 7.84 6.78
CA ILE F 49 -26.72 7.81 6.15
C ILE F 49 -26.52 9.02 5.25
N GLY F 50 -27.55 9.37 4.48
CA GLY F 50 -27.54 10.61 3.73
C GLY F 50 -27.90 11.81 4.60
N HIS F 61 -24.67 21.58 0.21
CA HIS F 61 -25.95 22.25 0.07
C HIS F 61 -26.37 22.33 -1.40
N HIS F 62 -27.66 22.15 -1.65
CA HIS F 62 -28.22 22.23 -2.99
C HIS F 62 -28.99 23.53 -3.12
N SER F 63 -28.41 24.49 -3.86
CA SER F 63 -29.06 25.75 -4.15
C SER F 63 -29.84 25.71 -5.47
N THR F 64 -29.84 24.58 -6.16
CA THR F 64 -30.44 24.43 -7.48
C THR F 64 -31.53 23.35 -7.47
N TRP F 65 -32.37 23.35 -6.44
CA TRP F 65 -33.37 22.30 -6.29
C TRP F 65 -34.56 22.54 -7.21
N LEU F 66 -35.10 21.45 -7.75
CA LEU F 66 -36.30 21.46 -8.57
C LEU F 66 -37.43 20.73 -7.85
N HIS F 67 -38.56 20.57 -8.54
CA HIS F 67 -39.73 19.91 -7.97
C HIS F 67 -40.28 18.89 -8.95
N PHE F 68 -40.65 17.72 -8.41
CA PHE F 68 -41.22 16.64 -9.20
C PHE F 68 -42.67 16.98 -9.58
N PRO F 69 -43.21 16.34 -10.63
CA PRO F 69 -44.63 16.56 -10.95
C PRO F 69 -45.56 16.07 -9.85
N GLY F 70 -46.68 16.78 -9.69
CA GLY F 70 -47.62 16.48 -8.63
C GLY F 70 -47.14 16.84 -7.25
N HIS F 71 -46.23 17.82 -7.14
CA HIS F 71 -45.61 18.18 -5.86
C HIS F 71 -46.63 18.83 -4.92
N ASN F 72 -47.38 19.81 -5.42
CA ASN F 72 -48.43 20.47 -4.65
C ASN F 72 -49.51 19.48 -4.25
N LEU F 73 -49.91 18.62 -5.19
CA LEU F 73 -50.92 17.61 -4.94
C LEU F 73 -50.45 16.59 -3.91
N ARG F 74 -49.16 16.18 -3.98
CA ARG F 74 -48.63 15.24 -3.01
C ARG F 74 -48.59 15.82 -1.60
N TRP F 75 -48.21 17.10 -1.47
CA TRP F 75 -48.21 17.73 -0.15
C TRP F 75 -49.62 17.89 0.41
N ILE F 76 -50.59 18.24 -0.45
CA ILE F 76 -51.98 18.35 0.00
C ILE F 76 -52.54 17.00 0.41
N LEU F 77 -52.26 15.95 -0.37
CA LEU F 77 -52.72 14.60 -0.04
C LEU F 77 -52.07 14.08 1.24
N THR F 78 -50.81 14.43 1.47
CA THR F 78 -50.15 14.04 2.71
C THR F 78 -50.76 14.74 3.93
N PHE F 79 -51.09 16.03 3.79
CA PHE F 79 -51.75 16.75 4.88
C PHE F 79 -53.13 16.16 5.20
N ILE F 80 -53.90 15.83 4.15
CA ILE F 80 -55.22 15.22 4.34
C ILE F 80 -55.07 13.83 4.96
N LEU F 81 -54.03 13.08 4.56
CA LEU F 81 -53.76 11.77 5.14
C LEU F 81 -53.43 11.86 6.62
N LEU F 82 -52.62 12.85 7.01
CA LEU F 82 -52.29 13.05 8.42
C LEU F 82 -53.53 13.42 9.24
N PHE F 83 -54.41 14.26 8.67
CA PHE F 83 -55.64 14.64 9.35
C PHE F 83 -56.56 13.43 9.56
N VAL F 84 -56.73 12.61 8.53
CA VAL F 84 -57.62 11.45 8.63
C VAL F 84 -57.02 10.40 9.57
N LEU F 85 -55.69 10.27 9.62
CA LEU F 85 -55.07 9.34 10.56
C LEU F 85 -55.20 9.83 12.00
N VAL F 86 -55.15 11.16 12.22
CA VAL F 86 -55.41 11.71 13.55
C VAL F 86 -56.85 11.42 13.98
N CYS F 87 -57.80 11.59 13.04
CA CYS F 87 -59.19 11.25 13.32
C CYS F 87 -59.37 9.76 13.62
N GLU F 88 -58.60 8.90 12.94
CA GLU F 88 -58.68 7.46 13.19
C GLU F 88 -58.12 7.11 14.57
N ILE F 89 -57.03 7.76 14.98
CA ILE F 89 -56.49 7.58 16.32
C ILE F 89 -57.51 8.01 17.38
N ALA F 90 -58.17 9.15 17.15
CA ALA F 90 -59.17 9.65 18.09
C ALA F 90 -60.36 8.71 18.19
N GLU F 91 -60.86 8.20 17.06
CA GLU F 91 -62.01 7.30 17.10
C GLU F 91 -61.64 5.93 17.67
N GLY F 92 -60.39 5.50 17.48
CA GLY F 92 -59.95 4.25 18.12
C GLY F 92 -59.83 4.36 19.62
N ILE F 93 -59.34 5.51 20.10
CA ILE F 93 -59.25 5.75 21.54
C ILE F 93 -60.65 5.88 22.14
N LEU F 94 -61.57 6.49 21.40
CA LEU F 94 -62.97 6.57 21.82
C LEU F 94 -63.62 5.19 21.88
N SER F 95 -63.29 4.33 20.91
CA SER F 95 -63.98 3.06 20.78
C SER F 95 -63.56 2.04 21.84
N ASP F 96 -62.28 2.03 22.21
CA ASP F 96 -61.77 1.02 23.13
C ASP F 96 -61.92 1.40 24.60
N GLY F 97 -62.49 2.57 24.90
CA GLY F 97 -62.59 3.05 26.26
C GLY F 97 -63.68 2.41 27.11
N VAL F 98 -64.49 1.53 26.53
CA VAL F 98 -65.57 0.86 27.25
C VAL F 98 -65.13 -0.49 27.79
N THR F 99 -64.44 -1.29 26.98
CA THR F 99 -63.97 -2.61 27.41
C THR F 99 -62.86 -2.48 28.45
N GLU F 100 -62.76 -3.50 29.31
CA GLU F 100 -61.79 -3.47 30.40
C GLU F 100 -60.35 -3.65 29.89
N SER F 101 -60.17 -4.44 28.83
CA SER F 101 -58.86 -4.65 28.23
C SER F 101 -58.64 -3.69 27.07
N ARG F 102 -57.49 -3.03 27.05
CA ARG F 102 -57.18 -2.05 26.01
C ARG F 102 -56.89 -2.78 24.70
N HIS F 103 -57.62 -2.40 23.65
CA HIS F 103 -57.43 -2.97 22.32
C HIS F 103 -56.37 -2.15 21.59
N LEU F 104 -55.16 -2.70 21.50
CA LEU F 104 -54.09 -2.00 20.79
C LEU F 104 -54.32 -1.93 19.29
N HIS F 105 -55.12 -2.84 18.73
CA HIS F 105 -55.35 -2.86 17.29
C HIS F 105 -56.20 -1.69 16.80
N LEU F 106 -56.80 -0.92 17.70
CA LEU F 106 -57.66 0.19 17.31
C LEU F 106 -56.93 1.50 17.10
N TYR F 107 -55.81 1.72 17.80
CA TYR F 107 -55.15 3.02 17.68
C TYR F 107 -53.67 2.93 17.34
N MET F 108 -53.00 1.85 17.76
CA MET F 108 -51.58 1.67 17.46
C MET F 108 -51.28 1.51 15.96
N PRO F 109 -52.02 0.74 15.14
CA PRO F 109 -51.76 0.79 13.68
C PRO F 109 -51.98 2.16 13.06
N ALA F 110 -52.95 2.95 13.56
CA ALA F 110 -53.15 4.29 13.02
C ALA F 110 -52.02 5.23 13.41
N GLY F 111 -51.49 5.10 14.63
CA GLY F 111 -50.32 5.89 15.02
C GLY F 111 -49.07 5.49 14.25
N MET F 112 -48.91 4.19 13.99
CA MET F 112 -47.82 3.72 13.14
C MET F 112 -47.95 4.25 11.72
N ALA F 113 -49.19 4.33 11.21
CA ALA F 113 -49.44 4.93 9.91
C ALA F 113 -49.12 6.42 9.89
N PHE F 114 -49.42 7.12 10.99
CA PHE F 114 -49.11 8.55 11.10
C PHE F 114 -47.59 8.79 11.07
N MET F 115 -46.85 7.97 11.83
CA MET F 115 -45.39 8.07 11.82
C MET F 115 -44.81 7.70 10.47
N ALA F 116 -45.40 6.70 9.80
CA ALA F 116 -44.95 6.31 8.47
C ALA F 116 -45.21 7.40 7.44
N ALA F 117 -46.35 8.10 7.53
CA ALA F 117 -46.65 9.17 6.59
C ALA F 117 -45.72 10.37 6.80
N ILE F 118 -45.39 10.67 8.06
CA ILE F 118 -44.41 11.72 8.34
C ILE F 118 -43.04 11.36 7.78
N THR F 119 -42.61 10.10 7.98
CA THR F 119 -41.33 9.64 7.45
C THR F 119 -41.32 9.63 5.93
N SER F 120 -42.46 9.28 5.32
CA SER F 120 -42.58 9.27 3.87
C SER F 120 -42.48 10.67 3.28
N VAL F 121 -43.11 11.67 3.92
CA VAL F 121 -43.02 13.02 3.36
C VAL F 121 -41.63 13.62 3.61
N VAL F 122 -40.94 13.22 4.70
CA VAL F 122 -39.57 13.65 4.91
C VAL F 122 -38.64 13.03 3.86
N TYR F 123 -38.85 11.75 3.55
CA TYR F 123 -38.08 11.05 2.53
C TYR F 123 -38.30 11.65 1.15
N TYR F 124 -39.55 11.99 0.83
CA TYR F 124 -39.86 12.63 -0.45
C TYR F 124 -39.24 14.02 -0.56
N HIS F 125 -39.26 14.79 0.54
CA HIS F 125 -38.64 16.12 0.50
C HIS F 125 -37.13 16.04 0.35
N ASN F 126 -36.48 15.10 1.05
CA ASN F 126 -35.03 14.94 0.92
C ASN F 126 -34.66 14.46 -0.49
N ILE F 127 -35.48 13.59 -1.08
CA ILE F 127 -35.27 13.15 -2.45
C ILE F 127 -35.47 14.30 -3.43
N GLU F 128 -36.51 15.12 -3.23
CA GLU F 128 -36.79 16.23 -4.13
C GLU F 128 -35.72 17.32 -4.06
N THR F 129 -35.19 17.58 -2.86
CA THR F 129 -34.08 18.52 -2.75
C THR F 129 -32.73 17.89 -3.08
N SER F 130 -32.68 16.57 -3.27
CA SER F 130 -31.45 15.89 -3.67
C SER F 130 -31.51 15.31 -5.08
N ASN F 131 -32.69 15.31 -5.73
CA ASN F 131 -32.91 14.86 -7.11
C ASN F 131 -32.50 13.39 -7.29
N PHE F 132 -33.17 12.51 -6.53
CA PHE F 132 -32.93 11.07 -6.58
C PHE F 132 -34.24 10.36 -6.90
N PRO F 133 -34.72 10.44 -8.15
CA PRO F 133 -36.03 9.85 -8.45
C PRO F 133 -36.06 8.34 -8.40
N LYS F 134 -34.92 7.68 -8.66
CA LYS F 134 -34.84 6.22 -8.68
C LYS F 134 -35.12 5.58 -7.32
N LEU F 135 -34.90 6.31 -6.23
CA LEU F 135 -35.23 5.80 -4.91
C LEU F 135 -36.73 5.83 -4.61
N LEU F 136 -37.51 6.58 -5.40
CA LEU F 136 -38.95 6.72 -5.16
C LEU F 136 -39.71 5.40 -5.30
N ILE F 137 -39.10 4.42 -6.01
CA ILE F 137 -39.59 3.04 -6.09
C ILE F 137 -39.92 2.50 -4.70
N ALA F 138 -39.05 2.78 -3.73
CA ALA F 138 -39.26 2.33 -2.35
C ALA F 138 -40.58 2.86 -1.80
N LEU F 139 -40.83 4.18 -2.00
CA LEU F 139 -42.10 4.78 -1.59
C LEU F 139 -43.26 4.11 -2.32
N LEU F 140 -43.07 3.83 -3.62
CA LEU F 140 -44.06 3.15 -4.44
C LEU F 140 -44.45 1.82 -3.82
N ILE F 141 -43.45 1.04 -3.39
CA ILE F 141 -43.70 -0.27 -2.80
C ILE F 141 -44.52 -0.13 -1.54
N TYR F 142 -44.16 0.86 -0.71
CA TYR F 142 -44.87 1.11 0.54
C TYR F 142 -46.32 1.47 0.27
N TRP F 143 -46.56 2.35 -0.70
CA TRP F 143 -47.92 2.78 -0.99
C TRP F 143 -48.73 1.61 -1.51
N THR F 144 -48.09 0.77 -2.36
CA THR F 144 -48.75 -0.42 -2.88
C THR F 144 -49.14 -1.35 -1.75
N LEU F 145 -48.19 -1.58 -0.82
CA LEU F 145 -48.44 -2.45 0.31
C LEU F 145 -49.54 -1.88 1.18
N ALA F 146 -49.50 -0.55 1.40
CA ALA F 146 -50.49 0.11 2.23
C ALA F 146 -51.86 -0.01 1.60
N PHE F 147 -51.92 0.16 0.26
CA PHE F 147 -53.17 0.06 -0.47
C PHE F 147 -53.76 -1.33 -0.31
N ILE F 148 -52.92 -2.36 -0.45
CA ILE F 148 -53.38 -3.73 -0.32
C ILE F 148 -53.88 -3.98 1.09
N THR F 149 -53.10 -3.53 2.08
CA THR F 149 -53.47 -3.79 3.46
C THR F 149 -54.66 -2.95 3.88
N LYS F 150 -54.94 -1.86 3.15
CA LYS F 150 -56.17 -1.17 3.49
C LYS F 150 -57.36 -1.84 2.83
N THR F 151 -57.20 -2.26 1.55
CA THR F 151 -58.39 -2.61 0.79
C THR F 151 -58.97 -3.95 1.26
N ILE F 152 -58.09 -4.86 1.70
CA ILE F 152 -58.50 -6.10 2.37
C ILE F 152 -59.40 -5.78 3.55
N LYS F 153 -58.95 -4.83 4.39
CA LYS F 153 -59.71 -4.39 5.55
C LYS F 153 -61.07 -3.84 5.12
N PHE F 154 -61.06 -3.01 4.06
CA PHE F 154 -62.29 -2.43 3.54
C PHE F 154 -63.22 -3.53 3.03
N VAL F 155 -62.65 -4.53 2.34
CA VAL F 155 -63.44 -5.64 1.82
C VAL F 155 -64.03 -6.45 2.97
N LYS F 156 -63.24 -6.64 4.03
CA LYS F 156 -63.75 -7.38 5.18
C LYS F 156 -64.81 -6.56 5.90
N PHE F 157 -64.64 -5.23 5.93
CA PHE F 157 -65.66 -4.38 6.52
C PHE F 157 -66.91 -4.36 5.64
N TYR F 158 -66.76 -4.61 4.34
CA TYR F 158 -67.95 -4.76 3.51
C TYR F 158 -68.57 -6.14 3.68
N ASP F 159 -67.78 -7.15 4.03
CA ASP F 159 -68.32 -8.50 4.08
C ASP F 159 -69.03 -8.80 5.39
N HIS F 160 -68.77 -8.02 6.44
CA HIS F 160 -69.46 -8.15 7.71
C HIS F 160 -70.54 -7.10 7.89
N ALA F 161 -70.87 -6.37 6.82
CA ALA F 161 -71.97 -5.39 6.76
C ALA F 161 -71.81 -4.27 7.80
N ILE F 162 -70.65 -3.63 7.78
CA ILE F 162 -70.41 -2.49 8.67
C ILE F 162 -71.28 -1.31 8.26
N GLY F 163 -71.10 -0.82 7.03
CA GLY F 163 -71.90 0.26 6.50
C GLY F 163 -71.37 1.63 6.86
N PHE F 164 -72.01 2.65 6.26
CA PHE F 164 -71.54 4.03 6.38
C PHE F 164 -71.97 4.70 7.68
N SER F 165 -72.81 4.06 8.50
CA SER F 165 -73.19 4.62 9.79
C SER F 165 -72.06 4.57 10.81
N GLN F 166 -70.99 3.84 10.53
CA GLN F 166 -69.85 3.71 11.41
C GLN F 166 -68.72 4.57 10.86
N LEU F 167 -68.06 5.31 11.76
CA LEU F 167 -67.02 6.25 11.32
C LEU F 167 -65.78 5.52 10.81
N ARG F 168 -65.45 4.35 11.38
CA ARG F 168 -64.26 3.61 10.98
C ARG F 168 -64.33 3.13 9.54
N PHE F 169 -65.53 2.79 9.07
CA PHE F 169 -65.73 2.41 7.67
C PHE F 169 -65.45 3.59 6.73
N CYS F 170 -65.97 4.77 7.06
CA CYS F 170 -65.70 5.96 6.26
C CYS F 170 -64.23 6.37 6.34
N LEU F 171 -63.60 6.17 7.49
CA LEU F 171 -62.20 6.54 7.65
C LEU F 171 -61.27 5.59 6.89
N THR F 172 -61.59 4.28 6.87
CA THR F 172 -60.77 3.38 6.07
C THR F 172 -61.07 3.52 4.58
N GLY F 173 -62.28 3.96 4.22
CA GLY F 173 -62.53 4.33 2.83
C GLY F 173 -61.73 5.55 2.40
N LEU F 174 -61.66 6.56 3.28
CA LEU F 174 -60.80 7.72 3.02
C LEU F 174 -59.33 7.32 2.98
N LEU F 175 -58.93 6.36 3.83
CA LEU F 175 -57.56 5.88 3.84
C LEU F 175 -57.18 5.20 2.53
N VAL F 176 -58.05 4.31 2.04
CA VAL F 176 -57.73 3.61 0.80
C VAL F 176 -57.85 4.55 -0.41
N ILE F 177 -58.73 5.56 -0.34
CA ILE F 177 -58.82 6.55 -1.41
C ILE F 177 -57.56 7.42 -1.47
N LEU F 178 -57.07 7.88 -0.32
CA LEU F 178 -55.85 8.68 -0.29
C LEU F 178 -54.62 7.87 -0.66
N TYR F 179 -54.57 6.59 -0.25
CA TYR F 179 -53.46 5.73 -0.67
C TYR F 179 -53.48 5.49 -2.17
N GLY F 180 -54.67 5.30 -2.76
CA GLY F 180 -54.77 5.17 -4.20
C GLY F 180 -54.39 6.45 -4.93
N MET F 181 -54.75 7.61 -4.37
CA MET F 181 -54.37 8.88 -4.97
C MET F 181 -52.86 9.10 -4.92
N LEU F 182 -52.22 8.73 -3.81
CA LEU F 182 -50.77 8.85 -3.73
C LEU F 182 -50.06 7.84 -4.65
N LEU F 183 -50.66 6.66 -4.84
CA LEU F 183 -50.14 5.71 -5.82
C LEU F 183 -50.27 6.25 -7.23
N LEU F 184 -51.38 6.95 -7.52
CA LEU F 184 -51.56 7.57 -8.84
C LEU F 184 -50.58 8.72 -9.04
N VAL F 185 -50.27 9.47 -7.99
CA VAL F 185 -49.24 10.51 -8.07
C VAL F 185 -47.87 9.89 -8.34
N GLU F 186 -47.57 8.77 -7.70
CA GLU F 186 -46.30 8.07 -7.92
C GLU F 186 -46.18 7.53 -9.34
N VAL F 187 -47.27 6.96 -9.88
CA VAL F 187 -47.18 6.46 -11.26
C VAL F 187 -47.20 7.62 -12.27
N ASN F 188 -47.77 8.77 -11.90
CA ASN F 188 -47.61 9.97 -12.72
C ASN F 188 -46.16 10.43 -12.73
N VAL F 189 -45.47 10.33 -11.58
CA VAL F 189 -44.06 10.71 -11.51
C VAL F 189 -43.19 9.78 -12.36
N ILE F 190 -43.43 8.47 -12.29
CA ILE F 190 -42.66 7.54 -13.14
C ILE F 190 -43.07 7.67 -14.61
N ARG F 191 -44.28 8.15 -14.91
CA ARG F 191 -44.65 8.41 -16.30
C ARG F 191 -43.92 9.63 -16.85
N VAL F 192 -43.84 10.71 -16.06
CA VAL F 192 -43.18 11.92 -16.53
C VAL F 192 -41.66 11.76 -16.53
N ARG F 193 -41.08 11.51 -15.36
CA ARG F 193 -39.65 11.26 -15.22
C ARG F 193 -39.42 9.76 -15.09
N ARG F 194 -38.75 9.18 -16.09
CA ARG F 194 -38.57 7.73 -16.15
C ARG F 194 -37.29 7.35 -15.42
N TYR F 195 -37.41 7.14 -14.11
CA TYR F 195 -36.31 6.67 -13.27
C TYR F 195 -36.25 5.15 -13.18
N ILE F 196 -37.15 4.45 -13.86
CA ILE F 196 -37.17 2.98 -13.90
C ILE F 196 -36.62 2.59 -15.25
N PHE F 197 -36.50 1.28 -15.51
CA PHE F 197 -35.87 0.78 -16.73
C PHE F 197 -36.71 1.17 -17.95
N PHE F 198 -36.24 2.19 -18.64
CA PHE F 198 -36.93 2.85 -19.76
C PHE F 198 -35.84 3.49 -20.62
N LYS F 199 -36.25 4.41 -21.50
CA LYS F 199 -35.28 5.20 -22.25
C LYS F 199 -34.62 6.28 -21.39
N THR F 200 -35.24 6.63 -20.26
CA THR F 200 -34.86 7.76 -19.42
C THR F 200 -34.60 9.07 -20.17
N PRO F 201 -35.60 9.61 -20.91
CA PRO F 201 -35.30 10.76 -21.78
C PRO F 201 -35.43 12.13 -21.12
N ARG F 202 -36.25 12.25 -20.08
CA ARG F 202 -36.67 13.56 -19.58
C ARG F 202 -35.72 14.06 -18.49
N GLU F 203 -35.22 15.28 -18.68
CA GLU F 203 -34.47 16.00 -17.65
C GLU F 203 -35.11 17.36 -17.48
N VAL F 204 -35.45 17.70 -16.24
CA VAL F 204 -36.21 18.93 -16.00
C VAL F 204 -35.31 20.15 -15.97
N LYS F 205 -34.11 20.01 -15.36
CA LYS F 205 -33.06 21.01 -15.08
C LYS F 205 -33.53 22.03 -14.04
N PRO F 206 -32.61 22.60 -13.25
CA PRO F 206 -33.03 23.60 -12.26
C PRO F 206 -33.51 24.88 -12.94
N PRO F 207 -34.37 25.66 -12.28
CA PRO F 207 -34.82 26.94 -12.85
C PRO F 207 -33.66 27.93 -12.97
N GLU F 208 -33.77 28.79 -13.99
CA GLU F 208 -32.66 29.64 -14.38
C GLU F 208 -32.36 30.72 -13.34
N ASP F 209 -33.37 31.12 -12.56
CA ASP F 209 -33.13 32.10 -11.51
C ASP F 209 -32.34 31.51 -10.36
N LEU F 210 -32.61 30.24 -10.01
CA LEU F 210 -31.98 29.62 -8.86
C LEU F 210 -30.54 29.18 -9.13
N GLN F 211 -30.23 28.74 -10.35
CA GLN F 211 -28.97 28.03 -10.57
C GLN F 211 -27.75 28.96 -10.57
N ASP F 212 -27.82 30.10 -11.25
CA ASP F 212 -26.64 30.95 -11.37
C ASP F 212 -26.91 32.45 -11.21
N LEU F 213 -28.16 32.90 -11.17
CA LEU F 213 -28.44 34.34 -11.10
C LEU F 213 -28.09 34.91 -9.73
N GLY F 214 -28.29 34.13 -8.67
CA GLY F 214 -27.95 34.59 -7.34
C GLY F 214 -29.12 35.19 -6.60
N VAL F 215 -30.31 34.61 -6.78
CA VAL F 215 -31.48 35.06 -6.04
C VAL F 215 -31.48 34.38 -4.67
N ARG F 216 -31.97 35.11 -3.66
CA ARG F 216 -32.04 34.58 -2.31
C ARG F 216 -33.44 34.71 -1.72
N PHE F 217 -34.43 35.01 -2.55
CA PHE F 217 -35.84 35.06 -2.16
C PHE F 217 -36.47 33.76 -2.66
N LEU F 218 -36.44 32.73 -1.81
CA LEU F 218 -36.70 31.36 -2.20
C LEU F 218 -38.18 30.98 -2.13
N GLN F 219 -39.06 31.96 -1.86
CA GLN F 219 -40.49 31.68 -1.71
C GLN F 219 -41.18 31.05 -2.92
N PRO F 220 -40.92 31.43 -4.19
CA PRO F 220 -41.50 30.62 -5.29
C PRO F 220 -40.93 29.21 -5.43
N PHE F 221 -39.83 28.89 -4.77
CA PHE F 221 -39.11 27.66 -5.03
C PHE F 221 -39.14 26.65 -3.87
N VAL F 222 -39.85 26.96 -2.79
CA VAL F 222 -39.89 26.08 -1.63
C VAL F 222 -41.18 25.27 -1.67
N ASN F 223 -41.20 24.17 -0.92
CA ASN F 223 -42.38 23.33 -0.83
C ASN F 223 -43.46 24.00 0.01
N LEU F 224 -44.66 23.40 -0.01
CA LEU F 224 -45.87 24.03 0.54
C LEU F 224 -45.78 24.20 2.06
N LEU F 225 -45.09 23.30 2.75
CA LEU F 225 -44.87 23.47 4.18
C LEU F 225 -43.99 24.67 4.47
N SER F 226 -42.91 24.84 3.70
CA SER F 226 -42.07 26.03 3.85
C SER F 226 -42.61 27.24 3.09
N LYS F 227 -43.54 27.04 2.16
CA LYS F 227 -44.21 28.17 1.52
C LYS F 227 -45.27 28.78 2.44
N GLY F 228 -45.93 27.96 3.24
CA GLY F 228 -46.98 28.43 4.12
C GLY F 228 -46.48 28.88 5.48
N THR F 229 -45.47 28.20 6.01
CA THR F 229 -44.90 28.58 7.31
C THR F 229 -43.72 29.54 7.18
N TYR F 230 -43.27 29.82 5.94
CA TYR F 230 -42.15 30.74 5.64
C TYR F 230 -40.87 30.31 6.37
N TRP F 231 -40.57 29.01 6.26
CA TRP F 231 -39.46 28.42 7.00
C TRP F 231 -38.10 28.87 6.46
N TRP F 232 -38.00 29.12 5.15
CA TRP F 232 -36.74 29.53 4.52
C TRP F 232 -36.26 30.89 5.03
N MET F 233 -37.16 31.72 5.55
CA MET F 233 -36.79 32.99 6.16
C MET F 233 -35.94 32.81 7.42
N ASN F 234 -36.03 31.63 8.07
CA ASN F 234 -35.44 31.37 9.39
C ASN F 234 -33.95 31.72 9.45
N ALA F 235 -33.19 31.26 8.44
CA ALA F 235 -31.76 31.51 8.40
C ALA F 235 -31.44 33.00 8.33
N PHE F 236 -32.23 33.75 7.54
CA PHE F 236 -32.11 35.22 7.52
C PHE F 236 -32.35 35.80 8.90
N ILE F 237 -33.39 35.31 9.58
CA ILE F 237 -33.71 35.77 10.94
C ILE F 237 -32.59 35.38 11.90
N LYS F 238 -31.86 34.30 11.61
CA LYS F 238 -30.68 34.00 12.39
C LYS F 238 -29.54 34.96 12.05
N THR F 239 -29.28 35.17 10.75
CA THR F 239 -28.04 35.84 10.35
C THR F 239 -28.08 37.33 10.65
N ALA F 240 -29.28 37.91 10.75
CA ALA F 240 -29.43 39.30 11.16
C ALA F 240 -28.94 39.55 12.58
N HIS F 241 -28.85 38.50 13.42
CA HIS F 241 -28.20 38.68 14.71
C HIS F 241 -26.68 38.81 14.55
N LYS F 242 -26.09 38.06 13.63
CA LYS F 242 -24.64 38.03 13.53
C LYS F 242 -24.08 39.12 12.62
N LYS F 243 -24.82 39.48 11.57
CA LYS F 243 -24.36 40.44 10.59
C LYS F 243 -25.56 41.27 10.16
N PRO F 244 -25.41 42.58 10.00
CA PRO F 244 -26.53 43.41 9.50
C PRO F 244 -26.91 43.05 8.08
N ILE F 245 -28.22 43.12 7.81
CA ILE F 245 -28.75 42.77 6.50
C ILE F 245 -28.53 43.94 5.56
N ASP F 246 -27.88 43.67 4.44
CA ASP F 246 -27.55 44.67 3.43
C ASP F 246 -28.10 44.22 2.07
N LEU F 247 -27.73 44.95 1.03
CA LEU F 247 -28.16 44.63 -0.33
C LEU F 247 -27.36 43.49 -0.96
N ARG F 248 -26.39 42.92 -0.25
CA ARG F 248 -25.71 41.70 -0.66
C ARG F 248 -26.33 40.46 -0.03
N ALA F 249 -26.79 40.56 1.23
CA ALA F 249 -27.51 39.45 1.85
C ALA F 249 -28.87 39.25 1.20
N ILE F 250 -29.50 40.33 0.73
CA ILE F 250 -30.68 40.25 -0.11
C ILE F 250 -30.21 40.08 -1.55
N GLY F 251 -30.70 39.05 -2.23
CA GLY F 251 -30.23 38.75 -3.57
C GLY F 251 -30.83 39.60 -4.68
N LYS F 252 -31.10 38.97 -5.82
CA LYS F 252 -31.73 39.64 -6.96
C LYS F 252 -33.16 39.16 -7.10
N LEU F 253 -33.96 39.96 -7.82
CA LEU F 253 -35.37 39.63 -8.00
C LEU F 253 -35.51 38.43 -8.94
N PRO F 254 -36.48 37.55 -8.69
CA PRO F 254 -36.79 36.51 -9.67
C PRO F 254 -37.40 37.10 -10.93
N ILE F 255 -37.36 36.31 -12.01
CA ILE F 255 -37.77 36.75 -13.33
C ILE F 255 -39.26 37.07 -13.36
N ALA F 256 -40.07 36.29 -12.63
CA ALA F 256 -41.50 36.59 -12.54
C ALA F 256 -41.77 37.85 -11.73
N MET F 257 -40.87 38.20 -10.81
CA MET F 257 -41.04 39.37 -9.96
C MET F 257 -40.27 40.60 -10.45
N ARG F 258 -39.58 40.50 -11.58
CA ARG F 258 -38.81 41.63 -12.10
C ARG F 258 -39.74 42.72 -12.61
N ALA F 259 -39.23 43.96 -12.61
CA ALA F 259 -40.02 45.11 -13.02
C ALA F 259 -40.32 45.07 -14.52
N LEU F 260 -39.36 44.57 -15.32
CA LEU F 260 -39.54 44.53 -16.76
C LEU F 260 -40.61 43.52 -17.17
N THR F 261 -40.68 42.39 -16.45
CA THR F 261 -41.68 41.36 -16.77
C THR F 261 -43.10 41.84 -16.47
N ASN F 262 -43.29 42.46 -15.29
CA ASN F 262 -44.61 43.01 -14.95
C ASN F 262 -44.97 44.19 -15.84
N TYR F 263 -43.97 45.00 -16.23
CA TYR F 263 -44.23 46.10 -17.16
C TYR F 263 -44.65 45.60 -18.53
N GLN F 264 -44.01 44.53 -19.03
CA GLN F 264 -44.40 43.95 -20.31
C GLN F 264 -45.77 43.29 -20.23
N ARG F 265 -46.10 42.68 -19.09
CA ARG F 265 -47.43 42.11 -18.89
C ARG F 265 -48.50 43.19 -18.88
N LEU F 266 -48.22 44.33 -18.22
CA LEU F 266 -49.15 45.45 -18.22
C LEU F 266 -49.29 46.06 -19.62
N CYS F 267 -48.20 46.12 -20.37
CA CYS F 267 -48.25 46.62 -21.75
C CYS F 267 -49.06 45.68 -22.64
N VAL F 268 -48.95 44.37 -22.42
CA VAL F 268 -49.77 43.40 -23.15
C VAL F 268 -51.24 43.58 -22.81
N ALA F 269 -51.55 43.85 -21.54
CA ALA F 269 -52.93 44.13 -21.14
C ALA F 269 -53.48 45.39 -21.80
N PHE F 270 -52.69 46.47 -21.82
CA PHE F 270 -53.12 47.71 -22.44
C PHE F 270 -53.29 47.56 -23.96
N ASP F 271 -52.40 46.78 -24.60
CA ASP F 271 -52.52 46.53 -26.03
C ASP F 271 -53.74 45.67 -26.33
N ALA F 272 -54.06 44.72 -25.45
CA ALA F 272 -55.28 43.93 -25.62
C ALA F 272 -56.53 44.77 -25.43
N GLN F 273 -56.46 45.81 -24.60
CA GLN F 273 -57.56 46.76 -24.50
C GLN F 273 -57.69 47.57 -25.79
N ALA F 274 -56.58 48.09 -26.32
CA ALA F 274 -56.63 48.90 -27.52
C ALA F 274 -57.00 48.10 -28.76
N ARG F 275 -56.77 46.79 -28.75
CA ARG F 275 -57.12 45.92 -29.86
C ARG F 275 -58.28 45.00 -29.47
N PRO F 281 -58.10 55.03 -25.73
CA PRO F 281 -56.96 54.67 -24.88
C PRO F 281 -56.91 55.50 -23.59
N GLN F 282 -56.22 54.97 -22.59
CA GLN F 282 -56.07 55.52 -21.23
C GLN F 282 -57.45 55.70 -20.60
N GLY F 283 -57.59 56.61 -19.65
CA GLY F 283 -58.80 56.68 -18.86
C GLY F 283 -58.74 55.75 -17.66
N ALA F 284 -59.54 56.07 -16.64
CA ALA F 284 -59.49 55.33 -15.38
C ALA F 284 -60.03 53.91 -15.54
N ARG F 285 -61.13 53.75 -16.28
CA ARG F 285 -61.75 52.44 -16.47
C ARG F 285 -60.84 51.48 -17.24
N ALA F 286 -60.16 51.99 -18.27
CA ALA F 286 -59.23 51.15 -19.02
C ALA F 286 -58.00 50.79 -18.19
N ILE F 287 -57.54 51.70 -17.32
CA ILE F 287 -56.44 51.36 -16.41
C ILE F 287 -56.87 50.27 -15.44
N TRP F 288 -58.11 50.36 -14.91
CA TRP F 288 -58.63 49.35 -14.00
C TRP F 288 -58.76 47.99 -14.68
N ARG F 289 -59.27 47.96 -15.92
CA ARG F 289 -59.37 46.69 -16.65
C ARG F 289 -58.00 46.14 -17.03
N ALA F 290 -57.02 47.01 -17.29
CA ALA F 290 -55.66 46.55 -17.57
C ALA F 290 -55.01 45.93 -16.34
N LEU F 291 -55.22 46.55 -15.17
CA LEU F 291 -54.73 45.96 -13.92
C LEU F 291 -55.42 44.65 -13.63
N CYS F 292 -56.72 44.55 -13.96
CA CYS F 292 -57.44 43.29 -13.83
C CYS F 292 -56.83 42.21 -14.72
N HIS F 293 -56.64 42.50 -16.01
CA HIS F 293 -56.08 41.52 -16.94
C HIS F 293 -54.65 41.15 -16.59
N ALA F 294 -53.89 42.05 -15.98
CA ALA F 294 -52.50 41.72 -15.68
C ALA F 294 -52.34 40.98 -14.35
N PHE F 295 -53.13 41.30 -13.33
CA PHE F 295 -52.86 40.79 -11.98
C PHE F 295 -54.06 40.12 -11.29
N GLY F 296 -55.19 39.96 -11.98
CA GLY F 296 -56.37 39.43 -11.33
C GLY F 296 -56.32 37.95 -11.06
N ARG F 297 -55.45 37.22 -11.77
CA ARG F 297 -55.27 35.79 -11.48
C ARG F 297 -54.64 35.59 -10.10
N ARG F 298 -53.59 36.36 -9.80
CA ARG F 298 -53.00 36.34 -8.46
C ARG F 298 -53.97 36.89 -7.42
N LEU F 299 -54.77 37.90 -7.79
CA LEU F 299 -55.79 38.41 -6.88
C LEU F 299 -56.86 37.35 -6.58
N ILE F 300 -57.22 36.54 -7.58
CA ILE F 300 -58.18 35.45 -7.39
C ILE F 300 -57.58 34.36 -6.51
N LEU F 301 -56.28 34.09 -6.66
CA LEU F 301 -55.61 33.11 -5.79
C LEU F 301 -55.61 33.56 -4.32
N SER F 302 -55.28 34.84 -4.07
CA SER F 302 -55.33 35.36 -2.71
C SER F 302 -56.76 35.39 -2.17
N SER F 303 -57.75 35.70 -3.02
CA SER F 303 -59.14 35.66 -2.60
C SER F 303 -59.61 34.25 -2.29
N THR F 304 -59.10 33.25 -3.01
CA THR F 304 -59.43 31.85 -2.74
C THR F 304 -58.86 31.41 -1.39
N PHE F 305 -57.61 31.81 -1.09
CA PHE F 305 -57.03 31.51 0.22
C PHE F 305 -57.81 32.20 1.34
N ARG F 306 -58.22 33.45 1.11
CA ARG F 306 -59.03 34.17 2.11
C ARG F 306 -60.42 33.55 2.27
N ILE F 307 -61.01 33.04 1.18
CA ILE F 307 -62.30 32.35 1.24
C ILE F 307 -62.19 31.07 2.07
N LEU F 308 -61.12 30.29 1.85
CA LEU F 308 -60.91 29.08 2.63
C LEU F 308 -60.65 29.39 4.10
N ALA F 309 -59.92 30.48 4.38
CA ALA F 309 -59.70 30.91 5.75
C ALA F 309 -61.00 31.35 6.42
N ASP F 310 -61.87 32.03 5.67
CA ASP F 310 -63.17 32.44 6.21
C ASP F 310 -64.07 31.23 6.48
N LEU F 311 -64.02 30.22 5.60
CA LEU F 311 -64.81 29.02 5.81
C LEU F 311 -64.31 28.22 7.01
N LEU F 312 -62.99 28.17 7.20
CA LEU F 312 -62.44 27.47 8.36
C LEU F 312 -62.53 28.30 9.65
N GLY F 313 -62.79 29.60 9.55
CA GLY F 313 -63.02 30.41 10.73
C GLY F 313 -64.35 30.11 11.41
N PHE F 314 -65.31 29.56 10.67
CA PHE F 314 -66.58 29.14 11.24
C PHE F 314 -66.48 27.82 12.00
N ALA F 315 -65.36 27.10 11.88
CA ALA F 315 -65.16 25.91 12.67
C ALA F 315 -64.98 26.20 14.15
N GLY F 316 -64.64 27.44 14.50
CA GLY F 316 -64.61 27.89 15.88
C GLY F 316 -65.95 27.87 16.60
N PRO F 317 -66.92 28.69 16.15
CA PRO F 317 -68.24 28.70 16.80
C PRO F 317 -68.97 27.36 16.79
N LEU F 318 -68.83 26.57 15.73
CA LEU F 318 -69.46 25.25 15.69
C LEU F 318 -68.84 24.30 16.71
N CYS F 319 -67.51 24.38 16.89
CA CYS F 319 -66.85 23.57 17.92
C CYS F 319 -67.24 24.03 19.31
N ILE F 320 -67.43 25.34 19.52
CA ILE F 320 -67.90 25.84 20.82
C ILE F 320 -69.31 25.33 21.11
N PHE F 321 -70.17 25.36 20.08
CA PHE F 321 -71.53 24.80 20.17
C PHE F 321 -71.50 23.33 20.58
N GLY F 322 -70.69 22.53 19.89
CA GLY F 322 -70.60 21.11 20.21
C GLY F 322 -70.02 20.81 21.58
N ILE F 323 -68.94 21.52 21.96
CA ILE F 323 -68.27 21.28 23.23
C ILE F 323 -69.17 21.63 24.40
N VAL F 324 -69.78 22.82 24.35
CA VAL F 324 -70.62 23.25 25.46
C VAL F 324 -71.92 22.45 25.50
N ASP F 325 -72.42 21.99 24.34
CA ASP F 325 -73.58 21.11 24.34
C ASP F 325 -73.28 19.75 24.95
N HIS F 326 -72.06 19.21 24.70
CA HIS F 326 -71.70 17.95 25.33
C HIS F 326 -71.48 18.11 26.84
N LEU F 327 -70.90 19.24 27.26
CA LEU F 327 -70.68 19.45 28.68
C LEU F 327 -71.97 19.78 29.43
N GLY F 328 -73.00 20.27 28.72
CA GLY F 328 -74.28 20.51 29.38
C GLY F 328 -75.05 19.23 29.70
N LYS F 329 -74.80 18.16 28.95
CA LYS F 329 -75.49 16.89 29.17
C LYS F 329 -74.97 16.19 30.42
N LYS F 337 -71.86 2.11 19.38
CA LYS F 337 -72.88 1.46 20.20
C LYS F 337 -73.10 0.02 19.71
N THR F 338 -72.49 -0.33 18.59
CA THR F 338 -72.67 -1.63 17.96
C THR F 338 -71.42 -2.48 18.13
N GLN F 339 -71.62 -3.75 18.49
CA GLN F 339 -70.50 -4.62 18.86
C GLN F 339 -69.80 -5.19 17.63
N PHE F 340 -70.56 -5.67 16.63
CA PHE F 340 -70.06 -6.16 15.33
C PHE F 340 -69.08 -7.31 15.54
N LEU F 341 -67.84 -7.22 15.07
CA LEU F 341 -66.89 -8.34 15.12
C LEU F 341 -66.06 -8.32 16.41
N GLY F 342 -66.74 -8.20 17.55
CA GLY F 342 -66.07 -8.21 18.83
C GLY F 342 -65.31 -6.95 19.18
N VAL F 343 -65.63 -5.83 18.53
CA VAL F 343 -64.98 -4.56 18.83
C VAL F 343 -65.96 -3.42 18.56
N TYR F 344 -66.16 -2.55 19.57
CA TYR F 344 -67.16 -1.49 19.50
C TYR F 344 -66.85 -0.50 18.37
N PHE F 345 -67.90 -0.02 17.74
CA PHE F 345 -67.81 0.94 16.66
C PHE F 345 -68.49 2.24 17.05
N VAL F 346 -67.97 3.35 16.54
CA VAL F 346 -68.42 4.68 16.90
C VAL F 346 -69.06 5.34 15.68
N SER F 347 -70.27 5.85 15.83
CA SER F 347 -70.93 6.60 14.78
C SER F 347 -70.28 7.99 14.66
N SER F 348 -70.60 8.67 13.56
CA SER F 348 -70.08 10.00 13.32
C SER F 348 -70.64 11.02 14.32
N GLN F 349 -71.89 10.83 14.74
CA GLN F 349 -72.51 11.73 15.71
C GLN F 349 -71.88 11.58 17.09
N GLU F 350 -71.51 10.36 17.47
CA GLU F 350 -70.83 10.15 18.75
C GLU F 350 -69.40 10.68 18.71
N PHE F 351 -68.73 10.56 17.56
CA PHE F 351 -67.38 11.09 17.42
C PHE F 351 -67.39 12.62 17.46
N LEU F 352 -68.39 13.24 16.82
CA LEU F 352 -68.45 14.70 16.83
C LEU F 352 -68.91 15.24 18.18
N GLY F 353 -69.73 14.51 18.91
CA GLY F 353 -70.17 15.01 20.20
C GLY F 353 -69.52 14.45 21.45
N ASN F 354 -68.19 14.53 21.56
CA ASN F 354 -67.53 14.02 22.77
C ASN F 354 -66.40 14.96 23.23
N ALA F 355 -66.67 16.26 23.15
CA ALA F 355 -65.83 17.37 23.63
C ALA F 355 -64.42 17.46 23.05
N TYR F 356 -63.48 16.70 23.63
CA TYR F 356 -62.04 16.84 23.38
C TYR F 356 -61.68 16.79 21.90
N VAL F 357 -62.34 15.88 21.16
CA VAL F 357 -62.13 15.68 19.73
C VAL F 357 -62.36 16.98 18.97
N LEU F 358 -63.45 17.70 19.32
CA LEU F 358 -63.76 18.99 18.70
C LEU F 358 -62.64 19.98 18.92
N ALA F 359 -62.10 19.97 20.15
CA ALA F 359 -60.96 20.83 20.50
C ALA F 359 -59.79 20.55 19.60
N VAL F 360 -59.47 19.26 19.41
CA VAL F 360 -58.39 18.86 18.51
C VAL F 360 -58.70 19.31 17.10
N LEU F 361 -59.94 19.08 16.64
CA LEU F 361 -60.37 19.52 15.32
C LEU F 361 -60.27 21.03 15.19
N LEU F 362 -60.71 21.75 16.25
CA LEU F 362 -60.65 23.20 16.27
C LEU F 362 -59.22 23.68 16.12
N PHE F 363 -58.30 23.03 16.85
CA PHE F 363 -56.88 23.38 16.80
C PHE F 363 -56.35 23.21 15.39
N LEU F 364 -56.66 22.06 14.76
CA LEU F 364 -56.18 21.80 13.41
C LEU F 364 -56.80 22.79 12.43
N ALA F 365 -58.10 23.07 12.60
CA ALA F 365 -58.79 23.99 11.72
C ALA F 365 -58.17 25.38 11.84
N LEU F 366 -57.87 25.79 13.09
CA LEU F 366 -57.28 27.09 13.33
C LEU F 366 -55.95 27.22 12.65
N LEU F 367 -55.12 26.16 12.74
CA LEU F 367 -53.80 26.15 12.11
C LEU F 367 -53.92 26.34 10.62
N LEU F 368 -54.83 25.56 10.01
CA LEU F 368 -55.03 25.61 8.56
C LEU F 368 -55.52 26.99 8.15
N GLN F 369 -56.47 27.54 8.95
CA GLN F 369 -57.04 28.84 8.67
C GLN F 369 -55.97 29.91 8.67
N ARG F 370 -55.11 29.89 9.70
CA ARG F 370 -54.08 30.91 9.83
C ARG F 370 -53.11 30.83 8.68
N THR F 371 -52.74 29.60 8.29
CA THR F 371 -51.81 29.40 7.18
C THR F 371 -52.39 29.97 5.90
N PHE F 372 -53.67 29.65 5.63
CA PHE F 372 -54.34 30.14 4.43
C PHE F 372 -54.42 31.65 4.45
N LEU F 373 -54.73 32.22 5.62
CA LEU F 373 -54.87 33.67 5.72
C LEU F 373 -53.54 34.36 5.45
N GLN F 374 -52.45 33.81 6.01
CA GLN F 374 -51.15 34.41 5.78
C GLN F 374 -50.75 34.29 4.32
N ALA F 375 -51.08 33.14 3.71
CA ALA F 375 -50.81 32.93 2.29
C ALA F 375 -51.53 33.96 1.46
N SER F 376 -52.81 34.22 1.81
CA SER F 376 -53.62 35.21 1.09
C SER F 376 -52.97 36.57 1.17
N TYR F 377 -52.55 36.96 2.39
CA TYR F 377 -51.92 38.26 2.61
C TYR F 377 -50.67 38.40 1.79
N TYR F 378 -49.83 37.34 1.81
CA TYR F 378 -48.56 37.37 1.09
C TYR F 378 -48.78 37.54 -0.40
N VAL F 379 -49.75 36.77 -0.94
CA VAL F 379 -49.99 36.79 -2.38
C VAL F 379 -50.46 38.17 -2.79
N ALA F 380 -51.37 38.76 -1.98
CA ALA F 380 -51.89 40.10 -2.27
C ALA F 380 -50.76 41.12 -2.24
N ILE F 381 -49.89 41.02 -1.23
CA ILE F 381 -48.83 42.01 -1.11
C ILE F 381 -47.82 41.84 -2.22
N GLU F 382 -47.55 40.57 -2.59
CA GLU F 382 -46.63 40.30 -3.70
C GLU F 382 -47.17 40.89 -4.98
N THR F 383 -48.49 40.73 -5.20
CA THR F 383 -49.15 41.26 -6.38
C THR F 383 -49.02 42.78 -6.41
N GLY F 384 -49.25 43.42 -5.25
CA GLY F 384 -49.16 44.86 -5.18
C GLY F 384 -47.76 45.36 -5.48
N ILE F 385 -46.74 44.64 -4.99
CA ILE F 385 -45.37 45.05 -5.23
C ILE F 385 -45.04 44.95 -6.71
N ASN F 386 -45.51 43.87 -7.36
CA ASN F 386 -45.33 43.72 -8.80
C ASN F 386 -46.04 44.84 -9.54
N LEU F 387 -47.26 45.17 -9.08
CA LEU F 387 -48.04 46.25 -9.67
C LEU F 387 -47.29 47.56 -9.57
N ARG F 388 -46.68 47.81 -8.40
CA ARG F 388 -45.93 49.04 -8.16
C ARG F 388 -44.80 49.17 -9.15
N GLY F 389 -44.07 48.08 -9.36
CA GLY F 389 -42.94 48.09 -10.28
C GLY F 389 -43.39 48.41 -11.70
N ALA F 390 -44.49 47.75 -12.13
CA ALA F 390 -45.03 47.96 -13.47
C ALA F 390 -45.47 49.40 -13.65
N ILE F 391 -46.17 49.92 -12.63
CA ILE F 391 -46.70 51.28 -12.72
C ILE F 391 -45.55 52.28 -12.77
N GLN F 392 -44.51 52.04 -11.95
CA GLN F 392 -43.37 52.94 -11.91
C GLN F 392 -42.66 52.96 -13.26
N THR F 393 -42.51 51.77 -13.86
CA THR F 393 -41.85 51.68 -15.17
C THR F 393 -42.66 52.42 -16.21
N LYS F 394 -43.99 52.24 -16.18
CA LYS F 394 -44.86 52.91 -17.15
C LYS F 394 -44.80 54.41 -16.97
N ILE F 395 -44.76 54.88 -15.71
CA ILE F 395 -44.67 56.30 -15.43
C ILE F 395 -43.38 56.86 -15.99
N TYR F 396 -42.28 56.14 -15.80
CA TYR F 396 -40.99 56.60 -16.32
C TYR F 396 -40.98 56.54 -17.85
N ASN F 397 -41.66 55.54 -18.44
CA ASN F 397 -41.72 55.49 -19.89
C ASN F 397 -42.62 56.59 -20.44
N LYS F 398 -43.57 57.09 -19.63
CA LYS F 398 -44.29 58.28 -20.04
C LYS F 398 -43.43 59.52 -19.89
N ILE F 399 -42.51 59.52 -18.91
CA ILE F 399 -41.67 60.69 -18.68
C ILE F 399 -40.66 60.86 -19.82
N MET F 400 -40.06 59.74 -20.27
CA MET F 400 -39.13 59.80 -21.40
C MET F 400 -39.81 60.17 -22.71
N HIS F 401 -41.12 59.94 -22.82
CA HIS F 401 -41.88 60.37 -24.00
C HIS F 401 -42.73 61.60 -23.71
N LEU F 402 -42.56 62.24 -22.56
CA LEU F 402 -43.36 63.41 -22.21
C LEU F 402 -42.89 64.63 -23.01
N SER F 403 -43.70 65.68 -22.97
CA SER F 403 -43.33 66.98 -23.51
C SER F 403 -43.10 67.94 -22.35
N THR F 404 -42.09 68.80 -22.49
CA THR F 404 -41.81 69.81 -21.47
C THR F 404 -42.85 70.92 -21.44
N SER F 405 -43.70 71.02 -22.47
CA SER F 405 -44.79 71.98 -22.48
C SER F 405 -45.87 71.66 -21.46
N ASN F 406 -45.96 70.39 -21.02
CA ASN F 406 -46.88 70.04 -19.94
C ASN F 406 -46.47 70.71 -18.63
N LEU F 407 -45.18 70.71 -18.32
CA LEU F 407 -44.70 71.40 -17.13
C LEU F 407 -44.51 72.89 -17.34
N SER F 408 -44.34 73.33 -18.57
CA SER F 408 -44.07 74.74 -18.86
C SER F 408 -45.32 75.60 -18.88
N MET F 409 -46.51 75.01 -18.96
CA MET F 409 -47.75 75.77 -19.02
C MET F 409 -48.64 75.55 -17.81
N GLY F 410 -48.10 74.95 -16.74
CA GLY F 410 -48.87 74.75 -15.53
C GLY F 410 -49.87 73.62 -15.57
N GLU F 411 -49.84 72.78 -16.61
CA GLU F 411 -50.71 71.62 -16.67
C GLU F 411 -50.34 70.60 -15.59
N MET F 412 -49.05 70.41 -15.35
CA MET F 412 -48.56 69.56 -14.28
C MET F 412 -47.25 70.12 -13.77
N THR F 413 -46.92 69.78 -12.53
CA THR F 413 -45.66 70.18 -11.92
C THR F 413 -44.84 68.95 -11.60
N ALA F 414 -43.52 69.16 -11.44
CA ALA F 414 -42.60 68.05 -11.17
C ALA F 414 -42.85 67.41 -9.80
N GLY F 415 -43.36 68.20 -8.85
CA GLY F 415 -43.78 67.63 -7.58
C GLY F 415 -44.94 66.67 -7.72
N GLN F 416 -45.91 66.99 -8.59
CA GLN F 416 -47.02 66.09 -8.84
C GLN F 416 -46.57 64.83 -9.59
N ILE F 417 -45.61 64.97 -10.51
CA ILE F 417 -45.09 63.82 -11.24
C ILE F 417 -44.31 62.89 -10.31
N CYS F 418 -43.56 63.47 -9.36
CA CYS F 418 -42.88 62.63 -8.38
C CYS F 418 -43.84 62.06 -7.34
N ASN F 419 -44.93 62.77 -7.03
CA ASN F 419 -45.95 62.23 -6.12
C ASN F 419 -46.81 61.17 -6.78
N LEU F 420 -46.79 61.08 -8.12
CA LEU F 420 -47.41 59.95 -8.80
C LEU F 420 -46.71 58.63 -8.47
N VAL F 421 -45.44 58.68 -8.09
CA VAL F 421 -44.68 57.50 -7.67
C VAL F 421 -44.64 57.37 -6.16
N ALA F 422 -44.35 58.47 -5.46
CA ALA F 422 -44.17 58.43 -4.01
C ALA F 422 -45.48 58.27 -3.25
N ILE F 423 -46.60 58.73 -3.82
CA ILE F 423 -47.86 58.76 -3.07
C ILE F 423 -48.91 57.91 -3.76
N ASP F 424 -49.18 58.19 -5.04
CA ASP F 424 -50.34 57.61 -5.72
C ASP F 424 -50.14 56.12 -6.00
N THR F 425 -48.94 55.71 -6.40
CA THR F 425 -48.63 54.31 -6.61
C THR F 425 -48.73 53.52 -5.31
N ASN F 426 -48.32 54.15 -4.20
CA ASN F 426 -48.46 53.53 -2.89
C ASN F 426 -49.93 53.33 -2.50
N GLN F 427 -50.79 54.32 -2.82
CA GLN F 427 -52.22 54.18 -2.53
C GLN F 427 -52.86 53.07 -3.34
N LEU F 428 -52.50 52.99 -4.64
CA LEU F 428 -52.99 51.89 -5.49
C LEU F 428 -52.46 50.55 -5.00
N MET F 429 -51.21 50.51 -4.52
CA MET F 429 -50.63 49.29 -3.99
C MET F 429 -51.32 48.82 -2.72
N TRP F 430 -51.64 49.74 -1.80
CA TRP F 430 -52.33 49.36 -0.58
C TRP F 430 -53.78 48.96 -0.85
N PHE F 431 -54.41 49.54 -1.88
CA PHE F 431 -55.73 49.06 -2.27
C PHE F 431 -55.66 47.66 -2.88
N PHE F 432 -54.57 47.37 -3.62
CA PHE F 432 -54.38 46.00 -4.10
C PHE F 432 -54.05 45.04 -2.96
N PHE F 433 -53.49 45.55 -1.87
CA PHE F 433 -53.37 44.74 -0.65
C PHE F 433 -54.76 44.41 -0.10
N LEU F 434 -55.65 45.41 -0.06
CA LEU F 434 -56.95 45.27 0.58
C LEU F 434 -58.02 44.64 -0.30
N CYS F 435 -57.75 44.44 -1.60
CA CYS F 435 -58.74 43.87 -2.52
C CYS F 435 -59.26 42.47 -2.18
N PRO F 436 -58.45 41.45 -1.83
CA PRO F 436 -59.05 40.11 -1.59
C PRO F 436 -59.98 40.03 -0.40
N ASN F 437 -59.76 40.86 0.64
CA ASN F 437 -60.68 40.90 1.77
C ASN F 437 -62.06 41.41 1.34
N LEU F 438 -62.09 42.45 0.50
CA LEU F 438 -63.34 42.95 -0.02
C LEU F 438 -63.99 41.96 -0.97
N TRP F 439 -63.20 41.20 -1.72
CA TRP F 439 -63.76 40.21 -2.63
C TRP F 439 -64.35 39.02 -1.89
N ALA F 440 -63.74 38.63 -0.76
CA ALA F 440 -64.16 37.45 -0.03
C ALA F 440 -65.11 37.75 1.14
N MET F 441 -65.37 39.02 1.43
CA MET F 441 -66.32 39.37 2.50
C MET F 441 -67.77 38.88 2.29
N PRO F 442 -68.43 39.02 1.12
CA PRO F 442 -69.85 38.59 1.04
C PRO F 442 -70.10 37.11 1.23
N VAL F 443 -69.16 36.24 0.83
CA VAL F 443 -69.30 34.80 1.07
C VAL F 443 -69.29 34.51 2.57
N GLN F 444 -68.38 35.16 3.30
CA GLN F 444 -68.31 35.02 4.75
C GLN F 444 -69.57 35.54 5.42
N ILE F 445 -70.12 36.65 4.92
CA ILE F 445 -71.37 37.20 5.47
C ILE F 445 -72.53 36.25 5.25
N ILE F 446 -72.64 35.67 4.05
CA ILE F 446 -73.74 34.75 3.73
C ILE F 446 -73.67 33.49 4.58
N VAL F 447 -72.48 32.88 4.66
CA VAL F 447 -72.32 31.65 5.45
C VAL F 447 -72.51 31.93 6.95
N GLY F 448 -72.08 33.10 7.43
CA GLY F 448 -72.31 33.45 8.83
C GLY F 448 -73.77 33.65 9.17
N VAL F 449 -74.53 34.29 8.28
CA VAL F 449 -75.97 34.47 8.50
C VAL F 449 -76.69 33.11 8.45
N ILE F 450 -76.27 32.23 7.54
CA ILE F 450 -76.87 30.90 7.44
C ILE F 450 -76.59 30.08 8.71
N LEU F 451 -75.36 30.15 9.22
CA LEU F 451 -75.03 29.42 10.45
C LEU F 451 -75.69 30.03 11.68
N LEU F 452 -75.89 31.36 11.68
CA LEU F 452 -76.64 31.99 12.75
C LEU F 452 -78.09 31.51 12.77
N TYR F 453 -78.71 31.39 11.59
CA TYR F 453 -80.06 30.83 11.51
C TYR F 453 -80.08 29.37 11.93
N TYR F 454 -79.02 28.63 11.60
CA TYR F 454 -78.95 27.21 11.97
C TYR F 454 -78.82 27.05 13.48
N ILE F 455 -78.11 27.94 14.16
CA ILE F 455 -77.94 27.81 15.60
C ILE F 455 -79.14 28.41 16.35
N LEU F 456 -79.53 29.65 16.00
CA LEU F 456 -80.58 30.34 16.73
C LEU F 456 -81.97 30.09 16.14
N GLY F 457 -82.18 30.48 14.88
CA GLY F 457 -83.49 30.39 14.28
C GLY F 457 -84.04 31.72 13.79
N VAL F 458 -85.30 32.00 14.11
CA VAL F 458 -85.93 33.25 13.69
C VAL F 458 -85.38 34.46 14.44
N SER F 459 -84.85 34.24 15.65
CA SER F 459 -84.21 35.33 16.40
C SER F 459 -82.98 35.84 15.67
N ALA F 460 -82.22 34.94 15.06
CA ALA F 460 -81.08 35.34 14.23
C ALA F 460 -81.53 36.11 12.99
N LEU F 461 -82.70 35.78 12.45
CA LEU F 461 -83.27 36.57 11.35
C LEU F 461 -83.62 37.97 11.82
N ILE F 462 -84.15 38.11 13.04
CA ILE F 462 -84.43 39.43 13.60
C ILE F 462 -83.14 40.22 13.81
N GLY F 463 -82.10 39.58 14.33
CA GLY F 463 -80.82 40.25 14.52
C GLY F 463 -80.15 40.67 13.22
N ALA F 464 -80.23 39.80 12.20
CA ALA F 464 -79.74 40.16 10.87
C ALA F 464 -80.56 41.28 10.26
N ALA F 465 -81.87 41.33 10.55
CA ALA F 465 -82.70 42.46 10.11
C ALA F 465 -82.29 43.75 10.80
N VAL F 466 -81.90 43.67 12.09
CA VAL F 466 -81.40 44.84 12.80
C VAL F 466 -80.09 45.33 12.19
N ILE F 467 -79.22 44.39 11.78
CA ILE F 467 -77.98 44.76 11.08
C ILE F 467 -78.28 45.39 9.72
N ILE F 468 -79.24 44.80 8.98
CA ILE F 468 -79.57 45.26 7.63
C ILE F 468 -80.26 46.63 7.66
N LEU F 469 -81.04 46.92 8.70
CA LEU F 469 -81.81 48.17 8.76
C LEU F 469 -80.95 49.42 8.90
N LEU F 470 -79.67 49.28 9.24
CA LEU F 470 -78.76 50.42 9.32
C LEU F 470 -77.79 50.46 8.13
N ALA F 471 -77.98 49.59 7.13
CA ALA F 471 -77.16 49.66 5.92
C ALA F 471 -77.33 50.93 5.08
N PRO F 472 -78.54 51.53 4.89
CA PRO F 472 -78.57 52.86 4.25
C PRO F 472 -77.82 53.94 5.02
N VAL F 473 -77.84 53.89 6.36
CA VAL F 473 -77.06 54.84 7.14
C VAL F 473 -75.57 54.60 6.94
N GLN F 474 -75.17 53.33 6.84
CA GLN F 474 -73.78 52.98 6.57
C GLN F 474 -73.34 53.47 5.20
N TYR F 475 -74.20 53.34 4.19
CA TYR F 475 -73.90 53.81 2.86
C TYR F 475 -73.82 55.34 2.79
N PHE F 476 -74.69 56.02 3.53
CA PHE F 476 -74.66 57.48 3.63
C PHE F 476 -73.36 57.96 4.27
N VAL F 477 -72.95 57.29 5.36
CA VAL F 477 -71.69 57.64 6.03
C VAL F 477 -70.50 57.36 5.12
N ALA F 478 -70.55 56.25 4.36
CA ALA F 478 -69.46 55.91 3.44
C ALA F 478 -69.33 56.92 2.30
N THR F 479 -70.47 57.39 1.76
CA THR F 479 -70.43 58.40 0.71
C THR F 479 -69.90 59.74 1.24
N LYS F 480 -70.29 60.11 2.47
CA LYS F 480 -69.77 61.34 3.07
C LYS F 480 -68.27 61.22 3.35
N LEU F 481 -67.81 60.04 3.77
CA LEU F 481 -66.38 59.81 3.97
C LEU F 481 -65.61 59.90 2.66
N SER F 482 -66.18 59.36 1.58
CA SER F 482 -65.53 59.44 0.27
C SER F 482 -65.41 60.89 -0.21
N GLN F 483 -66.46 61.68 -0.03
CA GLN F 483 -66.41 63.10 -0.39
C GLN F 483 -65.40 63.86 0.45
N ALA F 484 -65.36 63.58 1.76
CA ALA F 484 -64.41 64.25 2.66
C ALA F 484 -62.97 63.89 2.32
N GLN F 485 -62.70 62.63 1.96
CA GLN F 485 -61.34 62.25 1.60
C GLN F 485 -60.93 62.79 0.24
N ARG F 486 -61.88 62.94 -0.70
CA ARG F 486 -61.59 63.61 -1.96
C ARG F 486 -61.20 65.06 -1.73
N SER F 487 -61.94 65.75 -0.86
CA SER F 487 -61.59 67.14 -0.52
C SER F 487 -60.25 67.22 0.20
N THR F 488 -59.95 66.22 1.06
CA THR F 488 -58.69 66.18 1.78
C THR F 488 -57.51 66.00 0.83
N LEU F 489 -57.63 65.08 -0.13
CA LEU F 489 -56.56 64.88 -1.13
C LEU F 489 -56.38 66.10 -2.01
N GLU F 490 -57.49 66.72 -2.42
CA GLU F 490 -57.43 67.92 -3.26
C GLU F 490 -56.73 69.09 -2.55
N HIS F 491 -57.03 69.28 -1.26
CA HIS F 491 -56.36 70.34 -0.53
C HIS F 491 -54.92 69.99 -0.16
N SER F 492 -54.64 68.70 0.09
CA SER F 492 -53.29 68.29 0.47
C SER F 492 -52.30 68.43 -0.68
N ASN F 493 -52.74 68.16 -1.92
CA ASN F 493 -51.86 68.34 -3.07
C ASN F 493 -51.47 69.81 -3.24
N GLU F 494 -52.45 70.72 -3.09
CA GLU F 494 -52.17 72.15 -3.18
C GLU F 494 -51.27 72.62 -2.03
N ARG F 495 -51.48 72.08 -0.82
CA ARG F 495 -50.64 72.42 0.32
C ARG F 495 -49.20 71.96 0.10
N LEU F 496 -49.00 70.75 -0.44
CA LEU F 496 -47.66 70.27 -0.70
C LEU F 496 -46.97 71.06 -1.82
N LYS F 497 -47.74 71.47 -2.84
CA LYS F 497 -47.20 72.30 -3.90
C LYS F 497 -46.75 73.67 -3.37
N GLN F 498 -47.57 74.29 -2.53
CA GLN F 498 -47.20 75.59 -1.95
C GLN F 498 -46.04 75.47 -0.97
N THR F 499 -45.98 74.38 -0.20
CA THR F 499 -44.87 74.17 0.72
C THR F 499 -43.57 73.92 -0.04
N ASN F 500 -43.63 73.18 -1.15
CA ASN F 500 -42.44 72.96 -1.96
C ASN F 500 -41.94 74.26 -2.59
N GLU F 501 -42.85 75.07 -3.14
CA GLU F 501 -42.41 76.34 -3.73
C GLU F 501 -41.97 77.36 -2.68
N MET F 502 -42.44 77.21 -1.43
CA MET F 502 -41.91 78.05 -0.35
C MET F 502 -40.52 77.60 0.09
N LEU F 503 -40.29 76.29 0.17
CA LEU F 503 -39.01 75.79 0.65
C LEU F 503 -37.91 75.98 -0.38
N ARG F 504 -38.23 75.83 -1.68
CA ARG F 504 -37.20 76.00 -2.69
C ARG F 504 -36.79 77.46 -2.86
N GLY F 505 -37.72 78.39 -2.64
CA GLY F 505 -37.42 79.80 -2.73
C GLY F 505 -37.39 80.50 -1.38
N MET F 506 -36.80 79.83 -0.37
CA MET F 506 -36.82 80.36 0.98
C MET F 506 -35.92 81.58 1.14
N LYS F 507 -34.81 81.64 0.39
CA LYS F 507 -33.86 82.75 0.51
C LYS F 507 -34.49 84.06 0.04
N LEU F 508 -35.25 84.02 -1.06
CA LEU F 508 -35.92 85.22 -1.55
C LEU F 508 -37.02 85.66 -0.58
N LEU F 509 -37.71 84.71 0.05
CA LEU F 509 -38.74 85.05 1.01
C LEU F 509 -38.16 85.64 2.29
N LYS F 510 -36.98 85.17 2.71
CA LYS F 510 -36.32 85.78 3.86
C LYS F 510 -35.78 87.16 3.53
N LEU F 511 -35.20 87.33 2.34
CA LEU F 511 -34.64 88.62 1.95
C LEU F 511 -35.72 89.68 1.73
N TYR F 512 -36.90 89.29 1.26
CA TYR F 512 -38.00 90.21 1.05
C TYR F 512 -38.95 90.26 2.24
N ALA F 513 -38.68 89.49 3.30
CA ALA F 513 -39.52 89.36 4.50
C ALA F 513 -40.95 88.93 4.14
N TRP F 514 -41.07 88.01 3.19
CA TRP F 514 -42.36 87.47 2.76
C TRP F 514 -42.60 86.06 3.26
N GLU F 515 -41.84 85.63 4.28
CA GLU F 515 -41.98 84.27 4.82
C GLU F 515 -43.33 84.08 5.51
N SER F 516 -43.80 85.10 6.24
CA SER F 516 -45.06 84.99 6.95
C SER F 516 -46.26 84.99 6.01
N ILE F 517 -46.16 85.68 4.87
CA ILE F 517 -47.27 85.73 3.92
C ILE F 517 -47.48 84.37 3.26
N PHE F 518 -46.40 83.76 2.78
CA PHE F 518 -46.49 82.44 2.16
C PHE F 518 -46.80 81.37 3.19
N CYS F 519 -46.31 81.53 4.43
CA CYS F 519 -46.72 80.65 5.53
C CYS F 519 -48.21 80.76 5.81
N SER F 520 -48.77 81.98 5.70
CA SER F 520 -50.21 82.16 5.88
C SER F 520 -51.01 81.54 4.75
N ARG F 521 -50.49 81.59 3.51
CA ARG F 521 -51.17 80.92 2.40
C ARG F 521 -51.19 79.40 2.56
N VAL F 522 -50.06 78.83 3.00
CA VAL F 522 -50.00 77.41 3.32
C VAL F 522 -50.93 77.07 4.50
N GLU F 523 -51.05 78.00 5.46
CA GLU F 523 -51.98 77.84 6.57
C GLU F 523 -53.44 77.86 6.11
N VAL F 524 -53.76 78.68 5.11
CA VAL F 524 -55.12 78.72 4.56
C VAL F 524 -55.47 77.41 3.87
N THR F 525 -54.53 76.90 3.04
CA THR F 525 -54.75 75.62 2.38
C THR F 525 -54.84 74.47 3.39
N ARG F 526 -53.99 74.51 4.43
CA ARG F 526 -54.06 73.54 5.51
C ARG F 526 -55.35 73.66 6.31
N ARG F 527 -55.91 74.87 6.43
CA ARG F 527 -57.18 75.06 7.13
C ARG F 527 -58.34 74.44 6.35
N LYS F 528 -58.32 74.57 5.03
CA LYS F 528 -59.32 73.88 4.20
C LYS F 528 -59.17 72.36 4.31
N GLU F 529 -57.91 71.88 4.31
CA GLU F 529 -57.65 70.45 4.50
C GLU F 529 -58.11 69.96 5.87
N MET F 530 -57.94 70.80 6.90
CA MET F 530 -58.37 70.43 8.24
C MET F 530 -59.88 70.46 8.39
N THR F 531 -60.57 71.32 7.62
CA THR F 531 -62.03 71.28 7.58
C THR F 531 -62.52 69.96 6.97
N SER F 532 -61.89 69.55 5.86
CA SER F 532 -62.23 68.26 5.25
C SER F 532 -61.89 67.09 6.16
N LEU F 533 -60.75 67.17 6.86
CA LEU F 533 -60.36 66.14 7.82
C LEU F 533 -61.28 66.09 9.03
N ARG F 534 -61.81 67.25 9.46
CA ARG F 534 -62.76 67.27 10.57
C ARG F 534 -64.08 66.62 10.17
N ALA F 535 -64.54 66.87 8.93
CA ALA F 535 -65.72 66.20 8.42
C ALA F 535 -65.50 64.68 8.33
N PHE F 536 -64.32 64.27 7.84
CA PHE F 536 -63.98 62.86 7.77
C PHE F 536 -63.92 62.22 9.15
N ALA F 537 -63.36 62.92 10.14
CA ALA F 537 -63.24 62.36 11.47
C ALA F 537 -64.59 62.28 12.19
N VAL F 538 -65.48 63.25 11.94
CA VAL F 538 -66.83 63.20 12.52
C VAL F 538 -67.60 62.01 11.95
N TYR F 539 -67.56 61.84 10.62
CA TYR F 539 -68.26 60.69 10.05
C TYR F 539 -67.54 59.36 10.34
N THR F 540 -66.23 59.38 10.60
CA THR F 540 -65.52 58.20 11.04
C THR F 540 -65.95 57.79 12.45
N SER F 541 -66.11 58.76 13.35
CA SER F 541 -66.60 58.46 14.69
C SER F 541 -68.03 57.95 14.66
N ILE F 542 -68.86 58.50 13.77
CA ILE F 542 -70.22 58.01 13.57
C ILE F 542 -70.20 56.57 13.07
N SER F 543 -69.31 56.27 12.12
CA SER F 543 -69.19 54.91 11.58
C SER F 543 -68.71 53.91 12.63
N ILE F 544 -67.75 54.31 13.46
CA ILE F 544 -67.23 53.42 14.50
C ILE F 544 -68.28 53.17 15.57
N PHE F 545 -69.02 54.21 15.97
CA PHE F 545 -70.10 54.04 16.94
C PHE F 545 -71.23 53.17 16.38
N MET F 546 -71.55 53.35 15.10
CA MET F 546 -72.60 52.52 14.47
C MET F 546 -72.16 51.06 14.36
N ASN F 547 -70.91 50.82 13.94
CA ASN F 547 -70.42 49.46 13.79
C ASN F 547 -70.01 48.80 15.10
N THR F 548 -69.99 49.55 16.21
CA THR F 548 -69.82 48.94 17.52
C THR F 548 -71.11 48.85 18.33
N ALA F 549 -72.15 49.60 17.95
CA ALA F 549 -73.46 49.48 18.58
C ALA F 549 -74.41 48.55 17.84
N ILE F 550 -74.19 48.34 16.54
CA ILE F 550 -74.90 47.27 15.81
C ILE F 550 -74.69 45.88 16.43
N PRO F 551 -73.46 45.44 16.79
CA PRO F 551 -73.36 44.12 17.46
C PRO F 551 -74.04 44.05 18.82
N ILE F 552 -73.94 45.11 19.62
CA ILE F 552 -74.53 45.11 20.95
C ILE F 552 -76.06 45.09 20.86
N ALA F 553 -76.63 45.93 20.00
CA ALA F 553 -78.08 45.96 19.82
C ALA F 553 -78.58 44.66 19.18
N ALA F 554 -77.82 44.10 18.23
CA ALA F 554 -78.22 42.85 17.59
C ALA F 554 -78.21 41.69 18.59
N VAL F 555 -77.15 41.59 19.40
CA VAL F 555 -77.04 40.53 20.40
C VAL F 555 -78.13 40.68 21.47
N LEU F 556 -78.40 41.92 21.88
CA LEU F 556 -79.46 42.18 22.87
C LEU F 556 -80.84 41.81 22.33
N ILE F 557 -81.14 42.20 21.09
CA ILE F 557 -82.45 41.94 20.52
C ILE F 557 -82.65 40.45 20.25
N THR F 558 -81.59 39.75 19.81
CA THR F 558 -81.67 38.30 19.64
C THR F 558 -81.90 37.59 20.97
N PHE F 559 -81.08 37.91 21.98
CA PHE F 559 -81.16 37.17 23.24
C PHE F 559 -82.34 37.58 24.11
N VAL F 560 -83.00 38.70 23.81
CA VAL F 560 -84.28 39.00 24.44
C VAL F 560 -85.42 38.34 23.68
N GLY F 561 -85.41 38.40 22.34
CA GLY F 561 -86.45 37.77 21.54
C GLY F 561 -86.40 36.25 21.53
N HIS F 562 -85.26 35.66 21.88
CA HIS F 562 -85.15 34.20 21.93
C HIS F 562 -85.88 33.60 23.11
N VAL F 563 -86.16 34.39 24.16
CA VAL F 563 -86.82 33.90 25.35
C VAL F 563 -88.15 34.61 25.62
N SER F 564 -88.20 35.93 25.44
CA SER F 564 -89.42 36.67 25.74
C SER F 564 -90.43 36.59 24.61
N PHE F 565 -89.96 36.58 23.36
CA PHE F 565 -90.87 36.56 22.21
C PHE F 565 -91.11 35.15 21.70
N PHE F 566 -90.03 34.40 21.42
CA PHE F 566 -90.13 33.05 20.91
C PHE F 566 -89.85 32.04 22.02
N LYS F 567 -90.49 30.87 21.91
CA LYS F 567 -90.29 29.77 22.84
C LYS F 567 -89.92 28.49 22.10
N GLU F 568 -89.16 28.62 21.01
CA GLU F 568 -88.83 27.46 20.18
C GLU F 568 -87.86 26.52 20.89
N SER F 569 -86.86 27.06 21.56
CA SER F 569 -85.89 26.27 22.29
C SER F 569 -85.42 27.04 23.52
N ASP F 570 -84.73 26.34 24.40
CA ASP F 570 -84.07 26.99 25.52
C ASP F 570 -82.90 27.83 25.03
N LEU F 571 -82.46 28.76 25.88
CA LEU F 571 -81.35 29.64 25.50
C LEU F 571 -80.05 28.87 25.37
N SER F 572 -79.59 28.24 26.48
CA SER F 572 -78.44 27.36 26.65
C SER F 572 -77.10 28.08 26.44
N PRO F 573 -76.04 27.67 27.14
CA PRO F 573 -74.74 28.34 26.93
C PRO F 573 -74.12 28.04 25.57
N SER F 574 -74.40 26.85 24.99
CA SER F 574 -73.80 26.48 23.72
C SER F 574 -74.32 27.36 22.58
N VAL F 575 -75.65 27.49 22.48
CA VAL F 575 -76.28 28.31 21.44
C VAL F 575 -75.88 29.77 21.60
N ALA F 576 -75.93 30.28 22.84
CA ALA F 576 -75.66 31.69 23.10
C ALA F 576 -74.21 32.05 22.81
N PHE F 577 -73.25 31.24 23.26
CA PHE F 577 -71.86 31.58 23.03
C PHE F 577 -71.40 31.29 21.61
N ALA F 578 -71.97 30.27 20.95
CA ALA F 578 -71.69 30.06 19.53
C ALA F 578 -72.23 31.20 18.68
N SER F 579 -73.44 31.70 19.00
CA SER F 579 -73.98 32.85 18.30
C SER F 579 -73.21 34.12 18.61
N LEU F 580 -72.66 34.24 19.82
CA LEU F 580 -71.81 35.38 20.18
C LEU F 580 -70.54 35.39 19.35
N SER F 581 -69.90 34.21 19.19
CA SER F 581 -68.72 34.08 18.35
C SER F 581 -69.05 34.38 16.89
N LEU F 582 -70.18 33.89 16.40
CA LEU F 582 -70.59 34.14 15.01
C LEU F 582 -70.87 35.62 14.77
N PHE F 583 -71.53 36.29 15.73
CA PHE F 583 -71.80 37.71 15.62
C PHE F 583 -70.51 38.52 15.59
N HIS F 584 -69.55 38.18 16.47
CA HIS F 584 -68.28 38.89 16.49
C HIS F 584 -67.49 38.69 15.20
N ILE F 585 -67.49 37.46 14.67
CA ILE F 585 -66.78 37.18 13.43
C ILE F 585 -67.42 37.92 12.26
N LEU F 586 -68.76 38.01 12.24
CA LEU F 586 -69.43 38.71 11.17
C LEU F 586 -69.25 40.23 11.25
N VAL F 587 -69.14 40.79 12.47
CA VAL F 587 -69.01 42.25 12.58
C VAL F 587 -67.57 42.74 12.63
N THR F 588 -66.59 41.84 12.73
CA THR F 588 -65.19 42.27 12.64
C THR F 588 -64.79 42.94 11.31
N PRO F 589 -65.21 42.50 10.10
CA PRO F 589 -64.87 43.31 8.91
C PRO F 589 -65.56 44.66 8.84
N LEU F 590 -66.70 44.85 9.53
CA LEU F 590 -67.39 46.13 9.51
C LEU F 590 -66.70 47.20 10.37
N PHE F 591 -65.72 46.81 11.19
CA PHE F 591 -65.01 47.76 12.04
C PHE F 591 -64.14 48.71 11.24
N LEU F 592 -63.58 48.25 10.12
CA LEU F 592 -62.61 49.02 9.33
C LEU F 592 -63.23 49.64 8.09
N LEU F 593 -64.51 50.05 8.17
CA LEU F 593 -65.20 50.63 7.01
C LEU F 593 -64.59 51.95 6.59
N SER F 594 -64.20 52.78 7.56
CA SER F 594 -63.61 54.08 7.26
C SER F 594 -62.26 53.94 6.55
N SER F 595 -61.42 53.00 7.03
CA SER F 595 -60.13 52.76 6.39
C SER F 595 -60.32 52.15 5.00
N VAL F 596 -61.31 51.26 4.85
CA VAL F 596 -61.58 50.64 3.55
C VAL F 596 -62.05 51.68 2.53
N VAL F 597 -62.97 52.56 2.93
CA VAL F 597 -63.48 53.56 1.99
C VAL F 597 -62.41 54.62 1.71
N ARG F 598 -61.54 54.92 2.68
CA ARG F 598 -60.45 55.86 2.46
C ARG F 598 -59.44 55.30 1.46
N SER F 599 -59.07 54.03 1.63
CA SER F 599 -58.13 53.38 0.70
C SER F 599 -58.73 53.25 -0.70
N THR F 600 -60.03 52.92 -0.78
CA THR F 600 -60.69 52.78 -2.07
C THR F 600 -60.77 54.11 -2.82
N VAL F 601 -61.13 55.19 -2.12
CA VAL F 601 -61.25 56.46 -2.82
C VAL F 601 -59.87 57.06 -3.12
N LYS F 602 -58.85 56.76 -2.31
CA LYS F 602 -57.49 57.17 -2.63
C LYS F 602 -56.97 56.42 -3.87
N ALA F 603 -57.34 55.15 -4.00
CA ALA F 603 -57.01 54.39 -5.21
C ALA F 603 -57.72 54.95 -6.44
N LEU F 604 -58.99 55.33 -6.30
CA LEU F 604 -59.73 55.88 -7.43
C LEU F 604 -59.14 57.21 -7.89
N VAL F 605 -58.77 58.08 -6.93
CA VAL F 605 -58.13 59.34 -7.26
C VAL F 605 -56.75 59.12 -7.89
N SER F 606 -55.99 58.16 -7.36
CA SER F 606 -54.66 57.85 -7.89
C SER F 606 -54.73 57.30 -9.32
N VAL F 607 -55.68 56.41 -9.58
CA VAL F 607 -55.85 55.84 -10.92
C VAL F 607 -56.33 56.91 -11.90
N GLN F 608 -57.20 57.82 -11.43
CA GLN F 608 -57.69 58.90 -12.29
C GLN F 608 -56.57 59.85 -12.70
N LYS F 609 -55.73 60.27 -11.74
CA LYS F 609 -54.64 61.17 -12.10
C LYS F 609 -53.50 60.45 -12.83
N LEU F 610 -53.33 59.15 -12.60
CA LEU F 610 -52.41 58.36 -13.43
C LEU F 610 -52.88 58.32 -14.87
N SER F 611 -54.18 58.17 -15.08
CA SER F 611 -54.74 58.20 -16.43
C SER F 611 -54.63 59.59 -17.06
N GLU F 612 -54.77 60.64 -16.24
CA GLU F 612 -54.55 61.99 -16.75
C GLU F 612 -53.10 62.22 -17.17
N PHE F 613 -52.15 61.66 -16.41
CA PHE F 613 -50.74 61.82 -16.76
C PHE F 613 -50.35 60.99 -17.97
N LEU F 614 -50.85 59.75 -18.07
CA LEU F 614 -50.50 58.89 -19.20
C LEU F 614 -51.15 59.33 -20.50
N SER F 615 -52.22 60.12 -20.44
CA SER F 615 -52.90 60.63 -21.63
C SER F 615 -52.56 62.09 -21.90
N SER F 616 -51.37 62.53 -21.52
CA SER F 616 -50.94 63.91 -21.73
C SER F 616 -50.17 64.02 -23.06
N ALA F 617 -49.66 65.21 -23.34
CA ALA F 617 -48.98 65.47 -24.59
C ALA F 617 -47.61 64.82 -24.63
N GLU F 618 -47.14 64.52 -25.84
CA GLU F 618 -45.87 63.84 -26.07
C GLU F 618 -45.03 64.63 -27.07
N ILE F 619 -43.83 64.12 -27.34
CA ILE F 619 -42.95 64.68 -28.36
C ILE F 619 -43.15 63.89 -29.66
N ARG F 620 -43.46 64.61 -30.73
CA ARG F 620 -43.70 63.96 -32.02
C ARG F 620 -42.38 63.52 -32.64
N GLU F 621 -42.41 62.39 -33.35
CA GLU F 621 -41.22 61.81 -33.94
C GLU F 621 -40.74 62.62 -35.15
N ASP F 675 -24.32 67.05 -45.85
CA ASP F 675 -23.15 67.49 -46.60
C ASP F 675 -22.14 68.20 -45.68
N ASN F 676 -21.96 69.50 -45.90
CA ASN F 676 -21.05 70.30 -45.09
C ASN F 676 -21.72 70.94 -43.89
N PHE F 677 -23.02 70.69 -43.68
CA PHE F 677 -23.76 71.25 -42.57
C PHE F 677 -24.12 70.16 -41.55
N CYS F 678 -24.32 70.59 -40.31
CA CYS F 678 -24.74 69.70 -39.23
C CYS F 678 -26.26 69.71 -39.08
N VAL F 679 -26.83 70.89 -38.81
CA VAL F 679 -28.26 71.07 -38.68
C VAL F 679 -28.74 72.03 -39.76
N GLN F 680 -29.98 71.84 -40.21
CA GLN F 680 -30.59 72.77 -41.15
C GLN F 680 -32.09 72.81 -40.90
N ILE F 681 -32.67 73.99 -40.94
CA ILE F 681 -34.11 74.17 -40.81
C ILE F 681 -34.58 75.00 -42.01
N ILE F 682 -35.66 74.54 -42.65
CA ILE F 682 -36.27 75.25 -43.77
C ILE F 682 -37.70 75.58 -43.39
N GLY F 683 -37.98 76.87 -43.20
CA GLY F 683 -39.33 77.37 -42.95
C GLY F 683 -39.96 76.88 -41.67
N GLY F 684 -39.17 76.69 -40.62
CA GLY F 684 -39.66 76.07 -39.40
C GLY F 684 -40.53 76.94 -38.52
N PHE F 685 -41.81 76.56 -38.38
CA PHE F 685 -42.72 77.16 -37.43
C PHE F 685 -42.91 76.19 -36.27
N PHE F 686 -42.53 76.63 -35.06
CA PHE F 686 -42.54 75.81 -33.85
C PHE F 686 -43.28 76.55 -32.75
N THR F 687 -44.08 75.80 -31.97
CA THR F 687 -44.86 76.35 -30.87
C THR F 687 -44.57 75.60 -29.58
N TRP F 688 -44.38 76.35 -28.48
CA TRP F 688 -44.38 75.73 -27.16
C TRP F 688 -45.76 75.19 -26.80
N THR F 689 -46.78 76.02 -26.95
CA THR F 689 -48.15 75.61 -26.68
C THR F 689 -48.63 74.63 -27.76
N PRO F 690 -49.61 73.78 -27.47
CA PRO F 690 -50.10 72.85 -28.51
C PRO F 690 -50.80 73.53 -29.67
N ASP F 691 -51.63 74.55 -29.41
CA ASP F 691 -52.41 75.20 -30.46
C ASP F 691 -52.39 76.71 -30.28
N GLY F 692 -51.20 77.28 -30.05
CA GLY F 692 -51.05 78.69 -29.82
C GLY F 692 -50.27 79.40 -30.92
N ILE F 693 -49.88 80.64 -30.60
CA ILE F 693 -49.07 81.47 -31.50
C ILE F 693 -47.68 80.85 -31.64
N PRO F 694 -47.12 80.77 -32.85
CA PRO F 694 -45.77 80.22 -33.02
C PRO F 694 -44.71 81.11 -32.40
N THR F 695 -43.98 80.54 -31.42
CA THR F 695 -42.87 81.24 -30.80
C THR F 695 -41.69 81.39 -31.74
N LEU F 696 -41.58 80.52 -32.75
CA LEU F 696 -40.59 80.63 -33.80
C LEU F 696 -41.29 80.67 -35.15
N SER F 697 -40.85 81.56 -36.03
CA SER F 697 -41.46 81.73 -37.34
C SER F 697 -40.38 81.95 -38.39
N ASN F 698 -40.52 81.24 -39.52
CA ASN F 698 -39.62 81.33 -40.68
C ASN F 698 -38.16 81.07 -40.29
N ILE F 699 -37.95 80.02 -39.50
CA ILE F 699 -36.61 79.68 -39.04
C ILE F 699 -35.83 79.06 -40.19
N THR F 700 -34.72 79.69 -40.55
CA THR F 700 -33.85 79.19 -41.63
C THR F 700 -32.41 79.30 -41.13
N ILE F 701 -31.85 78.17 -40.69
CA ILE F 701 -30.49 78.12 -40.19
C ILE F 701 -29.69 77.10 -40.99
N ARG F 702 -28.40 77.37 -41.15
CA ARG F 702 -27.45 76.42 -41.76
C ARG F 702 -26.22 76.39 -40.86
N ILE F 703 -26.25 75.53 -39.86
CA ILE F 703 -25.12 75.38 -38.93
C ILE F 703 -24.04 74.55 -39.60
N PRO F 704 -22.82 75.05 -39.74
CA PRO F 704 -21.73 74.22 -40.27
C PRO F 704 -21.24 73.22 -39.24
N ARG F 705 -20.63 72.15 -39.74
CA ARG F 705 -20.08 71.11 -38.89
C ARG F 705 -18.59 71.32 -38.67
N GLY F 706 -18.14 71.06 -37.44
CA GLY F 706 -16.76 71.32 -37.08
C GLY F 706 -16.42 72.77 -36.86
N GLN F 707 -17.41 73.64 -36.76
CA GLN F 707 -17.20 75.07 -36.60
C GLN F 707 -18.00 75.59 -35.42
N LEU F 708 -17.72 76.84 -35.04
CA LEU F 708 -18.39 77.49 -33.92
C LEU F 708 -19.48 78.41 -34.46
N THR F 709 -20.73 78.12 -34.08
CA THR F 709 -21.89 78.91 -34.44
C THR F 709 -22.41 79.60 -33.19
N MET F 710 -22.57 80.92 -33.25
CA MET F 710 -23.00 81.71 -32.11
C MET F 710 -24.37 82.30 -32.37
N ILE F 711 -25.31 82.03 -31.48
CA ILE F 711 -26.66 82.58 -31.55
C ILE F 711 -26.73 83.77 -30.62
N VAL F 712 -27.05 84.94 -31.15
CA VAL F 712 -27.04 86.18 -30.40
C VAL F 712 -28.37 86.89 -30.59
N GLY F 713 -28.82 87.56 -29.54
CA GLY F 713 -30.07 88.30 -29.59
C GLY F 713 -30.42 88.86 -28.23
N GLN F 714 -31.62 89.45 -28.15
CA GLN F 714 -32.06 90.09 -26.92
C GLN F 714 -32.77 89.08 -26.02
N VAL F 715 -33.43 89.56 -24.98
CA VAL F 715 -34.08 88.70 -23.99
C VAL F 715 -35.39 88.19 -24.55
N GLY F 716 -35.56 86.88 -24.56
CA GLY F 716 -36.78 86.25 -25.07
C GLY F 716 -36.98 86.39 -26.56
N CYS F 717 -35.92 86.22 -27.35
CA CYS F 717 -35.98 86.37 -28.79
C CYS F 717 -35.90 85.04 -29.55
N GLY F 718 -35.89 83.91 -28.84
CA GLY F 718 -35.96 82.61 -29.47
C GLY F 718 -34.69 81.77 -29.49
N LYS F 719 -33.67 82.11 -28.69
CA LYS F 719 -32.38 81.42 -28.78
C LYS F 719 -32.45 80.00 -28.21
N SER F 720 -32.89 79.87 -26.95
CA SER F 720 -33.12 78.55 -26.37
C SER F 720 -34.25 77.81 -27.08
N SER F 721 -35.23 78.54 -27.60
CA SER F 721 -36.29 77.93 -28.39
C SER F 721 -35.76 77.33 -29.69
N LEU F 722 -34.82 78.03 -30.36
CA LEU F 722 -34.19 77.47 -31.54
C LEU F 722 -33.33 76.25 -31.19
N LEU F 723 -32.61 76.32 -30.06
CA LEU F 723 -31.77 75.22 -29.61
C LEU F 723 -32.59 73.97 -29.30
N LEU F 724 -33.79 74.15 -28.74
CA LEU F 724 -34.64 73.00 -28.45
C LEU F 724 -35.56 72.63 -29.61
N ALA F 725 -35.72 73.51 -30.60
CA ALA F 725 -36.45 73.15 -31.81
C ALA F 725 -35.62 72.28 -32.73
N THR F 726 -34.30 72.45 -32.72
CA THR F 726 -33.45 71.50 -33.43
C THR F 726 -33.46 70.13 -32.76
N LEU F 727 -33.57 70.09 -31.44
CA LEU F 727 -33.54 68.82 -30.70
C LEU F 727 -34.87 68.09 -30.70
N GLY F 728 -35.94 68.71 -31.19
CA GLY F 728 -37.26 68.08 -31.18
C GLY F 728 -38.01 68.21 -29.88
N GLU F 729 -37.52 69.02 -28.94
CA GLU F 729 -38.20 69.23 -27.65
C GLU F 729 -39.40 70.15 -27.76
N MET F 730 -39.57 70.86 -28.87
CA MET F 730 -40.68 71.77 -29.08
C MET F 730 -41.50 71.30 -30.27
N GLN F 731 -42.83 71.39 -30.13
CA GLN F 731 -43.74 70.94 -31.18
C GLN F 731 -43.62 71.80 -32.43
N LYS F 732 -43.53 71.14 -33.59
CA LYS F 732 -43.36 71.81 -34.86
C LYS F 732 -44.71 71.95 -35.56
N VAL F 733 -45.02 73.16 -36.01
CA VAL F 733 -46.20 73.37 -36.84
C VAL F 733 -45.87 73.22 -38.32
N SER F 734 -44.75 73.78 -38.78
CA SER F 734 -44.44 73.75 -40.20
C SER F 734 -42.93 73.73 -40.41
N GLY F 735 -42.54 73.51 -41.67
CA GLY F 735 -41.14 73.48 -42.03
C GLY F 735 -40.53 72.10 -41.92
N ALA F 736 -39.23 72.04 -42.21
CA ALA F 736 -38.48 70.79 -42.18
C ALA F 736 -37.19 70.97 -41.42
N VAL F 737 -36.79 69.94 -40.68
CA VAL F 737 -35.53 69.91 -39.95
C VAL F 737 -34.70 68.75 -40.50
N PHE F 738 -33.47 69.05 -40.90
CA PHE F 738 -32.55 68.08 -41.47
C PHE F 738 -31.31 67.98 -40.59
N TRP F 739 -30.92 66.74 -40.27
CA TRP F 739 -29.68 66.46 -39.57
C TRP F 739 -28.79 65.60 -40.47
N ASN F 740 -27.56 66.07 -40.70
CA ASN F 740 -26.59 65.33 -41.50
C ASN F 740 -25.51 64.69 -40.63
N SER F 741 -25.79 64.49 -39.33
CA SER F 741 -24.83 63.89 -38.42
C SER F 741 -24.64 62.40 -38.68
N SER F 766 -33.09 60.77 -36.82
CA SER F 766 -31.69 60.45 -37.00
C SER F 766 -30.79 61.60 -36.53
N ARG F 767 -31.18 62.23 -35.43
CA ARG F 767 -30.39 63.31 -34.87
C ARG F 767 -29.10 62.80 -34.24
N GLY F 768 -29.19 61.72 -33.47
CA GLY F 768 -28.07 61.23 -32.71
C GLY F 768 -27.91 62.00 -31.41
N PRO F 769 -26.87 61.69 -30.64
CA PRO F 769 -26.62 62.45 -29.41
C PRO F 769 -26.15 63.86 -29.70
N VAL F 770 -26.52 64.77 -28.80
CA VAL F 770 -26.06 66.16 -28.82
C VAL F 770 -25.65 66.52 -27.40
N ALA F 771 -24.41 66.99 -27.23
CA ALA F 771 -23.95 67.43 -25.92
C ALA F 771 -24.62 68.74 -25.56
N TYR F 772 -25.43 68.72 -24.50
CA TYR F 772 -26.29 69.86 -24.18
C TYR F 772 -25.99 70.36 -22.76
N ALA F 773 -25.77 71.67 -22.65
CA ALA F 773 -25.68 72.36 -21.37
C ALA F 773 -26.80 73.38 -21.32
N SER F 774 -27.81 73.11 -20.50
CA SER F 774 -28.99 73.97 -20.41
C SER F 774 -28.64 75.29 -19.72
N GLN F 775 -29.50 76.28 -19.93
CA GLN F 775 -29.29 77.60 -19.32
C GLN F 775 -29.45 77.54 -17.81
N LYS F 776 -30.44 76.80 -17.34
CA LYS F 776 -30.48 76.40 -15.94
C LYS F 776 -29.68 75.12 -15.79
N PRO F 777 -28.60 75.11 -15.01
CA PRO F 777 -27.73 73.92 -14.96
C PRO F 777 -28.39 72.78 -14.21
N TRP F 778 -28.34 71.60 -14.82
CA TRP F 778 -28.95 70.39 -14.27
C TRP F 778 -27.86 69.49 -13.70
N LEU F 779 -28.02 69.11 -12.43
CA LEU F 779 -27.03 68.28 -11.76
C LEU F 779 -27.71 67.05 -11.17
N LEU F 780 -27.15 65.89 -11.46
CA LEU F 780 -27.63 64.64 -10.87
C LEU F 780 -27.24 64.57 -9.40
N ASN F 781 -27.84 63.61 -8.69
CA ASN F 781 -27.59 63.43 -7.27
C ASN F 781 -26.27 62.70 -6.98
N ALA F 782 -25.48 62.38 -8.00
CA ALA F 782 -24.22 61.69 -7.85
C ALA F 782 -23.10 62.69 -7.58
N THR F 783 -21.86 62.23 -7.70
CA THR F 783 -20.69 63.02 -7.31
C THR F 783 -20.31 64.02 -8.41
N VAL F 784 -19.20 64.74 -8.17
CA VAL F 784 -18.66 65.64 -9.16
C VAL F 784 -18.17 64.88 -10.38
N GLU F 785 -17.44 63.78 -10.13
CA GLU F 785 -16.87 62.98 -11.21
C GLU F 785 -17.95 62.29 -12.03
N GLU F 786 -19.01 61.81 -11.37
CA GLU F 786 -20.10 61.16 -12.10
C GLU F 786 -20.95 62.18 -12.86
N ASN F 787 -21.03 63.42 -12.36
CA ASN F 787 -21.72 64.46 -13.11
C ASN F 787 -20.95 64.89 -14.34
N ILE F 788 -19.63 65.01 -14.22
CA ILE F 788 -18.81 65.41 -15.36
C ILE F 788 -18.73 64.28 -16.39
N THR F 789 -18.53 63.03 -15.93
CA THR F 789 -18.42 61.91 -16.86
C THR F 789 -19.76 61.61 -17.53
N PHE F 790 -20.82 61.46 -16.72
CA PHE F 790 -22.22 61.35 -17.17
C PHE F 790 -22.41 60.15 -18.11
N GLU F 791 -22.22 58.96 -17.52
CA GLU F 791 -22.34 57.65 -18.19
C GLU F 791 -21.38 57.54 -19.38
N SER F 792 -20.09 57.60 -19.06
CA SER F 792 -19.03 57.56 -20.06
C SER F 792 -17.81 56.88 -19.44
N PRO F 793 -16.93 56.29 -20.25
CA PRO F 793 -15.66 55.79 -19.73
C PRO F 793 -14.80 56.93 -19.18
N PHE F 794 -13.92 56.60 -18.22
CA PHE F 794 -13.33 57.63 -17.36
C PHE F 794 -12.33 58.49 -18.10
N ASN F 795 -11.23 57.90 -18.59
CA ASN F 795 -10.22 58.57 -19.45
C ASN F 795 -9.63 59.80 -18.76
N LYS F 796 -8.83 59.52 -17.72
CA LYS F 796 -8.33 60.53 -16.79
C LYS F 796 -7.54 61.65 -17.46
N GLN F 797 -6.87 61.35 -18.58
CA GLN F 797 -6.14 62.35 -19.34
C GLN F 797 -7.08 63.40 -19.92
N ARG F 798 -8.25 62.97 -20.40
CA ARG F 798 -9.26 63.93 -20.86
C ARG F 798 -9.94 64.63 -19.68
N TYR F 799 -10.10 63.92 -18.56
CA TYR F 799 -10.77 64.49 -17.39
C TYR F 799 -9.97 65.65 -16.80
N LYS F 800 -8.64 65.51 -16.75
CA LYS F 800 -7.79 66.61 -16.29
C LYS F 800 -7.89 67.83 -17.21
N MET F 801 -7.96 67.59 -18.53
CA MET F 801 -8.07 68.70 -19.48
C MET F 801 -9.41 69.41 -19.35
N VAL F 802 -10.50 68.66 -19.12
CA VAL F 802 -11.81 69.28 -18.95
C VAL F 802 -11.86 70.07 -17.63
N ILE F 803 -11.25 69.52 -16.57
CA ILE F 803 -11.19 70.21 -15.28
C ILE F 803 -10.40 71.51 -15.39
N GLU F 804 -9.26 71.47 -16.10
CA GLU F 804 -8.45 72.69 -16.26
C GLU F 804 -9.10 73.69 -17.21
N ALA F 805 -9.83 73.21 -18.21
CA ALA F 805 -10.54 74.12 -19.11
C ALA F 805 -11.68 74.83 -18.41
N CYS F 806 -12.39 74.13 -17.53
CA CYS F 806 -13.43 74.79 -16.75
C CYS F 806 -12.89 75.45 -15.48
N SER F 807 -11.60 75.28 -15.18
CA SER F 807 -10.94 75.80 -13.98
C SER F 807 -11.65 75.34 -12.70
N LEU F 808 -12.11 74.09 -12.70
CA LEU F 808 -12.73 73.47 -11.54
C LEU F 808 -11.73 72.83 -10.59
N GLN F 809 -10.44 72.89 -10.92
CA GLN F 809 -9.40 72.34 -10.05
C GLN F 809 -9.30 73.00 -8.67
N PRO F 810 -9.37 74.35 -8.51
CA PRO F 810 -9.44 74.87 -7.14
C PRO F 810 -10.70 74.48 -6.37
N ASP F 811 -11.81 74.21 -7.06
CA ASP F 811 -13.04 73.82 -6.37
C ASP F 811 -12.95 72.41 -5.80
N ILE F 812 -12.27 71.50 -6.52
CA ILE F 812 -12.09 70.15 -6.00
C ILE F 812 -10.93 70.04 -5.03
N ASP F 813 -10.15 71.11 -4.87
CA ASP F 813 -9.19 71.20 -3.77
C ASP F 813 -9.84 71.69 -2.48
N ILE F 814 -11.11 72.08 -2.53
CA ILE F 814 -11.96 72.32 -1.38
C ILE F 814 -13.04 71.26 -1.51
N LEU F 815 -14.06 71.27 -0.61
CA LEU F 815 -15.19 70.36 -0.36
C LEU F 815 -14.65 69.16 0.42
N PRO F 816 -15.46 68.50 1.26
CA PRO F 816 -14.93 67.44 2.15
C PRO F 816 -14.29 66.25 1.46
N HIS F 817 -14.79 65.85 0.28
CA HIS F 817 -14.19 64.79 -0.52
C HIS F 817 -14.11 65.31 -1.95
N GLY F 818 -12.99 65.95 -2.30
CA GLY F 818 -12.76 66.50 -3.61
C GLY F 818 -12.83 65.47 -4.73
N ASP F 819 -13.59 65.79 -5.78
CA ASP F 819 -13.97 64.97 -6.93
C ASP F 819 -14.93 63.83 -6.56
N GLN F 820 -15.27 63.67 -5.27
CA GLN F 820 -16.15 62.60 -4.83
C GLN F 820 -17.33 63.10 -4.00
N THR F 821 -17.44 64.40 -3.77
CA THR F 821 -18.54 64.95 -2.97
C THR F 821 -19.87 64.83 -3.71
N GLN F 822 -20.92 64.45 -2.98
CA GLN F 822 -22.24 64.36 -3.57
C GLN F 822 -22.78 65.74 -3.90
N ILE F 823 -23.42 65.86 -5.06
CA ILE F 823 -23.76 67.12 -5.67
C ILE F 823 -25.27 67.18 -5.89
N GLY F 824 -25.86 68.34 -5.63
CA GLY F 824 -27.28 68.55 -5.90
C GLY F 824 -28.13 68.28 -4.67
N GLU F 825 -29.31 67.70 -4.86
CA GLU F 825 -30.10 67.26 -3.73
C GLU F 825 -29.44 66.06 -3.06
N ARG F 826 -29.58 65.99 -1.73
CA ARG F 826 -28.96 65.06 -0.80
C ARG F 826 -27.43 65.17 -0.77
N GLY F 827 -26.87 66.24 -1.33
CA GLY F 827 -25.44 66.48 -1.29
C GLY F 827 -25.14 67.89 -0.82
N ILE F 828 -23.89 68.32 -0.95
CA ILE F 828 -23.54 69.69 -0.54
C ILE F 828 -24.03 70.67 -1.59
N ASN F 829 -24.45 71.84 -1.13
CA ASN F 829 -24.90 72.90 -2.03
C ASN F 829 -23.69 73.61 -2.64
N LEU F 830 -23.79 73.91 -3.93
CA LEU F 830 -22.74 74.60 -4.64
C LEU F 830 -23.14 76.04 -4.94
N SER F 831 -22.14 76.84 -5.29
CA SER F 831 -22.41 78.14 -5.89
C SER F 831 -22.98 77.95 -7.28
N GLY F 832 -23.70 78.96 -7.77
CA GLY F 832 -24.31 78.89 -9.09
C GLY F 832 -23.28 78.82 -10.21
N GLY F 833 -22.16 79.51 -10.04
CA GLY F 833 -21.06 79.37 -10.98
C GLY F 833 -20.48 77.97 -11.01
N GLN F 834 -20.40 77.32 -9.84
CA GLN F 834 -19.90 75.95 -9.79
C GLN F 834 -20.85 74.98 -10.47
N ARG F 835 -22.16 75.17 -10.29
CA ARG F 835 -23.16 74.36 -10.99
C ARG F 835 -23.06 74.54 -12.50
N GLN F 836 -22.89 75.80 -12.94
CA GLN F 836 -22.74 76.10 -14.36
C GLN F 836 -21.48 75.44 -14.93
N ARG F 837 -20.36 75.51 -14.21
CA ARG F 837 -19.12 74.96 -14.74
C ARG F 837 -19.11 73.43 -14.71
N ILE F 838 -19.80 72.81 -13.76
CA ILE F 838 -19.90 71.35 -13.77
C ILE F 838 -20.80 70.88 -14.93
N SER F 839 -21.87 71.62 -15.21
CA SER F 839 -22.70 71.29 -16.37
C SER F 839 -21.94 71.47 -17.69
N VAL F 840 -21.16 72.55 -17.80
CA VAL F 840 -20.35 72.78 -19.00
C VAL F 840 -19.24 71.73 -19.10
N ALA F 841 -18.68 71.29 -17.97
CA ALA F 841 -17.67 70.24 -17.98
C ALA F 841 -18.26 68.90 -18.45
N ARG F 842 -19.50 68.62 -18.05
CA ARG F 842 -20.22 67.46 -18.57
C ARG F 842 -20.40 67.56 -20.08
N ALA F 843 -20.77 68.74 -20.58
CA ALA F 843 -20.96 68.93 -22.02
C ALA F 843 -19.64 68.80 -22.79
N LEU F 844 -18.56 69.36 -22.26
CA LEU F 844 -17.26 69.32 -22.94
C LEU F 844 -16.60 67.95 -22.87
N TYR F 845 -16.93 67.17 -21.85
CA TYR F 845 -16.21 65.93 -21.60
C TYR F 845 -16.54 64.85 -22.63
N GLN F 846 -17.79 64.78 -23.06
CA GLN F 846 -18.28 63.67 -23.87
C GLN F 846 -17.67 63.69 -25.27
N GLN F 847 -17.67 62.52 -25.91
CA GLN F 847 -17.21 62.41 -27.31
C GLN F 847 -18.40 62.44 -28.26
N THR F 848 -19.10 63.57 -28.24
CA THR F 848 -20.26 63.82 -29.07
C THR F 848 -19.89 64.86 -30.12
N ASN F 849 -20.32 64.62 -31.37
CA ASN F 849 -19.95 65.50 -32.47
C ASN F 849 -20.58 66.89 -32.34
N VAL F 850 -21.73 67.00 -31.69
CA VAL F 850 -22.46 68.25 -31.56
C VAL F 850 -22.48 68.67 -30.09
N VAL F 851 -22.09 69.91 -29.83
CA VAL F 851 -22.16 70.53 -28.51
C VAL F 851 -23.15 71.68 -28.58
N PHE F 852 -24.12 71.68 -27.68
CA PHE F 852 -25.06 72.78 -27.52
C PHE F 852 -24.81 73.44 -26.17
N LEU F 853 -24.44 74.72 -26.19
CA LEU F 853 -24.24 75.49 -24.98
C LEU F 853 -25.21 76.65 -24.97
N ASP F 854 -25.96 76.79 -23.89
CA ASP F 854 -26.99 77.81 -23.75
C ASP F 854 -26.61 78.69 -22.57
N ASP F 855 -25.97 79.83 -22.87
CA ASP F 855 -25.45 80.83 -21.93
C ASP F 855 -24.57 80.21 -20.85
N PRO F 856 -23.35 79.77 -21.19
CA PRO F 856 -22.48 79.17 -20.17
C PRO F 856 -21.72 80.20 -19.33
N PHE F 857 -21.82 81.48 -19.67
CA PHE F 857 -21.06 82.53 -19.00
C PHE F 857 -21.94 83.46 -18.19
N SER F 858 -23.17 83.03 -17.87
CA SER F 858 -24.10 83.89 -17.13
C SER F 858 -23.69 83.99 -15.66
N ALA F 859 -23.23 82.90 -15.06
CA ALA F 859 -22.88 82.86 -13.65
C ALA F 859 -21.40 83.06 -13.39
N LEU F 860 -20.60 83.35 -14.42
CA LEU F 860 -19.16 83.42 -14.30
C LEU F 860 -18.67 84.86 -14.51
N ASP F 861 -17.48 85.13 -13.99
CA ASP F 861 -16.84 86.43 -14.15
C ASP F 861 -16.04 86.46 -15.46
N VAL F 862 -15.20 87.48 -15.61
CA VAL F 862 -14.47 87.69 -16.86
C VAL F 862 -13.40 86.61 -17.06
N HIS F 863 -12.65 86.29 -16.00
CA HIS F 863 -11.50 85.39 -16.13
C HIS F 863 -11.94 83.95 -16.39
N LEU F 864 -12.97 83.48 -15.66
CA LEU F 864 -13.47 82.12 -15.86
C LEU F 864 -14.09 81.95 -17.23
N SER F 865 -14.85 82.95 -17.70
CA SER F 865 -15.45 82.89 -19.03
C SER F 865 -14.40 82.95 -20.12
N ASP F 866 -13.35 83.77 -19.93
CA ASP F 866 -12.28 83.86 -20.93
C ASP F 866 -11.48 82.56 -20.99
N HIS F 867 -11.18 81.95 -19.84
CA HIS F 867 -10.43 80.70 -19.85
C HIS F 867 -11.27 79.54 -20.38
N LEU F 868 -12.57 79.54 -20.08
CA LEU F 868 -13.45 78.52 -20.63
C LEU F 868 -13.65 78.71 -22.14
N MET F 869 -13.64 79.96 -22.60
CA MET F 869 -13.75 80.22 -24.03
C MET F 869 -12.49 79.80 -24.77
N GLN F 870 -11.31 80.10 -24.22
CA GLN F 870 -10.06 79.80 -24.91
C GLN F 870 -9.69 78.32 -24.80
N ALA F 871 -9.51 77.84 -23.56
CA ALA F 871 -9.03 76.48 -23.35
C ALA F 871 -10.12 75.44 -23.63
N GLY F 872 -11.37 75.80 -23.40
CA GLY F 872 -12.46 74.85 -23.56
C GLY F 872 -13.10 74.86 -24.94
N ILE F 873 -13.46 76.02 -25.45
CA ILE F 873 -14.19 76.10 -26.72
C ILE F 873 -13.22 76.19 -27.89
N LEU F 874 -12.25 77.10 -27.82
CA LEU F 874 -11.34 77.32 -28.94
C LEU F 874 -10.20 76.31 -29.00
N GLU F 875 -9.96 75.54 -27.94
CA GLU F 875 -8.87 74.57 -27.93
C GLU F 875 -9.34 73.14 -27.79
N LEU F 876 -10.15 72.83 -26.77
CA LEU F 876 -10.58 71.46 -26.55
C LEU F 876 -11.60 71.01 -27.59
N LEU F 877 -12.51 71.90 -27.98
CA LEU F 877 -13.54 71.53 -28.96
C LEU F 877 -13.06 71.63 -30.39
N ARG F 878 -12.15 72.58 -30.69
CA ARG F 878 -11.69 72.76 -32.06
C ARG F 878 -10.79 71.60 -32.51
N ASP F 879 -9.96 71.08 -31.60
CA ASP F 879 -9.05 69.98 -31.94
C ASP F 879 -9.77 68.68 -32.25
N ASP F 880 -11.00 68.51 -31.77
CA ASP F 880 -11.81 67.34 -32.10
C ASP F 880 -12.61 67.52 -33.37
N LYS F 881 -12.53 68.69 -34.02
CA LYS F 881 -13.36 69.10 -35.15
C LYS F 881 -14.84 68.94 -34.83
N ARG F 882 -15.24 69.61 -33.75
CA ARG F 882 -16.55 69.43 -33.14
C ARG F 882 -17.47 70.59 -33.51
N THR F 883 -18.72 70.26 -33.85
CA THR F 883 -19.75 71.27 -34.05
C THR F 883 -20.08 71.89 -32.70
N VAL F 884 -19.93 73.20 -32.58
CA VAL F 884 -20.24 73.93 -31.35
C VAL F 884 -21.28 74.99 -31.68
N VAL F 885 -22.42 74.94 -30.98
CA VAL F 885 -23.44 75.97 -31.11
C VAL F 885 -23.57 76.64 -29.75
N LEU F 886 -23.20 77.92 -29.69
CA LEU F 886 -22.95 78.64 -28.45
C LEU F 886 -23.86 79.85 -28.36
N VAL F 887 -24.92 79.77 -27.57
CA VAL F 887 -25.76 80.91 -27.28
C VAL F 887 -25.07 81.74 -26.21
N THR F 888 -24.80 83.01 -26.52
CA THR F 888 -24.09 83.88 -25.58
C THR F 888 -24.61 85.31 -25.70
N HIS F 889 -24.51 86.04 -24.60
CA HIS F 889 -24.73 87.48 -24.57
C HIS F 889 -23.42 88.26 -24.56
N LYS F 890 -22.29 87.58 -24.49
CA LYS F 890 -20.98 88.22 -24.51
C LYS F 890 -20.56 88.40 -25.97
N LEU F 891 -20.60 89.65 -26.44
CA LEU F 891 -20.29 89.93 -27.84
C LEU F 891 -18.78 90.00 -28.11
N GLN F 892 -17.95 90.05 -27.06
CA GLN F 892 -16.49 90.11 -27.25
C GLN F 892 -15.94 88.83 -27.86
N TYR F 893 -16.69 87.74 -27.81
CA TYR F 893 -16.29 86.48 -28.43
C TYR F 893 -16.77 86.35 -29.86
N LEU F 894 -17.49 87.35 -30.39
CA LEU F 894 -17.88 87.31 -31.80
C LEU F 894 -16.71 87.19 -32.80
N PRO F 895 -15.52 87.79 -32.59
CA PRO F 895 -14.37 87.44 -33.46
C PRO F 895 -13.97 85.97 -33.46
N HIS F 896 -14.26 85.21 -32.41
CA HIS F 896 -13.90 83.80 -32.36
C HIS F 896 -14.95 82.90 -32.99
N ALA F 897 -16.00 83.47 -33.58
CA ALA F 897 -17.12 82.70 -34.13
C ALA F 897 -16.94 82.50 -35.62
N ASP F 898 -17.10 81.26 -36.08
CA ASP F 898 -17.12 80.98 -37.51
C ASP F 898 -18.44 81.40 -38.15
N TRP F 899 -19.55 81.20 -37.42
CA TRP F 899 -20.89 81.44 -37.95
C TRP F 899 -21.70 82.18 -36.89
N ILE F 900 -22.55 83.11 -37.32
CA ILE F 900 -23.36 83.91 -36.41
C ILE F 900 -24.82 83.85 -36.86
N ILE F 901 -25.71 83.49 -35.93
CA ILE F 901 -27.15 83.51 -36.13
C ILE F 901 -27.71 84.58 -35.21
N ALA F 902 -28.28 85.63 -35.79
CA ALA F 902 -28.90 86.72 -35.04
C ALA F 902 -30.41 86.50 -34.99
N MET F 903 -30.97 86.60 -33.78
CA MET F 903 -32.39 86.36 -33.58
C MET F 903 -33.07 87.62 -33.06
N LYS F 904 -34.35 87.78 -33.43
CA LYS F 904 -35.10 88.98 -33.07
C LYS F 904 -36.58 88.63 -33.09
N ASP F 905 -37.19 88.57 -31.90
CA ASP F 905 -38.63 88.29 -31.70
C ASP F 905 -39.06 86.96 -32.32
N GLY F 906 -38.28 85.92 -32.05
CA GLY F 906 -38.59 84.58 -32.52
C GLY F 906 -38.49 84.36 -34.02
N THR F 907 -37.50 84.98 -34.67
CA THR F 907 -37.22 84.72 -36.07
C THR F 907 -35.75 84.99 -36.33
N ILE F 908 -35.26 84.48 -37.46
CA ILE F 908 -33.87 84.66 -37.85
C ILE F 908 -33.74 86.01 -38.55
N GLN F 909 -33.12 86.98 -37.88
CA GLN F 909 -32.93 88.29 -38.48
C GLN F 909 -31.86 88.26 -39.57
N ARG F 910 -30.68 87.74 -39.24
CA ARG F 910 -29.60 87.61 -40.19
C ARG F 910 -28.71 86.44 -39.76
N GLU F 911 -28.25 85.66 -40.75
CA GLU F 911 -27.45 84.47 -40.52
C GLU F 911 -26.24 84.51 -41.45
N GLY F 912 -25.05 84.65 -40.88
CA GLY F 912 -23.85 84.71 -41.69
C GLY F 912 -22.63 84.96 -40.83
N THR F 913 -21.50 85.18 -41.50
CA THR F 913 -20.25 85.48 -40.83
C THR F 913 -20.19 86.97 -40.47
N LEU F 914 -19.10 87.36 -39.80
CA LEU F 914 -18.92 88.77 -39.41
C LEU F 914 -18.69 89.66 -40.62
N LYS F 915 -18.08 89.13 -41.67
CA LYS F 915 -17.95 89.90 -42.91
C LYS F 915 -19.29 90.06 -43.61
N ASP F 916 -20.20 89.10 -43.42
CA ASP F 916 -21.56 89.26 -43.95
C ASP F 916 -22.33 90.33 -43.19
N PHE F 917 -22.20 90.36 -41.86
CA PHE F 917 -22.87 91.37 -41.05
C PHE F 917 -22.29 92.77 -41.26
N GLN F 918 -21.07 92.88 -41.79
CA GLN F 918 -20.48 94.18 -42.07
C GLN F 918 -21.17 94.89 -43.24
N ARG F 919 -21.85 94.14 -44.11
CA ARG F 919 -22.54 94.73 -45.26
C ARG F 919 -24.03 94.47 -45.29
N SER F 920 -24.49 93.29 -44.85
CA SER F 920 -25.92 92.98 -44.92
C SER F 920 -26.71 93.71 -43.84
N GLU F 921 -26.19 93.75 -42.61
CA GLU F 921 -26.87 94.40 -41.49
C GLU F 921 -25.93 95.42 -40.88
N CYS F 922 -25.91 96.62 -41.45
CA CYS F 922 -25.02 97.67 -40.95
C CYS F 922 -25.47 98.18 -39.58
N GLN F 923 -26.78 98.25 -39.37
CA GLN F 923 -27.33 98.77 -38.11
C GLN F 923 -27.01 97.84 -36.94
N LEU F 924 -27.19 96.53 -37.12
CA LEU F 924 -26.88 95.58 -36.06
C LEU F 924 -25.39 95.46 -35.81
N PHE F 925 -24.57 95.59 -36.86
CA PHE F 925 -23.12 95.57 -36.73
C PHE F 925 -22.63 96.77 -35.92
N GLU F 926 -23.12 97.97 -36.25
CA GLU F 926 -22.75 99.17 -35.50
C GLU F 926 -23.34 99.15 -34.09
N HIS F 927 -24.51 98.53 -33.91
CA HIS F 927 -25.10 98.38 -32.58
C HIS F 927 -24.24 97.47 -31.70
N TRP F 928 -23.75 96.36 -32.26
CA TRP F 928 -22.80 95.48 -31.58
C TRP F 928 -21.53 96.23 -31.22
N LYS F 929 -21.03 97.07 -32.15
CA LYS F 929 -19.83 97.85 -31.88
C LYS F 929 -20.05 98.89 -30.77
N THR F 930 -21.26 99.45 -30.67
CA THR F 930 -21.54 100.36 -29.57
C THR F 930 -21.66 99.63 -28.25
N LEU F 931 -22.13 98.37 -28.27
CA LEU F 931 -22.28 97.63 -27.01
C LEU F 931 -20.94 97.24 -26.39
N MET F 932 -19.95 96.88 -27.22
CA MET F 932 -18.66 96.40 -26.72
C MET F 932 -17.51 97.36 -26.99
N ASN F 933 -17.82 98.62 -27.30
CA ASN F 933 -16.86 99.70 -27.58
C ASN F 933 -15.87 99.37 -28.71
N GLU F 938 -12.39 96.25 -36.13
CA GLU F 938 -13.70 96.47 -36.74
C GLU F 938 -14.53 95.19 -36.74
N LEU F 939 -14.50 94.48 -35.61
CA LEU F 939 -15.10 93.15 -35.43
C LEU F 939 -14.62 92.19 -36.51
N GLU F 940 -13.31 92.10 -36.66
CA GLU F 940 -12.72 91.13 -37.58
C GLU F 940 -12.56 89.78 -36.89
N LYS F 941 -12.67 88.72 -37.69
CA LYS F 941 -12.62 87.36 -37.15
C LYS F 941 -11.21 87.03 -36.66
N GLU F 942 -11.14 86.44 -35.46
CA GLU F 942 -9.92 86.01 -34.77
C GLU F 942 -8.91 87.15 -34.59
N ARG F 999 -39.68 63.42 25.08
CA ARG F 999 -38.75 63.70 24.00
C ARG F 999 -39.44 63.69 22.65
N ALA F 1000 -38.73 63.19 21.62
CA ALA F 1000 -39.28 63.16 20.28
C ALA F 1000 -40.35 62.09 20.12
N CYS F 1001 -40.20 60.96 20.81
CA CYS F 1001 -41.21 59.92 20.75
C CYS F 1001 -42.46 60.28 21.54
N THR F 1002 -42.34 61.17 22.52
CA THR F 1002 -43.46 61.55 23.39
C THR F 1002 -44.13 62.85 22.93
N LYS F 1003 -43.91 63.27 21.69
CA LYS F 1003 -44.52 64.50 21.19
C LYS F 1003 -46.02 64.32 20.97
N TYR F 1004 -46.45 63.12 20.60
CA TYR F 1004 -47.88 62.87 20.38
C TYR F 1004 -48.66 62.96 21.69
N LEU F 1005 -48.09 62.45 22.78
CA LEU F 1005 -48.76 62.50 24.08
C LEU F 1005 -48.83 63.92 24.61
N SER F 1006 -47.77 64.71 24.41
CA SER F 1006 -47.78 66.10 24.85
C SER F 1006 -48.70 66.97 24.00
N SER F 1007 -48.77 66.68 22.69
CA SER F 1007 -49.68 67.43 21.82
C SER F 1007 -51.14 67.05 22.08
N ALA F 1008 -51.39 65.81 22.50
CA ALA F 1008 -52.76 65.39 22.81
C ALA F 1008 -53.25 66.03 24.11
N GLY F 1009 -52.37 66.19 25.08
CA GLY F 1009 -52.75 66.66 26.39
C GLY F 1009 -53.09 65.52 27.34
N ILE F 1010 -53.02 65.84 28.63
CA ILE F 1010 -53.26 64.83 29.67
C ILE F 1010 -54.74 64.44 29.71
N LEU F 1011 -55.63 65.43 29.57
CA LEU F 1011 -57.08 65.20 29.70
C LEU F 1011 -57.61 64.29 28.59
N LEU F 1012 -57.25 64.59 27.33
CA LEU F 1012 -57.75 63.84 26.19
C LEU F 1012 -57.19 62.42 26.16
N LEU F 1013 -55.89 62.27 26.44
CA LEU F 1013 -55.25 60.96 26.45
C LEU F 1013 -55.78 60.09 27.59
N SER F 1014 -55.93 60.68 28.79
CA SER F 1014 -56.46 59.93 29.92
C SER F 1014 -57.93 59.55 29.71
N LEU F 1015 -58.71 60.44 29.07
CA LEU F 1015 -60.09 60.12 28.75
C LEU F 1015 -60.18 58.98 27.74
N LEU F 1016 -59.27 58.96 26.75
CA LEU F 1016 -59.22 57.88 25.77
C LEU F 1016 -58.92 56.54 26.44
N VAL F 1017 -57.87 56.52 27.30
CA VAL F 1017 -57.46 55.28 27.95
C VAL F 1017 -58.54 54.77 28.91
N PHE F 1018 -59.10 55.69 29.72
CA PHE F 1018 -60.14 55.32 30.70
C PHE F 1018 -61.41 54.85 30.01
N SER F 1019 -61.82 55.52 28.92
CA SER F 1019 -63.05 55.13 28.24
C SER F 1019 -62.91 53.78 27.54
N GLN F 1020 -61.74 53.53 26.93
CA GLN F 1020 -61.51 52.23 26.31
C GLN F 1020 -61.49 51.10 27.34
N LEU F 1021 -60.81 51.34 28.48
CA LEU F 1021 -60.75 50.34 29.54
C LEU F 1021 -62.14 50.06 30.14
N LEU F 1022 -62.93 51.11 30.35
CA LEU F 1022 -64.27 50.95 30.90
C LEU F 1022 -65.20 50.24 29.92
N LYS F 1023 -65.09 50.55 28.62
CA LYS F 1023 -65.90 49.87 27.60
C LYS F 1023 -65.58 48.38 27.53
N HIS F 1024 -64.29 48.03 27.57
CA HIS F 1024 -63.94 46.60 27.50
C HIS F 1024 -64.31 45.85 28.77
N MET F 1025 -64.19 46.50 29.95
CA MET F 1025 -64.64 45.81 31.16
C MET F 1025 -66.17 45.70 31.23
N VAL F 1026 -66.89 46.63 30.60
CA VAL F 1026 -68.34 46.51 30.48
C VAL F 1026 -68.70 45.32 29.59
N LEU F 1027 -67.97 45.14 28.48
CA LEU F 1027 -68.20 43.99 27.60
C LEU F 1027 -67.90 42.67 28.30
N VAL F 1028 -66.85 42.63 29.12
CA VAL F 1028 -66.54 41.46 29.93
C VAL F 1028 -67.66 41.18 30.92
N ALA F 1029 -68.22 42.23 31.54
CA ALA F 1029 -69.34 42.07 32.46
C ALA F 1029 -70.59 41.55 31.76
N ILE F 1030 -70.83 42.01 30.53
CA ILE F 1030 -71.98 41.52 29.74
C ILE F 1030 -71.83 40.04 29.44
N ASP F 1031 -70.62 39.62 29.04
CA ASP F 1031 -70.40 38.21 28.72
C ASP F 1031 -70.48 37.33 29.96
N TYR F 1032 -69.98 37.83 31.10
CA TYR F 1032 -70.09 37.08 32.36
C TYR F 1032 -71.54 36.96 32.82
N TRP F 1033 -72.33 38.03 32.66
CA TRP F 1033 -73.74 37.95 33.03
C TRP F 1033 -74.52 37.05 32.09
N LEU F 1034 -74.13 36.99 30.81
CA LEU F 1034 -74.72 36.04 29.87
C LEU F 1034 -74.39 34.61 30.26
N ALA F 1035 -73.16 34.37 30.70
CA ALA F 1035 -72.77 33.04 31.18
C ALA F 1035 -73.54 32.64 32.43
N LYS F 1036 -73.78 33.59 33.33
CA LYS F 1036 -74.60 33.31 34.51
C LYS F 1036 -76.06 33.09 34.14
N TRP F 1037 -76.57 33.85 33.16
CA TRP F 1037 -77.95 33.73 32.73
C TRP F 1037 -78.24 32.40 32.06
N THR F 1038 -77.31 31.92 31.22
CA THR F 1038 -77.55 30.69 30.47
C THR F 1038 -77.53 29.45 31.36
N ASP F 1039 -76.94 29.52 32.56
CA ASP F 1039 -76.96 28.41 33.49
C ASP F 1039 -78.26 28.30 34.26
N SER F 1040 -79.12 29.31 34.20
CA SER F 1040 -80.40 29.28 34.88
C SER F 1040 -81.42 28.45 34.10
N ASP F 1060 -85.23 34.95 38.99
CA ASP F 1060 -86.23 35.18 37.94
C ASP F 1060 -85.57 35.72 36.68
N GLN F 1061 -86.08 35.27 35.52
CA GLN F 1061 -85.49 35.63 34.23
C GLN F 1061 -85.69 37.11 33.88
N SER F 1062 -86.71 37.75 34.46
CA SER F 1062 -86.94 39.18 34.20
C SER F 1062 -85.82 40.04 34.78
N VAL F 1063 -85.26 39.64 35.92
CA VAL F 1063 -84.12 40.35 36.51
C VAL F 1063 -82.89 40.21 35.62
N TYR F 1064 -82.67 39.01 35.06
CA TYR F 1064 -81.57 38.78 34.13
C TYR F 1064 -81.72 39.64 32.88
N ALA F 1065 -82.94 39.73 32.34
CA ALA F 1065 -83.19 40.57 31.16
C ALA F 1065 -82.99 42.05 31.47
N MET F 1066 -83.40 42.49 32.67
CA MET F 1066 -83.23 43.88 33.07
C MET F 1066 -81.76 44.26 33.20
N VAL F 1067 -80.96 43.42 33.88
CA VAL F 1067 -79.54 43.70 34.05
C VAL F 1067 -78.81 43.63 32.71
N PHE F 1068 -79.24 42.70 31.83
CA PHE F 1068 -78.66 42.60 30.50
C PHE F 1068 -78.93 43.85 29.67
N THR F 1069 -80.16 44.39 29.72
CA THR F 1069 -80.49 45.61 28.99
C THR F 1069 -79.70 46.82 29.50
N LEU F 1070 -79.56 46.93 30.83
CA LEU F 1070 -78.80 48.04 31.42
C LEU F 1070 -77.33 47.99 31.01
N LEU F 1071 -76.73 46.80 31.06
CA LEU F 1071 -75.33 46.65 30.68
C LEU F 1071 -75.11 46.91 29.18
N CYS F 1072 -76.08 46.49 28.34
CA CYS F 1072 -76.00 46.76 26.90
C CYS F 1072 -76.06 48.26 26.60
N SER F 1073 -76.97 48.98 27.29
CA SER F 1073 -77.09 50.42 27.08
C SER F 1073 -75.83 51.16 27.52
N LEU F 1074 -75.25 50.74 28.66
CA LEU F 1074 -73.99 51.34 29.11
C LEU F 1074 -72.86 51.06 28.12
N GLY F 1075 -72.84 49.86 27.53
CA GLY F 1075 -71.85 49.55 26.52
C GLY F 1075 -71.98 50.40 25.27
N ILE F 1076 -73.23 50.67 24.84
CA ILE F 1076 -73.48 51.54 23.69
C ILE F 1076 -72.96 52.96 23.95
N VAL F 1077 -73.24 53.49 25.14
CA VAL F 1077 -72.77 54.83 25.51
C VAL F 1077 -71.23 54.88 25.54
N LEU F 1078 -70.59 53.85 26.09
CA LEU F 1078 -69.13 53.82 26.14
C LEU F 1078 -68.51 53.68 24.75
N CYS F 1079 -69.17 52.94 23.84
CA CYS F 1079 -68.73 52.89 22.44
C CYS F 1079 -68.76 54.26 21.80
N LEU F 1080 -69.82 55.04 22.06
CA LEU F 1080 -69.91 56.40 21.54
C LEU F 1080 -68.77 57.28 22.07
N VAL F 1081 -68.47 57.18 23.37
CA VAL F 1081 -67.42 58.00 23.96
C VAL F 1081 -66.04 57.66 23.38
N THR F 1082 -65.74 56.36 23.24
CA THR F 1082 -64.45 55.95 22.68
C THR F 1082 -64.29 56.40 21.23
N SER F 1083 -65.35 56.23 20.42
CA SER F 1083 -65.29 56.59 19.02
C SER F 1083 -65.12 58.10 18.82
N VAL F 1084 -65.76 58.90 19.68
CA VAL F 1084 -65.58 60.35 19.58
C VAL F 1084 -64.17 60.76 20.02
N THR F 1085 -63.67 60.18 21.13
CA THR F 1085 -62.42 60.65 21.72
C THR F 1085 -61.20 60.35 20.85
N VAL F 1086 -61.19 59.19 20.17
CA VAL F 1086 -60.03 58.85 19.34
C VAL F 1086 -59.90 59.82 18.16
N GLU F 1087 -61.01 60.11 17.48
CA GLU F 1087 -60.98 61.05 16.36
C GLU F 1087 -60.70 62.48 16.81
N TRP F 1088 -61.19 62.86 17.99
CA TRP F 1088 -60.87 64.19 18.54
C TRP F 1088 -59.37 64.34 18.80
N THR F 1089 -58.75 63.29 19.37
CA THR F 1089 -57.32 63.31 19.62
C THR F 1089 -56.53 63.40 18.31
N GLY F 1090 -56.95 62.63 17.31
CA GLY F 1090 -56.28 62.66 16.01
C GLY F 1090 -56.36 64.03 15.34
N LEU F 1091 -57.53 64.66 15.38
CA LEU F 1091 -57.70 66.00 14.82
C LEU F 1091 -56.86 67.04 15.53
N LYS F 1092 -56.82 66.98 16.87
CA LYS F 1092 -56.08 67.97 17.66
C LYS F 1092 -54.57 67.87 17.40
N VAL F 1093 -54.02 66.65 17.43
CA VAL F 1093 -52.58 66.50 17.19
C VAL F 1093 -52.23 66.82 15.73
N ALA F 1094 -53.11 66.45 14.79
CA ALA F 1094 -52.87 66.72 13.38
C ALA F 1094 -52.85 68.21 13.08
N LYS F 1095 -53.69 68.99 13.75
CA LYS F 1095 -53.64 70.44 13.58
C LYS F 1095 -52.39 71.04 14.22
N ARG F 1096 -52.11 70.64 15.48
CA ARG F 1096 -51.08 71.32 16.27
C ARG F 1096 -49.67 71.04 15.74
N LEU F 1097 -49.41 69.79 15.32
CA LEU F 1097 -48.06 69.46 14.86
C LEU F 1097 -47.71 70.15 13.54
N HIS F 1098 -48.69 70.24 12.62
CA HIS F 1098 -48.43 70.95 11.37
C HIS F 1098 -48.27 72.45 11.60
N ARG F 1099 -49.06 73.03 12.51
CA ARG F 1099 -48.90 74.45 12.82
C ARG F 1099 -47.53 74.75 13.43
N SER F 1100 -47.10 73.91 14.38
CA SER F 1100 -45.79 74.11 15.00
C SER F 1100 -44.65 73.90 14.01
N LEU F 1101 -44.76 72.88 13.14
CA LEU F 1101 -43.72 72.62 12.16
C LEU F 1101 -43.61 73.74 11.13
N LEU F 1102 -44.75 74.24 10.64
CA LEU F 1102 -44.74 75.32 9.65
C LEU F 1102 -44.25 76.63 10.25
N ASN F 1103 -44.55 76.88 11.52
CA ASN F 1103 -44.04 78.11 12.13
C ASN F 1103 -42.57 78.01 12.49
N ARG F 1104 -42.08 76.82 12.88
CA ARG F 1104 -40.67 76.69 13.24
C ARG F 1104 -39.75 76.62 12.02
N ILE F 1105 -40.26 76.15 10.87
CA ILE F 1105 -39.41 76.06 9.68
C ILE F 1105 -39.08 77.45 9.14
N ILE F 1106 -40.07 78.35 9.07
CA ILE F 1106 -39.88 79.65 8.44
C ILE F 1106 -38.99 80.58 9.26
N LEU F 1107 -38.74 80.28 10.53
CA LEU F 1107 -37.83 81.06 11.35
C LEU F 1107 -36.42 80.50 11.39
N ALA F 1108 -36.20 79.31 10.85
CA ALA F 1108 -34.88 78.71 10.85
C ALA F 1108 -33.96 79.43 9.87
N PRO F 1109 -32.66 79.57 10.18
CA PRO F 1109 -31.76 80.35 9.31
C PRO F 1109 -31.51 79.67 7.97
N MET F 1110 -30.99 80.47 7.03
CA MET F 1110 -30.69 79.97 5.69
C MET F 1110 -29.51 79.01 5.67
N ARG F 1111 -28.67 79.02 6.70
CA ARG F 1111 -27.64 78.01 6.86
C ARG F 1111 -28.26 76.62 7.03
N PHE F 1112 -29.36 76.54 7.78
CA PHE F 1112 -30.10 75.29 7.93
C PHE F 1112 -30.70 74.83 6.61
N PHE F 1113 -31.23 75.77 5.81
CA PHE F 1113 -31.84 75.41 4.55
C PHE F 1113 -30.80 74.99 3.50
N GLU F 1114 -29.62 75.60 3.53
CA GLU F 1114 -28.56 75.19 2.62
C GLU F 1114 -27.95 73.85 3.03
N THR F 1115 -27.76 73.65 4.34
CA THR F 1115 -27.13 72.41 4.82
C THR F 1115 -28.06 71.22 4.65
N THR F 1116 -29.31 71.35 5.10
CA THR F 1116 -30.23 70.23 5.01
C THR F 1116 -30.85 70.17 3.61
N PRO F 1117 -30.97 68.97 3.03
CA PRO F 1117 -31.66 68.84 1.74
C PRO F 1117 -33.15 69.14 1.87
N LEU F 1118 -33.71 69.67 0.79
CA LEU F 1118 -35.12 70.07 0.79
C LEU F 1118 -36.06 68.87 0.82
N GLY F 1119 -35.60 67.70 0.37
CA GLY F 1119 -36.43 66.51 0.47
C GLY F 1119 -36.66 66.07 1.90
N SER F 1120 -35.64 66.20 2.76
CA SER F 1120 -35.77 65.83 4.17
C SER F 1120 -36.75 66.73 4.90
N ILE F 1121 -36.75 68.03 4.59
CA ILE F 1121 -37.71 68.94 5.18
C ILE F 1121 -39.11 68.69 4.61
N LEU F 1122 -39.20 68.48 3.29
CA LEU F 1122 -40.51 68.40 2.64
C LEU F 1122 -41.22 67.09 2.93
N ASN F 1123 -40.48 66.00 3.18
CA ASN F 1123 -41.12 64.72 3.46
C ASN F 1123 -41.82 64.69 4.82
N ARG F 1124 -41.46 65.59 5.73
CA ARG F 1124 -42.22 65.72 6.97
C ARG F 1124 -43.62 66.28 6.71
N PHE F 1125 -43.72 67.24 5.79
CA PHE F 1125 -45.03 67.76 5.39
C PHE F 1125 -45.78 66.77 4.50
N SER F 1126 -45.05 65.98 3.71
CA SER F 1126 -45.66 65.12 2.71
C SER F 1126 -46.08 63.76 3.30
N SER F 1127 -45.13 63.02 3.84
CA SER F 1127 -45.39 61.65 4.28
C SER F 1127 -45.70 61.54 5.77
N ASP F 1128 -44.88 62.18 6.62
CA ASP F 1128 -45.07 62.09 8.06
C ASP F 1128 -46.36 62.78 8.50
N CYS F 1129 -46.66 63.95 7.94
CA CYS F 1129 -47.93 64.61 8.23
C CYS F 1129 -49.12 63.82 7.72
N ASN F 1130 -48.96 63.11 6.59
CA ASN F 1130 -50.04 62.25 6.09
C ASN F 1130 -50.29 61.07 7.03
N THR F 1131 -49.23 60.53 7.63
CA THR F 1131 -49.41 59.48 8.63
C THR F 1131 -50.11 60.01 9.87
N ILE F 1132 -49.69 61.19 10.35
CA ILE F 1132 -50.26 61.75 11.59
C ILE F 1132 -51.72 62.14 11.39
N ASP F 1133 -52.06 62.69 10.22
CA ASP F 1133 -53.45 63.07 9.95
C ASP F 1133 -54.36 61.84 9.80
N GLN F 1134 -53.88 60.80 9.13
CA GLN F 1134 -54.75 59.73 8.66
C GLN F 1134 -54.42 58.38 9.29
N HIS F 1135 -53.16 57.93 9.24
CA HIS F 1135 -52.84 56.57 9.64
C HIS F 1135 -52.81 56.39 11.16
N ILE F 1136 -52.26 57.39 11.90
CA ILE F 1136 -52.19 57.26 13.36
C ILE F 1136 -53.54 57.20 14.08
N PRO F 1137 -54.55 58.05 13.78
CA PRO F 1137 -55.83 57.88 14.49
C PRO F 1137 -56.56 56.58 14.19
N SER F 1138 -56.33 55.96 13.04
CA SER F 1138 -56.86 54.61 12.80
C SER F 1138 -56.07 53.56 13.58
N THR F 1139 -54.74 53.70 13.58
CA THR F 1139 -53.86 52.74 14.26
C THR F 1139 -54.06 52.76 15.77
N LEU F 1140 -54.35 53.94 16.34
CA LEU F 1140 -54.56 54.05 17.77
C LEU F 1140 -55.85 53.34 18.21
N GLU F 1141 -56.94 53.51 17.45
CA GLU F 1141 -58.18 52.82 17.74
C GLU F 1141 -58.04 51.31 17.59
N CYS F 1142 -57.36 50.86 16.51
CA CYS F 1142 -57.13 49.43 16.31
C CYS F 1142 -56.25 48.84 17.41
N LEU F 1143 -55.21 49.58 17.80
CA LEU F 1143 -54.29 49.12 18.84
C LEU F 1143 -55.00 49.04 20.19
N SER F 1144 -55.84 50.03 20.51
CA SER F 1144 -56.58 50.01 21.77
C SER F 1144 -57.54 48.83 21.83
N ARG F 1145 -58.27 48.58 20.73
CA ARG F 1145 -59.20 47.45 20.68
C ARG F 1145 -58.47 46.11 20.81
N SER F 1146 -57.36 45.94 20.10
CA SER F 1146 -56.63 44.68 20.13
C SER F 1146 -55.96 44.44 21.48
N THR F 1147 -55.23 45.45 22.00
CA THR F 1147 -54.51 45.29 23.26
C THR F 1147 -55.42 45.27 24.48
N LEU F 1148 -56.68 45.69 24.34
CA LEU F 1148 -57.60 45.52 25.46
C LEU F 1148 -58.42 44.25 25.37
N LEU F 1149 -58.78 43.80 24.16
CA LEU F 1149 -59.43 42.50 24.03
C LEU F 1149 -58.49 41.36 24.41
N CYS F 1150 -57.18 41.51 24.16
CA CYS F 1150 -56.22 40.49 24.56
C CYS F 1150 -56.13 40.35 26.07
N VAL F 1151 -56.00 41.47 26.79
CA VAL F 1151 -55.87 41.40 28.25
C VAL F 1151 -57.20 41.00 28.88
N SER F 1152 -58.33 41.42 28.29
CA SER F 1152 -59.64 41.00 28.78
C SER F 1152 -59.84 39.49 28.61
N ALA F 1153 -59.43 38.96 27.47
CA ALA F 1153 -59.57 37.52 27.21
C ALA F 1153 -58.65 36.70 28.11
N LEU F 1154 -57.42 37.16 28.32
CA LEU F 1154 -56.50 36.45 29.22
C LEU F 1154 -57.01 36.49 30.67
N THR F 1155 -57.58 37.62 31.10
CA THR F 1155 -58.18 37.70 32.42
C THR F 1155 -59.39 36.77 32.55
N VAL F 1156 -60.21 36.67 31.51
CA VAL F 1156 -61.39 35.81 31.54
C VAL F 1156 -60.99 34.33 31.63
N ILE F 1157 -60.02 33.91 30.81
CA ILE F 1157 -59.55 32.52 30.84
C ILE F 1157 -58.86 32.21 32.16
N SER F 1158 -58.13 33.19 32.72
CA SER F 1158 -57.52 33.01 34.03
C SER F 1158 -58.56 32.91 35.14
N TYR F 1159 -59.69 33.60 35.00
CA TYR F 1159 -60.77 33.47 35.98
C TYR F 1159 -61.43 32.10 35.90
N VAL F 1160 -61.78 31.66 34.69
CA VAL F 1160 -62.51 30.40 34.59
C VAL F 1160 -61.57 29.20 34.74
N THR F 1161 -60.30 29.34 34.36
CA THR F 1161 -59.31 28.27 34.48
C THR F 1161 -58.01 28.88 34.99
N PRO F 1162 -57.76 28.83 36.31
CA PRO F 1162 -56.49 29.37 36.82
C PRO F 1162 -55.26 28.61 36.37
N VAL F 1163 -55.40 27.30 36.05
CA VAL F 1163 -54.29 26.47 35.60
C VAL F 1163 -53.72 26.94 34.27
N PHE F 1164 -54.52 27.65 33.47
CA PHE F 1164 -54.05 28.28 32.24
C PHE F 1164 -52.92 29.27 32.49
N LEU F 1165 -52.91 29.91 33.68
CA LEU F 1165 -51.81 30.80 34.07
C LEU F 1165 -50.49 30.06 34.09
N VAL F 1166 -50.50 28.79 34.52
CA VAL F 1166 -49.31 27.94 34.48
C VAL F 1166 -48.83 27.77 33.04
N ALA F 1167 -49.75 27.63 32.10
CA ALA F 1167 -49.39 27.56 30.69
C ALA F 1167 -49.33 28.93 30.04
N LEU F 1168 -49.67 30.00 30.76
CA LEU F 1168 -49.51 31.33 30.19
C LEU F 1168 -48.05 31.77 30.20
N LEU F 1169 -47.28 31.29 31.18
CA LEU F 1169 -45.87 31.64 31.29
C LEU F 1169 -44.99 31.16 30.12
N PRO F 1170 -45.04 29.89 29.66
CA PRO F 1170 -44.09 29.52 28.59
C PRO F 1170 -44.37 30.17 27.25
N LEU F 1171 -45.65 30.37 26.89
CA LEU F 1171 -45.99 31.04 25.65
C LEU F 1171 -45.49 32.48 25.65
N ALA F 1172 -45.65 33.19 26.78
CA ALA F 1172 -45.07 34.51 26.94
C ALA F 1172 -43.54 34.47 26.90
N VAL F 1173 -42.93 33.33 27.26
CA VAL F 1173 -41.51 33.15 27.00
C VAL F 1173 -41.26 33.05 25.51
N VAL F 1174 -42.04 32.20 24.82
CA VAL F 1174 -41.80 31.87 23.41
C VAL F 1174 -41.99 33.10 22.53
N CYS F 1175 -43.09 33.83 22.79
CA CYS F 1175 -43.36 35.13 22.16
C CYS F 1175 -42.17 36.07 22.29
N TYR F 1176 -41.59 36.14 23.50
CA TYR F 1176 -40.46 37.01 23.77
C TYR F 1176 -39.28 36.65 22.87
N PHE F 1177 -39.00 35.35 22.74
CA PHE F 1177 -37.90 34.90 21.91
C PHE F 1177 -38.16 35.24 20.45
N ILE F 1178 -39.41 35.13 20.02
CA ILE F 1178 -39.77 35.51 18.66
C ILE F 1178 -39.58 37.02 18.49
N GLN F 1179 -40.00 37.80 19.50
CA GLN F 1179 -39.77 39.24 19.43
C GLN F 1179 -38.30 39.58 19.62
N LYS F 1180 -37.51 38.63 20.15
CA LYS F 1180 -36.06 38.82 20.15
C LYS F 1180 -35.49 38.67 18.75
N TYR F 1181 -35.99 37.69 17.98
CA TYR F 1181 -35.35 37.37 16.72
C TYR F 1181 -35.88 38.17 15.55
N PHE F 1182 -37.16 38.53 15.57
CA PHE F 1182 -37.75 39.27 14.46
C PHE F 1182 -37.32 40.73 14.46
N ARG F 1183 -37.28 41.35 15.65
CA ARG F 1183 -37.12 42.80 15.75
C ARG F 1183 -35.74 43.28 15.32
N VAL F 1184 -34.73 42.43 15.45
CA VAL F 1184 -33.41 42.76 14.92
C VAL F 1184 -33.43 42.70 13.39
N ALA F 1185 -34.11 41.70 12.82
CA ALA F 1185 -34.14 41.54 11.38
C ALA F 1185 -34.98 42.62 10.71
N SER F 1186 -36.18 42.85 11.24
CA SER F 1186 -37.14 43.78 10.64
C SER F 1186 -36.60 45.20 10.65
N ARG F 1187 -35.93 45.59 11.74
CA ARG F 1187 -35.30 46.91 11.83
C ARG F 1187 -34.22 47.10 10.77
N ASP F 1188 -33.55 46.01 10.38
CA ASP F 1188 -32.69 46.09 9.20
C ASP F 1188 -33.53 46.22 7.94
N LEU F 1189 -34.55 45.34 7.80
CA LEU F 1189 -35.29 45.22 6.55
C LEU F 1189 -36.17 46.44 6.30
N GLN F 1190 -36.59 47.12 7.36
CA GLN F 1190 -37.25 48.42 7.17
C GLN F 1190 -36.26 49.47 6.69
N GLN F 1191 -35.08 49.55 7.33
CA GLN F 1191 -34.09 50.57 6.98
C GLN F 1191 -33.57 50.37 5.57
N LEU F 1192 -33.28 49.13 5.20
CA LEU F 1192 -32.90 48.79 3.83
C LEU F 1192 -34.04 49.04 2.86
N ASP F 1193 -35.29 48.99 3.32
CA ASP F 1193 -36.39 49.38 2.45
C ASP F 1193 -36.44 50.89 2.27
N ASP F 1194 -36.05 51.66 3.30
CA ASP F 1194 -36.08 53.11 3.18
C ASP F 1194 -34.90 53.62 2.36
N THR F 1195 -33.71 53.09 2.62
CA THR F 1195 -32.50 53.52 1.91
C THR F 1195 -32.47 53.08 0.46
N THR F 1196 -33.34 52.15 0.05
CA THR F 1196 -33.52 51.84 -1.37
C THR F 1196 -34.63 52.67 -2.01
N GLN F 1197 -35.46 53.34 -1.20
CA GLN F 1197 -36.52 54.18 -1.78
C GLN F 1197 -36.00 55.56 -2.16
N LEU F 1198 -34.97 56.04 -1.45
CA LEU F 1198 -34.38 57.35 -1.77
C LEU F 1198 -33.72 57.43 -3.15
N PRO F 1199 -32.88 56.47 -3.62
CA PRO F 1199 -32.35 56.63 -4.98
C PRO F 1199 -33.37 56.34 -6.07
N LEU F 1200 -34.50 55.72 -5.75
CA LEU F 1200 -35.57 55.56 -6.73
C LEU F 1200 -36.29 56.88 -6.98
N LEU F 1201 -36.84 57.47 -5.91
CA LEU F 1201 -37.64 58.70 -6.02
C LEU F 1201 -36.81 59.86 -6.55
N SER F 1202 -35.57 60.00 -6.06
CA SER F 1202 -34.67 61.03 -6.57
C SER F 1202 -34.34 60.81 -8.04
N HIS F 1203 -34.33 59.54 -8.49
CA HIS F 1203 -34.12 59.27 -9.91
C HIS F 1203 -35.27 59.79 -10.76
N PHE F 1204 -36.47 59.89 -10.19
CA PHE F 1204 -37.53 60.59 -10.89
C PHE F 1204 -37.27 62.09 -10.89
N ALA F 1205 -36.80 62.63 -9.76
CA ALA F 1205 -36.69 64.08 -9.59
C ALA F 1205 -35.64 64.68 -10.52
N GLU F 1206 -34.52 63.98 -10.72
CA GLU F 1206 -33.54 64.42 -11.69
C GLU F 1206 -33.94 64.10 -13.13
N THR F 1207 -34.87 63.15 -13.34
CA THR F 1207 -35.27 62.84 -14.71
C THR F 1207 -36.21 63.91 -15.26
N VAL F 1208 -37.14 64.40 -14.44
CA VAL F 1208 -38.12 65.36 -14.92
C VAL F 1208 -37.46 66.72 -15.18
N GLU F 1209 -36.60 67.18 -14.27
CA GLU F 1209 -35.94 68.47 -14.45
C GLU F 1209 -34.82 68.42 -15.48
N GLY F 1210 -34.26 67.24 -15.75
CA GLY F 1210 -33.19 67.12 -16.72
C GLY F 1210 -33.61 66.35 -17.96
N LEU F 1211 -34.91 66.39 -18.26
CA LEU F 1211 -35.48 65.60 -19.35
C LEU F 1211 -34.95 66.03 -20.71
N THR F 1212 -34.82 67.35 -20.90
CA THR F 1212 -34.25 67.88 -22.12
C THR F 1212 -32.78 67.46 -22.28
N THR F 1213 -32.03 67.46 -21.18
CA THR F 1213 -30.62 67.06 -21.24
C THR F 1213 -30.47 65.57 -21.51
N ILE F 1214 -31.30 64.74 -20.86
CA ILE F 1214 -31.21 63.29 -21.07
C ILE F 1214 -31.63 62.92 -22.49
N ARG F 1215 -32.70 63.54 -23.00
CA ARG F 1215 -33.12 63.25 -24.37
C ARG F 1215 -32.23 63.90 -25.42
N ALA F 1216 -31.44 64.91 -25.05
CA ALA F 1216 -30.50 65.50 -25.98
C ALA F 1216 -29.26 64.63 -26.18
N PHE F 1217 -28.82 63.93 -25.13
CA PHE F 1217 -27.70 63.01 -25.21
C PHE F 1217 -28.09 61.65 -25.76
N ARG F 1218 -29.39 61.45 -26.08
CA ARG F 1218 -29.99 60.15 -26.44
C ARG F 1218 -29.71 59.10 -25.37
N TYR F 1219 -29.84 59.50 -24.10
CA TYR F 1219 -29.61 58.63 -22.95
C TYR F 1219 -30.91 58.14 -22.33
N GLU F 1220 -31.95 57.93 -23.13
CA GLU F 1220 -33.23 57.47 -22.60
C GLU F 1220 -33.14 56.02 -22.14
N ALA F 1221 -32.50 55.15 -22.94
CA ALA F 1221 -32.42 53.73 -22.61
C ALA F 1221 -31.55 53.48 -21.39
N ARG F 1222 -30.45 54.22 -21.24
CA ARG F 1222 -29.57 54.07 -20.08
C ARG F 1222 -30.27 54.47 -18.79
N PHE F 1223 -31.03 55.56 -18.82
CA PHE F 1223 -31.74 56.00 -17.63
C PHE F 1223 -32.94 55.10 -17.32
N GLN F 1224 -33.57 54.53 -18.35
CA GLN F 1224 -34.61 53.53 -18.09
C GLN F 1224 -34.03 52.26 -17.47
N GLN F 1225 -32.82 51.88 -17.89
CA GLN F 1225 -32.14 50.75 -17.26
C GLN F 1225 -31.77 51.05 -15.80
N LYS F 1226 -31.36 52.29 -15.53
CA LYS F 1226 -31.11 52.72 -14.15
C LYS F 1226 -32.37 52.66 -13.30
N LEU F 1227 -33.51 53.04 -13.89
CA LEU F 1227 -34.80 52.90 -13.20
C LEU F 1227 -35.12 51.43 -12.91
N LEU F 1228 -34.84 50.55 -13.88
CA LEU F 1228 -35.08 49.12 -13.67
C LEU F 1228 -34.24 48.57 -12.50
N GLU F 1229 -32.97 49.01 -12.41
CA GLU F 1229 -32.12 48.61 -11.29
C GLU F 1229 -32.65 49.12 -9.95
N TYR F 1230 -33.04 50.41 -9.89
CA TYR F 1230 -33.54 51.00 -8.65
C TYR F 1230 -34.86 50.36 -8.21
N THR F 1231 -35.76 50.13 -9.17
CA THR F 1231 -37.05 49.51 -8.88
C THR F 1231 -36.89 48.07 -8.42
N ASP F 1232 -35.95 47.33 -9.01
CA ASP F 1232 -35.70 45.96 -8.56
C ASP F 1232 -35.14 45.92 -7.15
N SER F 1233 -34.23 46.85 -6.82
CA SER F 1233 -33.68 46.91 -5.46
C SER F 1233 -34.75 47.22 -4.43
N ASN F 1234 -35.59 48.24 -4.70
CA ASN F 1234 -36.65 48.61 -3.78
C ASN F 1234 -37.70 47.51 -3.63
N ASN F 1235 -38.03 46.84 -4.75
CA ASN F 1235 -39.04 45.78 -4.72
C ASN F 1235 -38.56 44.57 -3.94
N ILE F 1236 -37.29 44.20 -4.07
CA ILE F 1236 -36.85 43.02 -3.31
C ILE F 1236 -36.63 43.36 -1.83
N ALA F 1237 -36.27 44.61 -1.51
CA ALA F 1237 -36.24 45.02 -0.10
C ALA F 1237 -37.63 44.96 0.54
N SER F 1238 -38.64 45.45 -0.20
CA SER F 1238 -40.02 45.37 0.29
C SER F 1238 -40.52 43.93 0.38
N LEU F 1239 -40.09 43.06 -0.54
CA LEU F 1239 -40.48 41.66 -0.50
C LEU F 1239 -39.90 40.93 0.71
N PHE F 1240 -38.63 41.20 1.04
CA PHE F 1240 -38.04 40.58 2.21
C PHE F 1240 -38.67 41.11 3.51
N LEU F 1241 -39.02 42.40 3.53
CA LEU F 1241 -39.78 42.94 4.67
C LEU F 1241 -41.13 42.28 4.82
N THR F 1242 -41.83 42.05 3.69
CA THR F 1242 -43.13 41.39 3.68
C THR F 1242 -43.02 39.95 4.19
N ALA F 1243 -42.02 39.21 3.71
CA ALA F 1243 -41.87 37.81 4.10
C ALA F 1243 -41.44 37.67 5.56
N ALA F 1244 -40.64 38.61 6.07
CA ALA F 1244 -40.33 38.62 7.50
C ALA F 1244 -41.57 38.88 8.34
N ASN F 1245 -42.43 39.80 7.88
CA ASN F 1245 -43.70 40.05 8.56
C ASN F 1245 -44.58 38.80 8.56
N ARG F 1246 -44.63 38.08 7.43
CA ARG F 1246 -45.42 36.85 7.35
C ARG F 1246 -44.85 35.75 8.24
N TRP F 1247 -43.53 35.67 8.36
CA TRP F 1247 -42.86 34.77 9.29
C TRP F 1247 -43.31 35.03 10.73
N LEU F 1248 -43.25 36.29 11.15
CA LEU F 1248 -43.67 36.67 12.50
C LEU F 1248 -45.15 36.38 12.74
N GLU F 1249 -46.00 36.69 11.75
CA GLU F 1249 -47.44 36.50 11.92
C GLU F 1249 -47.82 35.02 11.96
N VAL F 1250 -47.12 34.17 11.20
CA VAL F 1250 -47.34 32.73 11.26
C VAL F 1250 -46.99 32.20 12.64
N ARG F 1251 -45.85 32.65 13.20
CA ARG F 1251 -45.47 32.22 14.55
C ARG F 1251 -46.48 32.66 15.62
N MET F 1252 -46.92 33.93 15.54
CA MET F 1252 -47.85 34.45 16.55
C MET F 1252 -49.23 33.81 16.43
N GLU F 1253 -49.70 33.55 15.21
CA GLU F 1253 -51.00 32.91 15.04
C GLU F 1253 -50.97 31.45 15.46
N TYR F 1254 -49.84 30.76 15.28
CA TYR F 1254 -49.73 29.40 15.81
C TYR F 1254 -49.70 29.39 17.33
N ILE F 1255 -49.10 30.42 17.94
CA ILE F 1255 -49.17 30.57 19.40
C ILE F 1255 -50.61 30.80 19.86
N GLY F 1256 -51.38 31.58 19.10
CA GLY F 1256 -52.79 31.78 19.43
C GLY F 1256 -53.63 30.52 19.32
N ALA F 1257 -53.34 29.70 18.30
CA ALA F 1257 -54.00 28.39 18.20
C ALA F 1257 -53.63 27.48 19.37
N CYS F 1258 -52.37 27.56 19.83
CA CYS F 1258 -51.96 26.83 21.03
C CYS F 1258 -52.69 27.32 22.27
N VAL F 1259 -52.96 28.64 22.35
CA VAL F 1259 -53.73 29.20 23.46
C VAL F 1259 -55.14 28.62 23.48
N VAL F 1260 -55.76 28.53 22.31
CA VAL F 1260 -57.11 27.94 22.19
C VAL F 1260 -57.10 26.48 22.62
N LEU F 1261 -56.09 25.72 22.16
CA LEU F 1261 -56.02 24.29 22.50
C LEU F 1261 -55.80 24.07 24.00
N ILE F 1262 -54.92 24.86 24.61
CA ILE F 1262 -54.63 24.72 26.04
C ILE F 1262 -55.84 25.10 26.89
N ALA F 1263 -56.48 26.23 26.55
CA ALA F 1263 -57.66 26.67 27.31
C ALA F 1263 -58.82 25.70 27.15
N ALA F 1264 -59.00 25.14 25.95
CA ALA F 1264 -60.04 24.15 25.71
C ALA F 1264 -59.78 22.88 26.51
N ALA F 1265 -58.53 22.41 26.55
CA ALA F 1265 -58.18 21.22 27.31
C ALA F 1265 -58.43 21.40 28.80
N THR F 1266 -58.00 22.55 29.34
CA THR F 1266 -58.19 22.83 30.77
C THR F 1266 -59.67 22.96 31.12
N SER F 1267 -60.44 23.68 30.31
CA SER F 1267 -61.86 23.90 30.62
C SER F 1267 -62.67 22.62 30.48
N ILE F 1268 -62.38 21.81 29.45
CA ILE F 1268 -63.10 20.55 29.26
C ILE F 1268 -62.75 19.55 30.37
N SER F 1269 -61.47 19.48 30.75
CA SER F 1269 -61.07 18.60 31.86
C SER F 1269 -61.69 19.04 33.17
N ASN F 1270 -61.81 20.35 33.39
CA ASN F 1270 -62.50 20.86 34.57
C ASN F 1270 -63.97 20.45 34.56
N SER F 1271 -64.69 20.74 33.47
CA SER F 1271 -66.13 20.46 33.40
C SER F 1271 -66.45 18.96 33.45
N LEU F 1272 -65.49 18.10 33.08
CA LEU F 1272 -65.65 16.68 33.35
C LEU F 1272 -65.20 16.27 34.75
N HIS F 1273 -64.44 17.11 35.45
CA HIS F 1273 -63.97 16.75 36.79
C HIS F 1273 -64.51 17.67 37.88
N ARG F 1274 -64.34 18.99 37.74
CA ARG F 1274 -64.77 19.96 38.76
C ARG F 1274 -65.72 20.96 38.11
N GLU F 1275 -66.99 20.97 38.55
CA GLU F 1275 -68.10 21.53 37.79
C GLU F 1275 -67.96 23.05 37.59
N LEU F 1276 -68.09 23.47 36.33
CA LEU F 1276 -68.00 24.88 35.94
C LEU F 1276 -69.34 25.41 35.45
N SER F 1277 -70.44 24.70 35.76
CA SER F 1277 -71.83 25.00 35.41
C SER F 1277 -72.10 25.00 33.90
N ALA F 1278 -71.14 24.55 33.09
CA ALA F 1278 -71.20 24.45 31.62
C ALA F 1278 -71.50 25.78 30.93
N GLY F 1279 -71.30 26.92 31.61
CA GLY F 1279 -71.53 28.22 31.00
C GLY F 1279 -70.28 29.06 30.98
N LEU F 1280 -69.42 28.88 31.99
CA LEU F 1280 -68.12 29.54 32.01
C LEU F 1280 -67.17 28.93 30.98
N VAL F 1281 -67.42 27.69 30.58
CA VAL F 1281 -66.63 27.05 29.52
C VAL F 1281 -66.84 27.77 28.19
N GLY F 1282 -68.09 28.11 27.87
CA GLY F 1282 -68.36 28.87 26.67
C GLY F 1282 -67.75 30.25 26.70
N LEU F 1283 -67.73 30.88 27.89
CA LEU F 1283 -67.07 32.17 28.09
C LEU F 1283 -65.58 32.08 27.81
N GLY F 1284 -64.93 31.05 28.37
CA GLY F 1284 -63.50 30.87 28.16
C GLY F 1284 -63.12 30.54 26.73
N LEU F 1285 -63.91 29.69 26.08
CA LEU F 1285 -63.66 29.35 24.68
C LEU F 1285 -63.89 30.53 23.75
N THR F 1286 -64.96 31.31 24.00
CA THR F 1286 -65.28 32.47 23.18
C THR F 1286 -64.23 33.56 23.32
N TYR F 1287 -63.59 33.69 24.49
CA TYR F 1287 -62.47 34.62 24.58
C TYR F 1287 -61.14 34.01 24.12
N ALA F 1288 -60.98 32.68 24.15
CA ALA F 1288 -59.77 32.06 23.64
C ALA F 1288 -59.67 32.21 22.12
N LEU F 1289 -60.80 32.11 21.42
CA LEU F 1289 -60.82 32.40 19.99
C LEU F 1289 -60.43 33.86 19.71
N MET F 1290 -60.76 34.77 20.63
CA MET F 1290 -60.31 36.15 20.48
C MET F 1290 -58.82 36.30 20.72
N VAL F 1291 -58.23 35.47 21.60
CA VAL F 1291 -56.77 35.46 21.71
C VAL F 1291 -56.15 35.03 20.39
N SER F 1292 -56.71 33.98 19.78
CA SER F 1292 -56.20 33.48 18.50
C SER F 1292 -56.37 34.49 17.37
N ASN F 1293 -57.42 35.31 17.41
CA ASN F 1293 -57.62 36.31 16.39
C ASN F 1293 -56.87 37.62 16.65
N TYR F 1294 -56.62 37.97 17.92
CA TYR F 1294 -56.19 39.31 18.27
C TYR F 1294 -54.77 39.41 18.81
N LEU F 1295 -54.11 38.29 19.13
CA LEU F 1295 -52.69 38.37 19.50
C LEU F 1295 -51.85 38.86 18.33
N ASN F 1296 -52.12 38.32 17.14
CA ASN F 1296 -51.43 38.75 15.93
C ASN F 1296 -51.76 40.20 15.59
N TRP F 1297 -53.03 40.60 15.77
CA TRP F 1297 -53.42 41.97 15.47
C TRP F 1297 -52.79 42.95 16.46
N MET F 1298 -52.65 42.56 17.72
CA MET F 1298 -52.00 43.41 18.72
C MET F 1298 -50.52 43.59 18.40
N VAL F 1299 -49.82 42.51 18.03
CA VAL F 1299 -48.40 42.62 17.68
C VAL F 1299 -48.21 43.46 16.41
N ARG F 1300 -49.09 43.24 15.42
CA ARG F 1300 -49.04 44.02 14.18
C ARG F 1300 -49.29 45.51 14.43
N ASN F 1301 -50.27 45.82 15.28
CA ASN F 1301 -50.55 47.22 15.60
C ASN F 1301 -49.45 47.85 16.45
N LEU F 1302 -48.76 47.06 17.28
CA LEU F 1302 -47.62 47.58 18.02
C LEU F 1302 -46.47 47.94 17.09
N ALA F 1303 -46.16 47.09 16.11
CA ALA F 1303 -45.12 47.40 15.13
C ALA F 1303 -45.50 48.61 14.28
N ASP F 1304 -46.78 48.68 13.87
CA ASP F 1304 -47.28 49.83 13.12
C ASP F 1304 -47.17 51.11 13.93
N MET F 1305 -47.54 51.05 15.22
CA MET F 1305 -47.46 52.22 16.11
C MET F 1305 -46.02 52.67 16.32
N GLU F 1306 -45.07 51.73 16.33
CA GLU F 1306 -43.66 52.09 16.38
C GLU F 1306 -43.24 52.86 15.13
N ILE F 1307 -43.71 52.43 13.96
CA ILE F 1307 -43.38 53.16 12.72
C ILE F 1307 -44.03 54.56 12.70
N GLN F 1308 -45.28 54.65 13.16
CA GLN F 1308 -45.97 55.94 13.25
C GLN F 1308 -45.27 56.88 14.23
N LEU F 1309 -44.80 56.35 15.36
CA LEU F 1309 -44.03 57.14 16.30
C LEU F 1309 -42.67 57.53 15.73
N GLY F 1310 -42.12 56.74 14.82
CA GLY F 1310 -40.94 57.18 14.08
C GLY F 1310 -41.22 58.40 13.22
N ALA F 1311 -42.40 58.44 12.58
CA ALA F 1311 -42.79 59.64 11.83
C ALA F 1311 -42.94 60.86 12.74
N VAL F 1312 -43.57 60.68 13.91
CA VAL F 1312 -43.72 61.76 14.88
C VAL F 1312 -42.35 62.20 15.41
N LYS F 1313 -41.43 61.24 15.57
CA LYS F 1313 -40.07 61.51 16.02
C LYS F 1313 -39.30 62.36 15.01
N ARG F 1314 -39.48 62.07 13.71
CA ARG F 1314 -38.85 62.89 12.67
C ARG F 1314 -39.40 64.31 12.66
N ILE F 1315 -40.73 64.45 12.85
CA ILE F 1315 -41.32 65.79 12.90
C ILE F 1315 -40.84 66.57 14.13
N HIS F 1316 -40.70 65.89 15.28
CA HIS F 1316 -40.19 66.57 16.46
C HIS F 1316 -38.70 66.90 16.34
N ALA F 1317 -37.93 66.06 15.64
CA ALA F 1317 -36.52 66.37 15.40
C ALA F 1317 -36.36 67.59 14.51
N LEU F 1318 -37.24 67.74 13.51
CA LEU F 1318 -37.25 68.98 12.75
C LEU F 1318 -37.85 70.14 13.54
N LEU F 1319 -38.62 69.86 14.59
CA LEU F 1319 -39.26 70.90 15.38
C LEU F 1319 -38.32 71.59 16.36
N LYS F 1320 -37.18 70.96 16.68
CA LYS F 1320 -36.23 71.51 17.63
C LYS F 1320 -35.11 72.31 16.98
N THR F 1321 -35.23 72.60 15.68
CA THR F 1321 -34.22 73.39 14.99
C THR F 1321 -34.24 74.83 15.47
N GLU F 1322 -33.06 75.44 15.54
CA GLU F 1322 -32.91 76.79 16.07
C GLU F 1322 -33.53 77.82 15.12
N ALA F 1323 -33.98 78.93 15.70
CA ALA F 1323 -34.61 80.01 14.97
C ALA F 1323 -33.77 81.26 15.06
N GLU F 1324 -33.91 82.12 14.05
CA GLU F 1324 -33.24 83.41 14.07
C GLU F 1324 -33.86 84.32 15.12
N SER F 1325 -33.09 85.27 15.62
CA SER F 1325 -33.54 86.19 16.66
C SER F 1325 -34.25 87.36 15.99
N TYR F 1326 -35.56 87.26 15.89
CA TYR F 1326 -36.39 88.29 15.29
C TYR F 1326 -36.78 89.40 16.24
N GLU F 1327 -36.38 89.30 17.52
CA GLU F 1327 -36.84 90.26 18.51
C GLU F 1327 -36.18 91.63 18.34
N GLY F 1328 -34.86 91.66 18.30
CA GLY F 1328 -34.15 92.92 18.18
C GLY F 1328 -34.00 93.65 19.50
N LEU F 1329 -32.79 94.15 19.76
CA LEU F 1329 -32.53 94.81 21.04
C LEU F 1329 -33.12 96.23 21.10
N LEU F 1330 -33.16 96.94 19.97
CA LEU F 1330 -33.67 98.29 19.96
C LEU F 1330 -35.19 98.30 20.11
N ALA F 1331 -35.69 99.32 20.80
CA ALA F 1331 -37.12 99.48 21.00
C ALA F 1331 -37.81 99.84 19.68
N PRO F 1332 -39.04 99.37 19.47
CA PRO F 1332 -39.76 99.74 18.23
C PRO F 1332 -40.13 101.21 18.17
N SER F 1333 -40.26 101.88 19.31
CA SER F 1333 -40.52 103.33 19.30
C SER F 1333 -39.28 104.11 18.89
N LEU F 1334 -38.08 103.58 19.16
CA LEU F 1334 -36.85 104.24 18.76
C LEU F 1334 -36.65 104.18 17.25
N ILE F 1335 -37.20 103.17 16.60
CA ILE F 1335 -37.17 103.09 15.13
C ILE F 1335 -38.16 104.09 14.56
N PRO F 1336 -37.74 105.00 13.66
CA PRO F 1336 -38.70 105.90 13.02
C PRO F 1336 -39.57 105.16 12.02
N LYS F 1337 -40.57 105.90 11.49
CA LYS F 1337 -41.49 105.33 10.51
C LYS F 1337 -40.78 105.01 9.20
N ASN F 1338 -39.82 105.86 8.81
CA ASN F 1338 -38.91 105.57 7.71
C ASN F 1338 -37.49 105.69 8.24
N TRP F 1339 -37.01 104.60 8.86
CA TRP F 1339 -35.66 104.57 9.41
C TRP F 1339 -34.57 104.58 8.33
N PRO F 1340 -34.80 104.12 7.06
CA PRO F 1340 -33.89 104.66 6.01
C PRO F 1340 -34.43 105.98 5.47
N ASP F 1341 -34.17 107.04 6.24
CA ASP F 1341 -34.71 108.36 5.89
C ASP F 1341 -34.04 108.93 4.64
N GLN F 1342 -32.74 108.73 4.47
CA GLN F 1342 -32.00 109.18 3.30
C GLN F 1342 -31.14 108.11 2.65
N GLY F 1343 -30.72 107.06 3.38
CA GLY F 1343 -29.93 105.99 2.78
C GLY F 1343 -28.45 105.99 3.07
N LYS F 1344 -28.01 106.66 4.15
CA LYS F 1344 -26.60 106.64 4.52
C LYS F 1344 -26.22 105.28 5.08
N ILE F 1345 -25.07 104.77 4.64
CA ILE F 1345 -24.58 103.48 5.09
C ILE F 1345 -23.15 103.67 5.61
N GLN F 1346 -22.92 103.32 6.87
CA GLN F 1346 -21.58 103.27 7.44
C GLN F 1346 -21.27 101.81 7.72
N ILE F 1347 -20.06 101.37 7.36
CA ILE F 1347 -19.59 100.03 7.62
C ILE F 1347 -18.28 100.16 8.37
N GLN F 1348 -18.27 99.69 9.62
CA GLN F 1348 -17.16 99.91 10.54
C GLN F 1348 -16.59 98.56 10.96
N ASN F 1349 -15.41 98.23 10.40
CA ASN F 1349 -14.60 97.05 10.76
C ASN F 1349 -15.38 95.75 10.58
N LEU F 1350 -16.22 95.70 9.55
CA LEU F 1350 -17.10 94.55 9.35
C LEU F 1350 -16.31 93.34 8.87
N SER F 1351 -16.50 92.22 9.56
CA SER F 1351 -15.98 90.94 9.12
C SER F 1351 -17.07 89.91 9.31
N VAL F 1352 -17.48 89.27 8.22
CA VAL F 1352 -18.61 88.36 8.25
C VAL F 1352 -18.14 86.95 7.92
N ARG F 1353 -18.89 85.97 8.43
CA ARG F 1353 -18.71 84.57 8.09
C ARG F 1353 -20.10 83.95 7.99
N TYR F 1354 -20.15 82.66 7.63
CA TYR F 1354 -21.42 81.98 7.48
C TYR F 1354 -21.76 81.08 8.66
N ASP F 1355 -20.77 80.66 9.44
CA ASP F 1355 -20.99 79.79 10.59
C ASP F 1355 -19.81 79.95 11.53
N SER F 1356 -20.00 79.51 12.78
CA SER F 1356 -18.89 79.44 13.72
C SER F 1356 -17.88 78.38 13.26
N SER F 1357 -16.61 78.63 13.61
CA SER F 1357 -15.46 77.82 13.18
C SER F 1357 -15.38 77.70 11.65
N LEU F 1358 -15.64 78.81 10.97
CA LEU F 1358 -15.55 78.90 9.52
C LEU F 1358 -14.74 80.13 9.16
N LYS F 1359 -14.12 80.09 7.97
CA LYS F 1359 -13.27 81.19 7.53
C LYS F 1359 -14.10 82.43 7.24
N PRO F 1360 -13.68 83.61 7.72
CA PRO F 1360 -14.43 84.84 7.43
C PRO F 1360 -14.32 85.23 5.96
N VAL F 1361 -15.47 85.28 5.28
CA VAL F 1361 -15.48 85.60 3.86
C VAL F 1361 -15.24 87.07 3.57
N LEU F 1362 -15.44 87.93 4.57
CA LEU F 1362 -15.02 89.33 4.51
C LEU F 1362 -14.12 89.61 5.69
N LYS F 1363 -13.03 90.35 5.45
CA LYS F 1363 -12.01 90.60 6.47
C LYS F 1363 -11.81 92.11 6.59
N HIS F 1364 -12.26 92.68 7.71
CA HIS F 1364 -12.04 94.07 8.11
C HIS F 1364 -12.55 95.06 7.07
N VAL F 1365 -13.79 94.86 6.64
CA VAL F 1365 -14.42 95.73 5.66
C VAL F 1365 -14.83 97.03 6.35
N ASN F 1366 -14.40 98.16 5.78
CA ASN F 1366 -14.65 99.48 6.36
C ASN F 1366 -14.90 100.45 5.22
N ALA F 1367 -16.10 101.03 5.18
CA ALA F 1367 -16.46 101.93 4.09
C ALA F 1367 -17.55 102.89 4.55
N LEU F 1368 -17.71 103.97 3.78
CA LEU F 1368 -18.79 104.92 3.99
C LEU F 1368 -19.50 105.17 2.67
N ILE F 1369 -20.83 105.22 2.73
CA ILE F 1369 -21.69 105.46 1.58
C ILE F 1369 -22.59 106.62 1.96
N SER F 1370 -22.36 107.78 1.35
CA SER F 1370 -23.23 108.92 1.51
C SER F 1370 -24.59 108.63 0.88
N PRO F 1371 -25.67 109.20 1.41
CA PRO F 1371 -27.00 108.98 0.81
C PRO F 1371 -27.10 109.54 -0.60
N GLY F 1372 -27.76 108.78 -1.47
CA GLY F 1372 -27.87 109.13 -2.88
C GLY F 1372 -26.69 108.72 -3.74
N GLN F 1373 -25.66 108.13 -3.16
CA GLN F 1373 -24.48 107.72 -3.92
C GLN F 1373 -24.69 106.34 -4.54
N LYS F 1374 -24.06 106.14 -5.69
CA LYS F 1374 -24.09 104.86 -6.38
C LYS F 1374 -22.75 104.17 -6.22
N ILE F 1375 -22.78 102.95 -5.69
CA ILE F 1375 -21.59 102.19 -5.34
C ILE F 1375 -21.55 100.96 -6.23
N GLY F 1376 -20.54 100.87 -7.09
CA GLY F 1376 -20.34 99.72 -7.93
C GLY F 1376 -19.27 98.80 -7.35
N ILE F 1377 -19.63 97.53 -7.18
CA ILE F 1377 -18.78 96.55 -6.51
C ILE F 1377 -18.27 95.57 -7.55
N CYS F 1378 -16.95 95.41 -7.64
CA CYS F 1378 -16.36 94.52 -8.62
C CYS F 1378 -15.26 93.66 -7.98
N GLY F 1379 -15.07 92.49 -8.56
CA GLY F 1379 -14.07 91.55 -8.11
C GLY F 1379 -14.27 90.21 -8.80
N ARG F 1380 -13.32 89.31 -8.57
CA ARG F 1380 -13.41 87.97 -9.11
C ARG F 1380 -14.43 87.14 -8.33
N THR F 1381 -14.82 86.01 -8.92
CA THR F 1381 -15.79 85.13 -8.27
C THR F 1381 -15.15 84.45 -7.07
N GLY F 1382 -15.82 84.53 -5.92
CA GLY F 1382 -15.28 84.04 -4.67
C GLY F 1382 -14.63 85.08 -3.79
N SER F 1383 -14.81 86.36 -4.09
CA SER F 1383 -14.18 87.44 -3.34
C SER F 1383 -15.09 88.01 -2.26
N GLY F 1384 -16.22 87.36 -1.97
CA GLY F 1384 -17.07 87.78 -0.88
C GLY F 1384 -17.94 89.00 -1.16
N LYS F 1385 -18.29 89.25 -2.42
CA LYS F 1385 -19.08 90.43 -2.75
C LYS F 1385 -20.58 90.17 -2.77
N SER F 1386 -21.01 88.91 -2.75
CA SER F 1386 -22.41 88.58 -2.49
C SER F 1386 -22.71 88.47 -1.01
N SER F 1387 -21.73 88.01 -0.22
CA SER F 1387 -21.85 88.05 1.23
C SER F 1387 -21.88 89.48 1.75
N PHE F 1388 -21.22 90.40 1.02
CA PHE F 1388 -21.35 91.82 1.31
C PHE F 1388 -22.79 92.29 1.17
N SER F 1389 -23.48 91.86 0.11
CA SER F 1389 -24.89 92.20 -0.08
C SER F 1389 -25.76 91.55 0.99
N LEU F 1390 -25.45 90.31 1.37
CA LEU F 1390 -26.21 89.63 2.41
C LEU F 1390 -25.95 90.17 3.80
N ALA F 1391 -24.84 90.92 3.99
CA ALA F 1391 -24.53 91.49 5.30
C ALA F 1391 -25.52 92.56 5.73
N PHE F 1392 -26.11 93.27 4.77
CA PHE F 1392 -27.09 94.31 5.12
C PHE F 1392 -28.41 93.74 5.59
N PHE F 1393 -28.71 92.48 5.26
CA PHE F 1393 -29.95 91.85 5.67
C PHE F 1393 -29.76 90.88 6.83
N ARG F 1394 -28.55 90.85 7.41
CA ARG F 1394 -28.15 89.94 8.50
C ARG F 1394 -28.39 88.47 8.14
N MET F 1395 -28.07 88.11 6.90
CA MET F 1395 -28.11 86.73 6.44
C MET F 1395 -26.79 86.02 6.65
N VAL F 1396 -25.78 86.72 7.16
CA VAL F 1396 -24.47 86.15 7.45
C VAL F 1396 -24.13 86.47 8.90
N ASP F 1397 -23.18 85.72 9.45
CA ASP F 1397 -22.78 85.88 10.84
C ASP F 1397 -21.78 87.03 10.93
N MET F 1398 -22.26 88.20 11.34
CA MET F 1398 -21.40 89.36 11.58
C MET F 1398 -20.79 89.21 12.97
N PHE F 1399 -19.71 88.43 13.04
CA PHE F 1399 -19.08 88.16 14.32
C PHE F 1399 -18.31 89.36 14.87
N GLU F 1400 -17.90 90.29 14.01
CA GLU F 1400 -17.35 91.56 14.45
C GLU F 1400 -17.63 92.62 13.40
N GLY F 1401 -17.72 93.86 13.85
CA GLY F 1401 -18.01 94.99 12.99
C GLY F 1401 -19.48 95.38 13.02
N ARG F 1402 -19.75 96.60 12.56
CA ARG F 1402 -21.10 97.15 12.58
C ARG F 1402 -21.48 97.71 11.21
N ILE F 1403 -22.77 97.64 10.91
CA ILE F 1403 -23.35 98.28 9.74
C ILE F 1403 -24.39 99.25 10.27
N ILE F 1404 -24.03 100.53 10.33
CA ILE F 1404 -24.89 101.58 10.85
C ILE F 1404 -25.58 102.25 9.67
N ILE F 1405 -26.89 102.17 9.61
CA ILE F 1405 -27.65 102.80 8.54
C ILE F 1405 -28.51 103.89 9.15
N ASP F 1406 -28.22 105.15 8.75
CA ASP F 1406 -28.91 106.36 9.22
C ASP F 1406 -28.87 106.49 10.74
N GLY F 1407 -27.70 106.22 11.33
CA GLY F 1407 -27.51 106.37 12.76
C GLY F 1407 -27.96 105.19 13.59
N ILE F 1408 -28.47 104.12 12.98
CA ILE F 1408 -29.01 102.97 13.69
C ILE F 1408 -28.22 101.73 13.27
N ASP F 1409 -27.66 101.04 14.27
CA ASP F 1409 -27.04 99.74 14.01
C ASP F 1409 -28.10 98.71 13.67
N ILE F 1410 -27.88 97.98 12.58
CA ILE F 1410 -28.90 97.03 12.11
C ILE F 1410 -28.95 95.76 12.95
N ALA F 1411 -27.91 95.48 13.76
CA ALA F 1411 -27.96 94.35 14.66
C ALA F 1411 -28.94 94.55 15.81
N LYS F 1412 -29.25 95.81 16.14
CA LYS F 1412 -30.23 96.12 17.17
C LYS F 1412 -31.67 95.98 16.70
N LEU F 1413 -31.90 95.87 15.40
CA LEU F 1413 -33.23 95.93 14.82
C LEU F 1413 -33.82 94.52 14.64
N PRO F 1414 -35.15 94.42 14.63
CA PRO F 1414 -35.79 93.16 14.23
C PRO F 1414 -35.51 92.84 12.77
N LEU F 1415 -35.55 91.54 12.46
CA LEU F 1415 -35.19 91.09 11.12
C LEU F 1415 -36.25 91.46 10.10
N HIS F 1416 -37.53 91.41 10.48
CA HIS F 1416 -38.58 91.86 9.56
C HIS F 1416 -38.51 93.37 9.35
N THR F 1417 -38.19 94.12 10.41
CA THR F 1417 -38.01 95.56 10.30
C THR F 1417 -36.82 95.90 9.40
N LEU F 1418 -35.73 95.15 9.51
CA LEU F 1418 -34.55 95.41 8.68
C LEU F 1418 -34.79 95.01 7.23
N ARG F 1419 -35.36 93.83 7.01
CA ARG F 1419 -35.50 93.28 5.66
C ARG F 1419 -36.74 93.80 4.93
N SER F 1420 -37.62 94.55 5.60
CA SER F 1420 -38.77 95.11 4.91
C SER F 1420 -38.51 96.48 4.29
N ARG F 1421 -37.51 97.23 4.79
CA ARG F 1421 -37.23 98.56 4.29
C ARG F 1421 -36.05 98.62 3.34
N LEU F 1422 -35.49 97.47 2.95
CA LEU F 1422 -34.38 97.42 2.00
C LEU F 1422 -34.74 96.47 0.87
N SER F 1423 -34.31 96.77 -0.35
CA SER F 1423 -34.59 95.88 -1.47
C SER F 1423 -33.30 95.27 -2.00
N ILE F 1424 -33.38 94.00 -2.39
CA ILE F 1424 -32.24 93.27 -2.95
C ILE F 1424 -32.72 92.53 -4.20
N ILE F 1425 -31.86 92.47 -5.21
CA ILE F 1425 -32.12 91.68 -6.41
C ILE F 1425 -31.01 90.65 -6.52
N LEU F 1426 -31.35 89.39 -6.28
CA LEU F 1426 -30.38 88.31 -6.39
C LEU F 1426 -30.04 88.03 -7.86
N GLN F 1427 -28.89 87.38 -8.07
CA GLN F 1427 -28.47 87.01 -9.42
C GLN F 1427 -29.37 85.92 -10.00
N ASP F 1428 -29.75 84.94 -9.18
CA ASP F 1428 -30.59 83.84 -9.64
C ASP F 1428 -32.05 84.19 -9.39
N PRO F 1429 -32.91 84.18 -10.41
CA PRO F 1429 -34.32 84.55 -10.20
C PRO F 1429 -35.09 83.46 -9.47
N VAL F 1430 -36.02 83.88 -8.61
CA VAL F 1430 -36.90 82.98 -7.89
C VAL F 1430 -38.33 83.46 -8.14
N LEU F 1431 -39.10 82.68 -8.88
CA LEU F 1431 -40.49 83.00 -9.17
C LEU F 1431 -41.41 81.95 -8.55
N PHE F 1432 -42.64 82.37 -8.26
CA PHE F 1432 -43.64 81.50 -7.64
C PHE F 1432 -44.84 81.35 -8.57
N SER F 1433 -45.59 80.27 -8.35
CA SER F 1433 -46.79 80.01 -9.13
C SER F 1433 -47.89 80.99 -8.76
N GLY F 1434 -48.52 81.58 -9.76
CA GLY F 1434 -49.56 82.56 -9.56
C GLY F 1434 -49.48 83.61 -10.65
N THR F 1435 -50.20 84.71 -10.44
CA THR F 1435 -50.24 85.78 -11.42
C THR F 1435 -48.97 86.62 -11.35
N ILE F 1436 -48.82 87.50 -12.34
CA ILE F 1436 -47.75 88.50 -12.34
C ILE F 1436 -47.95 89.47 -11.19
N ARG F 1437 -49.20 89.84 -10.91
CA ARG F 1437 -49.54 90.72 -9.81
C ARG F 1437 -49.18 90.09 -8.46
N PHE F 1438 -49.38 88.78 -8.33
CA PHE F 1438 -49.01 88.09 -7.09
C PHE F 1438 -47.50 88.02 -6.93
N ASN F 1439 -46.75 87.87 -8.02
CA ASN F 1439 -45.30 87.80 -7.92
C ASN F 1439 -44.69 89.17 -7.60
N LEU F 1440 -45.21 90.23 -8.23
CA LEU F 1440 -44.71 91.57 -7.91
C LEU F 1440 -45.22 92.04 -6.55
N ASP F 1441 -46.50 91.84 -6.26
CA ASP F 1441 -47.14 92.33 -5.04
C ASP F 1441 -47.94 91.21 -4.39
N PRO F 1442 -47.31 90.37 -3.57
CA PRO F 1442 -48.07 89.28 -2.93
C PRO F 1442 -48.99 89.76 -1.81
N GLU F 1443 -48.65 90.84 -1.13
CA GLU F 1443 -49.47 91.36 -0.04
C GLU F 1443 -50.53 92.35 -0.52
N LYS F 1444 -50.58 92.62 -1.84
CA LYS F 1444 -51.56 93.49 -2.49
C LYS F 1444 -51.56 94.90 -1.90
N LYS F 1445 -50.37 95.42 -1.62
CA LYS F 1445 -50.21 96.74 -1.00
C LYS F 1445 -49.98 97.86 -2.01
N CYS F 1446 -49.94 97.56 -3.30
CA CYS F 1446 -49.67 98.56 -4.33
C CYS F 1446 -50.68 98.45 -5.46
N SER F 1447 -50.97 99.59 -6.08
CA SER F 1447 -51.96 99.67 -7.14
C SER F 1447 -51.37 99.18 -8.46
N ASP F 1448 -52.22 99.16 -9.50
CA ASP F 1448 -51.80 98.67 -10.81
C ASP F 1448 -50.82 99.61 -11.50
N SER F 1449 -50.91 100.92 -11.23
CA SER F 1449 -49.99 101.87 -11.84
C SER F 1449 -48.57 101.68 -11.33
N THR F 1450 -48.42 101.35 -10.05
CA THR F 1450 -47.10 101.06 -9.49
C THR F 1450 -46.51 99.78 -10.11
N LEU F 1451 -47.35 98.76 -10.30
CA LEU F 1451 -46.91 97.53 -10.95
C LEU F 1451 -46.51 97.77 -12.39
N TRP F 1452 -47.26 98.61 -13.11
CA TRP F 1452 -46.91 98.92 -14.50
C TRP F 1452 -45.65 99.76 -14.60
N GLU F 1453 -45.41 100.66 -13.64
CA GLU F 1453 -44.16 101.41 -13.61
C GLU F 1453 -42.98 100.47 -13.32
N ALA F 1454 -43.17 99.51 -12.42
CA ALA F 1454 -42.12 98.54 -12.11
C ALA F 1454 -41.82 97.65 -13.32
N LEU F 1455 -42.86 97.26 -14.07
CA LEU F 1455 -42.65 96.46 -15.28
C LEU F 1455 -42.03 97.29 -16.41
N GLU F 1456 -42.37 98.58 -16.50
CA GLU F 1456 -41.84 99.43 -17.55
C GLU F 1456 -40.36 99.74 -17.33
N ILE F 1457 -39.97 99.93 -16.06
CA ILE F 1457 -38.54 100.11 -15.74
C ILE F 1457 -37.77 98.83 -16.05
N ALA F 1458 -38.33 97.68 -15.72
CA ALA F 1458 -37.69 96.39 -15.96
C ALA F 1458 -37.91 95.84 -17.38
N GLN F 1459 -38.29 96.72 -18.33
CA GLN F 1459 -38.43 96.40 -19.75
C GLN F 1459 -39.41 95.26 -20.01
N LEU F 1460 -40.50 95.24 -19.24
CA LEU F 1460 -41.52 94.21 -19.35
C LEU F 1460 -42.90 94.77 -19.60
N LYS F 1461 -43.00 96.04 -20.03
CA LYS F 1461 -44.30 96.62 -20.33
C LYS F 1461 -44.92 95.96 -21.56
N LEU F 1462 -44.14 95.84 -22.64
CA LEU F 1462 -44.65 95.28 -23.89
C LEU F 1462 -44.88 93.78 -23.76
N VAL F 1463 -44.02 93.09 -22.99
CA VAL F 1463 -44.13 91.63 -22.85
C VAL F 1463 -45.38 91.26 -22.05
N VAL F 1464 -45.60 91.93 -20.91
CA VAL F 1464 -46.77 91.65 -20.08
C VAL F 1464 -48.05 92.13 -20.76
N LYS F 1465 -47.97 93.28 -21.46
CA LYS F 1465 -49.13 93.77 -22.21
C LYS F 1465 -49.48 92.87 -23.39
N ALA F 1466 -48.49 92.15 -23.94
CA ALA F 1466 -48.77 91.21 -25.02
C ALA F 1466 -49.48 89.96 -24.53
N LEU F 1467 -49.29 89.61 -23.27
CA LEU F 1467 -49.99 88.46 -22.69
C LEU F 1467 -51.49 88.78 -22.53
N PRO F 1468 -52.37 87.80 -22.76
CA PRO F 1468 -53.81 88.12 -22.79
C PRO F 1468 -54.40 88.44 -21.42
N GLY F 1469 -53.84 87.89 -20.35
CA GLY F 1469 -54.33 88.23 -19.02
C GLY F 1469 -53.89 89.59 -18.52
N GLY F 1470 -52.76 90.08 -19.02
CA GLY F 1470 -52.20 91.33 -18.52
C GLY F 1470 -51.42 91.11 -17.24
N LEU F 1471 -51.80 91.83 -16.17
CA LEU F 1471 -51.23 91.58 -14.86
C LEU F 1471 -51.73 90.28 -14.23
N ASP F 1472 -52.80 89.71 -14.77
CA ASP F 1472 -53.35 88.43 -14.31
C ASP F 1472 -52.80 87.24 -15.08
N ALA F 1473 -51.78 87.45 -15.92
CA ALA F 1473 -51.17 86.36 -16.65
C ALA F 1473 -50.42 85.44 -15.70
N ILE F 1474 -50.62 84.13 -15.89
CA ILE F 1474 -50.16 83.14 -14.91
C ILE F 1474 -48.68 82.86 -15.12
N ILE F 1475 -47.90 83.03 -14.06
CA ILE F 1475 -46.52 82.56 -14.01
C ILE F 1475 -46.53 81.14 -13.44
N THR F 1476 -45.91 80.21 -14.15
CA THR F 1476 -45.88 78.81 -13.71
C THR F 1476 -44.88 78.62 -12.58
N GLU F 1477 -44.75 77.36 -12.13
CA GLU F 1477 -43.85 77.03 -11.03
C GLU F 1477 -42.40 77.19 -11.48
N GLY F 1478 -41.70 78.15 -10.90
CA GLY F 1478 -40.36 78.47 -11.33
C GLY F 1478 -40.27 79.36 -12.55
N GLY F 1479 -41.40 79.88 -13.02
CA GLY F 1479 -41.43 80.75 -14.19
C GLY F 1479 -41.05 80.08 -15.50
N GLU F 1480 -41.47 78.82 -15.68
CA GLU F 1480 -41.05 78.05 -16.85
C GLU F 1480 -41.69 78.52 -18.16
N ASN F 1481 -42.75 79.33 -18.09
CA ASN F 1481 -43.36 79.89 -19.29
C ASN F 1481 -42.66 81.16 -19.77
N PHE F 1482 -41.62 81.61 -19.07
CA PHE F 1482 -40.83 82.76 -19.46
C PHE F 1482 -39.37 82.36 -19.59
N SER F 1483 -38.60 83.20 -20.27
CA SER F 1483 -37.17 82.97 -20.43
C SER F 1483 -36.42 83.33 -19.15
N GLN F 1484 -35.14 82.95 -19.11
CA GLN F 1484 -34.29 83.26 -17.97
C GLN F 1484 -34.13 84.77 -17.78
N GLY F 1485 -33.92 85.50 -18.87
CA GLY F 1485 -33.87 86.95 -18.80
C GLY F 1485 -35.19 87.56 -18.40
N GLN F 1486 -36.31 87.01 -18.88
CA GLN F 1486 -37.62 87.54 -18.51
C GLN F 1486 -37.96 87.22 -17.06
N ARG F 1487 -37.55 86.04 -16.57
CA ARG F 1487 -37.70 85.73 -15.15
C ARG F 1487 -36.90 86.68 -14.27
N GLN F 1488 -35.67 86.99 -14.70
CA GLN F 1488 -34.83 87.91 -13.94
C GLN F 1488 -35.38 89.34 -13.98
N LEU F 1489 -35.94 89.75 -15.12
CA LEU F 1489 -36.60 91.04 -15.21
C LEU F 1489 -37.87 91.09 -14.37
N PHE F 1490 -38.57 89.96 -14.23
CA PHE F 1490 -39.71 89.88 -13.32
C PHE F 1490 -39.26 90.06 -11.87
N CYS F 1491 -38.10 89.49 -11.51
CA CYS F 1491 -37.58 89.70 -10.15
C CYS F 1491 -37.12 91.14 -9.93
N LEU F 1492 -36.55 91.76 -10.97
CA LEU F 1492 -36.18 93.18 -10.90
C LEU F 1492 -37.41 94.06 -10.71
N ALA F 1493 -38.48 93.79 -11.47
CA ALA F 1493 -39.74 94.51 -11.30
C ALA F 1493 -40.39 94.21 -9.95
N ARG F 1494 -40.15 93.01 -9.40
CA ARG F 1494 -40.61 92.67 -8.06
C ARG F 1494 -39.94 93.55 -7.02
N ALA F 1495 -38.65 93.83 -7.21
CA ALA F 1495 -37.98 94.75 -6.30
C ALA F 1495 -38.38 96.20 -6.54
N PHE F 1496 -38.76 96.55 -7.78
CA PHE F 1496 -39.11 97.95 -8.06
C PHE F 1496 -40.47 98.35 -7.49
N VAL F 1497 -41.29 97.38 -7.08
CA VAL F 1497 -42.59 97.68 -6.47
C VAL F 1497 -42.39 98.29 -5.08
N ARG F 1498 -41.39 97.81 -4.33
CA ARG F 1498 -41.26 98.11 -2.91
C ARG F 1498 -40.95 99.59 -2.66
N LYS F 1499 -40.15 100.21 -3.52
CA LYS F 1499 -39.84 101.64 -3.52
C LYS F 1499 -39.21 102.09 -2.19
N THR F 1500 -38.08 101.47 -1.88
CA THR F 1500 -37.38 101.72 -0.63
C THR F 1500 -36.39 102.88 -0.79
N SER F 1501 -35.51 103.05 0.19
CA SER F 1501 -34.43 104.02 0.09
C SER F 1501 -33.08 103.39 -0.27
N ILE F 1502 -32.90 102.10 -0.04
CA ILE F 1502 -31.64 101.42 -0.33
C ILE F 1502 -31.92 100.19 -1.19
N PHE F 1503 -31.40 100.21 -2.41
CA PHE F 1503 -31.45 99.09 -3.34
C PHE F 1503 -30.08 98.44 -3.42
N ILE F 1504 -30.06 97.11 -3.42
CA ILE F 1504 -28.83 96.33 -3.52
C ILE F 1504 -29.03 95.35 -4.67
N MET F 1505 -28.43 95.64 -5.82
CA MET F 1505 -28.59 94.83 -7.02
C MET F 1505 -27.38 93.91 -7.13
N ASP F 1506 -27.51 92.68 -6.63
CA ASP F 1506 -26.39 91.74 -6.55
C ASP F 1506 -26.34 90.93 -7.84
N GLU F 1507 -25.60 91.46 -8.83
CA GLU F 1507 -25.41 90.87 -10.16
C GLU F 1507 -26.74 90.57 -10.85
N ALA F 1508 -27.60 91.59 -10.89
CA ALA F 1508 -28.96 91.43 -11.41
C ALA F 1508 -28.97 91.16 -12.90
N THR F 1509 -28.14 91.87 -13.67
CA THR F 1509 -28.21 91.83 -15.12
C THR F 1509 -27.26 90.79 -15.73
N ALA F 1510 -27.02 89.68 -15.02
CA ALA F 1510 -26.13 88.64 -15.54
C ALA F 1510 -26.78 87.85 -16.65
N SER F 1511 -28.08 87.60 -16.56
CA SER F 1511 -28.82 86.82 -17.56
C SER F 1511 -29.41 87.69 -18.67
N ILE F 1512 -29.10 88.98 -18.67
CA ILE F 1512 -29.70 89.94 -19.60
C ILE F 1512 -28.68 90.30 -20.67
N ASP F 1513 -29.14 90.44 -21.91
CA ASP F 1513 -28.28 90.89 -23.00
C ASP F 1513 -27.87 92.35 -22.77
N MET F 1514 -26.73 92.72 -23.37
CA MET F 1514 -26.11 94.02 -23.12
C MET F 1514 -26.96 95.20 -23.60
N ALA F 1515 -27.69 95.01 -24.71
CA ALA F 1515 -28.48 96.09 -25.30
C ALA F 1515 -29.61 96.52 -24.38
N THR F 1516 -30.35 95.57 -23.84
CA THR F 1516 -31.40 95.92 -22.88
C THR F 1516 -30.84 96.17 -21.49
N GLU F 1517 -29.66 95.63 -21.17
CA GLU F 1517 -29.03 95.93 -19.88
C GLU F 1517 -28.65 97.41 -19.78
N ASN F 1518 -28.16 98.00 -20.88
CA ASN F 1518 -27.78 99.40 -20.84
C ASN F 1518 -28.97 100.33 -20.64
N ILE F 1519 -30.08 100.07 -21.34
CA ILE F 1519 -31.26 100.92 -21.17
C ILE F 1519 -31.93 100.65 -19.81
N LEU F 1520 -31.86 99.41 -19.31
CA LEU F 1520 -32.36 99.11 -17.96
C LEU F 1520 -31.54 99.81 -16.89
N GLN F 1521 -30.21 99.82 -17.05
CA GLN F 1521 -29.33 100.53 -16.13
C GLN F 1521 -29.60 102.03 -16.16
N LYS F 1522 -29.79 102.60 -17.36
CA LYS F 1522 -30.09 104.02 -17.49
C LYS F 1522 -31.43 104.39 -16.84
N VAL F 1523 -32.47 103.57 -17.04
CA VAL F 1523 -33.77 103.91 -16.48
C VAL F 1523 -33.79 103.64 -14.97
N VAL F 1524 -32.97 102.71 -14.48
CA VAL F 1524 -32.85 102.51 -13.03
C VAL F 1524 -32.11 103.69 -12.39
N MET F 1525 -31.06 104.20 -13.07
CA MET F 1525 -30.34 105.37 -12.57
C MET F 1525 -31.22 106.61 -12.55
N THR F 1526 -32.05 106.80 -13.59
CA THR F 1526 -32.91 107.98 -13.60
C THR F 1526 -34.08 107.85 -12.63
N ALA F 1527 -34.66 106.64 -12.51
CA ALA F 1527 -35.80 106.46 -11.63
C ALA F 1527 -35.42 106.43 -10.16
N PHE F 1528 -34.19 106.00 -9.84
CA PHE F 1528 -33.74 105.92 -8.46
C PHE F 1528 -32.60 106.90 -8.22
N ALA F 1529 -32.75 108.13 -8.70
CA ALA F 1529 -31.68 109.12 -8.60
C ALA F 1529 -31.43 109.57 -7.17
N ASP F 1530 -32.47 109.63 -6.34
CA ASP F 1530 -32.34 110.04 -4.96
C ASP F 1530 -32.09 108.88 -4.00
N ARG F 1531 -31.99 107.66 -4.52
CA ARG F 1531 -31.89 106.47 -3.69
C ARG F 1531 -30.50 105.87 -3.76
N THR F 1532 -30.01 105.40 -2.61
CA THR F 1532 -28.71 104.75 -2.55
C THR F 1532 -28.78 103.36 -3.18
N VAL F 1533 -28.01 103.15 -4.23
CA VAL F 1533 -27.98 101.89 -4.96
C VAL F 1533 -26.58 101.30 -4.84
N VAL F 1534 -26.50 100.08 -4.33
CA VAL F 1534 -25.27 99.31 -4.26
C VAL F 1534 -25.36 98.27 -5.37
N THR F 1535 -24.66 98.51 -6.47
CA THR F 1535 -24.74 97.66 -7.66
C THR F 1535 -23.51 96.76 -7.72
N ILE F 1536 -23.73 95.46 -7.60
CA ILE F 1536 -22.67 94.48 -7.80
C ILE F 1536 -22.63 94.15 -9.28
N ALA F 1537 -21.49 94.38 -9.92
CA ALA F 1537 -21.38 94.36 -11.37
C ALA F 1537 -20.97 92.99 -11.86
N HIS F 1538 -21.84 92.34 -12.63
CA HIS F 1538 -21.42 91.19 -13.42
C HIS F 1538 -20.51 91.63 -14.57
N ARG F 1539 -20.82 92.78 -15.16
CA ARG F 1539 -19.98 93.41 -16.17
C ARG F 1539 -19.45 94.73 -15.62
N VAL F 1540 -18.12 94.90 -15.67
CA VAL F 1540 -17.46 96.02 -15.01
C VAL F 1540 -17.80 97.35 -15.70
N HIS F 1541 -18.00 97.32 -17.03
CA HIS F 1541 -18.30 98.54 -17.78
C HIS F 1541 -19.65 99.16 -17.40
N THR F 1542 -20.51 98.42 -16.71
CA THR F 1542 -21.77 98.98 -16.23
C THR F 1542 -21.55 99.94 -15.06
N ILE F 1543 -20.49 99.76 -14.28
CA ILE F 1543 -20.27 100.64 -13.12
C ILE F 1543 -19.18 101.67 -13.39
N LEU F 1544 -18.93 102.00 -14.66
CA LEU F 1544 -18.04 103.10 -15.00
C LEU F 1544 -18.67 104.46 -14.70
N SER F 1545 -19.99 104.54 -14.62
CA SER F 1545 -20.70 105.78 -14.30
C SER F 1545 -21.09 105.87 -12.83
N ALA F 1546 -20.63 104.93 -12.00
CA ALA F 1546 -20.97 104.93 -10.58
C ALA F 1546 -20.21 106.04 -9.86
N ASP F 1547 -20.75 106.45 -8.70
CA ASP F 1547 -20.10 107.48 -7.90
C ASP F 1547 -18.83 106.94 -7.24
N LEU F 1548 -18.90 105.76 -6.64
CA LEU F 1548 -17.74 105.13 -6.04
C LEU F 1548 -17.68 103.67 -6.46
N VAL F 1549 -16.47 103.12 -6.54
CA VAL F 1549 -16.26 101.73 -6.93
C VAL F 1549 -15.48 101.03 -5.82
N MET F 1550 -16.07 99.95 -5.31
CA MET F 1550 -15.46 99.10 -4.30
C MET F 1550 -14.89 97.87 -5.00
N VAL F 1551 -13.57 97.75 -5.02
CA VAL F 1551 -12.88 96.59 -5.58
C VAL F 1551 -12.58 95.64 -4.44
N LEU F 1552 -13.10 94.43 -4.53
CA LEU F 1552 -12.89 93.40 -3.51
C LEU F 1552 -11.87 92.40 -4.01
N LYS F 1553 -10.83 92.16 -3.21
CA LYS F 1553 -9.85 91.12 -3.46
C LYS F 1553 -9.84 90.20 -2.23
N ARG F 1554 -10.34 88.97 -2.44
CA ARG F 1554 -10.34 87.88 -1.45
C ARG F 1554 -10.99 88.28 -0.12
N GLY F 1555 -12.06 89.06 -0.21
CA GLY F 1555 -12.77 89.51 0.97
C GLY F 1555 -12.24 90.77 1.61
N ALA F 1556 -11.30 91.47 0.97
CA ALA F 1556 -10.79 92.73 1.50
C ALA F 1556 -11.00 93.82 0.46
N ILE F 1557 -11.39 95.02 0.93
CA ILE F 1557 -11.54 96.15 0.02
C ILE F 1557 -10.16 96.67 -0.35
N LEU F 1558 -9.69 96.30 -1.55
CA LEU F 1558 -8.40 96.82 -1.99
C LEU F 1558 -8.50 98.27 -2.43
N GLU F 1559 -9.55 98.63 -3.17
CA GLU F 1559 -9.73 99.98 -3.69
C GLU F 1559 -11.16 100.41 -3.47
N PHE F 1560 -11.34 101.64 -2.93
CA PHE F 1560 -12.66 102.23 -2.74
C PHE F 1560 -12.53 103.73 -3.03
N ASP F 1561 -12.80 104.11 -4.28
CA ASP F 1561 -12.64 105.50 -4.71
C ASP F 1561 -13.52 105.73 -5.94
N LYS F 1562 -13.50 106.96 -6.42
CA LYS F 1562 -14.23 107.30 -7.65
C LYS F 1562 -13.58 106.61 -8.85
N PRO F 1563 -14.37 106.21 -9.85
CA PRO F 1563 -13.79 105.52 -11.01
C PRO F 1563 -12.90 106.42 -11.87
N GLU F 1564 -13.13 107.73 -11.85
CA GLU F 1564 -12.30 108.64 -12.63
C GLU F 1564 -10.87 108.70 -12.09
N THR F 1565 -10.73 108.72 -10.77
CA THR F 1565 -9.40 108.65 -10.17
C THR F 1565 -8.84 107.23 -10.19
N LEU F 1566 -9.71 106.22 -10.08
CA LEU F 1566 -9.26 104.83 -10.06
C LEU F 1566 -8.71 104.39 -11.42
N LEU F 1567 -9.35 104.84 -12.51
CA LEU F 1567 -8.85 104.53 -13.85
C LEU F 1567 -7.62 105.35 -14.23
N SER F 1568 -7.35 106.44 -13.51
CA SER F 1568 -6.14 107.23 -13.77
C SER F 1568 -4.88 106.48 -13.36
N GLN F 1569 -4.97 105.68 -12.29
CA GLN F 1569 -3.84 104.86 -11.87
C GLN F 1569 -3.66 103.68 -12.84
N LYS F 1570 -2.43 103.52 -13.34
CA LYS F 1570 -2.17 102.44 -14.28
C LYS F 1570 -2.12 101.08 -13.60
N ASP F 1571 -1.65 101.02 -12.36
CA ASP F 1571 -1.46 99.78 -11.64
C ASP F 1571 -2.70 99.35 -10.85
N SER F 1572 -3.80 100.08 -10.95
CA SER F 1572 -5.00 99.72 -10.21
C SER F 1572 -5.69 98.51 -10.83
N VAL F 1573 -6.25 97.67 -9.96
CA VAL F 1573 -6.90 96.43 -10.39
C VAL F 1573 -8.20 96.72 -11.14
N PHE F 1574 -8.89 97.80 -10.79
CA PHE F 1574 -10.11 98.21 -11.49
C PHE F 1574 -9.82 98.59 -12.94
N ALA F 1575 -8.66 99.20 -13.19
CA ALA F 1575 -8.23 99.46 -14.56
C ALA F 1575 -7.97 98.15 -15.31
N SER F 1576 -7.46 97.13 -14.62
CA SER F 1576 -7.28 95.83 -15.26
C SER F 1576 -8.62 95.15 -15.55
N PHE F 1577 -9.63 95.40 -14.70
CA PHE F 1577 -10.98 94.92 -14.98
C PHE F 1577 -11.58 95.59 -16.22
N VAL F 1578 -11.38 96.91 -16.34
CA VAL F 1578 -11.96 97.64 -17.48
C VAL F 1578 -11.22 97.30 -18.78
N ARG F 1579 -9.88 97.25 -18.73
CA ARG F 1579 -9.08 97.01 -19.94
C ARG F 1579 -9.26 95.58 -20.45
N ALA F 1580 -9.31 94.61 -19.56
CA ALA F 1580 -9.48 93.21 -19.96
C ALA F 1580 -10.93 92.78 -19.83
N ARG G 32 -15.12 5.94 -34.81
CA ARG G 32 -14.38 6.50 -33.68
C ARG G 32 -14.74 5.81 -32.37
N ALA G 33 -13.78 5.10 -31.80
CA ALA G 33 -13.93 4.47 -30.49
C ALA G 33 -12.99 5.14 -29.49
N ARG G 34 -13.41 5.17 -28.24
CA ARG G 34 -12.62 5.76 -27.16
C ARG G 34 -11.95 4.65 -26.36
N PHE G 35 -10.67 4.88 -26.01
CA PHE G 35 -9.97 3.94 -25.14
C PHE G 35 -10.56 3.92 -23.74
N VAL G 36 -10.84 5.10 -23.19
CA VAL G 36 -11.49 5.27 -21.90
C VAL G 36 -12.75 6.09 -22.12
N SER G 37 -13.83 5.77 -21.40
CA SER G 37 -15.03 6.58 -21.45
C SER G 37 -14.85 7.84 -20.60
N LYS G 38 -15.84 8.75 -20.71
CA LYS G 38 -15.86 9.94 -19.87
C LYS G 38 -16.06 9.60 -18.41
N LYS G 39 -16.89 8.59 -18.13
CA LYS G 39 -17.06 8.10 -16.76
C LYS G 39 -15.79 7.43 -16.25
N GLY G 40 -15.00 6.86 -17.14
CA GLY G 40 -13.75 6.26 -16.74
C GLY G 40 -13.74 4.75 -16.72
N ASN G 41 -14.34 4.12 -17.72
CA ASN G 41 -14.26 2.69 -17.91
C ASN G 41 -13.66 2.41 -19.28
N CYS G 42 -12.75 1.44 -19.33
CA CYS G 42 -12.07 1.13 -20.58
C CYS G 42 -13.00 0.39 -21.53
N ASN G 43 -12.92 0.73 -22.80
CA ASN G 43 -13.71 0.08 -23.85
C ASN G 43 -12.90 -0.94 -24.63
N VAL G 44 -11.93 -1.58 -23.99
CA VAL G 44 -11.11 -2.59 -24.65
C VAL G 44 -11.81 -3.93 -24.55
N ALA G 45 -12.05 -4.57 -25.69
CA ALA G 45 -12.74 -5.85 -25.75
C ALA G 45 -11.71 -6.95 -25.98
N HIS G 46 -11.51 -7.80 -24.98
CA HIS G 46 -10.55 -8.88 -25.09
C HIS G 46 -11.19 -10.08 -25.78
N LYS G 47 -10.41 -10.74 -26.63
CA LYS G 47 -10.88 -11.91 -27.37
C LYS G 47 -9.69 -12.83 -27.63
N ASN G 48 -10.01 -14.04 -28.10
CA ASN G 48 -9.04 -15.10 -28.42
C ASN G 48 -8.14 -15.46 -27.25
N ILE G 49 -8.68 -15.40 -26.03
CA ILE G 49 -7.95 -15.78 -24.82
C ILE G 49 -8.10 -17.29 -24.68
N ARG G 50 -7.06 -18.04 -24.99
CA ARG G 50 -7.05 -19.46 -24.68
C ARG G 50 -6.95 -19.63 -23.17
N GLU G 51 -7.96 -20.26 -22.57
CA GLU G 51 -8.08 -20.32 -21.12
C GLU G 51 -7.55 -21.66 -20.62
N GLN G 52 -6.59 -21.60 -19.69
CA GLN G 52 -5.98 -22.78 -19.10
C GLN G 52 -6.34 -22.95 -17.63
N GLY G 53 -7.30 -22.18 -17.13
CA GLY G 53 -7.69 -22.25 -15.74
C GLY G 53 -7.13 -21.15 -14.87
N ARG G 54 -6.47 -20.16 -15.46
CA ARG G 54 -5.97 -19.02 -14.70
C ARG G 54 -7.07 -18.01 -14.38
N PHE G 55 -8.22 -18.09 -15.06
CA PHE G 55 -9.42 -17.44 -14.56
C PHE G 55 -10.13 -18.29 -13.52
N LEU G 56 -9.80 -19.58 -13.45
CA LEU G 56 -10.47 -20.52 -12.57
C LEU G 56 -9.81 -20.66 -11.22
N GLN G 57 -8.48 -20.48 -11.15
CA GLN G 57 -7.78 -20.60 -9.88
C GLN G 57 -8.14 -19.47 -8.92
N ASP G 58 -8.27 -18.25 -9.45
CA ASP G 58 -8.61 -17.09 -8.63
C ASP G 58 -10.14 -16.98 -8.50
N VAL G 59 -10.68 -17.88 -7.68
CA VAL G 59 -12.11 -17.88 -7.39
C VAL G 59 -12.49 -16.64 -6.59
N PHE G 60 -11.63 -16.23 -5.67
CA PHE G 60 -11.98 -15.16 -4.74
C PHE G 60 -11.99 -13.79 -5.41
N THR G 61 -11.04 -13.55 -6.32
CA THR G 61 -11.02 -12.28 -7.05
C THR G 61 -12.24 -12.14 -7.96
N THR G 62 -12.62 -13.22 -8.65
CA THR G 62 -13.85 -13.20 -9.44
C THR G 62 -15.08 -13.07 -8.55
N LEU G 63 -15.04 -13.66 -7.36
CA LEU G 63 -16.15 -13.61 -6.43
C LEU G 63 -16.38 -12.20 -5.90
N VAL G 64 -15.32 -11.43 -5.73
CA VAL G 64 -15.49 -10.01 -5.38
C VAL G 64 -15.78 -9.16 -6.62
N ASP G 65 -15.37 -9.61 -7.82
CA ASP G 65 -15.65 -8.85 -9.04
C ASP G 65 -17.12 -8.84 -9.43
N LEU G 66 -17.92 -9.78 -8.92
CA LEU G 66 -19.33 -9.85 -9.26
C LEU G 66 -20.10 -8.69 -8.63
N LYS G 67 -21.24 -8.38 -9.23
CA LYS G 67 -22.12 -7.35 -8.70
C LYS G 67 -22.76 -7.80 -7.40
N TRP G 68 -23.27 -6.81 -6.65
CA TRP G 68 -23.94 -7.09 -5.38
C TRP G 68 -25.12 -8.06 -5.46
N PRO G 69 -26.02 -8.03 -6.49
CA PRO G 69 -26.97 -9.15 -6.62
C PRO G 69 -26.31 -10.51 -6.85
N HIS G 70 -25.22 -10.57 -7.63
CA HIS G 70 -24.59 -11.85 -7.89
C HIS G 70 -23.85 -12.38 -6.66
N THR G 71 -23.15 -11.49 -5.93
CA THR G 71 -22.50 -11.89 -4.69
C THR G 71 -23.53 -12.29 -3.64
N LEU G 72 -24.66 -11.59 -3.58
CA LEU G 72 -25.73 -11.96 -2.66
C LEU G 72 -26.35 -13.31 -3.03
N LEU G 73 -26.50 -13.58 -4.33
CA LEU G 73 -27.04 -14.86 -4.78
C LEU G 73 -26.10 -16.01 -4.43
N ILE G 74 -24.79 -15.83 -4.66
CA ILE G 74 -23.83 -16.87 -4.29
C ILE G 74 -23.75 -17.02 -2.78
N PHE G 75 -23.86 -15.91 -2.04
CA PHE G 75 -23.81 -15.94 -0.58
C PHE G 75 -25.00 -16.70 0.01
N THR G 76 -26.21 -16.47 -0.50
CA THR G 76 -27.34 -17.22 0.03
C THR G 76 -27.34 -18.66 -0.50
N MET G 77 -26.83 -18.89 -1.71
CA MET G 77 -26.91 -20.22 -2.31
C MET G 77 -25.90 -21.17 -1.69
N SER G 78 -24.70 -20.69 -1.34
CA SER G 78 -23.69 -21.56 -0.73
C SER G 78 -24.14 -22.04 0.65
N PHE G 79 -24.66 -21.12 1.47
CA PHE G 79 -25.16 -21.50 2.80
C PHE G 79 -26.38 -22.40 2.70
N LEU G 80 -27.33 -22.08 1.80
CA LEU G 80 -28.52 -22.91 1.64
C LEU G 80 -28.19 -24.30 1.10
N CYS G 81 -27.24 -24.39 0.17
CA CYS G 81 -26.87 -25.70 -0.39
C CYS G 81 -26.09 -26.53 0.62
N SER G 82 -25.26 -25.88 1.47
CA SER G 82 -24.57 -26.63 2.51
C SER G 82 -25.54 -27.16 3.56
N TRP G 83 -26.53 -26.34 3.95
CA TRP G 83 -27.57 -26.80 4.86
C TRP G 83 -28.37 -27.95 4.27
N LEU G 84 -28.71 -27.86 2.98
CA LEU G 84 -29.49 -28.90 2.33
C LEU G 84 -28.70 -30.20 2.15
N LEU G 85 -27.39 -30.08 1.86
CA LEU G 85 -26.54 -31.26 1.69
C LEU G 85 -26.38 -32.01 3.01
N PHE G 86 -26.02 -31.29 4.09
CA PHE G 86 -25.92 -31.97 5.37
C PHE G 86 -27.29 -32.38 5.92
N ALA G 87 -28.36 -31.72 5.48
CA ALA G 87 -29.71 -32.17 5.79
C ALA G 87 -30.00 -33.54 5.20
N MET G 88 -29.62 -33.75 3.93
CA MET G 88 -29.79 -35.06 3.33
C MET G 88 -28.90 -36.10 3.99
N VAL G 89 -27.71 -35.70 4.47
CA VAL G 89 -26.84 -36.62 5.22
C VAL G 89 -27.49 -37.04 6.55
N TRP G 90 -28.02 -36.08 7.31
CA TRP G 90 -28.66 -36.38 8.59
C TRP G 90 -29.92 -37.21 8.40
N TRP G 91 -30.71 -36.91 7.36
CA TRP G 91 -31.92 -37.68 7.07
C TRP G 91 -31.58 -39.10 6.64
N LEU G 92 -30.48 -39.28 5.90
CA LEU G 92 -30.05 -40.63 5.54
C LEU G 92 -29.56 -41.41 6.75
N ILE G 93 -28.91 -40.73 7.71
CA ILE G 93 -28.52 -41.39 8.96
C ILE G 93 -29.75 -41.84 9.74
N ALA G 94 -30.76 -40.96 9.83
CA ALA G 94 -31.98 -41.31 10.55
C ALA G 94 -32.77 -42.43 9.86
N PHE G 95 -32.71 -42.49 8.53
CA PHE G 95 -33.29 -43.62 7.81
C PHE G 95 -32.52 -44.91 8.09
N ALA G 96 -31.18 -44.84 8.06
CA ALA G 96 -30.36 -46.04 8.18
C ALA G 96 -30.42 -46.63 9.58
N HIS G 97 -30.52 -45.79 10.61
CA HIS G 97 -30.57 -46.28 11.97
C HIS G 97 -31.97 -46.71 12.41
N GLY G 98 -33.01 -46.35 11.67
CA GLY G 98 -34.36 -46.67 12.05
C GLY G 98 -35.07 -45.63 12.86
N ASP G 99 -34.55 -44.40 12.91
CA ASP G 99 -35.15 -43.35 13.70
C ASP G 99 -36.43 -42.79 13.07
N LEU G 100 -36.53 -42.84 11.74
CA LEU G 100 -37.73 -42.33 11.08
C LEU G 100 -38.92 -43.26 11.26
N ALA G 101 -38.66 -44.56 11.46
CA ALA G 101 -39.73 -45.50 11.75
C ALA G 101 -40.29 -45.24 13.15
N PRO G 102 -41.58 -45.51 13.37
CA PRO G 102 -42.14 -45.33 14.72
C PRO G 102 -41.62 -46.38 15.70
N GLY G 103 -40.74 -45.97 16.59
CA GLY G 103 -40.16 -46.89 17.56
C GLY G 103 -41.09 -47.15 18.72
N GLU G 104 -41.14 -48.42 19.15
CA GLU G 104 -41.96 -48.78 20.30
C GLU G 104 -41.38 -48.21 21.59
N GLY G 105 -40.06 -48.21 21.72
CA GLY G 105 -39.41 -47.67 22.89
C GLY G 105 -38.05 -48.29 23.09
N THR G 106 -37.30 -47.69 24.03
CA THR G 106 -35.95 -48.11 24.44
C THR G 106 -34.98 -48.15 23.26
N ASN G 107 -35.12 -47.18 22.34
CA ASN G 107 -34.24 -47.06 21.18
C ASN G 107 -33.73 -45.63 21.13
N VAL G 108 -32.43 -45.45 21.34
CA VAL G 108 -31.81 -44.14 21.32
C VAL G 108 -31.48 -43.79 19.87
N PRO G 109 -32.04 -42.72 19.31
CA PRO G 109 -31.71 -42.33 17.93
C PRO G 109 -30.32 -41.72 17.86
N CYS G 110 -29.81 -41.62 16.62
CA CYS G 110 -28.57 -40.89 16.39
C CYS G 110 -28.75 -39.41 16.69
N VAL G 111 -29.84 -38.82 16.21
CA VAL G 111 -30.24 -37.46 16.55
C VAL G 111 -31.68 -37.52 17.05
N THR G 112 -31.94 -36.89 18.20
CA THR G 112 -33.28 -36.87 18.77
C THR G 112 -34.23 -36.05 17.89
N SER G 113 -35.51 -36.44 17.94
CA SER G 113 -36.64 -35.69 17.37
C SER G 113 -36.50 -35.44 15.87
N ILE G 114 -35.88 -36.35 15.13
CA ILE G 114 -35.87 -36.31 13.68
C ILE G 114 -36.95 -37.27 13.19
N HIS G 115 -37.99 -36.70 12.57
CA HIS G 115 -39.12 -37.47 12.09
C HIS G 115 -39.32 -37.40 10.60
N SER G 116 -38.79 -36.39 9.92
CA SER G 116 -38.93 -36.24 8.48
C SER G 116 -37.68 -35.55 7.94
N PHE G 117 -37.73 -35.18 6.65
CA PHE G 117 -36.60 -34.46 6.04
C PHE G 117 -36.51 -33.03 6.57
N SER G 118 -37.65 -32.42 6.89
CA SER G 118 -37.64 -31.06 7.42
C SER G 118 -37.00 -30.99 8.80
N SER G 119 -37.11 -32.06 9.59
CA SER G 119 -36.41 -32.13 10.87
C SER G 119 -34.91 -32.14 10.67
N ALA G 120 -34.43 -32.90 9.68
CA ALA G 120 -33.00 -32.90 9.36
C ALA G 120 -32.54 -31.57 8.79
N PHE G 121 -33.42 -30.87 8.06
CA PHE G 121 -33.06 -29.57 7.52
C PHE G 121 -32.96 -28.51 8.61
N LEU G 122 -33.93 -28.49 9.54
CA LEU G 122 -33.87 -27.59 10.68
C LEU G 122 -32.68 -27.92 11.58
N PHE G 123 -32.34 -29.20 11.71
CA PHE G 123 -31.19 -29.59 12.52
C PHE G 123 -29.87 -29.20 11.86
N SER G 124 -29.80 -29.28 10.52
CA SER G 124 -28.61 -28.82 9.80
C SER G 124 -28.44 -27.31 9.93
N ILE G 125 -29.55 -26.57 9.90
CA ILE G 125 -29.48 -25.13 10.15
C ILE G 125 -29.04 -24.84 11.58
N GLU G 126 -29.55 -25.62 12.55
CA GLU G 126 -29.17 -25.42 13.95
C GLU G 126 -27.70 -25.74 14.19
N VAL G 127 -27.16 -26.74 13.50
CA VAL G 127 -25.75 -27.10 13.68
C VAL G 127 -24.85 -26.09 13.00
N GLN G 128 -25.13 -25.77 11.72
CA GLN G 128 -24.16 -25.01 10.91
C GLN G 128 -24.13 -23.53 11.30
N VAL G 129 -25.27 -22.92 11.59
CA VAL G 129 -25.30 -21.55 12.09
C VAL G 129 -25.09 -21.50 13.60
N THR G 130 -24.90 -22.67 14.24
CA THR G 130 -24.62 -22.83 15.67
C THR G 130 -25.71 -22.22 16.54
N ILE G 131 -26.97 -22.39 16.13
CA ILE G 131 -28.09 -21.94 16.94
C ILE G 131 -28.32 -22.90 18.10
N GLY G 132 -28.62 -24.16 17.78
CA GLY G 132 -28.79 -25.19 18.79
C GLY G 132 -30.04 -25.01 19.62
N PHE G 133 -31.20 -25.19 19.00
CA PHE G 133 -32.47 -25.11 19.72
C PHE G 133 -32.58 -26.23 20.75
N GLY G 134 -32.15 -27.44 20.39
CA GLY G 134 -32.05 -28.51 21.35
C GLY G 134 -33.24 -29.45 21.42
N GLY G 135 -34.30 -29.20 20.68
CA GLY G 135 -35.26 -30.25 20.42
C GLY G 135 -34.63 -31.39 19.64
N ARG G 136 -33.78 -31.05 18.68
CA ARG G 136 -33.00 -32.01 17.91
C ARG G 136 -31.54 -31.86 18.29
N MET G 137 -30.92 -32.94 18.77
CA MET G 137 -29.53 -32.89 19.21
C MET G 137 -28.87 -34.25 18.97
N VAL G 138 -27.55 -34.23 18.82
CA VAL G 138 -26.79 -35.46 18.59
C VAL G 138 -26.70 -36.25 19.88
N THR G 139 -27.20 -37.48 19.86
CA THR G 139 -26.86 -38.41 20.93
C THR G 139 -25.50 -39.03 20.67
N GLU G 140 -24.91 -39.59 21.71
CA GLU G 140 -23.59 -40.19 21.62
C GLU G 140 -23.62 -41.66 21.27
N GLU G 141 -24.75 -42.14 20.71
CA GLU G 141 -24.85 -43.55 20.36
C GLU G 141 -24.13 -43.86 19.05
N CYS G 142 -24.43 -43.10 17.99
CA CYS G 142 -23.90 -43.38 16.66
C CYS G 142 -22.59 -42.61 16.46
N PRO G 143 -21.48 -43.30 16.19
CA PRO G 143 -20.22 -42.57 15.92
C PRO G 143 -20.24 -41.82 14.61
N LEU G 144 -21.05 -42.27 13.64
CA LEU G 144 -21.13 -41.59 12.35
C LEU G 144 -21.78 -40.22 12.49
N ALA G 145 -22.75 -40.10 13.41
CA ALA G 145 -23.36 -38.80 13.69
C ALA G 145 -22.35 -37.83 14.31
N ILE G 146 -21.48 -38.33 15.18
CA ILE G 146 -20.42 -37.50 15.76
C ILE G 146 -19.43 -37.06 14.69
N LEU G 147 -19.04 -37.99 13.81
CA LEU G 147 -18.11 -37.67 12.72
C LEU G 147 -18.70 -36.64 11.76
N ILE G 148 -19.97 -36.78 11.42
CA ILE G 148 -20.59 -35.85 10.48
C ILE G 148 -20.88 -34.51 11.16
N LEU G 149 -21.08 -34.50 12.49
CA LEU G 149 -21.12 -33.24 13.24
C LEU G 149 -19.77 -32.50 13.16
N ILE G 150 -18.67 -33.25 13.30
CA ILE G 150 -17.33 -32.67 13.15
C ILE G 150 -17.14 -32.10 11.74
N VAL G 151 -17.53 -32.88 10.73
CA VAL G 151 -17.34 -32.50 9.33
C VAL G 151 -18.17 -31.27 8.99
N GLN G 152 -19.43 -31.23 9.45
CA GLN G 152 -20.30 -30.08 9.19
C GLN G 152 -19.80 -28.83 9.91
N ASN G 153 -19.26 -28.98 11.13
CA ASN G 153 -18.72 -27.81 11.83
C ASN G 153 -17.47 -27.27 11.14
N ILE G 154 -16.58 -28.14 10.66
CA ILE G 154 -15.38 -27.69 9.96
C ILE G 154 -15.73 -27.02 8.63
N VAL G 155 -16.66 -27.63 7.88
CA VAL G 155 -17.09 -27.09 6.59
C VAL G 155 -17.82 -25.76 6.78
N GLY G 156 -18.66 -25.65 7.82
CA GLY G 156 -19.35 -24.41 8.09
C GLY G 156 -18.42 -23.30 8.53
N LEU G 157 -17.38 -23.63 9.30
CA LEU G 157 -16.36 -22.64 9.66
C LEU G 157 -15.60 -22.16 8.43
N MET G 158 -15.27 -23.09 7.50
CA MET G 158 -14.61 -22.73 6.25
C MET G 158 -15.47 -21.80 5.40
N ILE G 159 -16.75 -22.15 5.23
CA ILE G 159 -17.66 -21.36 4.41
C ILE G 159 -17.91 -19.99 5.02
N ASN G 160 -18.11 -19.94 6.35
CA ASN G 160 -18.33 -18.67 7.03
C ASN G 160 -17.11 -17.76 6.98
N ALA G 161 -15.91 -18.32 7.14
CA ALA G 161 -14.69 -17.50 7.07
C ALA G 161 -14.45 -16.98 5.65
N ILE G 162 -14.64 -17.82 4.64
CA ILE G 162 -14.45 -17.40 3.25
C ILE G 162 -15.48 -16.33 2.86
N MET G 163 -16.74 -16.51 3.26
CA MET G 163 -17.77 -15.54 2.92
C MET G 163 -17.60 -14.23 3.68
N LEU G 164 -17.14 -14.30 4.94
CA LEU G 164 -16.86 -13.09 5.70
C LEU G 164 -15.71 -12.30 5.09
N GLY G 165 -14.65 -13.00 4.67
CA GLY G 165 -13.54 -12.31 4.00
C GLY G 165 -13.92 -11.72 2.66
N CYS G 166 -14.71 -12.45 1.88
CA CYS G 166 -15.15 -11.95 0.58
C CYS G 166 -16.09 -10.76 0.72
N ILE G 167 -16.99 -10.79 1.72
CA ILE G 167 -17.90 -9.67 1.95
C ILE G 167 -17.13 -8.45 2.46
N PHE G 168 -16.13 -8.66 3.33
CA PHE G 168 -15.30 -7.55 3.80
C PHE G 168 -14.51 -6.91 2.65
N MET G 169 -13.96 -7.74 1.76
CA MET G 169 -13.27 -7.18 0.59
C MET G 169 -14.25 -6.50 -0.36
N LYS G 170 -15.49 -6.98 -0.43
CA LYS G 170 -16.51 -6.36 -1.27
C LYS G 170 -16.92 -4.99 -0.72
N THR G 171 -17.02 -4.86 0.60
CA THR G 171 -17.41 -3.59 1.20
C THR G 171 -16.27 -2.58 1.21
N ALA G 172 -15.03 -3.04 1.33
CA ALA G 172 -13.87 -2.16 1.42
C ALA G 172 -13.32 -1.75 0.05
N GLN G 173 -14.03 -2.07 -1.02
CA GLN G 173 -13.60 -1.66 -2.35
C GLN G 173 -13.70 -0.15 -2.51
N ALA G 174 -12.68 0.43 -3.15
CA ALA G 174 -12.62 1.86 -3.40
C ALA G 174 -12.95 2.22 -4.84
N LYS G 175 -13.69 1.35 -5.53
CA LYS G 175 -14.06 1.61 -6.93
C LYS G 175 -15.03 2.78 -7.04
N ARG G 176 -15.98 2.88 -6.11
CA ARG G 176 -16.97 3.97 -6.11
C ARG G 176 -16.54 5.16 -5.25
N ARG G 177 -15.39 5.07 -4.59
CA ARG G 177 -14.77 6.28 -4.07
C ARG G 177 -14.15 7.09 -5.20
N ALA G 178 -13.67 6.40 -6.24
CA ALA G 178 -13.13 7.06 -7.42
C ALA G 178 -14.20 7.77 -8.25
N GLU G 179 -15.47 7.45 -8.04
CA GLU G 179 -16.54 8.14 -8.77
C GLU G 179 -16.79 9.54 -8.23
N THR G 180 -16.30 9.86 -7.04
CA THR G 180 -16.37 11.21 -6.50
C THR G 180 -15.19 12.07 -6.91
N LEU G 181 -14.23 11.52 -7.65
CA LEU G 181 -13.13 12.29 -8.21
C LEU G 181 -13.58 12.75 -9.60
N ILE G 182 -13.93 14.03 -9.70
CA ILE G 182 -14.53 14.57 -10.92
C ILE G 182 -13.46 15.22 -11.76
N PHE G 183 -13.64 15.12 -13.07
CA PHE G 183 -12.76 15.72 -14.06
C PHE G 183 -13.63 16.59 -14.95
N SER G 184 -13.07 17.69 -15.44
CA SER G 184 -13.83 18.62 -16.26
C SER G 184 -14.18 17.98 -17.61
N LYS G 185 -15.30 18.43 -18.19
CA LYS G 185 -15.74 17.85 -19.46
C LYS G 185 -14.81 18.26 -20.60
N HIS G 186 -14.38 19.52 -20.61
CA HIS G 186 -13.47 20.03 -21.63
C HIS G 186 -12.09 20.25 -21.03
N ALA G 187 -11.08 20.16 -21.89
CA ALA G 187 -9.72 20.49 -21.53
C ALA G 187 -9.22 21.60 -22.43
N VAL G 188 -8.26 22.38 -21.95
CA VAL G 188 -7.99 23.70 -22.50
C VAL G 188 -6.50 23.81 -22.87
N ILE G 189 -6.22 24.23 -24.10
CA ILE G 189 -4.86 24.52 -24.51
C ILE G 189 -4.71 26.02 -24.63
N THR G 190 -3.87 26.61 -23.77
CA THR G 190 -3.71 28.06 -23.76
C THR G 190 -2.30 28.40 -23.28
N LEU G 191 -2.05 29.69 -23.05
CA LEU G 191 -0.72 30.19 -22.70
C LEU G 191 -0.63 30.45 -21.20
N ARG G 192 0.35 29.83 -20.55
CA ARG G 192 0.77 30.21 -19.21
C ARG G 192 2.26 30.49 -19.26
N HIS G 193 2.64 31.74 -18.93
CA HIS G 193 4.01 32.24 -18.98
C HIS G 193 4.63 32.08 -20.37
N GLY G 194 3.80 32.21 -21.41
CA GLY G 194 4.23 32.03 -22.79
C GLY G 194 4.73 30.64 -23.11
N ARG G 195 3.97 29.60 -22.77
CA ARG G 195 4.41 28.23 -22.99
C ARG G 195 3.45 27.38 -23.82
N LEU G 196 2.19 27.79 -23.97
CA LEU G 196 1.13 27.04 -24.66
C LEU G 196 0.96 25.64 -24.07
N CYS G 197 0.57 25.61 -22.80
CA CYS G 197 0.35 24.36 -22.09
C CYS G 197 -1.08 23.86 -22.24
N PHE G 198 -1.23 22.55 -22.10
CA PHE G 198 -2.52 21.85 -22.11
C PHE G 198 -2.93 21.61 -20.66
N MET G 199 -4.09 22.13 -20.27
CA MET G 199 -4.51 22.10 -18.88
C MET G 199 -5.88 21.45 -18.73
N LEU G 200 -6.17 21.09 -17.48
CA LEU G 200 -7.28 20.24 -17.11
C LEU G 200 -7.92 20.80 -15.85
N ARG G 201 -8.77 20.00 -15.21
CA ARG G 201 -9.34 20.33 -13.92
C ARG G 201 -9.74 19.04 -13.21
N VAL G 202 -9.22 18.85 -11.99
CA VAL G 202 -9.51 17.66 -11.18
C VAL G 202 -10.03 18.13 -9.83
N GLY G 203 -11.18 17.61 -9.42
CA GLY G 203 -11.76 17.98 -8.14
C GLY G 203 -12.15 16.76 -7.32
N ASP G 204 -12.13 16.95 -6.00
CA ASP G 204 -12.51 15.92 -5.04
C ASP G 204 -13.78 16.37 -4.34
N LEU G 205 -14.85 15.59 -4.50
CA LEU G 205 -16.14 15.96 -3.93
C LEU G 205 -16.18 15.73 -2.42
N ARG G 206 -15.64 14.62 -1.95
CA ARG G 206 -15.70 14.29 -0.54
C ARG G 206 -14.65 15.06 0.26
N LYS G 207 -14.93 15.25 1.54
CA LYS G 207 -14.01 15.91 2.44
C LYS G 207 -12.89 14.99 2.93
N SER G 208 -13.03 13.68 2.75
CA SER G 208 -11.97 12.75 3.12
C SER G 208 -10.81 12.87 2.15
N MET G 209 -9.60 12.91 2.69
CA MET G 209 -8.41 13.07 1.86
C MET G 209 -8.12 11.80 1.07
N ILE G 210 -7.50 11.98 -0.10
CA ILE G 210 -6.98 10.88 -0.89
C ILE G 210 -5.46 10.99 -0.80
N ILE G 211 -4.85 10.08 -0.04
CA ILE G 211 -3.44 10.17 0.30
C ILE G 211 -2.60 9.69 -0.87
N SER G 212 -1.47 10.38 -1.10
CA SER G 212 -0.48 10.05 -2.15
C SER G 212 -1.12 10.09 -3.53
N ALA G 213 -1.87 11.17 -3.79
CA ALA G 213 -2.54 11.33 -5.08
C ALA G 213 -1.52 11.67 -6.15
N THR G 214 -1.45 10.83 -7.18
CA THR G 214 -0.51 10.98 -8.28
C THR G 214 -1.28 11.05 -9.59
N ILE G 215 -0.82 11.92 -10.48
CA ILE G 215 -1.47 12.15 -11.76
C ILE G 215 -0.56 11.63 -12.87
N HIS G 216 -1.10 10.74 -13.70
CA HIS G 216 -0.39 10.11 -14.79
C HIS G 216 -1.16 10.42 -16.08
N MET G 217 -0.60 11.31 -16.89
CA MET G 217 -1.25 11.72 -18.13
C MET G 217 -0.55 11.09 -19.33
N GLN G 218 -1.35 10.62 -20.28
CA GLN G 218 -0.84 9.93 -21.46
C GLN G 218 -1.52 10.47 -22.71
N VAL G 219 -0.85 10.29 -23.84
CA VAL G 219 -1.37 10.61 -25.16
C VAL G 219 -1.48 9.30 -25.92
N VAL G 220 -2.67 9.01 -26.41
CA VAL G 220 -2.96 7.77 -27.12
C VAL G 220 -3.32 8.12 -28.55
N ARG G 221 -2.54 7.58 -29.50
CA ARG G 221 -2.72 7.77 -30.92
C ARG G 221 -2.27 6.51 -31.65
N LYS G 222 -2.41 6.52 -32.97
CA LYS G 222 -1.88 5.46 -33.84
C LYS G 222 -0.57 5.96 -34.43
N THR G 223 0.48 5.94 -33.60
CA THR G 223 1.78 6.44 -34.02
C THR G 223 2.48 5.42 -34.91
N THR G 224 3.21 5.93 -35.91
CA THR G 224 3.97 5.10 -36.83
C THR G 224 5.44 5.47 -36.74
N SER G 225 6.30 4.46 -36.56
CA SER G 225 7.73 4.68 -36.50
C SER G 225 8.26 4.98 -37.91
N PRO G 226 9.42 5.67 -38.00
CA PRO G 226 10.05 5.85 -39.31
C PRO G 226 10.49 4.55 -39.98
N GLU G 227 10.78 3.50 -39.20
CA GLU G 227 11.16 2.22 -39.78
C GLU G 227 9.99 1.52 -40.44
N GLY G 228 8.77 1.74 -39.94
CA GLY G 228 7.60 1.15 -40.55
C GLY G 228 6.66 0.47 -39.56
N GLU G 229 7.03 0.48 -38.29
CA GLU G 229 6.19 -0.13 -37.27
C GLU G 229 4.96 0.74 -37.00
N VAL G 230 3.80 0.11 -36.98
CA VAL G 230 2.54 0.78 -36.69
C VAL G 230 2.00 0.23 -35.37
N VAL G 231 1.95 1.08 -34.35
CA VAL G 231 1.33 0.74 -33.07
C VAL G 231 -0.04 1.41 -33.03
N PRO G 232 -1.14 0.63 -32.97
CA PRO G 232 -2.47 1.25 -33.09
C PRO G 232 -2.88 2.12 -31.92
N LEU G 233 -2.39 1.84 -30.72
CA LEU G 233 -2.76 2.56 -29.50
C LEU G 233 -1.54 2.90 -28.68
N HIS G 234 -0.53 3.50 -29.32
CA HIS G 234 0.75 3.77 -28.67
C HIS G 234 0.59 4.85 -27.61
N GLN G 235 0.78 4.46 -26.35
CA GLN G 235 0.59 5.36 -25.22
C GLN G 235 1.91 6.03 -24.88
N VAL G 236 1.98 7.34 -25.05
CA VAL G 236 3.17 8.13 -24.72
C VAL G 236 2.81 9.02 -23.54
N ASP G 237 3.47 8.80 -22.40
CA ASP G 237 3.17 9.61 -21.23
C ASP G 237 3.70 11.03 -21.39
N ILE G 238 2.95 11.99 -20.86
CA ILE G 238 3.35 13.40 -20.91
C ILE G 238 3.61 13.87 -19.48
N PRO G 239 4.64 14.67 -19.25
CA PRO G 239 4.94 15.12 -17.89
C PRO G 239 3.95 16.17 -17.43
N MET G 240 3.51 16.05 -16.19
CA MET G 240 2.67 17.07 -15.55
C MET G 240 3.59 18.13 -14.94
N GLU G 241 3.42 19.37 -15.37
CA GLU G 241 4.25 20.48 -14.89
C GLU G 241 3.72 20.94 -13.54
N ASN G 242 4.05 20.16 -12.50
CA ASN G 242 3.63 20.47 -11.14
C ASN G 242 4.72 19.97 -10.20
N GLY G 243 5.47 20.90 -9.63
CA GLY G 243 6.50 20.56 -8.68
C GLY G 243 7.83 20.22 -9.33
N VAL G 244 8.71 19.65 -8.53
CA VAL G 244 10.07 19.31 -8.97
C VAL G 244 10.00 17.88 -9.52
N GLY G 245 9.54 17.78 -10.77
CA GLY G 245 9.58 16.54 -11.52
C GLY G 245 8.79 15.38 -10.94
N GLY G 246 7.65 15.66 -10.31
CA GLY G 246 6.90 14.64 -9.60
C GLY G 246 5.47 14.53 -10.10
N ASN G 247 4.92 13.34 -10.00
CA ASN G 247 3.53 13.09 -10.36
C ASN G 247 2.57 13.40 -9.22
N GLY G 248 3.07 13.62 -8.01
CA GLY G 248 2.20 13.79 -6.86
C GLY G 248 1.51 15.13 -6.82
N ILE G 249 0.25 15.13 -6.36
CA ILE G 249 -0.54 16.33 -6.16
C ILE G 249 -1.14 16.28 -4.76
N PHE G 250 -1.59 17.44 -4.30
CA PHE G 250 -2.28 17.58 -3.02
C PHE G 250 -3.69 18.10 -3.32
N LEU G 251 -4.66 17.19 -3.39
CA LEU G 251 -5.99 17.49 -3.89
C LEU G 251 -6.95 17.71 -2.72
N VAL G 252 -7.24 18.98 -2.43
CA VAL G 252 -8.35 19.35 -1.55
C VAL G 252 -9.29 20.23 -2.34
N ALA G 253 -8.80 21.40 -2.73
CA ALA G 253 -9.48 22.26 -3.68
C ALA G 253 -9.25 21.74 -5.10
N PRO G 254 -10.15 22.02 -6.03
CA PRO G 254 -9.91 21.68 -7.43
C PRO G 254 -8.69 22.38 -8.00
N LEU G 255 -7.91 21.64 -8.78
CA LEU G 255 -6.62 22.10 -9.29
C LEU G 255 -6.65 22.11 -10.82
N ILE G 256 -6.00 23.10 -11.40
CA ILE G 256 -5.82 23.16 -12.85
C ILE G 256 -4.50 22.47 -13.16
N ILE G 257 -4.58 21.25 -13.70
CA ILE G 257 -3.43 20.39 -13.93
C ILE G 257 -2.99 20.55 -15.37
N TYR G 258 -1.78 21.06 -15.56
CA TYR G 258 -1.30 21.45 -16.88
C TYR G 258 0.02 20.76 -17.21
N HIS G 259 0.17 20.47 -18.51
CA HIS G 259 1.38 19.89 -19.08
C HIS G 259 1.89 20.87 -20.12
N VAL G 260 3.13 21.31 -19.97
CA VAL G 260 3.72 22.29 -20.87
C VAL G 260 4.08 21.62 -22.18
N ILE G 261 3.57 22.16 -23.28
CA ILE G 261 3.89 21.61 -24.60
C ILE G 261 5.23 22.21 -25.02
N ASP G 262 6.30 21.54 -24.61
CA ASP G 262 7.66 21.90 -24.99
C ASP G 262 8.07 21.10 -26.22
N SER G 263 9.37 21.08 -26.51
CA SER G 263 9.87 20.38 -27.70
C SER G 263 9.73 18.86 -27.58
N ASN G 264 9.86 18.31 -26.38
CA ASN G 264 9.81 16.86 -26.19
C ASN G 264 8.39 16.32 -26.12
N SER G 265 7.39 17.18 -26.02
CA SER G 265 6.01 16.71 -25.88
C SER G 265 5.49 16.17 -27.22
N PRO G 266 4.66 15.12 -27.18
CA PRO G 266 4.02 14.64 -28.43
C PRO G 266 3.03 15.62 -29.04
N LEU G 267 2.53 16.59 -28.28
CA LEU G 267 1.59 17.59 -28.81
C LEU G 267 2.29 18.80 -29.40
N TYR G 268 3.58 18.66 -29.75
CA TYR G 268 4.38 19.79 -30.23
C TYR G 268 3.89 20.30 -31.59
N ASP G 269 3.43 19.39 -32.45
CA ASP G 269 2.94 19.73 -33.77
C ASP G 269 1.41 19.91 -33.80
N LEU G 270 0.76 19.91 -32.65
CA LEU G 270 -0.69 20.07 -32.60
C LEU G 270 -1.09 21.51 -32.91
N ALA G 271 -2.11 21.66 -33.74
CA ALA G 271 -2.58 22.94 -34.24
C ALA G 271 -4.07 23.09 -33.95
N PRO G 272 -4.59 24.32 -33.88
CA PRO G 272 -6.05 24.49 -33.76
C PRO G 272 -6.83 24.06 -35.00
N SER G 273 -6.17 23.88 -36.15
CA SER G 273 -6.82 23.23 -37.30
C SER G 273 -7.13 21.76 -37.03
N ASP G 274 -6.39 21.14 -36.11
CA ASP G 274 -6.73 19.85 -35.53
C ASP G 274 -7.77 20.03 -34.42
N LEU G 275 -7.90 19.01 -33.56
CA LEU G 275 -8.82 19.00 -32.41
C LEU G 275 -10.28 19.07 -32.86
N HIS G 276 -10.63 18.17 -33.77
CA HIS G 276 -12.00 17.92 -34.20
C HIS G 276 -12.36 16.48 -33.89
N HIS G 277 -13.57 16.06 -34.28
CA HIS G 277 -14.05 14.74 -33.93
C HIS G 277 -13.35 13.65 -34.74
N HIS G 278 -12.93 13.95 -35.98
CA HIS G 278 -12.29 12.96 -36.82
C HIS G 278 -10.84 12.70 -36.44
N GLN G 279 -10.24 13.58 -35.64
CA GLN G 279 -8.84 13.42 -35.25
C GLN G 279 -8.68 12.26 -34.27
N ASP G 280 -7.57 11.52 -34.41
CA ASP G 280 -7.32 10.32 -33.62
C ASP G 280 -6.61 10.61 -32.31
N LEU G 281 -6.41 11.89 -31.97
CA LEU G 281 -5.73 12.24 -30.74
C LEU G 281 -6.61 11.96 -29.52
N GLU G 282 -6.06 11.27 -28.52
CA GLU G 282 -6.73 11.09 -27.24
C GLU G 282 -5.76 11.39 -26.12
N ILE G 283 -6.26 11.99 -25.03
CA ILE G 283 -5.43 12.29 -23.87
C ILE G 283 -6.11 11.72 -22.63
N ILE G 284 -5.41 10.85 -21.90
CA ILE G 284 -5.98 10.06 -20.82
C ILE G 284 -5.30 10.45 -19.51
N VAL G 285 -6.10 10.78 -18.50
CA VAL G 285 -5.61 11.23 -17.20
C VAL G 285 -5.98 10.19 -16.16
N ILE G 286 -4.99 9.77 -15.37
CA ILE G 286 -5.17 8.80 -14.29
C ILE G 286 -4.84 9.49 -12.98
N LEU G 287 -5.75 9.37 -12.00
CA LEU G 287 -5.49 9.86 -10.66
C LEU G 287 -5.44 8.64 -9.73
N GLU G 288 -4.24 8.25 -9.34
CA GLU G 288 -4.02 7.10 -8.47
C GLU G 288 -3.70 7.59 -7.06
N GLY G 289 -4.52 7.20 -6.09
CA GLY G 289 -4.28 7.61 -4.72
C GLY G 289 -4.64 6.52 -3.76
N VAL G 290 -4.52 6.82 -2.47
CA VAL G 290 -4.96 5.94 -1.40
C VAL G 290 -6.04 6.66 -0.61
N VAL G 291 -7.18 6.00 -0.43
CA VAL G 291 -8.25 6.56 0.39
C VAL G 291 -7.82 6.53 1.85
N GLU G 292 -8.03 7.66 2.54
CA GLU G 292 -7.56 7.80 3.92
C GLU G 292 -8.32 6.89 4.87
N THR G 293 -9.60 6.69 4.63
CA THR G 293 -10.49 5.99 5.55
C THR G 293 -10.42 4.48 5.43
N THR G 294 -10.27 3.98 4.19
CA THR G 294 -10.22 2.54 3.94
C THR G 294 -8.81 2.02 3.77
N GLY G 295 -7.87 2.86 3.34
CA GLY G 295 -6.48 2.44 3.20
C GLY G 295 -6.21 1.54 2.01
N ILE G 296 -6.99 1.66 0.95
CA ILE G 296 -6.82 0.87 -0.26
C ILE G 296 -6.64 1.83 -1.43
N THR G 297 -5.67 1.54 -2.29
CA THR G 297 -5.41 2.40 -3.45
C THR G 297 -6.55 2.30 -4.46
N THR G 298 -6.81 3.43 -5.11
CA THR G 298 -7.84 3.55 -6.13
C THR G 298 -7.30 4.43 -7.25
N GLN G 299 -8.00 4.43 -8.37
CA GLN G 299 -7.66 5.33 -9.46
C GLN G 299 -8.92 5.81 -10.16
N ALA G 300 -8.91 7.07 -10.57
CA ALA G 300 -9.94 7.67 -11.40
C ALA G 300 -9.35 7.88 -12.78
N ARG G 301 -9.85 7.13 -13.75
CA ARG G 301 -9.44 7.28 -15.14
C ARG G 301 -10.40 8.22 -15.85
N THR G 302 -9.86 9.00 -16.80
CA THR G 302 -10.69 9.85 -17.64
C THR G 302 -10.01 10.01 -18.99
N SER G 303 -10.81 10.27 -20.02
CA SER G 303 -10.30 10.48 -21.36
C SER G 303 -10.83 11.79 -21.93
N TYR G 304 -10.04 12.37 -22.82
CA TYR G 304 -10.34 13.63 -23.48
C TYR G 304 -10.06 13.42 -24.97
N LEU G 305 -11.12 13.42 -25.77
CA LEU G 305 -10.95 13.34 -27.21
C LEU G 305 -10.51 14.69 -27.77
N ALA G 306 -10.19 14.69 -29.07
CA ALA G 306 -9.68 15.89 -29.71
C ALA G 306 -10.75 16.97 -29.82
N ASP G 307 -12.00 16.58 -30.11
CA ASP G 307 -13.08 17.55 -30.18
C ASP G 307 -13.49 18.08 -28.81
N GLU G 308 -13.15 17.37 -27.74
CA GLU G 308 -13.42 17.81 -26.39
C GLU G 308 -12.29 18.65 -25.80
N ILE G 309 -11.21 18.87 -26.54
CA ILE G 309 -10.13 19.75 -26.14
C ILE G 309 -10.33 21.09 -26.85
N LEU G 310 -10.42 22.16 -26.07
CA LEU G 310 -10.77 23.47 -26.59
C LEU G 310 -9.52 24.35 -26.65
N TRP G 311 -9.30 24.99 -27.81
CA TRP G 311 -8.16 25.85 -28.02
C TRP G 311 -8.57 27.30 -27.80
N GLY G 312 -7.75 28.05 -27.08
CA GLY G 312 -8.02 29.46 -26.86
C GLY G 312 -8.99 29.76 -25.74
N GLN G 313 -9.18 28.83 -24.80
CA GLN G 313 -10.05 29.03 -23.65
C GLN G 313 -9.19 29.23 -22.40
N ARG G 314 -9.84 29.29 -21.24
CA ARG G 314 -9.17 29.31 -19.95
C ARG G 314 -10.18 28.98 -18.86
N PHE G 315 -9.76 28.18 -17.89
CA PHE G 315 -10.64 27.79 -16.80
C PHE G 315 -10.92 28.96 -15.87
N VAL G 316 -12.20 29.17 -15.56
CA VAL G 316 -12.62 30.24 -14.64
C VAL G 316 -12.24 29.85 -13.22
N PRO G 317 -11.70 30.77 -12.41
CA PRO G 317 -11.44 30.44 -11.00
C PRO G 317 -12.73 30.22 -10.22
N ILE G 318 -12.72 29.19 -9.36
CA ILE G 318 -13.91 28.78 -8.63
C ILE G 318 -13.76 28.90 -7.13
N VAL G 319 -12.55 29.14 -6.62
CA VAL G 319 -12.31 29.23 -5.18
C VAL G 319 -12.29 30.70 -4.79
N ALA G 320 -13.03 31.04 -3.75
CA ALA G 320 -13.08 32.41 -3.26
C ALA G 320 -13.05 32.42 -1.74
N GLU G 321 -12.46 33.48 -1.18
CA GLU G 321 -12.43 33.65 0.27
C GLU G 321 -13.81 34.09 0.74
N GLU G 322 -14.56 33.18 1.32
CA GLU G 322 -15.83 33.54 1.93
C GLU G 322 -15.58 34.14 3.31
N ASP G 323 -16.67 34.44 4.04
CA ASP G 323 -16.56 35.10 5.33
C ASP G 323 -15.93 34.19 6.38
N GLY G 324 -16.25 32.91 6.35
CA GLY G 324 -15.64 31.98 7.29
C GLY G 324 -14.30 31.48 6.82
N ARG G 325 -14.25 30.93 5.61
CA ARG G 325 -13.05 30.27 5.10
C ARG G 325 -13.16 30.20 3.57
N TYR G 326 -12.28 29.42 2.94
CA TYR G 326 -12.31 29.27 1.50
C TYR G 326 -13.52 28.45 1.06
N SER G 327 -14.13 28.87 -0.05
CA SER G 327 -15.29 28.18 -0.62
C SER G 327 -15.04 27.87 -2.08
N VAL G 328 -15.41 26.66 -2.49
CA VAL G 328 -15.25 26.19 -3.86
C VAL G 328 -16.63 26.16 -4.51
N ASP G 329 -16.81 26.95 -5.57
CA ASP G 329 -18.06 26.99 -6.31
C ASP G 329 -18.00 25.90 -7.39
N TYR G 330 -18.56 24.72 -7.08
CA TYR G 330 -18.56 23.61 -8.02
C TYR G 330 -19.54 23.79 -9.17
N SER G 331 -20.40 24.81 -9.12
CA SER G 331 -21.26 25.11 -10.27
C SER G 331 -20.49 25.69 -11.44
N LYS G 332 -19.27 26.19 -11.21
CA LYS G 332 -18.42 26.72 -12.27
C LYS G 332 -17.21 25.83 -12.52
N PHE G 333 -17.29 24.55 -12.13
CA PHE G 333 -16.14 23.66 -12.06
C PHE G 333 -15.50 23.42 -13.43
N GLY G 334 -16.31 23.21 -14.46
CA GLY G 334 -15.83 23.01 -15.81
C GLY G 334 -15.97 24.20 -16.73
N ASN G 335 -16.32 25.37 -16.20
CA ASN G 335 -16.57 26.53 -17.05
C ASN G 335 -15.27 27.11 -17.61
N THR G 336 -15.33 27.53 -18.87
CA THR G 336 -14.19 28.11 -19.56
C THR G 336 -14.57 29.46 -20.15
N ILE G 337 -13.57 30.33 -20.33
CA ILE G 337 -13.75 31.64 -20.95
C ILE G 337 -12.72 31.78 -22.08
N LYS G 338 -13.15 32.36 -23.20
CA LYS G 338 -12.28 32.51 -24.36
C LYS G 338 -11.22 33.59 -24.09
N VAL G 339 -9.97 33.22 -24.29
CA VAL G 339 -8.81 34.09 -24.00
C VAL G 339 -7.96 34.15 -25.26
N PRO G 340 -7.48 35.35 -25.67
CA PRO G 340 -6.69 35.46 -26.90
C PRO G 340 -5.35 34.73 -26.85
N THR G 341 -5.25 33.66 -27.63
CA THR G 341 -4.06 32.83 -27.81
C THR G 341 -3.68 32.79 -29.28
N PRO G 342 -2.41 32.56 -29.60
CA PRO G 342 -2.02 32.34 -31.00
C PRO G 342 -2.69 31.10 -31.60
N LEU G 343 -3.09 31.21 -32.86
CA LEU G 343 -3.68 30.10 -33.60
C LEU G 343 -2.66 29.33 -34.41
N CYS G 344 -1.42 29.28 -33.95
CA CYS G 344 -0.36 28.48 -34.54
C CYS G 344 -0.06 27.28 -33.66
N THR G 345 0.79 26.38 -34.17
CA THR G 345 1.26 25.29 -33.35
C THR G 345 2.37 25.78 -32.42
N ALA G 346 2.79 24.88 -31.50
CA ALA G 346 3.80 25.25 -30.51
C ALA G 346 5.17 25.45 -31.16
N ARG G 347 5.48 24.65 -32.18
CA ARG G 347 6.76 24.79 -32.87
C ARG G 347 6.84 26.09 -33.66
N GLN G 348 5.71 26.52 -34.24
CA GLN G 348 5.68 27.80 -34.95
C GLN G 348 5.85 28.98 -33.99
N LEU G 349 5.26 28.88 -32.79
CA LEU G 349 5.45 29.91 -31.77
C LEU G 349 6.90 29.94 -31.29
N ASP G 350 7.52 28.77 -31.15
CA ASP G 350 8.93 28.70 -30.78
C ASP G 350 9.83 29.30 -31.86
N GLU G 351 9.49 29.05 -33.14
CA GLU G 351 10.24 29.63 -34.25
C GLU G 351 10.06 31.15 -34.31
N ASP G 352 8.86 31.63 -33.97
CA ASP G 352 8.62 33.08 -33.91
C ASP G 352 9.42 33.73 -32.80
N ARG G 353 9.58 33.03 -31.68
CA ARG G 353 10.49 33.51 -30.63
C ARG G 353 11.94 33.49 -31.08
N SER G 354 12.32 32.48 -31.86
CA SER G 354 13.68 32.39 -32.39
C SER G 354 13.97 33.51 -33.40
N LEU G 355 12.96 33.94 -34.15
CA LEU G 355 13.16 35.04 -35.10
C LEU G 355 13.32 36.37 -34.39
N LEU G 356 12.59 36.59 -33.29
CA LEU G 356 12.65 37.85 -32.55
C LEU G 356 13.93 37.95 -31.72
N PRO H 2 -48.22 -36.79 5.38
CA PRO H 2 -48.32 -35.92 4.21
C PRO H 2 -46.95 -35.63 3.57
N LEU H 3 -46.83 -35.97 2.28
CA LEU H 3 -45.62 -35.79 1.47
C LEU H 3 -44.41 -36.49 2.11
N ALA H 4 -44.54 -37.81 2.25
CA ALA H 4 -43.48 -38.64 2.80
C ALA H 4 -42.72 -39.29 1.66
N PHE H 5 -41.42 -39.52 1.89
CA PHE H 5 -40.55 -40.10 0.86
C PHE H 5 -40.95 -41.53 0.54
N CYS H 6 -41.19 -42.33 1.58
CA CYS H 6 -41.85 -43.62 1.44
C CYS H 6 -43.25 -43.47 2.00
N GLY H 7 -44.24 -44.01 1.28
CA GLY H 7 -45.64 -43.74 1.60
C GLY H 7 -46.07 -44.33 2.93
N THR H 8 -46.87 -43.55 3.67
CA THR H 8 -47.29 -43.91 5.02
C THR H 8 -48.35 -45.00 4.93
N GLU H 9 -47.88 -46.23 4.81
CA GLU H 9 -48.74 -47.42 4.77
C GLU H 9 -48.32 -48.36 5.89
N ASN H 10 -49.32 -48.98 6.53
CA ASN H 10 -49.16 -49.85 7.71
C ASN H 10 -48.41 -49.14 8.84
N HIS H 11 -48.83 -47.88 9.09
CA HIS H 11 -48.25 -46.99 10.10
C HIS H 11 -46.75 -46.78 9.90
N SER H 12 -46.41 -46.33 8.68
CA SER H 12 -45.03 -46.05 8.24
C SER H 12 -44.11 -47.27 8.41
N ALA H 13 -44.59 -48.41 7.93
CA ALA H 13 -43.82 -49.65 7.99
C ALA H 13 -42.70 -49.70 6.95
N ALA H 14 -42.71 -48.80 5.96
CA ALA H 14 -41.65 -48.79 4.95
C ALA H 14 -40.34 -48.21 5.49
N TYR H 15 -40.41 -47.43 6.58
CA TYR H 15 -39.21 -46.87 7.19
C TYR H 15 -38.56 -47.81 8.19
N ARG H 16 -39.18 -48.95 8.49
CA ARG H 16 -38.58 -49.93 9.40
C ARG H 16 -37.45 -50.67 8.68
N VAL H 17 -36.24 -50.54 9.21
CA VAL H 17 -35.05 -51.06 8.53
C VAL H 17 -34.39 -52.12 9.40
N ASP H 18 -35.19 -52.83 10.20
CA ASP H 18 -34.69 -53.89 11.07
C ASP H 18 -34.18 -55.10 10.29
N GLN H 19 -34.52 -55.22 9.02
CA GLN H 19 -34.20 -56.37 8.17
C GLN H 19 -33.06 -56.08 7.21
N GLY H 20 -31.99 -55.42 7.64
CA GLY H 20 -30.95 -55.09 6.68
C GLY H 20 -31.29 -53.94 5.75
N VAL H 21 -31.13 -52.71 6.26
CA VAL H 21 -31.41 -51.42 5.60
C VAL H 21 -30.96 -51.34 4.13
N LEU H 22 -29.87 -52.02 3.79
CA LEU H 22 -29.43 -52.08 2.39
C LEU H 22 -30.42 -52.87 1.53
N ASN H 23 -30.96 -53.97 2.04
CA ASN H 23 -31.98 -54.70 1.29
C ASN H 23 -33.40 -54.27 1.66
N ASN H 24 -33.55 -53.24 2.50
CA ASN H 24 -34.85 -52.61 2.69
C ASN H 24 -35.12 -51.67 1.53
N GLY H 25 -36.22 -51.91 0.81
CA GLY H 25 -36.58 -51.04 -0.29
C GLY H 25 -37.06 -49.68 0.19
N CYS H 26 -37.05 -48.73 -0.75
CA CYS H 26 -37.28 -47.28 -0.63
C CYS H 26 -36.18 -46.56 0.16
N PHE H 27 -35.17 -47.29 0.68
CA PHE H 27 -33.93 -46.69 1.16
C PHE H 27 -32.87 -46.67 0.07
N VAL H 28 -32.87 -47.66 -0.82
CA VAL H 28 -31.96 -47.62 -1.96
C VAL H 28 -32.37 -46.51 -2.91
N ASP H 29 -33.68 -46.24 -3.03
CA ASP H 29 -34.13 -45.05 -3.74
C ASP H 29 -33.73 -43.77 -3.01
N ALA H 30 -33.62 -43.81 -1.68
CA ALA H 30 -33.04 -42.69 -0.95
C ALA H 30 -31.52 -42.62 -1.15
N LEU H 31 -30.88 -43.78 -1.37
CA LEU H 31 -29.44 -43.79 -1.62
C LEU H 31 -29.13 -43.27 -3.02
N ASN H 32 -30.07 -43.38 -3.95
CA ASN H 32 -29.87 -42.92 -5.32
C ASN H 32 -29.82 -41.40 -5.43
N VAL H 33 -30.44 -40.68 -4.51
CA VAL H 33 -30.46 -39.22 -4.56
C VAL H 33 -29.08 -38.62 -4.26
N VAL H 34 -28.23 -39.37 -3.53
CA VAL H 34 -26.95 -38.82 -3.06
C VAL H 34 -25.97 -38.44 -4.18
N PRO H 35 -25.71 -39.29 -5.21
CA PRO H 35 -24.82 -38.82 -6.29
C PRO H 35 -25.34 -37.64 -7.08
N HIS H 36 -26.65 -37.53 -7.27
CA HIS H 36 -27.21 -36.45 -8.07
C HIS H 36 -27.10 -35.11 -7.35
N VAL H 37 -27.44 -35.09 -6.05
CA VAL H 37 -27.31 -33.84 -5.30
C VAL H 37 -25.84 -33.51 -5.04
N PHE H 38 -24.97 -34.53 -4.95
CA PHE H 38 -23.53 -34.28 -4.87
C PHE H 38 -23.01 -33.61 -6.13
N LEU H 39 -23.45 -34.09 -7.30
CA LEU H 39 -23.05 -33.50 -8.57
C LEU H 39 -23.59 -32.08 -8.71
N LEU H 40 -24.84 -31.84 -8.29
CA LEU H 40 -25.41 -30.50 -8.36
C LEU H 40 -24.65 -29.52 -7.47
N PHE H 41 -24.35 -29.93 -6.23
CA PHE H 41 -23.67 -29.04 -5.31
C PHE H 41 -22.18 -28.89 -5.60
N ILE H 42 -21.58 -29.82 -6.34
CA ILE H 42 -20.17 -29.67 -6.74
C ILE H 42 -20.02 -29.03 -8.12
N THR H 43 -21.10 -28.94 -8.90
CA THR H 43 -21.05 -28.45 -10.26
C THR H 43 -21.62 -27.04 -10.42
N PHE H 44 -22.70 -26.71 -9.70
CA PHE H 44 -23.27 -25.37 -9.77
C PHE H 44 -22.33 -24.22 -9.39
N PRO H 45 -21.47 -24.30 -8.35
CA PRO H 45 -20.50 -23.19 -8.17
C PRO H 45 -19.46 -23.11 -9.26
N ILE H 46 -18.99 -24.24 -9.80
CA ILE H 46 -17.97 -24.21 -10.84
C ILE H 46 -18.53 -23.61 -12.13
N LEU H 47 -19.76 -23.98 -12.50
CA LEU H 47 -20.38 -23.42 -13.69
C LEU H 47 -20.81 -21.97 -13.48
N PHE H 48 -21.27 -21.63 -12.27
CA PHE H 48 -21.77 -20.28 -12.03
C PHE H 48 -20.64 -19.26 -11.93
N ILE H 49 -19.55 -19.61 -11.23
CA ILE H 49 -18.42 -18.71 -11.11
C ILE H 49 -17.72 -18.53 -12.45
N GLY H 50 -17.55 -19.62 -13.19
CA GLY H 50 -17.07 -19.54 -14.56
C GLY H 50 -18.18 -19.17 -15.53
N HIS H 61 -14.39 -15.15 -25.26
CA HIS H 61 -14.93 -16.12 -26.18
C HIS H 61 -13.83 -17.03 -26.73
N HIS H 62 -14.15 -18.31 -26.89
CA HIS H 62 -13.22 -19.30 -27.43
C HIS H 62 -13.65 -19.63 -28.85
N SER H 63 -12.89 -19.12 -29.83
CA SER H 63 -13.11 -19.44 -31.22
C SER H 63 -12.29 -20.64 -31.70
N THR H 64 -11.49 -21.23 -30.82
CA THR H 64 -10.57 -22.32 -31.14
C THR H 64 -10.89 -23.58 -30.34
N TRP H 65 -12.17 -23.92 -30.23
CA TRP H 65 -12.59 -25.05 -29.41
C TRP H 65 -12.33 -26.37 -30.11
N LEU H 66 -11.93 -27.37 -29.34
CA LEU H 66 -11.72 -28.73 -29.81
C LEU H 66 -12.75 -29.66 -29.16
N HIS H 67 -12.61 -30.96 -29.41
CA HIS H 67 -13.53 -31.96 -28.88
C HIS H 67 -12.75 -33.12 -28.28
N PHE H 68 -13.21 -33.57 -27.12
CA PHE H 68 -12.60 -34.70 -26.42
C PHE H 68 -12.95 -36.01 -27.13
N PRO H 69 -12.16 -37.08 -26.91
CA PRO H 69 -12.53 -38.38 -27.49
C PRO H 69 -13.85 -38.91 -26.93
N GLY H 70 -14.59 -39.62 -27.78
CA GLY H 70 -15.89 -40.13 -27.41
C GLY H 70 -16.96 -39.07 -27.28
N HIS H 71 -16.80 -37.95 -27.99
CA HIS H 71 -17.72 -36.81 -27.87
C HIS H 71 -19.10 -37.14 -28.43
N ASN H 72 -19.14 -37.70 -29.65
CA ASN H 72 -20.38 -38.12 -30.26
C ASN H 72 -21.06 -39.21 -29.45
N LEU H 73 -20.27 -40.18 -28.97
CA LEU H 73 -20.79 -41.27 -28.15
C LEU H 73 -21.33 -40.75 -26.82
N ARG H 74 -20.64 -39.78 -26.20
CA ARG H 74 -21.12 -39.22 -24.94
C ARG H 74 -22.44 -38.47 -25.12
N TRP H 75 -22.58 -37.71 -26.21
CA TRP H 75 -23.85 -37.02 -26.45
C TRP H 75 -24.99 -37.99 -26.74
N ILE H 76 -24.71 -39.07 -27.49
CA ILE H 76 -25.73 -40.08 -27.76
C ILE H 76 -26.14 -40.81 -26.49
N LEU H 77 -25.16 -41.17 -25.64
CA LEU H 77 -25.45 -41.84 -24.38
C LEU H 77 -26.21 -40.94 -23.42
N THR H 78 -25.91 -39.64 -23.43
CA THR H 78 -26.66 -38.70 -22.60
C THR H 78 -28.11 -38.56 -23.06
N PHE H 79 -28.33 -38.52 -24.39
CA PHE H 79 -29.70 -38.47 -24.91
C PHE H 79 -30.50 -39.73 -24.55
N ILE H 80 -29.86 -40.91 -24.67
CA ILE H 80 -30.52 -42.16 -24.30
C ILE H 80 -30.78 -42.20 -22.80
N LEU H 81 -29.85 -41.67 -21.99
CA LEU H 81 -30.05 -41.60 -20.55
C LEU H 81 -31.22 -40.71 -20.18
N LEU H 82 -31.37 -39.56 -20.84
CA LEU H 82 -32.50 -38.68 -20.59
C LEU H 82 -33.82 -39.33 -20.97
N PHE H 83 -33.83 -40.07 -22.09
CA PHE H 83 -35.04 -40.78 -22.51
C PHE H 83 -35.45 -41.85 -21.51
N VAL H 84 -34.48 -42.65 -21.04
CA VAL H 84 -34.78 -43.73 -20.10
C VAL H 84 -35.19 -43.15 -18.74
N LEU H 85 -34.62 -42.01 -18.33
CA LEU H 85 -35.04 -41.38 -17.08
C LEU H 85 -36.45 -40.79 -17.19
N VAL H 86 -36.83 -40.27 -18.38
CA VAL H 86 -38.20 -39.82 -18.59
C VAL H 86 -39.17 -41.00 -18.50
N CYS H 87 -38.79 -42.14 -19.09
CA CYS H 87 -39.60 -43.36 -18.98
C CYS H 87 -39.71 -43.84 -17.54
N GLU H 88 -38.63 -43.68 -16.74
CA GLU H 88 -38.67 -44.08 -15.34
C GLU H 88 -39.59 -43.16 -14.53
N ILE H 89 -39.56 -41.86 -14.82
CA ILE H 89 -40.49 -40.92 -14.18
C ILE H 89 -41.94 -41.28 -14.51
N ALA H 90 -42.20 -41.61 -15.78
CA ALA H 90 -43.55 -41.98 -16.20
C ALA H 90 -44.02 -43.26 -15.53
N GLU H 91 -43.16 -44.28 -15.45
CA GLU H 91 -43.57 -45.54 -14.82
C GLU H 91 -43.70 -45.40 -13.30
N GLY H 92 -42.91 -44.50 -12.69
CA GLY H 92 -43.09 -44.24 -11.26
C GLY H 92 -44.38 -43.52 -10.95
N ILE H 93 -44.77 -42.57 -11.80
CA ILE H 93 -46.04 -41.86 -11.63
C ILE H 93 -47.21 -42.82 -11.87
N LEU H 94 -47.05 -43.74 -12.83
CA LEU H 94 -48.05 -44.78 -13.07
C LEU H 94 -48.17 -45.73 -11.89
N SER H 95 -47.04 -46.06 -11.27
CA SER H 95 -47.03 -47.09 -10.24
C SER H 95 -47.63 -46.61 -8.92
N ASP H 96 -47.39 -45.36 -8.55
CA ASP H 96 -47.82 -44.86 -7.25
C ASP H 96 -49.25 -44.31 -7.26
N GLY H 97 -49.94 -44.35 -8.39
CA GLY H 97 -51.27 -43.77 -8.50
C GLY H 97 -52.40 -44.58 -7.89
N VAL H 98 -52.10 -45.78 -7.38
CA VAL H 98 -53.11 -46.64 -6.77
C VAL H 98 -53.19 -46.45 -5.26
N THR H 99 -52.04 -46.39 -4.59
CA THR H 99 -52.01 -46.21 -3.14
C THR H 99 -52.46 -44.79 -2.76
N GLU H 100 -53.02 -44.68 -1.55
CA GLU H 100 -53.56 -43.40 -1.09
C GLU H 100 -52.45 -42.39 -0.78
N SER H 101 -51.31 -42.87 -0.28
CA SER H 101 -50.17 -42.02 0.03
C SER H 101 -49.20 -41.99 -1.14
N ARG H 102 -48.78 -40.80 -1.53
CA ARG H 102 -47.88 -40.64 -2.67
C ARG H 102 -46.47 -41.10 -2.28
N HIS H 103 -45.92 -42.03 -3.05
CA HIS H 103 -44.58 -42.55 -2.83
C HIS H 103 -43.59 -41.66 -3.58
N LEU H 104 -42.89 -40.80 -2.85
CA LEU H 104 -41.91 -39.93 -3.48
C LEU H 104 -40.69 -40.68 -3.99
N HIS H 105 -40.41 -41.87 -3.44
CA HIS H 105 -39.23 -42.63 -3.85
C HIS H 105 -39.35 -43.21 -5.25
N LEU H 106 -40.53 -43.17 -5.87
CA LEU H 106 -40.73 -43.75 -7.18
C LEU H 106 -40.43 -42.79 -8.33
N TYR H 107 -40.59 -41.48 -8.13
CA TYR H 107 -40.40 -40.57 -9.25
C TYR H 107 -39.43 -39.43 -8.96
N MET H 108 -39.34 -39.00 -7.69
CA MET H 108 -38.42 -37.92 -7.32
C MET H 108 -36.94 -38.28 -7.51
N PRO H 109 -36.42 -39.48 -7.14
CA PRO H 109 -35.03 -39.80 -7.53
C PRO H 109 -34.78 -39.82 -9.03
N ALA H 110 -35.77 -40.24 -9.84
CA ALA H 110 -35.59 -40.24 -11.29
C ALA H 110 -35.58 -38.82 -11.84
N GLY H 111 -36.41 -37.93 -11.29
CA GLY H 111 -36.36 -36.52 -11.70
C GLY H 111 -35.06 -35.84 -11.27
N MET H 112 -34.56 -36.19 -10.08
CA MET H 112 -33.26 -35.70 -9.64
C MET H 112 -32.14 -36.20 -10.55
N ALA H 113 -32.25 -37.46 -11.00
CA ALA H 113 -31.30 -38.00 -11.97
C ALA H 113 -31.37 -37.29 -13.31
N PHE H 114 -32.59 -36.92 -13.74
CA PHE H 114 -32.77 -36.18 -14.99
C PHE H 114 -32.11 -34.80 -14.92
N MET H 115 -32.33 -34.10 -13.80
CA MET H 115 -31.70 -32.79 -13.61
C MET H 115 -30.19 -32.91 -13.50
N ALA H 116 -29.70 -33.98 -12.85
CA ALA H 116 -28.27 -34.21 -12.74
C ALA H 116 -27.64 -34.52 -14.10
N ALA H 117 -28.33 -35.28 -14.96
CA ALA H 117 -27.80 -35.58 -16.28
C ALA H 117 -27.75 -34.34 -17.17
N ILE H 118 -28.77 -33.48 -17.05
CA ILE H 118 -28.75 -32.20 -17.77
C ILE H 118 -27.60 -31.32 -17.30
N THR H 119 -27.39 -31.24 -15.98
CA THR H 119 -26.29 -30.46 -15.43
C THR H 119 -24.93 -31.04 -15.82
N SER H 120 -24.84 -32.37 -15.88
CA SER H 120 -23.61 -33.04 -16.28
C SER H 120 -23.26 -32.77 -17.74
N VAL H 121 -24.26 -32.78 -18.63
CA VAL H 121 -23.94 -32.52 -20.04
C VAL H 121 -23.63 -31.03 -20.26
N VAL H 122 -24.23 -30.13 -19.45
CA VAL H 122 -23.88 -28.71 -19.53
C VAL H 122 -22.44 -28.49 -19.03
N TYR H 123 -22.07 -29.16 -17.95
CA TYR H 123 -20.72 -29.09 -17.40
C TYR H 123 -19.68 -29.64 -18.38
N TYR H 124 -20.01 -30.76 -19.04
CA TYR H 124 -19.11 -31.33 -20.04
C TYR H 124 -18.96 -30.42 -21.26
N HIS H 125 -20.06 -29.78 -21.70
CA HIS H 125 -19.96 -28.87 -22.84
C HIS H 125 -19.15 -27.63 -22.50
N ASN H 126 -19.33 -27.07 -21.29
CA ASN H 126 -18.55 -25.90 -20.89
C ASN H 126 -17.07 -26.26 -20.73
N ILE H 127 -16.78 -27.46 -20.24
CA ILE H 127 -15.40 -27.93 -20.14
C ILE H 127 -14.80 -28.13 -21.52
N GLU H 128 -15.56 -28.72 -22.45
CA GLU H 128 -15.06 -28.99 -23.80
C GLU H 128 -14.82 -27.71 -24.59
N THR H 129 -15.69 -26.71 -24.41
CA THR H 129 -15.44 -25.42 -25.05
C THR H 129 -14.46 -24.56 -24.27
N SER H 130 -14.07 -24.97 -23.06
CA SER H 130 -13.06 -24.25 -22.29
C SER H 130 -11.76 -25.01 -22.12
N ASN H 131 -11.70 -26.30 -22.53
CA ASN H 131 -10.51 -27.15 -22.52
C ASN H 131 -9.94 -27.30 -21.10
N PHE H 132 -10.77 -27.84 -20.20
CA PHE H 132 -10.40 -28.08 -18.81
C PHE H 132 -10.58 -29.56 -18.48
N PRO H 133 -9.70 -30.43 -18.98
CA PRO H 133 -9.92 -31.87 -18.78
C PRO H 133 -9.74 -32.32 -17.34
N LYS H 134 -8.91 -31.62 -16.56
CA LYS H 134 -8.63 -31.98 -15.17
C LYS H 134 -9.86 -31.89 -14.26
N LEU H 135 -10.84 -31.07 -14.63
CA LEU H 135 -12.08 -31.00 -13.85
C LEU H 135 -13.00 -32.19 -14.10
N LEU H 136 -12.77 -32.96 -15.18
CA LEU H 136 -13.63 -34.09 -15.53
C LEU H 136 -13.63 -35.19 -14.49
N ILE H 137 -12.59 -35.22 -13.63
CA ILE H 137 -12.52 -36.08 -12.44
C ILE H 137 -13.81 -36.00 -11.63
N ALA H 138 -14.33 -34.78 -11.46
CA ALA H 138 -15.58 -34.57 -10.71
C ALA H 138 -16.73 -35.36 -11.33
N LEU H 139 -16.87 -35.27 -12.68
CA LEU H 139 -17.87 -36.04 -13.40
C LEU H 139 -17.64 -37.53 -13.19
N LEU H 140 -16.36 -37.94 -13.23
CA LEU H 140 -15.97 -39.33 -13.00
C LEU H 140 -16.49 -39.83 -11.68
N ILE H 141 -16.30 -39.01 -10.62
CA ILE H 141 -16.73 -39.39 -9.27
C ILE H 141 -18.23 -39.58 -9.24
N TYR H 142 -18.96 -38.66 -9.88
CA TYR H 142 -20.42 -38.73 -9.92
C TYR H 142 -20.87 -40.00 -10.63
N TRP H 143 -20.25 -40.31 -11.77
CA TRP H 143 -20.66 -41.49 -12.52
C TRP H 143 -20.37 -42.74 -11.72
N THR H 144 -19.22 -42.76 -11.02
CA THR H 144 -18.86 -43.89 -10.17
C THR H 144 -19.89 -44.07 -9.07
N LEU H 145 -20.26 -42.95 -8.42
CA LEU H 145 -21.24 -42.98 -7.35
C LEU H 145 -22.57 -43.45 -7.87
N ALA H 146 -22.95 -42.93 -9.05
CA ALA H 146 -24.23 -43.28 -9.67
C ALA H 146 -24.25 -44.76 -9.99
N PHE H 147 -23.13 -45.27 -10.51
CA PHE H 147 -23.02 -46.69 -10.87
C PHE H 147 -23.20 -47.55 -9.64
N ILE H 148 -22.55 -47.17 -8.54
CA ILE H 148 -22.65 -47.93 -7.30
C ILE H 148 -24.08 -47.89 -6.79
N THR H 149 -24.68 -46.70 -6.79
CA THR H 149 -26.03 -46.57 -6.26
C THR H 149 -27.05 -47.20 -7.18
N LYS H 150 -26.70 -47.41 -8.46
CA LYS H 150 -27.65 -48.15 -9.27
C LYS H 150 -27.48 -49.64 -9.05
N THR H 151 -26.22 -50.11 -8.96
CA THR H 151 -26.01 -51.56 -9.07
C THR H 151 -26.48 -52.27 -7.80
N ILE H 152 -26.34 -51.60 -6.65
CA ILE H 152 -26.92 -52.08 -5.38
C ILE H 152 -28.41 -52.31 -5.55
N LYS H 153 -29.10 -51.31 -6.13
CA LYS H 153 -30.53 -51.40 -6.40
C LYS H 153 -30.83 -52.60 -7.30
N PHE H 154 -30.02 -52.75 -8.36
CA PHE H 154 -30.20 -53.86 -9.29
C PHE H 154 -29.98 -55.19 -8.58
N VAL H 155 -28.96 -55.25 -7.71
CA VAL H 155 -28.68 -56.47 -6.96
C VAL H 155 -29.83 -56.78 -6.01
N LYS H 156 -30.40 -55.73 -5.38
CA LYS H 156 -31.52 -55.96 -4.49
C LYS H 156 -32.75 -56.37 -5.28
N PHE H 157 -32.91 -55.82 -6.49
CA PHE H 157 -34.01 -56.23 -7.35
C PHE H 157 -33.79 -57.66 -7.85
N TYR H 158 -32.53 -58.10 -7.92
CA TYR H 158 -32.30 -59.50 -8.24
C TYR H 158 -32.51 -60.39 -7.02
N ASP H 159 -32.32 -59.86 -5.82
CA ASP H 159 -32.39 -60.72 -4.64
C ASP H 159 -33.82 -60.92 -4.15
N HIS H 160 -34.75 -60.06 -4.56
CA HIS H 160 -36.16 -60.21 -4.24
C HIS H 160 -36.96 -60.78 -5.39
N ALA H 161 -36.26 -61.27 -6.45
CA ALA H 161 -36.85 -61.96 -7.60
C ALA H 161 -37.87 -61.09 -8.34
N ILE H 162 -37.44 -59.89 -8.72
CA ILE H 162 -38.30 -59.01 -9.51
C ILE H 162 -38.50 -59.59 -10.92
N GLY H 163 -37.41 -59.74 -11.66
CA GLY H 163 -37.46 -60.34 -12.98
C GLY H 163 -37.75 -59.33 -14.08
N PHE H 164 -37.67 -59.82 -15.31
CA PHE H 164 -37.78 -58.96 -16.50
C PHE H 164 -39.22 -58.64 -16.87
N SER H 165 -40.22 -59.25 -16.22
CA SER H 165 -41.61 -58.92 -16.48
C SER H 165 -42.01 -57.55 -15.94
N GLN H 166 -41.18 -56.95 -15.11
CA GLN H 166 -41.43 -55.64 -14.52
C GLN H 166 -40.58 -54.60 -15.25
N LEU H 167 -41.20 -53.46 -15.58
CA LEU H 167 -40.50 -52.45 -16.36
C LEU H 167 -39.39 -51.77 -15.57
N ARG H 168 -39.57 -51.61 -14.25
CA ARG H 168 -38.57 -50.94 -13.42
C ARG H 168 -37.26 -51.70 -13.36
N PHE H 169 -37.32 -53.03 -13.40
CA PHE H 169 -36.10 -53.85 -13.46
C PHE H 169 -35.34 -53.62 -14.76
N CYS H 170 -36.04 -53.60 -15.89
CA CYS H 170 -35.39 -53.32 -17.17
C CYS H 170 -34.88 -51.89 -17.24
N LEU H 171 -35.60 -50.94 -16.62
CA LEU H 171 -35.17 -49.55 -16.64
C LEU H 171 -33.95 -49.32 -15.77
N THR H 172 -33.87 -49.99 -14.60
CA THR H 172 -32.66 -49.84 -13.80
C THR H 172 -31.49 -50.64 -14.38
N GLY H 173 -31.78 -51.70 -15.14
CA GLY H 173 -30.72 -52.35 -15.91
C GLY H 173 -30.17 -51.46 -17.01
N LEU H 174 -31.07 -50.76 -17.72
CA LEU H 174 -30.64 -49.77 -18.71
C LEU H 174 -29.90 -48.61 -18.05
N LEU H 175 -30.33 -48.22 -16.84
CA LEU H 175 -29.66 -47.15 -16.10
C LEU H 175 -28.23 -47.52 -15.73
N VAL H 176 -28.04 -48.73 -15.19
CA VAL H 176 -26.69 -49.15 -14.80
C VAL H 176 -25.83 -49.44 -16.03
N ILE H 177 -26.43 -49.88 -17.14
CA ILE H 177 -25.67 -50.08 -18.38
C ILE H 177 -25.20 -48.74 -18.95
N LEU H 178 -26.08 -47.73 -18.99
CA LEU H 178 -25.69 -46.42 -19.50
C LEU H 178 -24.69 -45.72 -18.58
N TYR H 179 -24.83 -45.90 -17.26
CA TYR H 179 -23.84 -45.35 -16.33
C TYR H 179 -22.48 -46.01 -16.50
N GLY H 180 -22.46 -47.33 -16.72
CA GLY H 180 -21.21 -48.01 -17.00
C GLY H 180 -20.59 -47.59 -18.33
N MET H 181 -21.43 -47.34 -19.34
CA MET H 181 -20.93 -46.87 -20.63
C MET H 181 -20.34 -45.46 -20.52
N LEU H 182 -20.98 -44.59 -19.75
CA LEU H 182 -20.43 -43.24 -19.54
C LEU H 182 -19.16 -43.28 -18.70
N LEU H 183 -19.07 -44.22 -17.75
CA LEU H 183 -17.82 -44.42 -17.01
C LEU H 183 -16.71 -44.93 -17.92
N LEU H 184 -17.05 -45.80 -18.88
CA LEU H 184 -16.06 -46.28 -19.85
C LEU H 184 -15.63 -45.16 -20.79
N VAL H 185 -16.54 -44.26 -21.16
CA VAL H 185 -16.17 -43.09 -21.96
C VAL H 185 -15.24 -42.18 -21.17
N GLU H 186 -15.50 -41.99 -19.87
CA GLU H 186 -14.64 -41.18 -19.02
C GLU H 186 -13.24 -41.78 -18.86
N VAL H 187 -13.16 -43.11 -18.68
CA VAL H 187 -11.82 -43.70 -18.57
C VAL H 187 -11.12 -43.77 -19.93
N ASN H 188 -11.88 -43.78 -21.03
CA ASN H 188 -11.26 -43.60 -22.34
C ASN H 188 -10.68 -42.21 -22.49
N VAL H 189 -11.38 -41.19 -21.95
CA VAL H 189 -10.88 -39.82 -22.01
C VAL H 189 -9.61 -39.66 -21.18
N ILE H 190 -9.57 -40.22 -19.97
CA ILE H 190 -8.34 -40.16 -19.17
C ILE H 190 -7.23 -41.04 -19.76
N ARG H 191 -7.58 -42.07 -20.54
CA ARG H 191 -6.55 -42.85 -21.22
C ARG H 191 -5.93 -42.07 -22.38
N VAL H 192 -6.77 -41.37 -23.17
CA VAL H 192 -6.24 -40.62 -24.31
C VAL H 192 -5.55 -39.34 -23.85
N ARG H 193 -6.30 -38.46 -23.18
CA ARG H 193 -5.74 -37.23 -22.62
C ARG H 193 -5.53 -37.42 -21.13
N ARG H 194 -4.26 -37.38 -20.70
CA ARG H 194 -3.90 -37.68 -19.32
C ARG H 194 -3.92 -36.39 -18.52
N TYR H 195 -5.10 -36.05 -17.99
CA TYR H 195 -5.29 -34.91 -17.11
C TYR H 195 -5.11 -35.26 -15.64
N ILE H 196 -4.80 -36.52 -15.34
CA ILE H 196 -4.55 -36.99 -13.97
C ILE H 196 -3.04 -37.14 -13.84
N PHE H 197 -2.56 -37.51 -12.65
CA PHE H 197 -1.12 -37.59 -12.39
C PHE H 197 -0.47 -38.67 -13.24
N PHE H 198 0.18 -38.23 -14.29
CA PHE H 198 0.77 -39.07 -15.35
C PHE H 198 1.91 -38.26 -15.97
N LYS H 199 2.36 -38.68 -17.14
CA LYS H 199 3.33 -37.89 -17.90
C LYS H 199 2.70 -36.66 -18.55
N THR H 200 1.37 -36.66 -18.71
CA THR H 200 0.62 -35.68 -19.48
C THR H 200 1.19 -35.35 -20.86
N PRO H 201 1.33 -36.35 -21.76
CA PRO H 201 2.05 -36.09 -23.01
C PRO H 201 1.20 -35.55 -24.16
N ARG H 202 -0.10 -35.82 -24.17
CA ARG H 202 -0.93 -35.61 -25.35
C ARG H 202 -1.56 -34.22 -25.34
N GLU H 203 -1.36 -33.49 -26.44
CA GLU H 203 -2.04 -32.23 -26.70
C GLU H 203 -2.69 -32.32 -28.07
N VAL H 204 -3.99 -32.04 -28.13
CA VAL H 204 -4.73 -32.26 -29.37
C VAL H 204 -4.55 -31.09 -30.33
N LYS H 205 -4.54 -29.85 -29.80
CA LYS H 205 -4.48 -28.53 -30.45
C LYS H 205 -5.75 -28.25 -31.24
N PRO H 206 -6.14 -26.97 -31.38
CA PRO H 206 -7.35 -26.66 -32.15
C PRO H 206 -7.17 -26.96 -33.63
N PRO H 207 -8.25 -27.23 -34.36
CA PRO H 207 -8.14 -27.47 -35.81
C PRO H 207 -7.67 -26.21 -36.54
N GLU H 208 -6.95 -26.45 -37.64
CA GLU H 208 -6.25 -25.37 -38.33
C GLU H 208 -7.20 -24.40 -39.01
N ASP H 209 -8.40 -24.86 -39.39
CA ASP H 209 -9.37 -23.95 -39.99
C ASP H 209 -9.95 -23.00 -38.96
N LEU H 210 -10.19 -23.47 -37.73
CA LEU H 210 -10.83 -22.66 -36.71
C LEU H 210 -9.89 -21.64 -36.08
N GLN H 211 -8.61 -21.96 -35.92
CA GLN H 211 -7.74 -21.15 -35.06
C GLN H 211 -7.35 -19.81 -35.69
N ASP H 212 -6.96 -19.80 -36.96
CA ASP H 212 -6.46 -18.56 -37.56
C ASP H 212 -6.96 -18.29 -38.98
N LEU H 213 -7.61 -19.24 -39.65
CA LEU H 213 -8.02 -19.04 -41.04
C LEU H 213 -9.16 -18.04 -41.15
N GLY H 214 -10.07 -18.03 -40.17
CA GLY H 214 -11.17 -17.09 -40.18
C GLY H 214 -12.43 -17.65 -40.79
N VAL H 215 -12.70 -18.93 -40.53
CA VAL H 215 -13.95 -19.54 -40.99
C VAL H 215 -15.05 -19.21 -39.99
N ARG H 216 -16.27 -19.04 -40.51
CA ARG H 216 -17.42 -18.73 -39.66
C ARG H 216 -18.57 -19.70 -39.91
N PHE H 217 -18.32 -20.80 -40.61
CA PHE H 217 -19.30 -21.86 -40.84
C PHE H 217 -18.93 -22.99 -39.87
N LEU H 218 -19.51 -22.94 -38.68
CA LEU H 218 -19.07 -23.73 -37.54
C LEU H 218 -19.72 -25.10 -37.46
N GLN H 219 -20.49 -25.48 -38.49
CA GLN H 219 -21.22 -26.75 -38.47
C GLN H 219 -20.36 -28.01 -38.34
N PRO H 220 -19.18 -28.16 -38.98
CA PRO H 220 -18.33 -29.32 -38.63
C PRO H 220 -17.74 -29.29 -37.21
N PHE H 221 -17.79 -28.17 -36.52
CA PHE H 221 -17.05 -28.01 -35.28
C PHE H 221 -17.94 -27.88 -34.03
N VAL H 222 -19.25 -28.00 -34.18
CA VAL H 222 -20.16 -27.85 -33.05
C VAL H 222 -20.57 -29.23 -32.55
N ASN H 223 -21.07 -29.29 -31.32
CA ASN H 223 -21.54 -30.53 -30.74
C ASN H 223 -22.86 -30.96 -31.37
N LEU H 224 -23.28 -32.19 -31.05
CA LEU H 224 -24.40 -32.84 -31.74
C LEU H 224 -25.73 -32.14 -31.48
N LEU H 225 -25.89 -31.54 -30.31
CA LEU H 225 -27.09 -30.74 -30.05
C LEU H 225 -27.15 -29.50 -30.92
N SER H 226 -26.01 -28.81 -31.08
CA SER H 226 -25.96 -27.67 -31.99
C SER H 226 -25.71 -28.08 -33.44
N LYS H 227 -25.27 -29.31 -33.68
CA LYS H 227 -25.17 -29.80 -35.05
C LYS H 227 -26.55 -30.19 -35.60
N GLY H 228 -27.42 -30.70 -34.74
CA GLY H 228 -28.73 -31.14 -35.17
C GLY H 228 -29.79 -30.06 -35.13
N THR H 229 -29.70 -29.16 -34.14
CA THR H 229 -30.66 -28.06 -34.04
C THR H 229 -30.17 -26.80 -34.75
N TYR H 230 -28.92 -26.79 -35.25
CA TYR H 230 -28.31 -25.66 -35.97
C TYR H 230 -28.32 -24.40 -35.12
N TRP H 231 -27.89 -24.54 -33.86
CA TRP H 231 -27.96 -23.46 -32.88
C TRP H 231 -26.96 -22.35 -33.18
N TRP H 232 -25.80 -22.69 -33.74
CA TRP H 232 -24.75 -21.71 -34.04
C TRP H 232 -25.19 -20.69 -35.09
N MET H 233 -26.18 -21.04 -35.92
CA MET H 233 -26.76 -20.11 -36.88
C MET H 233 -27.47 -18.93 -36.20
N ASN H 234 -27.89 -19.11 -34.94
CA ASN H 234 -28.76 -18.16 -34.23
C ASN H 234 -28.22 -16.74 -34.23
N ALA H 235 -26.92 -16.59 -33.92
CA ALA H 235 -26.28 -15.28 -33.88
C ALA H 235 -26.32 -14.59 -35.23
N PHE H 236 -26.08 -15.36 -36.32
CA PHE H 236 -26.23 -14.83 -37.67
C PHE H 236 -27.65 -14.34 -37.91
N ILE H 237 -28.64 -15.13 -37.47
CA ILE H 237 -30.05 -14.75 -37.61
C ILE H 237 -30.35 -13.52 -36.77
N LYS H 238 -29.60 -13.32 -35.68
CA LYS H 238 -29.73 -12.06 -34.94
C LYS H 238 -29.07 -10.92 -35.71
N THR H 239 -27.84 -11.13 -36.21
CA THR H 239 -27.04 -10.00 -36.69
C THR H 239 -27.56 -9.48 -38.03
N ALA H 240 -28.26 -10.32 -38.79
CA ALA H 240 -28.91 -9.88 -40.02
C ALA H 240 -29.99 -8.83 -39.78
N HIS H 241 -30.52 -8.75 -38.56
CA HIS H 241 -31.41 -7.63 -38.25
C HIS H 241 -30.62 -6.33 -38.12
N LYS H 242 -29.43 -6.38 -37.53
CA LYS H 242 -28.70 -5.16 -37.23
C LYS H 242 -27.81 -4.70 -38.39
N LYS H 243 -27.26 -5.64 -39.16
CA LYS H 243 -26.34 -5.33 -40.23
C LYS H 243 -26.62 -6.31 -41.37
N PRO H 244 -26.61 -5.85 -42.62
CA PRO H 244 -26.80 -6.77 -43.75
C PRO H 244 -25.65 -7.76 -43.86
N ILE H 245 -26.00 -8.98 -44.26
CA ILE H 245 -25.03 -10.06 -44.39
C ILE H 245 -24.28 -9.88 -45.70
N ASP H 246 -22.96 -9.83 -45.61
CA ASP H 246 -22.08 -9.63 -46.76
C ASP H 246 -21.04 -10.76 -46.80
N LEU H 247 -20.07 -10.63 -47.69
CA LEU H 247 -19.01 -11.62 -47.83
C LEU H 247 -17.92 -11.50 -46.77
N ARG H 248 -18.03 -10.54 -45.85
CA ARG H 248 -17.19 -10.47 -44.67
C ARG H 248 -17.83 -11.14 -43.45
N ALA H 249 -19.16 -11.02 -43.31
CA ALA H 249 -19.85 -11.74 -42.25
C ALA H 249 -19.85 -13.24 -42.51
N ILE H 250 -19.88 -13.65 -43.77
CA ILE H 250 -19.64 -15.03 -44.15
C ILE H 250 -18.13 -15.23 -44.29
N GLY H 251 -17.59 -16.22 -43.59
CA GLY H 251 -16.15 -16.41 -43.56
C GLY H 251 -15.57 -17.11 -44.78
N LYS H 252 -14.58 -17.97 -44.55
CA LYS H 252 -13.95 -18.76 -45.61
C LYS H 252 -14.38 -20.21 -45.49
N LEU H 253 -14.22 -20.95 -46.58
CA LEU H 253 -14.63 -22.35 -46.60
C LEU H 253 -13.68 -23.19 -45.76
N PRO H 254 -14.19 -24.19 -45.05
CA PRO H 254 -13.30 -25.16 -44.39
C PRO H 254 -12.54 -26.00 -45.41
N ILE H 255 -11.45 -26.60 -44.93
CA ILE H 255 -10.53 -27.35 -45.79
C ILE H 255 -11.21 -28.56 -46.39
N ALA H 256 -12.09 -29.23 -45.63
CA ALA H 256 -12.84 -30.35 -46.17
C ALA H 256 -13.87 -29.91 -47.20
N MET H 257 -14.34 -28.67 -47.11
CA MET H 257 -15.36 -28.14 -48.02
C MET H 257 -14.78 -27.29 -49.15
N ARG H 258 -13.45 -27.15 -49.22
CA ARG H 258 -12.83 -26.35 -50.27
C ARG H 258 -12.96 -27.04 -51.62
N ALA H 259 -12.93 -26.22 -52.68
CA ALA H 259 -13.08 -26.74 -54.04
C ALA H 259 -11.88 -27.59 -54.46
N LEU H 260 -10.68 -27.20 -54.01
CA LEU H 260 -9.47 -27.92 -54.38
C LEU H 260 -9.43 -29.32 -53.76
N THR H 261 -9.92 -29.43 -52.51
CA THR H 261 -9.93 -30.73 -51.83
C THR H 261 -10.89 -31.71 -52.49
N ASN H 262 -12.11 -31.25 -52.80
CA ASN H 262 -13.08 -32.11 -53.49
C ASN H 262 -12.63 -32.41 -54.91
N TYR H 263 -11.97 -31.46 -55.58
CA TYR H 263 -11.43 -31.71 -56.91
C TYR H 263 -10.33 -32.76 -56.89
N GLN H 264 -9.44 -32.70 -55.88
CA GLN H 264 -8.39 -33.71 -55.76
C GLN H 264 -8.96 -35.07 -55.39
N ARG H 265 -10.02 -35.10 -54.57
CA ARG H 265 -10.69 -36.35 -54.25
C ARG H 265 -11.34 -36.97 -55.49
N LEU H 266 -11.98 -36.14 -56.33
CA LEU H 266 -12.56 -36.62 -57.57
C LEU H 266 -11.49 -37.10 -58.55
N CYS H 267 -10.34 -36.41 -58.59
CA CYS H 267 -9.23 -36.84 -59.43
C CYS H 267 -8.65 -38.17 -58.94
N VAL H 268 -8.60 -38.37 -57.62
CA VAL H 268 -8.15 -39.65 -57.06
C VAL H 268 -9.13 -40.76 -57.45
N ALA H 269 -10.44 -40.47 -57.43
CA ALA H 269 -11.44 -41.44 -57.86
C ALA H 269 -11.30 -41.80 -59.34
N PHE H 270 -11.10 -40.80 -60.20
CA PHE H 270 -10.93 -41.06 -61.63
C PHE H 270 -9.64 -41.82 -61.92
N ASP H 271 -8.56 -41.52 -61.17
CA ASP H 271 -7.31 -42.26 -61.33
C ASP H 271 -7.44 -43.69 -60.85
N ALA H 272 -8.21 -43.91 -59.78
CA ALA H 272 -8.48 -45.27 -59.33
C ALA H 272 -9.33 -46.05 -60.33
N GLN H 273 -10.20 -45.36 -61.07
CA GLN H 273 -10.91 -46.00 -62.17
C GLN H 273 -9.96 -46.38 -63.30
N ALA H 274 -9.08 -45.46 -63.70
CA ALA H 274 -8.17 -45.72 -64.80
C ALA H 274 -7.11 -46.76 -64.45
N ARG H 275 -6.82 -46.94 -63.15
CA ARG H 275 -5.85 -47.93 -62.71
C ARG H 275 -6.56 -49.07 -61.96
N PRO H 281 -11.35 -44.51 -70.40
CA PRO H 281 -11.54 -43.30 -69.60
C PRO H 281 -12.78 -42.52 -70.03
N GLN H 282 -13.28 -41.68 -69.13
CA GLN H 282 -14.50 -40.86 -69.26
C GLN H 282 -15.70 -41.78 -69.54
N GLY H 283 -16.74 -41.27 -70.17
CA GLY H 283 -17.99 -42.00 -70.27
C GLY H 283 -18.87 -41.76 -69.06
N ALA H 284 -20.18 -41.97 -69.26
CA ALA H 284 -21.16 -41.66 -68.21
C ALA H 284 -21.03 -42.62 -67.02
N ARG H 285 -20.84 -43.91 -67.30
CA ARG H 285 -20.75 -44.91 -66.23
C ARG H 285 -19.52 -44.70 -65.35
N ALA H 286 -18.38 -44.34 -65.96
CA ALA H 286 -17.18 -44.06 -65.19
C ALA H 286 -17.31 -42.78 -64.38
N ILE H 287 -18.02 -41.77 -64.91
CA ILE H 287 -18.29 -40.57 -64.13
C ILE H 287 -19.17 -40.89 -62.93
N TRP H 288 -20.19 -41.74 -63.13
CA TRP H 288 -21.08 -42.15 -62.03
C TRP H 288 -20.32 -42.92 -60.96
N ARG H 289 -19.44 -43.85 -61.36
CA ARG H 289 -18.64 -44.59 -60.38
C ARG H 289 -17.62 -43.71 -59.69
N ALA H 290 -17.09 -42.69 -60.38
CA ALA H 290 -16.18 -41.75 -59.74
C ALA H 290 -16.88 -40.88 -58.71
N LEU H 291 -18.10 -40.43 -59.02
CA LEU H 291 -18.91 -39.70 -58.04
C LEU H 291 -19.26 -40.58 -56.86
N CYS H 292 -19.52 -41.87 -57.11
CA CYS H 292 -19.76 -42.83 -56.04
C CYS H 292 -18.54 -42.95 -55.13
N HIS H 293 -17.36 -43.20 -55.71
CA HIS H 293 -16.14 -43.35 -54.92
C HIS H 293 -15.76 -42.07 -54.18
N ALA H 294 -16.10 -40.91 -54.73
CA ALA H 294 -15.71 -39.67 -54.06
C ALA H 294 -16.70 -39.24 -52.97
N PHE H 295 -18.00 -39.44 -53.17
CA PHE H 295 -18.99 -38.84 -52.27
C PHE H 295 -20.03 -39.82 -51.70
N GLY H 296 -19.90 -41.12 -51.95
CA GLY H 296 -20.90 -42.06 -51.52
C GLY H 296 -20.89 -42.35 -50.04
N ARG H 297 -19.77 -42.08 -49.36
CA ARG H 297 -19.73 -42.23 -47.91
C ARG H 297 -20.63 -41.21 -47.23
N ARG H 298 -20.56 -39.95 -47.67
CA ARG H 298 -21.48 -38.92 -47.17
C ARG H 298 -22.91 -39.21 -47.61
N LEU H 299 -23.09 -39.75 -48.81
CA LEU H 299 -24.42 -40.14 -49.26
C LEU H 299 -25.00 -41.27 -48.40
N ILE H 300 -24.15 -42.22 -47.97
CA ILE H 300 -24.57 -43.30 -47.09
C ILE H 300 -24.92 -42.76 -45.71
N LEU H 301 -24.17 -41.76 -45.23
CA LEU H 301 -24.49 -41.13 -43.94
C LEU H 301 -25.86 -40.43 -43.98
N SER H 302 -26.13 -39.68 -45.05
CA SER H 302 -27.44 -39.04 -45.19
C SER H 302 -28.55 -40.07 -45.36
N SER H 303 -28.28 -41.17 -46.08
CA SER H 303 -29.26 -42.24 -46.21
C SER H 303 -29.53 -42.95 -44.89
N THR H 304 -28.51 -43.08 -44.04
CA THR H 304 -28.68 -43.67 -42.72
C THR H 304 -29.56 -42.78 -41.82
N PHE H 305 -29.33 -41.46 -41.87
CA PHE H 305 -30.18 -40.53 -41.12
C PHE H 305 -31.62 -40.58 -41.63
N ARG H 306 -31.80 -40.66 -42.96
CA ARG H 306 -33.15 -40.77 -43.53
C ARG H 306 -33.81 -42.11 -43.19
N ILE H 307 -33.02 -43.20 -43.11
CA ILE H 307 -33.54 -44.50 -42.71
C ILE H 307 -34.03 -44.46 -41.25
N LEU H 308 -33.24 -43.85 -40.37
CA LEU H 308 -33.65 -43.72 -38.97
C LEU H 308 -34.88 -42.83 -38.83
N ALA H 309 -34.97 -41.76 -39.63
CA ALA H 309 -36.16 -40.92 -39.63
C ALA H 309 -37.39 -41.67 -40.12
N ASP H 310 -37.22 -42.52 -41.14
CA ASP H 310 -38.33 -43.33 -41.65
C ASP H 310 -38.78 -44.37 -40.62
N LEU H 311 -37.82 -44.96 -39.89
CA LEU H 311 -38.17 -45.93 -38.86
C LEU H 311 -38.89 -45.27 -37.69
N LEU H 312 -38.47 -44.05 -37.32
CA LEU H 312 -39.15 -43.33 -36.25
C LEU H 312 -40.45 -42.67 -36.70
N GLY H 313 -40.67 -42.55 -38.01
CA GLY H 313 -41.95 -42.06 -38.51
C GLY H 313 -43.09 -43.05 -38.31
N PHE H 314 -42.78 -44.34 -38.18
CA PHE H 314 -43.77 -45.35 -37.89
C PHE H 314 -44.19 -45.37 -36.44
N ALA H 315 -43.49 -44.64 -35.55
CA ALA H 315 -43.91 -44.51 -34.17
C ALA H 315 -45.19 -43.70 -34.02
N GLY H 316 -45.54 -42.91 -35.03
CA GLY H 316 -46.81 -42.22 -35.09
C GLY H 316 -48.04 -43.11 -35.15
N PRO H 317 -48.19 -43.90 -36.23
CA PRO H 317 -49.36 -44.80 -36.33
C PRO H 317 -49.46 -45.83 -35.22
N LEU H 318 -48.34 -46.35 -34.73
CA LEU H 318 -48.37 -47.31 -33.62
C LEU H 318 -48.86 -46.65 -32.33
N CYS H 319 -48.44 -45.39 -32.09
CA CYS H 319 -48.94 -44.66 -30.93
C CYS H 319 -50.41 -44.33 -31.07
N ILE H 320 -50.88 -44.03 -32.28
CA ILE H 320 -52.31 -43.80 -32.50
C ILE H 320 -53.11 -45.07 -32.23
N PHE H 321 -52.59 -46.21 -32.70
CA PHE H 321 -53.18 -47.53 -32.42
C PHE H 321 -53.30 -47.78 -30.92
N GLY H 322 -52.21 -47.57 -30.19
CA GLY H 322 -52.24 -47.79 -28.75
C GLY H 322 -53.15 -46.84 -27.98
N ILE H 323 -53.11 -45.54 -28.34
CA ILE H 323 -53.90 -44.54 -27.64
C ILE H 323 -55.39 -44.78 -27.84
N VAL H 324 -55.80 -44.97 -29.10
CA VAL H 324 -57.22 -45.16 -29.38
C VAL H 324 -57.70 -46.52 -28.87
N ASP H 325 -56.82 -47.53 -28.85
CA ASP H 325 -57.20 -48.81 -28.25
C ASP H 325 -57.39 -48.71 -26.74
N HIS H 326 -56.56 -47.90 -26.06
CA HIS H 326 -56.76 -47.71 -24.63
C HIS H 326 -58.02 -46.90 -24.34
N LEU H 327 -58.31 -45.90 -25.18
CA LEU H 327 -59.51 -45.09 -24.96
C LEU H 327 -60.78 -45.84 -25.33
N GLY H 328 -60.69 -46.87 -26.18
CA GLY H 328 -61.88 -47.66 -26.49
C GLY H 328 -62.30 -48.58 -25.36
N LYS H 329 -61.36 -48.97 -24.50
CA LYS H 329 -61.66 -49.86 -23.38
C LYS H 329 -62.43 -49.14 -22.29
N LYS H 337 -49.12 -54.81 -11.30
CA LYS H 337 -50.19 -55.58 -10.68
C LYS H 337 -49.64 -56.38 -9.49
N THR H 338 -48.32 -56.37 -9.33
CA THR H 338 -47.64 -57.16 -8.32
C THR H 338 -47.11 -56.25 -7.22
N GLN H 339 -47.32 -56.66 -5.96
CA GLN H 339 -47.02 -55.80 -4.82
C GLN H 339 -45.53 -55.83 -4.47
N PHE H 340 -44.92 -57.02 -4.44
CA PHE H 340 -43.47 -57.22 -4.21
C PHE H 340 -43.04 -56.63 -2.87
N LEU H 341 -42.09 -55.69 -2.84
CA LEU H 341 -41.55 -55.17 -1.58
C LEU H 341 -42.33 -53.94 -1.09
N GLY H 342 -43.65 -54.06 -1.03
CA GLY H 342 -44.49 -52.98 -0.55
C GLY H 342 -44.65 -51.82 -1.50
N VAL H 343 -44.40 -52.02 -2.79
CA VAL H 343 -44.57 -50.96 -3.78
C VAL H 343 -44.94 -51.59 -5.12
N TYR H 344 -46.05 -51.12 -5.71
CA TYR H 344 -46.60 -51.70 -6.93
C TYR H 344 -45.62 -51.58 -8.10
N PHE H 345 -45.60 -52.60 -8.94
CA PHE H 345 -44.74 -52.65 -10.10
C PHE H 345 -45.59 -52.71 -11.36
N VAL H 346 -45.08 -52.13 -12.44
CA VAL H 346 -45.81 -51.99 -13.70
C VAL H 346 -45.11 -52.83 -14.76
N SER H 347 -45.86 -53.68 -15.45
CA SER H 347 -45.33 -54.43 -16.57
C SER H 347 -45.16 -53.51 -17.78
N SER H 348 -44.43 -54.01 -18.78
CA SER H 348 -44.20 -53.25 -19.99
C SER H 348 -45.49 -53.06 -20.80
N GLN H 349 -46.38 -54.05 -20.76
CA GLN H 349 -47.65 -53.96 -21.48
C GLN H 349 -48.57 -52.91 -20.85
N GLU H 350 -48.55 -52.80 -19.52
CA GLU H 350 -49.35 -51.78 -18.85
C GLU H 350 -48.77 -50.39 -19.07
N PHE H 351 -47.44 -50.28 -19.13
CA PHE H 351 -46.80 -49.00 -19.39
C PHE H 351 -47.08 -48.54 -20.83
N LEU H 352 -47.05 -49.47 -21.78
CA LEU H 352 -47.31 -49.09 -23.17
C LEU H 352 -48.78 -48.82 -23.41
N GLY H 353 -49.68 -49.47 -22.69
CA GLY H 353 -51.09 -49.22 -22.91
C GLY H 353 -51.83 -48.33 -21.93
N ASN H 354 -51.35 -47.09 -21.69
CA ASN H 354 -52.05 -46.20 -20.77
C ASN H 354 -52.11 -44.76 -21.30
N ALA H 355 -52.35 -44.65 -22.61
CA ALA H 355 -52.58 -43.40 -23.35
C ALA H 355 -51.46 -42.37 -23.31
N TYR H 356 -51.44 -41.54 -22.25
CA TYR H 356 -50.61 -40.34 -22.16
C TYR H 356 -49.13 -40.61 -22.43
N VAL H 357 -48.63 -41.73 -21.91
CA VAL H 357 -47.24 -42.16 -22.06
C VAL H 357 -46.87 -42.27 -23.53
N LEU H 358 -47.77 -42.88 -24.33
CA LEU H 358 -47.56 -43.01 -25.77
C LEU H 358 -47.41 -41.65 -26.42
N ALA H 359 -48.26 -40.71 -25.98
CA ALA H 359 -48.20 -39.32 -26.47
C ALA H 359 -46.84 -38.73 -26.21
N VAL H 360 -46.33 -38.90 -24.97
CA VAL H 360 -45.00 -38.42 -24.62
C VAL H 360 -43.96 -39.10 -25.48
N LEU H 361 -44.07 -40.43 -25.63
CA LEU H 361 -43.16 -41.19 -26.49
C LEU H 361 -43.24 -40.70 -27.93
N LEU H 362 -44.48 -40.47 -28.41
CA LEU H 362 -44.70 -39.98 -29.76
C LEU H 362 -44.00 -38.64 -29.97
N PHE H 363 -44.14 -37.75 -28.97
CA PHE H 363 -43.53 -36.42 -29.04
C PHE H 363 -42.01 -36.55 -29.14
N LEU H 364 -41.42 -37.40 -28.29
CA LEU H 364 -39.98 -37.58 -28.30
C LEU H 364 -39.54 -38.20 -29.62
N ALA H 365 -40.30 -39.20 -30.09
CA ALA H 365 -39.97 -39.87 -31.34
C ALA H 365 -40.02 -38.88 -32.49
N LEU H 366 -41.05 -38.01 -32.49
CA LEU H 366 -41.21 -37.02 -33.54
C LEU H 366 -40.04 -36.07 -33.57
N LEU H 367 -39.59 -35.63 -32.37
CA LEU H 367 -38.45 -34.71 -32.27
C LEU H 367 -37.21 -35.34 -32.87
N LEU H 368 -36.95 -36.60 -32.48
CA LEU H 368 -35.77 -37.31 -32.95
C LEU H 368 -35.84 -37.50 -34.46
N GLN H 369 -37.04 -37.86 -34.95
CA GLN H 369 -37.25 -38.09 -36.37
C GLN H 369 -36.95 -36.83 -37.17
N ARG H 370 -37.47 -35.69 -36.69
CA ARG H 370 -37.29 -34.44 -37.42
C ARG H 370 -35.83 -34.04 -37.45
N THR H 371 -35.14 -34.24 -36.32
CA THR H 371 -33.72 -33.92 -36.24
C THR H 371 -32.93 -34.75 -37.23
N PHE H 372 -33.21 -36.06 -37.26
CA PHE H 372 -32.52 -36.96 -38.17
C PHE H 372 -32.79 -36.58 -39.61
N LEU H 373 -34.06 -36.23 -39.90
CA LEU H 373 -34.43 -35.89 -41.27
C LEU H 373 -33.72 -34.63 -41.72
N GLN H 374 -33.64 -33.63 -40.84
CA GLN H 374 -32.96 -32.40 -41.21
C GLN H 374 -31.47 -32.65 -41.39
N ALA H 375 -30.90 -33.51 -40.54
CA ALA H 375 -29.50 -33.88 -40.66
C ALA H 375 -29.24 -34.52 -42.00
N SER H 376 -30.15 -35.43 -42.41
CA SER H 376 -30.02 -36.13 -43.70
C SER H 376 -30.02 -35.12 -44.83
N TYR H 377 -30.97 -34.18 -44.78
CA TYR H 377 -31.09 -33.16 -45.83
C TYR H 377 -29.83 -32.34 -45.93
N TYR H 378 -29.32 -31.91 -44.75
CA TYR H 378 -28.13 -31.06 -44.72
C TYR H 378 -26.94 -31.78 -45.32
N VAL H 379 -26.77 -33.06 -44.93
CA VAL H 379 -25.61 -33.82 -45.38
C VAL H 379 -25.66 -33.98 -46.89
N ALA H 380 -26.86 -34.29 -47.41
CA ALA H 380 -27.05 -34.46 -48.85
C ALA H 380 -26.73 -33.17 -49.58
N ILE H 381 -27.23 -32.05 -49.05
CA ILE H 381 -27.03 -30.78 -49.73
C ILE H 381 -25.57 -30.37 -49.66
N GLU H 382 -24.93 -30.65 -48.51
CA GLU H 382 -23.49 -30.35 -48.36
C GLU H 382 -22.69 -31.14 -49.37
N THR H 383 -23.05 -32.43 -49.54
CA THR H 383 -22.38 -33.30 -50.49
C THR H 383 -22.54 -32.75 -51.90
N GLY H 384 -23.76 -32.32 -52.24
CA GLY H 384 -24.00 -31.79 -53.57
C GLY H 384 -23.20 -30.53 -53.83
N ILE H 385 -23.08 -29.67 -52.82
CA ILE H 385 -22.32 -28.43 -52.99
C ILE H 385 -20.85 -28.75 -53.23
N ASN H 386 -20.32 -29.73 -52.48
CA ASN H 386 -18.95 -30.16 -52.68
C ASN H 386 -18.77 -30.74 -54.07
N LEU H 387 -19.77 -31.53 -54.51
CA LEU H 387 -19.76 -32.13 -55.83
C LEU H 387 -19.72 -31.05 -56.89
N ARG H 388 -20.52 -29.99 -56.70
CA ARG H 388 -20.60 -28.88 -57.65
C ARG H 388 -19.24 -28.24 -57.81
N GLY H 389 -18.57 -27.99 -56.68
CA GLY H 389 -17.26 -27.36 -56.71
C GLY H 389 -16.25 -28.21 -57.47
N ALA H 390 -16.25 -29.52 -57.19
CA ALA H 390 -15.33 -30.45 -57.85
C ALA H 390 -15.59 -30.48 -59.35
N ILE H 391 -16.88 -30.55 -59.71
CA ILE H 391 -17.25 -30.65 -61.12
C ILE H 391 -16.85 -29.37 -61.85
N GLN H 392 -17.08 -28.21 -61.19
CA GLN H 392 -16.75 -26.93 -61.80
C GLN H 392 -15.25 -26.82 -62.03
N THR H 393 -14.47 -27.27 -61.04
CA THR H 393 -13.01 -27.23 -61.18
C THR H 393 -12.56 -28.12 -62.31
N LYS H 394 -13.14 -29.32 -62.40
CA LYS H 394 -12.77 -30.25 -63.46
C LYS H 394 -13.14 -29.70 -64.82
N ILE H 395 -14.31 -29.03 -64.91
CA ILE H 395 -14.74 -28.43 -66.17
C ILE H 395 -13.75 -27.35 -66.59
N TYR H 396 -13.33 -26.53 -65.63
CA TYR H 396 -12.37 -25.47 -65.94
C TYR H 396 -11.01 -26.06 -66.29
N ASN H 397 -10.63 -27.18 -65.64
CA ASN H 397 -9.37 -27.80 -65.99
C ASN H 397 -9.45 -28.48 -67.35
N LYS H 398 -10.65 -28.85 -67.80
CA LYS H 398 -10.79 -29.29 -69.17
C LYS H 398 -10.74 -28.11 -70.14
N ILE H 399 -11.20 -26.93 -69.69
CA ILE H 399 -11.21 -25.76 -70.56
C ILE H 399 -9.79 -25.27 -70.82
N MET H 400 -8.95 -25.25 -69.77
CA MET H 400 -7.55 -24.84 -69.93
C MET H 400 -6.76 -25.84 -70.76
N HIS H 401 -7.19 -27.09 -70.84
CA HIS H 401 -6.56 -28.08 -71.71
C HIS H 401 -7.37 -28.36 -72.97
N LEU H 402 -8.42 -27.58 -73.23
CA LEU H 402 -9.26 -27.80 -74.41
C LEU H 402 -8.54 -27.34 -75.67
N SER H 403 -9.09 -27.71 -76.82
CA SER H 403 -8.65 -27.22 -78.11
C SER H 403 -9.72 -26.29 -78.66
N THR H 404 -9.29 -25.20 -79.30
CA THR H 404 -10.21 -24.27 -79.93
C THR H 404 -10.88 -24.84 -81.17
N SER H 405 -10.35 -25.95 -81.72
CA SER H 405 -10.97 -26.63 -82.84
C SER H 405 -12.31 -27.27 -82.49
N ASN H 406 -12.54 -27.56 -81.19
CA ASN H 406 -13.84 -28.05 -80.76
C ASN H 406 -14.93 -26.99 -80.96
N LEU H 407 -14.63 -25.75 -80.63
CA LEU H 407 -15.57 -24.66 -80.86
C LEU H 407 -15.54 -24.14 -82.28
N SER H 408 -14.44 -24.34 -83.00
CA SER H 408 -14.29 -23.79 -84.34
C SER H 408 -14.95 -24.64 -85.41
N MET H 409 -15.31 -25.89 -85.11
CA MET H 409 -15.92 -26.77 -86.10
C MET H 409 -17.35 -27.15 -85.75
N GLY H 410 -17.97 -26.44 -84.79
CA GLY H 410 -19.35 -26.71 -84.44
C GLY H 410 -19.58 -27.93 -83.58
N GLU H 411 -18.52 -28.56 -83.06
CA GLU H 411 -18.67 -29.68 -82.15
C GLU H 411 -19.30 -29.24 -80.84
N MET H 412 -18.91 -28.07 -80.33
CA MET H 412 -19.51 -27.49 -79.15
C MET H 412 -19.48 -25.98 -79.27
N THR H 413 -20.37 -25.31 -78.56
CA THR H 413 -20.42 -23.86 -78.53
C THR H 413 -20.15 -23.38 -77.11
N ALA H 414 -19.74 -22.10 -77.00
CA ALA H 414 -19.40 -21.52 -75.70
C ALA H 414 -20.63 -21.41 -74.79
N GLY H 415 -21.81 -21.26 -75.38
CA GLY H 415 -23.03 -21.30 -74.59
C GLY H 415 -23.27 -22.65 -73.96
N GLN H 416 -22.98 -23.73 -74.68
CA GLN H 416 -23.11 -25.08 -74.12
C GLN H 416 -22.05 -25.34 -73.04
N ILE H 417 -20.84 -24.81 -73.23
CA ILE H 417 -19.78 -24.97 -72.23
C ILE H 417 -20.12 -24.21 -70.95
N CYS H 418 -20.72 -23.02 -71.10
CA CYS H 418 -21.16 -22.29 -69.91
C CYS H 418 -22.41 -22.90 -69.28
N ASN H 419 -23.28 -23.53 -70.09
CA ASN H 419 -24.44 -24.23 -69.55
C ASN H 419 -24.08 -25.55 -68.89
N LEU H 420 -22.87 -26.07 -69.16
CA LEU H 420 -22.37 -27.20 -68.40
C LEU H 420 -22.15 -26.86 -66.92
N VAL H 421 -21.93 -25.58 -66.62
CA VAL H 421 -21.79 -25.11 -65.25
C VAL H 421 -23.08 -24.52 -64.71
N ALA H 422 -23.74 -23.68 -65.51
CA ALA H 422 -24.94 -22.98 -65.04
C ALA H 422 -26.17 -23.88 -64.96
N ILE H 423 -26.23 -24.94 -65.77
CA ILE H 423 -27.44 -25.75 -65.85
C ILE H 423 -27.17 -27.19 -65.45
N ASP H 424 -26.20 -27.83 -66.10
CA ASP H 424 -26.02 -29.28 -65.96
C ASP H 424 -25.46 -29.65 -64.59
N THR H 425 -24.51 -28.87 -64.08
CA THR H 425 -23.97 -29.10 -62.75
C THR H 425 -25.04 -28.91 -61.68
N ASN H 426 -25.94 -27.94 -61.90
CA ASN H 426 -27.07 -27.75 -60.99
C ASN H 426 -28.03 -28.94 -61.00
N GLN H 427 -28.28 -29.52 -62.18
CA GLN H 427 -29.14 -30.70 -62.27
C GLN H 427 -28.53 -31.90 -61.56
N LEU H 428 -27.21 -32.11 -61.76
CA LEU H 428 -26.51 -33.19 -61.05
C LEU H 428 -26.50 -32.94 -59.54
N MET H 429 -26.37 -31.67 -59.13
CA MET H 429 -26.39 -31.32 -57.72
C MET H 429 -27.75 -31.57 -57.08
N TRP H 430 -28.84 -31.22 -57.77
CA TRP H 430 -30.17 -31.47 -57.22
C TRP H 430 -30.51 -32.96 -57.21
N PHE H 431 -29.96 -33.74 -58.16
CA PHE H 431 -30.12 -35.18 -58.07
C PHE H 431 -29.33 -35.77 -56.90
N PHE H 432 -28.16 -35.19 -56.60
CA PHE H 432 -27.44 -35.61 -55.40
C PHE H 432 -28.15 -35.17 -54.12
N PHE H 433 -28.95 -34.10 -54.20
CA PHE H 433 -29.85 -33.77 -53.09
C PHE H 433 -30.90 -34.87 -52.92
N LEU H 434 -31.48 -35.34 -54.03
CA LEU H 434 -32.60 -36.27 -53.99
C LEU H 434 -32.19 -37.74 -53.84
N CYS H 435 -30.89 -38.06 -53.94
CA CYS H 435 -30.43 -39.44 -53.85
C CYS H 435 -30.74 -40.18 -52.55
N PRO H 436 -30.54 -39.64 -51.33
CA PRO H 436 -30.80 -40.46 -50.12
C PRO H 436 -32.26 -40.84 -49.92
N ASN H 437 -33.21 -40.01 -50.38
CA ASN H 437 -34.61 -40.37 -50.30
C ASN H 437 -34.92 -41.59 -51.17
N LEU H 438 -34.36 -41.63 -52.38
CA LEU H 438 -34.52 -42.78 -53.25
C LEU H 438 -33.81 -44.01 -52.70
N TRP H 439 -32.68 -43.82 -52.01
CA TRP H 439 -31.97 -44.96 -51.44
C TRP H 439 -32.71 -45.53 -50.23
N ALA H 440 -33.38 -44.69 -49.45
CA ALA H 440 -34.03 -45.13 -48.23
C ALA H 440 -35.52 -45.41 -48.39
N MET H 441 -36.09 -45.15 -49.56
CA MET H 441 -37.51 -45.47 -49.80
C MET H 441 -37.89 -46.96 -49.68
N PRO H 442 -37.16 -47.95 -50.26
CA PRO H 442 -37.65 -49.35 -50.17
C PRO H 442 -37.70 -49.93 -48.76
N VAL H 443 -36.80 -49.52 -47.86
CA VAL H 443 -36.85 -49.97 -46.47
C VAL H 443 -38.13 -49.47 -45.80
N GLN H 444 -38.47 -48.20 -46.03
CA GLN H 444 -39.70 -47.63 -45.50
C GLN H 444 -40.93 -48.32 -46.07
N ILE H 445 -40.90 -48.67 -47.36
CA ILE H 445 -42.02 -49.38 -47.99
C ILE H 445 -42.19 -50.77 -47.38
N ILE H 446 -41.09 -51.49 -47.16
CA ILE H 446 -41.15 -52.85 -46.61
C ILE H 446 -41.68 -52.83 -45.18
N VAL H 447 -41.13 -51.94 -44.34
CA VAL H 447 -41.57 -51.86 -42.95
C VAL H 447 -43.02 -51.37 -42.85
N GLY H 448 -43.44 -50.47 -43.74
CA GLY H 448 -44.83 -50.02 -43.75
C GLY H 448 -45.81 -51.11 -44.14
N VAL H 449 -45.45 -51.93 -45.13
CA VAL H 449 -46.31 -53.05 -45.53
C VAL H 449 -46.37 -54.10 -44.41
N ILE H 450 -45.24 -54.34 -43.73
CA ILE H 450 -45.22 -55.29 -42.62
C ILE H 450 -46.09 -54.81 -41.46
N LEU H 451 -46.01 -53.50 -41.13
CA LEU H 451 -46.83 -52.97 -40.06
C LEU H 451 -48.31 -52.89 -40.44
N LEU H 452 -48.60 -52.67 -41.73
CA LEU H 452 -49.98 -52.74 -42.20
C LEU H 452 -50.56 -54.14 -42.04
N TYR H 453 -49.77 -55.17 -42.36
CA TYR H 453 -50.21 -56.54 -42.12
C TYR H 453 -50.36 -56.83 -40.64
N TYR H 454 -49.49 -56.25 -39.81
CA TYR H 454 -49.57 -56.46 -38.37
C TYR H 454 -50.83 -55.82 -37.78
N ILE H 455 -51.25 -54.67 -38.30
CA ILE H 455 -52.43 -54.01 -37.77
C ILE H 455 -53.71 -54.59 -38.37
N LEU H 456 -53.76 -54.70 -39.71
CA LEU H 456 -54.98 -55.14 -40.38
C LEU H 456 -55.03 -56.65 -40.58
N GLY H 457 -54.07 -57.20 -41.32
CA GLY H 457 -54.10 -58.61 -41.66
C GLY H 457 -54.12 -58.89 -43.16
N VAL H 458 -55.00 -59.79 -43.59
CA VAL H 458 -55.10 -60.13 -45.01
C VAL H 458 -55.71 -59.01 -45.84
N SER H 459 -56.51 -58.14 -45.21
CA SER H 459 -57.06 -56.97 -45.90
C SER H 459 -55.95 -56.03 -46.33
N ALA H 460 -54.93 -55.86 -45.49
CA ALA H 460 -53.76 -55.06 -45.86
C ALA H 460 -52.98 -55.70 -47.00
N LEU H 461 -52.97 -57.04 -47.07
CA LEU H 461 -52.37 -57.72 -48.22
C LEU H 461 -53.16 -57.45 -49.49
N ILE H 462 -54.49 -57.39 -49.40
CA ILE H 462 -55.32 -57.03 -50.56
C ILE H 462 -55.05 -55.59 -50.99
N GLY H 463 -54.95 -54.67 -50.03
CA GLY H 463 -54.66 -53.27 -50.36
C GLY H 463 -53.28 -53.07 -50.96
N ALA H 464 -52.28 -53.79 -50.43
CA ALA H 464 -50.95 -53.77 -51.02
C ALA H 464 -50.94 -54.39 -52.41
N ALA H 465 -51.79 -55.40 -52.64
CA ALA H 465 -51.93 -55.96 -53.98
C ALA H 465 -52.56 -54.96 -54.94
N VAL H 466 -53.51 -54.15 -54.45
CA VAL H 466 -54.11 -53.09 -55.26
C VAL H 466 -53.06 -52.04 -55.62
N ILE H 467 -52.17 -51.71 -54.67
CA ILE H 467 -51.06 -50.79 -54.95
C ILE H 467 -50.10 -51.39 -55.97
N ILE H 468 -49.77 -52.68 -55.80
CA ILE H 468 -48.79 -53.36 -56.66
C ILE H 468 -49.33 -53.54 -58.09
N LEU H 469 -50.64 -53.74 -58.24
CA LEU H 469 -51.23 -54.03 -59.55
C LEU H 469 -51.17 -52.85 -60.53
N LEU H 470 -50.89 -51.64 -60.05
CA LEU H 470 -50.73 -50.48 -60.91
C LEU H 470 -49.26 -50.08 -61.07
N ALA H 471 -48.32 -50.88 -60.56
CA ALA H 471 -46.90 -50.61 -60.78
C ALA H 471 -46.43 -50.71 -62.23
N PRO H 472 -46.89 -51.66 -63.09
CA PRO H 472 -46.54 -51.54 -64.52
C PRO H 472 -47.05 -50.27 -65.19
N VAL H 473 -48.24 -49.79 -64.79
CA VAL H 473 -48.74 -48.53 -65.32
C VAL H 473 -47.86 -47.37 -64.84
N GLN H 474 -47.40 -47.43 -63.59
CA GLN H 474 -46.50 -46.42 -63.06
C GLN H 474 -45.17 -46.42 -63.80
N TYR H 475 -44.64 -47.60 -64.11
CA TYR H 475 -43.39 -47.71 -64.85
C TYR H 475 -43.54 -47.22 -66.29
N PHE H 476 -44.69 -47.49 -66.92
CA PHE H 476 -44.98 -47.00 -68.26
C PHE H 476 -45.05 -45.47 -68.28
N VAL H 477 -45.73 -44.89 -67.28
CA VAL H 477 -45.82 -43.43 -67.18
C VAL H 477 -44.45 -42.83 -66.91
N ALA H 478 -43.63 -43.48 -66.08
CA ALA H 478 -42.28 -42.98 -65.78
C ALA H 478 -41.37 -43.01 -67.01
N THR H 479 -41.47 -44.08 -67.82
CA THR H 479 -40.67 -44.15 -69.05
C THR H 479 -41.12 -43.08 -70.06
N LYS H 480 -42.43 -42.85 -70.17
CA LYS H 480 -42.93 -41.80 -71.06
C LYS H 480 -42.50 -40.42 -70.58
N LEU H 481 -42.48 -40.20 -69.26
CA LEU H 481 -41.99 -38.94 -68.70
C LEU H 481 -40.51 -38.75 -68.97
N SER H 482 -39.72 -39.81 -68.87
CA SER H 482 -38.29 -39.72 -69.16
C SER H 482 -38.03 -39.38 -70.63
N GLN H 483 -38.78 -39.99 -71.54
CA GLN H 483 -38.66 -39.67 -72.97
C GLN H 483 -39.08 -38.24 -73.26
N ALA H 484 -40.17 -37.78 -72.63
CA ALA H 484 -40.65 -36.41 -72.84
C ALA H 484 -39.66 -35.39 -72.30
N GLN H 485 -39.03 -35.66 -71.15
CA GLN H 485 -38.06 -34.72 -70.62
C GLN H 485 -36.76 -34.73 -71.40
N ARG H 486 -36.37 -35.88 -71.98
CA ARG H 486 -35.23 -35.90 -72.89
C ARG H 486 -35.49 -35.05 -74.12
N SER H 487 -36.68 -35.16 -74.69
CA SER H 487 -37.05 -34.31 -75.84
C SER H 487 -37.10 -32.84 -75.45
N THR H 488 -37.58 -32.54 -74.22
CA THR H 488 -37.65 -31.17 -73.74
C THR H 488 -36.27 -30.55 -73.58
N LEU H 489 -35.33 -31.30 -72.99
CA LEU H 489 -33.95 -30.81 -72.85
C LEU H 489 -33.28 -30.63 -74.21
N GLU H 490 -33.50 -31.58 -75.12
CA GLU H 490 -32.92 -31.50 -76.47
C GLU H 490 -33.42 -30.27 -77.23
N HIS H 491 -34.71 -29.98 -77.13
CA HIS H 491 -35.23 -28.79 -77.81
C HIS H 491 -34.87 -27.50 -77.09
N SER H 492 -34.77 -27.54 -75.75
CA SER H 492 -34.45 -26.33 -75.00
C SER H 492 -33.01 -25.87 -75.23
N ASN H 493 -32.07 -26.81 -75.39
CA ASN H 493 -30.69 -26.43 -75.69
C ASN H 493 -30.60 -25.73 -77.05
N GLU H 494 -31.30 -26.25 -78.06
CA GLU H 494 -31.32 -25.61 -79.38
C GLU H 494 -32.01 -24.25 -79.33
N ARG H 495 -33.09 -24.13 -78.54
CA ARG H 495 -33.78 -22.85 -78.40
C ARG H 495 -32.89 -21.81 -77.73
N LEU H 496 -32.13 -22.21 -76.69
CA LEU H 496 -31.24 -21.27 -76.04
C LEU H 496 -30.07 -20.87 -76.94
N LYS H 497 -29.57 -21.81 -77.75
CA LYS H 497 -28.52 -21.50 -78.71
C LYS H 497 -29.00 -20.50 -79.77
N GLN H 498 -30.20 -20.71 -80.30
CA GLN H 498 -30.75 -19.79 -81.30
C GLN H 498 -31.09 -18.42 -80.69
N THR H 499 -31.57 -18.40 -79.44
CA THR H 499 -31.86 -17.14 -78.77
C THR H 499 -30.58 -16.36 -78.48
N ASN H 500 -29.51 -17.06 -78.09
CA ASN H 500 -28.23 -16.40 -77.86
C ASN H 500 -27.66 -15.82 -79.15
N GLU H 501 -27.70 -16.58 -80.25
CA GLU H 501 -27.18 -16.06 -81.51
C GLU H 501 -28.08 -14.97 -82.10
N MET H 502 -29.36 -14.94 -81.73
CA MET H 502 -30.22 -13.81 -82.13
C MET H 502 -29.93 -12.56 -81.31
N LEU H 503 -29.69 -12.72 -80.00
CA LEU H 503 -29.47 -11.56 -79.14
C LEU H 503 -28.10 -10.94 -79.37
N ARG H 504 -27.08 -11.75 -79.63
CA ARG H 504 -25.75 -11.20 -79.86
C ARG H 504 -25.65 -10.48 -81.21
N GLY H 505 -26.40 -10.93 -82.21
CA GLY H 505 -26.40 -10.28 -83.50
C GLY H 505 -27.69 -9.54 -83.80
N MET H 506 -28.22 -8.83 -82.78
CA MET H 506 -29.51 -8.17 -82.92
C MET H 506 -29.44 -6.96 -83.86
N LYS H 507 -28.30 -6.26 -83.88
CA LYS H 507 -28.16 -5.06 -84.71
C LYS H 507 -28.22 -5.40 -86.20
N LEU H 508 -27.58 -6.50 -86.60
CA LEU H 508 -27.63 -6.93 -88.00
C LEU H 508 -29.03 -7.38 -88.38
N LEU H 509 -29.75 -8.03 -87.46
CA LEU H 509 -31.11 -8.46 -87.73
C LEU H 509 -32.07 -7.28 -87.83
N LYS H 510 -31.85 -6.23 -87.04
CA LYS H 510 -32.67 -5.03 -87.17
C LYS H 510 -32.35 -4.28 -88.46
N LEU H 511 -31.07 -4.18 -88.82
CA LEU H 511 -30.68 -3.46 -90.02
C LEU H 511 -31.13 -4.17 -91.29
N TYR H 512 -31.16 -5.50 -91.29
CA TYR H 512 -31.61 -6.28 -92.43
C TYR H 512 -33.09 -6.63 -92.36
N ALA H 513 -33.79 -6.21 -91.30
CA ALA H 513 -35.20 -6.53 -91.03
C ALA H 513 -35.45 -8.05 -91.01
N TRP H 514 -34.52 -8.79 -90.41
CA TRP H 514 -34.62 -10.24 -90.28
C TRP H 514 -34.95 -10.67 -88.86
N GLU H 515 -35.45 -9.74 -88.04
CA GLU H 515 -35.78 -10.06 -86.64
C GLU H 515 -36.95 -11.03 -86.54
N SER H 516 -37.97 -10.87 -87.41
CA SER H 516 -39.14 -11.72 -87.37
C SER H 516 -38.83 -13.14 -87.86
N ILE H 517 -37.89 -13.28 -88.79
CA ILE H 517 -37.54 -14.61 -89.31
C ILE H 517 -36.84 -15.44 -88.25
N PHE H 518 -35.85 -14.85 -87.58
CA PHE H 518 -35.13 -15.57 -86.52
C PHE H 518 -36.02 -15.76 -85.30
N CYS H 519 -36.92 -14.81 -85.03
CA CYS H 519 -37.93 -15.00 -83.99
C CYS H 519 -38.86 -16.17 -84.32
N SER H 520 -39.19 -16.34 -85.61
CA SER H 520 -40.02 -17.47 -86.02
C SER H 520 -39.27 -18.79 -85.90
N ARG H 521 -37.96 -18.79 -86.16
CA ARG H 521 -37.17 -20.01 -85.96
C ARG H 521 -37.09 -20.41 -84.50
N VAL H 522 -36.89 -19.43 -83.61
CA VAL H 522 -36.93 -19.67 -82.17
C VAL H 522 -38.33 -20.13 -81.73
N GLU H 523 -39.37 -19.59 -82.38
CA GLU H 523 -40.74 -20.03 -82.11
C GLU H 523 -40.98 -21.48 -82.55
N VAL H 524 -40.36 -21.90 -83.65
CA VAL H 524 -40.48 -23.29 -84.11
C VAL H 524 -39.82 -24.25 -83.13
N THR H 525 -38.60 -23.90 -82.68
CA THR H 525 -37.91 -24.72 -81.69
C THR H 525 -38.67 -24.74 -80.36
N ARG H 526 -39.22 -23.60 -79.95
CA ARG H 526 -40.06 -23.52 -78.76
C ARG H 526 -41.35 -24.31 -78.92
N ARG H 527 -41.89 -24.40 -80.14
CA ARG H 527 -43.10 -25.19 -80.39
C ARG H 527 -42.82 -26.68 -80.25
N LYS H 528 -41.66 -27.14 -80.72
CA LYS H 528 -41.27 -28.52 -80.48
C LYS H 528 -41.06 -28.80 -78.99
N GLU H 529 -40.43 -27.84 -78.29
CA GLU H 529 -40.26 -27.96 -76.84
C GLU H 529 -41.60 -27.98 -76.11
N MET H 530 -42.57 -27.19 -76.58
CA MET H 530 -43.89 -27.16 -75.97
C MET H 530 -44.68 -28.41 -76.26
N THR H 531 -44.45 -29.06 -77.42
CA THR H 531 -45.05 -30.36 -77.68
C THR H 531 -44.51 -31.41 -76.70
N SER H 532 -43.20 -31.41 -76.48
CA SER H 532 -42.61 -32.33 -75.50
C SER H 532 -43.08 -32.02 -74.08
N LEU H 533 -43.21 -30.73 -73.74
CA LEU H 533 -43.73 -30.32 -72.44
C LEU H 533 -45.19 -30.68 -72.26
N ARG H 534 -45.99 -30.64 -73.34
CA ARG H 534 -47.39 -31.04 -73.25
C ARG H 534 -47.52 -32.54 -73.02
N ALA H 535 -46.66 -33.34 -73.68
CA ALA H 535 -46.63 -34.77 -73.41
C ALA H 535 -46.22 -35.06 -71.96
N PHE H 536 -45.20 -34.33 -71.46
CA PHE H 536 -44.77 -34.48 -70.09
C PHE H 536 -45.87 -34.08 -69.10
N ALA H 537 -46.60 -33.00 -69.39
CA ALA H 537 -47.64 -32.56 -68.48
C ALA H 537 -48.86 -33.49 -68.50
N VAL H 538 -49.18 -34.07 -69.65
CA VAL H 538 -50.27 -35.05 -69.72
C VAL H 538 -49.94 -36.29 -68.90
N TYR H 539 -48.71 -36.82 -69.09
CA TYR H 539 -48.33 -37.99 -68.29
C TYR H 539 -48.07 -37.64 -66.82
N THR H 540 -47.73 -36.39 -66.51
CA THR H 540 -47.62 -35.94 -65.13
C THR H 540 -48.99 -35.90 -64.46
N SER H 541 -50.01 -35.40 -65.17
CA SER H 541 -51.37 -35.40 -64.63
C SER H 541 -51.89 -36.83 -64.45
N ILE H 542 -51.55 -37.73 -65.37
CA ILE H 542 -51.90 -39.14 -65.23
C ILE H 542 -51.22 -39.74 -64.00
N SER H 543 -49.94 -39.41 -63.79
CA SER H 543 -49.20 -39.91 -62.63
C SER H 543 -49.77 -39.39 -61.31
N ILE H 544 -50.14 -38.11 -61.27
CA ILE H 544 -50.69 -37.51 -60.05
C ILE H 544 -52.07 -38.10 -59.74
N PHE H 545 -52.91 -38.28 -60.77
CA PHE H 545 -54.21 -38.91 -60.57
C PHE H 545 -54.08 -40.36 -60.12
N MET H 546 -53.12 -41.09 -60.69
CA MET H 546 -52.90 -42.49 -60.29
C MET H 546 -52.37 -42.58 -58.86
N ASN H 547 -51.42 -41.72 -58.49
CA ASN H 547 -50.86 -41.75 -57.15
C ASN H 547 -51.73 -41.07 -56.10
N THR H 548 -52.83 -40.42 -56.51
CA THR H 548 -53.81 -39.94 -55.55
C THR H 548 -55.08 -40.79 -55.51
N ALA H 549 -55.32 -41.62 -56.53
CA ALA H 549 -56.44 -42.56 -56.51
C ALA H 549 -56.06 -43.95 -56.02
N ILE H 550 -54.78 -44.32 -56.12
CA ILE H 550 -54.29 -45.54 -55.45
C ILE H 550 -54.52 -45.52 -53.93
N PRO H 551 -54.23 -44.44 -53.17
CA PRO H 551 -54.57 -44.48 -51.73
C PRO H 551 -56.06 -44.57 -51.44
N ILE H 552 -56.89 -43.88 -52.22
CA ILE H 552 -58.33 -43.87 -51.98
C ILE H 552 -58.92 -45.25 -52.29
N ALA H 553 -58.54 -45.84 -53.43
CA ALA H 553 -59.02 -47.16 -53.79
C ALA H 553 -58.48 -48.23 -52.83
N ALA H 554 -57.22 -48.09 -52.41
CA ALA H 554 -56.64 -49.06 -51.47
C ALA H 554 -57.33 -49.01 -50.11
N VAL H 555 -57.57 -47.79 -49.59
CA VAL H 555 -58.24 -47.63 -48.31
C VAL H 555 -59.69 -48.13 -48.38
N LEU H 556 -60.37 -47.84 -49.50
CA LEU H 556 -61.75 -48.31 -49.69
C LEU H 556 -61.82 -49.83 -49.76
N ILE H 557 -60.92 -50.46 -50.52
CA ILE H 557 -60.95 -51.91 -50.69
C ILE H 557 -60.57 -52.62 -49.40
N THR H 558 -59.60 -52.06 -48.65
CA THR H 558 -59.26 -52.63 -47.33
C THR H 558 -60.43 -52.53 -46.36
N PHE H 559 -61.02 -51.33 -46.23
CA PHE H 559 -62.05 -51.14 -45.22
C PHE H 559 -63.40 -51.71 -45.61
N VAL H 560 -63.60 -52.07 -46.88
CA VAL H 560 -64.76 -52.86 -47.25
C VAL H 560 -64.50 -54.35 -47.06
N GLY H 561 -63.32 -54.83 -47.46
CA GLY H 561 -62.97 -56.24 -47.29
C GLY H 561 -62.70 -56.65 -45.86
N HIS H 562 -62.42 -55.69 -44.97
CA HIS H 562 -62.18 -56.00 -43.56
C HIS H 562 -63.46 -56.36 -42.83
N VAL H 563 -64.63 -55.98 -43.35
CA VAL H 563 -65.91 -56.24 -42.71
C VAL H 563 -66.83 -57.09 -43.57
N SER H 564 -66.90 -56.81 -44.88
CA SER H 564 -67.82 -57.54 -45.74
C SER H 564 -67.25 -58.89 -46.16
N PHE H 565 -65.94 -58.96 -46.40
CA PHE H 565 -65.32 -60.20 -46.87
C PHE H 565 -64.75 -61.02 -45.72
N PHE H 566 -63.92 -60.41 -44.87
CA PHE H 566 -63.31 -61.09 -43.75
C PHE H 566 -64.00 -60.72 -42.44
N LYS H 567 -64.00 -61.66 -41.50
CA LYS H 567 -64.58 -61.46 -40.18
C LYS H 567 -63.56 -61.79 -39.09
N GLU H 568 -62.28 -61.51 -39.35
CA GLU H 568 -61.21 -61.88 -38.41
C GLU H 568 -61.27 -61.03 -37.14
N SER H 569 -61.51 -59.74 -37.27
CA SER H 569 -61.60 -58.85 -36.14
C SER H 569 -62.60 -57.74 -36.44
N ASP H 570 -62.97 -57.00 -35.41
CA ASP H 570 -63.78 -55.80 -35.60
C ASP H 570 -62.95 -54.72 -36.28
N LEU H 571 -63.65 -53.73 -36.84
CA LEU H 571 -62.96 -52.65 -37.55
C LEU H 571 -62.16 -51.78 -36.60
N SER H 572 -62.84 -51.15 -35.62
CA SER H 572 -62.34 -50.33 -34.51
C SER H 572 -61.69 -49.03 -34.97
N PRO H 573 -61.77 -47.95 -34.19
CA PRO H 573 -61.12 -46.70 -34.61
C PRO H 573 -59.60 -46.77 -34.57
N SER H 574 -59.03 -47.58 -33.66
CA SER H 574 -57.58 -47.66 -33.53
C SER H 574 -56.93 -48.29 -34.76
N VAL H 575 -57.45 -49.45 -35.18
CA VAL H 575 -56.94 -50.16 -36.35
C VAL H 575 -57.13 -49.32 -37.61
N ALA H 576 -58.32 -48.74 -37.77
CA ALA H 576 -58.65 -47.99 -38.98
C ALA H 576 -57.81 -46.72 -39.10
N PHE H 577 -57.67 -45.95 -38.03
CA PHE H 577 -56.90 -44.72 -38.13
C PHE H 577 -55.40 -44.96 -38.14
N ALA H 578 -54.91 -46.00 -37.47
CA ALA H 578 -53.50 -46.36 -37.59
C ALA H 578 -53.16 -46.83 -39.00
N SER H 579 -54.05 -47.61 -39.62
CA SER H 579 -53.84 -48.02 -41.01
C SER H 579 -53.98 -46.85 -41.97
N LEU H 580 -54.83 -45.87 -41.64
CA LEU H 580 -54.94 -44.66 -42.46
C LEU H 580 -53.65 -43.86 -42.43
N SER H 581 -53.05 -43.71 -41.23
CA SER H 581 -51.77 -43.04 -41.09
C SER H 581 -50.66 -43.80 -41.83
N LEU H 582 -50.65 -45.12 -41.72
CA LEU H 582 -49.65 -45.94 -42.41
C LEU H 582 -49.78 -45.84 -43.92
N PHE H 583 -51.03 -45.85 -44.43
CA PHE H 583 -51.27 -45.71 -45.86
C PHE H 583 -50.80 -44.36 -46.37
N HIS H 584 -51.10 -43.28 -45.63
CA HIS H 584 -50.67 -41.95 -46.03
C HIS H 584 -49.15 -41.81 -46.03
N ILE H 585 -48.49 -42.38 -45.01
CA ILE H 585 -47.04 -42.32 -44.93
C ILE H 585 -46.40 -43.11 -46.07
N LEU H 586 -46.99 -44.26 -46.42
CA LEU H 586 -46.44 -45.06 -47.51
C LEU H 586 -46.67 -44.42 -48.88
N VAL H 587 -47.79 -43.69 -49.07
CA VAL H 587 -48.06 -43.10 -50.39
C VAL H 587 -47.54 -41.68 -50.55
N THR H 588 -47.05 -41.05 -49.47
CA THR H 588 -46.42 -39.73 -49.62
C THR H 588 -45.18 -39.69 -50.53
N PRO H 589 -44.23 -40.64 -50.51
CA PRO H 589 -43.15 -40.58 -51.53
C PRO H 589 -43.60 -40.81 -52.96
N LEU H 590 -44.74 -41.48 -53.18
CA LEU H 590 -45.23 -41.72 -54.53
C LEU H 590 -45.85 -40.48 -55.17
N PHE H 591 -46.08 -39.42 -54.39
CA PHE H 591 -46.67 -38.19 -54.92
C PHE H 591 -45.72 -37.45 -55.85
N LEU H 592 -44.41 -37.53 -55.60
CA LEU H 592 -43.41 -36.76 -56.34
C LEU H 592 -42.68 -37.60 -57.39
N LEU H 593 -43.38 -38.56 -58.01
CA LEU H 593 -42.75 -39.44 -58.99
C LEU H 593 -42.31 -38.69 -60.24
N SER H 594 -43.13 -37.72 -60.68
CA SER H 594 -42.79 -36.93 -61.87
C SER H 594 -41.55 -36.07 -61.65
N SER H 595 -41.47 -35.43 -60.47
CA SER H 595 -40.29 -34.61 -60.16
C SER H 595 -39.06 -35.49 -59.98
N VAL H 596 -39.22 -36.69 -59.39
CA VAL H 596 -38.10 -37.60 -59.20
C VAL H 596 -37.56 -38.09 -60.54
N VAL H 597 -38.45 -38.49 -61.45
CA VAL H 597 -38.00 -39.00 -62.75
C VAL H 597 -37.45 -37.86 -63.61
N ARG H 598 -37.97 -36.64 -63.46
CA ARG H 598 -37.43 -35.49 -64.18
C ARG H 598 -36.02 -35.16 -63.72
N SER H 599 -35.81 -35.14 -62.39
CA SER H 599 -34.47 -34.87 -61.85
C SER H 599 -33.49 -35.97 -62.22
N THR H 600 -33.93 -37.23 -62.18
CA THR H 600 -33.06 -38.35 -62.53
C THR H 600 -32.64 -38.32 -63.99
N VAL H 601 -33.58 -38.05 -64.90
CA VAL H 601 -33.21 -38.05 -66.31
C VAL H 601 -32.43 -36.78 -66.68
N LYS H 602 -32.66 -35.66 -65.97
CA LYS H 602 -31.83 -34.47 -66.17
C LYS H 602 -30.40 -34.71 -65.69
N ALA H 603 -30.24 -35.47 -64.60
CA ALA H 603 -28.92 -35.86 -64.14
C ALA H 603 -28.22 -36.78 -65.13
N LEU H 604 -28.97 -37.73 -65.70
CA LEU H 604 -28.37 -38.66 -66.67
C LEU H 604 -27.91 -37.93 -67.93
N VAL H 605 -28.74 -36.98 -68.43
CA VAL H 605 -28.36 -36.17 -69.58
C VAL H 605 -27.16 -35.28 -69.26
N SER H 606 -27.15 -34.68 -68.05
CA SER H 606 -26.04 -33.82 -67.64
C SER H 606 -24.72 -34.59 -67.51
N VAL H 607 -24.77 -35.78 -66.93
CA VAL H 607 -23.57 -36.61 -66.78
C VAL H 607 -23.09 -37.10 -68.14
N GLN H 608 -24.02 -37.41 -69.06
CA GLN H 608 -23.65 -37.85 -70.40
C GLN H 608 -22.94 -36.75 -71.18
N LYS H 609 -23.49 -35.52 -71.15
CA LYS H 609 -22.82 -34.45 -71.88
C LYS H 609 -21.57 -33.94 -71.17
N LEU H 610 -21.49 -34.09 -69.84
CA LEU H 610 -20.23 -33.83 -69.14
C LEU H 610 -19.16 -34.80 -69.57
N SER H 611 -19.52 -36.07 -69.74
CA SER H 611 -18.58 -37.07 -70.25
C SER H 611 -18.19 -36.81 -71.70
N GLU H 612 -19.13 -36.30 -72.50
CA GLU H 612 -18.80 -35.91 -73.87
C GLU H 612 -17.82 -34.73 -73.90
N PHE H 613 -17.99 -33.77 -72.98
CA PHE H 613 -17.09 -32.63 -72.94
C PHE H 613 -15.72 -33.00 -72.40
N LEU H 614 -15.65 -33.85 -71.37
CA LEU H 614 -14.36 -34.22 -70.78
C LEU H 614 -13.57 -35.16 -71.66
N SER H 615 -14.22 -35.84 -72.61
CA SER H 615 -13.55 -36.74 -73.55
C SER H 615 -13.39 -36.12 -74.92
N SER H 616 -13.26 -34.80 -75.00
CA SER H 616 -13.10 -34.10 -76.27
C SER H 616 -11.61 -33.90 -76.57
N ALA H 617 -11.32 -33.22 -77.67
CA ALA H 617 -9.95 -33.02 -78.11
C ALA H 617 -9.21 -32.03 -77.23
N GLU H 618 -7.89 -32.17 -77.17
CA GLU H 618 -7.02 -31.35 -76.34
C GLU H 618 -5.89 -30.77 -77.17
N ILE H 619 -5.04 -29.98 -76.53
CA ILE H 619 -3.84 -29.44 -77.16
C ILE H 619 -2.66 -30.33 -76.79
N ARG H 620 -1.95 -30.81 -77.81
CA ARG H 620 -0.82 -31.70 -77.59
C ARG H 620 0.38 -30.92 -77.08
N GLU H 621 1.17 -31.54 -76.20
CA GLU H 621 2.31 -30.90 -75.57
C GLU H 621 3.46 -30.71 -76.56
N ASP H 675 19.47 -19.15 -80.28
CA ASP H 675 20.58 -18.28 -80.65
C ASP H 675 20.10 -16.84 -80.87
N ASN H 676 20.18 -16.38 -82.12
CA ASN H 676 19.73 -15.04 -82.48
C ASN H 676 18.28 -14.98 -82.90
N PHE H 677 17.57 -16.11 -82.86
CA PHE H 677 16.17 -16.17 -83.25
C PHE H 677 15.28 -16.40 -82.03
N CYS H 678 14.03 -15.97 -82.13
CA CYS H 678 13.03 -16.20 -81.10
C CYS H 678 12.22 -17.46 -81.37
N VAL H 679 11.54 -17.51 -82.53
CA VAL H 679 10.77 -18.66 -82.95
C VAL H 679 11.37 -19.21 -84.24
N GLN H 680 11.25 -20.52 -84.43
CA GLN H 680 11.67 -21.15 -85.68
C GLN H 680 10.78 -22.35 -85.95
N ILE H 681 10.38 -22.52 -87.20
CA ILE H 681 9.60 -23.68 -87.62
C ILE H 681 10.32 -24.32 -88.81
N ILE H 682 10.49 -25.64 -88.76
CA ILE H 682 11.10 -26.39 -89.86
C ILE H 682 10.08 -27.40 -90.36
N GLY H 683 9.59 -27.19 -91.58
CA GLY H 683 8.70 -28.13 -92.25
C GLY H 683 7.36 -28.33 -91.58
N GLY H 684 6.81 -27.29 -90.96
CA GLY H 684 5.62 -27.44 -90.15
C GLY H 684 4.32 -27.61 -90.91
N PHE H 685 3.70 -28.78 -90.78
CA PHE H 685 2.35 -29.03 -91.28
C PHE H 685 1.40 -29.04 -90.09
N PHE H 686 0.43 -28.11 -90.11
CA PHE H 686 -0.52 -27.91 -89.02
C PHE H 686 -1.94 -27.91 -89.57
N THR H 687 -2.86 -28.53 -88.82
CA THR H 687 -4.27 -28.63 -89.20
C THR H 687 -5.17 -28.10 -88.10
N TRP H 688 -6.16 -27.29 -88.47
CA TRP H 688 -7.24 -26.97 -87.53
C TRP H 688 -8.08 -28.19 -87.21
N THR H 689 -8.53 -28.90 -88.24
CA THR H 689 -9.30 -30.13 -88.07
C THR H 689 -8.40 -31.23 -87.52
N PRO H 690 -8.97 -32.23 -86.83
CA PRO H 690 -8.12 -33.33 -86.33
C PRO H 690 -7.51 -34.19 -87.42
N ASP H 691 -8.25 -34.52 -88.48
CA ASP H 691 -7.77 -35.41 -89.53
C ASP H 691 -8.15 -34.88 -90.90
N GLY H 692 -7.92 -33.59 -91.14
CA GLY H 692 -8.27 -32.95 -92.38
C GLY H 692 -7.08 -32.48 -93.18
N ILE H 693 -7.37 -31.65 -94.18
CA ILE H 693 -6.35 -31.05 -95.04
C ILE H 693 -5.52 -30.07 -94.22
N PRO H 694 -4.19 -30.07 -94.35
CA PRO H 694 -3.36 -29.11 -93.61
C PRO H 694 -3.58 -27.68 -94.06
N THR H 695 -4.04 -26.83 -93.12
CA THR H 695 -4.21 -25.41 -93.39
C THR H 695 -2.87 -24.70 -93.54
N LEU H 696 -1.80 -25.25 -92.98
CA LEU H 696 -0.45 -24.75 -93.16
C LEU H 696 0.43 -25.87 -93.69
N SER H 697 1.27 -25.56 -94.67
CA SER H 697 2.13 -26.56 -95.31
C SER H 697 3.49 -25.95 -95.57
N ASN H 698 4.54 -26.71 -95.23
CA ASN H 698 5.95 -26.35 -95.44
C ASN H 698 6.29 -25.00 -94.80
N ILE H 699 5.85 -24.82 -93.56
CA ILE H 699 6.08 -23.57 -92.85
C ILE H 699 7.54 -23.51 -92.41
N THR H 700 8.26 -22.49 -92.87
CA THR H 700 9.66 -22.29 -92.52
C THR H 700 9.84 -20.81 -92.20
N ILE H 701 9.87 -20.48 -90.91
CA ILE H 701 10.04 -19.11 -90.45
C ILE H 701 11.25 -19.02 -89.54
N ARG H 702 11.92 -17.87 -89.57
CA ARG H 702 13.03 -17.56 -88.65
C ARG H 702 12.78 -16.15 -88.14
N ILE H 703 12.01 -16.04 -87.06
CA ILE H 703 11.71 -14.75 -86.46
C ILE H 703 12.91 -14.29 -85.63
N PRO H 704 13.49 -13.13 -85.90
CA PRO H 704 14.57 -12.63 -85.04
C PRO H 704 14.03 -12.10 -83.72
N ARG H 705 14.90 -12.07 -82.72
CA ARG H 705 14.55 -11.57 -81.40
C ARG H 705 14.98 -10.12 -81.24
N GLY H 706 14.14 -9.33 -80.58
CA GLY H 706 14.39 -7.91 -80.46
C GLY H 706 14.12 -7.09 -81.70
N GLN H 707 13.45 -7.67 -82.69
CA GLN H 707 13.19 -7.00 -83.96
C GLN H 707 11.71 -7.09 -84.29
N LEU H 708 11.31 -6.34 -85.32
CA LEU H 708 9.92 -6.30 -85.76
C LEU H 708 9.77 -7.19 -86.99
N THR H 709 8.93 -8.22 -86.87
CA THR H 709 8.62 -9.14 -87.95
C THR H 709 7.18 -8.92 -88.37
N MET H 710 6.95 -8.69 -89.66
CA MET H 710 5.64 -8.40 -90.19
C MET H 710 5.17 -9.53 -91.09
N ILE H 711 4.01 -10.08 -90.79
CA ILE H 711 3.40 -11.14 -91.60
C ILE H 711 2.36 -10.48 -92.48
N VAL H 712 2.51 -10.62 -93.79
CA VAL H 712 1.65 -9.96 -94.77
C VAL H 712 1.12 -10.99 -95.76
N GLY H 713 -0.11 -10.78 -96.19
CA GLY H 713 -0.72 -11.67 -97.16
C GLY H 713 -2.17 -11.29 -97.40
N GLN H 714 -2.86 -12.13 -98.17
CA GLN H 714 -4.24 -11.87 -98.54
C GLN H 714 -5.19 -12.43 -97.49
N VAL H 715 -6.48 -12.47 -97.80
CA VAL H 715 -7.50 -12.91 -96.86
C VAL H 715 -7.51 -14.43 -96.79
N GLY H 716 -7.37 -14.97 -95.59
CA GLY H 716 -7.36 -16.42 -95.38
C GLY H 716 -6.15 -17.12 -95.94
N CYS H 717 -4.96 -16.55 -95.78
CA CYS H 717 -3.74 -17.11 -96.31
C CYS H 717 -2.83 -17.71 -95.23
N GLY H 718 -3.28 -17.78 -93.99
CA GLY H 718 -2.55 -18.45 -92.95
C GLY H 718 -1.84 -17.60 -91.90
N LYS H 719 -2.15 -16.30 -91.80
CA LYS H 719 -1.40 -15.41 -90.92
C LYS H 719 -1.71 -15.67 -89.45
N SER H 720 -3.00 -15.61 -89.08
CA SER H 720 -3.41 -15.98 -87.72
C SER H 720 -3.16 -17.45 -87.44
N SER H 721 -3.25 -18.30 -88.47
CA SER H 721 -2.93 -19.71 -88.31
C SER H 721 -1.44 -19.92 -87.99
N LEU H 722 -0.55 -19.16 -88.63
CA LEU H 722 0.86 -19.22 -88.29
C LEU H 722 1.11 -18.70 -86.87
N LEU H 723 0.42 -17.61 -86.50
CA LEU H 723 0.57 -17.03 -85.17
C LEU H 723 0.13 -17.99 -84.08
N LEU H 724 -0.93 -18.77 -84.34
CA LEU H 724 -1.38 -19.74 -83.35
C LEU H 724 -0.70 -21.10 -83.49
N ALA H 725 -0.03 -21.36 -84.61
CA ALA H 725 0.76 -22.57 -84.75
C ALA H 725 2.08 -22.46 -84.00
N THR H 726 2.63 -21.24 -83.89
CA THR H 726 3.78 -21.06 -83.01
C THR H 726 3.40 -21.21 -81.55
N LEU H 727 2.18 -20.81 -81.17
CA LEU H 727 1.74 -20.88 -79.78
C LEU H 727 1.26 -22.26 -79.36
N GLY H 728 1.13 -23.20 -80.29
CA GLY H 728 0.64 -24.53 -79.96
C GLY H 728 -0.87 -24.65 -79.89
N GLU H 729 -1.61 -23.62 -80.30
CA GLU H 729 -3.07 -23.66 -80.29
C GLU H 729 -3.65 -24.48 -81.44
N MET H 730 -2.85 -24.84 -82.43
CA MET H 730 -3.30 -25.63 -83.57
C MET H 730 -2.53 -26.95 -83.61
N GLN H 731 -3.25 -28.03 -83.92
CA GLN H 731 -2.65 -29.36 -83.96
C GLN H 731 -1.63 -29.48 -85.08
N LYS H 732 -0.47 -30.04 -84.74
CA LYS H 732 0.64 -30.18 -85.67
C LYS H 732 0.63 -31.59 -86.26
N VAL H 733 0.70 -31.68 -87.59
CA VAL H 733 0.89 -32.97 -88.25
C VAL H 733 2.37 -33.29 -88.42
N SER H 734 3.18 -32.33 -88.85
CA SER H 734 4.58 -32.61 -89.14
C SER H 734 5.43 -31.38 -88.87
N GLY H 735 6.75 -31.58 -88.92
CA GLY H 735 7.69 -30.51 -88.71
C GLY H 735 8.08 -30.34 -87.25
N ALA H 736 8.91 -29.32 -87.01
CA ALA H 736 9.41 -29.04 -85.68
C ALA H 736 9.28 -27.55 -85.38
N VAL H 737 8.96 -27.23 -84.13
CA VAL H 737 8.87 -25.85 -83.65
C VAL H 737 9.90 -25.67 -82.55
N PHE H 738 10.75 -24.67 -82.68
CA PHE H 738 11.82 -24.37 -81.73
C PHE H 738 11.60 -22.97 -81.16
N TRP H 739 11.68 -22.87 -79.83
CA TRP H 739 11.65 -21.60 -79.13
C TRP H 739 12.97 -21.42 -78.38
N ASN H 740 13.64 -20.30 -78.63
CA ASN H 740 14.89 -19.97 -77.95
C ASN H 740 14.70 -18.88 -76.90
N SER H 741 13.46 -18.69 -76.42
CA SER H 741 13.16 -17.67 -75.43
C SER H 741 13.71 -18.05 -74.05
N SER H 766 8.59 -25.21 -73.72
CA SER H 766 9.42 -24.15 -73.18
C SER H 766 9.23 -22.84 -73.97
N ARG H 767 7.98 -22.57 -74.34
CA ARG H 767 7.67 -21.35 -75.06
C ARG H 767 7.76 -20.13 -74.15
N GLY H 768 7.20 -20.22 -72.94
CA GLY H 768 7.10 -19.10 -72.06
C GLY H 768 5.90 -18.23 -72.40
N PRO H 769 5.73 -17.12 -71.70
CA PRO H 769 4.63 -16.20 -72.03
C PRO H 769 4.87 -15.49 -73.36
N VAL H 770 3.78 -15.19 -74.05
CA VAL H 770 3.78 -14.40 -75.27
C VAL H 770 2.65 -13.38 -75.15
N ALA H 771 2.97 -12.09 -75.30
CA ALA H 771 1.95 -11.05 -75.27
C ALA H 771 1.13 -11.12 -76.55
N TYR H 772 -0.16 -11.43 -76.42
CA TYR H 772 -1.00 -11.72 -77.57
C TYR H 772 -2.20 -10.77 -77.61
N ALA H 773 -2.40 -10.14 -78.77
CA ALA H 773 -3.59 -9.37 -79.07
C ALA H 773 -4.29 -10.03 -80.24
N SER H 774 -5.42 -10.68 -79.97
CA SER H 774 -6.15 -11.42 -80.99
C SER H 774 -6.82 -10.46 -81.99
N GLN H 775 -7.16 -11.00 -83.15
CA GLN H 775 -7.81 -10.20 -84.19
C GLN H 775 -9.21 -9.79 -83.77
N LYS H 776 -9.94 -10.68 -83.14
CA LYS H 776 -11.14 -10.29 -82.41
C LYS H 776 -10.73 -9.91 -80.99
N PRO H 777 -10.93 -8.67 -80.56
CA PRO H 777 -10.41 -8.24 -79.25
C PRO H 777 -11.19 -8.87 -78.11
N TRP H 778 -10.45 -9.41 -77.14
CA TRP H 778 -11.01 -10.08 -75.98
C TRP H 778 -10.90 -9.17 -74.77
N LEU H 779 -12.03 -8.94 -74.10
CA LEU H 779 -12.06 -8.06 -72.95
C LEU H 779 -12.69 -8.79 -71.76
N LEU H 780 -12.01 -8.75 -70.63
CA LEU H 780 -12.55 -9.31 -69.40
C LEU H 780 -13.67 -8.43 -68.86
N ASN H 781 -14.40 -8.97 -67.89
CA ASN H 781 -15.53 -8.25 -67.29
C ASN H 781 -15.09 -7.21 -66.26
N ALA H 782 -13.79 -7.00 -66.07
CA ALA H 782 -13.27 -6.04 -65.13
C ALA H 782 -13.16 -4.66 -65.77
N THR H 783 -12.44 -3.75 -65.12
CA THR H 783 -12.39 -2.35 -65.53
C THR H 783 -11.41 -2.15 -66.69
N VAL H 784 -11.24 -0.87 -67.08
CA VAL H 784 -10.26 -0.51 -68.09
C VAL H 784 -8.86 -0.77 -67.58
N GLU H 785 -8.59 -0.37 -66.34
CA GLU H 785 -7.26 -0.51 -65.75
C GLU H 785 -6.90 -1.98 -65.54
N GLU H 786 -7.87 -2.80 -65.12
CA GLU H 786 -7.61 -4.22 -64.93
C GLU H 786 -7.47 -4.96 -66.26
N ASN H 787 -8.14 -4.47 -67.31
CA ASN H 787 -7.94 -5.06 -68.63
C ASN H 787 -6.58 -4.73 -69.20
N ILE H 788 -6.12 -3.49 -69.02
CA ILE H 788 -4.81 -3.10 -69.54
C ILE H 788 -3.69 -3.75 -68.72
N THR H 789 -3.81 -3.77 -67.39
CA THR H 789 -2.77 -4.37 -66.55
C THR H 789 -2.72 -5.89 -66.72
N PHE H 790 -3.89 -6.54 -66.58
CA PHE H 790 -4.09 -7.97 -66.87
C PHE H 790 -3.15 -8.85 -66.02
N GLU H 791 -3.40 -8.81 -64.71
CA GLU H 791 -2.67 -9.55 -63.68
C GLU H 791 -1.17 -9.21 -63.69
N SER H 792 -0.89 -7.94 -63.41
CA SER H 792 0.46 -7.41 -63.42
C SER H 792 0.55 -6.30 -62.37
N PRO H 793 1.75 -6.02 -61.85
CA PRO H 793 1.92 -4.84 -60.98
C PRO H 793 1.65 -3.55 -61.75
N PHE H 794 1.24 -2.51 -61.01
CA PHE H 794 0.57 -1.36 -61.62
C PHE H 794 1.53 -0.51 -62.44
N ASN H 795 2.54 0.08 -61.79
CA ASN H 795 3.65 0.83 -62.44
C ASN H 795 3.10 1.98 -63.31
N LYS H 796 2.57 2.99 -62.61
CA LYS H 796 1.82 4.09 -63.20
C LYS H 796 2.59 4.85 -64.28
N GLN H 797 3.93 4.93 -64.15
CA GLN H 797 4.76 5.56 -65.16
C GLN H 797 4.70 4.82 -66.49
N ARG H 798 4.67 3.48 -66.45
CA ARG H 798 4.49 2.71 -67.68
C ARG H 798 3.04 2.78 -68.16
N TYR H 799 2.08 2.86 -67.23
CA TYR H 799 0.66 2.89 -67.59
C TYR H 799 0.32 4.16 -68.37
N LYS H 800 0.88 5.30 -67.96
CA LYS H 800 0.68 6.54 -68.70
C LYS H 800 1.26 6.46 -70.11
N MET H 801 2.43 5.83 -70.25
CA MET H 801 3.05 5.68 -71.57
C MET H 801 2.24 4.77 -72.48
N VAL H 802 1.67 3.69 -71.93
CA VAL H 802 0.84 2.79 -72.73
C VAL H 802 -0.46 3.48 -73.14
N ILE H 803 -1.05 4.26 -72.22
CA ILE H 803 -2.27 5.02 -72.51
C ILE H 803 -2.02 6.05 -73.61
N GLU H 804 -0.89 6.77 -73.53
CA GLU H 804 -0.58 7.77 -74.56
C GLU H 804 -0.18 7.13 -75.88
N ALA H 805 0.46 5.96 -75.85
CA ALA H 805 0.80 5.27 -77.08
C ALA H 805 -0.43 4.74 -77.79
N CYS H 806 -1.42 4.25 -77.05
CA CYS H 806 -2.66 3.84 -77.67
C CYS H 806 -3.65 4.99 -77.85
N SER H 807 -3.32 6.19 -77.35
CA SER H 807 -4.17 7.39 -77.38
C SER H 807 -5.55 7.12 -76.76
N LEU H 808 -5.55 6.35 -75.67
CA LEU H 808 -6.76 6.06 -74.90
C LEU H 808 -7.06 7.12 -73.85
N GLN H 809 -6.20 8.14 -73.73
CA GLN H 809 -6.44 9.22 -72.77
C GLN H 809 -7.71 10.03 -73.01
N PRO H 810 -8.09 10.43 -74.26
CA PRO H 810 -9.42 11.05 -74.40
C PRO H 810 -10.59 10.13 -74.08
N ASP H 811 -10.43 8.81 -74.23
CA ASP H 811 -11.52 7.89 -73.93
C ASP H 811 -11.76 7.77 -72.43
N ILE H 812 -10.70 7.82 -71.62
CA ILE H 812 -10.86 7.77 -70.17
C ILE H 812 -11.19 9.13 -69.59
N ASP H 813 -11.16 10.19 -70.39
CA ASP H 813 -11.72 11.48 -69.99
C ASP H 813 -13.22 11.56 -70.24
N ILE H 814 -13.80 10.54 -70.88
CA ILE H 814 -15.23 10.31 -70.97
C ILE H 814 -15.42 8.99 -70.22
N LEU H 815 -16.67 8.45 -70.20
CA LEU H 815 -17.24 7.30 -69.50
C LEU H 815 -17.52 7.71 -68.06
N PRO H 816 -18.51 7.13 -67.37
CA PRO H 816 -18.91 7.63 -66.03
C PRO H 816 -17.82 7.57 -64.97
N HIS H 817 -16.94 6.57 -65.00
CA HIS H 817 -15.80 6.47 -64.09
C HIS H 817 -14.59 6.14 -64.94
N GLY H 818 -13.88 7.18 -65.40
CA GLY H 818 -12.70 7.04 -66.23
C GLY H 818 -11.59 6.25 -65.57
N ASP H 819 -11.04 5.27 -66.31
CA ASP H 819 -10.07 4.24 -65.92
C ASP H 819 -10.64 3.22 -64.94
N GLN H 820 -11.90 3.36 -64.51
CA GLN H 820 -12.52 2.45 -63.56
C GLN H 820 -13.85 1.89 -64.05
N THR H 821 -14.31 2.26 -65.24
CA THR H 821 -15.58 1.76 -65.76
C THR H 821 -15.49 0.29 -66.12
N GLN H 822 -16.54 -0.46 -65.78
CA GLN H 822 -16.59 -1.88 -66.11
C GLN H 822 -16.74 -2.06 -67.61
N ILE H 823 -16.02 -3.03 -68.15
CA ILE H 823 -15.82 -3.20 -69.59
C ILE H 823 -16.31 -4.58 -70.00
N GLY H 824 -16.98 -4.66 -71.14
CA GLY H 824 -17.40 -5.94 -71.69
C GLY H 824 -18.82 -6.30 -71.29
N GLU H 825 -19.07 -7.57 -71.03
CA GLU H 825 -20.36 -7.96 -70.47
C GLU H 825 -20.47 -7.46 -69.02
N ARG H 826 -21.70 -7.11 -68.64
CA ARG H 826 -22.10 -6.48 -67.39
C ARG H 826 -21.48 -5.10 -67.18
N GLY H 827 -20.90 -4.51 -68.22
CA GLY H 827 -20.34 -3.17 -68.15
C GLY H 827 -20.84 -2.33 -69.30
N ILE H 828 -20.24 -1.15 -69.49
CA ILE H 828 -20.66 -0.28 -70.60
C ILE H 828 -20.10 -0.82 -71.89
N ASN H 829 -20.88 -0.67 -72.97
CA ASN H 829 -20.44 -1.10 -74.29
C ASN H 829 -19.48 -0.07 -74.88
N LEU H 830 -18.43 -0.56 -75.53
CA LEU H 830 -17.44 0.29 -76.15
C LEU H 830 -17.58 0.25 -77.67
N SER H 831 -16.95 1.23 -78.32
CA SER H 831 -16.74 1.14 -79.75
C SER H 831 -15.73 0.05 -80.06
N GLY H 832 -15.77 -0.47 -81.29
CA GLY H 832 -14.86 -1.53 -81.69
C GLY H 832 -13.41 -1.08 -81.72
N GLY H 833 -13.17 0.17 -82.09
CA GLY H 833 -11.83 0.73 -82.00
C GLY H 833 -11.33 0.81 -80.57
N GLN H 834 -12.23 1.15 -79.63
CA GLN H 834 -11.85 1.20 -78.22
C GLN H 834 -11.52 -0.18 -77.67
N ARG H 835 -12.28 -1.21 -78.07
CA ARG H 835 -11.98 -2.58 -77.69
C ARG H 835 -10.63 -3.02 -78.25
N GLN H 836 -10.36 -2.68 -79.51
CA GLN H 836 -9.08 -2.99 -80.14
C GLN H 836 -7.92 -2.32 -79.42
N ARG H 837 -8.08 -1.03 -79.07
CA ARG H 837 -6.97 -0.31 -78.44
C ARG H 837 -6.76 -0.74 -76.99
N ILE H 838 -7.81 -1.17 -76.29
CA ILE H 838 -7.62 -1.69 -74.94
C ILE H 838 -6.92 -3.05 -74.98
N SER H 839 -7.25 -3.90 -75.97
CA SER H 839 -6.54 -5.16 -76.14
C SER H 839 -5.07 -4.95 -76.50
N VAL H 840 -4.79 -3.99 -77.39
CA VAL H 840 -3.41 -3.67 -77.76
C VAL H 840 -2.67 -3.05 -76.57
N ALA H 841 -3.35 -2.26 -75.75
CA ALA H 841 -2.74 -1.68 -74.55
C ALA H 841 -2.38 -2.77 -73.54
N ARG H 842 -3.23 -3.79 -73.42
CA ARG H 842 -2.91 -4.96 -72.60
C ARG H 842 -1.67 -5.67 -73.14
N ALA H 843 -1.58 -5.84 -74.46
CA ALA H 843 -0.42 -6.50 -75.05
C ALA H 843 0.87 -5.68 -74.87
N LEU H 844 0.79 -4.36 -75.04
CA LEU H 844 1.96 -3.50 -74.93
C LEU H 844 2.41 -3.30 -73.48
N TYR H 845 1.48 -3.43 -72.54
CA TYR H 845 1.77 -3.07 -71.16
C TYR H 845 2.71 -4.07 -70.48
N GLN H 846 2.55 -5.35 -70.78
CA GLN H 846 3.22 -6.42 -70.05
C GLN H 846 4.72 -6.41 -70.32
N GLN H 847 5.47 -7.01 -69.38
CA GLN H 847 6.92 -7.17 -69.55
C GLN H 847 7.24 -8.57 -70.07
N THR H 848 6.73 -8.84 -71.28
CA THR H 848 6.92 -10.10 -71.97
C THR H 848 7.85 -9.88 -73.14
N ASN H 849 8.81 -10.80 -73.34
CA ASN H 849 9.80 -10.64 -74.39
C ASN H 849 9.20 -10.74 -75.79
N VAL H 850 8.10 -11.46 -75.95
CA VAL H 850 7.47 -11.68 -77.24
C VAL H 850 6.10 -11.01 -77.25
N VAL H 851 5.85 -10.20 -78.28
CA VAL H 851 4.55 -9.57 -78.52
C VAL H 851 4.00 -10.13 -79.83
N PHE H 852 2.78 -10.63 -79.78
CA PHE H 852 2.05 -11.07 -80.97
C PHE H 852 0.87 -10.14 -81.18
N LEU H 853 0.85 -9.45 -82.32
CA LEU H 853 -0.25 -8.57 -82.68
C LEU H 853 -0.87 -9.08 -83.97
N ASP H 854 -2.18 -9.28 -83.97
CA ASP H 854 -2.91 -9.82 -85.10
C ASP H 854 -3.93 -8.78 -85.54
N ASP H 855 -3.55 -8.00 -86.56
CA ASP H 855 -4.31 -6.89 -87.15
C ASP H 855 -4.78 -5.88 -86.11
N PRO H 856 -3.88 -5.08 -85.53
CA PRO H 856 -4.30 -4.10 -84.53
C PRO H 856 -4.87 -2.81 -85.12
N PHE H 857 -4.81 -2.65 -86.44
CA PHE H 857 -5.23 -1.42 -87.10
C PHE H 857 -6.48 -1.61 -87.94
N SER H 858 -7.24 -2.69 -87.69
CA SER H 858 -8.43 -2.96 -88.49
C SER H 858 -9.57 -2.01 -88.13
N ALA H 859 -9.72 -1.69 -86.84
CA ALA H 859 -10.82 -0.86 -86.36
C ALA H 859 -10.42 0.60 -86.18
N LEU H 860 -9.21 0.98 -86.56
CA LEU H 860 -8.69 2.32 -86.31
C LEU H 860 -8.51 3.08 -87.63
N ASP H 861 -8.48 4.40 -87.50
CA ASP H 861 -8.27 5.28 -88.64
C ASP H 861 -6.76 5.49 -88.86
N VAL H 862 -6.42 6.47 -89.69
CA VAL H 862 -5.02 6.69 -90.07
C VAL H 862 -4.21 7.23 -88.90
N HIS H 863 -4.76 8.20 -88.16
CA HIS H 863 -4.00 8.88 -87.12
C HIS H 863 -3.74 7.98 -85.91
N LEU H 864 -4.76 7.22 -85.49
CA LEU H 864 -4.60 6.31 -84.36
C LEU H 864 -3.63 5.18 -84.68
N SER H 865 -3.71 4.63 -85.90
CA SER H 865 -2.79 3.58 -86.31
C SER H 865 -1.37 4.10 -86.46
N ASP H 866 -1.20 5.33 -86.97
CA ASP H 866 0.13 5.91 -87.10
C ASP H 866 0.75 6.20 -85.73
N HIS H 867 -0.04 6.73 -84.79
CA HIS H 867 0.49 7.02 -83.46
C HIS H 867 0.76 5.74 -82.68
N LEU H 868 -0.07 4.71 -82.86
CA LEU H 868 0.18 3.43 -82.22
C LEU H 868 1.40 2.73 -82.84
N MET H 869 1.62 2.93 -84.14
CA MET H 869 2.79 2.37 -84.79
C MET H 869 4.07 3.06 -84.33
N GLN H 870 4.05 4.39 -84.23
CA GLN H 870 5.26 5.13 -83.88
C GLN H 870 5.55 5.06 -82.38
N ALA H 871 4.61 5.56 -81.56
CA ALA H 871 4.85 5.65 -80.12
C ALA H 871 4.78 4.29 -79.44
N GLY H 872 3.96 3.38 -79.97
CA GLY H 872 3.78 2.09 -79.34
C GLY H 872 4.71 1.01 -79.84
N ILE H 873 4.82 0.83 -81.14
CA ILE H 873 5.61 -0.27 -81.69
C ILE H 873 7.07 0.15 -81.90
N LEU H 874 7.29 1.30 -82.54
CA LEU H 874 8.64 1.73 -82.86
C LEU H 874 9.36 2.40 -81.70
N GLU H 875 8.65 2.80 -80.64
CA GLU H 875 9.27 3.47 -79.51
C GLU H 875 9.16 2.69 -78.22
N LEU H 876 7.95 2.28 -77.82
CA LEU H 876 7.77 1.58 -76.55
C LEU H 876 8.32 0.16 -76.61
N LEU H 877 8.12 -0.52 -77.73
CA LEU H 877 8.59 -1.91 -77.85
C LEU H 877 10.05 -2.01 -78.23
N ARG H 878 10.57 -1.05 -79.02
CA ARG H 878 11.96 -1.12 -79.46
C ARG H 878 12.93 -0.85 -78.31
N ASP H 879 12.57 0.07 -77.41
CA ASP H 879 13.44 0.42 -76.28
C ASP H 879 13.60 -0.71 -75.28
N ASP H 880 12.66 -1.66 -75.24
CA ASP H 880 12.78 -2.84 -74.39
C ASP H 880 13.52 -3.98 -75.05
N LYS H 881 13.95 -3.81 -76.31
CA LYS H 881 14.52 -4.84 -77.17
C LYS H 881 13.61 -6.07 -77.23
N ARG H 882 12.37 -5.81 -77.65
CA ARG H 882 11.28 -6.77 -77.58
C ARG H 882 11.03 -7.37 -78.96
N THR H 883 10.83 -8.70 -78.99
CA THR H 883 10.40 -9.37 -80.21
C THR H 883 8.96 -8.96 -80.50
N VAL H 884 8.72 -8.40 -81.68
CA VAL H 884 7.38 -7.98 -82.10
C VAL H 884 7.05 -8.71 -83.39
N VAL H 885 5.94 -9.45 -83.39
CA VAL H 885 5.44 -10.09 -84.60
C VAL H 885 4.08 -9.48 -84.89
N LEU H 886 3.99 -8.76 -86.01
CA LEU H 886 2.89 -7.85 -86.31
C LEU H 886 2.23 -8.25 -87.62
N VAL H 887 1.07 -8.91 -87.54
CA VAL H 887 0.27 -9.19 -88.71
C VAL H 887 -0.50 -7.93 -89.07
N THR H 888 -0.30 -7.44 -90.30
CA THR H 888 -0.96 -6.21 -90.73
C THR H 888 -1.30 -6.29 -92.21
N HIS H 889 -2.34 -5.55 -92.59
CA HIS H 889 -2.69 -5.31 -93.98
C HIS H 889 -2.24 -3.93 -94.45
N LYS H 890 -1.70 -3.12 -93.56
CA LYS H 890 -1.20 -1.79 -93.91
C LYS H 890 0.25 -1.93 -94.38
N LEU H 891 0.45 -1.78 -95.69
CA LEU H 891 1.78 -1.96 -96.26
C LEU H 891 2.67 -0.72 -96.10
N GLN H 892 2.10 0.42 -95.70
CA GLN H 892 2.90 1.64 -95.51
C GLN H 892 3.89 1.51 -94.36
N TYR H 893 3.68 0.55 -93.46
CA TYR H 893 4.59 0.29 -92.36
C TYR H 893 5.67 -0.72 -92.72
N LEU H 894 5.67 -1.25 -93.94
CA LEU H 894 6.75 -2.15 -94.36
C LEU H 894 8.17 -1.55 -94.28
N PRO H 895 8.42 -0.25 -94.55
CA PRO H 895 9.74 0.32 -94.22
C PRO H 895 10.15 0.24 -92.75
N HIS H 896 9.20 0.17 -91.82
CA HIS H 896 9.54 0.08 -90.40
C HIS H 896 9.78 -1.35 -89.93
N ALA H 897 9.74 -2.32 -90.83
CA ALA H 897 9.86 -3.74 -90.48
C ALA H 897 11.29 -4.21 -90.65
N ASP H 898 11.81 -4.89 -89.63
CA ASP H 898 13.11 -5.55 -89.75
C ASP H 898 13.03 -6.82 -90.58
N TRP H 899 11.93 -7.57 -90.43
CA TRP H 899 11.77 -8.87 -91.06
C TRP H 899 10.36 -8.96 -91.64
N ILE H 900 10.23 -9.59 -92.80
CA ILE H 900 8.93 -9.72 -93.47
C ILE H 900 8.70 -11.19 -93.83
N ILE H 901 7.54 -11.71 -93.42
CA ILE H 901 7.09 -13.04 -93.79
C ILE H 901 5.85 -12.87 -94.66
N ALA H 902 5.96 -13.28 -95.93
CA ALA H 902 4.86 -13.21 -96.88
C ALA H 902 4.18 -14.57 -96.95
N MET H 903 2.85 -14.58 -96.85
CA MET H 903 2.08 -15.81 -96.86
C MET H 903 1.12 -15.84 -98.04
N LYS H 904 0.87 -17.05 -98.55
CA LYS H 904 0.03 -17.21 -99.74
C LYS H 904 -0.55 -18.62 -99.70
N ASP H 905 -1.86 -18.72 -99.46
CA ASP H 905 -2.63 -19.97 -99.43
C ASP H 905 -2.06 -20.98 -98.43
N GLY H 906 -1.80 -20.50 -97.22
CA GLY H 906 -1.31 -21.36 -96.14
C GLY H 906 0.09 -21.90 -96.31
N THR H 907 1.00 -21.11 -96.86
CA THR H 907 2.41 -21.48 -96.94
C THR H 907 3.25 -20.21 -96.96
N ILE H 908 4.54 -20.38 -96.70
CA ILE H 908 5.47 -19.25 -96.68
C ILE H 908 5.94 -19.01 -98.12
N GLN H 909 5.46 -17.92 -98.73
CA GLN H 909 5.88 -17.60 -100.08
C GLN H 909 7.31 -17.09 -100.12
N ARG H 910 7.62 -16.08 -99.31
CA ARG H 910 8.96 -15.54 -99.22
C ARG H 910 9.16 -14.95 -97.82
N GLU H 911 10.36 -15.16 -97.27
CA GLU H 911 10.69 -14.71 -95.91
C GLU H 911 12.03 -14.00 -95.95
N GLY H 912 12.03 -12.69 -95.70
CA GLY H 912 13.26 -11.94 -95.73
C GLY H 912 13.01 -10.46 -95.50
N THR H 913 14.06 -9.67 -95.65
CA THR H 913 13.98 -8.23 -95.50
C THR H 913 13.45 -7.60 -96.80
N LEU H 914 13.28 -6.27 -96.77
CA LEU H 914 12.79 -5.56 -97.96
C LEU H 914 13.83 -5.56 -99.08
N LYS H 915 15.11 -5.59 -98.73
CA LYS H 915 16.14 -5.72 -99.76
C LYS H 915 16.15 -7.11 -100.37
N ASP H 916 15.73 -8.12 -99.60
CA ASP H 916 15.57 -9.47 -100.15
C ASP H 916 14.39 -9.53 -101.12
N PHE H 917 13.27 -8.89 -100.77
CA PHE H 917 12.10 -8.87 -101.65
C PHE H 917 12.33 -8.04 -102.90
N GLN H 918 13.32 -7.14 -102.90
CA GLN H 918 13.62 -6.35 -104.08
C GLN H 918 14.24 -7.19 -105.20
N ARG H 919 14.83 -8.34 -104.86
CA ARG H 919 15.46 -9.21 -105.86
C ARG H 919 14.86 -10.61 -105.92
N SER H 920 14.46 -11.18 -104.78
CA SER H 920 13.93 -12.55 -104.80
C SER H 920 12.52 -12.62 -105.37
N GLU H 921 11.66 -11.68 -104.97
CA GLU H 921 10.26 -11.65 -105.42
C GLU H 921 9.98 -10.29 -106.03
N CYS H 922 10.31 -10.14 -107.31
CA CYS H 922 10.10 -8.87 -108.00
C CYS H 922 8.61 -8.58 -108.20
N GLN H 923 7.83 -9.62 -108.48
CA GLN H 923 6.40 -9.46 -108.74
C GLN H 923 5.65 -9.01 -107.49
N LEU H 924 5.93 -9.62 -106.33
CA LEU H 924 5.27 -9.23 -105.10
C LEU H 924 5.73 -7.86 -104.62
N PHE H 925 7.00 -7.52 -104.86
CA PHE H 925 7.52 -6.19 -104.51
C PHE H 925 6.84 -5.10 -105.33
N GLU H 926 6.73 -5.31 -106.64
CA GLU H 926 6.04 -4.34 -107.50
C GLU H 926 4.54 -4.32 -107.23
N HIS H 927 3.96 -5.46 -106.83
CA HIS H 927 2.55 -5.50 -106.45
C HIS H 927 2.29 -4.68 -105.20
N TRP H 928 3.18 -4.80 -104.20
CA TRP H 928 3.12 -3.96 -103.00
C TRP H 928 3.25 -2.49 -103.35
N LYS H 929 4.16 -2.16 -104.29
CA LYS H 929 4.33 -0.78 -104.72
C LYS H 929 3.10 -0.24 -105.44
N THR H 930 2.39 -1.10 -106.19
CA THR H 930 1.15 -0.65 -106.82
C THR H 930 0.04 -0.47 -105.79
N LEU H 931 0.05 -1.25 -104.71
CA LEU H 931 -1.02 -1.12 -103.71
C LEU H 931 -0.92 0.17 -102.91
N MET H 932 0.31 0.62 -102.59
CA MET H 932 0.50 1.79 -101.74
C MET H 932 1.11 2.98 -102.49
N ASN H 933 1.05 2.96 -103.82
CA ASN H 933 1.55 4.01 -104.72
C ASN H 933 3.04 4.35 -104.51
N GLU H 938 11.62 3.62 -102.83
CA GLU H 938 11.55 2.30 -103.46
C GLU H 938 11.38 1.21 -102.43
N LEU H 939 10.50 1.46 -101.45
CA LEU H 939 10.28 0.61 -100.27
C LEU H 939 11.60 0.33 -99.55
N GLU H 940 12.32 1.39 -99.24
CA GLU H 940 13.54 1.28 -98.46
C GLU H 940 13.22 1.28 -96.97
N LYS H 941 14.04 0.56 -96.20
CA LYS H 941 13.80 0.41 -94.77
C LYS H 941 14.03 1.73 -94.05
N GLU H 942 13.09 2.09 -93.15
CA GLU H 942 13.08 3.29 -92.32
C GLU H 942 13.19 4.58 -93.15
N ARG H 999 -49.47 -6.40 -61.15
CA ARG H 999 -48.14 -5.92 -61.51
C ARG H 999 -47.25 -7.04 -61.99
N ALA H 1000 -45.95 -6.96 -61.65
CA ALA H 1000 -45.00 -7.97 -62.09
C ALA H 1000 -45.16 -9.28 -61.34
N CYS H 1001 -45.53 -9.22 -60.05
CA CYS H 1001 -45.77 -10.44 -59.29
C CYS H 1001 -47.07 -11.12 -59.67
N THR H 1002 -48.03 -10.38 -60.24
CA THR H 1002 -49.34 -10.91 -60.59
C THR H 1002 -49.43 -11.29 -62.06
N LYS H 1003 -48.31 -11.44 -62.74
CA LYS H 1003 -48.32 -11.81 -64.16
C LYS H 1003 -48.76 -13.26 -64.35
N TYR H 1004 -48.43 -14.14 -63.41
CA TYR H 1004 -48.83 -15.54 -63.51
C TYR H 1004 -50.35 -15.69 -63.41
N LEU H 1005 -50.98 -14.92 -62.53
CA LEU H 1005 -52.43 -15.00 -62.36
C LEU H 1005 -53.16 -14.44 -63.58
N SER H 1006 -52.63 -13.36 -64.16
CA SER H 1006 -53.24 -12.78 -65.36
C SER H 1006 -53.02 -13.66 -66.59
N SER H 1007 -51.85 -14.31 -66.68
CA SER H 1007 -51.60 -15.22 -67.80
C SER H 1007 -52.42 -16.51 -67.66
N ALA H 1008 -52.71 -16.94 -66.43
CA ALA H 1008 -53.52 -18.13 -66.23
C ALA H 1008 -54.98 -17.87 -66.58
N GLY H 1009 -55.48 -16.69 -66.30
CA GLY H 1009 -56.88 -16.38 -66.48
C GLY H 1009 -57.69 -16.64 -65.22
N ILE H 1010 -58.85 -16.00 -65.16
CA ILE H 1010 -59.72 -16.11 -63.99
C ILE H 1010 -60.34 -17.50 -63.91
N LEU H 1011 -60.77 -18.04 -65.05
CA LEU H 1011 -61.49 -19.32 -65.09
C LEU H 1011 -60.59 -20.49 -64.64
N LEU H 1012 -59.37 -20.56 -65.18
CA LEU H 1012 -58.47 -21.66 -64.87
C LEU H 1012 -57.98 -21.60 -63.43
N LEU H 1013 -57.63 -20.40 -62.96
CA LEU H 1013 -57.15 -20.22 -61.59
C LEU H 1013 -58.26 -20.50 -60.58
N SER H 1014 -59.47 -20.00 -60.84
CA SER H 1014 -60.60 -20.25 -59.94
C SER H 1014 -61.00 -21.73 -59.94
N LEU H 1015 -60.91 -22.39 -61.10
CA LEU H 1015 -61.18 -23.82 -61.16
C LEU H 1015 -60.16 -24.62 -60.37
N LEU H 1016 -58.88 -24.22 -60.44
CA LEU H 1016 -57.82 -24.86 -59.66
C LEU H 1016 -58.08 -24.73 -58.16
N VAL H 1017 -58.37 -23.50 -57.70
CA VAL H 1017 -58.58 -23.25 -56.27
C VAL H 1017 -59.82 -23.98 -55.76
N PHE H 1018 -60.92 -23.88 -56.52
CA PHE H 1018 -62.19 -24.52 -56.13
C PHE H 1018 -62.07 -26.04 -56.13
N SER H 1019 -61.39 -26.62 -57.12
CA SER H 1019 -61.26 -28.08 -57.19
C SER H 1019 -60.38 -28.62 -56.07
N GLN H 1020 -59.28 -27.91 -55.76
CA GLN H 1020 -58.43 -28.32 -54.65
C GLN H 1020 -59.16 -28.24 -53.31
N LEU H 1021 -59.91 -27.14 -53.09
CA LEU H 1021 -60.67 -26.98 -51.86
C LEU H 1021 -61.76 -28.04 -51.71
N LEU H 1022 -62.46 -28.34 -52.81
CA LEU H 1022 -63.51 -29.36 -52.79
C LEU H 1022 -62.94 -30.75 -52.56
N LYS H 1023 -61.79 -31.06 -53.17
CA LYS H 1023 -61.15 -32.36 -52.97
C LYS H 1023 -60.71 -32.55 -51.52
N HIS H 1024 -60.12 -31.52 -50.91
CA HIS H 1024 -59.68 -31.65 -49.52
C HIS H 1024 -60.86 -31.70 -48.54
N MET H 1025 -61.95 -30.96 -48.82
CA MET H 1025 -63.11 -31.09 -47.94
C MET H 1025 -63.83 -32.43 -48.13
N VAL H 1026 -63.73 -33.03 -49.32
CA VAL H 1026 -64.25 -34.38 -49.52
C VAL H 1026 -63.43 -35.39 -48.71
N LEU H 1027 -62.10 -35.23 -48.69
CA LEU H 1027 -61.25 -36.11 -47.89
C LEU H 1027 -61.53 -35.96 -46.39
N VAL H 1028 -61.79 -34.74 -45.93
CA VAL H 1028 -62.19 -34.50 -44.54
C VAL H 1028 -63.52 -35.19 -44.24
N ALA H 1029 -64.47 -35.13 -45.19
CA ALA H 1029 -65.75 -35.80 -45.01
C ALA H 1029 -65.60 -37.32 -44.96
N ILE H 1030 -64.69 -37.87 -45.77
CA ILE H 1030 -64.43 -39.32 -45.75
C ILE H 1030 -63.87 -39.74 -44.40
N ASP H 1031 -62.91 -38.96 -43.87
CA ASP H 1031 -62.31 -39.31 -42.58
C ASP H 1031 -63.31 -39.16 -41.44
N TYR H 1032 -64.18 -38.14 -41.50
CA TYR H 1032 -65.22 -37.96 -40.49
C TYR H 1032 -66.25 -39.10 -40.54
N TRP H 1033 -66.62 -39.52 -41.75
CA TRP H 1033 -67.56 -40.65 -41.86
C TRP H 1033 -66.93 -41.96 -41.43
N LEU H 1034 -65.61 -42.12 -41.63
CA LEU H 1034 -64.90 -43.28 -41.10
C LEU H 1034 -64.88 -43.27 -39.57
N ALA H 1035 -64.69 -42.09 -38.98
CA ALA H 1035 -64.74 -41.95 -37.52
C ALA H 1035 -66.12 -42.27 -36.98
N LYS H 1036 -67.17 -41.86 -37.68
CA LYS H 1036 -68.53 -42.20 -37.27
C LYS H 1036 -68.81 -43.68 -37.45
N TRP H 1037 -68.28 -44.28 -38.53
CA TRP H 1037 -68.50 -45.69 -38.81
C TRP H 1037 -67.82 -46.59 -37.79
N THR H 1038 -66.60 -46.25 -37.38
CA THR H 1038 -65.85 -47.10 -36.46
C THR H 1038 -66.44 -47.11 -35.05
N ASP H 1039 -67.25 -46.11 -34.69
CA ASP H 1039 -67.90 -46.10 -33.39
C ASP H 1039 -69.14 -46.98 -33.35
N SER H 1040 -69.63 -47.45 -34.49
CA SER H 1040 -70.79 -48.32 -34.53
C SER H 1040 -70.41 -49.75 -34.16
N ASP H 1060 -77.42 -49.30 -39.77
CA ASP H 1060 -76.98 -50.50 -40.46
C ASP H 1060 -75.65 -50.26 -41.17
N GLN H 1061 -74.78 -51.27 -41.16
CA GLN H 1061 -73.44 -51.15 -41.72
C GLN H 1061 -73.44 -51.02 -43.25
N SER H 1062 -74.50 -51.51 -43.91
CA SER H 1062 -74.60 -51.39 -45.37
C SER H 1062 -74.74 -49.93 -45.80
N VAL H 1063 -75.45 -49.12 -45.00
CA VAL H 1063 -75.58 -47.69 -45.29
C VAL H 1063 -74.22 -46.99 -45.14
N TYR H 1064 -73.45 -47.37 -44.12
CA TYR H 1064 -72.11 -46.83 -43.93
C TYR H 1064 -71.20 -47.19 -45.10
N ALA H 1065 -71.27 -48.44 -45.58
CA ALA H 1065 -70.47 -48.86 -46.73
C ALA H 1065 -70.89 -48.13 -48.00
N MET H 1066 -72.19 -47.90 -48.18
CA MET H 1066 -72.69 -47.19 -49.35
C MET H 1066 -72.22 -45.74 -49.38
N VAL H 1067 -72.34 -45.03 -48.25
CA VAL H 1067 -71.90 -43.63 -48.18
C VAL H 1067 -70.39 -43.54 -48.32
N PHE H 1068 -69.65 -44.52 -47.77
CA PHE H 1068 -68.21 -44.56 -47.91
C PHE H 1068 -67.79 -44.74 -49.36
N THR H 1069 -68.45 -45.64 -50.10
CA THR H 1069 -68.14 -45.85 -51.51
C THR H 1069 -68.44 -44.61 -52.36
N LEU H 1070 -69.57 -43.94 -52.09
CA LEU H 1070 -69.92 -42.72 -52.83
C LEU H 1070 -68.90 -41.61 -52.59
N LEU H 1071 -68.50 -41.42 -51.33
CA LEU H 1071 -67.52 -40.38 -51.01
C LEU H 1071 -66.14 -40.69 -51.60
N CYS H 1072 -65.76 -41.98 -51.63
CA CYS H 1072 -64.49 -42.39 -52.26
C CYS H 1072 -64.49 -42.11 -53.75
N SER H 1073 -65.61 -42.43 -54.44
CA SER H 1073 -65.70 -42.19 -55.88
C SER H 1073 -65.65 -40.70 -56.20
N LEU H 1074 -66.34 -39.88 -55.39
CA LEU H 1074 -66.27 -38.43 -55.58
C LEU H 1074 -64.85 -37.90 -55.35
N GLY H 1075 -64.14 -38.47 -54.37
CA GLY H 1075 -62.76 -38.08 -54.15
C GLY H 1075 -61.84 -38.43 -55.31
N ILE H 1076 -62.06 -39.60 -55.93
CA ILE H 1076 -61.28 -40.01 -57.10
C ILE H 1076 -61.50 -39.04 -58.27
N VAL H 1077 -62.76 -38.66 -58.51
CA VAL H 1077 -63.08 -37.72 -59.58
C VAL H 1077 -62.44 -36.35 -59.31
N LEU H 1078 -62.49 -35.88 -58.06
CA LEU H 1078 -61.89 -34.59 -57.73
C LEU H 1078 -60.36 -34.62 -57.84
N CYS H 1079 -59.74 -35.77 -57.53
CA CYS H 1079 -58.30 -35.94 -57.75
C CYS H 1079 -57.95 -35.80 -59.22
N LEU H 1080 -58.77 -36.40 -60.09
CA LEU H 1080 -58.56 -36.28 -61.54
C LEU H 1080 -58.66 -34.82 -61.99
N VAL H 1081 -59.66 -34.09 -61.50
CA VAL H 1081 -59.85 -32.69 -61.91
C VAL H 1081 -58.68 -31.81 -61.46
N THR H 1082 -58.22 -31.99 -60.21
CA THR H 1082 -57.10 -31.20 -59.71
C THR H 1082 -55.81 -31.48 -60.49
N SER H 1083 -55.54 -32.76 -60.75
CA SER H 1083 -54.32 -33.15 -61.46
C SER H 1083 -54.31 -32.64 -62.90
N VAL H 1084 -55.48 -32.62 -63.55
CA VAL H 1084 -55.53 -32.08 -64.91
C VAL H 1084 -55.36 -30.56 -64.90
N THR H 1085 -56.04 -29.87 -63.96
CA THR H 1085 -56.08 -28.41 -63.99
C THR H 1085 -54.73 -27.76 -63.70
N VAL H 1086 -53.94 -28.35 -62.78
CA VAL H 1086 -52.64 -27.76 -62.45
C VAL H 1086 -51.69 -27.81 -63.64
N GLU H 1087 -51.62 -28.96 -64.32
CA GLU H 1087 -50.76 -29.08 -65.50
C GLU H 1087 -51.26 -28.25 -66.67
N TRP H 1088 -52.58 -28.11 -66.82
CA TRP H 1088 -53.13 -27.22 -67.86
C TRP H 1088 -52.73 -25.78 -67.64
N THR H 1089 -52.80 -25.32 -66.37
CA THR H 1089 -52.38 -23.96 -66.03
C THR H 1089 -50.89 -23.75 -66.30
N GLY H 1090 -50.07 -24.73 -65.93
CA GLY H 1090 -48.64 -24.64 -66.17
C GLY H 1090 -48.29 -24.55 -67.65
N LEU H 1091 -48.94 -25.38 -68.47
CA LEU H 1091 -48.72 -25.35 -69.92
C LEU H 1091 -49.14 -24.03 -70.53
N LYS H 1092 -50.30 -23.50 -70.12
CA LYS H 1092 -50.82 -22.26 -70.70
C LYS H 1092 -49.91 -21.07 -70.37
N VAL H 1093 -49.51 -20.94 -69.10
CA VAL H 1093 -48.64 -19.81 -68.73
C VAL H 1093 -47.24 -19.97 -69.34
N ALA H 1094 -46.74 -21.21 -69.42
CA ALA H 1094 -45.43 -21.47 -70.00
C ALA H 1094 -45.39 -21.12 -71.49
N LYS H 1095 -46.47 -21.38 -72.22
CA LYS H 1095 -46.52 -20.97 -73.62
C LYS H 1095 -46.63 -19.45 -73.75
N ARG H 1096 -47.57 -18.84 -72.99
CA ARG H 1096 -47.91 -17.44 -73.22
C ARG H 1096 -46.78 -16.49 -72.81
N LEU H 1097 -46.10 -16.79 -71.70
CA LEU H 1097 -45.04 -15.88 -71.23
C LEU H 1097 -43.83 -15.88 -72.16
N HIS H 1098 -43.46 -17.06 -72.69
CA HIS H 1098 -42.35 -17.11 -73.64
C HIS H 1098 -42.72 -16.44 -74.95
N ARG H 1099 -43.96 -16.61 -75.42
CA ARG H 1099 -44.38 -15.93 -76.65
C ARG H 1099 -44.37 -14.41 -76.50
N SER H 1100 -44.89 -13.91 -75.36
CA SER H 1100 -44.90 -12.47 -75.12
C SER H 1100 -43.48 -11.92 -74.96
N LEU H 1101 -42.60 -12.65 -74.24
CA LEU H 1101 -41.23 -12.19 -74.06
C LEU H 1101 -40.45 -12.16 -75.36
N LEU H 1102 -40.60 -13.20 -76.19
CA LEU H 1102 -39.88 -13.26 -77.47
C LEU H 1102 -40.40 -12.21 -78.44
N ASN H 1103 -41.70 -11.91 -78.41
CA ASN H 1103 -42.20 -10.87 -79.30
C ASN H 1103 -41.86 -9.47 -78.81
N ARG H 1104 -41.80 -9.25 -77.49
CA ARG H 1104 -41.48 -7.91 -76.99
C ARG H 1104 -39.98 -7.60 -77.07
N ILE H 1105 -39.12 -8.62 -77.03
CA ILE H 1105 -37.67 -8.36 -77.09
C ILE H 1105 -37.27 -7.87 -78.48
N ILE H 1106 -37.79 -8.50 -79.54
CA ILE H 1106 -37.34 -8.19 -80.89
C ILE H 1106 -37.82 -6.82 -81.38
N LEU H 1107 -38.79 -6.21 -80.71
CA LEU H 1107 -39.23 -4.86 -81.05
C LEU H 1107 -38.56 -3.78 -80.22
N ALA H 1108 -37.80 -4.15 -79.20
CA ALA H 1108 -37.12 -3.16 -78.36
C ALA H 1108 -35.96 -2.52 -79.12
N PRO H 1109 -35.69 -1.23 -78.91
CA PRO H 1109 -34.65 -0.55 -79.69
C PRO H 1109 -33.25 -1.04 -79.36
N MET H 1110 -32.31 -0.71 -80.26
CA MET H 1110 -30.91 -1.12 -80.08
C MET H 1110 -30.22 -0.38 -78.94
N ARG H 1111 -30.77 0.77 -78.51
CA ARG H 1111 -30.30 1.43 -77.31
C ARG H 1111 -30.51 0.55 -76.08
N PHE H 1112 -31.64 -0.15 -76.03
CA PHE H 1112 -31.91 -1.11 -74.95
C PHE H 1112 -30.94 -2.28 -75.00
N PHE H 1113 -30.61 -2.78 -76.20
CA PHE H 1113 -29.70 -3.90 -76.31
C PHE H 1113 -28.26 -3.52 -75.99
N GLU H 1114 -27.86 -2.28 -76.31
CA GLU H 1114 -26.52 -1.84 -75.96
C GLU H 1114 -26.40 -1.54 -74.46
N THR H 1115 -27.45 -0.93 -73.88
CA THR H 1115 -27.40 -0.56 -72.47
C THR H 1115 -27.48 -1.79 -71.57
N THR H 1116 -28.45 -2.67 -71.83
CA THR H 1116 -28.60 -3.84 -70.98
C THR H 1116 -27.62 -4.93 -71.42
N PRO H 1117 -26.98 -5.62 -70.47
CA PRO H 1117 -26.13 -6.76 -70.83
C PRO H 1117 -26.94 -7.92 -71.38
N LEU H 1118 -26.32 -8.67 -72.28
CA LEU H 1118 -27.00 -9.79 -72.93
C LEU H 1118 -27.26 -10.95 -71.98
N GLY H 1119 -26.47 -11.07 -70.90
CA GLY H 1119 -26.75 -12.10 -69.92
C GLY H 1119 -28.05 -11.89 -69.17
N SER H 1120 -28.37 -10.62 -68.86
CA SER H 1120 -29.62 -10.30 -68.17
C SER H 1120 -30.84 -10.62 -69.03
N ILE H 1121 -30.76 -10.35 -70.33
CA ILE H 1121 -31.85 -10.70 -71.23
C ILE H 1121 -31.92 -12.22 -71.43
N LEU H 1122 -30.76 -12.86 -71.59
CA LEU H 1122 -30.75 -14.28 -71.95
C LEU H 1122 -31.12 -15.18 -70.78
N ASN H 1123 -30.85 -14.76 -69.53
CA ASN H 1123 -31.18 -15.58 -68.38
C ASN H 1123 -32.68 -15.68 -68.13
N ARG H 1124 -33.47 -14.76 -68.68
CA ARG H 1124 -34.92 -14.91 -68.62
C ARG H 1124 -35.39 -16.06 -69.50
N PHE H 1125 -34.77 -16.22 -70.67
CA PHE H 1125 -35.08 -17.37 -71.52
C PHE H 1125 -34.46 -18.66 -70.98
N SER H 1126 -33.32 -18.56 -70.30
CA SER H 1126 -32.57 -19.73 -69.87
C SER H 1126 -33.07 -20.27 -68.52
N SER H 1127 -33.02 -19.45 -67.49
CA SER H 1127 -33.31 -19.91 -66.13
C SER H 1127 -34.74 -19.64 -65.70
N ASP H 1128 -35.24 -18.41 -65.91
CA ASP H 1128 -36.58 -18.05 -65.48
C ASP H 1128 -37.64 -18.81 -66.27
N CYS H 1129 -37.46 -18.94 -67.59
CA CYS H 1129 -38.37 -19.74 -68.39
C CYS H 1129 -38.32 -21.22 -68.01
N ASN H 1130 -37.15 -21.72 -67.62
CA ASN H 1130 -37.04 -23.10 -67.15
C ASN H 1130 -37.80 -23.31 -65.84
N THR H 1131 -37.79 -22.31 -64.96
CA THR H 1131 -38.59 -22.39 -63.75
C THR H 1131 -40.08 -22.37 -64.05
N ILE H 1132 -40.50 -21.48 -64.96
CA ILE H 1132 -41.93 -21.33 -65.27
C ILE H 1132 -42.46 -22.58 -65.98
N ASP H 1133 -41.66 -23.16 -66.88
CA ASP H 1133 -42.09 -24.37 -67.59
C ASP H 1133 -42.17 -25.58 -66.65
N GLN H 1134 -41.20 -25.72 -65.75
CA GLN H 1134 -41.01 -26.98 -65.04
C GLN H 1134 -41.21 -26.85 -63.54
N HIS H 1135 -40.54 -25.90 -62.88
CA HIS H 1135 -40.54 -25.87 -61.42
C HIS H 1135 -41.85 -25.31 -60.84
N ILE H 1136 -42.42 -24.25 -61.47
CA ILE H 1136 -43.66 -23.66 -60.95
C ILE H 1136 -44.87 -24.59 -60.97
N PRO H 1137 -45.18 -25.33 -62.06
CA PRO H 1137 -46.35 -26.23 -61.97
C PRO H 1137 -46.21 -27.37 -60.96
N SER H 1138 -44.99 -27.79 -60.64
CA SER H 1138 -44.81 -28.75 -59.54
C SER H 1138 -44.99 -28.07 -58.19
N THR H 1139 -44.42 -26.85 -58.05
CA THR H 1139 -44.49 -26.11 -56.79
C THR H 1139 -45.92 -25.70 -56.45
N LEU H 1140 -46.73 -25.39 -57.47
CA LEU H 1140 -48.10 -24.99 -57.23
C LEU H 1140 -48.95 -26.15 -56.70
N GLU H 1141 -48.78 -27.34 -57.28
CA GLU H 1141 -49.48 -28.53 -56.81
C GLU H 1141 -49.05 -28.91 -55.40
N CYS H 1142 -47.73 -28.86 -55.13
CA CYS H 1142 -47.23 -29.16 -53.78
C CYS H 1142 -47.72 -28.14 -52.75
N LEU H 1143 -47.72 -26.86 -53.14
CA LEU H 1143 -48.17 -25.80 -52.24
C LEU H 1143 -49.66 -25.91 -51.96
N SER H 1144 -50.47 -26.24 -52.97
CA SER H 1144 -51.90 -26.41 -52.77
C SER H 1144 -52.20 -27.57 -51.83
N ARG H 1145 -51.51 -28.71 -52.04
CA ARG H 1145 -51.70 -29.87 -51.16
C ARG H 1145 -51.29 -29.58 -49.73
N SER H 1146 -50.14 -28.93 -49.54
CA SER H 1146 -49.65 -28.65 -48.19
C SER H 1146 -50.52 -27.61 -47.47
N THR H 1147 -50.81 -26.49 -48.13
CA THR H 1147 -51.58 -25.41 -47.51
C THR H 1147 -53.05 -25.75 -47.35
N LEU H 1148 -53.55 -26.78 -48.04
CA LEU H 1148 -54.92 -27.20 -47.76
C LEU H 1148 -55.01 -28.33 -46.75
N LEU H 1149 -54.03 -29.24 -46.72
CA LEU H 1149 -54.00 -30.24 -45.66
C LEU H 1149 -53.75 -29.61 -44.30
N CYS H 1150 -52.97 -28.52 -44.24
CA CYS H 1150 -52.74 -27.82 -42.98
C CYS H 1150 -54.02 -27.21 -42.43
N VAL H 1151 -54.77 -26.48 -43.27
CA VAL H 1151 -55.99 -25.84 -42.79
C VAL H 1151 -57.08 -26.87 -42.51
N SER H 1152 -57.11 -27.97 -43.29
CA SER H 1152 -58.06 -29.05 -43.03
C SER H 1152 -57.77 -29.73 -41.69
N ALA H 1153 -56.49 -29.97 -41.41
CA ALA H 1153 -56.11 -30.61 -40.15
C ALA H 1153 -56.37 -29.71 -38.95
N LEU H 1154 -56.08 -28.41 -39.09
CA LEU H 1154 -56.37 -27.47 -37.99
C LEU H 1154 -57.87 -27.35 -37.75
N THR H 1155 -58.68 -27.35 -38.81
CA THR H 1155 -60.13 -27.34 -38.66
C THR H 1155 -60.63 -28.62 -37.99
N VAL H 1156 -60.05 -29.77 -38.34
CA VAL H 1156 -60.47 -31.05 -37.75
C VAL H 1156 -60.14 -31.10 -36.26
N ILE H 1157 -58.92 -30.68 -35.88
CA ILE H 1157 -58.53 -30.68 -34.47
C ILE H 1157 -59.35 -29.65 -33.69
N SER H 1158 -59.67 -28.51 -34.32
CA SER H 1158 -60.53 -27.53 -33.68
C SER H 1158 -61.96 -28.04 -33.49
N TYR H 1159 -62.44 -28.88 -34.41
CA TYR H 1159 -63.76 -29.49 -34.25
C TYR H 1159 -63.77 -30.50 -33.11
N VAL H 1160 -62.79 -31.40 -33.09
CA VAL H 1160 -62.83 -32.45 -32.07
C VAL H 1160 -62.36 -31.92 -30.71
N THR H 1161 -61.48 -30.91 -30.68
CA THR H 1161 -60.98 -30.32 -29.45
C THR H 1161 -60.96 -28.81 -29.63
N PRO H 1162 -62.01 -28.10 -29.18
CA PRO H 1162 -61.99 -26.62 -29.30
C PRO H 1162 -60.93 -25.94 -28.45
N VAL H 1163 -60.51 -26.57 -27.34
CA VAL H 1163 -59.49 -26.02 -26.45
C VAL H 1163 -58.13 -25.89 -27.13
N PHE H 1164 -57.89 -26.70 -28.17
CA PHE H 1164 -56.69 -26.57 -29.00
C PHE H 1164 -56.57 -25.19 -29.64
N LEU H 1165 -57.71 -24.54 -29.92
CA LEU H 1165 -57.71 -23.17 -30.44
C LEU H 1165 -57.03 -22.22 -29.47
N VAL H 1166 -57.22 -22.44 -28.16
CA VAL H 1166 -56.53 -21.66 -27.13
C VAL H 1166 -55.02 -21.85 -27.25
N ALA H 1167 -54.57 -23.05 -27.55
CA ALA H 1167 -53.16 -23.30 -27.79
C ALA H 1167 -52.76 -23.09 -29.24
N LEU H 1168 -53.72 -22.80 -30.13
CA LEU H 1168 -53.35 -22.49 -31.50
C LEU H 1168 -52.79 -21.08 -31.62
N LEU H 1169 -53.23 -20.17 -30.75
CA LEU H 1169 -52.77 -18.79 -30.77
C LEU H 1169 -51.27 -18.61 -30.45
N PRO H 1170 -50.69 -19.20 -29.38
CA PRO H 1170 -49.26 -18.90 -29.12
C PRO H 1170 -48.31 -19.46 -30.15
N LEU H 1171 -48.58 -20.66 -30.69
CA LEU H 1171 -47.74 -21.24 -31.73
C LEU H 1171 -47.74 -20.38 -32.98
N ALA H 1172 -48.92 -19.88 -33.38
CA ALA H 1172 -49.01 -18.91 -34.47
C ALA H 1172 -48.30 -17.60 -34.14
N VAL H 1173 -48.17 -17.27 -32.84
CA VAL H 1173 -47.29 -16.18 -32.46
C VAL H 1173 -45.84 -16.57 -32.71
N VAL H 1174 -45.45 -17.76 -32.24
CA VAL H 1174 -44.04 -18.19 -32.26
C VAL H 1174 -43.54 -18.33 -33.68
N CYS H 1175 -44.37 -18.97 -34.53
CA CYS H 1175 -44.12 -19.08 -35.98
C CYS H 1175 -43.86 -17.71 -36.59
N TYR H 1176 -44.69 -16.72 -36.22
CA TYR H 1176 -44.56 -15.36 -36.74
C TYR H 1176 -43.19 -14.78 -36.41
N PHE H 1177 -42.75 -14.98 -35.15
CA PHE H 1177 -41.46 -14.46 -34.73
C PHE H 1177 -40.34 -15.15 -35.48
N ILE H 1178 -40.50 -16.44 -35.75
CA ILE H 1178 -39.51 -17.16 -36.54
C ILE H 1178 -39.51 -16.63 -37.97
N GLN H 1179 -40.71 -16.37 -38.53
CA GLN H 1179 -40.76 -15.77 -39.86
C GLN H 1179 -40.34 -14.31 -39.83
N LYS H 1180 -40.31 -13.70 -38.64
CA LYS H 1180 -39.71 -12.38 -38.52
C LYS H 1180 -38.19 -12.46 -38.64
N TYR H 1181 -37.58 -13.48 -38.02
CA TYR H 1181 -36.13 -13.49 -37.91
C TYR H 1181 -35.45 -14.18 -39.10
N PHE H 1182 -36.09 -15.19 -39.68
CA PHE H 1182 -35.49 -15.91 -40.80
C PHE H 1182 -35.52 -15.10 -42.08
N ARG H 1183 -36.66 -14.43 -42.35
CA ARG H 1183 -36.90 -13.82 -43.66
C ARG H 1183 -35.98 -12.63 -43.94
N VAL H 1184 -35.52 -11.95 -42.90
CA VAL H 1184 -34.52 -10.91 -43.09
C VAL H 1184 -33.17 -11.53 -43.45
N ALA H 1185 -32.81 -12.63 -42.78
CA ALA H 1185 -31.52 -13.26 -43.02
C ALA H 1185 -31.46 -13.94 -44.38
N SER H 1186 -32.50 -14.73 -44.71
CA SER H 1186 -32.54 -15.51 -45.93
C SER H 1186 -32.52 -14.62 -47.17
N ARG H 1187 -33.26 -13.50 -47.11
CA ARG H 1187 -33.26 -12.52 -48.20
C ARG H 1187 -31.88 -11.93 -48.43
N ASP H 1188 -31.07 -11.81 -47.39
CA ASP H 1188 -29.66 -11.49 -47.61
C ASP H 1188 -28.93 -12.68 -48.22
N LEU H 1189 -29.12 -13.88 -47.64
CA LEU H 1189 -28.33 -15.04 -48.01
C LEU H 1189 -28.69 -15.55 -49.40
N GLN H 1190 -29.91 -15.30 -49.85
CA GLN H 1190 -30.24 -15.57 -51.25
C GLN H 1190 -29.53 -14.58 -52.17
N GLN H 1191 -29.59 -13.29 -51.84
CA GLN H 1191 -29.01 -12.25 -52.69
C GLN H 1191 -27.50 -12.40 -52.78
N LEU H 1192 -26.86 -12.65 -51.64
CA LEU H 1192 -25.42 -12.94 -51.61
C LEU H 1192 -25.10 -14.24 -52.34
N ASP H 1193 -26.06 -15.18 -52.42
CA ASP H 1193 -25.82 -16.35 -53.24
C ASP H 1193 -25.92 -16.02 -54.72
N ASP H 1194 -26.78 -15.06 -55.09
CA ASP H 1194 -26.91 -14.71 -56.50
C ASP H 1194 -25.75 -13.83 -56.96
N THR H 1195 -25.37 -12.85 -56.15
CA THR H 1195 -24.28 -11.94 -56.50
C THR H 1195 -22.91 -12.60 -56.47
N THR H 1196 -22.79 -13.79 -55.87
CA THR H 1196 -21.57 -14.59 -55.99
C THR H 1196 -21.62 -15.56 -57.17
N GLN H 1197 -22.80 -15.78 -57.76
CA GLN H 1197 -22.89 -16.68 -58.91
C GLN H 1197 -22.54 -15.96 -60.21
N LEU H 1198 -22.78 -14.65 -60.27
CA LEU H 1198 -22.44 -13.87 -61.46
C LEU H 1198 -20.94 -13.80 -61.77
N PRO H 1199 -20.01 -13.52 -60.83
CA PRO H 1199 -18.59 -13.54 -61.23
C PRO H 1199 -18.04 -14.94 -61.45
N LEU H 1200 -18.73 -15.99 -61.01
CA LEU H 1200 -18.30 -17.34 -61.33
C LEU H 1200 -18.60 -17.68 -62.79
N LEU H 1201 -19.88 -17.58 -63.17
CA LEU H 1201 -20.33 -17.96 -64.52
C LEU H 1201 -19.68 -17.10 -65.59
N SER H 1202 -19.59 -15.78 -65.34
CA SER H 1202 -18.90 -14.89 -66.27
C SER H 1202 -17.41 -15.23 -66.38
N HIS H 1203 -16.82 -15.76 -65.31
CA HIS H 1203 -15.43 -16.21 -65.38
C HIS H 1203 -15.26 -17.38 -66.32
N PHE H 1204 -16.31 -18.18 -66.51
CA PHE H 1204 -16.27 -19.18 -67.58
C PHE H 1204 -16.38 -18.51 -68.94
N ALA H 1205 -17.26 -17.50 -69.05
CA ALA H 1205 -17.59 -16.91 -70.34
C ALA H 1205 -16.39 -16.18 -70.95
N GLU H 1206 -15.61 -15.48 -70.12
CA GLU H 1206 -14.39 -14.87 -70.59
C GLU H 1206 -13.25 -15.86 -70.75
N THR H 1207 -13.32 -17.03 -70.10
CA THR H 1207 -12.24 -18.00 -70.25
C THR H 1207 -12.33 -18.72 -71.60
N VAL H 1208 -13.54 -19.08 -72.02
CA VAL H 1208 -13.70 -19.84 -73.26
C VAL H 1208 -13.39 -18.96 -74.48
N GLU H 1209 -13.89 -17.72 -74.50
CA GLU H 1209 -13.64 -16.84 -75.62
C GLU H 1209 -12.22 -16.27 -75.63
N GLY H 1210 -11.55 -16.22 -74.47
CA GLY H 1210 -10.21 -15.70 -74.40
C GLY H 1210 -9.18 -16.76 -74.09
N LEU H 1211 -9.49 -18.01 -74.46
CA LEU H 1211 -8.66 -19.16 -74.12
C LEU H 1211 -7.29 -19.09 -74.79
N THR H 1212 -7.27 -18.66 -76.05
CA THR H 1212 -6.01 -18.47 -76.77
C THR H 1212 -5.16 -17.38 -76.11
N THR H 1213 -5.80 -16.29 -75.68
CA THR H 1213 -5.07 -15.21 -75.03
C THR H 1213 -4.54 -15.62 -73.66
N ILE H 1214 -5.34 -16.33 -72.87
CA ILE H 1214 -4.90 -16.76 -71.54
C ILE H 1214 -3.77 -17.78 -71.65
N ARG H 1215 -3.88 -18.73 -72.59
CA ARG H 1215 -2.81 -19.71 -72.77
C ARG H 1215 -1.60 -19.15 -73.48
N ALA H 1216 -1.73 -18.02 -74.17
CA ALA H 1216 -0.58 -17.38 -74.79
C ALA H 1216 0.27 -16.62 -73.77
N PHE H 1217 -0.36 -16.04 -72.74
CA PHE H 1217 0.36 -15.36 -71.67
C PHE H 1217 0.88 -16.33 -70.61
N ARG H 1218 0.61 -17.64 -70.77
CA ARG H 1218 0.87 -18.68 -69.76
C ARG H 1218 0.21 -18.34 -68.43
N TYR H 1219 -1.03 -17.85 -68.49
CA TYR H 1219 -1.81 -17.46 -67.33
C TYR H 1219 -2.86 -18.50 -66.95
N GLU H 1220 -2.57 -19.78 -67.18
CA GLU H 1220 -3.53 -20.83 -66.87
C GLU H 1220 -3.68 -21.01 -65.36
N ALA H 1221 -2.55 -21.01 -64.63
CA ALA H 1221 -2.59 -21.24 -63.18
C ALA H 1221 -3.25 -20.07 -62.45
N ARG H 1222 -3.01 -18.84 -62.89
CA ARG H 1222 -3.62 -17.67 -62.26
C ARG H 1222 -5.14 -17.66 -62.43
N PHE H 1223 -5.61 -18.02 -63.63
CA PHE H 1223 -7.05 -18.05 -63.87
C PHE H 1223 -7.71 -19.25 -63.18
N GLN H 1224 -6.98 -20.37 -63.04
CA GLN H 1224 -7.52 -21.47 -62.23
C GLN H 1224 -7.62 -21.10 -60.76
N GLN H 1225 -6.65 -20.31 -60.26
CA GLN H 1225 -6.74 -19.80 -58.90
C GLN H 1225 -7.92 -18.83 -58.72
N LYS H 1226 -8.16 -18.00 -59.74
CA LYS H 1226 -9.34 -17.13 -59.73
C LYS H 1226 -10.63 -17.93 -59.70
N LEU H 1227 -10.68 -19.04 -60.44
CA LEU H 1227 -11.83 -19.94 -60.39
C LEU H 1227 -12.00 -20.54 -58.98
N LEU H 1228 -10.89 -20.93 -58.35
CA LEU H 1228 -10.96 -21.48 -56.99
C LEU H 1228 -11.53 -20.46 -56.00
N GLU H 1229 -11.12 -19.19 -56.14
CA GLU H 1229 -11.67 -18.12 -55.30
C GLU H 1229 -13.17 -17.93 -55.53
N TYR H 1230 -13.59 -17.86 -56.80
CA TYR H 1230 -15.00 -17.65 -57.13
C TYR H 1230 -15.88 -18.83 -56.68
N THR H 1231 -15.39 -20.05 -56.89
CA THR H 1231 -16.12 -21.25 -56.50
C THR H 1231 -16.24 -21.35 -54.98
N ASP H 1232 -15.18 -20.98 -54.25
CA ASP H 1232 -15.26 -20.99 -52.79
C ASP H 1232 -16.25 -19.97 -52.26
N SER H 1233 -16.29 -18.77 -52.87
CA SER H 1233 -17.25 -17.75 -52.46
C SER H 1233 -18.69 -18.20 -52.70
N ASN H 1234 -18.97 -18.74 -53.89
CA ASN H 1234 -20.32 -19.21 -54.22
C ASN H 1234 -20.74 -20.39 -53.35
N ASN H 1235 -19.80 -21.31 -53.08
CA ASN H 1235 -20.10 -22.49 -52.27
C ASN H 1235 -20.39 -22.13 -50.83
N ILE H 1236 -19.66 -21.18 -50.26
CA ILE H 1236 -19.96 -20.85 -48.86
C ILE H 1236 -21.22 -19.98 -48.74
N ALA H 1237 -21.54 -19.18 -49.76
CA ALA H 1237 -22.83 -18.49 -49.77
C ALA H 1237 -24.00 -19.48 -49.83
N SER H 1238 -23.87 -20.50 -50.68
CA SER H 1238 -24.89 -21.54 -50.75
C SER H 1238 -24.98 -22.37 -49.47
N LEU H 1239 -23.83 -22.60 -48.81
CA LEU H 1239 -23.82 -23.34 -47.56
C LEU H 1239 -24.52 -22.58 -46.43
N PHE H 1240 -24.30 -21.26 -46.35
CA PHE H 1240 -24.99 -20.48 -45.33
C PHE H 1240 -26.49 -20.38 -45.61
N LEU H 1241 -26.87 -20.30 -46.89
CA LEU H 1241 -28.29 -20.36 -47.26
C LEU H 1241 -28.92 -21.69 -46.86
N THR H 1242 -28.19 -22.79 -47.09
CA THR H 1242 -28.65 -24.13 -46.72
C THR H 1242 -28.83 -24.26 -45.21
N ALA H 1243 -27.85 -23.79 -44.44
CA ALA H 1243 -27.92 -23.92 -42.99
C ALA H 1243 -28.99 -23.03 -42.38
N ALA H 1244 -29.24 -21.85 -42.98
CA ALA H 1244 -30.37 -21.03 -42.54
C ALA H 1244 -31.69 -21.72 -42.82
N ASN H 1245 -31.81 -22.38 -43.98
CA ASN H 1245 -33.01 -23.15 -44.28
C ASN H 1245 -33.21 -24.29 -43.29
N ARG H 1246 -32.11 -24.97 -42.91
CA ARG H 1246 -32.21 -26.06 -41.94
C ARG H 1246 -32.57 -25.55 -40.55
N TRP H 1247 -32.08 -24.36 -40.18
CA TRP H 1247 -32.47 -23.69 -38.95
C TRP H 1247 -33.98 -23.45 -38.90
N LEU H 1248 -34.52 -22.86 -39.97
CA LEU H 1248 -35.96 -22.61 -40.05
C LEU H 1248 -36.78 -23.89 -40.01
N GLU H 1249 -36.33 -24.93 -40.74
CA GLU H 1249 -37.08 -26.18 -40.80
C GLU H 1249 -37.05 -26.93 -39.47
N VAL H 1250 -35.94 -26.86 -38.74
CA VAL H 1250 -35.87 -27.45 -37.40
C VAL H 1250 -36.86 -26.77 -36.46
N ARG H 1251 -36.92 -25.42 -36.51
CA ARG H 1251 -37.88 -24.70 -35.67
C ARG H 1251 -39.33 -25.04 -36.01
N MET H 1252 -39.66 -25.09 -37.31
CA MET H 1252 -41.03 -25.36 -37.72
C MET H 1252 -41.45 -26.80 -37.43
N GLU H 1253 -40.53 -27.76 -37.60
CA GLU H 1253 -40.85 -29.15 -37.30
C GLU H 1253 -40.98 -29.39 -35.81
N TYR H 1254 -40.22 -28.67 -34.98
CA TYR H 1254 -40.43 -28.78 -33.54
C TYR H 1254 -41.76 -28.17 -33.12
N ILE H 1255 -42.20 -27.11 -33.80
CA ILE H 1255 -43.54 -26.56 -33.57
C ILE H 1255 -44.62 -27.58 -33.95
N GLY H 1256 -44.40 -28.31 -35.06
CA GLY H 1256 -45.35 -29.35 -35.44
C GLY H 1256 -45.43 -30.51 -34.44
N ALA H 1257 -44.27 -30.89 -33.88
CA ALA H 1257 -44.27 -31.89 -32.81
C ALA H 1257 -45.00 -31.39 -31.58
N CYS H 1258 -44.87 -30.09 -31.27
CA CYS H 1258 -45.63 -29.48 -30.18
C CYS H 1258 -47.13 -29.50 -30.46
N VAL H 1259 -47.52 -29.31 -31.73
CA VAL H 1259 -48.93 -29.39 -32.13
C VAL H 1259 -49.47 -30.79 -31.85
N VAL H 1260 -48.70 -31.82 -32.21
CA VAL H 1260 -49.10 -33.21 -31.95
C VAL H 1260 -49.25 -33.47 -30.46
N LEU H 1261 -48.29 -32.98 -29.66
CA LEU H 1261 -48.33 -33.21 -28.21
C LEU H 1261 -49.52 -32.52 -27.56
N ILE H 1262 -49.80 -31.27 -27.96
CA ILE H 1262 -50.91 -30.51 -27.39
C ILE H 1262 -52.26 -31.13 -27.77
N ALA H 1263 -52.42 -31.49 -29.06
CA ALA H 1263 -53.67 -32.10 -29.51
C ALA H 1263 -53.89 -33.46 -28.87
N ALA H 1264 -52.82 -34.25 -28.70
CA ALA H 1264 -52.92 -35.54 -28.03
C ALA H 1264 -53.32 -35.38 -26.57
N ALA H 1265 -52.73 -34.40 -25.87
CA ALA H 1265 -53.06 -34.16 -24.47
C ALA H 1265 -54.51 -33.75 -24.30
N THR H 1266 -54.98 -32.83 -25.16
CA THR H 1266 -56.37 -32.36 -25.07
C THR H 1266 -57.36 -33.48 -25.41
N SER H 1267 -57.09 -34.26 -26.45
CA SER H 1267 -58.02 -35.32 -26.86
C SER H 1267 -58.06 -36.45 -25.85
N ILE H 1268 -56.90 -36.84 -25.30
CA ILE H 1268 -56.85 -37.91 -24.31
C ILE H 1268 -57.52 -37.48 -23.01
N SER H 1269 -57.29 -36.23 -22.58
CA SER H 1269 -57.95 -35.71 -21.38
C SER H 1269 -59.45 -35.62 -21.57
N ASN H 1270 -59.90 -35.26 -22.77
CA ASN H 1270 -61.33 -35.26 -23.08
C ASN H 1270 -61.90 -36.67 -22.99
N SER H 1271 -61.30 -37.63 -23.69
CA SER H 1271 -61.83 -39.00 -23.74
C SER H 1271 -61.78 -39.70 -22.38
N LEU H 1272 -60.90 -39.26 -21.48
CA LEU H 1272 -60.99 -39.71 -20.10
C LEU H 1272 -61.96 -38.90 -19.25
N HIS H 1273 -62.38 -37.72 -19.70
CA HIS H 1273 -63.31 -36.90 -18.91
C HIS H 1273 -64.65 -36.68 -19.60
N ARG H 1274 -64.66 -36.20 -20.84
CA ARG H 1274 -65.89 -35.90 -21.58
C ARG H 1274 -65.89 -36.69 -22.89
N GLU H 1275 -66.84 -37.62 -23.03
CA GLU H 1275 -66.74 -38.72 -23.99
C GLU H 1275 -66.74 -38.23 -25.44
N LEU H 1276 -65.75 -38.70 -26.20
CA LEU H 1276 -65.58 -38.35 -27.61
C LEU H 1276 -65.82 -39.56 -28.51
N SER H 1277 -66.47 -40.61 -27.98
CA SER H 1277 -66.82 -41.87 -28.64
C SER H 1277 -65.60 -42.69 -29.09
N ALA H 1278 -64.39 -42.29 -28.69
CA ALA H 1278 -63.10 -42.94 -29.00
C ALA H 1278 -62.83 -43.08 -30.49
N GLY H 1279 -63.52 -42.31 -31.34
CA GLY H 1279 -63.29 -42.36 -32.78
C GLY H 1279 -62.85 -41.03 -33.33
N LEU H 1280 -63.33 -39.94 -32.71
CA LEU H 1280 -62.88 -38.60 -33.07
C LEU H 1280 -61.46 -38.34 -32.58
N VAL H 1281 -61.02 -39.08 -31.56
CA VAL H 1281 -59.64 -38.99 -31.08
C VAL H 1281 -58.67 -39.46 -32.16
N GLY H 1282 -58.98 -40.58 -32.81
CA GLY H 1282 -58.16 -41.06 -33.91
C GLY H 1282 -58.13 -40.10 -35.08
N LEU H 1283 -59.27 -39.45 -35.35
CA LEU H 1283 -59.36 -38.42 -36.38
C LEU H 1283 -58.43 -37.24 -36.07
N GLY H 1284 -58.49 -36.76 -34.82
CA GLY H 1284 -57.65 -35.64 -34.42
C GLY H 1284 -56.16 -35.96 -34.41
N LEU H 1285 -55.81 -37.15 -33.94
CA LEU H 1285 -54.40 -37.57 -33.94
C LEU H 1285 -53.86 -37.79 -35.35
N THR H 1286 -54.68 -38.39 -36.22
CA THR H 1286 -54.27 -38.65 -37.60
C THR H 1286 -54.10 -37.35 -38.38
N TYR H 1287 -54.87 -36.30 -38.06
CA TYR H 1287 -54.61 -35.02 -38.69
C TYR H 1287 -53.52 -34.21 -37.98
N ALA H 1288 -53.27 -34.45 -36.69
CA ALA H 1288 -52.19 -33.77 -35.99
C ALA H 1288 -50.82 -34.22 -36.51
N LEU H 1289 -50.69 -35.51 -36.83
CA LEU H 1289 -49.48 -35.99 -37.49
C LEU H 1289 -49.28 -35.32 -38.86
N MET H 1290 -50.38 -35.00 -39.54
CA MET H 1290 -50.26 -34.25 -40.80
C MET H 1290 -49.85 -32.81 -40.57
N VAL H 1291 -50.24 -32.20 -39.43
CA VAL H 1291 -49.68 -30.89 -39.10
C VAL H 1291 -48.18 -30.98 -38.92
N SER H 1292 -47.72 -32.01 -38.21
CA SER H 1292 -46.29 -32.20 -37.97
C SER H 1292 -45.52 -32.49 -39.26
N ASN H 1293 -46.15 -33.15 -40.23
CA ASN H 1293 -45.48 -33.43 -41.49
C ASN H 1293 -45.59 -32.28 -42.50
N TYR H 1294 -46.65 -31.48 -42.44
CA TYR H 1294 -46.99 -30.57 -43.52
C TYR H 1294 -46.85 -29.10 -43.20
N LEU H 1295 -46.67 -28.71 -41.92
CA LEU H 1295 -46.39 -27.31 -41.61
C LEU H 1295 -45.05 -26.88 -42.21
N ASN H 1296 -44.04 -27.73 -42.07
CA ASN H 1296 -42.73 -27.46 -42.66
C ASN H 1296 -42.80 -27.45 -44.19
N TRP H 1297 -43.58 -28.38 -44.77
CA TRP H 1297 -43.70 -28.44 -46.22
C TRP H 1297 -44.45 -27.22 -46.77
N MET H 1298 -45.44 -26.72 -46.02
CA MET H 1298 -46.17 -25.52 -46.43
C MET H 1298 -45.27 -24.29 -46.39
N VAL H 1299 -44.46 -24.15 -45.33
CA VAL H 1299 -43.55 -23.00 -45.24
C VAL H 1299 -42.46 -23.08 -46.33
N ARG H 1300 -41.94 -24.29 -46.56
CA ARG H 1300 -40.95 -24.50 -47.62
C ARG H 1300 -41.51 -24.18 -49.00
N ASN H 1301 -42.74 -24.62 -49.27
CA ASN H 1301 -43.36 -24.33 -50.56
C ASN H 1301 -43.72 -22.85 -50.71
N LEU H 1302 -44.03 -22.17 -49.61
CA LEU H 1302 -44.27 -20.73 -49.67
C LEU H 1302 -42.99 -19.97 -50.03
N ALA H 1303 -41.86 -20.33 -49.42
CA ALA H 1303 -40.58 -19.70 -49.77
C ALA H 1303 -40.19 -20.01 -51.21
N ASP H 1304 -40.40 -21.27 -51.64
CA ASP H 1304 -40.13 -21.65 -53.02
C ASP H 1304 -41.00 -20.87 -53.99
N MET H 1305 -42.29 -20.71 -53.67
CA MET H 1305 -43.22 -19.95 -54.52
C MET H 1305 -42.84 -18.48 -54.60
N GLU H 1306 -42.30 -17.91 -53.51
CA GLU H 1306 -41.77 -16.56 -53.56
C GLU H 1306 -40.60 -16.44 -54.53
N ILE H 1307 -39.70 -17.44 -54.54
CA ILE H 1307 -38.57 -17.41 -55.49
C ILE H 1307 -39.06 -17.57 -56.94
N GLN H 1308 -40.04 -18.46 -57.15
CA GLN H 1308 -40.61 -18.65 -58.49
C GLN H 1308 -41.31 -17.39 -58.97
N LEU H 1309 -42.03 -16.70 -58.08
CA LEU H 1309 -42.64 -15.43 -58.42
C LEU H 1309 -41.60 -14.35 -58.67
N GLY H 1310 -40.43 -14.45 -58.06
CA GLY H 1310 -39.32 -13.57 -58.42
C GLY H 1310 -38.88 -13.78 -59.86
N ALA H 1311 -38.84 -15.05 -60.31
CA ALA H 1311 -38.53 -15.32 -61.72
C ALA H 1311 -39.59 -14.75 -62.65
N VAL H 1312 -40.87 -14.91 -62.30
CA VAL H 1312 -41.96 -14.35 -63.09
C VAL H 1312 -41.90 -12.82 -63.09
N LYS H 1313 -41.48 -12.23 -61.96
CA LYS H 1313 -41.32 -10.79 -61.82
C LYS H 1313 -40.22 -10.26 -62.73
N ARG H 1314 -39.11 -11.00 -62.84
CA ARG H 1314 -38.04 -10.60 -63.76
C ARG H 1314 -38.50 -10.67 -65.22
N ILE H 1315 -39.27 -11.71 -65.56
CA ILE H 1315 -39.78 -11.82 -66.94
C ILE H 1315 -40.77 -10.70 -67.24
N HIS H 1316 -41.62 -10.33 -66.27
CA HIS H 1316 -42.55 -9.23 -66.49
C HIS H 1316 -41.84 -7.87 -66.54
N ALA H 1317 -40.75 -7.72 -65.78
CA ALA H 1317 -39.97 -6.49 -65.85
C ALA H 1317 -39.29 -6.33 -67.21
N LEU H 1318 -38.82 -7.44 -67.79
CA LEU H 1318 -38.35 -7.38 -69.17
C LEU H 1318 -39.49 -7.26 -70.17
N LEU H 1319 -40.71 -7.61 -69.78
CA LEU H 1319 -41.86 -7.56 -70.68
C LEU H 1319 -42.41 -6.15 -70.88
N LYS H 1320 -42.09 -5.22 -69.98
CA LYS H 1320 -42.61 -3.85 -70.05
C LYS H 1320 -41.65 -2.90 -70.75
N THR H 1321 -40.60 -3.42 -71.40
CA THR H 1321 -39.68 -2.56 -72.12
C THR H 1321 -40.33 -1.97 -73.35
N GLU H 1322 -39.96 -0.73 -73.67
CA GLU H 1322 -40.58 0.00 -74.78
C GLU H 1322 -40.17 -0.61 -76.12
N ALA H 1323 -41.05 -0.45 -77.10
CA ALA H 1323 -40.86 -0.96 -78.44
C ALA H 1323 -40.75 0.18 -79.43
N GLU H 1324 -40.05 -0.08 -80.54
CA GLU H 1324 -39.97 0.89 -81.62
C GLU H 1324 -41.32 1.02 -82.32
N SER H 1325 -41.57 2.17 -82.93
CA SER H 1325 -42.83 2.45 -83.61
C SER H 1325 -42.73 1.91 -85.03
N TYR H 1326 -43.21 0.69 -85.23
CA TYR H 1326 -43.20 0.03 -86.53
C TYR H 1326 -44.39 0.39 -87.40
N GLU H 1327 -45.32 1.20 -86.89
CA GLU H 1327 -46.55 1.46 -87.62
C GLU H 1327 -46.32 2.38 -88.83
N GLY H 1328 -45.70 3.53 -88.60
CA GLY H 1328 -45.48 4.48 -89.68
C GLY H 1328 -46.69 5.33 -89.98
N LEU H 1329 -46.47 6.63 -90.15
CA LEU H 1329 -47.60 7.55 -90.38
C LEU H 1329 -48.12 7.48 -91.81
N LEU H 1330 -47.25 7.21 -92.79
CA LEU H 1330 -47.68 7.16 -94.18
C LEU H 1330 -48.48 5.89 -94.45
N ALA H 1331 -49.46 6.02 -95.33
CA ALA H 1331 -50.30 4.90 -95.71
C ALA H 1331 -49.49 3.89 -96.54
N PRO H 1332 -49.78 2.59 -96.40
CA PRO H 1332 -49.06 1.59 -97.22
C PRO H 1332 -49.39 1.68 -98.70
N SER H 1333 -50.56 2.20 -99.06
CA SER H 1333 -50.88 2.40 -100.48
C SER H 1333 -50.10 3.56 -101.08
N LEU H 1334 -49.73 4.55 -100.26
CA LEU H 1334 -48.93 5.67 -100.75
C LEU H 1334 -47.50 5.24 -101.04
N ILE H 1335 -47.02 4.21 -100.37
CA ILE H 1335 -45.69 3.66 -100.68
C ILE H 1335 -45.77 2.86 -101.98
N PRO H 1336 -44.94 3.15 -102.99
CA PRO H 1336 -44.93 2.33 -104.20
C PRO H 1336 -44.32 0.97 -103.95
N LYS H 1337 -44.40 0.11 -104.98
CA LYS H 1337 -43.85 -1.24 -104.89
C LYS H 1337 -42.33 -1.21 -104.80
N ASN H 1338 -41.69 -0.27 -105.50
CA ASN H 1338 -40.28 0.01 -105.34
C ASN H 1338 -40.14 1.49 -105.03
N TRP H 1339 -40.31 1.83 -103.74
CA TRP H 1339 -40.19 3.21 -103.29
C TRP H 1339 -38.76 3.76 -103.36
N PRO H 1340 -37.67 2.93 -103.32
CA PRO H 1340 -36.42 3.49 -103.92
C PRO H 1340 -36.38 3.19 -105.42
N ASP H 1341 -37.11 4.02 -106.16
CA ASP H 1341 -37.24 3.81 -107.60
C ASP H 1341 -35.93 4.09 -108.35
N GLN H 1342 -35.18 5.10 -107.94
CA GLN H 1342 -33.89 5.43 -108.52
C GLN H 1342 -32.77 5.62 -107.51
N GLY H 1343 -33.07 5.95 -106.24
CA GLY H 1343 -32.03 6.09 -105.23
C GLY H 1343 -31.63 7.51 -104.86
N LYS H 1344 -32.49 8.50 -105.12
CA LYS H 1344 -32.20 9.87 -104.72
C LYS H 1344 -32.32 10.02 -103.21
N ILE H 1345 -31.34 10.71 -102.62
CA ILE H 1345 -31.32 10.93 -101.19
C ILE H 1345 -31.18 12.44 -100.94
N GLN H 1346 -32.15 13.02 -100.23
CA GLN H 1346 -32.05 14.39 -99.75
C GLN H 1346 -31.94 14.35 -98.24
N ILE H 1347 -31.01 15.13 -97.68
CA ILE H 1347 -30.83 15.25 -96.25
C ILE H 1347 -30.94 16.72 -95.91
N GLN H 1348 -31.97 17.07 -95.13
CA GLN H 1348 -32.32 18.47 -94.88
C GLN H 1348 -32.23 18.73 -93.38
N ASN H 1349 -31.17 19.45 -92.98
CA ASN H 1349 -30.95 19.95 -91.61
C ASN H 1349 -30.93 18.81 -90.59
N LEU H 1350 -30.38 17.67 -90.98
CA LEU H 1350 -30.42 16.48 -90.13
C LEU H 1350 -29.46 16.63 -88.95
N SER H 1351 -29.98 16.40 -87.75
CA SER H 1351 -29.16 16.31 -86.56
C SER H 1351 -29.65 15.12 -85.76
N VAL H 1352 -28.77 14.15 -85.52
CA VAL H 1352 -29.15 12.91 -84.88
C VAL H 1352 -28.44 12.78 -83.55
N ARG H 1353 -29.06 12.03 -82.64
CA ARG H 1353 -28.47 11.64 -81.37
C ARG H 1353 -28.89 10.21 -81.09
N TYR H 1354 -28.40 9.65 -79.98
CA TYR H 1354 -28.73 8.28 -79.64
C TYR H 1354 -29.78 8.17 -78.55
N ASP H 1355 -29.96 9.21 -77.74
CA ASP H 1355 -30.95 9.21 -76.66
C ASP H 1355 -31.29 10.64 -76.32
N SER H 1356 -32.40 10.83 -75.62
CA SER H 1356 -32.73 12.14 -75.08
C SER H 1356 -31.72 12.53 -74.00
N SER H 1357 -31.51 13.85 -73.88
CA SER H 1357 -30.49 14.46 -73.01
C SER H 1357 -29.09 13.91 -73.28
N LEU H 1358 -28.78 13.74 -74.56
CA LEU H 1358 -27.46 13.29 -75.01
C LEU H 1358 -26.98 14.23 -76.11
N LYS H 1359 -25.65 14.30 -76.26
CA LYS H 1359 -25.05 15.20 -77.24
C LYS H 1359 -25.36 14.73 -78.65
N PRO H 1360 -25.78 15.62 -79.56
CA PRO H 1360 -26.04 15.22 -80.94
C PRO H 1360 -24.75 14.87 -81.67
N VAL H 1361 -24.67 13.62 -82.14
CA VAL H 1361 -23.46 13.15 -82.81
C VAL H 1361 -23.33 13.69 -84.23
N LEU H 1362 -24.43 14.15 -84.82
CA LEU H 1362 -24.41 14.90 -86.07
C LEU H 1362 -25.11 16.23 -85.84
N LYS H 1363 -24.52 17.30 -86.38
CA LYS H 1363 -25.01 18.66 -86.15
C LYS H 1363 -25.26 19.33 -87.49
N HIS H 1364 -26.54 19.53 -87.82
CA HIS H 1364 -27.02 20.30 -88.99
C HIS H 1364 -26.48 19.73 -90.30
N VAL H 1365 -26.61 18.43 -90.47
CA VAL H 1365 -26.15 17.75 -91.68
C VAL H 1365 -27.14 18.05 -92.81
N ASN H 1366 -26.63 18.54 -93.93
CA ASN H 1366 -27.46 18.93 -95.07
C ASN H 1366 -26.71 18.56 -96.35
N ALA H 1367 -27.29 17.66 -97.14
CA ALA H 1367 -26.63 17.19 -98.35
C ALA H 1367 -27.66 16.70 -99.36
N LEU H 1368 -27.22 16.58 -100.61
CA LEU H 1368 -28.03 15.99 -101.66
C LEU H 1368 -27.21 14.94 -102.40
N ILE H 1369 -27.85 13.81 -102.69
CA ILE H 1369 -27.26 12.69 -103.39
C ILE H 1369 -28.17 12.39 -104.58
N SER H 1370 -27.70 12.70 -105.78
CA SER H 1370 -28.40 12.34 -106.99
C SER H 1370 -28.40 10.82 -107.16
N PRO H 1371 -29.43 10.24 -107.77
CA PRO H 1371 -29.45 8.79 -107.99
C PRO H 1371 -28.34 8.32 -108.91
N GLY H 1372 -27.74 7.18 -108.56
CA GLY H 1372 -26.60 6.65 -109.29
C GLY H 1372 -25.26 7.22 -108.90
N GLN H 1373 -25.22 8.19 -107.97
CA GLN H 1373 -23.96 8.80 -107.55
C GLN H 1373 -23.30 7.97 -106.45
N LYS H 1374 -21.98 8.03 -106.44
CA LYS H 1374 -21.18 7.35 -105.42
C LYS H 1374 -20.62 8.39 -104.46
N ILE H 1375 -20.92 8.20 -103.18
CA ILE H 1375 -20.58 9.16 -102.13
C ILE H 1375 -19.59 8.48 -101.19
N GLY H 1376 -18.37 9.02 -101.13
CA GLY H 1376 -17.36 8.52 -100.23
C GLY H 1376 -17.26 9.41 -99.00
N ILE H 1377 -17.37 8.79 -97.83
CA ILE H 1377 -17.44 9.51 -96.56
C ILE H 1377 -16.15 9.26 -95.80
N CYS H 1378 -15.46 10.33 -95.41
CA CYS H 1378 -14.20 10.21 -94.71
C CYS H 1378 -14.14 11.16 -93.51
N GLY H 1379 -13.36 10.77 -92.52
CA GLY H 1379 -13.17 11.54 -91.31
C GLY H 1379 -12.45 10.70 -90.27
N ARG H 1380 -12.10 11.36 -89.18
CA ARG H 1380 -11.45 10.67 -88.07
C ARG H 1380 -12.46 9.84 -87.28
N THR H 1381 -11.94 8.94 -86.45
CA THR H 1381 -12.80 8.08 -85.65
C THR H 1381 -13.48 8.90 -84.56
N GLY H 1382 -14.80 8.79 -84.46
CA GLY H 1382 -15.59 9.59 -83.56
C GLY H 1382 -16.25 10.80 -84.18
N SER H 1383 -16.26 10.90 -85.50
CA SER H 1383 -16.81 12.06 -86.20
C SER H 1383 -18.25 11.85 -86.64
N GLY H 1384 -18.90 10.78 -86.17
CA GLY H 1384 -20.31 10.58 -86.45
C GLY H 1384 -20.63 10.07 -87.84
N LYS H 1385 -19.71 9.35 -88.49
CA LYS H 1385 -19.95 8.89 -89.84
C LYS H 1385 -20.55 7.49 -89.90
N SER H 1386 -20.56 6.74 -88.80
CA SER H 1386 -21.36 5.52 -88.70
C SER H 1386 -22.79 5.80 -88.26
N SER H 1387 -22.98 6.83 -87.43
CA SER H 1387 -24.32 7.29 -87.11
C SER H 1387 -25.02 7.89 -88.32
N PHE H 1388 -24.22 8.45 -89.25
CA PHE H 1388 -24.76 8.87 -90.54
C PHE H 1388 -25.34 7.69 -91.31
N SER H 1389 -24.64 6.56 -91.32
CA SER H 1389 -25.15 5.35 -91.98
C SER H 1389 -26.37 4.81 -91.26
N LEU H 1390 -26.38 4.86 -89.92
CA LEU H 1390 -27.53 4.39 -89.16
C LEU H 1390 -28.73 5.32 -89.25
N ALA H 1391 -28.52 6.58 -89.68
CA ALA H 1391 -29.63 7.52 -89.80
C ALA H 1391 -30.62 7.13 -90.90
N PHE H 1392 -30.14 6.45 -91.95
CA PHE H 1392 -31.03 6.04 -93.03
C PHE H 1392 -31.95 4.90 -92.63
N PHE H 1393 -31.59 4.14 -91.60
CA PHE H 1393 -32.40 3.02 -91.14
C PHE H 1393 -33.20 3.35 -89.88
N ARG H 1394 -33.17 4.62 -89.45
CA ARG H 1394 -33.82 5.12 -88.23
C ARG H 1394 -33.38 4.35 -86.98
N MET H 1395 -32.08 4.05 -86.91
CA MET H 1395 -31.48 3.42 -85.74
C MET H 1395 -30.98 4.45 -84.74
N VAL H 1396 -31.09 5.74 -85.07
CA VAL H 1396 -30.68 6.83 -84.19
C VAL H 1396 -31.86 7.78 -84.04
N ASP H 1397 -31.82 8.60 -83.00
CA ASP H 1397 -32.90 9.53 -82.70
C ASP H 1397 -32.71 10.77 -83.56
N MET H 1398 -33.47 10.86 -84.65
CA MET H 1398 -33.48 12.05 -85.51
C MET H 1398 -34.42 13.07 -84.88
N PHE H 1399 -33.88 13.81 -83.90
CA PHE H 1399 -34.70 14.78 -83.18
C PHE H 1399 -35.03 16.02 -84.01
N GLU H 1400 -34.23 16.32 -85.03
CA GLU H 1400 -34.57 17.34 -86.01
C GLU H 1400 -33.93 17.00 -87.35
N GLY H 1401 -34.56 17.46 -88.41
CA GLY H 1401 -34.10 17.21 -89.76
C GLY H 1401 -34.84 16.06 -90.41
N ARG H 1402 -34.74 15.99 -91.74
CA ARG H 1402 -35.44 14.99 -92.52
C ARG H 1402 -34.48 14.30 -93.49
N ILE H 1403 -34.77 13.03 -93.77
CA ILE H 1403 -34.09 12.26 -94.79
C ILE H 1403 -35.17 11.84 -95.79
N ILE H 1404 -35.26 12.56 -96.89
CA ILE H 1404 -36.26 12.31 -97.92
C ILE H 1404 -35.63 11.46 -99.01
N ILE H 1405 -36.13 10.25 -99.21
CA ILE H 1405 -35.62 9.36 -100.24
C ILE H 1405 -36.71 9.17 -101.28
N ASP H 1406 -36.42 9.64 -102.52
CA ASP H 1406 -37.33 9.58 -103.67
C ASP H 1406 -38.68 10.24 -103.38
N GLY H 1407 -38.64 11.40 -102.74
CA GLY H 1407 -39.84 12.17 -102.46
C GLY H 1407 -40.60 11.74 -101.22
N ILE H 1408 -40.11 10.75 -100.47
CA ILE H 1408 -40.80 10.21 -99.31
C ILE H 1408 -39.89 10.38 -98.10
N ASP H 1409 -40.42 11.04 -97.07
CA ASP H 1409 -39.72 11.10 -95.79
C ASP H 1409 -39.73 9.74 -95.12
N ILE H 1410 -38.55 9.30 -94.67
CA ILE H 1410 -38.44 7.95 -94.11
C ILE H 1410 -39.00 7.85 -92.69
N ALA H 1411 -39.22 8.99 -92.01
CA ALA H 1411 -39.86 8.96 -90.71
C ALA H 1411 -41.34 8.61 -90.80
N LYS H 1412 -41.97 8.83 -91.95
CA LYS H 1412 -43.36 8.46 -92.17
C LYS H 1412 -43.56 6.98 -92.46
N LEU H 1413 -42.48 6.24 -92.74
CA LEU H 1413 -42.58 4.87 -93.22
C LEU H 1413 -42.46 3.87 -92.06
N PRO H 1414 -43.02 2.68 -92.23
CA PRO H 1414 -42.75 1.59 -91.28
C PRO H 1414 -41.29 1.18 -91.31
N LEU H 1415 -40.83 0.66 -90.16
CA LEU H 1415 -39.41 0.32 -90.04
C LEU H 1415 -39.03 -0.90 -90.87
N HIS H 1416 -39.93 -1.89 -90.98
CA HIS H 1416 -39.65 -3.02 -91.86
C HIS H 1416 -39.67 -2.60 -93.32
N THR H 1417 -40.58 -1.69 -93.68
CA THR H 1417 -40.63 -1.15 -95.03
C THR H 1417 -39.36 -0.35 -95.35
N LEU H 1418 -38.86 0.42 -94.39
CA LEU H 1418 -37.64 1.21 -94.62
C LEU H 1418 -36.41 0.33 -94.68
N ARG H 1419 -36.28 -0.61 -93.74
CA ARG H 1419 -35.07 -1.42 -93.60
C ARG H 1419 -35.04 -2.62 -94.54
N SER H 1420 -36.14 -2.92 -95.25
CA SER H 1420 -36.12 -4.02 -96.19
C SER H 1420 -35.67 -3.63 -97.59
N ARG H 1421 -35.79 -2.34 -97.96
CA ARG H 1421 -35.43 -1.89 -99.30
C ARG H 1421 -34.07 -1.21 -99.37
N LEU H 1422 -33.30 -1.21 -98.28
CA LEU H 1422 -31.97 -0.62 -98.25
C LEU H 1422 -30.99 -1.65 -97.73
N SER H 1423 -29.76 -1.65 -98.26
CA SER H 1423 -28.76 -2.59 -97.76
C SER H 1423 -27.63 -1.84 -97.07
N ILE H 1424 -27.12 -2.44 -96.00
CA ILE H 1424 -26.01 -1.87 -95.23
C ILE H 1424 -25.00 -2.99 -94.95
N ILE H 1425 -23.72 -2.64 -94.99
CA ILE H 1425 -22.65 -3.56 -94.62
C ILE H 1425 -21.91 -2.93 -93.44
N LEU H 1426 -22.07 -3.51 -92.26
CA LEU H 1426 -21.38 -3.03 -91.08
C LEU H 1426 -19.89 -3.38 -91.14
N GLN H 1427 -19.10 -2.65 -90.36
CA GLN H 1427 -17.66 -2.90 -90.27
C GLN H 1427 -17.38 -4.23 -89.58
N ASP H 1428 -18.11 -4.54 -88.52
CA ASP H 1428 -17.91 -5.77 -87.77
C ASP H 1428 -18.83 -6.85 -88.33
N PRO H 1429 -18.30 -8.00 -88.76
CA PRO H 1429 -19.16 -9.04 -89.34
C PRO H 1429 -19.98 -9.76 -88.27
N VAL H 1430 -21.21 -10.12 -88.62
CA VAL H 1430 -22.11 -10.89 -87.77
C VAL H 1430 -22.59 -12.08 -88.57
N LEU H 1431 -22.15 -13.27 -88.19
CA LEU H 1431 -22.56 -14.51 -88.85
C LEU H 1431 -23.35 -15.38 -87.87
N PHE H 1432 -24.21 -16.23 -88.44
CA PHE H 1432 -25.06 -17.12 -87.66
C PHE H 1432 -24.75 -18.56 -88.01
N SER H 1433 -25.11 -19.46 -87.08
CA SER H 1433 -24.90 -20.88 -87.28
C SER H 1433 -25.87 -21.41 -88.33
N GLY H 1434 -25.36 -22.18 -89.27
CA GLY H 1434 -26.13 -22.72 -90.36
C GLY H 1434 -25.30 -22.76 -91.62
N THR H 1435 -25.97 -22.98 -92.75
CA THR H 1435 -25.29 -23.08 -94.03
C THR H 1435 -24.93 -21.70 -94.55
N ILE H 1436 -24.11 -21.68 -95.61
CA ILE H 1436 -23.80 -20.45 -96.33
C ILE H 1436 -25.06 -19.90 -96.98
N ARG H 1437 -25.91 -20.78 -97.51
CA ARG H 1437 -27.17 -20.40 -98.12
C ARG H 1437 -28.11 -19.74 -97.09
N PHE H 1438 -28.11 -20.26 -95.86
CA PHE H 1438 -28.93 -19.66 -94.81
C PHE H 1438 -28.40 -18.29 -94.39
N ASN H 1439 -27.08 -18.11 -94.39
CA ASN H 1439 -26.52 -16.82 -94.01
C ASN H 1439 -26.75 -15.76 -95.09
N LEU H 1440 -26.59 -16.14 -96.37
CA LEU H 1440 -26.86 -15.19 -97.44
C LEU H 1440 -28.35 -14.97 -97.63
N ASP H 1441 -29.14 -16.04 -97.62
CA ASP H 1441 -30.58 -15.98 -97.89
C ASP H 1441 -31.33 -16.77 -96.82
N PRO H 1442 -31.66 -16.15 -95.68
CA PRO H 1442 -32.38 -16.88 -94.64
C PRO H 1442 -33.85 -17.12 -94.98
N GLU H 1443 -34.47 -16.24 -95.75
CA GLU H 1443 -35.88 -16.39 -96.12
C GLU H 1443 -36.07 -17.21 -97.39
N LYS H 1444 -34.97 -17.68 -98.00
CA LYS H 1444 -34.96 -18.53 -99.20
C LYS H 1444 -35.70 -17.89 -100.37
N LYS H 1445 -35.50 -16.59 -100.55
CA LYS H 1445 -36.18 -15.83 -101.59
C LYS H 1445 -35.37 -15.68 -102.87
N CYS H 1446 -34.16 -16.23 -102.92
CA CYS H 1446 -33.29 -16.09 -104.08
C CYS H 1446 -32.72 -17.44 -104.48
N SER H 1447 -32.47 -17.60 -105.78
CA SER H 1447 -31.98 -18.85 -106.33
C SER H 1447 -30.47 -18.98 -106.11
N ASP H 1448 -29.93 -20.13 -106.53
CA ASP H 1448 -28.51 -20.42 -106.33
C ASP H 1448 -27.61 -19.55 -107.20
N SER H 1449 -28.09 -19.14 -108.38
CA SER H 1449 -27.30 -18.29 -109.26
C SER H 1449 -27.09 -16.90 -108.65
N THR H 1450 -28.11 -16.37 -107.98
CA THR H 1450 -27.98 -15.09 -107.29
C THR H 1450 -26.97 -15.19 -106.13
N LEU H 1451 -27.01 -16.31 -105.38
CA LEU H 1451 -26.06 -16.53 -104.31
C LEU H 1451 -24.64 -16.66 -104.84
N TRP H 1452 -24.46 -17.34 -105.97
CA TRP H 1452 -23.13 -17.48 -106.55
C TRP H 1452 -22.62 -16.17 -107.13
N GLU H 1453 -23.50 -15.33 -107.68
CA GLU H 1453 -23.09 -14.00 -108.12
C GLU H 1453 -22.68 -13.13 -106.92
N ALA H 1454 -23.41 -13.23 -105.82
CA ALA H 1454 -23.07 -12.48 -104.61
C ALA H 1454 -21.73 -12.95 -104.03
N LEU H 1455 -21.47 -14.26 -104.07
CA LEU H 1455 -20.18 -14.78 -103.60
C LEU H 1455 -19.04 -14.42 -104.55
N GLU H 1456 -19.31 -14.38 -105.86
CA GLU H 1456 -18.27 -14.07 -106.83
C GLU H 1456 -17.87 -12.60 -106.77
N ILE H 1457 -18.85 -11.71 -106.53
CA ILE H 1457 -18.53 -10.29 -106.33
C ILE H 1457 -17.72 -10.10 -105.05
N ALA H 1458 -18.08 -10.81 -103.99
CA ALA H 1458 -17.39 -10.72 -102.70
C ALA H 1458 -16.15 -11.61 -102.61
N GLN H 1459 -15.61 -12.06 -103.77
CA GLN H 1459 -14.36 -12.82 -103.87
C GLN H 1459 -14.39 -14.11 -103.06
N LEU H 1460 -15.55 -14.78 -103.06
CA LEU H 1460 -15.74 -16.02 -102.32
C LEU H 1460 -16.21 -17.16 -103.20
N LYS H 1461 -16.08 -17.03 -104.52
CA LYS H 1461 -16.47 -18.12 -105.42
C LYS H 1461 -15.55 -19.33 -105.24
N LEU H 1462 -14.24 -19.10 -105.27
CA LEU H 1462 -13.27 -20.19 -105.16
C LEU H 1462 -13.25 -20.77 -103.75
N VAL H 1463 -13.45 -19.93 -102.73
CA VAL H 1463 -13.40 -20.40 -101.34
C VAL H 1463 -14.60 -21.30 -101.04
N VAL H 1464 -15.80 -20.86 -101.40
CA VAL H 1464 -17.01 -21.64 -101.16
C VAL H 1464 -17.04 -22.88 -102.05
N LYS H 1465 -16.58 -22.75 -103.30
CA LYS H 1465 -16.49 -23.91 -104.19
C LYS H 1465 -15.46 -24.93 -103.72
N ALA H 1466 -14.43 -24.49 -103.00
CA ALA H 1466 -13.45 -25.43 -102.45
C ALA H 1466 -14.01 -26.23 -101.29
N LEU H 1467 -14.99 -25.68 -100.58
CA LEU H 1467 -15.63 -26.41 -99.49
C LEU H 1467 -16.48 -27.56 -100.05
N PRO H 1468 -16.51 -28.71 -99.37
CA PRO H 1468 -17.17 -29.89 -99.96
C PRO H 1468 -18.69 -29.77 -100.01
N GLY H 1469 -19.31 -29.04 -99.10
CA GLY H 1469 -20.75 -28.86 -99.16
C GLY H 1469 -21.20 -27.87 -100.22
N GLY H 1470 -20.34 -26.94 -100.60
CA GLY H 1470 -20.73 -25.89 -101.53
C GLY H 1470 -21.49 -24.78 -100.83
N LEU H 1471 -22.71 -24.49 -101.30
CA LEU H 1471 -23.58 -23.56 -100.60
C LEU H 1471 -24.15 -24.14 -99.31
N ASP H 1472 -24.06 -25.46 -99.13
CA ASP H 1472 -24.52 -26.13 -97.92
C ASP H 1472 -23.41 -26.30 -96.88
N ALA H 1473 -22.25 -25.66 -97.10
CA ALA H 1473 -21.16 -25.73 -96.14
C ALA H 1473 -21.53 -24.99 -94.87
N ILE H 1474 -21.25 -25.61 -93.73
CA ILE H 1474 -21.76 -25.13 -92.44
C ILE H 1474 -20.88 -24.00 -91.93
N ILE H 1475 -21.50 -22.86 -91.65
CA ILE H 1475 -20.86 -21.78 -90.92
C ILE H 1475 -21.15 -21.98 -89.43
N THR H 1476 -20.11 -21.98 -88.62
CA THR H 1476 -20.27 -22.20 -87.18
C THR H 1476 -20.80 -20.94 -86.49
N GLU H 1477 -20.94 -21.03 -85.17
CA GLU H 1477 -21.47 -19.91 -84.38
C GLU H 1477 -20.45 -18.78 -84.36
N GLY H 1478 -20.81 -17.65 -84.97
CA GLY H 1478 -19.89 -16.55 -85.12
C GLY H 1478 -18.91 -16.68 -86.26
N GLY H 1479 -19.07 -17.70 -87.11
CA GLY H 1479 -18.18 -17.92 -88.24
C GLY H 1479 -16.76 -18.29 -87.88
N GLU H 1480 -16.58 -19.09 -86.83
CA GLU H 1480 -15.24 -19.40 -86.32
C GLU H 1480 -14.44 -20.33 -87.24
N ASN H 1481 -15.09 -20.99 -88.20
CA ASN H 1481 -14.39 -21.82 -89.17
C ASN H 1481 -13.86 -21.01 -90.36
N PHE H 1482 -14.09 -19.71 -90.38
CA PHE H 1482 -13.57 -18.83 -91.42
C PHE H 1482 -12.75 -17.72 -90.78
N SER H 1483 -11.94 -17.05 -91.60
CA SER H 1483 -11.13 -15.94 -91.14
C SER H 1483 -11.99 -14.68 -90.98
N GLN H 1484 -11.40 -13.66 -90.35
CA GLN H 1484 -12.08 -12.37 -90.17
C GLN H 1484 -12.42 -11.73 -91.51
N GLY H 1485 -11.47 -11.75 -92.45
CA GLY H 1485 -11.74 -11.25 -93.78
C GLY H 1485 -12.77 -12.07 -94.52
N GLN H 1486 -12.74 -13.40 -94.36
CA GLN H 1486 -13.73 -14.25 -95.03
C GLN H 1486 -15.11 -14.09 -94.41
N ARG H 1487 -15.19 -13.88 -93.08
CA ARG H 1487 -16.46 -13.56 -92.44
C ARG H 1487 -17.03 -12.24 -92.94
N GLN H 1488 -16.16 -11.24 -93.10
CA GLN H 1488 -16.60 -9.94 -93.60
C GLN H 1488 -17.03 -10.02 -95.07
N LEU H 1489 -16.33 -10.82 -95.87
CA LEU H 1489 -16.74 -11.05 -97.25
C LEU H 1489 -18.05 -11.83 -97.32
N PHE H 1490 -18.31 -12.72 -96.37
CA PHE H 1490 -19.61 -13.39 -96.28
C PHE H 1490 -20.72 -12.39 -95.97
N CYS H 1491 -20.44 -11.40 -95.11
CA CYS H 1491 -21.44 -10.36 -94.84
C CYS H 1491 -21.65 -9.45 -96.05
N LEU H 1492 -20.58 -9.17 -96.79
CA LEU H 1492 -20.70 -8.40 -98.04
C LEU H 1492 -21.55 -9.14 -99.06
N ALA H 1493 -21.30 -10.45 -99.23
CA ALA H 1493 -22.12 -11.27 -100.11
C ALA H 1493 -23.56 -11.42 -99.60
N ARG H 1494 -23.75 -11.35 -98.28
CA ARG H 1494 -25.08 -11.34 -97.70
C ARG H 1494 -25.85 -10.09 -98.11
N ALA H 1495 -25.15 -8.95 -98.17
CA ALA H 1495 -25.80 -7.74 -98.66
C ALA H 1495 -25.99 -7.76 -100.17
N PHE H 1496 -25.12 -8.46 -100.91
CA PHE H 1496 -25.24 -8.47 -102.37
C PHE H 1496 -26.40 -9.32 -102.87
N VAL H 1497 -26.98 -10.17 -102.02
CA VAL H 1497 -28.13 -10.98 -102.40
C VAL H 1497 -29.37 -10.10 -102.56
N ARG H 1498 -29.52 -9.08 -101.72
CA ARG H 1498 -30.77 -8.32 -101.59
C ARG H 1498 -31.08 -7.52 -102.85
N LYS H 1499 -30.06 -6.96 -103.51
CA LYS H 1499 -30.15 -6.28 -104.80
C LYS H 1499 -31.11 -5.08 -104.74
N THR H 1500 -30.80 -4.15 -103.84
CA THR H 1500 -31.63 -2.98 -103.61
C THR H 1500 -31.23 -1.84 -104.55
N SER H 1501 -31.74 -0.64 -104.27
CA SER H 1501 -31.33 0.55 -104.98
C SER H 1501 -30.32 1.40 -104.23
N ILE H 1502 -30.24 1.27 -102.91
CA ILE H 1502 -29.32 2.06 -102.09
C ILE H 1502 -28.50 1.12 -101.22
N PHE H 1503 -27.19 1.12 -101.46
CA PHE H 1503 -26.21 0.38 -100.66
C PHE H 1503 -25.44 1.36 -99.79
N ILE H 1504 -25.23 0.99 -98.53
CA ILE H 1504 -24.48 1.79 -97.57
C ILE H 1504 -23.40 0.89 -97.00
N MET H 1505 -22.16 1.06 -97.45
CA MET H 1505 -21.05 0.22 -97.03
C MET H 1505 -20.27 0.96 -95.95
N ASP H 1506 -20.58 0.68 -94.69
CA ASP H 1506 -20.01 1.41 -93.56
C ASP H 1506 -18.72 0.72 -93.12
N GLU H 1507 -17.61 1.15 -93.74
CA GLU H 1507 -16.25 0.62 -93.50
C GLU H 1507 -16.19 -0.89 -93.67
N ALA H 1508 -16.69 -1.36 -94.81
CA ALA H 1508 -16.80 -2.80 -95.07
C ALA H 1508 -15.44 -3.45 -95.21
N THR H 1509 -14.51 -2.81 -95.92
CA THR H 1509 -13.24 -3.45 -96.28
C THR H 1509 -12.14 -3.16 -95.27
N ALA H 1510 -12.48 -2.99 -93.99
CA ALA H 1510 -11.47 -2.73 -92.97
C ALA H 1510 -10.65 -3.96 -92.64
N SER H 1511 -11.26 -5.14 -92.65
CA SER H 1511 -10.59 -6.39 -92.32
C SER H 1511 -10.00 -7.08 -93.55
N ILE H 1512 -10.06 -6.43 -94.71
CA ILE H 1512 -9.65 -7.02 -95.99
C ILE H 1512 -8.31 -6.44 -96.40
N ASP H 1513 -7.44 -7.28 -96.96
CA ASP H 1513 -6.16 -6.81 -97.50
C ASP H 1513 -6.41 -5.94 -98.73
N MET H 1514 -5.44 -5.06 -99.01
CA MET H 1514 -5.59 -4.04 -100.05
C MET H 1514 -5.72 -4.62 -101.45
N ALA H 1515 -5.03 -5.74 -101.72
CA ALA H 1515 -5.02 -6.34 -103.05
C ALA H 1515 -6.40 -6.85 -103.44
N THR H 1516 -7.06 -7.57 -102.55
CA THR H 1516 -8.42 -8.02 -102.83
C THR H 1516 -9.45 -6.93 -102.60
N GLU H 1517 -9.13 -5.92 -101.76
CA GLU H 1517 -10.03 -4.78 -101.57
C GLU H 1517 -10.18 -3.98 -102.86
N ASN H 1518 -9.09 -3.80 -103.61
CA ASN H 1518 -9.17 -3.04 -104.85
C ASN H 1518 -10.01 -3.73 -105.91
N ILE H 1519 -9.85 -5.05 -106.08
CA ILE H 1519 -10.65 -5.76 -107.07
C ILE H 1519 -12.10 -5.91 -106.59
N LEU H 1520 -12.32 -6.02 -105.27
CA LEU H 1520 -13.69 -6.03 -104.74
C LEU H 1520 -14.38 -4.69 -104.94
N GLN H 1521 -13.65 -3.59 -104.73
CA GLN H 1521 -14.20 -2.25 -104.98
C GLN H 1521 -14.51 -2.05 -106.46
N LYS H 1522 -13.63 -2.52 -107.34
CA LYS H 1522 -13.87 -2.41 -108.78
C LYS H 1522 -15.09 -3.23 -109.23
N VAL H 1523 -15.24 -4.45 -108.72
CA VAL H 1523 -16.37 -5.27 -109.15
C VAL H 1523 -17.67 -4.80 -108.50
N VAL H 1524 -17.60 -4.15 -107.32
CA VAL H 1524 -18.79 -3.55 -106.73
C VAL H 1524 -19.21 -2.32 -107.52
N MET H 1525 -18.23 -1.51 -107.97
CA MET H 1525 -18.53 -0.34 -108.80
C MET H 1525 -19.13 -0.74 -110.15
N THR H 1526 -18.61 -1.81 -110.76
CA THR H 1526 -19.16 -2.23 -112.06
C THR H 1526 -20.51 -2.91 -111.90
N ALA H 1527 -20.69 -3.73 -110.85
CA ALA H 1527 -21.94 -4.44 -110.68
C ALA H 1527 -23.07 -3.55 -110.18
N PHE H 1528 -22.74 -2.48 -109.45
CA PHE H 1528 -23.76 -1.58 -108.91
C PHE H 1528 -23.61 -0.19 -109.54
N ALA H 1529 -23.45 -0.15 -110.86
CA ALA H 1529 -23.21 1.11 -111.55
C ALA H 1529 -24.44 2.02 -111.55
N ASP H 1530 -25.64 1.44 -111.60
CA ASP H 1530 -26.87 2.21 -111.60
C ASP H 1530 -27.43 2.45 -110.20
N ARG H 1531 -26.74 1.98 -109.16
CA ARG H 1531 -27.24 2.03 -107.79
C ARG H 1531 -26.47 3.05 -106.97
N THR H 1532 -27.20 3.78 -106.13
CA THR H 1532 -26.58 4.75 -105.24
C THR H 1532 -25.84 4.04 -104.10
N VAL H 1533 -24.54 4.25 -104.03
CA VAL H 1533 -23.69 3.62 -103.03
C VAL H 1533 -23.08 4.72 -102.16
N VAL H 1534 -23.32 4.63 -100.86
CA VAL H 1534 -22.71 5.50 -99.86
C VAL H 1534 -21.61 4.69 -99.19
N THR H 1535 -20.37 4.95 -99.57
CA THR H 1535 -19.22 4.17 -99.10
C THR H 1535 -18.48 4.96 -98.02
N ILE H 1536 -18.49 4.44 -96.81
CA ILE H 1536 -17.69 4.99 -95.72
C ILE H 1536 -16.32 4.36 -95.80
N ALA H 1537 -15.28 5.18 -95.95
CA ALA H 1537 -13.95 4.71 -96.30
C ALA H 1537 -13.12 4.48 -95.05
N HIS H 1538 -12.72 3.23 -94.82
CA HIS H 1538 -11.66 2.96 -93.86
C HIS H 1538 -10.32 3.44 -94.40
N ARG H 1539 -10.10 3.29 -95.70
CA ARG H 1539 -8.94 3.82 -96.40
C ARG H 1539 -9.40 4.88 -97.38
N VAL H 1540 -8.79 6.07 -97.29
CA VAL H 1540 -9.26 7.24 -98.04
C VAL H 1540 -9.00 7.06 -99.54
N HIS H 1541 -7.92 6.37 -99.91
CA HIS H 1541 -7.57 6.18 -101.32
C HIS H 1541 -8.59 5.32 -102.08
N THR H 1542 -9.47 4.62 -101.37
CA THR H 1542 -10.54 3.87 -102.02
C THR H 1542 -11.62 4.79 -102.58
N ILE H 1543 -11.82 5.97 -101.99
CA ILE H 1543 -12.88 6.87 -102.46
C ILE H 1543 -12.32 8.02 -103.29
N LEU H 1544 -11.14 7.84 -103.89
CA LEU H 1544 -10.62 8.81 -104.83
C LEU H 1544 -11.37 8.78 -106.16
N SER H 1545 -12.03 7.68 -106.48
CA SER H 1545 -12.82 7.55 -107.71
C SER H 1545 -14.31 7.80 -107.48
N ALA H 1546 -14.70 8.24 -106.29
CA ALA H 1546 -16.09 8.49 -105.98
C ALA H 1546 -16.58 9.76 -106.68
N ASP H 1547 -17.90 9.85 -106.87
CA ASP H 1547 -18.48 11.04 -107.50
C ASP H 1547 -18.42 12.24 -106.56
N LEU H 1548 -18.80 12.06 -105.30
CA LEU H 1548 -18.72 13.12 -104.31
C LEU H 1548 -18.10 12.58 -103.03
N VAL H 1549 -17.41 13.45 -102.29
CA VAL H 1549 -16.76 13.07 -101.04
C VAL H 1549 -17.29 13.97 -99.93
N MET H 1550 -17.83 13.34 -98.90
CA MET H 1550 -18.33 14.01 -97.70
C MET H 1550 -17.27 13.87 -96.61
N VAL H 1551 -16.64 14.99 -96.24
CA VAL H 1551 -15.67 15.03 -95.16
C VAL H 1551 -16.40 15.46 -93.90
N LEU H 1552 -16.36 14.61 -92.88
CA LEU H 1552 -17.01 14.88 -91.61
C LEU H 1552 -15.97 15.29 -90.59
N LYS H 1553 -16.18 16.43 -89.95
CA LYS H 1553 -15.37 16.89 -88.82
C LYS H 1553 -16.30 17.10 -87.63
N ARG H 1554 -16.15 16.22 -86.63
CA ARG H 1554 -16.85 16.28 -85.34
C ARG H 1554 -18.38 16.34 -85.50
N GLY H 1555 -18.90 15.59 -86.47
CA GLY H 1555 -20.32 15.56 -86.72
C GLY H 1555 -20.84 16.64 -87.64
N ALA H 1556 -19.98 17.43 -88.27
CA ALA H 1556 -20.41 18.45 -89.22
C ALA H 1556 -19.76 18.19 -90.57
N ILE H 1557 -20.52 18.38 -91.65
CA ILE H 1557 -19.97 18.23 -92.99
C ILE H 1557 -19.10 19.45 -93.30
N LEU H 1558 -17.78 19.29 -93.18
CA LEU H 1558 -16.91 20.40 -93.52
C LEU H 1558 -16.79 20.57 -95.03
N GLU H 1559 -16.65 19.48 -95.77
CA GLU H 1559 -16.47 19.52 -97.22
C GLU H 1559 -17.37 18.47 -97.86
N PHE H 1560 -18.11 18.89 -98.90
CA PHE H 1560 -18.96 17.98 -99.68
C PHE H 1560 -18.87 18.43 -101.14
N ASP H 1561 -17.95 17.82 -101.89
CA ASP H 1561 -17.71 18.21 -103.28
C ASP H 1561 -17.05 17.03 -104.00
N LYS H 1562 -16.80 17.22 -105.28
CA LYS H 1562 -16.09 16.22 -106.08
C LYS H 1562 -14.63 16.11 -105.62
N PRO H 1563 -14.04 14.92 -105.66
CA PRO H 1563 -12.65 14.78 -105.20
C PRO H 1563 -11.63 15.49 -106.10
N GLU H 1564 -11.95 15.69 -107.37
CA GLU H 1564 -11.04 16.38 -108.28
C GLU H 1564 -10.90 17.85 -107.90
N THR H 1565 -12.01 18.50 -107.54
CA THR H 1565 -11.94 19.87 -107.04
C THR H 1565 -11.46 19.93 -105.60
N LEU H 1566 -11.78 18.91 -104.80
CA LEU H 1566 -11.38 18.91 -103.39
C LEU H 1566 -9.87 18.74 -103.22
N LEU H 1567 -9.26 17.89 -104.06
CA LEU H 1567 -7.81 17.72 -104.02
C LEU H 1567 -7.06 18.89 -104.65
N SER H 1568 -7.74 19.73 -105.44
CA SER H 1568 -7.11 20.91 -106.00
C SER H 1568 -6.80 21.95 -104.94
N GLN H 1569 -7.65 22.06 -103.91
CA GLN H 1569 -7.40 22.96 -102.81
C GLN H 1569 -6.28 22.40 -101.92
N LYS H 1570 -5.28 23.24 -101.65
CA LYS H 1570 -4.16 22.79 -100.82
C LYS H 1570 -4.53 22.69 -99.35
N ASP H 1571 -5.41 23.56 -98.87
CA ASP H 1571 -5.77 23.64 -97.47
C ASP H 1571 -6.95 22.73 -97.11
N SER H 1572 -7.46 21.95 -98.04
CA SER H 1572 -8.58 21.07 -97.76
C SER H 1572 -8.16 19.88 -96.91
N VAL H 1573 -9.04 19.47 -96.00
CA VAL H 1573 -8.76 18.37 -95.08
C VAL H 1573 -8.71 17.03 -95.81
N PHE H 1574 -9.49 16.88 -96.89
CA PHE H 1574 -9.47 15.66 -97.69
C PHE H 1574 -8.12 15.48 -98.38
N ALA H 1575 -7.48 16.57 -98.79
CA ALA H 1575 -6.12 16.50 -99.31
C ALA H 1575 -5.14 16.05 -98.22
N SER H 1576 -5.37 16.46 -96.98
CA SER H 1576 -4.53 15.99 -95.88
C SER H 1576 -4.76 14.51 -95.59
N PHE H 1577 -5.99 14.02 -95.80
CA PHE H 1577 -6.26 12.60 -95.69
C PHE H 1577 -5.53 11.79 -96.77
N VAL H 1578 -5.54 12.31 -98.01
CA VAL H 1578 -4.90 11.58 -99.11
C VAL H 1578 -3.38 11.62 -98.99
N ARG H 1579 -2.82 12.80 -98.66
CA ARG H 1579 -1.36 12.96 -98.59
C ARG H 1579 -0.77 12.18 -97.43
N ALA H 1580 -1.43 12.20 -96.27
CA ALA H 1580 -0.93 11.49 -95.10
C ALA H 1580 -1.62 10.14 -94.95
PB ADP I . 1.23 -17.25 -29.76
O1B ADP I . 2.10 -17.56 -30.96
O2B ADP I . 0.15 -16.23 -30.01
O3B ADP I . 0.76 -18.47 -29.01
PA ADP I . 3.63 -17.11 -28.24
O1A ADP I . 4.74 -16.53 -29.07
O2A ADP I . 3.50 -18.61 -28.12
O3A ADP I . 2.21 -16.49 -28.73
O5' ADP I . 3.70 -16.51 -26.75
C5' ADP I . 3.47 -17.38 -25.64
C4' ADP I . 3.32 -16.56 -24.37
O4' ADP I . 2.39 -15.49 -24.59
C3' ADP I . 2.76 -17.43 -23.25
O3' ADP I . 3.69 -17.46 -22.17
C2' ADP I . 1.46 -16.78 -22.83
O2' ADP I . 1.54 -16.38 -21.45
C1' ADP I . 1.28 -15.55 -23.71
N9 ADP I . 0.05 -15.68 -24.54
C8 ADP I . 0.05 -15.62 -25.89
N7 ADP I . -1.20 -15.76 -26.40
C5 ADP I . -2.03 -15.90 -25.35
C6 ADP I . -3.50 -16.08 -25.18
N6 ADP I . -4.33 -16.15 -26.25
N1 ADP I . -3.97 -16.19 -23.93
C2 ADP I . -3.16 -16.13 -22.85
N3 ADP I . -1.83 -15.97 -22.93
C4 ADP I . -1.21 -15.84 -24.14
PB ADP J . 67.72 -46.26 -32.93
O1B ADP J . 68.42 -45.13 -33.65
O2B ADP J . 67.35 -45.94 -31.50
O3B ADP J . 68.37 -47.61 -33.11
PA ADP J . 65.23 -47.53 -33.33
O1A ADP J . 65.71 -48.87 -33.83
O2A ADP J . 64.83 -47.34 -31.89
O3A ADP J . 66.32 -46.40 -33.72
O5' ADP J . 64.00 -47.03 -34.25
C5' ADP J . 63.32 -45.84 -33.84
C4' ADP J . 61.88 -45.86 -34.29
O4' ADP J . 61.33 -47.14 -33.98
C3' ADP J . 61.09 -44.81 -33.53
O3' ADP J . 60.50 -43.88 -34.45
C2' ADP J . 60.01 -45.57 -32.79
O2' ADP J . 58.71 -45.03 -33.07
C1' ADP J . 60.09 -47.01 -33.28
N9 ADP J . 60.09 -47.96 -32.14
C8 ADP J . 61.16 -48.32 -31.42
N7 ADP J . 60.81 -49.21 -30.46
C5 ADP J . 59.49 -49.43 -30.57
C6 ADP J . 58.48 -50.25 -29.86
N6 ADP J . 58.83 -51.04 -28.82
N1 ADP J . 57.20 -50.18 -30.29
C2 ADP J . 56.83 -49.39 -31.32
N3 ADP J . 57.70 -48.61 -32.01
C4 ADP J . 59.01 -48.59 -31.68
MG MG K . 77.65 -43.20 -12.07
MG MG L . 68.82 -47.56 -30.25
C10 E2H M . 19.20 -75.26 13.58
C13 E2H M . 21.27 -78.34 13.87
C15 E2H M . 23.19 -80.61 14.75
C17 E2H M . 22.81 -83.04 15.25
C09 E2H M . 20.46 -76.02 13.19
C11 E2H M . 20.48 -75.10 14.40
C12 E2H M . 21.19 -75.52 11.91
C14 E2H M . 21.80 -80.92 14.57
C16 E2H M . 21.54 -82.47 14.88
N06 E2H M . 20.22 -77.43 13.45
N07 E2H M . 20.79 -79.82 14.12
N08 E2H M . 22.67 -77.93 14.04
O04 E2H M . 24.26 -78.57 15.79
O05 E2H M . 24.70 -79.13 13.38
S02 E2H M . 23.75 -79.03 14.49
S03 E2H M . 23.89 -81.92 15.20
CL1 E2H M . 23.06 -84.74 15.69
PG ATP N . 80.41 -45.76 -14.41
O1G ATP N . 81.19 -44.61 -14.95
O2G ATP N . 78.90 -45.65 -14.64
O3G ATP N . 80.90 -47.12 -14.92
PB ATP N . 80.74 -44.90 -11.56
O1B ATP N . 79.76 -43.80 -11.58
O2B ATP N . 82.21 -44.48 -11.50
O3B ATP N . 80.57 -45.85 -12.83
PA ATP N . 80.22 -45.86 -8.80
O1A ATP N . 78.78 -45.84 -8.50
O2A ATP N . 80.98 -44.66 -8.26
O3A ATP N . 80.50 -45.93 -10.36
O5' ATP N . 80.91 -47.18 -8.29
C5' ATP N . 82.10 -47.15 -7.48
C4' ATP N . 82.37 -48.49 -6.83
O4' ATP N . 81.44 -48.73 -5.76
C3' ATP N . 82.33 -49.72 -7.73
O3' ATP N . 83.37 -50.64 -7.40
C2' ATP N . 80.93 -50.31 -7.47
O2' ATP N . 80.95 -51.74 -7.50
C1' ATP N . 80.60 -49.83 -6.05
N9 ATP N . 79.22 -49.37 -5.91
C8 ATP N . 78.58 -48.43 -6.67
N7 ATP N . 77.34 -48.21 -6.32
C5 ATP N . 77.14 -49.06 -5.25
C6 ATP N . 76.02 -49.31 -4.43
N6 ATP N . 74.85 -48.69 -4.57
N1 ATP N . 76.16 -50.23 -3.44
C2 ATP N . 77.33 -50.86 -3.30
N3 ATP N . 78.45 -50.70 -4.02
C4 ATP N . 78.29 -49.79 -4.98
PB ADP O . 29.53 -15.44 8.63
O1B ADP O . 31.02 -15.23 8.78
O2B ADP O . 29.12 -16.18 7.38
O3B ADP O . 28.84 -15.93 9.88
PA ADP O . 29.22 -12.72 9.38
O1A ADP O . 30.35 -11.89 8.84
O2A ADP O . 29.29 -13.22 10.80
O3A ADP O . 28.93 -13.97 8.39
O5' ADP O . 27.84 -11.90 9.22
C5' ADP O . 26.89 -11.94 10.29
C4' ADP O . 25.57 -11.34 9.82
O4' ADP O . 25.19 -11.92 8.57
C3' ADP O . 24.47 -11.66 10.83
O3' ADP O . 23.93 -10.43 11.33
C2' ADP O . 23.43 -12.44 10.07
O2' ADP O . 22.18 -11.72 10.08
C1' ADP O . 23.93 -12.58 8.64
N9 ADP O . 24.15 -14.00 8.29
C8 ADP O . 25.33 -14.51 7.88
N7 ADP O . 25.25 -15.84 7.62
C5 ADP O . 23.98 -16.21 7.87
C6 ADP O . 23.21 -17.47 7.79
N6 ADP O . 23.81 -18.63 7.40
N1 ADP O . 21.91 -17.44 8.13
C2 ADP O . 21.31 -16.30 8.52
N3 ADP O . 21.94 -15.12 8.61
C4 ADP O . 23.26 -15.00 8.30
PB ADP P . 66.10 32.97 48.52
O1B ADP P . 66.88 33.64 47.40
O2B ADP P . 64.63 33.29 48.52
O3B ADP P . 66.76 33.07 49.87
PA ADP P . 65.56 30.27 49.10
O1A ADP P . 66.42 30.09 50.34
O2A ADP P . 64.08 30.53 49.23
O3A ADP P . 66.21 31.40 48.16
O5' ADP P . 65.75 28.99 48.15
C5' ADP P . 64.91 28.90 46.99
C4' ADP P . 64.67 27.46 46.61
O4' ADP P . 64.35 26.71 47.78
C3' ADP P . 63.49 27.36 45.66
O3' ADP P . 63.90 26.77 44.42
C2' ADP P . 62.47 26.48 46.35
O2' ADP P . 62.07 25.39 45.51
C1' ADP P . 63.16 25.94 47.59
N9 ADP P . 62.31 26.10 48.79
C8 ADP P . 62.19 27.21 49.54
N7 ADP P . 61.33 27.01 50.57
C5 ADP P . 60.88 25.74 50.47
C6 ADP P . 59.93 24.89 51.23
N6 ADP P . 59.29 25.36 52.32
N1 ADP P . 59.74 23.62 50.79
C2 ADP P . 60.37 23.14 49.70
N3 ADP P . 61.24 23.87 48.96
C4 ADP P . 61.52 25.15 49.29
MG MG Q . 51.55 50.58 53.15
MG MG R . 64.41 34.58 50.67
C10 E2H S . 8.08 -0.15 78.43
C13 E2H S . 9.21 0.87 81.83
C15 E2H S . 9.63 2.21 84.58
C17 E2H S . 9.40 1.36 86.93
C09 E2H S . 9.10 0.57 79.30
C11 E2H S . 7.89 1.33 78.75
C12 E2H S . 10.47 0.87 78.64
C14 E2H S . 9.23 0.84 84.55
C16 E2H S . 9.08 0.27 86.04
N06 E2H S . 8.98 0.05 80.65
N07 E2H S . 9.01 0.10 83.19
N08 E2H S . 9.62 2.28 81.77
O04 E2H S . 8.87 4.15 83.16
O05 E2H S . 11.28 3.45 83.13
S02 E2H S . 9.86 3.07 83.14
S03 E2H S . 9.75 2.61 86.09
CL1 E2H S . 9.38 1.25 88.71
PG ATP T . 55.24 51.34 55.50
O1G ATP T . 55.88 52.16 54.43
O2G ATP T . 54.76 49.97 55.03
O3G ATP T . 56.11 51.17 56.75
PB ATP T . 52.73 52.98 55.51
O1B ATP T . 52.14 52.44 54.28
O2B ATP T . 53.26 54.41 55.43
O3B ATP T . 53.92 52.06 56.04
PA ATP T . 50.21 53.30 57.04
O1A ATP T . 49.30 52.16 56.82
O2A ATP T . 49.88 54.53 56.21
O3A ATP T . 51.72 52.92 56.75
O5' ATP T . 50.27 53.71 58.57
C5' ATP T . 50.07 55.07 58.99
C4' ATP T . 49.82 55.17 60.48
O4' ATP T . 48.50 54.69 60.80
C3' ATP T . 50.78 54.42 61.40
O3' ATP T . 51.10 55.19 62.56
C2' ATP T . 50.03 53.12 61.74
O2' ATP T . 50.28 52.70 63.09
C1' ATP T . 48.55 53.52 61.59
N9 ATP T . 47.75 52.50 60.92
C8 ATP T . 48.00 51.93 59.71
N7 ATP T . 47.11 51.04 59.34
C5 ATP T . 46.21 51.03 60.39
C6 ATP T . 45.02 50.29 60.62
N6 ATP T . 44.53 49.39 59.76
N1 ATP T . 44.36 50.52 61.77
C2 ATP T . 44.84 51.41 62.63
N3 ATP T . 45.95 52.16 62.52
C4 ATP T . 46.59 51.92 61.38
PB ADP U . 7.76 24.60 22.79
O1B ADP U . 8.25 26.03 22.92
O2B ADP U . 8.80 23.55 23.07
O3B ADP U . 6.43 24.34 23.44
PA ADP U . 6.54 25.42 20.36
O1A ADP U . 7.39 26.45 19.66
O2A ADP U . 5.39 25.88 21.21
O3A ADP U . 7.48 24.42 21.21
O5' ADP U . 5.95 24.40 19.27
C5' ADP U . 4.60 23.96 19.40
C4' ADP U . 4.33 22.81 18.44
O4' ADP U . 5.36 21.83 18.57
C3' ADP U . 3.01 22.14 18.78
O3' ADP U . 2.13 22.22 17.66
C2' ADP U . 3.34 20.70 19.11
O2' ADP U . 2.67 19.83 18.18
C1' ADP U . 4.84 20.56 18.96
N9 ADP U . 5.47 20.19 20.26
C8 ADP U . 6.43 20.92 20.87
N7 ADP U . 6.83 20.36 22.03
C5 ADP U . 6.11 19.23 22.19
C6 ADP U . 6.03 18.16 23.21
N6 ADP U . 6.82 18.19 24.32
N1 ADP U . 5.16 17.16 23.01
C2 ADP U . 4.38 17.12 21.92
N3 ADP U . 4.39 18.05 20.95
C4 ADP U . 5.22 19.12 21.02
PB ADP V . -18.89 86.20 -4.95
O1B ADP V . -17.66 86.64 -5.72
O2B ADP V . -19.59 85.00 -5.55
O3B ADP V . -19.81 87.32 -4.55
PA ADP V . -19.22 85.15 -2.35
O1A ADP V . -19.91 86.32 -1.69
O2A ADP V . -20.03 83.98 -2.86
O3A ADP V . -18.28 85.69 -3.54
O5' ADP V . -18.10 84.57 -1.36
C5' ADP V . -17.43 83.36 -1.75
C4' ADP V . -16.97 82.58 -0.54
O4' ADP V . -18.04 82.54 0.41
C3' ADP V . -16.64 81.16 -0.94
O3' ADP V . -15.28 80.86 -0.63
C2' ADP V . -17.57 80.27 -0.13
O2' ADP V . -16.83 79.28 0.59
C1' ADP V . -18.28 81.20 0.85
N9 ADP V . -19.74 80.95 0.84
C8 ADP V . -20.62 81.47 -0.03
N7 ADP V . -21.88 81.05 0.26
C5 ADP V . -21.80 80.24 1.34
C6 ADP V . -22.76 79.46 2.16
N6 ADP V . -24.07 79.45 1.87
N1 ADP V . -22.26 78.75 3.19
C2 ADP V . -20.94 78.74 3.48
N3 ADP V . -20.02 79.43 2.78
C4 ADP V . -20.38 80.18 1.72
MG MG W . -32.11 80.43 -23.25
MG MG X . -21.79 86.02 -6.23
C10 E2H Y . -65.78 37.17 22.55
C13 E2H Y . -68.45 39.77 22.72
C15 E2H Y . -70.90 41.58 22.26
C17 E2H Y . -72.95 42.03 23.64
C09 E2H Y . -66.21 38.61 22.30
C11 E2H Y . -66.38 37.56 21.20
C12 E2H Y . -65.07 39.64 22.12
C14 E2H Y . -70.84 40.81 23.47
C16 E2H Y . -72.13 41.08 24.37
N06 E2H Y . -67.38 38.87 23.13
N07 E2H Y . -69.62 39.89 23.76
N08 E2H Y . -68.43 40.51 21.45
O04 E2H Y . -70.28 40.94 19.90
O05 E2H Y . -69.08 42.83 21.05
S02 E2H Y . -69.66 41.48 21.12
S03 E2H Y . -72.24 42.38 22.31
CL1 E2H Y . -74.51 42.67 24.21
PG ATP Z . -32.69 84.78 -22.60
O1G ATP Z . -31.59 85.17 -23.53
O2G ATP Z . -32.27 83.78 -21.53
O3G ATP Z . -33.38 85.98 -21.94
PB ATP Z . -34.06 83.07 -24.65
O1B ATP Z . -33.14 81.92 -24.58
O2B ATP Z . -33.97 83.92 -25.92
O3B ATP Z . -33.85 84.05 -23.40
PA ATP Z . -36.57 81.55 -25.05
O1A ATP Z . -36.59 80.33 -24.22
O2A ATP Z . -36.17 81.30 -26.50
O3A ATP Z . -35.59 82.65 -24.47
O5' ATP Z . -37.96 82.31 -25.03
C5' ATP Z . -38.63 82.70 -26.24
C4' ATP Z . -40.07 83.08 -25.98
O4' ATP Z . -40.86 81.91 -25.72
C3' ATP Z . -40.34 84.06 -24.84
O3' ATP Z . -41.34 85.00 -25.19
C2' ATP Z . -40.78 83.15 -23.68
O2' ATP Z . -41.79 83.76 -22.88
C1' ATP Z . -41.36 81.92 -24.39
N9 ATP Z . -40.96 80.66 -23.76
C8 ATP Z . -39.69 80.23 -23.50
N7 ATP Z . -39.62 79.06 -22.94
C5 ATP Z . -40.94 78.67 -22.83
C6 ATP Z . -41.55 77.50 -22.31
N6 ATP Z . -40.87 76.47 -21.80
N1 ATP Z . -42.90 77.43 -22.36
C2 ATP Z . -43.59 78.45 -22.87
N3 ATP Z . -43.11 79.59 -23.39
C4 ATP Z . -41.78 79.64 -23.34
PB ADP AA . -20.54 22.79 -15.61
O1B ADP AA . -20.66 23.70 -16.81
O2B ADP AA . -20.17 23.50 -14.32
O3B ADP AA . -21.66 21.80 -15.46
PA ADP AA . -19.05 21.04 -17.26
O1A ADP AA . -18.22 21.81 -18.25
O2A ADP AA . -20.39 20.49 -17.70
O3A ADP AA . -19.23 21.89 -15.90
O5' ADP AA . -18.19 19.80 -16.71
C5' ADP AA . -18.83 18.53 -16.54
C4' ADP AA . -17.93 17.59 -15.76
O4' ADP AA . -17.44 18.26 -14.58
C3' ADP AA . -18.71 16.37 -15.30
O3' ADP AA . -18.11 15.19 -15.85
C2' ADP AA . -18.63 16.36 -13.79
O2' ADP AA . -17.97 15.16 -13.34
C1' ADP AA . -17.81 17.58 -13.39
N9 ADP AA . -18.63 18.52 -12.58
C8 ADP AA . -18.85 19.81 -12.91
N7 ADP AA . -19.62 20.44 -11.99
C5 ADP AA . -19.90 19.54 -11.03
C6 ADP AA . -20.68 19.55 -9.76
N6 ADP AA . -21.31 20.67 -9.34
N1 ADP AA . -20.73 18.41 -9.05
C2 ADP AA . -20.10 17.29 -9.46
N3 ADP AA . -19.39 17.20 -10.59
C4 ADP AA . -19.25 18.28 -11.41
PB ADP BA . -17.27 6.96 -86.40
O1B ADP BA . -16.12 7.87 -86.77
O2B ADP BA . -16.86 5.76 -85.57
O3B ADP BA . -18.20 6.64 -87.53
PA ADP BA . -19.55 7.35 -84.79
O1A ADP BA . -20.62 7.35 -85.86
O2A ADP BA . -19.28 6.11 -83.98
O3A ADP BA . -18.17 7.88 -85.42
O5' ADP BA . -19.84 8.55 -83.75
C5' ADP BA . -19.02 8.63 -82.59
C4' ADP BA . -19.76 9.26 -81.44
O4' ADP BA . -21.07 8.69 -81.36
C3' ADP BA . -19.05 8.98 -80.13
O3' ADP BA . -18.67 10.21 -79.50
C2' ADP BA . -20.03 8.22 -79.27
O2' ADP BA . -20.19 8.85 -77.99
C1' ADP BA . -21.35 8.25 -80.03
N9 ADP BA . -21.95 6.90 -80.09
C8 ADP BA . -21.65 5.94 -80.99
N7 ADP BA . -22.40 4.83 -80.77
C5 ADP BA . -23.19 5.08 -79.70
C6 ADP BA . -24.21 4.32 -78.94
N6 ADP BA . -24.54 3.06 -79.27
N1 ADP BA . -24.80 4.95 -77.89
C2 ADP BA . -24.48 6.21 -77.54
N3 ADP BA . -23.55 6.95 -78.19
C4 ADP BA . -22.89 6.44 -79.26
MG MG CA . -6.02 -13.34 -88.47
MG MG DA . -17.38 3.88 -87.15
C10 E2H EA . -54.66 -37.94 -42.31
C13 E2H EA . -56.39 -39.44 -45.24
C15 E2H EA . -57.34 -41.24 -47.58
C17 E2H EA . -59.54 -42.36 -48.04
C09 E2H EA . -54.85 -37.99 -43.81
C11 E2H EA . -53.79 -38.87 -43.15
C12 E2H EA . -54.35 -36.76 -44.61
C14 E2H EA . -58.27 -40.94 -46.51
C16 E2H EA . -59.67 -41.65 -46.80
N06 E2H EA . -56.14 -38.62 -44.08
N07 E2H EA . -57.84 -40.04 -45.32
N08 E2H EA . -55.37 -39.69 -46.28
O04 E2H EA . -54.89 -41.78 -47.47
O05 E2H EA . -55.66 -39.74 -48.71
S02 E2H EA . -55.77 -40.62 -47.53
S03 E2H EA . -58.10 -42.15 -48.58
CL1 E2H EA . -60.83 -43.32 -48.81
PG ATP FA . -7.51 -12.32 -92.52
O1G ATP FA . -6.27 -11.59 -92.91
O2G ATP FA . -8.13 -11.83 -91.20
O3G ATP FA . -8.59 -12.31 -93.61
PB ATP FA . -6.04 -14.80 -91.72
O1B ATP FA . -5.52 -14.31 -90.43
O2B ATP FA . -5.02 -14.96 -92.84
O3B ATP FA . -7.21 -13.86 -92.27
PA ATP FA . -6.56 -17.61 -90.90
O1A ATP FA . -7.11 -17.67 -89.54
O2A ATP FA . -5.06 -17.88 -90.97
O3A ATP FA . -6.81 -16.20 -91.58
O5' ATP FA . -7.31 -18.59 -91.89
C5' ATP FA . -6.60 -19.53 -92.71
C4' ATP FA . -7.51 -20.57 -93.29
O4' ATP FA . -7.92 -21.51 -92.28
C3' ATP FA . -8.80 -20.09 -93.97
O3' ATP FA . -9.07 -20.82 -95.15
C2' ATP FA . -9.87 -20.29 -92.89
O2' ATP FA . -11.12 -20.68 -93.46
C1' ATP FA . -9.31 -21.43 -92.03
N9 ATP FA . -9.49 -21.21 -90.60
C8 ATP FA . -9.10 -20.12 -89.87
N7 ATP FA . -9.38 -20.19 -88.60
C5 ATP FA . -10.01 -21.42 -88.46
C6 ATP FA . -10.55 -22.10 -87.36
N6 ATP FA . -10.54 -21.61 -86.11
N1 ATP FA . -11.09 -23.32 -87.57
C2 ATP FA . -11.10 -23.82 -88.81
N3 ATP FA . -10.61 -23.27 -89.93
C4 ATP FA . -10.08 -22.07 -89.69
#